data_4XYJ
#
_entry.id   4XYJ
#
_cell.length_a   137.199
_cell.length_b   159.329
_cell.length_c   170.533
_cell.angle_alpha   90.00
_cell.angle_beta   104.20
_cell.angle_gamma   90.00
#
_symmetry.space_group_name_H-M   'P 1 21 1'
#
loop_
_entity.id
_entity.type
_entity.pdbx_description
1 polymer 'ATP-dependent 6-phosphofructokinase, platelet type'
2 non-polymer "ADENOSINE-5'-TRIPHOSPHATE"
3 non-polymer 'MAGNESIUM ION'
4 non-polymer 'PHOSPHATE ION'
5 non-polymer 'COBALT (II) ION'
6 water water
#
_entity_poly.entity_id   1
_entity_poly.type   'polypeptide(L)'
_entity_poly.pdbx_seq_one_letter_code
;MSYYHHHHHHDYDIPTTENLYFQGAMDPMDADDSRAPKGSLRKFLEHLSGAGKAIGVLTSGGDAQGMNAAVRAVVRMGIY
VGAKVYFIYEGYQGMVDGGSNIAEADWESVSSILQVGGTIIGSARCQAFRTREGRLKAACNLLQRGITNLCVIGGDGSLT
GANLFRKEWSGLLEELARNGQIDKEAVQKYAYLNVVGMVGSIDNDFCGTDMTIGTDSALHRIIEVVDAIMTTAQSHQRTF
VLEVMGRHCGYLALVSALACGADWVFLPESPPEEGWEEQMCVKLSENRARKKRLNIIIVAEGAIDTQNKPITSEKIKELV
VTQLGYDTRVTILGHVQRGGTPSAFDRILASRMGVEAVIALLEATPDTPACVVSLNGNHAVRLPLMECVQMTQDVQKAMD
ERRFQDAVRLRGRSFAGNLNTYKRLAIKLPDDQIPKTNCNVAVINVGAPAAGMNAAVRSAVRVGIADGHRMLAIYDGFDG
FAKGQIKEIGWTDVGGWTGQGGSILGTKRVLPGKYLEEIATQMRTHSINALLIIGGFEAYLGLLELSAAREKHEEFCVPM
VMVPATVSNNVPGSDFSIGADTALNTITDTCDRIKQSASGTKRRVFIIETMGGYCGYLANMGGLAAGADAAYIFEEPFDI
RDLQSNVEHLTEKMKTTIQRGLVLRNESCSENYTTDFIYQLYSEEGKGVFDCRKNVLGHMQQGGAPSPFDRNFGTKISAR
AMEWITAKLKEARGRGKKFTTDDSICVLGISKRNVIFQPVAELKKQTDFEHRIPKEQWWLKLRPLMKILAKYKASYDVSD
SGQLEHVQPWSV
;
_entity_poly.pdbx_strand_id   A,B,C,D,E,F,G,H
#
loop_
_chem_comp.id
_chem_comp.type
_chem_comp.name
_chem_comp.formula
ATP non-polymer ADENOSINE-5'-TRIPHOSPHATE 'C10 H16 N5 O13 P3'
CO non-polymer 'COBALT (II) ION' 'Co 2'
MG non-polymer 'MAGNESIUM ION' 'Mg 2'
PO4 non-polymer 'PHOSPHATE ION' 'O4 P -3'
#
# COMPACT_ATOMS: atom_id res chain seq x y z
N LEU A 41 11.71 -29.18 28.47
CA LEU A 41 11.57 -27.94 27.66
C LEU A 41 10.08 -27.63 27.34
N ARG A 42 9.26 -28.66 27.13
CA ARG A 42 7.84 -28.47 26.84
C ARG A 42 6.95 -28.41 28.09
N LYS A 43 6.00 -27.46 28.09
CA LYS A 43 5.07 -27.28 29.21
C LYS A 43 3.78 -28.03 28.94
N PHE A 44 3.20 -28.60 29.99
CA PHE A 44 1.95 -29.33 29.85
C PHE A 44 0.92 -28.67 30.76
N LEU A 45 -0.37 -28.96 30.55
CA LEU A 45 -1.39 -28.30 31.36
C LEU A 45 -1.61 -28.84 32.76
N GLU A 46 -1.53 -30.16 32.93
CA GLU A 46 -1.72 -30.74 34.27
C GLU A 46 -0.58 -30.43 35.24
N HIS A 47 0.53 -29.93 34.69
CA HIS A 47 1.70 -29.57 35.49
C HIS A 47 1.59 -28.19 36.04
N LEU A 48 0.85 -27.33 35.36
CA LEU A 48 0.69 -25.96 35.78
C LEU A 48 -0.63 -25.78 36.50
N SER A 49 -0.64 -26.21 37.76
CA SER A 49 -1.79 -26.15 38.65
C SER A 49 -2.21 -24.73 39.04
N GLY A 50 -3.49 -24.59 39.38
CA GLY A 50 -4.01 -23.31 39.78
C GLY A 50 -4.78 -23.50 41.07
N ALA A 51 -4.49 -24.61 41.75
CA ALA A 51 -5.15 -24.94 43.01
C ALA A 51 -4.97 -23.81 44.01
N GLY A 52 -6.06 -23.40 44.65
CA GLY A 52 -5.98 -22.33 45.61
C GLY A 52 -6.36 -20.98 45.03
N LYS A 53 -6.28 -20.85 43.72
CA LYS A 53 -6.65 -19.61 43.07
C LYS A 53 -8.16 -19.56 42.78
N ALA A 54 -8.71 -18.36 42.74
CA ALA A 54 -10.13 -18.18 42.46
C ALA A 54 -10.31 -17.25 41.26
N ILE A 55 -10.95 -17.76 40.20
CA ILE A 55 -11.16 -16.99 38.99
C ILE A 55 -12.59 -16.51 38.83
N GLY A 56 -12.73 -15.25 38.43
CA GLY A 56 -14.02 -14.69 38.21
C GLY A 56 -14.17 -14.39 36.74
N VAL A 57 -15.27 -14.79 36.13
CA VAL A 57 -15.49 -14.53 34.72
C VAL A 57 -16.81 -13.79 34.57
N LEU A 58 -16.84 -12.82 33.66
CA LEU A 58 -18.04 -12.05 33.42
C LEU A 58 -18.09 -11.63 31.94
N THR A 59 -19.31 -11.42 31.41
CA THR A 59 -19.47 -11.01 30.03
C THR A 59 -20.06 -9.61 30.02
N SER A 60 -19.38 -8.66 29.41
CA SER A 60 -19.86 -7.28 29.39
C SER A 60 -20.12 -6.70 28.00
N GLY A 61 -20.87 -5.60 27.96
CA GLY A 61 -21.20 -4.95 26.72
C GLY A 61 -22.34 -5.66 26.03
N GLY A 62 -22.46 -5.45 24.73
CA GLY A 62 -23.52 -6.12 23.99
C GLY A 62 -23.19 -7.60 23.90
N ASP A 63 -24.21 -8.43 23.81
CA ASP A 63 -23.98 -9.86 23.70
C ASP A 63 -23.49 -10.22 22.31
N ALA A 64 -22.73 -11.32 22.20
CA ALA A 64 -22.19 -11.77 20.93
C ALA A 64 -22.10 -13.29 20.89
N GLN A 65 -22.63 -13.89 19.83
CA GLN A 65 -22.62 -15.33 19.70
C GLN A 65 -21.24 -15.90 19.92
N GLY A 66 -21.15 -16.82 20.86
CA GLY A 66 -19.88 -17.45 21.15
C GLY A 66 -19.45 -17.17 22.58
N MET A 67 -20.16 -16.26 23.25
CA MET A 67 -19.79 -15.93 24.61
C MET A 67 -19.97 -17.15 25.51
N ASN A 68 -21.06 -17.90 25.31
CA ASN A 68 -21.25 -19.07 26.15
C ASN A 68 -20.12 -20.07 25.91
N ALA A 69 -19.78 -20.29 24.65
CA ALA A 69 -18.70 -21.21 24.32
C ALA A 69 -17.45 -20.79 25.09
N ALA A 70 -17.28 -19.49 25.25
CA ALA A 70 -16.13 -18.93 25.94
C ALA A 70 -16.16 -19.23 27.43
N VAL A 71 -17.25 -18.86 28.12
CA VAL A 71 -17.32 -19.12 29.55
C VAL A 71 -17.30 -20.63 29.82
N ARG A 72 -17.90 -21.41 28.93
CA ARG A 72 -17.90 -22.85 29.09
C ARG A 72 -16.47 -23.32 29.19
N ALA A 73 -15.63 -22.81 28.28
CA ALA A 73 -14.21 -23.15 28.23
C ALA A 73 -13.48 -22.67 29.50
N VAL A 74 -13.65 -21.40 29.83
CA VAL A 74 -13.03 -20.85 31.03
C VAL A 74 -13.42 -21.66 32.27
N VAL A 75 -14.72 -21.73 32.56
CA VAL A 75 -15.19 -22.48 33.71
C VAL A 75 -14.53 -23.84 33.78
N ARG A 76 -14.74 -24.67 32.77
CA ARG A 76 -14.15 -25.99 32.79
C ARG A 76 -12.63 -26.04 32.82
N MET A 77 -11.96 -25.20 32.04
CA MET A 77 -10.51 -25.23 32.05
C MET A 77 -10.01 -24.91 33.44
N GLY A 78 -10.65 -23.94 34.08
CA GLY A 78 -10.25 -23.56 35.41
C GLY A 78 -10.43 -24.75 36.34
N ILE A 79 -11.68 -25.18 36.47
CA ILE A 79 -12.01 -26.32 37.33
C ILE A 79 -11.05 -27.48 37.12
N TYR A 80 -10.60 -27.66 35.89
CA TYR A 80 -9.71 -28.77 35.55
C TYR A 80 -8.32 -28.59 36.12
N VAL A 81 -7.76 -27.39 36.00
CA VAL A 81 -6.43 -27.14 36.54
C VAL A 81 -6.46 -27.00 38.07
N GLY A 82 -7.60 -27.30 38.67
CA GLY A 82 -7.74 -27.22 40.11
C GLY A 82 -8.14 -25.87 40.70
N ALA A 83 -8.38 -24.89 39.84
CA ALA A 83 -8.80 -23.58 40.35
C ALA A 83 -10.28 -23.67 40.69
N LYS A 84 -10.83 -22.56 41.18
CA LYS A 84 -12.23 -22.53 41.51
C LYS A 84 -12.76 -21.31 40.78
N VAL A 85 -13.69 -21.49 39.85
CA VAL A 85 -14.20 -20.36 39.10
C VAL A 85 -15.58 -19.88 39.54
N TYR A 86 -15.76 -18.56 39.45
CA TYR A 86 -17.00 -17.89 39.85
C TYR A 86 -17.64 -17.09 38.72
N PHE A 87 -18.97 -17.18 38.64
CA PHE A 87 -19.75 -16.45 37.64
C PHE A 87 -19.98 -15.04 38.17
N ILE A 88 -20.09 -14.07 37.27
CA ILE A 88 -20.37 -12.71 37.69
C ILE A 88 -21.41 -12.18 36.71
N TYR A 89 -22.67 -12.38 37.08
CA TYR A 89 -23.79 -11.99 36.26
C TYR A 89 -23.87 -10.53 35.90
N GLU A 90 -24.43 -10.25 34.74
CA GLU A 90 -24.63 -8.89 34.25
C GLU A 90 -23.38 -8.05 34.05
N GLY A 91 -22.27 -8.69 33.70
CA GLY A 91 -21.06 -7.93 33.47
C GLY A 91 -20.64 -7.13 34.69
N TYR A 92 -20.16 -5.91 34.49
CA TYR A 92 -19.71 -5.10 35.61
C TYR A 92 -20.82 -4.77 36.61
N GLN A 93 -22.03 -4.58 36.13
CA GLN A 93 -23.16 -4.30 37.02
C GLN A 93 -23.15 -5.29 38.16
N GLY A 94 -23.23 -6.56 37.81
CA GLY A 94 -23.26 -7.60 38.83
C GLY A 94 -22.07 -7.56 39.76
N MET A 95 -20.94 -7.04 39.29
CA MET A 95 -19.76 -7.00 40.14
C MET A 95 -19.90 -5.89 41.16
N VAL A 96 -20.48 -4.77 40.73
CA VAL A 96 -20.70 -3.63 41.60
C VAL A 96 -21.73 -4.06 42.64
N ASP A 97 -22.86 -4.55 42.16
CA ASP A 97 -23.95 -5.02 43.02
C ASP A 97 -23.49 -6.10 44.00
N GLY A 98 -22.70 -7.04 43.51
CA GLY A 98 -22.22 -8.11 44.37
C GLY A 98 -23.34 -8.98 44.94
N GLY A 99 -22.99 -9.73 45.98
CA GLY A 99 -24.00 -10.57 46.57
C GLY A 99 -24.23 -11.82 45.74
N SER A 100 -25.50 -12.10 45.44
CA SER A 100 -25.85 -13.28 44.66
C SER A 100 -25.47 -13.12 43.18
N ASN A 101 -25.07 -11.91 42.81
CA ASN A 101 -24.66 -11.67 41.44
C ASN A 101 -23.34 -12.38 41.17
N ILE A 102 -22.79 -13.01 42.21
CA ILE A 102 -21.53 -13.74 42.10
C ILE A 102 -21.72 -15.12 42.73
N ALA A 103 -21.72 -16.15 41.89
CA ALA A 103 -21.91 -17.51 42.37
C ALA A 103 -20.80 -18.39 41.83
N GLU A 104 -20.46 -19.44 42.59
CA GLU A 104 -19.43 -20.36 42.14
C GLU A 104 -20.04 -21.21 41.05
N ALA A 105 -19.24 -21.56 40.06
CA ALA A 105 -19.71 -22.37 38.95
C ALA A 105 -19.05 -23.72 38.99
N ASP A 106 -19.82 -24.77 38.71
CA ASP A 106 -19.28 -26.13 38.70
C ASP A 106 -19.33 -26.64 37.26
N TRP A 107 -18.77 -27.83 37.04
CA TRP A 107 -18.71 -28.42 35.72
C TRP A 107 -20.02 -28.42 34.95
N GLU A 108 -21.14 -28.60 35.64
CA GLU A 108 -22.43 -28.65 34.95
C GLU A 108 -23.07 -27.29 34.69
N SER A 109 -22.52 -26.25 35.29
CA SER A 109 -23.04 -24.91 35.10
C SER A 109 -23.06 -24.55 33.61
N VAL A 110 -21.93 -24.78 32.96
CA VAL A 110 -21.76 -24.47 31.55
C VAL A 110 -22.09 -25.65 30.66
N SER A 111 -22.90 -26.57 31.14
CA SER A 111 -23.24 -27.73 30.35
C SER A 111 -24.27 -27.42 29.27
N SER A 112 -23.96 -27.80 28.05
CA SER A 112 -24.86 -27.61 26.92
C SER A 112 -25.27 -26.16 26.64
N ILE A 113 -24.27 -25.28 26.50
CA ILE A 113 -24.56 -23.88 26.21
C ILE A 113 -23.70 -23.50 25.03
N LEU A 114 -22.99 -24.50 24.50
CA LEU A 114 -22.12 -24.29 23.38
C LEU A 114 -22.85 -23.74 22.17
N GLN A 115 -23.97 -24.38 21.81
CA GLN A 115 -24.75 -23.96 20.66
C GLN A 115 -25.72 -22.83 20.96
N VAL A 116 -25.48 -22.10 22.05
CA VAL A 116 -26.38 -21.02 22.44
C VAL A 116 -25.86 -19.59 22.26
N GLY A 117 -26.67 -18.78 21.59
CA GLY A 117 -26.28 -17.39 21.37
C GLY A 117 -26.37 -16.60 22.65
N GLY A 118 -25.91 -15.35 22.62
CA GLY A 118 -25.99 -14.54 23.82
C GLY A 118 -25.11 -15.09 24.91
N THR A 119 -25.52 -14.87 26.16
CA THR A 119 -24.74 -15.30 27.33
C THR A 119 -25.61 -15.65 28.53
N ILE A 120 -25.45 -16.86 29.06
CA ILE A 120 -26.24 -17.30 30.21
C ILE A 120 -25.88 -16.54 31.47
N ILE A 121 -24.74 -15.87 31.43
CA ILE A 121 -24.24 -15.07 32.53
C ILE A 121 -24.91 -13.72 32.46
N GLY A 122 -25.30 -13.36 31.24
CA GLY A 122 -25.94 -12.08 31.03
C GLY A 122 -24.86 -11.02 30.84
N SER A 123 -25.14 -10.04 29.99
CA SER A 123 -24.21 -8.96 29.73
C SER A 123 -24.98 -7.66 29.64
N ALA A 124 -24.47 -6.61 30.26
CA ALA A 124 -25.15 -5.34 30.21
C ALA A 124 -24.16 -4.22 30.32
N ARG A 125 -24.68 -3.01 30.40
CA ARG A 125 -23.87 -1.81 30.52
C ARG A 125 -24.00 -1.35 31.97
N CYS A 126 -22.87 -1.11 32.61
CA CYS A 126 -22.88 -0.67 33.98
C CYS A 126 -22.41 0.77 34.05
N GLN A 127 -23.32 1.67 34.41
CA GLN A 127 -22.94 3.07 34.49
C GLN A 127 -22.17 3.31 35.76
N ALA A 128 -22.52 2.57 36.79
CA ALA A 128 -21.86 2.69 38.09
C ALA A 128 -20.37 2.46 37.99
N PHE A 129 -19.96 1.57 37.10
CA PHE A 129 -18.54 1.26 36.95
C PHE A 129 -17.76 2.38 36.25
N ARG A 130 -18.47 3.32 35.64
CA ARG A 130 -17.82 4.46 34.96
C ARG A 130 -17.23 5.38 36.02
N THR A 131 -17.84 5.34 37.22
CA THR A 131 -17.46 6.16 38.36
C THR A 131 -16.47 5.51 39.34
N ARG A 132 -15.86 6.36 40.18
CA ARG A 132 -14.91 5.89 41.18
C ARG A 132 -15.61 5.11 42.28
N GLU A 133 -16.87 5.48 42.54
CA GLU A 133 -17.65 4.81 43.58
C GLU A 133 -17.98 3.40 43.17
N GLY A 134 -18.26 3.23 41.88
CA GLY A 134 -18.58 1.91 41.38
C GLY A 134 -17.39 1.00 41.52
N ARG A 135 -16.26 1.43 40.95
CA ARG A 135 -15.04 0.63 41.02
C ARG A 135 -14.72 0.19 42.45
N LEU A 136 -14.98 1.08 43.41
CA LEU A 136 -14.72 0.77 44.81
C LEU A 136 -15.66 -0.30 45.32
N LYS A 137 -16.96 -0.10 45.10
CA LYS A 137 -17.96 -1.06 45.56
C LYS A 137 -17.68 -2.43 44.96
N ALA A 138 -17.24 -2.44 43.71
CA ALA A 138 -16.92 -3.68 43.00
C ALA A 138 -15.70 -4.37 43.64
N ALA A 139 -14.60 -3.64 43.72
CA ALA A 139 -13.37 -4.17 44.30
C ALA A 139 -13.63 -4.78 45.68
N CYS A 140 -14.64 -4.25 46.35
CA CYS A 140 -14.99 -4.73 47.68
C CYS A 140 -15.61 -6.12 47.59
N ASN A 141 -16.64 -6.26 46.77
CA ASN A 141 -17.32 -7.53 46.61
C ASN A 141 -16.37 -8.61 46.11
N LEU A 142 -15.43 -8.21 45.25
CA LEU A 142 -14.43 -9.13 44.71
C LEU A 142 -13.57 -9.64 45.85
N LEU A 143 -13.08 -8.71 46.66
CA LEU A 143 -12.24 -9.03 47.81
C LEU A 143 -13.03 -9.84 48.83
N GLN A 144 -14.30 -9.52 48.96
CA GLN A 144 -15.16 -10.21 49.90
C GLN A 144 -15.34 -11.68 49.53
N ARG A 145 -14.98 -12.03 48.29
CA ARG A 145 -15.11 -13.42 47.84
C ARG A 145 -13.78 -14.08 47.53
N GLY A 146 -12.68 -13.36 47.75
CA GLY A 146 -11.35 -13.91 47.50
C GLY A 146 -10.95 -14.04 46.05
N ILE A 147 -11.60 -13.27 45.19
CA ILE A 147 -11.34 -13.30 43.75
C ILE A 147 -10.35 -12.22 43.32
N THR A 148 -9.13 -12.65 42.98
CA THR A 148 -8.08 -11.72 42.55
C THR A 148 -7.68 -11.98 41.10
N ASN A 149 -8.27 -13.02 40.52
CA ASN A 149 -8.02 -13.39 39.13
C ASN A 149 -9.29 -13.14 38.34
N LEU A 150 -9.21 -12.23 37.37
CA LEU A 150 -10.36 -11.83 36.56
C LEU A 150 -10.28 -12.10 35.07
N CYS A 151 -11.39 -12.56 34.49
CA CYS A 151 -11.47 -12.83 33.06
C CYS A 151 -12.65 -12.07 32.47
N VAL A 152 -12.36 -10.97 31.78
CA VAL A 152 -13.40 -10.14 31.19
C VAL A 152 -13.58 -10.44 29.71
N ILE A 153 -14.81 -10.82 29.35
CA ILE A 153 -15.17 -11.14 27.98
C ILE A 153 -16.10 -10.06 27.44
N GLY A 154 -15.58 -9.18 26.60
CA GLY A 154 -16.39 -8.11 26.04
C GLY A 154 -15.68 -7.35 24.95
N GLY A 155 -16.20 -6.17 24.61
CA GLY A 155 -15.60 -5.37 23.55
C GLY A 155 -14.68 -4.26 24.03
N ASP A 156 -14.31 -3.39 23.08
CA ASP A 156 -13.43 -2.26 23.34
C ASP A 156 -13.69 -1.60 24.69
N GLY A 157 -14.95 -1.30 24.95
CA GLY A 157 -15.31 -0.66 26.20
C GLY A 157 -14.96 -1.52 27.41
N SER A 158 -15.70 -2.61 27.60
CA SER A 158 -15.48 -3.51 28.71
C SER A 158 -13.99 -3.68 28.99
N LEU A 159 -13.21 -3.85 27.93
CA LEU A 159 -11.78 -4.05 28.07
C LEU A 159 -11.01 -2.82 28.54
N THR A 160 -11.28 -1.64 27.99
CA THR A 160 -10.57 -0.44 28.44
C THR A 160 -10.94 -0.18 29.90
N GLY A 161 -12.21 -0.42 30.24
CA GLY A 161 -12.65 -0.24 31.60
C GLY A 161 -11.93 -1.20 32.54
N ALA A 162 -11.67 -2.40 32.07
CA ALA A 162 -10.97 -3.40 32.87
C ALA A 162 -9.54 -2.93 33.10
N ASN A 163 -8.93 -2.43 32.04
CA ASN A 163 -7.56 -1.93 32.10
C ASN A 163 -7.46 -0.92 33.22
N LEU A 164 -8.34 0.08 33.17
CA LEU A 164 -8.38 1.14 34.17
C LEU A 164 -8.58 0.59 35.58
N PHE A 165 -9.43 -0.42 35.71
CA PHE A 165 -9.69 -1.03 37.00
C PHE A 165 -8.41 -1.62 37.56
N ARG A 166 -7.54 -2.11 36.68
CA ARG A 166 -6.26 -2.68 37.11
C ARG A 166 -5.37 -1.60 37.70
N LYS A 167 -5.33 -0.45 37.03
CA LYS A 167 -4.53 0.68 37.49
C LYS A 167 -4.95 1.11 38.89
N GLU A 168 -6.22 1.49 39.02
CA GLU A 168 -6.77 1.95 40.29
C GLU A 168 -6.85 0.88 41.38
N TRP A 169 -6.53 -0.36 41.03
CA TRP A 169 -6.60 -1.44 42.01
C TRP A 169 -5.96 -1.10 43.33
N SER A 170 -4.64 -0.98 43.33
CA SER A 170 -3.92 -0.62 44.54
C SER A 170 -4.59 0.60 45.18
N GLY A 171 -4.89 1.60 44.36
CA GLY A 171 -5.53 2.81 44.85
C GLY A 171 -6.89 2.60 45.50
N LEU A 172 -7.66 1.64 44.99
CA LEU A 172 -8.98 1.35 45.54
C LEU A 172 -8.89 0.62 46.87
N LEU A 173 -7.89 -0.24 47.02
CA LEU A 173 -7.72 -0.99 48.25
C LEU A 173 -7.33 -0.06 49.40
N GLU A 174 -6.67 1.04 49.05
CA GLU A 174 -6.27 2.02 50.07
C GLU A 174 -7.55 2.58 50.65
N GLU A 175 -8.28 3.29 49.80
CA GLU A 175 -9.53 3.94 50.15
C GLU A 175 -10.50 3.01 50.88
N LEU A 176 -10.41 1.71 50.61
CA LEU A 176 -11.31 0.75 51.25
C LEU A 176 -10.84 0.36 52.66
N ALA A 177 -9.52 0.23 52.84
CA ALA A 177 -8.95 -0.12 54.14
C ALA A 177 -9.03 1.12 55.03
N ARG A 178 -8.91 2.28 54.40
CA ARG A 178 -8.97 3.57 55.06
C ARG A 178 -10.35 3.80 55.67
N ASN A 179 -11.40 3.48 54.91
CA ASN A 179 -12.76 3.65 55.38
C ASN A 179 -13.27 2.43 56.13
N GLY A 180 -12.33 1.59 56.56
CA GLY A 180 -12.66 0.39 57.31
C GLY A 180 -13.69 -0.54 56.73
N GLN A 181 -13.65 -0.74 55.41
CA GLN A 181 -14.59 -1.65 54.76
C GLN A 181 -13.90 -2.96 54.43
N ILE A 182 -12.57 -2.96 54.55
CA ILE A 182 -11.79 -4.15 54.30
C ILE A 182 -10.72 -4.25 55.36
N ASP A 183 -10.13 -5.43 55.49
CA ASP A 183 -9.09 -5.68 56.47
C ASP A 183 -7.81 -4.91 56.11
N LYS A 184 -7.06 -4.51 57.14
CA LYS A 184 -5.81 -3.78 56.94
C LYS A 184 -4.76 -4.70 56.32
N GLU A 185 -4.80 -5.98 56.66
CA GLU A 185 -3.84 -6.95 56.14
C GLU A 185 -4.31 -7.49 54.80
N ALA A 186 -5.61 -7.48 54.58
CA ALA A 186 -6.17 -7.97 53.33
C ALA A 186 -5.69 -7.10 52.18
N VAL A 187 -5.28 -5.87 52.49
CA VAL A 187 -4.81 -4.95 51.48
C VAL A 187 -3.46 -5.42 50.91
N GLN A 188 -2.86 -6.42 51.55
CA GLN A 188 -1.59 -6.97 51.08
C GLN A 188 -1.82 -8.28 50.35
N LYS A 189 -2.66 -9.14 50.92
CA LYS A 189 -2.95 -10.43 50.32
C LYS A 189 -3.55 -10.25 48.93
N TYR A 190 -4.71 -9.60 48.87
CA TYR A 190 -5.38 -9.36 47.60
C TYR A 190 -4.80 -8.10 46.95
N ALA A 191 -3.48 -8.04 46.88
CA ALA A 191 -2.81 -6.87 46.31
C ALA A 191 -2.54 -6.98 44.83
N TYR A 192 -2.49 -8.20 44.30
CA TYR A 192 -2.22 -8.39 42.87
C TYR A 192 -3.47 -8.80 42.12
N LEU A 193 -3.82 -8.02 41.11
CA LEU A 193 -5.01 -8.28 40.32
C LEU A 193 -4.64 -8.84 38.96
N ASN A 194 -4.90 -10.13 38.74
CA ASN A 194 -4.60 -10.75 37.45
C ASN A 194 -5.78 -10.56 36.52
N VAL A 195 -5.61 -9.71 35.51
CA VAL A 195 -6.67 -9.47 34.56
C VAL A 195 -6.28 -9.96 33.17
N VAL A 196 -7.25 -10.57 32.49
CA VAL A 196 -7.06 -11.09 31.14
C VAL A 196 -8.37 -10.89 30.42
N GLY A 197 -8.30 -10.45 29.17
CA GLY A 197 -9.53 -10.22 28.43
C GLY A 197 -9.66 -10.97 27.12
N MET A 198 -10.91 -11.17 26.71
CA MET A 198 -11.26 -11.84 25.46
C MET A 198 -12.15 -10.88 24.70
N VAL A 199 -11.79 -10.52 23.47
CA VAL A 199 -12.65 -9.60 22.74
C VAL A 199 -13.88 -10.36 22.26
N GLY A 200 -15.02 -10.02 22.85
CA GLY A 200 -16.27 -10.66 22.48
C GLY A 200 -17.33 -9.64 22.16
N SER A 201 -17.31 -9.16 20.92
CA SER A 201 -18.26 -8.16 20.46
C SER A 201 -18.39 -8.34 18.96
N ILE A 202 -19.56 -8.07 18.41
CA ILE A 202 -19.75 -8.22 16.98
C ILE A 202 -19.20 -7.03 16.21
N ASP A 203 -18.68 -6.04 16.93
CA ASP A 203 -18.13 -4.86 16.27
C ASP A 203 -16.71 -5.06 15.74
N ASN A 204 -15.85 -5.66 16.56
CA ASN A 204 -14.46 -5.90 16.20
C ASN A 204 -13.72 -4.57 16.25
N ASP A 205 -14.20 -3.67 17.10
CA ASP A 205 -13.65 -2.34 17.27
C ASP A 205 -12.47 -2.21 18.23
N PHE A 206 -11.94 -3.34 18.70
CA PHE A 206 -10.81 -3.29 19.62
C PHE A 206 -9.53 -3.49 18.85
N CYS A 207 -8.73 -2.43 18.77
CA CYS A 207 -7.48 -2.44 18.03
C CYS A 207 -6.42 -3.43 18.46
N GLY A 208 -5.75 -4.02 17.49
CA GLY A 208 -4.73 -4.99 17.80
C GLY A 208 -5.29 -6.39 17.76
N THR A 209 -6.56 -6.54 17.41
CA THR A 209 -7.14 -7.88 17.33
C THR A 209 -7.66 -8.15 15.91
N ASP A 210 -7.17 -9.24 15.32
CA ASP A 210 -7.54 -9.63 13.98
C ASP A 210 -9.05 -9.84 13.97
N MET A 211 -9.49 -10.94 14.55
CA MET A 211 -10.91 -11.26 14.60
C MET A 211 -11.39 -11.43 16.04
N THR A 212 -12.62 -10.99 16.29
CA THR A 212 -13.21 -11.08 17.61
C THR A 212 -14.38 -12.07 17.61
N ILE A 213 -14.67 -12.61 18.77
CA ILE A 213 -15.75 -13.58 18.93
C ILE A 213 -17.10 -12.95 18.66
N GLY A 214 -17.82 -13.49 17.68
CA GLY A 214 -19.13 -12.96 17.37
C GLY A 214 -19.26 -12.38 15.99
N THR A 215 -18.15 -11.99 15.39
CA THR A 215 -18.24 -11.40 14.06
C THR A 215 -18.66 -12.40 13.00
N ASP A 216 -18.01 -13.56 12.94
CA ASP A 216 -18.41 -14.53 11.91
C ASP A 216 -19.90 -14.83 12.03
N SER A 217 -20.38 -14.93 13.26
CA SER A 217 -21.78 -15.22 13.50
C SER A 217 -22.68 -14.10 12.99
N ALA A 218 -22.29 -12.87 13.27
CA ALA A 218 -23.07 -11.73 12.83
C ALA A 218 -23.09 -11.73 11.30
N LEU A 219 -21.94 -11.99 10.70
CA LEU A 219 -21.83 -12.03 9.25
C LEU A 219 -22.81 -13.06 8.68
N HIS A 220 -22.94 -14.20 9.35
CA HIS A 220 -23.86 -15.25 8.91
C HIS A 220 -25.25 -14.66 8.88
N ARG A 221 -25.67 -14.09 10.01
CA ARG A 221 -26.97 -13.46 10.09
C ARG A 221 -27.21 -12.48 8.94
N ILE A 222 -26.22 -11.63 8.67
CA ILE A 222 -26.28 -10.63 7.61
C ILE A 222 -26.42 -11.25 6.24
N ILE A 223 -25.50 -12.14 5.89
CA ILE A 223 -25.53 -12.79 4.59
C ILE A 223 -26.79 -13.62 4.38
N GLU A 224 -27.34 -14.16 5.46
CA GLU A 224 -28.59 -14.93 5.36
C GLU A 224 -29.69 -14.04 4.80
N VAL A 225 -29.78 -12.80 5.29
CA VAL A 225 -30.77 -11.84 4.81
C VAL A 225 -30.53 -11.52 3.35
N VAL A 226 -29.29 -11.16 3.01
CA VAL A 226 -28.94 -10.83 1.62
C VAL A 226 -29.31 -11.97 0.70
N ASP A 227 -28.95 -13.19 1.10
CA ASP A 227 -29.27 -14.38 0.30
C ASP A 227 -30.77 -14.53 0.11
N ALA A 228 -31.54 -14.19 1.15
CA ALA A 228 -32.99 -14.30 1.09
C ALA A 228 -33.57 -13.31 0.09
N ILE A 229 -32.91 -12.18 -0.09
CA ILE A 229 -33.36 -11.17 -1.03
C ILE A 229 -32.97 -11.50 -2.45
N MET A 230 -31.84 -12.19 -2.60
CA MET A 230 -31.35 -12.56 -3.91
C MET A 230 -32.09 -13.72 -4.56
N THR A 231 -32.80 -14.53 -3.78
CA THR A 231 -33.54 -15.64 -4.38
C THR A 231 -34.90 -15.14 -4.85
N THR A 232 -35.16 -13.85 -4.64
CA THR A 232 -36.43 -13.25 -5.03
C THR A 232 -36.24 -12.67 -6.41
N ALA A 233 -37.14 -13.00 -7.34
CA ALA A 233 -37.06 -12.49 -8.70
C ALA A 233 -38.05 -11.38 -9.01
N GLN A 234 -37.56 -10.34 -9.67
CA GLN A 234 -38.39 -9.21 -10.08
C GLN A 234 -37.96 -8.85 -11.48
N SER A 235 -38.89 -8.33 -12.27
CA SER A 235 -38.58 -7.96 -13.65
C SER A 235 -37.89 -6.60 -13.73
N HIS A 236 -38.34 -5.64 -12.93
CA HIS A 236 -37.74 -4.32 -12.94
C HIS A 236 -36.51 -4.29 -12.04
N GLN A 237 -35.67 -3.28 -12.23
CA GLN A 237 -34.45 -3.10 -11.47
C GLN A 237 -34.77 -2.84 -10.01
N ARG A 238 -34.02 -3.47 -9.12
CA ARG A 238 -34.21 -3.29 -7.68
C ARG A 238 -32.90 -2.91 -7.02
N THR A 239 -32.99 -2.13 -5.95
CA THR A 239 -31.80 -1.72 -5.21
C THR A 239 -32.05 -1.92 -3.71
N PHE A 240 -31.23 -2.74 -3.09
CA PHE A 240 -31.39 -3.06 -1.68
C PHE A 240 -30.35 -2.37 -0.82
N VAL A 241 -30.81 -1.55 0.11
CA VAL A 241 -29.91 -0.84 1.01
C VAL A 241 -29.97 -1.50 2.37
N LEU A 242 -28.85 -2.10 2.76
CA LEU A 242 -28.77 -2.81 4.03
C LEU A 242 -27.80 -2.14 5.01
N GLU A 243 -28.29 -1.82 6.19
CA GLU A 243 -27.47 -1.18 7.20
C GLU A 243 -27.06 -2.19 8.24
N VAL A 244 -25.77 -2.52 8.27
CA VAL A 244 -25.24 -3.47 9.24
C VAL A 244 -24.71 -2.71 10.42
N MET A 245 -24.09 -3.41 11.36
CA MET A 245 -23.56 -2.77 12.54
C MET A 245 -22.12 -2.27 12.46
N GLY A 246 -21.61 -1.85 13.61
CA GLY A 246 -20.27 -1.30 13.69
C GLY A 246 -20.36 0.17 14.09
N ARG A 247 -20.37 0.44 15.40
CA ARG A 247 -20.47 1.81 15.92
C ARG A 247 -19.65 2.76 15.05
N HIS A 248 -18.34 2.70 15.23
CA HIS A 248 -17.42 3.53 14.47
C HIS A 248 -16.41 2.64 13.79
N CYS A 249 -16.85 1.44 13.43
CA CYS A 249 -16.01 0.46 12.77
C CYS A 249 -16.72 -0.10 11.54
N GLY A 250 -16.06 0.01 10.40
CA GLY A 250 -16.65 -0.47 9.17
C GLY A 250 -16.22 -1.86 8.78
N TYR A 251 -15.66 -2.59 9.73
CA TYR A 251 -15.22 -3.96 9.45
C TYR A 251 -16.39 -4.79 8.99
N LEU A 252 -17.43 -4.87 9.81
CA LEU A 252 -18.60 -5.66 9.45
C LEU A 252 -19.06 -5.27 8.08
N ALA A 253 -19.29 -3.97 7.91
CA ALA A 253 -19.76 -3.47 6.63
C ALA A 253 -18.90 -3.91 5.48
N LEU A 254 -17.59 -3.86 5.66
CA LEU A 254 -16.65 -4.23 4.61
C LEU A 254 -16.76 -5.69 4.25
N VAL A 255 -16.50 -6.59 5.19
CA VAL A 255 -16.58 -8.02 4.90
C VAL A 255 -17.95 -8.41 4.35
N SER A 256 -18.99 -7.73 4.82
CA SER A 256 -20.34 -8.01 4.35
C SER A 256 -20.40 -7.67 2.89
N ALA A 257 -19.74 -6.58 2.53
CA ALA A 257 -19.74 -6.13 1.16
C ALA A 257 -19.12 -7.14 0.18
N LEU A 258 -17.90 -7.61 0.46
CA LEU A 258 -17.31 -8.53 -0.48
C LEU A 258 -17.74 -9.96 -0.24
N ALA A 259 -18.77 -10.12 0.56
CA ALA A 259 -19.29 -11.44 0.86
C ALA A 259 -20.46 -11.64 -0.08
N CYS A 260 -20.97 -10.54 -0.61
CA CYS A 260 -22.09 -10.58 -1.53
C CYS A 260 -21.88 -9.66 -2.74
N GLY A 261 -20.63 -9.28 -2.96
CA GLY A 261 -20.30 -8.42 -4.09
C GLY A 261 -21.16 -7.18 -4.20
N ALA A 262 -21.25 -6.43 -3.12
CA ALA A 262 -22.05 -5.21 -3.08
C ALA A 262 -21.60 -4.24 -4.14
N ASP A 263 -22.50 -3.32 -4.51
CA ASP A 263 -22.17 -2.34 -5.53
C ASP A 263 -21.44 -1.16 -4.88
N TRP A 264 -21.69 -0.95 -3.59
CA TRP A 264 -21.09 0.18 -2.92
C TRP A 264 -21.10 -0.01 -1.41
N VAL A 265 -20.10 0.55 -0.73
CA VAL A 265 -20.02 0.45 0.72
C VAL A 265 -19.70 1.77 1.39
N PHE A 266 -20.22 1.94 2.59
CA PHE A 266 -19.96 3.15 3.34
C PHE A 266 -19.26 2.78 4.61
N LEU A 267 -18.01 3.20 4.74
CA LEU A 267 -17.21 2.91 5.92
C LEU A 267 -16.80 4.19 6.61
N PRO A 268 -16.69 4.17 7.94
CA PRO A 268 -16.30 5.36 8.70
C PRO A 268 -14.81 5.65 8.55
N GLU A 269 -14.06 4.65 8.08
CA GLU A 269 -12.63 4.80 7.92
C GLU A 269 -12.21 5.33 6.54
N SER A 270 -13.01 5.09 5.52
CA SER A 270 -12.69 5.57 4.18
C SER A 270 -13.93 6.22 3.58
N PRO A 271 -14.44 7.27 4.23
CA PRO A 271 -15.62 7.97 3.75
C PRO A 271 -15.58 8.31 2.28
N PRO A 272 -16.76 8.46 1.65
CA PRO A 272 -16.87 8.78 0.23
C PRO A 272 -16.39 10.19 -0.08
N GLU A 273 -15.71 10.34 -1.21
CA GLU A 273 -15.20 11.64 -1.62
C GLU A 273 -16.32 12.57 -2.04
N GLU A 274 -16.17 13.84 -1.71
CA GLU A 274 -17.16 14.85 -2.04
C GLU A 274 -17.69 14.65 -3.45
N GLY A 275 -19.02 14.69 -3.59
CA GLY A 275 -19.64 14.50 -4.89
C GLY A 275 -19.90 13.05 -5.17
N TRP A 276 -20.02 12.25 -4.12
CA TRP A 276 -20.27 10.84 -4.27
C TRP A 276 -21.69 10.56 -4.68
N GLU A 277 -22.62 11.37 -4.19
CA GLU A 277 -24.03 11.18 -4.52
C GLU A 277 -24.26 10.83 -5.98
N GLU A 278 -23.70 11.63 -6.88
CA GLU A 278 -23.86 11.40 -8.31
C GLU A 278 -22.99 10.24 -8.76
N GLN A 279 -21.83 10.09 -8.12
CA GLN A 279 -20.93 9.01 -8.46
C GLN A 279 -21.55 7.64 -8.23
N MET A 280 -22.24 7.51 -7.10
CA MET A 280 -22.90 6.27 -6.73
C MET A 280 -24.01 5.94 -7.72
N CYS A 281 -24.89 6.92 -7.94
CA CYS A 281 -25.99 6.73 -8.87
C CYS A 281 -25.47 6.32 -10.23
N VAL A 282 -24.34 6.89 -10.61
CA VAL A 282 -23.73 6.57 -11.89
C VAL A 282 -23.26 5.11 -11.91
N LYS A 283 -22.67 4.66 -10.82
CA LYS A 283 -22.19 3.29 -10.74
C LYS A 283 -23.36 2.29 -10.78
N LEU A 284 -24.45 2.64 -10.12
CA LEU A 284 -25.62 1.77 -10.09
C LEU A 284 -26.21 1.55 -11.47
N SER A 285 -26.32 2.62 -12.26
CA SER A 285 -26.87 2.54 -13.61
C SER A 285 -25.95 1.77 -14.54
N GLU A 286 -24.64 1.87 -14.28
CA GLU A 286 -23.65 1.16 -15.08
C GLU A 286 -23.80 -0.33 -14.85
N ASN A 287 -23.90 -0.71 -13.58
CA ASN A 287 -24.05 -2.10 -13.22
C ASN A 287 -25.37 -2.59 -13.77
N ARG A 288 -26.37 -1.71 -13.73
CA ARG A 288 -27.69 -2.01 -14.23
C ARG A 288 -27.60 -2.40 -15.71
N ALA A 289 -26.71 -1.73 -16.42
CA ALA A 289 -26.50 -1.96 -17.84
C ALA A 289 -25.71 -3.22 -18.12
N ARG A 290 -25.04 -3.76 -17.11
CA ARG A 290 -24.26 -4.99 -17.27
C ARG A 290 -25.11 -6.18 -16.82
N LYS A 291 -26.41 -5.97 -16.83
CA LYS A 291 -27.39 -6.97 -16.46
C LYS A 291 -27.52 -7.31 -14.98
N LYS A 292 -26.87 -6.55 -14.10
CA LYS A 292 -26.98 -6.79 -12.67
C LYS A 292 -28.32 -6.17 -12.27
N ARG A 293 -29.35 -7.00 -12.18
CA ARG A 293 -30.69 -6.55 -11.88
C ARG A 293 -31.04 -6.30 -10.42
N LEU A 294 -30.06 -6.42 -9.53
CA LEU A 294 -30.26 -6.17 -8.11
C LEU A 294 -29.02 -5.55 -7.50
N ASN A 295 -29.09 -4.26 -7.16
CA ASN A 295 -27.96 -3.56 -6.57
C ASN A 295 -28.04 -3.75 -5.06
N ILE A 296 -26.89 -3.83 -4.41
CA ILE A 296 -26.86 -3.99 -2.97
C ILE A 296 -25.89 -2.97 -2.41
N ILE A 297 -26.39 -2.10 -1.55
CA ILE A 297 -25.56 -1.07 -0.94
C ILE A 297 -25.40 -1.41 0.55
N ILE A 298 -24.18 -1.62 1.01
CA ILE A 298 -23.98 -1.92 2.42
C ILE A 298 -23.56 -0.65 3.13
N VAL A 299 -24.34 -0.28 4.14
CA VAL A 299 -24.10 0.93 4.92
C VAL A 299 -23.79 0.62 6.38
N ALA A 300 -22.65 1.10 6.84
CA ALA A 300 -22.26 0.90 8.23
C ALA A 300 -23.03 1.90 9.09
N GLU A 301 -23.32 1.55 10.34
CA GLU A 301 -24.04 2.47 11.22
C GLU A 301 -23.34 3.82 11.26
N GLY A 302 -22.04 3.78 11.52
CA GLY A 302 -21.25 5.00 11.61
C GLY A 302 -20.79 5.61 10.31
N ALA A 303 -21.49 5.33 9.21
CA ALA A 303 -21.12 5.86 7.91
C ALA A 303 -21.11 7.39 7.93
N ILE A 304 -20.03 7.98 7.43
CA ILE A 304 -19.88 9.42 7.42
C ILE A 304 -19.16 9.91 6.16
N ASP A 305 -19.25 11.22 5.89
CA ASP A 305 -18.57 11.79 4.72
C ASP A 305 -17.24 12.42 5.15
N THR A 306 -16.52 12.99 4.18
CA THR A 306 -15.23 13.60 4.45
C THR A 306 -15.25 14.69 5.52
N GLN A 307 -16.40 14.88 6.16
CA GLN A 307 -16.53 15.90 7.21
C GLN A 307 -17.28 15.41 8.43
N ASN A 308 -17.18 14.12 8.68
CA ASN A 308 -17.83 13.49 9.82
C ASN A 308 -19.34 13.66 9.91
N LYS A 309 -19.97 14.09 8.81
CA LYS A 309 -21.41 14.23 8.79
C LYS A 309 -22.02 12.86 8.54
N PRO A 310 -22.99 12.45 9.37
CA PRO A 310 -23.65 11.15 9.23
C PRO A 310 -24.31 10.94 7.87
N ILE A 311 -24.09 9.78 7.26
CA ILE A 311 -24.71 9.47 5.98
C ILE A 311 -25.81 8.45 6.27
N THR A 312 -27.03 8.93 6.45
CA THR A 312 -28.15 8.05 6.75
C THR A 312 -28.53 7.12 5.61
N SER A 313 -29.16 6.00 5.96
CA SER A 313 -29.60 5.02 4.98
C SER A 313 -30.74 5.61 4.20
N GLU A 314 -31.57 6.41 4.87
CA GLU A 314 -32.70 7.04 4.21
C GLU A 314 -32.27 8.02 3.14
N LYS A 315 -31.11 8.65 3.33
CA LYS A 315 -30.57 9.58 2.34
C LYS A 315 -30.20 8.78 1.10
N ILE A 316 -29.63 7.59 1.33
CA ILE A 316 -29.23 6.72 0.23
C ILE A 316 -30.47 6.26 -0.52
N LYS A 317 -31.53 5.95 0.22
CA LYS A 317 -32.79 5.49 -0.37
C LYS A 317 -33.28 6.54 -1.34
N GLU A 318 -33.52 7.73 -0.82
CA GLU A 318 -34.00 8.83 -1.65
C GLU A 318 -33.09 9.08 -2.83
N LEU A 319 -31.79 9.11 -2.57
CA LEU A 319 -30.84 9.36 -3.62
C LEU A 319 -31.11 8.56 -4.89
N VAL A 320 -31.28 7.25 -4.74
CA VAL A 320 -31.52 6.40 -5.91
C VAL A 320 -32.96 6.48 -6.40
N VAL A 321 -33.89 6.62 -5.47
CA VAL A 321 -35.31 6.72 -5.83
C VAL A 321 -35.52 7.96 -6.69
N THR A 322 -34.87 9.04 -6.30
CA THR A 322 -34.97 10.32 -7.00
C THR A 322 -34.23 10.31 -8.34
N GLN A 323 -32.94 10.00 -8.28
CA GLN A 323 -32.09 9.99 -9.47
C GLN A 323 -32.30 8.86 -10.47
N LEU A 324 -32.44 7.63 -9.99
CA LEU A 324 -32.59 6.48 -10.87
C LEU A 324 -34.00 5.93 -10.90
N GLY A 325 -34.74 6.16 -9.82
CA GLY A 325 -36.11 5.68 -9.75
C GLY A 325 -36.29 4.16 -9.69
N TYR A 326 -35.28 3.45 -9.18
CA TYR A 326 -35.35 1.99 -9.07
C TYR A 326 -36.16 1.59 -7.84
N ASP A 327 -36.70 0.38 -7.86
CA ASP A 327 -37.48 -0.11 -6.73
C ASP A 327 -36.50 -0.27 -5.60
N THR A 328 -36.50 0.70 -4.69
CA THR A 328 -35.58 0.66 -3.56
C THR A 328 -36.22 0.37 -2.22
N ARG A 329 -35.72 -0.68 -1.59
CA ARG A 329 -36.19 -1.08 -0.27
C ARG A 329 -34.96 -1.00 0.64
N VAL A 330 -35.16 -0.67 1.91
CA VAL A 330 -34.05 -0.56 2.85
C VAL A 330 -34.39 -1.15 4.21
N THR A 331 -33.52 -2.00 4.74
CA THR A 331 -33.75 -2.58 6.06
C THR A 331 -32.58 -2.36 6.98
N ILE A 332 -32.88 -1.93 8.20
CA ILE A 332 -31.86 -1.67 9.19
C ILE A 332 -31.76 -2.94 10.02
N LEU A 333 -30.92 -3.86 9.58
CA LEU A 333 -30.73 -5.11 10.31
C LEU A 333 -30.51 -4.72 11.77
N GLY A 334 -31.50 -5.01 12.60
CA GLY A 334 -31.38 -4.61 14.00
C GLY A 334 -30.42 -5.44 14.81
N HIS A 335 -30.84 -5.68 16.06
CA HIS A 335 -30.10 -6.48 17.01
C HIS A 335 -30.10 -7.92 16.48
N VAL A 336 -30.88 -8.16 15.44
CA VAL A 336 -30.97 -9.49 14.87
C VAL A 336 -29.60 -10.05 14.45
N GLN A 337 -28.58 -9.19 14.45
CA GLN A 337 -27.22 -9.60 14.10
C GLN A 337 -26.53 -10.30 15.26
N ARG A 338 -27.15 -10.28 16.44
CA ARG A 338 -26.60 -10.92 17.62
C ARG A 338 -27.33 -12.25 17.84
N GLY A 339 -28.38 -12.45 17.06
CA GLY A 339 -29.20 -13.64 17.19
C GLY A 339 -28.70 -14.88 16.47
N GLY A 340 -29.49 -15.94 16.53
CA GLY A 340 -29.11 -17.18 15.87
C GLY A 340 -28.10 -17.95 16.67
N THR A 341 -27.67 -19.09 16.16
CA THR A 341 -26.68 -19.88 16.87
C THR A 341 -25.32 -19.44 16.41
N PRO A 342 -24.33 -19.50 17.31
CA PRO A 342 -22.97 -19.10 16.99
C PRO A 342 -22.36 -20.03 15.94
N SER A 343 -21.71 -19.45 14.93
CA SER A 343 -21.11 -20.24 13.86
C SER A 343 -20.03 -21.17 14.41
N ALA A 344 -19.62 -22.12 13.59
CA ALA A 344 -18.59 -23.06 14.01
C ALA A 344 -17.33 -22.30 14.32
N PHE A 345 -16.96 -21.37 13.45
CA PHE A 345 -15.76 -20.58 13.63
C PHE A 345 -15.73 -19.93 15.01
N ASP A 346 -16.84 -19.30 15.38
CA ASP A 346 -16.94 -18.62 16.66
C ASP A 346 -16.90 -19.57 17.86
N ARG A 347 -17.54 -20.73 17.76
CA ARG A 347 -17.51 -21.68 18.86
C ARG A 347 -16.09 -22.15 19.09
N ILE A 348 -15.39 -22.49 18.01
CA ILE A 348 -14.00 -22.94 18.12
C ILE A 348 -13.13 -21.79 18.62
N LEU A 349 -13.19 -20.65 17.96
CA LEU A 349 -12.40 -19.50 18.38
C LEU A 349 -12.58 -19.21 19.85
N ALA A 350 -13.84 -19.17 20.29
CA ALA A 350 -14.15 -18.90 21.69
C ALA A 350 -13.59 -19.95 22.65
N SER A 351 -13.56 -21.20 22.21
CA SER A 351 -13.01 -22.24 23.05
C SER A 351 -11.50 -22.11 23.15
N ARG A 352 -10.84 -21.92 22.02
CA ARG A 352 -9.39 -21.77 22.04
C ARG A 352 -8.98 -20.59 22.93
N MET A 353 -9.76 -19.53 22.89
CA MET A 353 -9.45 -18.37 23.70
C MET A 353 -9.71 -18.60 25.18
N GLY A 354 -10.75 -19.36 25.49
CA GLY A 354 -11.05 -19.63 26.89
C GLY A 354 -9.88 -20.32 27.59
N VAL A 355 -9.20 -21.20 26.87
CA VAL A 355 -8.05 -21.92 27.41
C VAL A 355 -6.93 -20.89 27.57
N GLU A 356 -6.61 -20.22 26.48
CA GLU A 356 -5.56 -19.21 26.49
C GLU A 356 -5.71 -18.23 27.63
N ALA A 357 -6.94 -17.86 27.94
CA ALA A 357 -7.20 -16.93 29.02
C ALA A 357 -6.81 -17.52 30.36
N VAL A 358 -7.18 -18.77 30.59
CA VAL A 358 -6.86 -19.43 31.84
C VAL A 358 -5.37 -19.68 32.01
N ILE A 359 -4.69 -20.23 31.01
CA ILE A 359 -3.27 -20.49 31.18
C ILE A 359 -2.54 -19.16 31.31
N ALA A 360 -3.04 -18.12 30.64
CA ALA A 360 -2.40 -16.81 30.74
C ALA A 360 -2.60 -16.27 32.14
N LEU A 361 -3.79 -16.50 32.68
CA LEU A 361 -4.12 -16.03 34.02
C LEU A 361 -3.26 -16.69 35.09
N LEU A 362 -2.84 -17.93 34.85
CA LEU A 362 -2.01 -18.64 35.81
C LEU A 362 -0.54 -18.20 35.75
N GLU A 363 0.05 -18.25 34.56
CA GLU A 363 1.44 -17.86 34.35
C GLU A 363 1.67 -16.36 34.60
N ALA A 364 0.62 -15.66 35.01
CA ALA A 364 0.72 -14.24 35.27
C ALA A 364 1.40 -13.96 36.62
N THR A 365 2.42 -13.12 36.58
CA THR A 365 3.17 -12.72 37.76
C THR A 365 2.63 -11.37 38.23
N PRO A 366 3.17 -10.85 39.34
CA PRO A 366 2.72 -9.55 39.85
C PRO A 366 3.13 -8.42 38.93
N ASP A 367 4.26 -8.60 38.25
CA ASP A 367 4.76 -7.57 37.34
C ASP A 367 4.54 -7.87 35.85
N THR A 368 3.55 -8.71 35.56
CA THR A 368 3.21 -9.06 34.19
C THR A 368 2.01 -8.23 33.76
N PRO A 369 2.16 -7.45 32.67
CA PRO A 369 1.08 -6.59 32.18
C PRO A 369 -0.24 -7.29 31.91
N ALA A 370 -1.33 -6.62 32.25
CA ALA A 370 -2.65 -7.17 32.00
C ALA A 370 -2.79 -7.26 30.50
N CYS A 371 -3.02 -8.47 29.98
CA CYS A 371 -3.12 -8.66 28.54
C CYS A 371 -4.49 -9.08 28.00
N VAL A 372 -4.53 -9.28 26.68
CA VAL A 372 -5.74 -9.68 25.98
C VAL A 372 -5.38 -10.83 25.05
N VAL A 373 -5.93 -12.00 25.32
CA VAL A 373 -5.67 -13.18 24.49
C VAL A 373 -6.37 -13.04 23.14
N SER A 374 -5.63 -13.32 22.07
CA SER A 374 -6.17 -13.21 20.73
C SER A 374 -5.51 -14.21 19.81
N LEU A 375 -5.76 -14.09 18.53
CA LEU A 375 -5.19 -14.99 17.54
C LEU A 375 -4.59 -14.17 16.42
N ASN A 376 -3.39 -14.56 16.00
CA ASN A 376 -2.71 -13.87 14.91
C ASN A 376 -2.28 -14.90 13.90
N GLY A 377 -2.91 -14.87 12.73
CA GLY A 377 -2.56 -15.84 11.71
C GLY A 377 -2.74 -17.25 12.21
N ASN A 378 -3.79 -17.45 12.98
CA ASN A 378 -4.13 -18.75 13.54
C ASN A 378 -3.17 -19.19 14.65
N HIS A 379 -2.48 -18.22 15.25
CA HIS A 379 -1.54 -18.51 16.32
C HIS A 379 -1.93 -17.69 17.56
N ALA A 380 -2.00 -18.35 18.71
CA ALA A 380 -2.36 -17.69 19.96
C ALA A 380 -1.34 -16.66 20.38
N VAL A 381 -1.83 -15.49 20.78
CA VAL A 381 -0.96 -14.40 21.22
C VAL A 381 -1.59 -13.61 22.35
N ARG A 382 -0.75 -12.98 23.16
CA ARG A 382 -1.18 -12.15 24.27
C ARG A 382 -0.71 -10.72 24.00
N LEU A 383 -1.62 -9.77 24.02
CA LEU A 383 -1.26 -8.38 23.78
C LEU A 383 -1.57 -7.59 25.03
N PRO A 384 -0.64 -6.73 25.46
CA PRO A 384 -0.86 -5.92 26.64
C PRO A 384 -2.05 -4.99 26.47
N LEU A 385 -2.96 -5.04 27.43
CA LEU A 385 -4.17 -4.24 27.41
C LEU A 385 -3.97 -2.78 27.00
N MET A 386 -3.19 -2.05 27.80
CA MET A 386 -2.95 -0.63 27.54
C MET A 386 -2.60 -0.32 26.09
N GLU A 387 -1.68 -1.10 25.50
CA GLU A 387 -1.27 -0.88 24.11
C GLU A 387 -2.44 -0.92 23.14
N CYS A 388 -3.35 -1.85 23.38
CA CYS A 388 -4.54 -2.00 22.54
C CYS A 388 -5.54 -0.89 22.82
N VAL A 389 -5.83 -0.67 24.10
CA VAL A 389 -6.77 0.37 24.50
C VAL A 389 -6.33 1.68 23.87
N GLN A 390 -5.02 1.88 23.79
CA GLN A 390 -4.44 3.09 23.21
C GLN A 390 -4.79 3.20 21.73
N MET A 391 -4.25 2.30 20.93
CA MET A 391 -4.51 2.31 19.50
C MET A 391 -5.99 2.44 19.20
N THR A 392 -6.82 1.81 20.01
CA THR A 392 -8.26 1.87 19.82
C THR A 392 -8.71 3.32 19.84
N GLN A 393 -8.20 4.07 20.81
CA GLN A 393 -8.55 5.49 20.95
C GLN A 393 -7.91 6.33 19.86
N ASP A 394 -6.77 5.87 19.34
CA ASP A 394 -6.07 6.60 18.28
C ASP A 394 -6.84 6.52 16.97
N VAL A 395 -7.49 5.38 16.72
CA VAL A 395 -8.26 5.22 15.50
C VAL A 395 -9.43 6.18 15.53
N GLN A 396 -10.03 6.34 16.70
CA GLN A 396 -11.16 7.25 16.85
C GLN A 396 -10.67 8.68 16.63
N LYS A 397 -9.54 9.01 17.26
CA LYS A 397 -8.94 10.33 17.15
C LYS A 397 -8.68 10.59 15.67
N ALA A 398 -7.99 9.66 15.02
CA ALA A 398 -7.68 9.77 13.60
C ALA A 398 -8.90 10.06 12.73
N MET A 399 -10.04 9.48 13.08
CA MET A 399 -11.26 9.69 12.30
C MET A 399 -11.89 11.04 12.59
N ASP A 400 -11.90 11.43 13.86
CA ASP A 400 -12.47 12.71 14.24
C ASP A 400 -11.68 13.84 13.60
N GLU A 401 -10.37 13.63 13.48
CA GLU A 401 -9.47 14.61 12.88
C GLU A 401 -9.41 14.48 11.36
N ARG A 402 -10.42 13.86 10.77
CA ARG A 402 -10.46 13.70 9.33
C ARG A 402 -9.18 13.12 8.70
N ARG A 403 -8.33 12.50 9.51
CA ARG A 403 -7.10 11.90 8.99
C ARG A 403 -7.43 10.46 8.65
N PHE A 404 -8.46 10.31 7.81
CA PHE A 404 -8.95 9.00 7.41
C PHE A 404 -7.91 7.99 6.93
N GLN A 405 -6.95 8.43 6.13
CA GLN A 405 -5.93 7.51 5.65
C GLN A 405 -5.16 6.87 6.79
N ASP A 406 -5.11 7.56 7.91
CA ASP A 406 -4.41 7.04 9.09
C ASP A 406 -5.31 6.01 9.77
N ALA A 407 -6.59 6.34 9.85
CA ALA A 407 -7.55 5.45 10.47
C ALA A 407 -7.49 4.11 9.78
N VAL A 408 -7.51 4.13 8.45
CA VAL A 408 -7.48 2.91 7.65
C VAL A 408 -6.27 2.05 7.96
N ARG A 409 -5.13 2.70 8.16
CA ARG A 409 -3.91 1.97 8.45
C ARG A 409 -3.89 1.47 9.88
N LEU A 410 -4.55 2.20 10.76
CA LEU A 410 -4.62 1.84 12.16
C LEU A 410 -5.48 0.61 12.44
N ARG A 411 -6.41 0.31 11.54
CA ARG A 411 -7.29 -0.85 11.72
C ARG A 411 -6.51 -2.16 11.56
N GLY A 412 -5.47 -2.14 10.74
CA GLY A 412 -4.68 -3.35 10.54
C GLY A 412 -4.31 -3.55 9.09
N ARG A 413 -3.25 -4.32 8.85
CA ARG A 413 -2.79 -4.62 7.50
C ARG A 413 -3.95 -5.32 6.78
N SER A 414 -4.58 -6.27 7.48
CA SER A 414 -5.70 -7.01 6.94
C SER A 414 -6.78 -6.05 6.43
N PHE A 415 -7.39 -5.31 7.35
CA PHE A 415 -8.45 -4.36 6.99
C PHE A 415 -8.13 -3.55 5.75
N ALA A 416 -6.93 -3.00 5.68
CA ALA A 416 -6.51 -2.19 4.55
C ALA A 416 -6.52 -2.98 3.25
N GLY A 417 -6.08 -4.24 3.34
CA GLY A 417 -6.06 -5.10 2.17
C GLY A 417 -7.45 -5.44 1.69
N ASN A 418 -8.31 -5.94 2.60
CA ASN A 418 -9.67 -6.30 2.25
C ASN A 418 -10.33 -5.13 1.54
N LEU A 419 -10.14 -3.94 2.10
CA LEU A 419 -10.74 -2.73 1.54
C LEU A 419 -10.33 -2.57 0.09
N ASN A 420 -9.03 -2.69 -0.16
CA ASN A 420 -8.53 -2.57 -1.51
C ASN A 420 -9.11 -3.66 -2.42
N THR A 421 -8.98 -4.90 -2.00
CA THR A 421 -9.48 -6.02 -2.76
C THR A 421 -10.95 -5.83 -3.14
N TYR A 422 -11.74 -5.33 -2.20
CA TYR A 422 -13.16 -5.09 -2.47
C TYR A 422 -13.30 -4.04 -3.55
N LYS A 423 -12.65 -2.90 -3.38
CA LYS A 423 -12.71 -1.83 -4.35
C LYS A 423 -12.31 -2.40 -5.71
N ARG A 424 -11.18 -3.08 -5.75
CA ARG A 424 -10.67 -3.66 -6.99
C ARG A 424 -11.70 -4.47 -7.75
N LEU A 425 -12.47 -5.28 -7.04
CA LEU A 425 -13.46 -6.14 -7.66
C LEU A 425 -14.79 -5.47 -7.92
N ALA A 426 -15.06 -4.37 -7.20
CA ALA A 426 -16.34 -3.67 -7.35
C ALA A 426 -16.31 -2.55 -8.41
N ILE A 427 -15.17 -1.88 -8.54
CA ILE A 427 -15.01 -0.78 -9.49
C ILE A 427 -14.06 -1.15 -10.62
N LYS A 428 -14.61 -1.46 -11.79
CA LYS A 428 -13.78 -1.82 -12.93
C LYS A 428 -13.42 -0.57 -13.70
N LEU A 429 -12.16 -0.44 -14.08
CA LEU A 429 -11.76 0.73 -14.84
C LEU A 429 -12.14 0.50 -16.30
N PRO A 430 -12.47 1.57 -17.04
CA PRO A 430 -12.85 1.45 -18.44
C PRO A 430 -11.73 0.78 -19.23
N ASP A 431 -12.10 -0.16 -20.08
CA ASP A 431 -11.12 -0.92 -20.86
C ASP A 431 -9.87 -0.17 -21.33
N ASP A 432 -10.05 1.02 -21.89
CA ASP A 432 -8.93 1.81 -22.39
C ASP A 432 -7.90 2.28 -21.36
N GLN A 433 -8.28 2.26 -20.08
CA GLN A 433 -7.37 2.69 -19.02
C GLN A 433 -6.61 1.53 -18.40
N ILE A 434 -6.81 0.34 -18.97
CA ILE A 434 -6.14 -0.85 -18.47
C ILE A 434 -5.13 -1.34 -19.50
N PRO A 435 -3.86 -0.97 -19.31
CA PRO A 435 -2.80 -1.38 -20.24
C PRO A 435 -2.73 -2.90 -20.34
N LYS A 436 -3.06 -3.44 -21.52
CA LYS A 436 -3.04 -4.88 -21.75
C LYS A 436 -1.66 -5.50 -21.61
N THR A 437 -1.61 -6.77 -21.22
CA THR A 437 -0.34 -7.47 -21.03
C THR A 437 -0.15 -8.51 -22.13
N ASN A 438 -1.21 -8.77 -22.87
CA ASN A 438 -1.17 -9.75 -23.93
C ASN A 438 -0.74 -11.09 -23.41
N CYS A 439 -1.19 -11.39 -22.20
CA CYS A 439 -0.91 -12.66 -21.56
C CYS A 439 -2.23 -13.35 -21.32
N ASN A 440 -2.28 -14.65 -21.56
CA ASN A 440 -3.49 -15.39 -21.32
C ASN A 440 -3.29 -16.19 -20.04
N VAL A 441 -4.07 -15.86 -19.01
CA VAL A 441 -3.96 -16.57 -17.76
C VAL A 441 -5.19 -17.44 -17.66
N ALA A 442 -4.98 -18.74 -17.48
CA ALA A 442 -6.08 -19.70 -17.39
C ALA A 442 -6.34 -20.08 -15.94
N VAL A 443 -7.62 -20.19 -15.60
CA VAL A 443 -8.04 -20.55 -14.26
C VAL A 443 -8.81 -21.86 -14.36
N ILE A 444 -8.64 -22.76 -13.39
CA ILE A 444 -9.30 -24.06 -13.45
C ILE A 444 -9.63 -24.66 -12.07
N ASN A 445 -10.63 -25.51 -12.00
CA ASN A 445 -11.00 -26.17 -10.75
C ASN A 445 -10.60 -27.64 -10.80
N VAL A 446 -9.85 -28.09 -9.82
CA VAL A 446 -9.39 -29.48 -9.77
C VAL A 446 -9.63 -30.09 -8.38
N GLY A 447 -10.28 -31.25 -8.35
CA GLY A 447 -10.56 -31.92 -7.10
C GLY A 447 -12.04 -32.01 -6.80
N ALA A 448 -12.40 -32.53 -5.63
CA ALA A 448 -13.79 -32.64 -5.26
C ALA A 448 -14.29 -31.23 -5.02
N PRO A 449 -15.54 -30.95 -5.41
CA PRO A 449 -16.11 -29.62 -5.24
C PRO A 449 -16.08 -29.14 -3.81
N ALA A 450 -15.78 -27.85 -3.62
CA ALA A 450 -15.72 -27.28 -2.30
C ALA A 450 -16.46 -25.94 -2.30
N ALA A 451 -17.31 -25.72 -1.30
CA ALA A 451 -18.06 -24.48 -1.20
C ALA A 451 -17.18 -23.23 -1.27
N GLY A 452 -17.35 -22.43 -2.31
CA GLY A 452 -16.55 -21.23 -2.43
C GLY A 452 -15.59 -21.21 -3.59
N MET A 453 -15.57 -22.28 -4.39
CA MET A 453 -14.68 -22.31 -5.55
C MET A 453 -15.10 -21.22 -6.52
N ASN A 454 -16.40 -20.98 -6.62
CA ASN A 454 -16.88 -19.95 -7.52
C ASN A 454 -16.48 -18.55 -7.06
N ALA A 455 -16.52 -18.31 -5.76
CA ALA A 455 -16.12 -17.02 -5.24
C ALA A 455 -14.66 -16.79 -5.64
N ALA A 456 -13.90 -17.88 -5.62
CA ALA A 456 -12.48 -17.86 -5.95
C ALA A 456 -12.27 -17.53 -7.43
N VAL A 457 -12.98 -18.22 -8.31
CA VAL A 457 -12.87 -17.98 -9.73
C VAL A 457 -13.26 -16.55 -10.06
N ARG A 458 -14.34 -16.06 -9.47
CA ARG A 458 -14.78 -14.69 -9.72
C ARG A 458 -13.66 -13.75 -9.39
N SER A 459 -13.12 -13.88 -8.18
CA SER A 459 -12.03 -13.03 -7.72
C SER A 459 -10.78 -13.10 -8.61
N ALA A 460 -10.39 -14.29 -9.04
CA ALA A 460 -9.22 -14.45 -9.88
C ALA A 460 -9.45 -13.86 -11.27
N VAL A 461 -10.59 -14.18 -11.87
CA VAL A 461 -10.91 -13.66 -13.19
C VAL A 461 -10.87 -12.14 -13.24
N ARG A 462 -11.56 -11.49 -12.31
CA ARG A 462 -11.60 -10.03 -12.28
C ARG A 462 -10.29 -9.36 -11.97
N VAL A 463 -9.58 -9.85 -10.96
CA VAL A 463 -8.28 -9.27 -10.64
C VAL A 463 -7.40 -9.40 -11.88
N GLY A 464 -7.53 -10.53 -12.56
CA GLY A 464 -6.76 -10.76 -13.77
C GLY A 464 -7.10 -9.70 -14.80
N ILE A 465 -8.36 -9.59 -15.17
CA ILE A 465 -8.82 -8.62 -16.14
C ILE A 465 -8.37 -7.20 -15.78
N ALA A 466 -8.46 -6.88 -14.50
CA ALA A 466 -8.06 -5.55 -14.01
C ALA A 466 -6.56 -5.36 -14.09
N ASP A 467 -5.83 -6.47 -14.27
CA ASP A 467 -4.38 -6.40 -14.38
C ASP A 467 -3.98 -6.43 -15.84
N GLY A 468 -4.98 -6.41 -16.72
CA GLY A 468 -4.72 -6.41 -18.15
C GLY A 468 -4.51 -7.75 -18.85
N HIS A 469 -4.74 -8.85 -18.17
CA HIS A 469 -4.57 -10.13 -18.80
C HIS A 469 -5.86 -10.51 -19.50
N ARG A 470 -5.77 -11.54 -20.34
CA ARG A 470 -6.92 -12.08 -21.06
C ARG A 470 -7.21 -13.36 -20.29
N MET A 471 -8.40 -13.46 -19.68
CA MET A 471 -8.71 -14.63 -18.87
C MET A 471 -9.34 -15.82 -19.57
N LEU A 472 -8.80 -17.01 -19.28
CA LEU A 472 -9.28 -18.25 -19.86
C LEU A 472 -9.84 -19.20 -18.81
N ALA A 473 -11.03 -19.71 -19.05
CA ALA A 473 -11.68 -20.65 -18.13
C ALA A 473 -11.58 -22.08 -18.65
N ILE A 474 -10.99 -22.97 -17.85
CA ILE A 474 -10.88 -24.35 -18.25
C ILE A 474 -11.98 -25.10 -17.49
N TYR A 475 -12.91 -25.69 -18.23
CA TYR A 475 -14.04 -26.40 -17.63
C TYR A 475 -13.77 -27.86 -17.31
N ASP A 476 -14.50 -28.37 -16.32
CA ASP A 476 -14.38 -29.75 -15.87
C ASP A 476 -12.96 -30.17 -15.57
N GLY A 477 -12.23 -29.34 -14.85
CA GLY A 477 -10.85 -29.67 -14.49
C GLY A 477 -9.96 -30.24 -15.57
N PHE A 478 -8.95 -31.00 -15.16
CA PHE A 478 -8.02 -31.58 -16.13
C PHE A 478 -8.70 -32.39 -17.21
N ASP A 479 -9.79 -33.07 -16.87
CA ASP A 479 -10.52 -33.84 -17.86
C ASP A 479 -10.89 -32.97 -19.05
N GLY A 480 -11.55 -31.85 -18.78
CA GLY A 480 -11.93 -30.94 -19.85
C GLY A 480 -10.73 -30.23 -20.45
N PHE A 481 -9.69 -30.06 -19.65
CA PHE A 481 -8.46 -29.39 -20.08
C PHE A 481 -7.91 -30.17 -21.26
N ALA A 482 -7.75 -31.48 -21.08
CA ALA A 482 -7.23 -32.34 -22.12
C ALA A 482 -8.16 -32.39 -23.33
N LYS A 483 -9.46 -32.27 -23.07
CA LYS A 483 -10.45 -32.32 -24.15
C LYS A 483 -10.71 -30.92 -24.70
N GLY A 484 -9.72 -30.04 -24.54
CA GLY A 484 -9.80 -28.68 -25.04
C GLY A 484 -10.97 -27.78 -24.68
N GLN A 485 -11.69 -28.09 -23.61
CA GLN A 485 -12.83 -27.26 -23.20
C GLN A 485 -12.36 -25.98 -22.51
N ILE A 486 -11.72 -25.11 -23.29
CA ILE A 486 -11.21 -23.84 -22.79
C ILE A 486 -11.87 -22.68 -23.52
N LYS A 487 -12.33 -21.68 -22.78
CA LYS A 487 -13.00 -20.53 -23.36
C LYS A 487 -12.58 -19.27 -22.60
N GLU A 488 -12.84 -18.10 -23.16
CA GLU A 488 -12.46 -16.86 -22.51
C GLU A 488 -13.59 -16.44 -21.57
N ILE A 489 -13.25 -15.90 -20.39
CA ILE A 489 -14.25 -15.43 -19.43
C ILE A 489 -14.09 -13.94 -19.23
N GLY A 490 -15.21 -13.23 -19.19
CA GLY A 490 -15.20 -11.78 -19.02
C GLY A 490 -15.61 -11.32 -17.65
N TRP A 491 -15.38 -10.05 -17.39
CA TRP A 491 -15.68 -9.46 -16.11
C TRP A 491 -17.11 -9.69 -15.61
N THR A 492 -18.09 -9.54 -16.49
CA THR A 492 -19.48 -9.75 -16.07
C THR A 492 -19.91 -11.20 -16.06
N ASP A 493 -19.13 -12.06 -16.71
CA ASP A 493 -19.47 -13.47 -16.74
C ASP A 493 -19.40 -14.11 -15.36
N VAL A 494 -18.56 -13.58 -14.48
CA VAL A 494 -18.43 -14.14 -13.14
C VAL A 494 -19.19 -13.33 -12.12
N GLY A 495 -20.19 -12.58 -12.57
CA GLY A 495 -20.96 -11.76 -11.67
C GLY A 495 -21.91 -12.55 -10.79
N GLY A 496 -21.93 -12.24 -9.49
CA GLY A 496 -22.81 -12.93 -8.56
C GLY A 496 -22.38 -14.35 -8.21
N TRP A 497 -21.20 -14.72 -8.64
CA TRP A 497 -20.67 -16.05 -8.38
C TRP A 497 -20.30 -16.22 -6.91
N THR A 498 -19.99 -15.10 -6.25
CA THR A 498 -19.57 -15.11 -4.85
C THR A 498 -20.33 -16.08 -3.95
N GLY A 499 -21.65 -15.92 -3.89
CA GLY A 499 -22.44 -16.78 -3.03
C GLY A 499 -22.90 -18.11 -3.61
N GLN A 500 -22.42 -18.50 -4.78
CA GLN A 500 -22.87 -19.76 -5.36
C GLN A 500 -22.06 -20.98 -4.94
N GLY A 501 -22.78 -22.03 -4.61
CA GLY A 501 -22.15 -23.26 -4.20
C GLY A 501 -21.72 -24.12 -5.37
N GLY A 502 -20.99 -25.19 -5.08
CA GLY A 502 -20.53 -26.07 -6.13
C GLY A 502 -19.47 -25.40 -6.97
N SER A 503 -19.32 -25.88 -8.20
CA SER A 503 -18.34 -25.36 -9.13
C SER A 503 -19.00 -25.04 -10.47
N ILE A 504 -19.15 -23.76 -10.77
CA ILE A 504 -19.78 -23.36 -12.02
C ILE A 504 -18.89 -23.75 -13.18
N LEU A 505 -17.59 -23.68 -12.94
CA LEU A 505 -16.61 -24.03 -13.95
C LEU A 505 -16.58 -25.54 -14.17
N GLY A 506 -16.87 -26.28 -13.10
CA GLY A 506 -16.85 -27.73 -13.16
C GLY A 506 -15.55 -28.21 -12.57
N THR A 507 -15.54 -29.37 -11.94
CA THR A 507 -14.32 -29.88 -11.34
C THR A 507 -14.25 -31.41 -11.30
N LYS A 508 -13.07 -31.95 -11.57
CA LYS A 508 -12.83 -33.39 -11.59
C LYS A 508 -11.62 -33.72 -10.74
N ARG A 509 -11.55 -34.97 -10.27
CA ARG A 509 -10.45 -35.46 -9.43
C ARG A 509 -9.33 -36.15 -10.23
N VAL A 510 -9.43 -36.07 -11.57
CA VAL A 510 -8.48 -36.67 -12.49
C VAL A 510 -7.14 -35.98 -12.41
N LEU A 511 -6.06 -36.72 -12.65
CA LEU A 511 -4.70 -36.14 -12.63
C LEU A 511 -4.10 -36.10 -14.04
N PRO A 512 -3.46 -34.97 -14.40
CA PRO A 512 -2.82 -34.74 -15.70
C PRO A 512 -1.79 -35.80 -16.10
N GLY A 513 -1.56 -36.75 -15.21
CA GLY A 513 -0.59 -37.79 -15.48
C GLY A 513 -0.67 -38.37 -16.88
N LYS A 514 -1.76 -39.09 -17.14
CA LYS A 514 -1.98 -39.76 -18.41
C LYS A 514 -2.27 -38.86 -19.65
N TYR A 515 -2.46 -37.55 -19.45
CA TYR A 515 -2.76 -36.69 -20.60
C TYR A 515 -1.83 -35.50 -20.73
N LEU A 516 -0.56 -35.69 -20.35
CA LEU A 516 0.40 -34.61 -20.45
C LEU A 516 0.45 -34.15 -21.91
N GLU A 517 0.55 -35.14 -22.80
CA GLU A 517 0.60 -34.90 -24.24
C GLU A 517 -0.59 -34.06 -24.71
N GLU A 518 -1.79 -34.41 -24.26
CA GLU A 518 -2.99 -33.68 -24.64
C GLU A 518 -3.07 -32.29 -24.05
N ILE A 519 -2.82 -32.18 -22.76
CA ILE A 519 -2.88 -30.88 -22.12
C ILE A 519 -1.87 -29.89 -22.77
N ALA A 520 -0.60 -30.29 -22.82
CA ALA A 520 0.46 -29.45 -23.38
C ALA A 520 0.06 -28.87 -24.73
N THR A 521 -0.60 -29.69 -25.53
CA THR A 521 -1.06 -29.29 -26.86
C THR A 521 -2.09 -28.19 -26.72
N GLN A 522 -2.91 -28.29 -25.69
CA GLN A 522 -3.94 -27.29 -25.48
C GLN A 522 -3.40 -25.96 -25.02
N MET A 523 -2.39 -25.98 -24.15
CA MET A 523 -1.81 -24.73 -23.71
C MET A 523 -1.12 -24.05 -24.87
N ARG A 524 -0.45 -24.86 -25.70
CA ARG A 524 0.26 -24.37 -26.87
C ARG A 524 -0.70 -23.70 -27.85
N THR A 525 -1.79 -24.38 -28.21
CA THR A 525 -2.77 -23.80 -29.13
C THR A 525 -3.44 -22.55 -28.52
N HIS A 526 -3.88 -22.63 -27.27
CA HIS A 526 -4.52 -21.47 -26.65
C HIS A 526 -3.56 -20.40 -26.12
N SER A 527 -2.26 -20.66 -26.16
CA SER A 527 -1.27 -19.70 -25.67
C SER A 527 -1.50 -19.34 -24.20
N ILE A 528 -1.44 -20.34 -23.33
CA ILE A 528 -1.64 -20.15 -21.91
C ILE A 528 -0.30 -19.83 -21.28
N ASN A 529 -0.17 -18.63 -20.70
CA ASN A 529 1.08 -18.19 -20.08
C ASN A 529 1.23 -18.38 -18.57
N ALA A 530 0.12 -18.51 -17.86
CA ALA A 530 0.11 -18.69 -16.42
C ALA A 530 -1.04 -19.60 -16.13
N LEU A 531 -1.00 -20.27 -14.98
CA LEU A 531 -2.08 -21.18 -14.59
C LEU A 531 -2.37 -21.04 -13.09
N LEU A 532 -3.65 -20.88 -12.74
CA LEU A 532 -4.10 -20.77 -11.35
C LEU A 532 -5.13 -21.83 -11.04
N ILE A 533 -4.73 -22.88 -10.32
CA ILE A 533 -5.64 -23.97 -9.96
C ILE A 533 -6.23 -23.77 -8.55
N ILE A 534 -7.56 -23.81 -8.47
CA ILE A 534 -8.29 -23.65 -7.23
C ILE A 534 -8.80 -25.06 -6.97
N GLY A 535 -8.20 -25.75 -6.03
CA GLY A 535 -8.63 -27.12 -5.76
C GLY A 535 -7.98 -27.72 -4.53
N GLY A 536 -8.24 -29.01 -4.34
CA GLY A 536 -7.76 -29.74 -3.19
C GLY A 536 -6.42 -30.45 -3.30
N PHE A 537 -6.35 -31.63 -2.68
CA PHE A 537 -5.10 -32.38 -2.69
C PHE A 537 -4.70 -32.77 -4.11
N GLU A 538 -5.62 -33.33 -4.88
CA GLU A 538 -5.29 -33.75 -6.24
C GLU A 538 -4.72 -32.59 -7.05
N ALA A 539 -5.15 -31.37 -6.74
CA ALA A 539 -4.66 -30.21 -7.44
C ALA A 539 -3.18 -30.01 -7.14
N TYR A 540 -2.75 -30.48 -5.97
CA TYR A 540 -1.35 -30.38 -5.55
C TYR A 540 -0.54 -31.45 -6.27
N LEU A 541 -1.19 -32.59 -6.47
CA LEU A 541 -0.58 -33.73 -7.16
C LEU A 541 -0.41 -33.34 -8.61
N GLY A 542 -1.40 -32.66 -9.15
CA GLY A 542 -1.29 -32.26 -10.53
C GLY A 542 -0.07 -31.38 -10.70
N LEU A 543 0.09 -30.46 -9.76
CA LEU A 543 1.19 -29.53 -9.81
C LEU A 543 2.52 -30.24 -9.65
N LEU A 544 2.54 -31.34 -8.90
CA LEU A 544 3.80 -32.04 -8.76
C LEU A 544 4.15 -32.66 -10.10
N GLU A 545 3.15 -33.25 -10.76
CA GLU A 545 3.33 -33.90 -12.05
C GLU A 545 3.71 -32.92 -13.15
N LEU A 546 2.96 -31.84 -13.26
CA LEU A 546 3.26 -30.83 -14.25
C LEU A 546 4.70 -30.36 -14.11
N SER A 547 5.16 -30.18 -12.88
CA SER A 547 6.54 -29.74 -12.66
C SER A 547 7.51 -30.68 -13.37
N ALA A 548 7.42 -31.96 -13.05
CA ALA A 548 8.29 -32.97 -13.64
C ALA A 548 8.23 -33.01 -15.16
N ALA A 549 7.12 -32.56 -15.74
CA ALA A 549 6.97 -32.59 -17.18
C ALA A 549 7.52 -31.36 -17.86
N ARG A 550 7.68 -30.25 -17.14
CA ARG A 550 8.16 -29.03 -17.79
C ARG A 550 9.52 -29.19 -18.42
N GLU A 551 10.12 -30.36 -18.25
CA GLU A 551 11.41 -30.63 -18.87
C GLU A 551 11.12 -31.14 -20.28
N LYS A 552 10.34 -32.21 -20.37
CA LYS A 552 9.97 -32.79 -21.67
C LYS A 552 9.03 -31.83 -22.43
N HIS A 553 7.94 -31.40 -21.81
CA HIS A 553 7.04 -30.48 -22.51
C HIS A 553 7.25 -29.04 -22.04
N GLU A 554 7.88 -28.25 -22.90
CA GLU A 554 8.18 -26.85 -22.64
C GLU A 554 6.97 -25.99 -22.29
N GLU A 555 5.81 -26.34 -22.84
CA GLU A 555 4.59 -25.59 -22.62
C GLU A 555 4.20 -25.41 -21.16
N PHE A 556 4.82 -26.16 -20.28
CA PHE A 556 4.55 -26.05 -18.83
C PHE A 556 5.57 -25.16 -18.10
N CYS A 557 6.29 -24.32 -18.83
CA CYS A 557 7.26 -23.43 -18.20
C CYS A 557 6.67 -22.03 -18.12
N VAL A 558 5.61 -21.96 -17.31
CA VAL A 558 4.81 -20.77 -17.03
C VAL A 558 4.56 -20.82 -15.52
N PRO A 559 4.05 -19.75 -14.92
CA PRO A 559 3.80 -19.78 -13.48
C PRO A 559 2.55 -20.57 -13.16
N MET A 560 2.56 -21.28 -12.04
CA MET A 560 1.42 -22.06 -11.61
C MET A 560 1.20 -21.96 -10.11
N VAL A 561 0.07 -21.35 -9.74
CA VAL A 561 -0.23 -21.20 -8.33
C VAL A 561 -1.45 -22.01 -8.06
N MET A 562 -1.47 -22.56 -6.86
CA MET A 562 -2.55 -23.40 -6.39
C MET A 562 -3.14 -22.73 -5.17
N VAL A 563 -4.44 -22.78 -5.04
CA VAL A 563 -5.14 -22.21 -3.89
C VAL A 563 -5.95 -23.36 -3.30
N PRO A 564 -5.71 -23.68 -2.03
CA PRO A 564 -6.36 -24.76 -1.27
C PRO A 564 -7.86 -24.71 -1.15
N ALA A 565 -8.53 -25.65 -1.82
CA ALA A 565 -9.97 -25.73 -1.78
C ALA A 565 -10.51 -27.16 -1.70
N THR A 566 -10.88 -27.59 -0.49
CA THR A 566 -11.48 -28.89 -0.22
C THR A 566 -12.06 -28.82 1.14
N VAL A 567 -13.10 -29.57 1.39
CA VAL A 567 -13.73 -29.58 2.69
C VAL A 567 -12.82 -30.31 3.66
N SER A 568 -11.94 -31.13 3.12
CA SER A 568 -11.00 -31.91 3.93
C SER A 568 -9.97 -31.12 4.72
N ASN A 569 -9.42 -30.08 4.11
CA ASN A 569 -8.39 -29.24 4.72
C ASN A 569 -7.15 -30.10 4.89
N ASN A 570 -6.77 -30.76 3.80
CA ASN A 570 -5.62 -31.65 3.78
C ASN A 570 -4.52 -31.20 2.83
N VAL A 571 -4.66 -30.02 2.25
CA VAL A 571 -3.66 -29.53 1.32
C VAL A 571 -2.39 -29.16 2.06
N PRO A 572 -1.25 -29.73 1.64
CA PRO A 572 0.03 -29.46 2.28
C PRO A 572 0.43 -28.01 2.09
N GLY A 573 0.79 -27.32 3.17
CA GLY A 573 1.21 -25.93 3.05
C GLY A 573 0.19 -24.87 3.43
N SER A 574 -0.98 -25.30 3.88
CA SER A 574 -2.00 -24.34 4.30
C SER A 574 -2.78 -24.89 5.47
N ASP A 575 -2.99 -24.05 6.48
CA ASP A 575 -3.71 -24.46 7.66
C ASP A 575 -5.20 -24.52 7.39
N PHE A 576 -5.65 -23.83 6.34
CA PHE A 576 -7.07 -23.83 6.01
C PHE A 576 -7.38 -24.02 4.54
N SER A 577 -8.61 -24.47 4.27
CA SER A 577 -9.07 -24.70 2.91
C SER A 577 -10.34 -23.94 2.66
N ILE A 578 -10.56 -23.61 1.39
CA ILE A 578 -11.78 -22.95 1.03
C ILE A 578 -12.80 -24.07 1.04
N GLY A 579 -13.92 -23.87 1.74
CA GLY A 579 -14.94 -24.91 1.81
C GLY A 579 -14.91 -25.66 3.13
N ALA A 580 -13.83 -25.51 3.89
CA ALA A 580 -13.70 -26.19 5.17
C ALA A 580 -14.64 -25.58 6.21
N ASP A 581 -14.70 -24.25 6.27
CA ASP A 581 -15.60 -23.61 7.23
C ASP A 581 -17.04 -23.99 6.92
N THR A 582 -17.41 -23.96 5.64
CA THR A 582 -18.76 -24.30 5.24
C THR A 582 -19.16 -25.67 5.73
N ALA A 583 -18.27 -26.64 5.53
CA ALA A 583 -18.51 -28.02 5.93
C ALA A 583 -18.68 -28.16 7.43
N LEU A 584 -17.81 -27.48 8.18
CA LEU A 584 -17.81 -27.49 9.64
C LEU A 584 -19.14 -26.95 10.14
N ASN A 585 -19.63 -25.91 9.49
CA ASN A 585 -20.90 -25.32 9.85
C ASN A 585 -22.03 -26.30 9.53
N THR A 586 -21.86 -27.09 8.48
CA THR A 586 -22.87 -28.09 8.14
C THR A 586 -22.99 -29.08 9.29
N ILE A 587 -21.85 -29.43 9.87
CA ILE A 587 -21.81 -30.36 10.99
C ILE A 587 -22.48 -29.79 12.22
N THR A 588 -22.03 -28.64 12.70
CA THR A 588 -22.64 -28.08 13.89
C THR A 588 -24.13 -27.87 13.68
N ASP A 589 -24.55 -27.54 12.46
CA ASP A 589 -25.97 -27.32 12.18
C ASP A 589 -26.78 -28.59 12.35
N THR A 590 -26.20 -29.71 11.94
CA THR A 590 -26.90 -30.98 12.05
C THR A 590 -26.95 -31.43 13.50
N CYS A 591 -25.92 -31.11 14.25
CA CYS A 591 -25.89 -31.49 15.66
C CYS A 591 -26.83 -30.62 16.47
N ASP A 592 -26.95 -29.36 16.08
CA ASP A 592 -27.86 -28.47 16.78
C ASP A 592 -29.26 -29.08 16.68
N ARG A 593 -29.73 -29.32 15.45
CA ARG A 593 -31.05 -29.90 15.23
C ARG A 593 -31.23 -31.17 16.05
N ILE A 594 -30.29 -32.10 15.93
CA ILE A 594 -30.36 -33.37 16.66
C ILE A 594 -30.59 -33.20 18.16
N LYS A 595 -30.02 -32.15 18.75
CA LYS A 595 -30.20 -31.90 20.17
C LYS A 595 -31.57 -31.28 20.51
N GLN A 596 -31.88 -30.14 19.90
CA GLN A 596 -33.13 -29.42 20.13
C GLN A 596 -34.41 -30.26 20.04
N SER A 597 -34.30 -31.48 19.49
CA SER A 597 -35.47 -32.34 19.36
C SER A 597 -35.64 -33.26 20.56
N ALA A 598 -36.84 -33.22 21.16
CA ALA A 598 -37.13 -34.01 22.36
C ALA A 598 -37.51 -35.47 22.10
N SER A 599 -37.06 -36.35 23.00
CA SER A 599 -37.32 -37.79 22.93
C SER A 599 -38.08 -38.27 24.16
N GLY A 600 -38.66 -37.33 24.89
CA GLY A 600 -39.37 -37.70 26.10
C GLY A 600 -38.38 -37.93 27.23
N THR A 601 -38.54 -39.03 27.94
CA THR A 601 -37.66 -39.36 29.05
C THR A 601 -36.43 -40.12 28.55
N LYS A 602 -36.44 -40.47 27.27
CA LYS A 602 -35.34 -41.23 26.69
C LYS A 602 -34.05 -40.49 26.45
N ARG A 603 -32.96 -41.12 26.85
CA ARG A 603 -31.62 -40.58 26.69
C ARG A 603 -31.17 -41.04 25.33
N ARG A 604 -30.56 -40.16 24.56
CA ARG A 604 -30.14 -40.53 23.21
C ARG A 604 -28.69 -40.18 22.88
N VAL A 605 -28.00 -41.07 22.17
CA VAL A 605 -26.62 -40.83 21.77
C VAL A 605 -26.55 -40.95 20.27
N PHE A 606 -25.87 -40.00 19.64
CA PHE A 606 -25.74 -39.98 18.20
C PHE A 606 -24.34 -40.22 17.68
N ILE A 607 -24.23 -41.11 16.70
CA ILE A 607 -22.95 -41.41 16.05
C ILE A 607 -23.02 -40.76 14.68
N ILE A 608 -22.12 -39.83 14.40
CA ILE A 608 -22.13 -39.14 13.12
C ILE A 608 -20.84 -39.26 12.34
N GLU A 609 -20.94 -39.76 11.11
CA GLU A 609 -19.78 -39.92 10.26
C GLU A 609 -19.58 -38.64 9.46
N THR A 610 -18.35 -38.15 9.42
CA THR A 610 -18.03 -36.92 8.70
C THR A 610 -17.12 -37.20 7.53
N MET A 611 -16.99 -36.24 6.63
CA MET A 611 -16.12 -36.38 5.46
C MET A 611 -14.67 -36.08 5.85
N GLY A 612 -13.81 -36.01 4.84
CA GLY A 612 -12.42 -35.69 5.11
C GLY A 612 -11.43 -36.74 4.65
N GLY A 613 -11.94 -37.90 4.24
CA GLY A 613 -11.05 -38.96 3.82
C GLY A 613 -10.24 -39.40 5.02
N TYR A 614 -8.92 -39.17 4.99
CA TYR A 614 -8.08 -39.56 6.11
C TYR A 614 -7.85 -38.41 7.06
N CYS A 615 -8.13 -37.21 6.61
CA CYS A 615 -7.93 -36.02 7.42
C CYS A 615 -9.05 -35.81 8.40
N GLY A 616 -8.77 -36.04 9.68
CA GLY A 616 -9.77 -35.85 10.71
C GLY A 616 -10.01 -34.41 11.11
N TYR A 617 -9.66 -33.46 10.25
CA TYR A 617 -9.89 -32.05 10.59
C TYR A 617 -11.36 -31.85 10.89
N LEU A 618 -12.21 -32.15 9.91
CA LEU A 618 -13.64 -31.98 10.08
C LEU A 618 -14.14 -32.69 11.32
N ALA A 619 -13.81 -33.97 11.43
CA ALA A 619 -14.25 -34.75 12.55
C ALA A 619 -13.83 -34.12 13.88
N ASN A 620 -12.56 -33.79 13.98
CA ASN A 620 -12.04 -33.24 15.21
C ASN A 620 -12.55 -31.86 15.54
N MET A 621 -12.34 -30.90 14.65
CA MET A 621 -12.80 -29.54 14.89
C MET A 621 -14.32 -29.50 15.01
N GLY A 622 -14.99 -30.33 14.21
CA GLY A 622 -16.44 -30.40 14.26
C GLY A 622 -16.83 -30.90 15.65
N GLY A 623 -16.12 -31.93 16.10
CA GLY A 623 -16.38 -32.48 17.42
C GLY A 623 -16.27 -31.42 18.49
N LEU A 624 -15.19 -30.63 18.42
CA LEU A 624 -14.94 -29.56 19.38
C LEU A 624 -16.07 -28.53 19.33
N ALA A 625 -16.40 -28.11 18.11
CA ALA A 625 -17.43 -27.12 17.89
C ALA A 625 -18.84 -27.54 18.31
N ALA A 626 -19.16 -28.83 18.14
CA ALA A 626 -20.47 -29.34 18.48
C ALA A 626 -20.52 -29.94 19.89
N GLY A 627 -19.36 -30.00 20.53
CA GLY A 627 -19.26 -30.53 21.88
C GLY A 627 -19.51 -32.03 21.98
N ALA A 628 -18.75 -32.80 21.23
CA ALA A 628 -18.91 -34.24 21.24
C ALA A 628 -18.06 -34.88 22.32
N ASP A 629 -18.51 -36.04 22.79
CA ASP A 629 -17.79 -36.78 23.82
C ASP A 629 -16.51 -37.36 23.22
N ALA A 630 -16.59 -37.80 21.97
CA ALA A 630 -15.41 -38.37 21.33
C ALA A 630 -15.49 -38.19 19.82
N ALA A 631 -14.32 -38.13 19.19
CA ALA A 631 -14.24 -37.98 17.75
C ALA A 631 -13.19 -38.93 17.21
N TYR A 632 -13.60 -40.10 16.76
CA TYR A 632 -12.63 -41.06 16.24
C TYR A 632 -12.03 -40.62 14.92
N ILE A 633 -10.72 -40.46 14.91
CA ILE A 633 -10.02 -40.04 13.72
C ILE A 633 -8.90 -40.99 13.38
N PHE A 634 -8.41 -40.87 12.16
CA PHE A 634 -7.34 -41.72 11.66
C PHE A 634 -5.99 -41.40 12.30
N GLU A 635 -5.70 -40.12 12.41
CA GLU A 635 -4.44 -39.63 12.96
C GLU A 635 -4.14 -40.10 14.37
N GLU A 636 -5.16 -40.55 15.08
CA GLU A 636 -4.98 -41.06 16.44
C GLU A 636 -5.59 -42.44 16.51
N PRO A 637 -4.77 -43.47 16.26
CA PRO A 637 -5.20 -44.86 16.27
C PRO A 637 -5.82 -45.27 17.60
N PHE A 638 -6.79 -46.17 17.53
CA PHE A 638 -7.46 -46.64 18.74
C PHE A 638 -7.80 -48.11 18.60
N ASP A 639 -7.96 -48.80 19.73
CA ASP A 639 -8.27 -50.22 19.71
C ASP A 639 -9.57 -50.45 20.45
N ILE A 640 -10.01 -51.71 20.53
CA ILE A 640 -11.25 -52.04 21.21
C ILE A 640 -11.30 -51.64 22.69
N ARG A 641 -10.15 -51.56 23.32
CA ARG A 641 -10.07 -51.18 24.72
C ARG A 641 -10.37 -49.69 24.90
N ASP A 642 -9.75 -48.84 24.09
CA ASP A 642 -9.98 -47.40 24.18
C ASP A 642 -11.48 -47.19 23.91
N LEU A 643 -11.95 -47.90 22.90
CA LEU A 643 -13.34 -47.83 22.46
C LEU A 643 -14.26 -48.16 23.61
N GLN A 644 -13.99 -49.27 24.26
CA GLN A 644 -14.79 -49.73 25.39
C GLN A 644 -14.78 -48.71 26.51
N SER A 645 -13.61 -48.11 26.73
CA SER A 645 -13.46 -47.12 27.77
C SER A 645 -14.34 -45.89 27.53
N ASN A 646 -14.29 -45.34 26.33
CA ASN A 646 -15.10 -44.17 25.99
C ASN A 646 -16.59 -44.45 26.10
N VAL A 647 -17.00 -45.69 25.82
CA VAL A 647 -18.40 -46.02 25.90
C VAL A 647 -18.81 -45.97 27.34
N GLU A 648 -18.02 -46.60 28.20
CA GLU A 648 -18.31 -46.59 29.63
C GLU A 648 -18.34 -45.15 30.16
N HIS A 649 -17.35 -44.37 29.75
CA HIS A 649 -17.24 -42.98 30.16
C HIS A 649 -18.50 -42.19 29.80
N LEU A 650 -18.97 -42.33 28.56
CA LEU A 650 -20.18 -41.62 28.13
C LEU A 650 -21.44 -42.24 28.73
N THR A 651 -21.43 -43.56 28.92
CA THR A 651 -22.60 -44.24 29.49
C THR A 651 -22.82 -43.67 30.86
N GLU A 652 -21.74 -43.29 31.52
CA GLU A 652 -21.83 -42.72 32.85
C GLU A 652 -22.47 -41.34 32.77
N LYS A 653 -21.96 -40.51 31.88
CA LYS A 653 -22.50 -39.18 31.72
C LYS A 653 -24.00 -39.23 31.39
N MET A 654 -24.40 -40.22 30.60
CA MET A 654 -25.80 -40.35 30.22
C MET A 654 -26.68 -40.72 31.40
N LYS A 655 -26.13 -41.47 32.36
CA LYS A 655 -26.88 -41.89 33.53
C LYS A 655 -27.19 -40.72 34.43
N THR A 656 -26.42 -39.64 34.31
CA THR A 656 -26.64 -38.48 35.16
C THR A 656 -26.89 -37.15 34.45
N THR A 657 -25.81 -36.38 34.37
CA THR A 657 -25.75 -35.04 33.77
C THR A 657 -26.28 -34.82 32.35
N ILE A 658 -25.78 -35.57 31.38
CA ILE A 658 -26.20 -35.42 30.00
C ILE A 658 -27.54 -36.08 29.66
N GLN A 659 -28.25 -35.48 28.71
CA GLN A 659 -29.55 -35.97 28.24
C GLN A 659 -29.40 -36.35 26.76
N ARG A 660 -28.39 -35.80 26.12
CA ARG A 660 -28.13 -36.04 24.71
C ARG A 660 -26.62 -36.18 24.43
N GLY A 661 -26.19 -37.38 24.03
CA GLY A 661 -24.77 -37.62 23.75
C GLY A 661 -24.38 -37.58 22.29
N LEU A 662 -23.16 -37.14 22.00
CA LEU A 662 -22.68 -37.03 20.61
C LEU A 662 -21.29 -37.64 20.36
N VAL A 663 -21.19 -38.44 19.30
CA VAL A 663 -19.93 -39.08 18.92
C VAL A 663 -19.68 -38.94 17.41
N LEU A 664 -18.54 -38.37 17.04
CA LEU A 664 -18.22 -38.21 15.63
C LEU A 664 -17.18 -39.23 15.16
N ARG A 665 -17.26 -39.59 13.89
CA ARG A 665 -16.33 -40.54 13.32
C ARG A 665 -15.89 -40.15 11.92
N ASN A 666 -14.58 -40.06 11.73
CA ASN A 666 -14.01 -39.74 10.42
C ASN A 666 -14.30 -40.88 9.44
N GLU A 667 -14.57 -40.54 8.19
CA GLU A 667 -14.86 -41.53 7.15
C GLU A 667 -13.97 -42.77 7.19
N SER A 668 -12.68 -42.51 7.22
CA SER A 668 -11.69 -43.58 7.16
C SER A 668 -10.78 -43.72 8.37
N CYS A 669 -11.29 -43.42 9.55
CA CYS A 669 -10.50 -43.53 10.77
C CYS A 669 -10.01 -44.94 11.06
N SER A 670 -10.71 -45.93 10.49
CA SER A 670 -10.41 -47.34 10.68
C SER A 670 -11.24 -48.10 9.66
N GLU A 671 -10.74 -49.22 9.15
CA GLU A 671 -11.52 -49.96 8.17
C GLU A 671 -12.35 -51.06 8.80
N ASN A 672 -11.95 -51.51 9.98
CA ASN A 672 -12.69 -52.56 10.69
C ASN A 672 -13.71 -51.96 11.65
N TYR A 673 -13.33 -50.89 12.34
CA TYR A 673 -14.24 -50.25 13.25
C TYR A 673 -14.96 -49.18 12.48
N THR A 674 -15.89 -49.64 11.63
CA THR A 674 -16.69 -48.76 10.79
C THR A 674 -17.70 -47.96 11.59
N THR A 675 -18.45 -47.12 10.89
CA THR A 675 -19.45 -46.33 11.56
C THR A 675 -20.45 -47.27 12.22
N ASP A 676 -20.90 -48.27 11.47
CA ASP A 676 -21.88 -49.23 12.01
C ASP A 676 -21.30 -49.98 13.19
N PHE A 677 -20.03 -50.33 13.10
CA PHE A 677 -19.40 -51.06 14.19
C PHE A 677 -19.57 -50.27 15.47
N ILE A 678 -19.09 -49.04 15.44
CA ILE A 678 -19.17 -48.16 16.59
C ILE A 678 -20.63 -47.94 17.03
N TYR A 679 -21.53 -47.86 16.06
CA TYR A 679 -22.95 -47.68 16.37
C TYR A 679 -23.43 -48.89 17.12
N GLN A 680 -23.08 -50.07 16.61
CA GLN A 680 -23.49 -51.31 17.23
C GLN A 680 -22.92 -51.43 18.64
N LEU A 681 -21.63 -51.10 18.80
CA LEU A 681 -21.01 -51.19 20.12
C LEU A 681 -21.67 -50.29 21.16
N TYR A 682 -21.75 -49.01 20.85
CA TYR A 682 -22.37 -48.06 21.76
C TYR A 682 -23.83 -48.44 22.04
N SER A 683 -24.49 -49.03 21.04
CA SER A 683 -25.88 -49.42 21.18
C SER A 683 -26.06 -50.51 22.19
N GLU A 684 -25.23 -51.54 22.07
CA GLU A 684 -25.30 -52.68 22.97
C GLU A 684 -24.92 -52.25 24.37
N GLU A 685 -23.81 -51.54 24.52
CA GLU A 685 -23.35 -51.11 25.84
C GLU A 685 -24.27 -50.11 26.52
N GLY A 686 -25.08 -49.41 25.73
CA GLY A 686 -25.99 -48.43 26.30
C GLY A 686 -27.33 -49.03 26.67
N LYS A 687 -27.64 -50.20 26.12
CA LYS A 687 -28.90 -50.88 26.40
C LYS A 687 -29.27 -50.63 27.85
N GLY A 688 -30.46 -50.09 28.05
CA GLY A 688 -30.92 -49.82 29.39
C GLY A 688 -30.73 -48.40 29.85
N VAL A 689 -29.71 -47.72 29.33
CA VAL A 689 -29.47 -46.35 29.76
C VAL A 689 -29.69 -45.33 28.65
N PHE A 690 -29.54 -45.75 27.41
CA PHE A 690 -29.75 -44.84 26.28
C PHE A 690 -29.79 -45.61 24.96
N ASP A 691 -30.44 -45.04 23.94
CA ASP A 691 -30.47 -45.70 22.65
C ASP A 691 -29.65 -44.90 21.65
N CYS A 692 -29.31 -45.54 20.55
CA CYS A 692 -28.51 -44.89 19.55
C CYS A 692 -29.22 -44.55 18.29
N ARG A 693 -28.60 -43.63 17.55
CA ARG A 693 -29.07 -43.19 16.27
C ARG A 693 -27.78 -43.01 15.49
N LYS A 694 -27.76 -43.53 14.28
CA LYS A 694 -26.60 -43.44 13.42
C LYS A 694 -26.93 -42.39 12.38
N ASN A 695 -25.91 -41.78 11.80
CA ASN A 695 -26.16 -40.75 10.79
C ASN A 695 -24.92 -40.38 10.02
N VAL A 696 -24.94 -40.66 8.72
CA VAL A 696 -23.83 -40.34 7.86
C VAL A 696 -24.14 -39.06 7.11
N LEU A 697 -23.41 -37.99 7.42
CA LEU A 697 -23.63 -36.72 6.75
C LEU A 697 -23.64 -36.88 5.24
N GLY A 698 -22.67 -37.63 4.73
CA GLY A 698 -22.61 -37.85 3.30
C GLY A 698 -22.11 -36.64 2.54
N HIS A 699 -21.81 -36.86 1.26
CA HIS A 699 -21.28 -35.82 0.40
C HIS A 699 -22.35 -34.98 -0.30
N MET A 700 -23.60 -35.06 0.17
CA MET A 700 -24.67 -34.26 -0.43
C MET A 700 -24.56 -32.83 0.12
N GLN A 701 -24.00 -32.72 1.32
CA GLN A 701 -23.80 -31.44 1.97
C GLN A 701 -22.34 -31.07 1.84
N GLN A 702 -21.96 -30.88 0.57
CA GLN A 702 -20.62 -30.50 0.15
C GLN A 702 -20.81 -29.50 -0.99
N GLY A 703 -22.06 -29.35 -1.43
CA GLY A 703 -22.37 -28.45 -2.52
C GLY A 703 -23.39 -27.37 -2.20
N GLY A 704 -23.65 -27.16 -0.91
CA GLY A 704 -24.60 -26.13 -0.52
C GLY A 704 -23.94 -24.77 -0.69
N ALA A 705 -24.65 -23.70 -0.33
CA ALA A 705 -24.07 -22.37 -0.47
C ALA A 705 -22.89 -22.22 0.49
N PRO A 706 -21.80 -21.57 0.05
CA PRO A 706 -20.63 -21.38 0.90
C PRO A 706 -20.91 -20.40 2.02
N SER A 707 -20.30 -20.64 3.17
CA SER A 707 -20.47 -19.79 4.32
C SER A 707 -19.75 -18.47 4.08
N PRO A 708 -20.16 -17.40 4.75
CA PRO A 708 -19.51 -16.10 4.56
C PRO A 708 -18.00 -16.23 4.61
N PHE A 709 -17.50 -16.89 5.64
CA PHE A 709 -16.06 -17.06 5.79
C PHE A 709 -15.40 -17.60 4.52
N ASP A 710 -16.01 -18.59 3.88
CA ASP A 710 -15.42 -19.14 2.66
C ASP A 710 -15.55 -18.24 1.44
N ARG A 711 -16.66 -17.57 1.25
CA ARG A 711 -16.78 -16.70 0.09
C ARG A 711 -15.73 -15.62 0.17
N ASN A 712 -15.34 -15.24 1.39
CA ASN A 712 -14.33 -14.22 1.57
C ASN A 712 -12.94 -14.80 1.50
N PHE A 713 -12.78 -16.01 2.01
CA PHE A 713 -11.49 -16.68 1.97
C PHE A 713 -11.17 -16.84 0.49
N GLY A 714 -12.08 -17.48 -0.23
CA GLY A 714 -11.87 -17.70 -1.65
C GLY A 714 -11.55 -16.42 -2.39
N THR A 715 -12.32 -15.37 -2.12
CA THR A 715 -12.11 -14.09 -2.77
C THR A 715 -10.70 -13.57 -2.49
N LYS A 716 -10.32 -13.59 -1.21
CA LYS A 716 -9.04 -13.08 -0.77
C LYS A 716 -7.76 -13.81 -1.28
N ILE A 717 -7.68 -15.13 -1.19
CA ILE A 717 -6.45 -15.81 -1.64
C ILE A 717 -6.34 -15.79 -3.14
N SER A 718 -7.47 -15.98 -3.81
CA SER A 718 -7.46 -15.98 -5.27
C SER A 718 -6.90 -14.67 -5.80
N ALA A 719 -7.21 -13.59 -5.11
CA ALA A 719 -6.72 -12.29 -5.50
C ALA A 719 -5.21 -12.19 -5.28
N ARG A 720 -4.74 -12.63 -4.12
CA ARG A 720 -3.31 -12.58 -3.84
C ARG A 720 -2.54 -13.48 -4.80
N ALA A 721 -3.15 -14.61 -5.16
CA ALA A 721 -2.52 -15.54 -6.06
C ALA A 721 -2.38 -14.90 -7.45
N MET A 722 -3.42 -14.22 -7.91
CA MET A 722 -3.37 -13.58 -9.22
C MET A 722 -2.30 -12.50 -9.22
N GLU A 723 -2.23 -11.76 -8.12
CA GLU A 723 -1.25 -10.69 -7.95
C GLU A 723 0.14 -11.24 -8.17
N TRP A 724 0.36 -12.46 -7.68
CA TRP A 724 1.63 -13.17 -7.80
C TRP A 724 1.91 -13.49 -9.26
N ILE A 725 0.90 -14.03 -9.94
CA ILE A 725 1.04 -14.35 -11.35
C ILE A 725 1.37 -13.09 -12.14
N THR A 726 0.65 -12.02 -11.89
CA THR A 726 0.90 -10.77 -12.57
C THR A 726 2.36 -10.38 -12.42
N ALA A 727 2.85 -10.36 -11.19
CA ALA A 727 4.24 -9.99 -10.92
C ALA A 727 5.24 -10.96 -11.56
N LYS A 728 4.95 -12.24 -11.56
CA LYS A 728 5.85 -13.24 -12.16
C LYS A 728 5.94 -13.01 -13.67
N LEU A 729 4.80 -12.81 -14.32
CA LEU A 729 4.72 -12.57 -15.76
C LEU A 729 5.36 -11.30 -16.24
N LYS A 730 5.49 -10.32 -15.35
CA LYS A 730 6.08 -9.05 -15.74
C LYS A 730 7.60 -9.17 -15.74
N GLU A 731 8.14 -10.04 -14.89
CA GLU A 731 9.58 -10.23 -14.86
C GLU A 731 9.92 -11.22 -15.95
N ALA A 732 8.90 -11.63 -16.69
CA ALA A 732 9.12 -12.53 -17.81
C ALA A 732 9.67 -11.55 -18.82
N ARG A 733 8.89 -10.49 -19.03
CA ARG A 733 9.22 -9.41 -19.95
C ARG A 733 10.62 -8.83 -19.67
N GLY A 734 11.10 -8.95 -18.43
CA GLY A 734 12.40 -8.41 -18.08
C GLY A 734 13.43 -9.48 -17.72
N ARG A 735 13.28 -10.08 -16.54
CA ARG A 735 14.17 -11.13 -16.03
C ARG A 735 14.39 -12.30 -17.00
N GLY A 736 13.30 -12.84 -17.58
CA GLY A 736 13.43 -13.95 -18.51
C GLY A 736 12.31 -14.97 -18.44
N LYS A 737 11.89 -15.50 -19.59
CA LYS A 737 10.81 -16.50 -19.64
C LYS A 737 11.31 -17.87 -19.13
N LYS A 738 12.30 -17.83 -18.24
CA LYS A 738 12.93 -19.03 -17.63
C LYS A 738 12.19 -19.54 -16.38
N PHE A 739 11.00 -20.07 -16.62
CA PHE A 739 10.13 -20.62 -15.58
C PHE A 739 10.36 -22.10 -15.48
N THR A 740 11.58 -22.49 -15.14
CA THR A 740 11.90 -23.91 -15.02
C THR A 740 12.57 -24.09 -13.67
N THR A 741 12.03 -23.36 -12.70
CA THR A 741 12.53 -23.36 -11.33
C THR A 741 11.37 -23.64 -10.35
N ASP A 742 11.63 -24.47 -9.35
CA ASP A 742 10.60 -24.83 -8.35
C ASP A 742 9.76 -23.67 -7.85
N ASP A 743 10.42 -22.54 -7.63
CA ASP A 743 9.75 -21.38 -7.10
C ASP A 743 8.69 -20.76 -8.01
N SER A 744 8.42 -21.37 -9.16
CA SER A 744 7.41 -20.80 -10.05
C SER A 744 6.18 -21.70 -10.13
N ILE A 745 6.11 -22.66 -9.21
CA ILE A 745 4.99 -23.58 -9.13
C ILE A 745 4.76 -23.75 -7.65
N CYS A 746 3.89 -22.89 -7.12
CA CYS A 746 3.58 -22.83 -5.69
C CYS A 746 2.15 -23.17 -5.27
N VAL A 747 1.99 -23.27 -3.95
CA VAL A 747 0.73 -23.53 -3.27
C VAL A 747 0.56 -22.37 -2.32
N LEU A 748 -0.37 -21.47 -2.60
CA LEU A 748 -0.56 -20.34 -1.72
C LEU A 748 -1.40 -20.83 -0.54
N GLY A 749 -0.84 -20.82 0.67
CA GLY A 749 -1.59 -21.29 1.81
C GLY A 749 -1.27 -20.54 3.08
N ILE A 750 -2.08 -20.75 4.12
CA ILE A 750 -1.88 -20.11 5.43
C ILE A 750 -0.83 -20.91 6.17
N SER A 751 0.30 -20.28 6.44
CA SER A 751 1.37 -20.96 7.16
C SER A 751 1.62 -20.26 8.48
N LYS A 752 2.88 -20.09 8.84
CA LYS A 752 3.26 -19.46 10.09
C LYS A 752 2.18 -18.52 10.62
N ARG A 753 2.14 -17.32 10.08
CA ARG A 753 1.13 -16.38 10.53
C ARG A 753 0.79 -15.57 9.31
N ASN A 754 1.26 -16.06 8.17
CA ASN A 754 1.04 -15.36 6.92
C ASN A 754 0.59 -16.29 5.83
N VAL A 755 0.14 -15.67 4.75
CA VAL A 755 -0.29 -16.38 3.56
C VAL A 755 0.98 -16.33 2.72
N ILE A 756 1.74 -17.42 2.71
CA ILE A 756 2.96 -17.43 1.95
C ILE A 756 2.94 -18.46 0.82
N PHE A 757 3.67 -18.16 -0.27
CA PHE A 757 3.76 -19.05 -1.42
C PHE A 757 4.87 -20.05 -1.15
N GLN A 758 4.55 -21.33 -1.23
CA GLN A 758 5.53 -22.37 -0.98
C GLN A 758 5.68 -23.28 -2.18
N PRO A 759 6.90 -23.40 -2.74
CA PRO A 759 7.10 -24.27 -3.90
C PRO A 759 6.72 -25.73 -3.61
N VAL A 760 5.85 -26.26 -4.44
CA VAL A 760 5.37 -27.62 -4.30
C VAL A 760 6.47 -28.60 -3.98
N ALA A 761 7.64 -28.36 -4.55
CA ALA A 761 8.77 -29.23 -4.36
C ALA A 761 9.20 -29.42 -2.91
N GLU A 762 9.20 -28.36 -2.12
CA GLU A 762 9.62 -28.46 -0.72
C GLU A 762 8.52 -28.86 0.22
N LEU A 763 7.34 -29.12 -0.33
CA LEU A 763 6.21 -29.55 0.49
C LEU A 763 6.17 -31.06 0.55
N LYS A 764 6.79 -31.72 -0.43
CA LYS A 764 6.81 -33.17 -0.50
C LYS A 764 7.37 -33.74 0.79
N LYS A 765 8.45 -33.13 1.26
CA LYS A 765 9.10 -33.55 2.49
C LYS A 765 8.12 -33.73 3.66
N GLN A 766 7.22 -32.76 3.82
CA GLN A 766 6.27 -32.76 4.91
C GLN A 766 4.87 -33.29 4.61
N THR A 767 4.77 -34.20 3.66
CA THR A 767 3.46 -34.74 3.32
C THR A 767 3.46 -36.25 3.18
N ASP A 768 2.42 -36.89 3.68
CA ASP A 768 2.26 -38.35 3.59
C ASP A 768 1.35 -38.66 2.41
N PHE A 769 1.94 -39.03 1.29
CA PHE A 769 1.17 -39.31 0.09
C PHE A 769 0.31 -40.56 0.11
N GLU A 770 0.49 -41.39 1.12
CA GLU A 770 -0.30 -42.60 1.19
C GLU A 770 -1.72 -42.33 1.63
N HIS A 771 -1.88 -41.43 2.60
CA HIS A 771 -3.19 -41.09 3.10
C HIS A 771 -3.63 -39.68 2.69
N ARG A 772 -2.77 -39.04 1.92
CA ARG A 772 -3.03 -37.71 1.42
C ARG A 772 -3.38 -36.69 2.50
N ILE A 773 -2.50 -36.58 3.49
CA ILE A 773 -2.68 -35.64 4.59
C ILE A 773 -1.28 -35.17 4.95
N PRO A 774 -1.15 -33.92 5.42
CA PRO A 774 0.17 -33.42 5.80
C PRO A 774 0.71 -34.21 6.99
N LYS A 775 2.02 -34.34 7.05
CA LYS A 775 2.66 -35.09 8.13
C LYS A 775 2.45 -34.44 9.48
N GLU A 776 2.45 -33.11 9.51
CA GLU A 776 2.26 -32.37 10.76
C GLU A 776 0.97 -31.54 10.68
N GLN A 777 -0.05 -31.97 11.40
CA GLN A 777 -1.32 -31.26 11.36
C GLN A 777 -1.47 -30.40 12.60
N TRP A 778 -1.41 -29.08 12.41
CA TRP A 778 -1.52 -28.14 13.52
C TRP A 778 -2.70 -28.33 14.48
N TRP A 779 -3.90 -28.52 13.94
CA TRP A 779 -5.08 -28.69 14.77
C TRP A 779 -5.03 -29.84 15.77
N LEU A 780 -4.14 -30.80 15.55
CA LEU A 780 -4.05 -31.93 16.46
C LEU A 780 -3.68 -31.49 17.88
N LYS A 781 -3.01 -30.34 18.00
CA LYS A 781 -2.61 -29.80 19.30
C LYS A 781 -3.85 -29.42 20.12
N LEU A 782 -4.97 -29.30 19.44
CA LEU A 782 -6.24 -28.93 20.05
C LEU A 782 -7.02 -30.15 20.48
N ARG A 783 -6.66 -31.32 19.97
CA ARG A 783 -7.37 -32.53 20.32
C ARG A 783 -7.53 -32.76 21.82
N PRO A 784 -6.44 -32.63 22.60
CA PRO A 784 -6.52 -32.85 24.04
C PRO A 784 -7.44 -31.84 24.75
N LEU A 785 -7.75 -30.74 24.05
CA LEU A 785 -8.63 -29.73 24.61
C LEU A 785 -10.04 -30.29 24.52
N MET A 786 -10.44 -30.68 23.31
CA MET A 786 -11.76 -31.23 23.08
C MET A 786 -12.07 -32.33 24.10
N LYS A 787 -11.04 -33.10 24.43
CA LYS A 787 -11.20 -34.18 25.39
C LYS A 787 -11.45 -33.75 26.81
N ILE A 788 -10.57 -32.92 27.37
CA ILE A 788 -10.77 -32.50 28.74
C ILE A 788 -12.06 -31.75 28.90
N LEU A 789 -12.52 -31.15 27.81
CA LEU A 789 -13.79 -30.43 27.85
C LEU A 789 -14.95 -31.41 27.94
N ALA A 790 -14.70 -32.66 27.55
CA ALA A 790 -15.72 -33.70 27.57
C ALA A 790 -15.63 -34.47 28.89
N LYS A 791 -14.80 -33.94 29.79
CA LYS A 791 -14.55 -34.51 31.12
C LYS A 791 -13.61 -35.71 31.12
N TYR A 792 -12.65 -35.72 30.19
CA TYR A 792 -11.67 -36.80 30.14
C TYR A 792 -10.40 -36.24 30.74
N LYS A 793 -9.46 -37.12 31.05
CA LYS A 793 -8.19 -36.71 31.61
C LYS A 793 -7.16 -37.00 30.52
N ALA A 794 -6.78 -35.96 29.78
CA ALA A 794 -5.83 -36.11 28.70
C ALA A 794 -4.63 -35.17 28.88
N SER A 795 -3.46 -35.62 28.45
CA SER A 795 -2.27 -34.80 28.55
C SER A 795 -2.39 -33.69 27.52
N TYR A 796 -2.20 -32.45 27.95
CA TYR A 796 -2.34 -31.33 27.05
C TYR A 796 -1.03 -30.57 26.88
N ASP A 797 -0.34 -30.83 25.78
CA ASP A 797 0.90 -30.13 25.49
C ASP A 797 0.53 -28.70 25.16
N VAL A 798 0.65 -27.81 26.14
CA VAL A 798 0.28 -26.43 25.93
C VAL A 798 1.52 -25.55 25.68
N SER A 799 2.51 -26.10 24.99
CA SER A 799 3.73 -25.38 24.69
C SER A 799 3.52 -24.26 23.67
N ASP A 800 2.65 -24.53 22.70
CA ASP A 800 2.35 -23.55 21.66
C ASP A 800 1.45 -22.43 22.17
N SER A 801 1.21 -22.40 23.47
CA SER A 801 0.35 -21.36 24.06
C SER A 801 0.87 -19.98 23.68
N GLY A 802 0.09 -18.96 23.99
CA GLY A 802 0.50 -17.62 23.65
C GLY A 802 1.49 -17.03 24.62
N GLN A 803 2.13 -15.94 24.22
CA GLN A 803 3.10 -15.25 25.06
C GLN A 803 3.06 -13.76 24.74
N LEU A 804 3.42 -12.95 25.73
CA LEU A 804 3.42 -11.50 25.56
C LEU A 804 4.09 -11.06 24.26
N GLU A 805 3.39 -10.23 23.50
CA GLU A 805 3.90 -9.70 22.24
C GLU A 805 3.25 -8.36 22.09
N HIS A 806 3.85 -7.49 21.31
CA HIS A 806 3.31 -6.15 21.12
C HIS A 806 2.66 -6.01 19.77
N VAL A 807 1.50 -5.36 19.73
CA VAL A 807 0.78 -5.16 18.49
C VAL A 807 1.65 -4.52 17.43
N GLN A 808 1.55 -5.02 16.20
CA GLN A 808 2.33 -4.48 15.10
C GLN A 808 1.87 -3.03 14.86
N ARG B 42 -67.96 -37.67 -15.14
CA ARG B 42 -66.69 -37.10 -15.63
C ARG B 42 -66.81 -35.81 -16.47
N LYS B 43 -65.65 -35.15 -16.62
CA LYS B 43 -65.45 -33.91 -17.39
C LYS B 43 -63.93 -33.66 -17.38
N PHE B 44 -63.21 -34.31 -18.29
CA PHE B 44 -61.75 -34.21 -18.38
C PHE B 44 -61.19 -32.92 -18.97
N LEU B 45 -59.89 -32.75 -18.86
CA LEU B 45 -59.20 -31.56 -19.36
C LEU B 45 -59.05 -31.58 -20.88
N GLU B 46 -58.47 -32.65 -21.41
CA GLU B 46 -58.27 -32.78 -22.86
C GLU B 46 -59.58 -32.98 -23.65
N HIS B 47 -60.69 -32.56 -23.02
CA HIS B 47 -62.07 -32.56 -23.56
C HIS B 47 -62.60 -31.17 -23.22
N LEU B 48 -61.68 -30.21 -23.12
CA LEU B 48 -62.01 -28.83 -22.79
C LEU B 48 -60.98 -27.94 -23.51
N SER B 49 -60.69 -28.29 -24.76
CA SER B 49 -59.72 -27.56 -25.58
C SER B 49 -59.92 -26.05 -25.54
N GLY B 50 -58.80 -25.33 -25.58
CA GLY B 50 -58.84 -23.88 -25.57
C GLY B 50 -58.13 -23.39 -26.80
N ALA B 51 -58.02 -24.27 -27.80
CA ALA B 51 -57.37 -23.94 -29.05
C ALA B 51 -58.00 -22.71 -29.65
N GLY B 52 -57.19 -21.76 -30.08
CA GLY B 52 -57.72 -20.55 -30.67
C GLY B 52 -57.83 -19.41 -29.69
N LYS B 53 -57.88 -19.73 -28.41
CA LYS B 53 -57.97 -18.68 -27.40
C LYS B 53 -56.58 -18.17 -27.02
N ALA B 54 -56.52 -16.92 -26.57
CA ALA B 54 -55.25 -16.31 -26.18
C ALA B 54 -55.35 -15.80 -24.76
N ILE B 55 -54.51 -16.34 -23.87
CA ILE B 55 -54.53 -15.92 -22.48
C ILE B 55 -53.38 -15.01 -22.10
N GLY B 56 -53.70 -13.98 -21.32
CA GLY B 56 -52.70 -13.06 -20.85
C GLY B 56 -52.60 -13.19 -19.35
N VAL B 57 -51.39 -13.31 -18.83
CA VAL B 57 -51.20 -13.45 -17.40
C VAL B 57 -50.24 -12.37 -16.93
N LEU B 58 -50.53 -11.78 -15.78
CA LEU B 58 -49.71 -10.73 -15.22
C LEU B 58 -49.73 -10.79 -13.69
N THR B 59 -48.66 -10.30 -13.05
CA THR B 59 -48.57 -10.29 -11.59
C THR B 59 -48.54 -8.84 -11.15
N SER B 60 -49.50 -8.44 -10.33
CA SER B 60 -49.55 -7.05 -9.88
C SER B 60 -49.45 -6.87 -8.38
N GLY B 61 -49.16 -5.65 -7.95
CA GLY B 61 -49.04 -5.33 -6.55
C GLY B 61 -47.68 -5.71 -6.01
N GLY B 62 -47.58 -5.92 -4.70
CA GLY B 62 -46.30 -6.31 -4.12
C GLY B 62 -46.05 -7.75 -4.50
N ASP B 63 -44.79 -8.14 -4.62
CA ASP B 63 -44.49 -9.51 -4.98
C ASP B 63 -44.73 -10.44 -3.78
N ALA B 64 -45.01 -11.70 -4.06
CA ALA B 64 -45.26 -12.67 -3.01
C ALA B 64 -44.77 -14.05 -3.45
N GLN B 65 -44.01 -14.72 -2.58
CA GLN B 65 -43.48 -16.04 -2.88
C GLN B 65 -44.56 -17.00 -3.36
N GLY B 66 -44.35 -17.58 -4.53
CA GLY B 66 -45.31 -18.50 -5.07
C GLY B 66 -45.89 -17.97 -6.36
N MET B 67 -45.62 -16.71 -6.68
CA MET B 67 -46.15 -16.15 -7.90
C MET B 67 -45.60 -16.88 -9.10
N ASN B 68 -44.29 -17.17 -9.10
CA ASN B 68 -43.72 -17.87 -10.24
C ASN B 68 -44.38 -19.25 -10.38
N ALA B 69 -44.56 -19.94 -9.27
CA ALA B 69 -45.20 -21.26 -9.30
C ALA B 69 -46.52 -21.13 -9.99
N ALA B 70 -47.18 -20.01 -9.74
CA ALA B 70 -48.48 -19.72 -10.32
C ALA B 70 -48.43 -19.52 -11.81
N VAL B 71 -47.60 -18.60 -12.29
CA VAL B 71 -47.52 -18.36 -13.74
C VAL B 71 -47.00 -19.60 -14.44
N ARG B 72 -46.10 -20.33 -13.79
CA ARG B 72 -45.57 -21.56 -14.38
C ARG B 72 -46.73 -22.49 -14.70
N ALA B 73 -47.64 -22.61 -13.74
CA ALA B 73 -48.82 -23.45 -13.89
C ALA B 73 -49.75 -22.91 -15.00
N VAL B 74 -50.08 -21.62 -14.93
CA VAL B 74 -50.93 -21.01 -15.94
C VAL B 74 -50.34 -21.20 -17.33
N VAL B 75 -49.13 -20.70 -17.55
CA VAL B 75 -48.46 -20.85 -18.84
C VAL B 75 -48.57 -22.28 -19.36
N ARG B 76 -48.02 -23.24 -18.64
CA ARG B 76 -48.07 -24.61 -19.07
C ARG B 76 -49.46 -25.20 -19.21
N MET B 77 -50.34 -24.95 -18.26
CA MET B 77 -51.69 -25.50 -18.38
C MET B 77 -52.37 -24.98 -19.62
N GLY B 78 -52.17 -23.70 -19.91
CA GLY B 78 -52.77 -23.13 -21.10
C GLY B 78 -52.19 -23.80 -22.34
N ILE B 79 -50.88 -23.71 -22.50
CA ILE B 79 -50.18 -24.30 -23.63
C ILE B 79 -50.61 -25.75 -23.84
N TYR B 80 -50.89 -26.46 -22.74
CA TYR B 80 -51.30 -27.85 -22.82
C TYR B 80 -52.69 -28.04 -23.39
N VAL B 81 -53.65 -27.22 -22.98
CA VAL B 81 -55.01 -27.33 -23.49
C VAL B 81 -55.12 -26.75 -24.91
N GLY B 82 -53.99 -26.38 -25.49
CA GLY B 82 -54.00 -25.85 -26.84
C GLY B 82 -54.13 -24.34 -26.97
N ALA B 83 -54.23 -23.65 -25.84
CA ALA B 83 -54.34 -22.19 -25.89
C ALA B 83 -52.95 -21.61 -26.15
N LYS B 84 -52.88 -20.29 -26.22
CA LYS B 84 -51.63 -19.62 -26.45
C LYS B 84 -51.56 -18.56 -25.37
N VAL B 85 -50.59 -18.67 -24.47
CA VAL B 85 -50.50 -17.71 -23.38
C VAL B 85 -49.43 -16.65 -23.58
N TYR B 86 -49.75 -15.44 -23.09
CA TYR B 86 -48.85 -14.29 -23.18
C TYR B 86 -48.49 -13.69 -21.82
N PHE B 87 -47.23 -13.29 -21.68
CA PHE B 87 -46.71 -12.67 -20.46
C PHE B 87 -47.04 -11.21 -20.53
N ILE B 88 -47.25 -10.57 -19.39
CA ILE B 88 -47.53 -9.14 -19.35
C ILE B 88 -46.71 -8.59 -18.20
N TYR B 89 -45.50 -8.18 -18.54
CA TYR B 89 -44.56 -7.66 -17.57
C TYR B 89 -45.01 -6.44 -16.81
N GLU B 90 -44.53 -6.34 -15.57
CA GLU B 90 -44.83 -5.23 -14.67
C GLU B 90 -46.28 -5.02 -14.30
N GLY B 91 -47.04 -6.09 -14.20
CA GLY B 91 -48.44 -5.95 -13.84
C GLY B 91 -49.18 -5.05 -14.80
N TYR B 92 -50.10 -4.24 -14.29
CA TYR B 92 -50.88 -3.34 -15.14
C TYR B 92 -50.02 -2.33 -15.93
N GLN B 93 -48.92 -1.88 -15.33
CA GLN B 93 -48.04 -0.93 -16.01
C GLN B 93 -47.73 -1.45 -17.39
N GLY B 94 -47.17 -2.66 -17.44
CA GLY B 94 -46.82 -3.26 -18.70
C GLY B 94 -47.98 -3.39 -19.66
N MET B 95 -49.20 -3.47 -19.14
CA MET B 95 -50.36 -3.62 -20.02
C MET B 95 -50.71 -2.27 -20.65
N VAL B 96 -50.57 -1.21 -19.87
CA VAL B 96 -50.83 0.14 -20.35
C VAL B 96 -49.77 0.44 -21.40
N ASP B 97 -48.51 0.31 -21.01
CA ASP B 97 -47.37 0.56 -21.90
C ASP B 97 -47.45 -0.27 -23.19
N GLY B 98 -47.82 -1.53 -23.05
CA GLY B 98 -47.92 -2.41 -24.21
C GLY B 98 -46.60 -2.57 -24.93
N GLY B 99 -46.66 -3.05 -26.16
CA GLY B 99 -45.46 -3.24 -26.93
C GLY B 99 -44.73 -4.50 -26.52
N SER B 100 -43.44 -4.38 -26.22
CA SER B 100 -42.63 -5.51 -25.81
C SER B 100 -42.94 -5.97 -24.40
N ASN B 101 -43.75 -5.17 -23.69
CA ASN B 101 -44.16 -5.51 -22.34
C ASN B 101 -45.12 -6.69 -22.38
N ILE B 102 -45.43 -7.15 -23.59
CA ILE B 102 -46.32 -8.28 -23.79
C ILE B 102 -45.68 -9.24 -24.78
N ALA B 103 -45.24 -10.39 -24.29
CA ALA B 103 -44.61 -11.38 -25.14
C ALA B 103 -45.27 -12.73 -25.00
N GLU B 104 -45.20 -13.54 -26.04
CA GLU B 104 -45.79 -14.86 -25.96
C GLU B 104 -44.85 -15.72 -25.14
N ALA B 105 -45.40 -16.62 -24.35
CA ALA B 105 -44.58 -17.48 -23.52
C ALA B 105 -44.71 -18.91 -24.00
N ASP B 106 -43.60 -19.62 -24.00
CA ASP B 106 -43.59 -21.02 -24.41
C ASP B 106 -43.27 -21.89 -23.19
N TRP B 107 -43.34 -23.21 -23.38
CA TRP B 107 -43.09 -24.15 -22.29
C TRP B 107 -41.83 -23.90 -21.47
N GLU B 108 -40.76 -23.43 -22.11
CA GLU B 108 -39.52 -23.19 -21.41
C GLU B 108 -39.42 -21.86 -20.70
N SER B 109 -40.37 -20.97 -21.00
CA SER B 109 -40.37 -19.65 -20.38
C SER B 109 -40.41 -19.78 -18.87
N VAL B 110 -41.34 -20.59 -18.38
CA VAL B 110 -41.53 -20.79 -16.97
C VAL B 110 -40.73 -21.97 -16.43
N SER B 111 -39.65 -22.31 -17.12
CA SER B 111 -38.85 -23.45 -16.69
C SER B 111 -37.95 -23.12 -15.51
N SER B 112 -38.02 -23.95 -14.48
CA SER B 112 -37.20 -23.80 -13.30
C SER B 112 -37.35 -22.45 -12.59
N ILE B 113 -38.59 -22.10 -12.24
CA ILE B 113 -38.86 -20.86 -11.52
C ILE B 113 -39.73 -21.20 -10.34
N LEU B 114 -39.99 -22.49 -10.17
CA LEU B 114 -40.82 -22.99 -9.09
C LEU B 114 -40.28 -22.58 -7.72
N GLN B 115 -38.99 -22.84 -7.50
CA GLN B 115 -38.35 -22.53 -6.23
C GLN B 115 -37.88 -21.08 -6.11
N VAL B 116 -38.43 -20.20 -6.95
CA VAL B 116 -38.02 -18.80 -6.95
C VAL B 116 -39.02 -17.79 -6.37
N GLY B 117 -38.53 -16.97 -5.46
CA GLY B 117 -39.39 -15.98 -4.84
C GLY B 117 -39.67 -14.87 -5.82
N GLY B 118 -40.57 -13.96 -5.46
CA GLY B 118 -40.89 -12.88 -6.35
C GLY B 118 -41.57 -13.35 -7.62
N THR B 119 -41.36 -12.61 -8.71
CA THR B 119 -41.96 -12.93 -9.99
C THR B 119 -41.08 -12.55 -11.19
N ILE B 120 -40.80 -13.51 -12.06
CA ILE B 120 -39.97 -13.26 -13.24
C ILE B 120 -40.67 -12.34 -14.22
N ILE B 121 -41.98 -12.19 -14.06
CA ILE B 121 -42.78 -11.33 -14.90
C ILE B 121 -42.67 -9.92 -14.38
N GLY B 122 -42.37 -9.81 -13.10
CA GLY B 122 -42.26 -8.50 -12.48
C GLY B 122 -43.64 -8.04 -12.05
N SER B 123 -43.69 -7.32 -10.95
CA SER B 123 -44.95 -6.81 -10.43
C SER B 123 -44.69 -5.43 -9.89
N ALA B 124 -45.57 -4.51 -10.20
CA ALA B 124 -45.43 -3.14 -9.73
C ALA B 124 -46.78 -2.50 -9.54
N ARG B 125 -46.74 -1.22 -9.23
CA ARG B 125 -47.95 -0.43 -9.05
C ARG B 125 -48.07 0.46 -10.28
N CYS B 126 -49.24 0.45 -10.88
CA CYS B 126 -49.48 1.25 -12.06
C CYS B 126 -50.45 2.37 -11.72
N GLN B 127 -49.97 3.60 -11.72
CA GLN B 127 -50.83 4.70 -11.40
C GLN B 127 -51.72 5.00 -12.59
N ALA B 128 -51.16 4.79 -13.78
CA ALA B 128 -51.91 5.05 -15.00
C ALA B 128 -53.20 4.27 -15.08
N PHE B 129 -53.20 3.06 -14.53
CA PHE B 129 -54.38 2.21 -14.56
C PHE B 129 -55.48 2.70 -13.62
N ARG B 130 -55.14 3.61 -12.71
CA ARG B 130 -56.13 4.15 -11.78
C ARG B 130 -57.08 5.06 -12.57
N THR B 131 -56.56 5.61 -13.66
CA THR B 131 -57.29 6.54 -14.53
C THR B 131 -58.03 5.90 -15.70
N ARG B 132 -58.94 6.67 -16.29
CA ARG B 132 -59.71 6.21 -17.43
C ARG B 132 -58.82 6.14 -18.68
N GLU B 133 -57.80 7.00 -18.75
CA GLU B 133 -56.90 7.02 -19.89
C GLU B 133 -56.05 5.77 -19.91
N GLY B 134 -55.64 5.34 -18.72
CA GLY B 134 -54.82 4.15 -18.62
C GLY B 134 -55.60 2.94 -19.09
N ARG B 135 -56.76 2.73 -18.49
CA ARG B 135 -57.60 1.60 -18.86
C ARG B 135 -57.81 1.52 -20.36
N LEU B 136 -57.97 2.67 -20.99
CA LEU B 136 -58.18 2.74 -22.44
C LEU B 136 -56.93 2.30 -23.19
N LYS B 137 -55.79 2.91 -22.84
CA LYS B 137 -54.54 2.58 -23.50
C LYS B 137 -54.26 1.08 -23.36
N ALA B 138 -54.62 0.53 -22.19
CA ALA B 138 -54.42 -0.88 -21.93
C ALA B 138 -55.31 -1.75 -22.80
N ALA B 139 -56.61 -1.50 -22.74
CA ALA B 139 -57.56 -2.26 -23.53
C ALA B 139 -57.16 -2.28 -25.01
N CYS B 140 -56.47 -1.23 -25.44
CA CYS B 140 -56.04 -1.13 -26.82
C CYS B 140 -54.94 -2.15 -27.11
N ASN B 141 -53.89 -2.12 -26.30
CA ASN B 141 -52.78 -3.04 -26.48
C ASN B 141 -53.25 -4.48 -26.38
N LEU B 142 -54.22 -4.73 -25.51
CA LEU B 142 -54.75 -6.08 -25.35
C LEU B 142 -55.42 -6.50 -26.63
N LEU B 143 -56.24 -5.61 -27.16
CA LEU B 143 -56.97 -5.89 -28.39
C LEU B 143 -56.01 -6.00 -29.56
N GLN B 144 -54.96 -5.19 -29.52
CA GLN B 144 -53.97 -5.19 -30.57
C GLN B 144 -53.25 -6.54 -30.65
N ARG B 145 -53.37 -7.34 -29.60
CA ARG B 145 -52.71 -8.65 -29.55
C ARG B 145 -53.69 -9.82 -29.53
N GLY B 146 -54.98 -9.52 -29.59
CA GLY B 146 -56.00 -10.56 -29.62
C GLY B 146 -56.26 -11.26 -28.31
N ILE B 147 -55.86 -10.61 -27.22
CA ILE B 147 -56.01 -11.17 -25.88
C ILE B 147 -57.31 -10.73 -25.21
N THR B 148 -58.26 -11.65 -25.09
CA THR B 148 -59.54 -11.35 -24.47
C THR B 148 -59.74 -12.16 -23.19
N ASN B 149 -58.78 -13.04 -22.90
CA ASN B 149 -58.82 -13.88 -21.71
C ASN B 149 -57.69 -13.42 -20.80
N LEU B 150 -58.04 -12.95 -19.60
CA LEU B 150 -57.06 -12.42 -18.65
C LEU B 150 -56.95 -13.14 -17.32
N CYS B 151 -55.72 -13.30 -16.84
CA CYS B 151 -55.49 -13.93 -15.55
C CYS B 151 -54.63 -13.01 -14.68
N VAL B 152 -55.28 -12.35 -13.73
CA VAL B 152 -54.58 -11.43 -12.84
C VAL B 152 -54.21 -12.06 -11.51
N ILE B 153 -52.92 -12.04 -11.20
CA ILE B 153 -52.39 -12.61 -9.96
C ILE B 153 -51.91 -11.47 -9.07
N GLY B 154 -52.68 -11.16 -8.05
CA GLY B 154 -52.30 -10.09 -7.15
C GLY B 154 -53.16 -10.02 -5.91
N GLY B 155 -53.11 -8.89 -5.21
CA GLY B 155 -53.90 -8.73 -4.00
C GLY B 155 -55.18 -7.94 -4.17
N ASP B 156 -55.79 -7.61 -3.04
CA ASP B 156 -57.06 -6.87 -2.99
C ASP B 156 -57.14 -5.78 -4.05
N GLY B 157 -56.09 -4.98 -4.17
CA GLY B 157 -56.07 -3.92 -5.14
C GLY B 157 -56.14 -4.42 -6.57
N SER B 158 -55.06 -5.05 -7.02
CA SER B 158 -55.00 -5.58 -8.37
C SER B 158 -56.33 -6.20 -8.77
N LEU B 159 -56.92 -6.96 -7.87
CA LEU B 159 -58.19 -7.62 -8.15
C LEU B 159 -59.38 -6.67 -8.27
N THR B 160 -59.55 -5.72 -7.37
CA THR B 160 -60.67 -4.80 -7.49
C THR B 160 -60.50 -4.02 -8.79
N GLY B 161 -59.25 -3.63 -9.09
CA GLY B 161 -58.97 -2.90 -10.30
C GLY B 161 -59.35 -3.72 -11.52
N ALA B 162 -59.10 -5.01 -11.46
CA ALA B 162 -59.42 -5.91 -12.56
C ALA B 162 -60.93 -5.96 -12.72
N ASN B 163 -61.63 -6.06 -11.59
CA ASN B 163 -63.10 -6.11 -11.60
C ASN B 163 -63.64 -4.91 -12.35
N LEU B 164 -63.18 -3.73 -11.97
CA LEU B 164 -63.62 -2.49 -12.60
C LEU B 164 -63.31 -2.49 -14.10
N PHE B 165 -62.13 -2.97 -14.47
CA PHE B 165 -61.73 -3.04 -15.88
C PHE B 165 -62.75 -3.86 -16.67
N ARG B 166 -63.31 -4.88 -16.04
CA ARG B 166 -64.31 -5.73 -16.70
C ARG B 166 -65.58 -4.94 -16.98
N LYS B 167 -65.98 -4.12 -16.02
CA LYS B 167 -67.17 -3.29 -16.16
C LYS B 167 -67.02 -2.35 -17.34
N GLU B 168 -65.99 -1.52 -17.27
CA GLU B 168 -65.72 -0.54 -18.29
C GLU B 168 -65.31 -1.11 -19.64
N TRP B 169 -65.13 -2.43 -19.71
CA TRP B 169 -64.72 -3.05 -20.97
C TRP B 169 -65.51 -2.58 -22.16
N SER B 170 -66.79 -2.96 -22.20
CA SER B 170 -67.65 -2.57 -23.30
C SER B 170 -67.52 -1.05 -23.50
N GLY B 171 -67.57 -0.31 -22.39
CA GLY B 171 -67.45 1.14 -22.46
C GLY B 171 -66.15 1.65 -23.06
N LEU B 172 -65.07 0.94 -22.82
CA LEU B 172 -63.76 1.34 -23.34
C LEU B 172 -63.64 1.07 -24.83
N LEU B 173 -64.25 -0.01 -25.29
CA LEU B 173 -64.20 -0.35 -26.71
C LEU B 173 -64.97 0.67 -27.54
N GLU B 174 -65.96 1.30 -26.93
CA GLU B 174 -66.76 2.30 -27.63
C GLU B 174 -65.81 3.44 -27.92
N GLU B 175 -65.36 4.07 -26.85
CA GLU B 175 -64.46 5.20 -26.91
C GLU B 175 -63.26 4.96 -27.82
N LEU B 176 -62.84 3.71 -27.96
CA LEU B 176 -61.69 3.41 -28.81
C LEU B 176 -62.04 3.32 -30.29
N ALA B 177 -63.22 2.77 -30.59
CA ALA B 177 -63.69 2.64 -31.96
C ALA B 177 -64.12 4.02 -32.45
N ARG B 178 -64.64 4.81 -31.50
CA ARG B 178 -65.11 6.16 -31.74
C ARG B 178 -63.95 7.05 -32.14
N ASN B 179 -62.81 6.92 -31.45
CA ASN B 179 -61.64 7.73 -31.76
C ASN B 179 -60.76 7.07 -32.81
N GLY B 180 -61.35 6.11 -33.52
CA GLY B 180 -60.63 5.42 -34.58
C GLY B 180 -59.30 4.80 -34.24
N GLN B 181 -59.18 4.23 -33.04
CA GLN B 181 -57.94 3.58 -32.64
C GLN B 181 -58.08 2.07 -32.77
N ILE B 182 -59.31 1.62 -32.96
CA ILE B 182 -59.58 0.20 -33.14
C ILE B 182 -60.61 0.04 -34.25
N ASP B 183 -60.72 -1.18 -34.76
CA ASP B 183 -61.65 -1.49 -35.84
C ASP B 183 -63.10 -1.40 -35.35
N LYS B 184 -64.00 -1.01 -36.25
CA LYS B 184 -65.41 -0.89 -35.93
C LYS B 184 -66.02 -2.27 -35.67
N GLU B 185 -65.52 -3.28 -36.38
CA GLU B 185 -66.01 -4.63 -36.24
C GLU B 185 -65.31 -5.36 -35.09
N ALA B 186 -64.08 -4.93 -34.79
CA ALA B 186 -63.31 -5.54 -33.72
C ALA B 186 -64.03 -5.30 -32.40
N VAL B 187 -64.87 -4.28 -32.36
CA VAL B 187 -65.61 -3.96 -31.15
C VAL B 187 -66.64 -5.04 -30.84
N GLN B 188 -66.86 -5.94 -31.79
CA GLN B 188 -67.82 -7.03 -31.59
C GLN B 188 -67.07 -8.32 -31.27
N LYS B 189 -66.00 -8.57 -32.01
CA LYS B 189 -65.20 -9.78 -31.80
C LYS B 189 -64.65 -9.83 -30.38
N TYR B 190 -63.81 -8.85 -30.06
CA TYR B 190 -63.20 -8.77 -28.74
C TYR B 190 -64.18 -8.09 -27.79
N ALA B 191 -65.42 -8.55 -27.79
CA ALA B 191 -66.45 -7.94 -26.94
C ALA B 191 -66.58 -8.59 -25.59
N TYR B 192 -66.15 -9.84 -25.46
CA TYR B 192 -66.24 -10.52 -24.16
C TYR B 192 -64.89 -10.64 -23.49
N LEU B 193 -64.79 -10.13 -22.27
CA LEU B 193 -63.54 -10.16 -21.52
C LEU B 193 -63.62 -11.20 -20.41
N ASN B 194 -62.87 -12.29 -20.56
CA ASN B 194 -62.85 -13.33 -19.54
C ASN B 194 -61.79 -13.01 -18.53
N VAL B 195 -62.20 -12.65 -17.32
CA VAL B 195 -61.25 -12.32 -16.28
C VAL B 195 -61.34 -13.30 -15.12
N VAL B 196 -60.19 -13.70 -14.61
CA VAL B 196 -60.11 -14.63 -13.49
C VAL B 196 -58.92 -14.21 -12.67
N GLY B 197 -59.07 -14.22 -11.35
CA GLY B 197 -57.99 -13.80 -10.50
C GLY B 197 -57.52 -14.78 -9.46
N MET B 198 -56.26 -14.61 -9.04
CA MET B 198 -55.63 -15.46 -8.04
C MET B 198 -55.11 -14.52 -6.98
N VAL B 199 -55.49 -14.72 -5.72
CA VAL B 199 -55.00 -13.81 -4.69
C VAL B 199 -53.56 -14.14 -4.38
N GLY B 200 -52.67 -13.24 -4.74
CA GLY B 200 -51.26 -13.45 -4.51
C GLY B 200 -50.64 -12.24 -3.84
N SER B 201 -50.75 -12.20 -2.51
CA SER B 201 -50.22 -11.12 -1.72
C SER B 201 -49.97 -11.67 -0.34
N ILE B 202 -48.93 -11.17 0.32
CA ILE B 202 -48.63 -11.67 1.65
C ILE B 202 -49.55 -11.05 2.70
N ASP B 203 -50.42 -10.15 2.28
CA ASP B 203 -51.33 -9.52 3.23
C ASP B 203 -52.54 -10.39 3.60
N ASN B 204 -53.18 -10.97 2.59
CA ASN B 204 -54.37 -11.81 2.77
C ASN B 204 -55.59 -10.92 3.06
N ASP B 205 -55.63 -9.74 2.46
CA ASP B 205 -56.72 -8.78 2.70
C ASP B 205 -57.93 -8.80 1.77
N PHE B 206 -57.98 -9.71 0.81
CA PHE B 206 -59.13 -9.80 -0.11
C PHE B 206 -60.24 -10.60 0.53
N CYS B 207 -61.11 -9.95 1.31
CA CYS B 207 -62.16 -10.70 1.98
C CYS B 207 -63.02 -11.51 1.04
N GLY B 208 -63.34 -12.73 1.47
CA GLY B 208 -64.12 -13.62 0.64
C GLY B 208 -63.27 -14.82 0.33
N THR B 209 -61.96 -14.68 0.50
CA THR B 209 -61.05 -15.79 0.23
C THR B 209 -60.35 -16.22 1.51
N ASP B 210 -60.23 -17.53 1.71
CA ASP B 210 -59.59 -18.08 2.89
C ASP B 210 -58.07 -17.91 2.89
N MET B 211 -57.39 -18.69 2.07
CA MET B 211 -55.93 -18.63 1.97
C MET B 211 -55.47 -17.91 0.72
N THR B 212 -54.25 -17.39 0.76
CA THR B 212 -53.67 -16.69 -0.37
C THR B 212 -52.21 -17.08 -0.58
N ILE B 213 -51.75 -16.96 -1.81
CA ILE B 213 -50.40 -17.34 -2.16
C ILE B 213 -49.39 -16.36 -1.62
N GLY B 214 -48.46 -16.86 -0.81
CA GLY B 214 -47.43 -16.01 -0.26
C GLY B 214 -47.44 -15.89 1.24
N THR B 215 -48.60 -16.11 1.85
CA THR B 215 -48.69 -16.01 3.29
C THR B 215 -47.90 -17.05 4.05
N ASP B 216 -48.06 -18.33 3.71
CA ASP B 216 -47.31 -19.34 4.43
C ASP B 216 -45.82 -19.03 4.33
N SER B 217 -45.38 -18.58 3.17
CA SER B 217 -43.98 -18.26 2.96
C SER B 217 -43.54 -17.11 3.83
N ALA B 218 -44.35 -16.07 3.92
CA ALA B 218 -44.02 -14.93 4.75
C ALA B 218 -43.95 -15.41 6.17
N LEU B 219 -44.90 -16.25 6.57
CA LEU B 219 -44.93 -16.77 7.93
C LEU B 219 -43.64 -17.48 8.25
N HIS B 220 -43.11 -18.22 7.28
CA HIS B 220 -41.85 -18.93 7.45
C HIS B 220 -40.78 -17.92 7.78
N ARG B 221 -40.65 -16.91 6.92
CA ARG B 221 -39.67 -15.87 7.15
C ARG B 221 -39.75 -15.28 8.56
N ILE B 222 -40.96 -14.96 8.99
CA ILE B 222 -41.22 -14.38 10.30
C ILE B 222 -40.78 -15.31 11.42
N ILE B 223 -41.33 -16.52 11.42
CA ILE B 223 -41.01 -17.49 12.46
C ILE B 223 -39.53 -17.85 12.49
N GLU B 224 -38.87 -17.75 11.36
CA GLU B 224 -37.42 -18.03 11.29
C GLU B 224 -36.70 -17.05 12.17
N VAL B 225 -37.12 -15.78 12.10
CA VAL B 225 -36.53 -14.72 12.93
C VAL B 225 -36.78 -14.96 14.41
N VAL B 226 -38.05 -15.18 14.76
CA VAL B 226 -38.44 -15.44 16.14
C VAL B 226 -37.61 -16.60 16.67
N ASP B 227 -37.55 -17.69 15.90
CA ASP B 227 -36.79 -18.88 16.33
C ASP B 227 -35.31 -18.54 16.57
N ALA B 228 -34.77 -17.66 15.74
CA ALA B 228 -33.38 -17.24 15.88
C ALA B 228 -33.15 -16.47 17.16
N ILE B 229 -34.17 -15.77 17.65
CA ILE B 229 -34.07 -14.99 18.88
C ILE B 229 -34.27 -15.88 20.09
N MET B 230 -35.06 -16.94 19.92
CA MET B 230 -35.34 -17.84 21.03
C MET B 230 -34.19 -18.77 21.35
N THR B 231 -33.28 -18.97 20.41
CA THR B 231 -32.16 -19.86 20.69
C THR B 231 -31.04 -19.07 21.38
N THR B 232 -31.29 -17.79 21.59
CA THR B 232 -30.32 -16.94 22.26
C THR B 232 -30.64 -16.91 23.73
N ALA B 233 -29.63 -17.15 24.58
CA ALA B 233 -29.84 -17.15 26.02
C ALA B 233 -29.30 -15.92 26.73
N GLN B 234 -30.10 -15.39 27.64
CA GLN B 234 -29.73 -14.23 28.45
C GLN B 234 -30.20 -14.52 29.87
N SER B 235 -29.50 -13.95 30.84
CA SER B 235 -29.86 -14.15 32.24
C SER B 235 -31.00 -13.25 32.68
N HIS B 236 -30.99 -12.01 32.22
CA HIS B 236 -32.03 -11.07 32.57
C HIS B 236 -33.23 -11.18 31.62
N GLN B 237 -34.37 -10.66 32.06
CA GLN B 237 -35.59 -10.72 31.28
C GLN B 237 -35.44 -9.92 30.00
N ARG B 238 -35.96 -10.47 28.91
CA ARG B 238 -35.90 -9.81 27.62
C ARG B 238 -37.29 -9.75 26.99
N THR B 239 -37.54 -8.70 26.22
CA THR B 239 -38.82 -8.52 25.56
C THR B 239 -38.55 -8.17 24.11
N PHE B 240 -39.05 -8.99 23.21
CA PHE B 240 -38.85 -8.77 21.79
C PHE B 240 -40.12 -8.27 21.10
N VAL B 241 -40.03 -7.08 20.50
CA VAL B 241 -41.16 -6.51 19.79
C VAL B 241 -40.94 -6.66 18.29
N LEU B 242 -41.75 -7.50 17.65
CA LEU B 242 -41.64 -7.75 16.22
C LEU B 242 -42.81 -7.21 15.43
N GLU B 243 -42.53 -6.37 14.44
CA GLU B 243 -43.58 -5.79 13.61
C GLU B 243 -43.65 -6.48 12.26
N VAL B 244 -44.71 -7.25 12.05
CA VAL B 244 -44.89 -7.97 10.80
C VAL B 244 -45.71 -7.12 9.86
N MET B 245 -46.07 -7.68 8.71
CA MET B 245 -46.85 -6.94 7.74
C MET B 245 -48.35 -7.03 7.87
N GLY B 246 -49.02 -6.48 6.85
CA GLY B 246 -50.47 -6.46 6.85
C GLY B 246 -50.93 -5.02 6.92
N ARG B 247 -51.06 -4.39 5.75
CA ARG B 247 -51.51 -2.99 5.67
C ARG B 247 -52.58 -2.72 6.73
N HIS B 248 -53.79 -3.19 6.44
CA HIS B 248 -54.91 -3.02 7.34
C HIS B 248 -55.50 -4.38 7.64
N CYS B 249 -54.64 -5.38 7.64
CA CYS B 249 -55.05 -6.75 7.91
C CYS B 249 -54.14 -7.34 8.97
N GLY B 250 -54.73 -7.86 10.04
CA GLY B 250 -53.95 -8.44 11.10
C GLY B 250 -53.83 -9.94 10.99
N TYR B 251 -54.12 -10.49 9.83
CA TYR B 251 -54.04 -11.94 9.66
C TYR B 251 -52.62 -12.41 9.94
N LEU B 252 -51.66 -11.86 9.22
CA LEU B 252 -50.26 -12.23 9.41
C LEU B 252 -49.91 -12.15 10.87
N ALA B 253 -50.15 -10.98 11.46
CA ALA B 253 -49.86 -10.75 12.86
C ALA B 253 -50.45 -11.81 13.77
N LEU B 254 -51.71 -12.18 13.51
CA LEU B 254 -52.40 -13.18 14.32
C LEU B 254 -51.76 -14.54 14.20
N VAL B 255 -51.71 -15.12 13.01
CA VAL B 255 -51.10 -16.45 12.87
C VAL B 255 -49.64 -16.46 13.34
N SER B 256 -48.96 -15.33 13.23
CA SER B 256 -47.58 -15.23 13.69
C SER B 256 -47.57 -15.39 15.20
N ALA B 257 -48.55 -14.75 15.84
CA ALA B 257 -48.69 -14.79 17.29
C ALA B 257 -48.88 -16.19 17.85
N LEU B 258 -49.85 -16.96 17.35
CA LEU B 258 -50.02 -18.29 17.89
C LEU B 258 -49.12 -19.33 17.25
N ALA B 259 -48.13 -18.84 16.52
CA ALA B 259 -47.16 -19.71 15.90
C ALA B 259 -45.96 -19.76 16.82
N CYS B 260 -45.86 -18.77 17.70
CA CYS B 260 -44.77 -18.70 18.66
C CYS B 260 -45.25 -18.36 20.07
N GLY B 261 -46.54 -18.51 20.31
CA GLY B 261 -47.11 -18.22 21.62
C GLY B 261 -46.77 -16.85 22.16
N ALA B 262 -46.96 -15.83 21.34
CA ALA B 262 -46.67 -14.46 21.73
C ALA B 262 -47.42 -14.10 23.01
N ASP B 263 -46.92 -13.08 23.70
CA ASP B 263 -47.54 -12.63 24.94
C ASP B 263 -48.68 -11.68 24.64
N TRP B 264 -48.58 -10.98 23.51
CA TRP B 264 -49.59 -10.00 23.14
C TRP B 264 -49.58 -9.72 21.65
N VAL B 265 -50.74 -9.38 21.09
CA VAL B 265 -50.83 -9.06 19.67
C VAL B 265 -51.64 -7.79 19.41
N PHE B 266 -51.26 -7.06 18.38
CA PHE B 266 -51.97 -5.86 18.00
C PHE B 266 -52.53 -6.05 16.62
N LEU B 267 -53.86 -6.09 16.53
CA LEU B 267 -54.56 -6.29 15.26
C LEU B 267 -55.44 -5.09 14.95
N PRO B 268 -55.56 -4.73 13.67
CA PRO B 268 -56.40 -3.59 13.30
C PRO B 268 -57.88 -3.92 13.41
N GLU B 269 -58.19 -5.20 13.52
CA GLU B 269 -59.58 -5.62 13.60
C GLU B 269 -60.10 -5.73 15.02
N SER B 270 -59.21 -5.99 15.97
CA SER B 270 -59.62 -6.10 17.36
C SER B 270 -58.70 -5.26 18.22
N PRO B 271 -58.65 -3.96 17.95
CA PRO B 271 -57.78 -3.06 18.73
C PRO B 271 -57.88 -3.25 20.23
N PRO B 272 -56.83 -2.86 20.96
CA PRO B 272 -56.78 -2.99 22.42
C PRO B 272 -57.73 -2.02 23.12
N GLU B 273 -58.35 -2.49 24.20
CA GLU B 273 -59.29 -1.67 24.94
C GLU B 273 -58.59 -0.58 25.70
N GLU B 274 -59.23 0.59 25.77
CA GLU B 274 -58.68 1.75 26.45
C GLU B 274 -58.04 1.32 27.76
N GLY B 275 -56.83 1.82 28.01
CA GLY B 275 -56.11 1.48 29.22
C GLY B 275 -55.30 0.21 29.08
N TRP B 276 -54.95 -0.14 27.84
CA TRP B 276 -54.18 -1.33 27.57
C TRP B 276 -52.73 -1.19 27.97
N GLU B 277 -52.19 0.01 27.83
CA GLU B 277 -50.80 0.25 28.19
C GLU B 277 -50.40 -0.42 29.49
N GLU B 278 -51.19 -0.22 30.54
CA GLU B 278 -50.91 -0.80 31.85
C GLU B 278 -51.26 -2.27 31.87
N GLN B 279 -52.31 -2.62 31.16
CA GLN B 279 -52.74 -4.01 31.10
C GLN B 279 -51.66 -4.90 30.50
N MET B 280 -51.04 -4.43 29.42
CA MET B 280 -49.99 -5.17 28.74
C MET B 280 -48.81 -5.37 29.67
N CYS B 281 -48.32 -4.26 30.24
CA CYS B 281 -47.19 -4.30 31.15
C CYS B 281 -47.46 -5.26 32.27
N VAL B 282 -48.71 -5.30 32.71
CA VAL B 282 -49.12 -6.20 33.78
C VAL B 282 -48.98 -7.66 33.33
N LYS B 283 -49.42 -7.95 32.10
CA LYS B 283 -49.36 -9.31 31.59
C LYS B 283 -47.94 -9.77 31.42
N LEU B 284 -47.07 -8.88 30.98
CA LEU B 284 -45.66 -9.21 30.79
C LEU B 284 -44.98 -9.61 32.08
N SER B 285 -45.23 -8.86 33.15
CA SER B 285 -44.63 -9.14 34.45
C SER B 285 -45.19 -10.43 35.03
N GLU B 286 -46.45 -10.74 34.70
CA GLU B 286 -47.08 -11.96 35.18
C GLU B 286 -46.41 -13.14 34.52
N ASN B 287 -46.22 -13.05 33.21
CA ASN B 287 -45.58 -14.12 32.45
C ASN B 287 -44.14 -14.25 32.93
N ARG B 288 -43.52 -13.11 33.22
CA ARG B 288 -42.16 -13.07 33.72
C ARG B 288 -42.06 -13.91 35.00
N ALA B 289 -43.11 -13.85 35.83
CA ALA B 289 -43.16 -14.56 37.09
C ALA B 289 -43.44 -16.03 36.92
N ARG B 290 -43.89 -16.43 35.73
CA ARG B 290 -44.17 -17.83 35.45
C ARG B 290 -42.98 -18.44 34.73
N LYS B 291 -41.84 -17.78 34.89
CA LYS B 291 -40.58 -18.23 34.32
C LYS B 291 -40.38 -18.04 32.81
N LYS B 292 -41.30 -17.33 32.16
CA LYS B 292 -41.16 -17.06 30.73
C LYS B 292 -40.17 -15.91 30.66
N ARG B 293 -38.91 -16.24 30.38
CA ARG B 293 -37.83 -15.26 30.34
C ARG B 293 -37.63 -14.45 29.07
N LEU B 294 -38.53 -14.63 28.11
CA LEU B 294 -38.49 -13.88 26.85
C LEU B 294 -39.90 -13.59 26.37
N ASN B 295 -40.33 -12.33 26.46
CA ASN B 295 -41.66 -11.95 26.01
C ASN B 295 -41.60 -11.64 24.53
N ILE B 296 -42.67 -11.92 23.81
CA ILE B 296 -42.71 -11.63 22.38
C ILE B 296 -44.00 -10.91 22.08
N ILE B 297 -43.89 -9.69 21.56
CA ILE B 297 -45.05 -8.87 21.22
C ILE B 297 -45.12 -8.78 19.70
N ILE B 298 -46.19 -9.28 19.09
CA ILE B 298 -46.33 -9.18 17.64
C ILE B 298 -47.22 -7.98 17.31
N VAL B 299 -46.67 -7.06 16.53
CA VAL B 299 -47.35 -5.83 16.15
C VAL B 299 -47.61 -5.75 14.65
N ALA B 300 -48.87 -5.62 14.25
CA ALA B 300 -49.22 -5.50 12.84
C ALA B 300 -48.90 -4.08 12.39
N GLU B 301 -48.55 -3.90 11.12
CA GLU B 301 -48.25 -2.56 10.62
C GLU B 301 -49.39 -1.62 10.94
N GLY B 302 -50.60 -2.03 10.59
CA GLY B 302 -51.78 -1.21 10.80
C GLY B 302 -52.39 -1.25 12.19
N ALA B 303 -51.59 -1.59 13.20
CA ALA B 303 -52.07 -1.66 14.58
C ALA B 303 -52.63 -0.32 15.02
N ILE B 304 -53.84 -0.33 15.58
CA ILE B 304 -54.51 0.89 16.01
C ILE B 304 -55.30 0.66 17.30
N ASP B 305 -55.70 1.75 17.95
CA ASP B 305 -56.48 1.65 19.17
C ASP B 305 -57.96 1.87 18.86
N THR B 306 -58.79 1.83 19.89
CA THR B 306 -60.23 2.00 19.73
C THR B 306 -60.64 3.29 19.05
N GLN B 307 -59.68 4.07 18.59
CA GLN B 307 -59.98 5.31 17.92
C GLN B 307 -59.14 5.52 16.66
N ASN B 308 -58.79 4.42 16.03
CA ASN B 308 -58.01 4.44 14.80
C ASN B 308 -56.66 5.15 14.89
N LYS B 309 -56.20 5.44 16.11
CA LYS B 309 -54.90 6.09 16.27
C LYS B 309 -53.82 5.02 16.14
N PRO B 310 -52.81 5.28 15.31
CA PRO B 310 -51.71 4.33 15.11
C PRO B 310 -50.98 3.96 16.40
N ILE B 311 -50.73 2.67 16.61
CA ILE B 311 -49.99 2.21 17.79
C ILE B 311 -48.61 1.80 17.29
N THR B 312 -47.65 2.71 17.36
CA THR B 312 -46.29 2.44 16.88
C THR B 312 -45.54 1.41 17.71
N SER B 313 -44.58 0.74 17.08
CA SER B 313 -43.77 -0.25 17.75
C SER B 313 -42.89 0.44 18.77
N GLU B 314 -42.44 1.63 18.43
CA GLU B 314 -41.59 2.40 19.32
C GLU B 314 -42.31 2.79 20.61
N LYS B 315 -43.62 2.99 20.52
CA LYS B 315 -44.40 3.32 21.70
C LYS B 315 -44.41 2.09 22.60
N ILE B 316 -44.54 0.91 22.00
CA ILE B 316 -44.56 -0.34 22.75
C ILE B 316 -43.20 -0.52 23.42
N LYS B 317 -42.13 -0.21 22.70
CA LYS B 317 -40.77 -0.34 23.22
C LYS B 317 -40.64 0.47 24.48
N GLU B 318 -40.89 1.77 24.38
CA GLU B 318 -40.81 2.65 25.53
C GLU B 318 -41.70 2.18 26.65
N LEU B 319 -42.92 1.82 26.31
CA LEU B 319 -43.85 1.37 27.32
C LEU B 319 -43.26 0.36 28.29
N VAL B 320 -42.61 -0.69 27.78
CA VAL B 320 -42.03 -1.69 28.66
C VAL B 320 -40.70 -1.26 29.25
N VAL B 321 -39.94 -0.49 28.48
CA VAL B 321 -38.64 -0.02 28.96
C VAL B 321 -38.85 0.89 30.16
N THR B 322 -39.89 1.72 30.07
CA THR B 322 -40.24 2.65 31.13
C THR B 322 -40.87 1.97 32.34
N GLN B 323 -41.96 1.25 32.11
CA GLN B 323 -42.69 0.57 33.17
C GLN B 323 -42.04 -0.66 33.80
N LEU B 324 -41.48 -1.55 32.99
CA LEU B 324 -40.88 -2.78 33.49
C LEU B 324 -39.36 -2.77 33.46
N GLY B 325 -38.79 -1.97 32.57
CA GLY B 325 -37.35 -1.87 32.45
C GLY B 325 -36.63 -3.11 31.94
N TYR B 326 -37.34 -3.94 31.17
CA TYR B 326 -36.75 -5.18 30.63
C TYR B 326 -35.87 -4.85 29.41
N ASP B 327 -34.93 -5.73 29.11
CA ASP B 327 -34.07 -5.53 27.95
C ASP B 327 -34.97 -5.66 26.72
N THR B 328 -35.37 -4.54 26.16
CA THR B 328 -36.27 -4.55 25.01
C THR B 328 -35.61 -4.18 23.69
N ARG B 329 -35.72 -5.07 22.72
CA ARG B 329 -35.18 -4.84 21.39
C ARG B 329 -36.39 -4.94 20.45
N VAL B 330 -36.38 -4.18 19.38
CA VAL B 330 -37.49 -4.19 18.41
C VAL B 330 -36.99 -4.18 16.97
N THR B 331 -37.53 -5.07 16.14
CA THR B 331 -37.15 -5.10 14.73
C THR B 331 -38.37 -5.04 13.85
N ILE B 332 -38.29 -4.19 12.85
CA ILE B 332 -39.38 -4.03 11.90
C ILE B 332 -39.05 -4.92 10.73
N LEU B 333 -39.49 -6.17 10.79
CA LEU B 333 -39.23 -7.12 9.71
C LEU B 333 -39.63 -6.41 8.43
N GLY B 334 -38.64 -6.07 7.63
CA GLY B 334 -38.92 -5.35 6.41
C GLY B 334 -39.56 -6.16 5.32
N HIS B 335 -39.14 -5.85 4.11
CA HIS B 335 -39.58 -6.51 2.90
C HIS B 335 -39.06 -7.94 2.95
N VAL B 336 -38.18 -8.20 3.91
CA VAL B 336 -37.59 -9.50 4.06
C VAL B 336 -38.64 -10.59 4.17
N GLN B 337 -39.90 -10.20 4.38
CA GLN B 337 -41.00 -11.15 4.49
C GLN B 337 -41.43 -11.66 3.12
N ARG B 338 -40.91 -11.06 2.06
CA ARG B 338 -41.25 -11.47 0.70
C ARG B 338 -40.09 -12.31 0.14
N GLY B 339 -39.01 -12.37 0.92
CA GLY B 339 -37.83 -13.10 0.50
C GLY B 339 -37.81 -14.58 0.79
N GLY B 340 -36.69 -15.21 0.47
CA GLY B 340 -36.55 -16.63 0.70
C GLY B 340 -37.24 -17.42 -0.40
N THR B 341 -37.22 -18.74 -0.29
CA THR B 341 -37.87 -19.57 -1.28
C THR B 341 -39.29 -19.80 -0.81
N PRO B 342 -40.21 -19.94 -1.77
CA PRO B 342 -41.61 -20.17 -1.43
C PRO B 342 -41.78 -21.53 -0.76
N SER B 343 -42.56 -21.58 0.32
CA SER B 343 -42.80 -22.81 1.05
C SER B 343 -43.48 -23.86 0.18
N ALA B 344 -43.47 -25.10 0.63
CA ALA B 344 -44.09 -26.17 -0.11
C ALA B 344 -45.57 -25.85 -0.29
N PHE B 345 -46.20 -25.41 0.80
CA PHE B 345 -47.62 -25.09 0.77
C PHE B 345 -47.94 -24.11 -0.35
N ASP B 346 -47.15 -23.04 -0.42
CA ASP B 346 -47.38 -22.02 -1.44
C ASP B 346 -47.13 -22.50 -2.87
N ARG B 347 -46.11 -23.33 -3.08
CA ARG B 347 -45.84 -23.83 -4.41
C ARG B 347 -46.99 -24.70 -4.88
N ILE B 348 -47.46 -25.57 -4.01
CA ILE B 348 -48.57 -26.44 -4.35
C ILE B 348 -49.82 -25.58 -4.56
N LEU B 349 -50.15 -24.75 -3.58
CA LEU B 349 -51.33 -23.90 -3.69
C LEU B 349 -51.34 -23.13 -4.99
N ALA B 350 -50.22 -22.49 -5.30
CA ALA B 350 -50.09 -21.70 -6.52
C ALA B 350 -50.27 -22.56 -7.77
N SER B 351 -49.82 -23.80 -7.73
CA SER B 351 -49.97 -24.65 -8.89
C SER B 351 -51.43 -25.06 -9.07
N ARG B 352 -52.08 -25.47 -7.99
CA ARG B 352 -53.48 -25.86 -8.07
C ARG B 352 -54.31 -24.70 -8.59
N MET B 353 -53.96 -23.49 -8.19
CA MET B 353 -54.70 -22.34 -8.62
C MET B 353 -54.47 -22.00 -10.08
N GLY B 354 -53.24 -22.18 -10.54
CA GLY B 354 -52.92 -21.89 -11.94
C GLY B 354 -53.79 -22.71 -12.87
N VAL B 355 -54.05 -23.95 -12.49
CA VAL B 355 -54.89 -24.83 -13.31
C VAL B 355 -56.29 -24.30 -13.25
N GLU B 356 -56.80 -24.12 -12.03
CA GLU B 356 -58.14 -23.62 -11.81
C GLU B 356 -58.42 -22.34 -12.58
N ALA B 357 -57.41 -21.48 -12.69
CA ALA B 357 -57.55 -20.23 -13.40
C ALA B 357 -57.76 -20.49 -14.89
N VAL B 358 -56.95 -21.39 -15.46
CA VAL B 358 -57.07 -21.71 -16.88
C VAL B 358 -58.37 -22.41 -17.25
N ILE B 359 -58.78 -23.43 -16.49
CA ILE B 359 -60.03 -24.11 -16.82
C ILE B 359 -61.20 -23.17 -16.62
N ALA B 360 -61.09 -22.30 -15.64
CA ALA B 360 -62.15 -21.34 -15.38
C ALA B 360 -62.23 -20.39 -16.55
N LEU B 361 -61.07 -19.97 -17.03
CA LEU B 361 -60.98 -19.04 -18.13
C LEU B 361 -61.57 -19.61 -19.40
N LEU B 362 -61.50 -20.91 -19.58
CA LEU B 362 -62.04 -21.54 -20.77
C LEU B 362 -63.57 -21.70 -20.70
N GLU B 363 -64.04 -22.33 -19.63
CA GLU B 363 -65.47 -22.53 -19.43
C GLU B 363 -66.23 -21.21 -19.24
N ALA B 364 -65.53 -20.10 -19.31
CA ALA B 364 -66.17 -18.81 -19.14
C ALA B 364 -66.96 -18.39 -20.38
N THR B 365 -68.22 -18.03 -20.16
CA THR B 365 -69.09 -17.58 -21.23
C THR B 365 -69.11 -16.06 -21.24
N PRO B 366 -69.85 -15.46 -22.19
CA PRO B 366 -69.92 -14.01 -22.26
C PRO B 366 -70.67 -13.43 -21.06
N ASP B 367 -71.63 -14.20 -20.55
CA ASP B 367 -72.44 -13.77 -19.42
C ASP B 367 -72.08 -14.42 -18.09
N THR B 368 -70.83 -14.88 -17.99
CA THR B 368 -70.33 -15.50 -16.76
C THR B 368 -69.51 -14.43 -16.02
N PRO B 369 -69.87 -14.14 -14.75
CA PRO B 369 -69.18 -13.13 -13.94
C PRO B 369 -67.69 -13.35 -13.77
N ALA B 370 -66.92 -12.26 -13.83
CA ALA B 370 -65.48 -12.35 -13.65
C ALA B 370 -65.26 -12.85 -12.24
N CYS B 371 -64.57 -13.97 -12.09
CA CYS B 371 -64.35 -14.57 -10.78
C CYS B 371 -62.91 -14.63 -10.31
N VAL B 372 -62.74 -15.19 -9.11
CA VAL B 372 -61.45 -15.34 -8.47
C VAL B 372 -61.34 -16.76 -7.97
N VAL B 373 -60.40 -17.52 -8.52
CA VAL B 373 -60.20 -18.91 -8.10
C VAL B 373 -59.52 -18.94 -6.72
N SER B 374 -60.05 -19.77 -5.84
CA SER B 374 -59.53 -19.88 -4.49
C SER B 374 -59.76 -21.29 -3.98
N LEU B 375 -59.49 -21.49 -2.69
CA LEU B 375 -59.66 -22.79 -2.07
C LEU B 375 -60.49 -22.63 -0.81
N ASN B 376 -61.44 -23.55 -0.62
CA ASN B 376 -62.28 -23.51 0.56
C ASN B 376 -62.28 -24.89 1.20
N GLY B 377 -61.63 -25.00 2.35
CA GLY B 377 -61.57 -26.29 3.02
C GLY B 377 -60.91 -27.31 2.12
N ASN B 378 -59.87 -26.86 1.43
CA ASN B 378 -59.12 -27.72 0.51
C ASN B 378 -59.91 -28.12 -0.74
N HIS B 379 -60.93 -27.33 -1.07
CA HIS B 379 -61.73 -27.59 -2.27
C HIS B 379 -61.73 -26.34 -3.16
N ALA B 380 -61.47 -26.55 -4.45
CA ALA B 380 -61.43 -25.45 -5.40
C ALA B 380 -62.76 -24.77 -5.57
N VAL B 381 -62.75 -23.44 -5.57
CA VAL B 381 -63.98 -22.67 -5.73
C VAL B 381 -63.74 -21.39 -6.50
N ARG B 382 -64.78 -20.89 -7.15
CA ARG B 382 -64.70 -19.65 -7.91
C ARG B 382 -65.64 -18.66 -7.26
N LEU B 383 -65.15 -17.48 -6.94
CA LEU B 383 -66.00 -16.47 -6.33
C LEU B 383 -66.05 -15.27 -7.26
N PRO B 384 -67.25 -14.73 -7.47
CA PRO B 384 -67.38 -13.57 -8.35
C PRO B 384 -66.59 -12.37 -7.79
N LEU B 385 -65.76 -11.79 -8.65
CA LEU B 385 -64.93 -10.66 -8.29
C LEU B 385 -65.65 -9.58 -7.49
N MET B 386 -66.67 -8.97 -8.08
CA MET B 386 -67.41 -7.89 -7.43
C MET B 386 -67.80 -8.18 -5.98
N GLU B 387 -68.34 -9.37 -5.73
CA GLU B 387 -68.75 -9.74 -4.37
C GLU B 387 -67.61 -9.66 -3.36
N CYS B 388 -66.42 -10.06 -3.81
CA CYS B 388 -65.24 -10.03 -2.97
C CYS B 388 -64.72 -8.62 -2.84
N VAL B 389 -64.58 -7.93 -3.97
CA VAL B 389 -64.10 -6.55 -3.96
C VAL B 389 -64.96 -5.76 -3.00
N GLN B 390 -66.25 -6.08 -2.97
CA GLN B 390 -67.21 -5.40 -2.09
C GLN B 390 -66.87 -5.62 -0.63
N MET B 391 -67.02 -6.85 -0.16
CA MET B 391 -66.71 -7.18 1.22
C MET B 391 -65.37 -6.64 1.66
N THR B 392 -64.39 -6.65 0.77
CA THR B 392 -63.06 -6.15 1.07
C THR B 392 -63.18 -4.69 1.52
N GLN B 393 -63.97 -3.93 0.79
CA GLN B 393 -64.18 -2.53 1.08
C GLN B 393 -65.03 -2.35 2.34
N ASP B 394 -65.90 -3.32 2.60
CA ASP B 394 -66.75 -3.25 3.77
C ASP B 394 -65.95 -3.43 5.05
N VAL B 395 -64.94 -4.28 5.00
CA VAL B 395 -64.12 -4.51 6.17
C VAL B 395 -63.39 -3.23 6.51
N GLN B 396 -62.93 -2.52 5.50
CA GLN B 396 -62.21 -1.26 5.72
C GLN B 396 -63.18 -0.26 6.31
N LYS B 397 -64.38 -0.19 5.73
CA LYS B 397 -65.42 0.71 6.18
C LYS B 397 -65.68 0.41 7.66
N ALA B 398 -65.97 -0.86 7.93
CA ALA B 398 -66.25 -1.31 9.28
C ALA B 398 -65.19 -0.87 10.28
N MET B 399 -63.92 -0.87 9.88
CA MET B 399 -62.85 -0.48 10.77
C MET B 399 -62.75 1.02 10.96
N ASP B 400 -62.95 1.77 9.88
CA ASP B 400 -62.89 3.22 9.95
C ASP B 400 -64.02 3.73 10.83
N GLU B 401 -65.14 3.03 10.79
CA GLU B 401 -66.31 3.39 11.58
C GLU B 401 -66.27 2.78 12.98
N ARG B 402 -65.08 2.43 13.44
CA ARG B 402 -64.92 1.85 14.75
C ARG B 402 -65.87 0.71 15.09
N ARG B 403 -66.45 0.09 14.07
CA ARG B 403 -67.36 -1.04 14.28
C ARG B 403 -66.51 -2.29 14.21
N PHE B 404 -65.47 -2.33 15.01
CA PHE B 404 -64.52 -3.43 15.05
C PHE B 404 -65.08 -4.85 15.13
N GLN B 405 -66.10 -5.06 15.94
CA GLN B 405 -66.69 -6.39 16.04
C GLN B 405 -67.20 -6.88 14.71
N ASP B 406 -67.59 -5.94 13.85
CA ASP B 406 -68.10 -6.28 12.53
C ASP B 406 -66.92 -6.64 11.62
N ALA B 407 -65.84 -5.88 11.74
CA ALA B 407 -64.64 -6.13 10.95
C ALA B 407 -64.16 -7.55 11.20
N VAL B 408 -64.09 -7.92 12.47
CA VAL B 408 -63.64 -9.25 12.86
C VAL B 408 -64.48 -10.34 12.21
N ARG B 409 -65.78 -10.14 12.15
CA ARG B 409 -66.67 -11.13 11.57
C ARG B 409 -66.56 -11.13 10.04
N LEU B 410 -66.25 -9.97 9.48
CA LEU B 410 -66.12 -9.84 8.04
C LEU B 410 -64.89 -10.54 7.48
N ARG B 411 -63.86 -10.73 8.31
CA ARG B 411 -62.65 -11.38 7.86
C ARG B 411 -62.88 -12.85 7.56
N GLY B 412 -63.81 -13.47 8.26
CA GLY B 412 -64.10 -14.87 8.02
C GLY B 412 -64.31 -15.65 9.30
N ARG B 413 -65.00 -16.78 9.21
CA ARG B 413 -65.26 -17.63 10.38
C ARG B 413 -63.91 -18.05 10.94
N SER B 414 -63.01 -18.43 10.04
CA SER B 414 -61.66 -18.85 10.43
C SER B 414 -60.98 -17.75 11.27
N PHE B 415 -60.72 -16.59 10.68
CA PHE B 415 -60.07 -15.50 11.38
C PHE B 415 -60.62 -15.30 12.79
N ALA B 416 -61.94 -15.25 12.91
CA ALA B 416 -62.57 -15.05 14.21
C ALA B 416 -62.23 -16.15 15.19
N GLY B 417 -62.20 -17.37 14.70
CA GLY B 417 -61.84 -18.50 15.54
C GLY B 417 -60.40 -18.45 16.01
N ASN B 418 -59.47 -18.29 15.07
CA ASN B 418 -58.04 -18.22 15.39
C ASN B 418 -57.83 -17.16 16.45
N LEU B 419 -58.46 -16.01 16.26
CA LEU B 419 -58.33 -14.91 17.20
C LEU B 419 -58.72 -15.37 18.60
N ASN B 420 -59.87 -16.03 18.71
CA ASN B 420 -60.32 -16.51 20.01
C ASN B 420 -59.34 -17.54 20.59
N THR B 421 -59.01 -18.55 19.80
CA THR B 421 -58.10 -19.59 20.23
C THR B 421 -56.80 -19.01 20.74
N TYR B 422 -56.29 -17.99 20.08
CA TYR B 422 -55.05 -17.36 20.51
C TYR B 422 -55.24 -16.71 21.88
N LYS B 423 -56.29 -15.90 22.01
CA LYS B 423 -56.59 -15.23 23.27
C LYS B 423 -56.70 -16.29 24.36
N ARG B 424 -57.51 -17.31 24.08
CA ARG B 424 -57.74 -18.40 25.02
C ARG B 424 -56.44 -18.98 25.59
N LEU B 425 -55.46 -19.19 24.72
CA LEU B 425 -54.17 -19.75 25.12
C LEU B 425 -53.18 -18.76 25.68
N ALA B 426 -53.34 -17.48 25.36
CA ALA B 426 -52.43 -16.44 25.83
C ALA B 426 -52.82 -15.81 27.14
N ILE B 427 -54.12 -15.67 27.37
CA ILE B 427 -54.64 -15.07 28.59
C ILE B 427 -55.35 -16.09 29.50
N LYS B 428 -54.67 -16.51 30.57
CA LYS B 428 -55.27 -17.47 31.49
C LYS B 428 -56.02 -16.72 32.57
N LEU B 429 -57.23 -17.18 32.88
CA LEU B 429 -58.00 -16.52 33.92
C LEU B 429 -57.51 -17.05 35.26
N PRO B 430 -57.58 -16.22 36.31
CA PRO B 430 -57.14 -16.62 37.64
C PRO B 430 -57.91 -17.86 38.11
N ASP B 431 -57.18 -18.83 38.65
CA ASP B 431 -57.76 -20.09 39.08
C ASP B 431 -59.17 -20.02 39.67
N ASP B 432 -59.41 -19.07 40.56
CA ASP B 432 -60.72 -18.93 41.20
C ASP B 432 -61.88 -18.55 40.28
N GLN B 433 -61.57 -18.06 39.09
CA GLN B 433 -62.62 -17.67 38.13
C GLN B 433 -62.93 -18.78 37.13
N ILE B 434 -62.31 -19.94 37.32
CA ILE B 434 -62.52 -21.07 36.43
C ILE B 434 -63.23 -22.17 37.18
N PRO B 435 -64.55 -22.26 37.01
CA PRO B 435 -65.34 -23.29 37.70
C PRO B 435 -64.84 -24.69 37.34
N LYS B 436 -64.30 -25.40 38.32
CA LYS B 436 -63.77 -26.75 38.10
C LYS B 436 -64.85 -27.73 37.67
N THR B 437 -64.45 -28.77 36.94
CA THR B 437 -65.39 -29.78 36.47
C THR B 437 -65.13 -31.10 37.17
N ASN B 438 -64.02 -31.16 37.89
CA ASN B 438 -63.65 -32.38 38.59
C ASN B 438 -63.58 -33.57 37.64
N CYS B 439 -63.12 -33.29 36.43
CA CYS B 439 -62.94 -34.31 35.42
C CYS B 439 -61.46 -34.38 35.09
N ASN B 440 -60.94 -35.59 34.93
CA ASN B 440 -59.54 -35.73 34.58
C ASN B 440 -59.51 -36.11 33.12
N VAL B 441 -58.94 -35.24 32.29
CA VAL B 441 -58.81 -35.50 30.87
C VAL B 441 -57.35 -35.79 30.61
N ALA B 442 -57.09 -36.95 30.02
CA ALA B 442 -55.73 -37.37 29.73
C ALA B 442 -55.40 -37.15 28.29
N VAL B 443 -54.18 -36.70 28.03
CA VAL B 443 -53.72 -36.46 26.68
C VAL B 443 -52.52 -37.38 26.46
N ILE B 444 -52.36 -37.90 25.26
CA ILE B 444 -51.28 -38.83 24.96
C ILE B 444 -50.81 -38.84 23.49
N ASN B 445 -49.55 -39.20 23.26
CA ASN B 445 -49.02 -39.27 21.89
C ASN B 445 -48.86 -40.72 21.47
N VAL B 446 -49.45 -41.10 20.34
CA VAL B 446 -49.36 -42.46 19.83
C VAL B 446 -48.97 -42.48 18.33
N GLY B 447 -47.93 -43.23 18.01
CA GLY B 447 -47.50 -43.34 16.64
C GLY B 447 -46.11 -42.81 16.46
N ALA B 448 -45.62 -42.78 15.23
CA ALA B 448 -44.28 -42.26 14.97
C ALA B 448 -44.35 -40.77 15.21
N PRO B 449 -43.28 -40.18 15.76
CA PRO B 449 -43.23 -38.74 16.03
C PRO B 449 -43.48 -37.87 14.80
N ALA B 450 -44.23 -36.80 14.98
CA ALA B 450 -44.53 -35.91 13.88
C ALA B 450 -44.37 -34.48 14.35
N ALA B 451 -43.69 -33.67 13.54
CA ALA B 451 -43.46 -32.27 13.88
C ALA B 451 -44.73 -31.54 14.25
N GLY B 452 -44.81 -31.09 15.50
CA GLY B 452 -46.00 -30.36 15.93
C GLY B 452 -46.86 -31.05 16.97
N MET B 453 -46.45 -32.23 17.40
CA MET B 453 -47.21 -32.94 18.41
C MET B 453 -47.21 -32.12 19.68
N ASN B 454 -46.10 -31.46 19.95
CA ASN B 454 -45.97 -30.66 21.15
C ASN B 454 -46.87 -29.44 21.10
N ALA B 455 -47.00 -28.83 19.92
CA ALA B 455 -47.85 -27.66 19.81
C ALA B 455 -49.26 -28.10 20.14
N ALA B 456 -49.58 -29.34 19.72
CA ALA B 456 -50.89 -29.94 19.95
C ALA B 456 -51.16 -30.19 21.42
N VAL B 457 -50.20 -30.81 22.11
CA VAL B 457 -50.34 -31.06 23.53
C VAL B 457 -50.49 -29.75 24.31
N ARG B 458 -49.67 -28.75 23.98
CA ARG B 458 -49.74 -27.46 24.65
C ARG B 458 -51.16 -26.93 24.53
N SER B 459 -51.64 -26.86 23.29
CA SER B 459 -52.99 -26.38 23.03
C SER B 459 -54.10 -27.15 23.77
N ALA B 460 -54.01 -28.48 23.78
CA ALA B 460 -55.00 -29.29 24.45
C ALA B 460 -54.94 -29.10 25.96
N VAL B 461 -53.75 -29.18 26.52
CA VAL B 461 -53.59 -29.01 27.94
C VAL B 461 -54.18 -27.69 28.43
N ARG B 462 -53.80 -26.58 27.79
CA ARG B 462 -54.31 -25.28 28.21
C ARG B 462 -55.79 -25.07 28.02
N VAL B 463 -56.31 -25.44 26.86
CA VAL B 463 -57.74 -25.31 26.65
C VAL B 463 -58.45 -26.13 27.71
N GLY B 464 -57.89 -27.29 28.04
CA GLY B 464 -58.48 -28.14 29.06
C GLY B 464 -58.52 -27.41 30.38
N ILE B 465 -57.36 -26.95 30.85
CA ILE B 465 -57.25 -26.23 32.10
C ILE B 465 -58.20 -25.05 32.13
N ALA B 466 -58.28 -24.34 31.01
CA ALA B 466 -59.16 -23.18 30.90
C ALA B 466 -60.63 -23.56 30.93
N ASP B 467 -60.91 -24.85 30.74
CA ASP B 467 -62.27 -25.34 30.77
C ASP B 467 -62.59 -25.97 32.11
N GLY B 468 -61.65 -25.87 33.05
CA GLY B 468 -61.85 -26.40 34.38
C GLY B 468 -61.51 -27.86 34.61
N HIS B 469 -60.89 -28.52 33.65
CA HIS B 469 -60.54 -29.92 33.85
C HIS B 469 -59.17 -30.02 34.49
N ARG B 470 -58.86 -31.21 34.97
CA ARG B 470 -57.57 -31.50 35.59
C ARG B 470 -56.87 -32.27 34.48
N MET B 471 -55.75 -31.76 33.98
CA MET B 471 -55.06 -32.42 32.89
C MET B 471 -54.02 -33.46 33.26
N LEU B 472 -54.09 -34.60 32.58
CA LEU B 472 -53.17 -35.71 32.80
C LEU B 472 -52.35 -36.03 31.55
N ALA B 473 -51.03 -36.13 31.72
CA ALA B 473 -50.13 -36.44 30.61
C ALA B 473 -49.68 -37.89 30.67
N ILE B 474 -49.93 -38.63 29.61
CA ILE B 474 -49.50 -40.01 29.56
C ILE B 474 -48.24 -40.04 28.72
N TYR B 475 -47.13 -40.44 29.31
CA TYR B 475 -45.86 -40.49 28.61
C TYR B 475 -45.61 -41.77 27.82
N ASP B 476 -44.75 -41.67 26.81
CA ASP B 476 -44.38 -42.78 25.95
C ASP B 476 -45.57 -43.57 25.44
N GLY B 477 -46.59 -42.85 24.97
CA GLY B 477 -47.75 -43.52 24.42
C GLY B 477 -48.32 -44.68 25.20
N PHE B 478 -49.00 -45.61 24.51
CA PHE B 478 -49.62 -46.76 25.17
C PHE B 478 -48.66 -47.57 26.01
N ASP B 479 -47.41 -47.66 25.58
CA ASP B 479 -46.40 -48.39 26.32
C ASP B 479 -46.35 -47.85 27.73
N GLY B 480 -46.15 -46.55 27.86
CA GLY B 480 -46.08 -45.92 29.16
C GLY B 480 -47.44 -45.90 29.85
N PHE B 481 -48.50 -45.90 29.07
CA PHE B 481 -49.86 -45.88 29.61
C PHE B 481 -50.06 -47.13 30.46
N ALA B 482 -49.75 -48.27 29.87
CA ALA B 482 -49.88 -49.54 30.56
C ALA B 482 -48.94 -49.60 31.76
N LYS B 483 -47.76 -48.99 31.64
CA LYS B 483 -46.80 -49.00 32.74
C LYS B 483 -47.04 -47.84 33.72
N GLY B 484 -48.29 -47.39 33.76
CA GLY B 484 -48.71 -46.32 34.65
C GLY B 484 -47.97 -44.99 34.65
N GLN B 485 -47.20 -44.69 33.60
CA GLN B 485 -46.47 -43.43 33.52
C GLN B 485 -47.40 -42.25 33.23
N ILE B 486 -48.27 -41.94 34.18
CA ILE B 486 -49.22 -40.85 34.06
C ILE B 486 -49.00 -39.80 35.16
N LYS B 487 -48.96 -38.53 34.77
CA LYS B 487 -48.73 -37.44 35.72
C LYS B 487 -49.62 -36.25 35.33
N GLU B 488 -49.80 -35.30 36.24
CA GLU B 488 -50.62 -34.15 35.94
C GLU B 488 -49.76 -33.08 35.27
N ILE B 489 -50.32 -32.39 34.28
CA ILE B 489 -49.60 -31.30 33.59
C ILE B 489 -50.32 -29.98 33.81
N GLY B 490 -49.53 -28.94 34.07
CA GLY B 490 -50.08 -27.63 34.34
C GLY B 490 -49.92 -26.65 33.20
N TRP B 491 -50.60 -25.52 33.33
CA TRP B 491 -50.58 -24.48 32.33
C TRP B 491 -49.18 -24.02 31.93
N THR B 492 -48.29 -23.80 32.88
CA THR B 492 -46.95 -23.36 32.52
C THR B 492 -46.02 -24.50 32.11
N ASP B 493 -46.41 -25.73 32.41
CA ASP B 493 -45.58 -26.87 32.06
C ASP B 493 -45.45 -27.04 30.56
N VAL B 494 -46.46 -26.60 29.81
CA VAL B 494 -46.43 -26.72 28.36
C VAL B 494 -46.06 -25.40 27.68
N GLY B 495 -45.40 -24.52 28.42
CA GLY B 495 -45.01 -23.25 27.84
C GLY B 495 -43.86 -23.35 26.85
N GLY B 496 -44.02 -22.68 25.72
CA GLY B 496 -42.97 -22.69 24.70
C GLY B 496 -42.85 -23.97 23.93
N TRP B 497 -43.83 -24.85 24.10
CA TRP B 497 -43.86 -26.13 23.41
C TRP B 497 -44.21 -25.97 21.94
N THR B 498 -44.93 -24.90 21.63
CA THR B 498 -45.35 -24.62 20.27
C THR B 498 -44.32 -24.92 19.19
N GLY B 499 -43.15 -24.31 19.30
CA GLY B 499 -42.13 -24.50 18.30
C GLY B 499 -41.20 -25.67 18.46
N GLN B 500 -41.48 -26.55 19.41
CA GLN B 500 -40.59 -27.69 19.62
C GLN B 500 -40.90 -28.94 18.81
N GLY B 501 -39.86 -29.49 18.23
CA GLY B 501 -40.00 -30.68 17.41
C GLY B 501 -40.03 -31.96 18.23
N GLY B 502 -40.31 -33.07 17.57
CA GLY B 502 -40.38 -34.33 18.28
C GLY B 502 -41.61 -34.39 19.18
N SER B 503 -41.51 -35.22 20.21
CA SER B 503 -42.59 -35.40 21.17
C SER B 503 -42.03 -35.31 22.57
N ILE B 504 -42.33 -34.21 23.26
CA ILE B 504 -41.84 -34.01 24.61
C ILE B 504 -42.48 -35.02 25.53
N LEU B 505 -43.73 -35.36 25.23
CA LEU B 505 -44.48 -36.34 26.02
C LEU B 505 -43.92 -37.74 25.76
N GLY B 506 -43.43 -37.97 24.55
CA GLY B 506 -42.92 -39.27 24.17
C GLY B 506 -43.99 -39.99 23.37
N THR B 507 -43.58 -40.82 22.41
CA THR B 507 -44.56 -41.52 21.61
C THR B 507 -44.09 -42.88 21.10
N LYS B 508 -44.98 -43.86 21.13
CA LYS B 508 -44.68 -45.22 20.70
C LYS B 508 -45.73 -45.72 19.73
N ARG B 509 -45.39 -46.82 19.07
CA ARG B 509 -46.27 -47.43 18.09
C ARG B 509 -47.04 -48.61 18.63
N VAL B 510 -46.77 -48.98 19.88
CA VAL B 510 -47.47 -50.12 20.46
C VAL B 510 -48.95 -49.79 20.60
N LEU B 511 -49.80 -50.73 20.20
CA LEU B 511 -51.26 -50.58 20.25
C LEU B 511 -51.85 -51.31 21.47
N PRO B 512 -52.92 -50.75 22.05
CA PRO B 512 -53.66 -51.23 23.22
C PRO B 512 -54.22 -52.65 23.30
N GLY B 513 -54.33 -53.32 22.16
CA GLY B 513 -54.88 -54.67 22.16
C GLY B 513 -54.42 -55.60 23.27
N LYS B 514 -53.12 -55.90 23.31
CA LYS B 514 -52.54 -56.82 24.29
C LYS B 514 -52.66 -56.41 25.74
N TYR B 515 -52.81 -55.12 26.00
CA TYR B 515 -52.85 -54.65 27.37
C TYR B 515 -54.16 -53.95 27.76
N LEU B 516 -55.25 -54.34 27.09
CA LEU B 516 -56.55 -53.76 27.38
C LEU B 516 -56.84 -53.75 28.87
N GLU B 517 -56.36 -54.77 29.56
CA GLU B 517 -56.56 -54.90 31.01
C GLU B 517 -55.92 -53.78 31.80
N GLU B 518 -54.59 -53.81 31.87
CA GLU B 518 -53.80 -52.83 32.59
C GLU B 518 -54.25 -51.41 32.30
N ILE B 519 -54.56 -51.14 31.05
CA ILE B 519 -55.00 -49.81 30.71
C ILE B 519 -56.31 -49.51 31.44
N ALA B 520 -57.29 -50.39 31.25
CA ALA B 520 -58.60 -50.24 31.89
C ALA B 520 -58.41 -50.02 33.41
N THR B 521 -57.35 -50.61 33.94
CA THR B 521 -57.05 -50.49 35.34
C THR B 521 -56.59 -49.04 35.62
N GLN B 522 -55.53 -48.63 34.92
CA GLN B 522 -54.98 -47.29 35.07
C GLN B 522 -56.07 -46.26 34.87
N MET B 523 -56.90 -46.49 33.85
CA MET B 523 -57.99 -45.60 33.53
C MET B 523 -58.96 -45.49 34.66
N ARG B 524 -58.94 -46.48 35.54
CA ARG B 524 -59.83 -46.51 36.70
C ARG B 524 -59.15 -45.85 37.89
N THR B 525 -57.96 -46.33 38.23
CA THR B 525 -57.24 -45.77 39.36
C THR B 525 -56.85 -44.30 39.21
N HIS B 526 -56.93 -43.75 38.00
CA HIS B 526 -56.63 -42.33 37.81
C HIS B 526 -57.90 -41.55 37.52
N SER B 527 -59.03 -42.27 37.50
CA SER B 527 -60.35 -41.69 37.23
C SER B 527 -60.32 -40.78 36.01
N ILE B 528 -59.96 -41.36 34.86
CA ILE B 528 -59.88 -40.63 33.59
C ILE B 528 -61.26 -40.53 32.92
N ASN B 529 -61.72 -39.32 32.59
CA ASN B 529 -63.04 -39.18 31.97
C ASN B 529 -63.12 -39.03 30.46
N ALA B 530 -61.98 -38.82 29.81
CA ALA B 530 -61.93 -38.67 28.36
C ALA B 530 -60.50 -38.78 27.88
N LEU B 531 -60.32 -39.16 26.63
CA LEU B 531 -58.97 -39.33 26.11
C LEU B 531 -58.72 -38.60 24.81
N LEU B 532 -57.63 -37.85 24.74
CA LEU B 532 -57.28 -37.11 23.53
C LEU B 532 -55.98 -37.61 22.92
N ILE B 533 -56.06 -38.44 21.90
CA ILE B 533 -54.86 -38.97 21.28
C ILE B 533 -54.44 -38.16 20.08
N ILE B 534 -53.22 -37.63 20.14
CA ILE B 534 -52.60 -36.86 19.08
C ILE B 534 -51.59 -37.86 18.52
N GLY B 535 -51.95 -38.54 17.43
CA GLY B 535 -51.04 -39.51 16.86
C GLY B 535 -51.34 -39.83 15.43
N GLY B 536 -50.75 -40.92 14.94
CA GLY B 536 -50.96 -41.33 13.57
C GLY B 536 -51.88 -42.51 13.40
N PHE B 537 -51.66 -43.27 12.33
CA PHE B 537 -52.49 -44.43 12.03
C PHE B 537 -52.70 -45.36 13.21
N GLU B 538 -51.65 -45.57 14.00
CA GLU B 538 -51.77 -46.46 15.15
C GLU B 538 -52.74 -45.89 16.17
N ALA B 539 -52.88 -44.57 16.19
CA ALA B 539 -53.82 -43.93 17.11
C ALA B 539 -55.25 -44.30 16.71
N TYR B 540 -55.47 -44.45 15.41
CA TYR B 540 -56.76 -44.84 14.87
C TYR B 540 -57.02 -46.35 15.11
N LEU B 541 -56.00 -47.18 14.87
CA LEU B 541 -56.17 -48.60 15.12
C LEU B 541 -56.36 -48.68 16.62
N GLY B 542 -55.68 -47.78 17.34
CA GLY B 542 -55.77 -47.73 18.80
C GLY B 542 -57.19 -47.45 19.25
N LEU B 543 -57.81 -46.42 18.68
CA LEU B 543 -59.17 -46.07 19.03
C LEU B 543 -60.17 -47.19 18.70
N LEU B 544 -60.00 -47.82 17.55
CA LEU B 544 -60.88 -48.91 17.16
C LEU B 544 -60.82 -50.06 18.17
N GLU B 545 -59.62 -50.43 18.62
CA GLU B 545 -59.48 -51.53 19.58
C GLU B 545 -60.16 -51.17 20.91
N LEU B 546 -60.04 -49.91 21.30
CA LEU B 546 -60.64 -49.44 22.53
C LEU B 546 -62.18 -49.35 22.47
N SER B 547 -62.72 -49.07 21.29
CA SER B 547 -64.17 -49.00 21.11
C SER B 547 -64.76 -50.39 21.00
N ALA B 548 -63.89 -51.38 20.99
CA ALA B 548 -64.32 -52.77 20.89
C ALA B 548 -64.41 -53.25 22.31
N ALA B 549 -63.39 -52.90 23.08
CA ALA B 549 -63.33 -53.32 24.46
C ALA B 549 -64.31 -52.53 25.32
N ARG B 550 -64.92 -51.49 24.75
CA ARG B 550 -65.87 -50.71 25.54
C ARG B 550 -67.05 -51.62 25.81
N GLU B 551 -66.88 -52.89 25.43
CA GLU B 551 -67.91 -53.91 25.61
C GLU B 551 -67.61 -54.76 26.83
N LYS B 552 -66.36 -55.18 26.94
CA LYS B 552 -65.86 -56.00 28.02
C LYS B 552 -65.33 -55.07 29.14
N HIS B 553 -65.23 -53.77 28.88
CA HIS B 553 -64.71 -52.82 29.88
C HIS B 553 -65.42 -51.48 29.96
N GLU B 554 -65.90 -51.17 31.15
CA GLU B 554 -66.62 -49.96 31.45
C GLU B 554 -65.77 -48.70 31.48
N GLU B 555 -64.49 -48.86 31.84
CA GLU B 555 -63.56 -47.72 31.93
C GLU B 555 -63.34 -47.02 30.60
N PHE B 556 -63.69 -47.70 29.51
CA PHE B 556 -63.50 -47.20 28.16
C PHE B 556 -64.73 -46.51 27.54
N CYS B 557 -65.81 -46.43 28.29
CA CYS B 557 -67.01 -45.81 27.78
C CYS B 557 -66.99 -44.30 27.93
N VAL B 558 -65.88 -43.70 27.51
CA VAL B 558 -65.72 -42.26 27.60
C VAL B 558 -65.49 -41.64 26.23
N PRO B 559 -65.53 -40.30 26.13
CA PRO B 559 -65.32 -39.62 24.86
C PRO B 559 -63.85 -39.75 24.48
N MET B 560 -63.60 -40.05 23.21
CA MET B 560 -62.22 -40.18 22.76
C MET B 560 -62.07 -39.56 21.37
N VAL B 561 -61.09 -38.69 21.19
CA VAL B 561 -60.88 -38.09 19.90
C VAL B 561 -59.45 -38.27 19.56
N MET B 562 -59.22 -38.41 18.27
CA MET B 562 -57.90 -38.56 17.76
C MET B 562 -57.65 -37.32 16.92
N VAL B 563 -56.41 -36.87 16.87
CA VAL B 563 -56.02 -35.73 16.05
C VAL B 563 -54.85 -36.26 15.22
N PRO B 564 -55.01 -36.27 13.89
CA PRO B 564 -54.04 -36.75 12.90
C PRO B 564 -52.67 -36.10 12.93
N ALA B 565 -51.66 -36.88 13.30
CA ALA B 565 -50.30 -36.39 13.36
C ALA B 565 -49.26 -37.43 12.90
N THR B 566 -48.81 -37.29 11.67
CA THR B 566 -47.76 -38.13 11.07
C THR B 566 -47.33 -37.43 9.83
N VAL B 567 -46.08 -37.63 9.46
CA VAL B 567 -45.56 -37.00 8.28
C VAL B 567 -46.18 -37.69 7.06
N SER B 568 -46.67 -38.90 7.26
CA SER B 568 -47.25 -39.69 6.17
C SER B 568 -48.53 -39.15 5.57
N ASN B 569 -49.41 -38.64 6.42
CA ASN B 569 -50.72 -38.11 6.01
C ASN B 569 -51.57 -39.27 5.52
N ASN B 570 -51.62 -40.32 6.33
CA ASN B 570 -52.34 -41.53 6.00
C ASN B 570 -53.48 -41.82 6.95
N VAL B 571 -53.76 -40.90 7.86
CA VAL B 571 -54.83 -41.14 8.82
C VAL B 571 -56.18 -41.08 8.12
N PRO B 572 -56.99 -42.13 8.25
CA PRO B 572 -58.31 -42.16 7.62
C PRO B 572 -59.22 -41.09 8.23
N GLY B 573 -59.87 -40.31 7.39
CA GLY B 573 -60.76 -39.30 7.92
C GLY B 573 -60.25 -37.87 7.93
N SER B 574 -59.03 -37.66 7.45
CA SER B 574 -58.48 -36.32 7.39
C SER B 574 -57.61 -36.16 6.16
N ASP B 575 -57.77 -35.03 5.47
CA ASP B 575 -56.98 -34.78 4.27
C ASP B 575 -55.55 -34.35 4.62
N PHE B 576 -55.34 -33.90 5.86
CA PHE B 576 -54.02 -33.46 6.29
C PHE B 576 -53.60 -33.96 7.66
N SER B 577 -52.29 -33.98 7.88
CA SER B 577 -51.71 -34.41 9.15
C SER B 577 -50.81 -33.34 9.71
N ILE B 578 -50.66 -33.37 11.02
CA ILE B 578 -49.77 -32.44 11.67
C ILE B 578 -48.42 -33.04 11.35
N GLY B 579 -47.49 -32.22 10.88
CA GLY B 579 -46.18 -32.73 10.57
C GLY B 579 -45.98 -33.00 9.09
N ALA B 580 -47.06 -33.05 8.34
CA ALA B 580 -46.98 -33.29 6.92
C ALA B 580 -46.37 -32.09 6.19
N ASP B 581 -46.82 -30.89 6.52
CA ASP B 581 -46.27 -29.71 5.86
C ASP B 581 -44.78 -29.61 6.15
N THR B 582 -44.41 -29.83 7.40
CA THR B 582 -43.02 -29.75 7.79
C THR B 582 -42.14 -30.67 6.95
N ALA B 583 -42.61 -31.89 6.77
CA ALA B 583 -41.86 -32.88 6.01
C ALA B 583 -41.74 -32.49 4.54
N LEU B 584 -42.84 -31.99 3.98
CA LEU B 584 -42.90 -31.55 2.60
C LEU B 584 -41.89 -30.44 2.36
N ASN B 585 -41.79 -29.54 3.33
CA ASN B 585 -40.85 -28.44 3.24
C ASN B 585 -39.42 -28.96 3.35
N THR B 586 -39.23 -30.04 4.09
CA THR B 586 -37.91 -30.65 4.21
C THR B 586 -37.48 -31.13 2.82
N ILE B 587 -38.42 -31.70 2.08
CA ILE B 587 -38.16 -32.19 0.74
C ILE B 587 -37.79 -31.07 -0.21
N THR B 588 -38.67 -30.08 -0.36
CA THR B 588 -38.38 -28.97 -1.27
C THR B 588 -37.07 -28.29 -0.89
N ASP B 589 -36.76 -28.22 0.39
CA ASP B 589 -35.52 -27.58 0.84
C ASP B 589 -34.31 -28.35 0.37
N THR B 590 -34.39 -29.66 0.38
CA THR B 590 -33.30 -30.49 -0.05
C THR B 590 -33.13 -30.42 -1.55
N CYS B 591 -34.24 -30.31 -2.26
CA CYS B 591 -34.18 -30.21 -3.71
C CYS B 591 -33.67 -28.86 -4.16
N ASP B 592 -34.00 -27.82 -3.41
CA ASP B 592 -33.53 -26.49 -3.76
C ASP B 592 -32.01 -26.52 -3.76
N ARG B 593 -31.44 -26.91 -2.63
CA ARG B 593 -29.98 -27.00 -2.48
C ARG B 593 -29.36 -27.80 -3.62
N ILE B 594 -29.86 -29.01 -3.85
CA ILE B 594 -29.37 -29.88 -4.91
C ILE B 594 -29.30 -29.19 -6.27
N LYS B 595 -30.24 -28.30 -6.55
CA LYS B 595 -30.26 -27.58 -7.82
C LYS B 595 -29.24 -26.43 -7.86
N GLN B 596 -29.37 -25.51 -6.91
CA GLN B 596 -28.47 -24.35 -6.85
C GLN B 596 -26.96 -24.64 -6.89
N SER B 597 -26.58 -25.91 -6.76
CA SER B 597 -25.16 -26.28 -6.79
C SER B 597 -24.72 -26.65 -8.21
N ALA B 598 -23.66 -25.99 -8.69
CA ALA B 598 -23.14 -26.22 -10.03
C ALA B 598 -22.23 -27.43 -10.20
N SER B 599 -22.36 -28.09 -11.35
CA SER B 599 -21.57 -29.28 -11.67
C SER B 599 -20.75 -29.04 -12.93
N GLY B 600 -20.63 -27.77 -13.31
CA GLY B 600 -19.87 -27.46 -14.50
C GLY B 600 -20.74 -27.70 -15.71
N THR B 601 -20.19 -28.38 -16.72
CA THR B 601 -20.94 -28.68 -17.94
C THR B 601 -21.75 -29.96 -17.78
N LYS B 602 -21.56 -30.67 -16.67
CA LYS B 602 -22.25 -31.93 -16.44
C LYS B 602 -23.73 -31.82 -16.08
N ARG B 603 -24.52 -32.67 -16.74
CA ARG B 603 -25.95 -32.75 -16.53
C ARG B 603 -26.12 -33.74 -15.39
N ARG B 604 -26.97 -33.43 -14.43
CA ARG B 604 -27.16 -34.32 -13.30
C ARG B 604 -28.61 -34.64 -12.98
N VAL B 605 -28.87 -35.89 -12.61
CA VAL B 605 -30.21 -36.33 -12.26
C VAL B 605 -30.19 -36.93 -10.86
N PHE B 606 -31.14 -36.52 -10.03
CA PHE B 606 -31.21 -36.97 -8.65
C PHE B 606 -32.38 -37.87 -8.32
N ILE B 607 -32.09 -39.00 -7.68
CA ILE B 607 -33.12 -39.93 -7.25
C ILE B 607 -33.24 -39.73 -5.75
N ILE B 608 -34.43 -39.35 -5.27
CA ILE B 608 -34.63 -39.11 -3.85
C ILE B 608 -35.75 -39.92 -3.25
N GLU B 609 -35.42 -40.72 -2.23
CA GLU B 609 -36.39 -41.55 -1.54
C GLU B 609 -37.04 -40.75 -0.43
N THR B 610 -38.37 -40.79 -0.34
CA THR B 610 -39.10 -40.04 0.68
C THR B 610 -39.78 -40.98 1.65
N MET B 611 -40.21 -40.46 2.79
CA MET B 611 -40.90 -41.26 3.78
C MET B 611 -42.36 -41.42 3.40
N GLY B 612 -43.16 -41.98 4.29
CA GLY B 612 -44.58 -42.15 4.03
C GLY B 612 -45.09 -43.58 4.10
N GLY B 613 -44.16 -44.52 4.16
CA GLY B 613 -44.57 -45.91 4.22
C GLY B 613 -45.18 -46.24 2.89
N TYR B 614 -46.48 -46.51 2.87
CA TYR B 614 -47.16 -46.84 1.63
C TYR B 614 -47.88 -45.64 1.05
N CYS B 615 -48.04 -44.61 1.87
CA CYS B 615 -48.72 -43.41 1.45
C CYS B 615 -47.79 -42.51 0.65
N GLY B 616 -48.03 -42.44 -0.66
CA GLY B 616 -47.22 -41.61 -1.50
C GLY B 616 -47.54 -40.12 -1.45
N TYR B 617 -48.19 -39.66 -0.37
CA TYR B 617 -48.52 -38.23 -0.26
C TYR B 617 -47.24 -37.41 -0.36
N LEU B 618 -46.29 -37.69 0.53
CA LEU B 618 -45.05 -36.96 0.53
C LEU B 618 -44.37 -37.00 -0.82
N ALA B 619 -44.18 -38.21 -1.33
CA ALA B 619 -43.53 -38.38 -2.62
C ALA B 619 -44.21 -37.61 -3.74
N ASN B 620 -45.53 -37.75 -3.84
CA ASN B 620 -46.30 -37.09 -4.89
C ASN B 620 -46.35 -35.58 -4.76
N MET B 621 -46.84 -35.09 -3.62
CA MET B 621 -46.95 -33.64 -3.40
C MET B 621 -45.56 -33.00 -3.38
N GLY B 622 -44.60 -33.72 -2.84
CA GLY B 622 -43.26 -33.20 -2.80
C GLY B 622 -42.79 -33.08 -4.23
N GLY B 623 -43.08 -34.12 -5.02
CA GLY B 623 -42.69 -34.12 -6.41
C GLY B 623 -43.26 -32.92 -7.13
N LEU B 624 -44.55 -32.66 -6.92
CA LEU B 624 -45.21 -31.52 -7.54
C LEU B 624 -44.54 -30.23 -7.12
N ALA B 625 -44.34 -30.07 -5.80
CA ALA B 625 -43.74 -28.88 -5.22
C ALA B 625 -42.29 -28.60 -5.62
N ALA B 626 -41.50 -29.65 -5.81
CA ALA B 626 -40.11 -29.50 -6.20
C ALA B 626 -39.91 -29.58 -7.70
N GLY B 627 -40.98 -29.87 -8.42
CA GLY B 627 -40.93 -29.97 -9.87
C GLY B 627 -40.14 -31.16 -10.36
N ALA B 628 -40.55 -32.35 -9.96
CA ALA B 628 -39.87 -33.58 -10.36
C ALA B 628 -40.45 -34.14 -11.64
N ASP B 629 -39.61 -34.84 -12.41
CA ASP B 629 -40.03 -35.45 -13.67
C ASP B 629 -40.99 -36.61 -13.39
N ALA B 630 -40.73 -37.33 -12.31
CA ALA B 630 -41.55 -38.47 -11.96
C ALA B 630 -41.47 -38.76 -10.47
N ALA B 631 -42.54 -39.33 -9.94
CA ALA B 631 -42.60 -39.67 -8.53
C ALA B 631 -43.20 -41.05 -8.39
N TYR B 632 -42.36 -42.06 -8.27
CA TYR B 632 -42.84 -43.43 -8.14
C TYR B 632 -43.51 -43.66 -6.79
N ILE B 633 -44.78 -44.03 -6.83
CA ILE B 633 -45.50 -44.27 -5.59
C ILE B 633 -46.16 -45.62 -5.65
N PHE B 634 -46.62 -46.07 -4.49
CA PHE B 634 -47.29 -47.37 -4.34
C PHE B 634 -48.68 -47.38 -4.94
N GLU B 635 -49.44 -46.33 -4.68
CA GLU B 635 -50.80 -46.19 -5.16
C GLU B 635 -50.96 -46.29 -6.69
N GLU B 636 -49.87 -46.10 -7.42
CA GLU B 636 -49.92 -46.21 -8.88
C GLU B 636 -48.84 -47.19 -9.30
N PRO B 637 -49.20 -48.47 -9.42
CA PRO B 637 -48.27 -49.52 -9.83
C PRO B 637 -47.60 -49.25 -11.16
N PHE B 638 -46.36 -49.70 -11.29
CA PHE B 638 -45.61 -49.49 -12.53
C PHE B 638 -44.74 -50.70 -12.79
N ASP B 639 -44.38 -50.89 -14.06
CA ASP B 639 -43.54 -52.02 -14.44
C ASP B 639 -42.29 -51.51 -15.13
N ILE B 640 -41.41 -52.43 -15.54
CA ILE B 640 -40.17 -52.05 -16.18
C ILE B 640 -40.36 -51.25 -17.47
N ARG B 641 -41.50 -51.42 -18.12
CA ARG B 641 -41.76 -50.68 -19.35
C ARG B 641 -42.02 -49.22 -19.08
N ASP B 642 -42.89 -48.96 -18.11
CA ASP B 642 -43.23 -47.57 -17.74
C ASP B 642 -41.94 -46.89 -17.27
N LEU B 643 -41.17 -47.65 -16.50
CA LEU B 643 -39.91 -47.18 -15.97
C LEU B 643 -38.97 -46.78 -17.11
N GLN B 644 -38.83 -47.66 -18.09
CA GLN B 644 -37.96 -47.44 -19.23
C GLN B 644 -38.41 -46.21 -20.01
N SER B 645 -39.72 -46.06 -20.12
CA SER B 645 -40.30 -44.92 -20.82
C SER B 645 -39.93 -43.59 -20.16
N ASN B 646 -40.11 -43.49 -18.84
CA ASN B 646 -39.79 -42.26 -18.10
C ASN B 646 -38.33 -41.90 -18.19
N VAL B 647 -37.48 -42.91 -18.26
CA VAL B 647 -36.04 -42.66 -18.34
C VAL B 647 -35.76 -42.03 -19.68
N GLU B 648 -36.29 -42.63 -20.74
CA GLU B 648 -36.09 -42.08 -22.07
C GLU B 648 -36.63 -40.67 -22.15
N HIS B 649 -37.82 -40.47 -21.59
CA HIS B 649 -38.47 -39.17 -21.58
C HIS B 649 -37.59 -38.11 -20.91
N LEU B 650 -37.05 -38.43 -19.74
CA LEU B 650 -36.18 -37.49 -19.03
C LEU B 650 -34.81 -37.37 -19.69
N THR B 651 -34.33 -38.47 -20.27
CA THR B 651 -33.03 -38.47 -20.93
C THR B 651 -33.10 -37.47 -22.06
N GLU B 652 -34.28 -37.34 -22.64
CA GLU B 652 -34.46 -36.41 -23.73
C GLU B 652 -34.38 -34.99 -23.20
N LYS B 653 -35.14 -34.72 -22.14
CA LYS B 653 -35.13 -33.39 -21.56
C LYS B 653 -33.72 -32.98 -21.14
N MET B 654 -32.94 -33.94 -20.66
CA MET B 654 -31.56 -33.66 -20.24
C MET B 654 -30.67 -33.29 -21.41
N LYS B 655 -30.95 -33.87 -22.57
CA LYS B 655 -30.16 -33.59 -23.77
C LYS B 655 -30.33 -32.17 -24.24
N THR B 656 -31.44 -31.55 -23.86
CA THR B 656 -31.70 -30.18 -24.31
C THR B 656 -31.93 -29.15 -23.23
N THR B 657 -33.22 -28.90 -23.00
CA THR B 657 -33.76 -27.94 -22.06
C THR B 657 -33.29 -27.98 -20.59
N ILE B 658 -33.43 -29.12 -19.93
CA ILE B 658 -33.03 -29.24 -18.53
C ILE B 658 -31.52 -29.41 -18.31
N GLN B 659 -31.06 -28.93 -17.16
CA GLN B 659 -29.65 -29.01 -16.78
C GLN B 659 -29.57 -29.85 -15.49
N ARG B 660 -30.70 -29.92 -14.78
CA ARG B 660 -30.78 -30.66 -13.53
C ARG B 660 -32.10 -31.43 -13.41
N GLY B 661 -32.05 -32.77 -13.42
CA GLY B 661 -33.26 -33.57 -13.32
C GLY B 661 -33.58 -34.12 -11.95
N LEU B 662 -34.86 -34.26 -11.63
CA LEU B 662 -35.27 -34.77 -10.33
C LEU B 662 -36.30 -35.90 -10.36
N VAL B 663 -36.05 -36.97 -9.61
CA VAL B 663 -36.95 -38.12 -9.54
C VAL B 663 -37.18 -38.54 -8.08
N LEU B 664 -38.43 -38.61 -7.65
CA LEU B 664 -38.72 -39.00 -6.27
C LEU B 664 -39.27 -40.41 -6.20
N ARG B 665 -39.02 -41.09 -5.09
CA ARG B 665 -39.50 -42.46 -4.89
C ARG B 665 -39.97 -42.72 -3.48
N ASN B 666 -41.22 -43.17 -3.37
CA ASN B 666 -41.81 -43.48 -2.08
C ASN B 666 -41.05 -44.65 -1.46
N GLU B 667 -40.89 -44.65 -0.15
CA GLU B 667 -40.18 -45.72 0.56
C GLU B 667 -40.54 -47.12 0.09
N SER B 668 -41.85 -47.40 0.06
CA SER B 668 -42.34 -48.72 -0.27
C SER B 668 -43.18 -48.82 -1.53
N CYS B 669 -42.87 -48.00 -2.52
CA CYS B 669 -43.63 -48.01 -3.78
C CYS B 669 -43.54 -49.34 -4.52
N SER B 670 -42.50 -50.11 -4.21
CA SER B 670 -42.24 -51.41 -4.83
C SER B 670 -41.16 -52.08 -4.01
N GLU B 671 -41.17 -53.40 -3.90
CA GLU B 671 -40.13 -54.07 -3.14
C GLU B 671 -38.98 -54.52 -4.01
N ASN B 672 -39.25 -54.71 -5.30
CA ASN B 672 -38.20 -55.15 -6.22
C ASN B 672 -37.52 -53.96 -6.87
N TYR B 673 -38.30 -52.95 -7.25
CA TYR B 673 -37.72 -51.77 -7.87
C TYR B 673 -37.42 -50.78 -6.76
N THR B 674 -36.37 -51.09 -6.01
CA THR B 674 -35.92 -50.29 -4.89
C THR B 674 -35.33 -48.97 -5.35
N THR B 675 -34.89 -48.17 -4.38
CA THR B 675 -34.29 -46.89 -4.71
C THR B 675 -33.04 -47.13 -5.52
N ASP B 676 -32.22 -48.06 -5.09
CA ASP B 676 -30.99 -48.37 -5.80
C ASP B 676 -31.31 -48.89 -7.19
N PHE B 677 -32.33 -49.73 -7.30
CA PHE B 677 -32.69 -50.27 -8.61
C PHE B 677 -32.88 -49.11 -9.57
N ILE B 678 -33.79 -48.22 -9.22
CA ILE B 678 -34.10 -47.06 -10.03
C ILE B 678 -32.87 -46.20 -10.29
N TYR B 679 -32.02 -46.09 -9.28
CA TYR B 679 -30.80 -45.32 -9.41
C TYR B 679 -29.91 -45.98 -10.46
N GLN B 680 -29.76 -47.29 -10.34
CA GLN B 680 -28.95 -48.04 -11.26
C GLN B 680 -29.49 -47.94 -12.70
N LEU B 681 -30.81 -48.09 -12.86
CA LEU B 681 -31.42 -48.00 -14.19
C LEU B 681 -31.19 -46.64 -14.85
N TYR B 682 -31.61 -45.58 -14.18
CA TYR B 682 -31.43 -44.24 -14.71
C TYR B 682 -29.97 -43.95 -14.96
N SER B 683 -29.08 -44.51 -14.13
CA SER B 683 -27.64 -44.30 -14.29
C SER B 683 -27.10 -44.91 -15.56
N GLU B 684 -27.47 -46.16 -15.81
CA GLU B 684 -27.02 -46.86 -17.01
C GLU B 684 -27.59 -46.19 -18.26
N GLU B 685 -28.90 -45.96 -18.28
CA GLU B 685 -29.53 -45.33 -19.43
C GLU B 685 -29.07 -43.90 -19.71
N GLY B 686 -28.59 -43.21 -18.68
CA GLY B 686 -28.16 -41.84 -18.87
C GLY B 686 -26.71 -41.76 -19.29
N LYS B 687 -25.95 -42.85 -19.08
CA LYS B 687 -24.54 -42.89 -19.44
C LYS B 687 -24.34 -42.08 -20.72
N GLY B 688 -23.43 -41.10 -20.67
CA GLY B 688 -23.18 -40.29 -21.85
C GLY B 688 -23.96 -38.97 -21.91
N VAL B 689 -25.14 -38.91 -21.31
CA VAL B 689 -25.90 -37.68 -21.31
C VAL B 689 -26.04 -37.02 -19.93
N PHE B 690 -25.93 -37.81 -18.86
CA PHE B 690 -26.02 -37.27 -17.50
C PHE B 690 -25.63 -38.31 -16.49
N ASP B 691 -25.20 -37.89 -15.31
CA ASP B 691 -24.89 -38.87 -14.27
C ASP B 691 -25.92 -38.79 -13.14
N CYS B 692 -25.93 -39.80 -12.29
CA CYS B 692 -26.86 -39.84 -11.20
C CYS B 692 -26.28 -39.65 -9.82
N ARG B 693 -27.16 -39.29 -8.91
CA ARG B 693 -26.83 -39.12 -7.52
C ARG B 693 -28.07 -39.65 -6.83
N LYS B 694 -27.84 -40.49 -5.84
CA LYS B 694 -28.92 -41.11 -5.09
C LYS B 694 -28.97 -40.35 -3.78
N ASN B 695 -30.10 -40.40 -3.11
CA ASN B 695 -30.20 -39.72 -1.83
C ASN B 695 -31.46 -40.09 -1.07
N VAL B 696 -31.27 -40.71 0.09
CA VAL B 696 -32.37 -41.12 0.94
C VAL B 696 -32.54 -40.12 2.06
N LEU B 697 -33.62 -39.35 2.03
CA LEU B 697 -33.90 -38.35 3.05
C LEU B 697 -33.75 -38.96 4.44
N GLY B 698 -34.34 -40.14 4.61
CA GLY B 698 -34.24 -40.79 5.91
C GLY B 698 -35.12 -40.15 6.94
N HIS B 699 -35.26 -40.83 8.07
CA HIS B 699 -36.10 -40.36 9.17
C HIS B 699 -35.40 -39.43 10.17
N MET B 700 -34.24 -38.90 9.79
CA MET B 700 -33.54 -37.98 10.68
C MET B 700 -34.21 -36.61 10.58
N GLN B 701 -34.83 -36.37 9.43
CA GLN B 701 -35.52 -35.11 9.17
C GLN B 701 -37.02 -35.37 9.31
N GLN B 702 -37.37 -35.71 10.54
CA GLN B 702 -38.74 -36.02 10.95
C GLN B 702 -38.90 -35.43 12.35
N GLY B 703 -37.78 -34.95 12.89
CA GLY B 703 -37.79 -34.37 14.23
C GLY B 703 -37.27 -32.96 14.29
N GLY B 704 -37.15 -32.29 13.16
CA GLY B 704 -36.69 -30.91 13.15
C GLY B 704 -37.80 -30.01 13.66
N ALA B 705 -37.58 -28.71 13.73
CA ALA B 705 -38.60 -27.80 14.21
C ALA B 705 -39.79 -27.83 13.24
N PRO B 706 -41.01 -27.79 13.77
CA PRO B 706 -42.21 -27.80 12.92
C PRO B 706 -42.36 -26.49 12.17
N SER B 707 -42.88 -26.58 10.94
CA SER B 707 -43.10 -25.41 10.11
C SER B 707 -44.25 -24.60 10.68
N PRO B 708 -44.31 -23.30 10.38
CA PRO B 708 -45.40 -22.47 10.89
C PRO B 708 -46.74 -23.13 10.68
N PHE B 709 -46.99 -23.60 9.47
CA PHE B 709 -48.25 -24.24 9.17
C PHE B 709 -48.61 -25.33 10.17
N ASP B 710 -47.64 -26.16 10.56
CA ASP B 710 -47.93 -27.23 11.51
C ASP B 710 -48.13 -26.76 12.95
N ARG B 711 -47.33 -25.80 13.41
CA ARG B 711 -47.50 -25.36 14.79
C ARG B 711 -48.88 -24.76 14.95
N ASN B 712 -49.42 -24.22 13.86
CA ASN B 712 -50.75 -23.64 13.93
C ASN B 712 -51.81 -24.71 13.72
N PHE B 713 -51.51 -25.69 12.86
CA PHE B 713 -52.45 -26.77 12.60
C PHE B 713 -52.63 -27.50 13.92
N GLY B 714 -51.52 -27.90 14.51
CA GLY B 714 -51.56 -28.60 15.78
C GLY B 714 -52.28 -27.82 16.84
N THR B 715 -52.00 -26.53 16.93
CA THR B 715 -52.65 -25.68 17.93
C THR B 715 -54.16 -25.68 17.70
N LYS B 716 -54.57 -25.45 16.45
CA LYS B 716 -55.98 -25.35 16.09
C LYS B 716 -56.86 -26.60 16.26
N ILE B 717 -56.44 -27.78 15.80
CA ILE B 717 -57.30 -28.96 15.93
C ILE B 717 -57.35 -29.44 17.36
N SER B 718 -56.21 -29.40 18.02
CA SER B 718 -56.15 -29.84 19.40
C SER B 718 -57.15 -29.07 20.22
N ALA B 719 -57.30 -27.78 19.91
CA ALA B 719 -58.24 -26.95 20.64
C ALA B 719 -59.67 -27.35 20.32
N ARG B 720 -59.98 -27.56 19.05
CA ARG B 720 -61.33 -27.97 18.70
C ARG B 720 -61.67 -29.32 19.29
N ALA B 721 -60.66 -30.19 19.36
CA ALA B 721 -60.86 -31.51 19.91
C ALA B 721 -61.17 -31.42 21.41
N MET B 722 -60.45 -30.58 22.14
CA MET B 722 -60.69 -30.45 23.57
C MET B 722 -62.08 -29.89 23.81
N GLU B 723 -62.47 -28.94 22.97
CA GLU B 723 -63.77 -28.31 23.04
C GLU B 723 -64.85 -29.38 22.98
N TRP B 724 -64.62 -30.38 22.12
CA TRP B 724 -65.52 -31.50 21.93
C TRP B 724 -65.59 -32.32 23.22
N ILE B 725 -64.43 -32.65 23.78
CA ILE B 725 -64.36 -33.41 25.01
C ILE B 725 -65.14 -32.66 26.09
N THR B 726 -64.87 -31.38 26.22
CA THR B 726 -65.54 -30.57 27.21
C THR B 726 -67.04 -30.74 27.09
N ALA B 727 -67.56 -30.55 25.89
CA ALA B 727 -68.99 -30.67 25.64
C ALA B 727 -69.54 -32.07 25.90
N LYS B 728 -68.78 -33.10 25.53
CA LYS B 728 -69.23 -34.45 25.73
C LYS B 728 -69.37 -34.71 27.22
N LEU B 729 -68.48 -34.13 28.01
CA LEU B 729 -68.52 -34.31 29.45
C LEU B 729 -69.72 -33.60 30.05
N LYS B 730 -70.08 -32.45 29.50
CA LYS B 730 -71.24 -31.73 30.02
C LYS B 730 -72.50 -32.59 29.88
N GLU B 731 -72.47 -33.53 28.94
CA GLU B 731 -73.61 -34.40 28.76
C GLU B 731 -73.78 -35.23 30.03
N ALA B 732 -72.70 -35.33 30.80
CA ALA B 732 -72.71 -36.10 32.03
C ALA B 732 -73.38 -35.37 33.19
N ARG B 733 -73.55 -34.06 33.05
CA ARG B 733 -74.19 -33.29 34.11
C ARG B 733 -73.38 -33.29 35.39
N GLY B 734 -72.16 -33.83 35.32
CA GLY B 734 -71.30 -33.83 36.48
C GLY B 734 -71.41 -35.03 37.39
N ARG B 735 -72.32 -35.95 37.08
CA ARG B 735 -72.51 -37.15 37.88
C ARG B 735 -72.05 -38.35 37.05
N GLY B 736 -71.25 -38.06 36.02
CA GLY B 736 -70.71 -39.09 35.16
C GLY B 736 -71.69 -39.90 34.31
N LYS B 737 -71.39 -40.00 33.03
CA LYS B 737 -72.23 -40.73 32.10
C LYS B 737 -71.44 -41.88 31.49
N LYS B 738 -72.16 -42.84 30.91
CA LYS B 738 -71.52 -43.96 30.24
C LYS B 738 -71.69 -43.68 28.75
N PHE B 739 -70.60 -43.38 28.07
CA PHE B 739 -70.64 -43.05 26.64
C PHE B 739 -70.50 -44.29 25.78
N THR B 740 -71.63 -44.74 25.26
CA THR B 740 -71.67 -45.94 24.45
C THR B 740 -71.84 -45.64 22.99
N THR B 741 -72.49 -44.52 22.70
CA THR B 741 -72.72 -44.11 21.33
C THR B 741 -71.53 -44.32 20.41
N ASP B 742 -71.79 -44.39 19.11
CA ASP B 742 -70.75 -44.62 18.12
C ASP B 742 -69.90 -43.37 17.80
N ASP B 743 -70.51 -42.22 17.96
CA ASP B 743 -69.85 -40.94 17.69
C ASP B 743 -69.27 -40.32 18.95
N SER B 744 -68.66 -41.13 19.80
CA SER B 744 -68.07 -40.58 21.00
C SER B 744 -66.65 -41.14 21.07
N ILE B 745 -66.23 -41.68 19.93
CA ILE B 745 -64.91 -42.24 19.70
C ILE B 745 -64.69 -41.99 18.23
N CYS B 746 -64.05 -40.86 17.94
CA CYS B 746 -63.81 -40.43 16.57
C CYS B 746 -62.47 -39.80 16.24
N VAL B 747 -62.38 -39.43 14.98
CA VAL B 747 -61.22 -38.77 14.40
C VAL B 747 -61.70 -37.39 14.00
N LEU B 748 -60.96 -36.39 14.44
CA LEU B 748 -61.26 -35.01 14.11
C LEU B 748 -60.37 -34.81 12.88
N GLY B 749 -60.95 -34.45 11.75
CA GLY B 749 -60.12 -34.29 10.59
C GLY B 749 -60.63 -33.32 9.57
N ILE B 750 -59.82 -33.09 8.54
CA ILE B 750 -60.25 -32.19 7.50
C ILE B 750 -60.95 -33.06 6.48
N SER B 751 -62.25 -32.84 6.31
CA SER B 751 -63.03 -33.61 5.36
C SER B 751 -63.56 -32.69 4.28
N LYS B 752 -64.82 -32.86 3.90
CA LYS B 752 -65.44 -32.06 2.85
C LYS B 752 -64.81 -30.69 2.71
N ARG B 753 -65.20 -29.77 3.57
CA ARG B 753 -64.62 -28.44 3.52
C ARG B 753 -64.57 -27.97 4.94
N ASN B 754 -64.77 -28.93 5.85
CA ASN B 754 -64.78 -28.61 7.25
C ASN B 754 -63.98 -29.60 8.06
N VAL B 755 -63.77 -29.22 9.32
CA VAL B 755 -63.07 -30.05 10.27
C VAL B 755 -64.25 -30.70 10.98
N ILE B 756 -64.55 -31.93 10.62
CA ILE B 756 -65.65 -32.63 11.22
C ILE B 756 -65.21 -33.89 12.01
N PHE B 757 -65.95 -34.21 13.07
CA PHE B 757 -65.66 -35.38 13.88
C PHE B 757 -66.34 -36.58 13.23
N GLN B 758 -65.58 -37.62 12.96
CA GLN B 758 -66.13 -38.81 12.33
C GLN B 758 -65.89 -40.03 13.20
N PRO B 759 -66.96 -40.74 13.59
CA PRO B 759 -66.77 -41.94 14.41
C PRO B 759 -65.91 -43.00 13.76
N VAL B 760 -64.86 -43.40 14.47
CA VAL B 760 -63.92 -44.39 13.99
C VAL B 760 -64.59 -45.55 13.31
N ALA B 761 -65.76 -45.91 13.82
CA ALA B 761 -66.52 -47.03 13.29
C ALA B 761 -66.89 -46.92 11.82
N GLU B 762 -67.32 -45.75 11.37
CA GLU B 762 -67.72 -45.58 9.99
C GLU B 762 -66.55 -45.27 9.06
N LEU B 763 -65.35 -45.22 9.61
CA LEU B 763 -64.18 -44.94 8.81
C LEU B 763 -63.56 -46.25 8.30
N LYS B 764 -63.85 -47.35 8.99
CA LYS B 764 -63.32 -48.65 8.62
C LYS B 764 -63.68 -48.97 7.18
N LYS B 765 -64.92 -48.65 6.82
CA LYS B 765 -65.42 -48.88 5.48
C LYS B 765 -64.48 -48.35 4.39
N GLN B 766 -64.01 -47.13 4.58
CA GLN B 766 -63.17 -46.47 3.61
C GLN B 766 -61.68 -46.51 3.87
N THR B 767 -61.22 -47.58 4.52
CA THR B 767 -59.79 -47.68 4.80
C THR B 767 -59.24 -49.07 4.50
N ASP B 768 -58.04 -49.10 3.91
CA ASP B 768 -57.33 -50.33 3.57
C ASP B 768 -56.33 -50.64 4.69
N PHE B 769 -56.71 -51.52 5.61
CA PHE B 769 -55.85 -51.84 6.73
C PHE B 769 -54.61 -52.64 6.42
N GLU B 770 -54.49 -53.13 5.20
CA GLU B 770 -53.32 -53.90 4.83
C GLU B 770 -52.10 -53.01 4.60
N HIS B 771 -52.32 -51.86 3.97
CA HIS B 771 -51.23 -50.93 3.69
C HIS B 771 -51.35 -49.67 4.52
N ARG B 772 -52.35 -49.65 5.39
CA ARG B 772 -52.60 -48.52 6.28
C ARG B 772 -52.68 -47.18 5.60
N ILE B 773 -53.55 -47.10 4.60
CA ILE B 773 -53.78 -45.87 3.85
C ILE B 773 -55.26 -45.84 3.52
N PRO B 774 -55.86 -44.64 3.45
CA PRO B 774 -57.29 -44.56 3.13
C PRO B 774 -57.56 -45.10 1.72
N LYS B 775 -58.74 -45.67 1.50
CA LYS B 775 -59.09 -46.23 0.20
C LYS B 775 -59.17 -45.16 -0.89
N GLU B 776 -59.65 -43.97 -0.52
CA GLU B 776 -59.78 -42.89 -1.47
C GLU B 776 -58.89 -41.72 -1.05
N GLN B 777 -57.80 -41.52 -1.77
CA GLN B 777 -56.88 -40.44 -1.44
C GLN B 777 -57.06 -39.25 -2.35
N TRP B 778 -57.59 -38.17 -1.78
CA TRP B 778 -57.88 -36.97 -2.54
C TRP B 778 -56.75 -36.42 -3.42
N TRP B 779 -55.55 -36.33 -2.86
CA TRP B 779 -54.43 -35.80 -3.61
C TRP B 779 -54.09 -36.52 -4.90
N LEU B 780 -54.56 -37.76 -5.07
CA LEU B 780 -54.28 -38.51 -6.29
C LEU B 780 -54.84 -37.83 -7.52
N LYS B 781 -55.86 -37.00 -7.35
CA LYS B 781 -56.48 -36.30 -8.45
C LYS B 781 -55.50 -35.28 -9.02
N LEU B 782 -54.49 -34.96 -8.23
CA LEU B 782 -53.46 -34.00 -8.61
C LEU B 782 -52.29 -34.63 -9.34
N ARG B 783 -52.17 -35.95 -9.23
CA ARG B 783 -51.07 -36.64 -9.85
C ARG B 783 -50.92 -36.37 -11.35
N PRO B 784 -52.02 -36.39 -12.12
CA PRO B 784 -51.90 -36.12 -13.55
C PRO B 784 -51.41 -34.69 -13.85
N LEU B 785 -51.52 -33.82 -12.85
CA LEU B 785 -51.09 -32.44 -13.00
C LEU B 785 -49.57 -32.44 -12.97
N MET B 786 -49.01 -32.99 -11.90
CA MET B 786 -47.56 -33.07 -11.74
C MET B 786 -46.94 -33.64 -13.01
N LYS B 787 -47.61 -34.60 -13.63
CA LYS B 787 -47.09 -35.22 -14.84
C LYS B 787 -47.06 -34.29 -16.04
N ILE B 788 -48.21 -33.72 -16.42
CA ILE B 788 -48.23 -32.85 -17.58
C ILE B 788 -47.31 -31.66 -17.38
N LEU B 789 -47.07 -31.28 -16.13
CA LEU B 789 -46.16 -30.17 -15.87
C LEU B 789 -44.71 -30.58 -16.15
N ALA B 790 -44.47 -31.89 -16.19
CA ALA B 790 -43.14 -32.43 -16.46
C ALA B 790 -43.01 -32.71 -17.95
N LYS B 791 -44.01 -32.28 -18.69
CA LYS B 791 -44.09 -32.43 -20.13
C LYS B 791 -44.55 -33.82 -20.57
N TYR B 792 -45.38 -34.47 -19.75
CA TYR B 792 -45.89 -35.79 -20.11
C TYR B 792 -47.30 -35.58 -20.60
N LYS B 793 -47.86 -36.59 -21.24
CA LYS B 793 -49.21 -36.52 -21.74
C LYS B 793 -50.00 -37.48 -20.87
N ALA B 794 -50.71 -36.95 -19.88
CA ALA B 794 -51.49 -37.77 -18.96
C ALA B 794 -52.95 -37.35 -18.92
N SER B 795 -53.86 -38.31 -18.76
CA SER B 795 -55.27 -37.99 -18.69
C SER B 795 -55.50 -37.29 -17.37
N TYR B 796 -56.17 -36.15 -17.41
CA TYR B 796 -56.42 -35.39 -16.20
C TYR B 796 -57.89 -35.26 -15.89
N ASP B 797 -58.38 -36.08 -14.96
CA ASP B 797 -59.79 -36.01 -14.58
C ASP B 797 -59.96 -34.72 -13.80
N VAL B 798 -60.46 -33.69 -14.46
CA VAL B 798 -60.62 -32.42 -13.79
C VAL B 798 -62.07 -32.19 -13.38
N SER B 799 -62.74 -33.26 -12.97
CA SER B 799 -64.14 -33.17 -12.54
C SER B 799 -64.28 -32.44 -11.21
N ASP B 800 -63.33 -32.65 -10.31
CA ASP B 800 -63.36 -32.00 -9.01
C ASP B 800 -62.98 -30.52 -9.08
N SER B 801 -62.83 -29.99 -10.29
CA SER B 801 -62.46 -28.60 -10.47
C SER B 801 -63.44 -27.70 -9.71
N GLY B 802 -63.12 -26.42 -9.63
CA GLY B 802 -64.00 -25.51 -8.92
C GLY B 802 -65.16 -25.04 -9.75
N GLN B 803 -66.13 -24.45 -9.08
CA GLN B 803 -67.31 -23.92 -9.74
C GLN B 803 -67.83 -22.71 -8.98
N LEU B 804 -68.58 -21.88 -9.69
CA LEU B 804 -69.16 -20.67 -9.13
C LEU B 804 -69.80 -20.90 -7.75
N GLU B 805 -69.63 -19.92 -6.87
CA GLU B 805 -70.18 -19.93 -5.53
C GLU B 805 -70.11 -18.52 -5.00
N HIS B 806 -70.90 -18.22 -3.98
CA HIS B 806 -70.91 -16.87 -3.46
C HIS B 806 -70.22 -16.85 -2.14
N VAL B 807 -69.71 -15.69 -1.78
CA VAL B 807 -69.01 -15.58 -0.52
C VAL B 807 -69.96 -15.87 0.63
N GLN B 808 -69.53 -16.76 1.53
CA GLN B 808 -70.32 -17.15 2.69
C GLN B 808 -70.11 -16.14 3.81
N PRO B 809 -71.20 -15.50 4.27
CA PRO B 809 -71.15 -14.49 5.34
C PRO B 809 -71.40 -14.94 6.81
N ARG C 42 -16.95 -65.79 -44.41
CA ARG C 42 -17.42 -66.53 -43.22
C ARG C 42 -18.45 -67.63 -43.45
N LYS C 43 -18.39 -68.66 -42.60
CA LYS C 43 -19.31 -69.81 -42.64
C LYS C 43 -20.27 -69.77 -41.45
N PHE C 44 -21.53 -69.41 -41.70
CA PHE C 44 -22.52 -69.34 -40.62
C PHE C 44 -23.51 -70.50 -40.62
N LEU C 45 -23.87 -70.93 -39.41
CA LEU C 45 -24.78 -72.05 -39.16
C LEU C 45 -26.19 -71.91 -39.76
N GLU C 46 -26.77 -70.72 -39.68
CA GLU C 46 -28.10 -70.51 -40.22
C GLU C 46 -28.09 -70.41 -41.76
N HIS C 47 -26.89 -70.46 -42.35
CA HIS C 47 -26.74 -70.38 -43.81
C HIS C 47 -26.54 -71.75 -44.45
N LEU C 48 -26.55 -72.79 -43.62
CA LEU C 48 -26.39 -74.18 -44.08
C LEU C 48 -27.56 -75.02 -43.53
N SER C 49 -28.69 -74.97 -44.24
CA SER C 49 -29.91 -75.68 -43.87
C SER C 49 -29.79 -77.21 -44.04
N GLY C 50 -30.57 -77.95 -43.27
CA GLY C 50 -30.56 -79.39 -43.36
C GLY C 50 -32.00 -79.81 -43.54
N ALA C 51 -32.84 -78.86 -43.94
CA ALA C 51 -34.26 -79.11 -44.15
C ALA C 51 -34.46 -80.26 -45.14
N GLY C 52 -35.35 -81.19 -44.80
CA GLY C 52 -35.59 -82.34 -45.67
C GLY C 52 -34.79 -83.56 -45.28
N LYS C 53 -33.68 -83.36 -44.56
CA LYS C 53 -32.85 -84.48 -44.13
C LYS C 53 -33.38 -85.06 -42.81
N ALA C 54 -33.11 -86.34 -42.60
CA ALA C 54 -33.55 -87.03 -41.38
C ALA C 54 -32.34 -87.67 -40.69
N ILE C 55 -32.07 -87.25 -39.46
CA ILE C 55 -30.95 -87.78 -38.72
C ILE C 55 -31.35 -88.75 -37.63
N GLY C 56 -30.58 -89.82 -37.52
CA GLY C 56 -30.85 -90.82 -36.51
C GLY C 56 -29.65 -90.82 -35.58
N VAL C 57 -29.91 -90.77 -34.29
CA VAL C 57 -28.85 -90.78 -33.29
C VAL C 57 -29.10 -91.93 -32.31
N LEU C 58 -28.03 -92.61 -31.93
CA LEU C 58 -28.12 -93.74 -31.00
C LEU C 58 -26.85 -93.82 -30.16
N THR C 59 -26.99 -94.39 -28.96
CA THR C 59 -25.84 -94.53 -28.05
C THR C 59 -25.57 -96.01 -27.88
N SER C 60 -24.37 -96.45 -28.23
CA SER C 60 -24.05 -97.87 -28.14
C SER C 60 -22.89 -98.18 -27.19
N GLY C 61 -22.77 -99.45 -26.83
CA GLY C 61 -21.71 -99.90 -25.94
C GLY C 61 -22.06 -99.59 -24.51
N GLY C 62 -21.03 -99.51 -23.66
CA GLY C 62 -21.28 -99.21 -22.26
C GLY C 62 -21.66 -97.75 -22.13
N ASP C 63 -22.45 -97.41 -21.13
CA ASP C 63 -22.85 -96.01 -20.96
C ASP C 63 -21.69 -95.20 -20.41
N ALA C 64 -21.69 -93.91 -20.71
CA ALA C 64 -20.63 -93.01 -20.25
C ALA C 64 -21.19 -91.61 -19.99
N GLN C 65 -20.91 -91.07 -18.81
CA GLN C 65 -21.40 -89.75 -18.44
C GLN C 65 -21.09 -88.71 -19.51
N GLY C 66 -22.15 -88.06 -19.99
CA GLY C 66 -21.99 -87.05 -21.01
C GLY C 66 -22.74 -87.44 -22.27
N MET C 67 -23.21 -88.68 -22.33
CA MET C 67 -23.95 -89.13 -23.49
C MET C 67 -25.22 -88.31 -23.68
N ASN C 68 -25.96 -88.06 -22.61
CA ASN C 68 -27.17 -87.26 -22.73
C ASN C 68 -26.84 -85.85 -23.22
N ALA C 69 -25.80 -85.25 -22.67
CA ALA C 69 -25.37 -83.91 -23.11
C ALA C 69 -25.16 -83.93 -24.63
N ALA C 70 -24.61 -85.04 -25.12
CA ALA C 70 -24.33 -85.23 -26.53
C ALA C 70 -25.61 -85.31 -27.35
N VAL C 71 -26.52 -86.23 -27.03
CA VAL C 71 -27.75 -86.35 -27.80
C VAL C 71 -28.56 -85.05 -27.70
N ARG C 72 -28.53 -84.41 -26.52
CA ARG C 72 -29.26 -83.15 -26.33
C ARG C 72 -28.79 -82.17 -27.39
N ALA C 73 -27.47 -82.11 -27.57
CA ALA C 73 -26.85 -81.24 -28.54
C ALA C 73 -27.25 -81.63 -29.96
N VAL C 74 -27.09 -82.91 -30.29
CA VAL C 74 -27.44 -83.41 -31.60
C VAL C 74 -28.90 -83.11 -31.92
N VAL C 75 -29.82 -83.62 -31.09
CA VAL C 75 -31.25 -83.38 -31.29
C VAL C 75 -31.54 -81.91 -31.57
N ARG C 76 -31.22 -81.04 -30.62
CA ARG C 76 -31.48 -79.62 -30.81
C ARG C 76 -30.75 -78.96 -31.98
N MET C 77 -29.47 -79.28 -32.19
CA MET C 77 -28.75 -78.68 -33.30
C MET C 77 -29.39 -79.07 -34.62
N GLY C 78 -29.82 -80.32 -34.70
CA GLY C 78 -30.48 -80.78 -35.90
C GLY C 78 -31.78 -80.02 -36.10
N ILE C 79 -32.69 -80.15 -35.14
CA ILE C 79 -33.99 -79.47 -35.20
C ILE C 79 -33.82 -77.99 -35.55
N TYR C 80 -32.73 -77.38 -35.09
CA TYR C 80 -32.48 -75.96 -35.34
C TYR C 80 -32.14 -75.67 -36.80
N VAL C 81 -31.28 -76.49 -37.39
CA VAL C 81 -30.90 -76.31 -38.79
C VAL C 81 -32.02 -76.77 -39.75
N GLY C 82 -33.18 -77.09 -39.17
CA GLY C 82 -34.31 -77.52 -40.00
C GLY C 82 -34.41 -79.00 -40.32
N ALA C 83 -33.47 -79.79 -39.82
CA ALA C 83 -33.50 -81.23 -40.04
C ALA C 83 -34.54 -81.83 -39.09
N LYS C 84 -34.74 -83.14 -39.20
CA LYS C 84 -35.69 -83.82 -38.34
C LYS C 84 -34.89 -84.97 -37.73
N VAL C 85 -34.73 -84.97 -36.42
CA VAL C 85 -33.94 -86.01 -35.79
C VAL C 85 -34.77 -87.10 -35.09
N TYR C 86 -34.27 -88.34 -35.18
CA TYR C 86 -34.91 -89.52 -34.61
C TYR C 86 -34.05 -90.24 -33.59
N PHE C 87 -34.69 -90.67 -32.50
CA PHE C 87 -34.02 -91.42 -31.43
C PHE C 87 -33.97 -92.89 -31.87
N ILE C 88 -32.92 -93.60 -31.43
CA ILE C 88 -32.80 -95.02 -31.74
C ILE C 88 -32.37 -95.72 -30.45
N TYR C 89 -33.37 -96.11 -29.68
CA TYR C 89 -33.16 -96.76 -28.40
C TYR C 89 -32.35 -98.02 -28.42
N GLU C 90 -31.61 -98.23 -27.33
CA GLU C 90 -30.79 -99.42 -27.14
C GLU C 90 -29.65 -99.62 -28.13
N GLY C 91 -29.07 -98.52 -28.62
CA GLY C 91 -27.97 -98.65 -29.57
C GLY C 91 -28.37 -99.44 -30.81
N TYR C 92 -27.47 -100.27 -31.32
CA TYR C 92 -27.77 -101.06 -32.51
C TYR C 92 -28.95 -102.01 -32.36
N GLN C 93 -29.12 -102.58 -31.16
CA GLN C 93 -30.24 -103.49 -30.89
C GLN C 93 -31.52 -102.84 -31.38
N GLY C 94 -31.83 -101.66 -30.83
CA GLY C 94 -33.04 -100.96 -31.23
C GLY C 94 -33.14 -100.70 -32.72
N MET C 95 -32.00 -100.61 -33.41
CA MET C 95 -32.01 -100.36 -34.86
C MET C 95 -32.40 -101.63 -35.62
N VAL C 96 -31.89 -102.77 -35.14
CA VAL C 96 -32.21 -104.06 -35.74
C VAL C 96 -33.71 -104.30 -35.52
N ASP C 97 -34.13 -104.26 -34.25
CA ASP C 97 -35.52 -104.46 -33.85
C ASP C 97 -36.48 -103.53 -34.59
N GLY C 98 -36.08 -102.26 -34.70
CA GLY C 98 -36.91 -101.29 -35.38
C GLY C 98 -38.27 -101.11 -34.70
N GLY C 99 -39.21 -100.53 -35.44
CA GLY C 99 -40.53 -100.29 -34.88
C GLY C 99 -40.55 -99.10 -33.93
N SER C 100 -41.07 -99.30 -32.72
CA SER C 100 -41.13 -98.23 -31.74
C SER C 100 -39.75 -97.89 -31.15
N ASN C 101 -38.75 -98.71 -31.45
CA ASN C 101 -37.39 -98.47 -30.97
C ASN C 101 -36.81 -97.26 -31.70
N ILE C 102 -37.59 -96.70 -32.61
CA ILE C 102 -37.17 -95.52 -33.37
C ILE C 102 -38.32 -94.51 -33.34
N ALA C 103 -38.11 -93.41 -32.62
CA ALA C 103 -39.13 -92.38 -32.51
C ALA C 103 -38.53 -91.04 -32.86
N GLU C 104 -39.37 -90.13 -33.36
CA GLU C 104 -38.89 -88.80 -33.69
C GLU C 104 -38.73 -88.05 -32.37
N ALA C 105 -37.71 -87.21 -32.31
CA ALA C 105 -37.43 -86.44 -31.10
C ALA C 105 -37.68 -84.97 -31.36
N ASP C 106 -38.31 -84.31 -30.40
CA ASP C 106 -38.58 -82.88 -30.52
C ASP C 106 -37.71 -82.12 -29.49
N TRP C 107 -37.77 -80.79 -29.54
CA TRP C 107 -36.98 -79.96 -28.63
C TRP C 107 -37.08 -80.33 -27.16
N GLU C 108 -38.24 -80.77 -26.70
CA GLU C 108 -38.39 -81.11 -25.30
C GLU C 108 -37.93 -82.50 -24.92
N SER C 109 -37.69 -83.34 -25.92
CA SER C 109 -37.25 -84.70 -25.68
C SER C 109 -35.98 -84.70 -24.84
N VAL C 110 -35.00 -83.91 -25.28
CA VAL C 110 -33.72 -83.82 -24.59
C VAL C 110 -33.70 -82.70 -23.53
N SER C 111 -34.87 -82.33 -23.03
CA SER C 111 -34.93 -81.27 -22.03
C SER C 111 -34.52 -81.75 -20.64
N SER C 112 -33.59 -81.01 -20.04
CA SER C 112 -33.08 -81.31 -18.70
C SER C 112 -32.48 -82.70 -18.52
N ILE C 113 -31.51 -83.05 -19.35
CA ILE C 113 -30.85 -84.34 -19.26
C ILE C 113 -29.36 -84.07 -19.27
N LEU C 114 -29.01 -82.80 -19.28
CA LEU C 114 -27.63 -82.37 -19.30
C LEU C 114 -26.83 -82.89 -18.12
N GLN C 115 -27.40 -82.73 -16.92
CA GLN C 115 -26.75 -83.17 -15.68
C GLN C 115 -27.01 -84.63 -15.35
N VAL C 116 -27.40 -85.42 -16.35
CA VAL C 116 -27.70 -86.83 -16.12
C VAL C 116 -26.71 -87.83 -16.69
N GLY C 117 -26.29 -88.75 -15.82
CA GLY C 117 -25.35 -89.78 -16.23
C GLY C 117 -26.04 -90.81 -17.12
N GLY C 118 -25.27 -91.71 -17.70
CA GLY C 118 -25.88 -92.71 -18.56
C GLY C 118 -26.49 -92.09 -19.82
N THR C 119 -27.56 -92.72 -20.30
CA THR C 119 -28.24 -92.26 -21.52
C THR C 119 -29.74 -92.58 -21.50
N ILE C 120 -30.56 -91.55 -21.70
CA ILE C 120 -32.02 -91.73 -21.74
C ILE C 120 -32.46 -92.53 -22.96
N ILE C 121 -31.57 -92.63 -23.94
CA ILE C 121 -31.83 -93.39 -25.16
C ILE C 121 -31.56 -94.86 -24.87
N GLY C 122 -30.68 -95.09 -23.89
CA GLY C 122 -30.31 -96.44 -23.55
C GLY C 122 -29.20 -96.89 -24.46
N SER C 123 -28.28 -97.68 -23.91
CA SER C 123 -27.15 -98.19 -24.66
C SER C 123 -26.94 -99.64 -24.25
N ALA C 124 -26.72 -100.50 -25.24
CA ALA C 124 -26.50 -101.91 -24.96
C ALA C 124 -25.60 -102.52 -26.02
N ARG C 125 -25.44 -103.84 -25.92
CA ARG C 125 -24.64 -104.59 -26.86
C ARG C 125 -25.62 -105.37 -27.72
N CYS C 126 -25.44 -105.27 -29.04
CA CYS C 126 -26.31 -105.95 -29.97
C CYS C 126 -25.53 -107.05 -30.65
N GLN C 127 -25.89 -108.29 -30.36
CA GLN C 127 -25.18 -109.40 -30.98
C GLN C 127 -25.66 -109.58 -32.42
N ALA C 128 -26.94 -109.28 -32.62
CA ALA C 128 -27.54 -109.42 -33.94
C ALA C 128 -26.80 -108.57 -34.98
N PHE C 129 -26.29 -107.42 -34.56
CA PHE C 129 -25.58 -106.53 -35.48
C PHE C 129 -24.19 -107.07 -35.88
N ARG C 130 -23.69 -108.07 -35.14
CA ARG C 130 -22.38 -108.66 -35.45
C ARG C 130 -22.52 -109.47 -36.75
N THR C 131 -23.74 -109.93 -37.00
CA THR C 131 -24.09 -110.75 -38.16
C THR C 131 -24.58 -109.98 -39.39
N ARG C 132 -24.57 -110.67 -40.53
CA ARG C 132 -25.03 -110.08 -41.79
C ARG C 132 -26.56 -109.92 -41.78
N GLU C 133 -27.26 -110.80 -41.04
CA GLU C 133 -28.72 -110.75 -40.95
C GLU C 133 -29.15 -109.54 -40.15
N GLY C 134 -28.38 -109.23 -39.11
CA GLY C 134 -28.69 -108.08 -38.28
C GLY C 134 -28.58 -106.82 -39.10
N ARG C 135 -27.40 -106.61 -39.70
CA ARG C 135 -27.15 -105.43 -40.53
C ARG C 135 -28.26 -105.20 -41.56
N LEU C 136 -28.74 -106.29 -42.14
CA LEU C 136 -29.82 -106.21 -43.14
C LEU C 136 -31.13 -105.76 -42.50
N LYS C 137 -31.53 -106.43 -41.43
CA LYS C 137 -32.77 -106.09 -40.74
C LYS C 137 -32.76 -104.62 -40.32
N ALA C 138 -31.58 -104.16 -39.90
CA ALA C 138 -31.39 -102.78 -39.47
C ALA C 138 -31.54 -101.82 -40.65
N ALA C 139 -30.73 -102.03 -41.70
CA ALA C 139 -30.78 -101.17 -42.88
C ALA C 139 -32.22 -101.04 -43.40
N CYS C 140 -33.02 -102.06 -43.13
CA CYS C 140 -34.41 -102.07 -43.58
C CYS C 140 -35.24 -101.07 -42.78
N ASN C 141 -35.18 -101.19 -41.46
CA ASN C 141 -35.94 -100.29 -40.58
C ASN C 141 -35.51 -98.83 -40.79
N LEU C 142 -34.22 -98.62 -41.06
CA LEU C 142 -33.70 -97.28 -41.30
C LEU C 142 -34.33 -96.72 -42.56
N LEU C 143 -34.32 -97.53 -43.63
CA LEU C 143 -34.90 -97.15 -44.92
C LEU C 143 -36.41 -96.96 -44.80
N GLN C 144 -37.03 -97.81 -43.97
CA GLN C 144 -38.46 -97.76 -43.74
C GLN C 144 -38.88 -96.44 -43.08
N ARG C 145 -37.90 -95.72 -42.52
CA ARG C 145 -38.17 -94.44 -41.85
C ARG C 145 -37.52 -93.23 -42.55
N GLY C 146 -36.87 -93.47 -43.68
CA GLY C 146 -36.24 -92.40 -44.44
C GLY C 146 -34.98 -91.82 -43.82
N ILE C 147 -34.35 -92.59 -42.94
CA ILE C 147 -33.14 -92.16 -42.25
C ILE C 147 -31.86 -92.63 -42.98
N THR C 148 -31.17 -91.68 -43.62
CA THR C 148 -29.93 -91.97 -44.34
C THR C 148 -28.73 -91.26 -43.69
N ASN C 149 -29.02 -90.47 -42.67
CA ASN C 149 -27.99 -89.72 -41.93
C ASN C 149 -27.92 -90.28 -40.51
N LEU C 150 -26.76 -90.84 -40.16
CA LEU C 150 -26.56 -91.50 -38.88
C LEU C 150 -25.49 -90.90 -37.97
N CYS C 151 -25.80 -90.81 -36.68
CA CYS C 151 -24.88 -90.31 -35.67
C CYS C 151 -24.71 -91.35 -34.56
N VAL C 152 -23.57 -92.04 -34.58
CA VAL C 152 -23.31 -93.06 -33.59
C VAL C 152 -22.40 -92.55 -32.48
N ILE C 153 -22.91 -92.65 -31.25
CA ILE C 153 -22.17 -92.22 -30.07
C ILE C 153 -21.82 -93.46 -29.26
N GLY C 154 -20.53 -93.83 -29.31
CA GLY C 154 -20.09 -95.01 -28.58
C GLY C 154 -18.58 -95.13 -28.60
N GLY C 155 -18.10 -96.32 -28.24
CA GLY C 155 -16.66 -96.57 -28.19
C GLY C 155 -16.11 -97.31 -29.40
N ASP C 156 -14.84 -97.68 -29.28
CA ASP C 156 -14.12 -98.39 -30.33
C ASP C 156 -15.00 -99.38 -31.09
N GLY C 157 -15.72 -100.22 -30.34
CA GLY C 157 -16.59 -101.20 -30.96
C GLY C 157 -17.68 -100.56 -31.79
N SER C 158 -18.64 -99.93 -31.13
CA SER C 158 -19.76 -99.29 -31.80
C SER C 158 -19.30 -98.58 -33.07
N LEU C 159 -18.17 -97.90 -32.98
CA LEU C 159 -17.63 -97.17 -34.12
C LEU C 159 -17.09 -98.05 -35.26
N THR C 160 -16.31 -99.08 -34.93
CA THR C 160 -15.80 -99.96 -35.99
C THR C 160 -17.00 -100.65 -36.65
N GLY C 161 -18.00 -101.04 -35.85
CA GLY C 161 -19.20 -101.67 -36.38
C GLY C 161 -19.95 -100.74 -37.32
N ALA C 162 -19.94 -99.45 -37.00
CA ALA C 162 -20.60 -98.44 -37.81
C ALA C 162 -19.84 -98.32 -39.14
N ASN C 163 -18.53 -98.26 -39.05
CA ASN C 163 -17.68 -98.18 -40.23
C ASN C 163 -18.04 -99.30 -41.20
N LEU C 164 -18.05 -100.54 -40.71
CA LEU C 164 -18.38 -101.71 -41.51
C LEU C 164 -19.79 -101.60 -42.12
N PHE C 165 -20.74 -101.10 -41.33
CA PHE C 165 -22.12 -100.94 -41.81
C PHE C 165 -22.14 -100.01 -43.02
N ARG C 166 -21.23 -99.05 -43.06
CA ARG C 166 -21.13 -98.10 -44.18
C ARG C 166 -20.68 -98.81 -45.44
N LYS C 167 -19.69 -99.69 -45.29
CA LYS C 167 -19.16 -100.47 -46.41
C LYS C 167 -20.26 -101.31 -47.05
N GLU C 168 -20.84 -102.19 -46.22
CA GLU C 168 -21.90 -103.08 -46.65
C GLU C 168 -23.21 -102.40 -47.05
N TRP C 169 -23.30 -101.09 -46.82
CA TRP C 169 -24.53 -100.36 -47.15
C TRP C 169 -25.08 -100.70 -48.54
N SER C 170 -24.35 -100.28 -49.57
CA SER C 170 -24.75 -100.56 -50.94
C SER C 170 -25.08 -102.05 -51.06
N GLY C 171 -24.18 -102.88 -50.54
CA GLY C 171 -24.38 -104.33 -50.58
C GLY C 171 -25.64 -104.83 -49.91
N LEU C 172 -26.05 -104.18 -48.82
CA LEU C 172 -27.25 -104.58 -48.09
C LEU C 172 -28.52 -104.16 -48.81
N LEU C 173 -28.48 -103.03 -49.52
CA LEU C 173 -29.65 -102.56 -50.25
C LEU C 173 -29.92 -103.46 -51.44
N GLU C 174 -28.89 -104.11 -51.94
CA GLU C 174 -29.04 -105.03 -53.07
C GLU C 174 -29.89 -106.19 -52.56
N GLU C 175 -29.32 -106.92 -51.61
CA GLU C 175 -29.97 -108.08 -51.01
C GLU C 175 -31.39 -107.80 -50.52
N LEU C 176 -31.68 -106.55 -50.18
CA LEU C 176 -33.03 -106.20 -49.69
C LEU C 176 -34.01 -105.97 -50.84
N ALA C 177 -33.54 -105.36 -51.93
CA ALA C 177 -34.38 -105.09 -53.09
C ALA C 177 -34.60 -106.41 -53.81
N ARG C 178 -33.57 -107.25 -53.76
CA ARG C 178 -33.56 -108.57 -54.38
C ARG C 178 -34.62 -109.48 -53.75
N ASN C 179 -34.71 -109.44 -52.42
CA ASN C 179 -35.67 -110.26 -51.68
C ASN C 179 -37.01 -109.54 -51.51
N GLY C 180 -37.20 -108.51 -52.33
CA GLY C 180 -38.43 -107.74 -52.31
C GLY C 180 -38.89 -107.19 -50.96
N GLN C 181 -37.95 -106.72 -50.15
CA GLN C 181 -38.30 -106.16 -48.85
C GLN C 181 -38.25 -104.64 -48.91
N ILE C 182 -37.66 -104.15 -50.00
CA ILE C 182 -37.57 -102.71 -50.22
C ILE C 182 -37.88 -102.42 -51.69
N ASP C 183 -38.18 -101.16 -51.97
CA ASP C 183 -38.51 -100.72 -53.31
C ASP C 183 -37.27 -100.81 -54.22
N LYS C 184 -37.50 -101.07 -55.50
CA LYS C 184 -36.42 -101.18 -56.48
C LYS C 184 -35.78 -99.80 -56.73
N GLU C 185 -36.60 -98.75 -56.65
CA GLU C 185 -36.13 -97.39 -56.86
C GLU C 185 -35.58 -96.79 -55.57
N ALA C 186 -36.06 -97.29 -54.43
CA ALA C 186 -35.60 -96.80 -53.14
C ALA C 186 -34.13 -97.14 -52.97
N VAL C 187 -33.65 -98.13 -53.73
CA VAL C 187 -32.25 -98.54 -53.66
C VAL C 187 -31.32 -97.45 -54.23
N GLN C 188 -31.92 -96.47 -54.91
CA GLN C 188 -31.15 -95.36 -55.48
C GLN C 188 -31.25 -94.13 -54.58
N LYS C 189 -32.47 -93.83 -54.12
CA LYS C 189 -32.70 -92.68 -53.26
C LYS C 189 -31.86 -92.79 -51.99
N TYR C 190 -32.14 -93.82 -51.19
CA TYR C 190 -31.43 -94.05 -49.94
C TYR C 190 -30.12 -94.79 -50.25
N ALA C 191 -29.38 -94.29 -51.24
CA ALA C 191 -28.14 -94.92 -51.64
C ALA C 191 -26.91 -94.38 -50.91
N TYR C 192 -27.00 -93.18 -50.37
CA TYR C 192 -25.85 -92.60 -49.65
C TYR C 192 -26.09 -92.59 -48.15
N LEU C 193 -25.16 -93.21 -47.41
CA LEU C 193 -25.27 -93.29 -45.97
C LEU C 193 -24.27 -92.35 -45.30
N ASN C 194 -24.77 -91.27 -44.70
CA ASN C 194 -23.90 -90.31 -44.01
C ASN C 194 -23.71 -90.74 -42.57
N VAL C 195 -22.51 -91.21 -42.27
CA VAL C 195 -22.22 -91.65 -40.92
C VAL C 195 -21.17 -90.78 -40.27
N VAL C 196 -21.40 -90.47 -39.00
CA VAL C 196 -20.49 -89.66 -38.22
C VAL C 196 -20.53 -90.21 -36.79
N GLY C 197 -19.36 -90.30 -36.16
CA GLY C 197 -19.34 -90.84 -34.82
C GLY C 197 -18.70 -89.95 -33.78
N MET C 198 -19.10 -90.20 -32.53
CA MET C 198 -18.60 -89.48 -31.38
C MET C 198 -18.09 -90.54 -30.43
N VAL C 199 -16.84 -90.43 -29.99
CA VAL C 199 -16.32 -91.42 -29.07
C VAL C 199 -16.88 -91.15 -27.68
N GLY C 200 -17.76 -92.05 -27.23
CA GLY C 200 -18.37 -91.91 -25.93
C GLY C 200 -18.24 -93.18 -25.12
N SER C 201 -17.08 -93.35 -24.49
CA SER C 201 -16.80 -94.53 -23.68
C SER C 201 -15.79 -94.09 -22.63
N ILE C 202 -15.88 -94.68 -21.44
CA ILE C 202 -14.94 -94.30 -20.39
C ILE C 202 -13.59 -94.97 -20.59
N ASP C 203 -13.47 -95.81 -21.61
CA ASP C 203 -12.21 -96.50 -21.87
C ASP C 203 -11.17 -95.63 -22.59
N ASN C 204 -11.61 -94.91 -23.63
CA ASN C 204 -10.73 -94.05 -24.43
C ASN C 204 -9.86 -94.96 -25.30
N ASP C 205 -10.45 -96.10 -25.64
CA ASP C 205 -9.85 -97.15 -26.46
C ASP C 205 -9.95 -96.92 -27.98
N PHE C 206 -9.69 -95.70 -28.44
CA PHE C 206 -9.77 -95.40 -29.86
C PHE C 206 -8.59 -94.52 -30.25
N CYS C 207 -8.36 -94.38 -31.57
CA CYS C 207 -7.25 -93.57 -32.06
C CYS C 207 -7.67 -92.17 -32.54
N GLY C 208 -6.69 -91.36 -32.94
CA GLY C 208 -6.98 -90.02 -33.40
C GLY C 208 -7.98 -89.25 -32.55
N THR C 209 -8.22 -89.69 -31.31
CA THR C 209 -9.18 -89.03 -30.44
C THR C 209 -8.65 -88.82 -29.01
N ASP C 210 -7.75 -87.85 -28.85
CA ASP C 210 -7.14 -87.52 -27.55
C ASP C 210 -7.97 -87.99 -26.36
N MET C 211 -9.01 -87.21 -26.03
CA MET C 211 -9.92 -87.58 -24.95
C MET C 211 -11.30 -87.85 -25.52
N THR C 212 -12.03 -88.71 -24.83
CA THR C 212 -13.35 -89.10 -25.25
C THR C 212 -14.37 -88.65 -24.23
N ILE C 213 -15.65 -88.68 -24.61
CA ILE C 213 -16.72 -88.29 -23.70
C ILE C 213 -16.93 -89.37 -22.65
N GLY C 214 -16.76 -89.00 -21.38
CA GLY C 214 -16.95 -89.95 -20.30
C GLY C 214 -15.72 -90.19 -19.46
N THR C 215 -14.55 -89.95 -20.04
CA THR C 215 -13.33 -90.19 -19.29
C THR C 215 -13.16 -89.25 -18.11
N ASP C 216 -13.25 -87.94 -18.31
CA ASP C 216 -13.07 -87.03 -17.20
C ASP C 216 -14.04 -87.41 -16.06
N SER C 217 -15.25 -87.79 -16.42
CA SER C 217 -16.24 -88.17 -15.42
C SER C 217 -15.85 -89.43 -14.65
N ALA C 218 -15.36 -90.43 -15.38
CA ALA C 218 -14.94 -91.66 -14.74
C ALA C 218 -13.77 -91.32 -13.81
N LEU C 219 -12.85 -90.49 -14.28
CA LEU C 219 -11.70 -90.10 -13.48
C LEU C 219 -12.18 -89.49 -12.17
N HIS C 220 -13.23 -88.66 -12.25
CA HIS C 220 -13.80 -88.02 -11.05
C HIS C 220 -14.23 -89.12 -10.09
N ARG C 221 -15.04 -90.04 -10.57
CA ARG C 221 -15.49 -91.16 -9.74
C ARG C 221 -14.31 -91.87 -9.06
N ILE C 222 -13.26 -92.16 -9.86
CA ILE C 222 -12.06 -92.83 -9.37
C ILE C 222 -11.35 -92.05 -8.28
N ILE C 223 -10.97 -90.82 -8.60
CA ILE C 223 -10.27 -89.96 -7.63
C ILE C 223 -11.07 -89.70 -6.38
N GLU C 224 -12.40 -89.72 -6.50
CA GLU C 224 -13.26 -89.52 -5.35
C GLU C 224 -13.00 -90.62 -4.34
N VAL C 225 -12.91 -91.86 -4.84
CA VAL C 225 -12.64 -93.01 -3.98
C VAL C 225 -11.27 -92.88 -3.32
N VAL C 226 -10.25 -92.61 -4.13
CA VAL C 226 -8.90 -92.46 -3.64
C VAL C 226 -8.88 -91.41 -2.54
N ASP C 227 -9.50 -90.27 -2.81
CA ASP C 227 -9.53 -89.18 -1.84
C ASP C 227 -10.18 -89.63 -0.54
N ALA C 228 -11.22 -90.46 -0.66
CA ALA C 228 -11.94 -90.95 0.51
C ALA C 228 -11.06 -91.86 1.37
N ILE C 229 -10.11 -92.55 0.73
CA ILE C 229 -9.20 -93.44 1.44
C ILE C 229 -8.04 -92.65 2.05
N MET C 230 -7.69 -91.54 1.43
CA MET C 230 -6.60 -90.72 1.93
C MET C 230 -6.94 -89.88 3.15
N THR C 231 -8.22 -89.63 3.38
CA THR C 231 -8.61 -88.84 4.54
C THR C 231 -8.73 -89.73 5.77
N THR C 232 -8.50 -91.02 5.58
CA THR C 232 -8.55 -91.98 6.67
C THR C 232 -7.16 -92.15 7.25
N ALA C 233 -7.03 -92.01 8.56
CA ALA C 233 -5.74 -92.13 9.22
C ALA C 233 -5.54 -93.48 9.93
N GLN C 234 -4.36 -94.05 9.75
CA GLN C 234 -3.97 -95.30 10.39
C GLN C 234 -2.53 -95.12 10.86
N SER C 235 -2.16 -95.81 11.94
CA SER C 235 -0.81 -95.69 12.47
C SER C 235 0.17 -96.58 11.69
N HIS C 236 -0.27 -97.78 11.34
CA HIS C 236 0.58 -98.69 10.59
C HIS C 236 0.52 -98.42 9.09
N GLN C 237 1.51 -98.92 8.36
CA GLN C 237 1.60 -98.75 6.93
C GLN C 237 0.42 -99.43 6.23
N ARG C 238 -0.14 -98.75 5.24
CA ARG C 238 -1.25 -99.29 4.47
C ARG C 238 -0.95 -99.23 2.98
N THR C 239 -1.49 -100.18 2.25
CA THR C 239 -1.30 -100.22 0.80
C THR C 239 -2.65 -100.46 0.14
N PHE C 240 -3.04 -99.52 -0.71
CA PHE C 240 -4.32 -99.60 -1.39
C PHE C 240 -4.17 -99.98 -2.86
N VAL C 241 -4.76 -101.10 -3.24
CA VAL C 241 -4.72 -101.56 -4.62
C VAL C 241 -6.08 -101.29 -5.27
N LEU C 242 -6.07 -100.37 -6.24
CA LEU C 242 -7.29 -99.99 -6.93
C LEU C 242 -7.28 -100.39 -8.40
N GLU C 243 -8.29 -101.14 -8.82
CA GLU C 243 -8.40 -101.59 -10.19
C GLU C 243 -9.43 -100.76 -10.94
N VAL C 244 -8.95 -99.93 -11.85
CA VAL C 244 -9.81 -99.09 -12.66
C VAL C 244 -10.16 -99.81 -13.95
N MET C 245 -10.82 -99.12 -14.87
CA MET C 245 -11.21 -99.73 -16.12
C MET C 245 -10.23 -99.56 -17.26
N GLY C 246 -10.66 -99.97 -18.44
CA GLY C 246 -9.83 -99.91 -19.63
C GLY C 246 -9.57 -101.33 -20.10
N ARG C 247 -10.47 -101.84 -20.94
CA ARG C 247 -10.35 -103.19 -21.48
C ARG C 247 -8.91 -103.51 -21.78
N HIS C 248 -8.41 -102.95 -22.88
CA HIS C 248 -7.03 -103.15 -23.30
C HIS C 248 -6.38 -101.78 -23.47
N CYS C 249 -6.83 -100.84 -22.65
CA CYS C 249 -6.30 -99.49 -22.70
C CYS C 249 -5.94 -99.03 -21.29
N GLY C 250 -4.70 -98.62 -21.10
CA GLY C 250 -4.26 -98.18 -19.79
C GLY C 250 -4.34 -96.68 -19.62
N TYR C 251 -5.10 -96.00 -20.46
CA TYR C 251 -5.22 -94.55 -20.36
C TYR C 251 -5.79 -94.18 -18.99
N LEU C 252 -6.97 -94.72 -18.68
CA LEU C 252 -7.61 -94.43 -17.41
C LEU C 252 -6.63 -94.68 -16.29
N ALA C 253 -6.09 -95.87 -16.27
CA ALA C 253 -5.13 -96.25 -15.24
C ALA C 253 -3.99 -95.23 -15.11
N LEU C 254 -3.47 -94.78 -16.25
CA LEU C 254 -2.36 -93.83 -16.25
C LEU C 254 -2.73 -92.50 -15.64
N VAL C 255 -3.70 -91.81 -16.23
CA VAL C 255 -4.11 -90.51 -15.70
C VAL C 255 -4.56 -90.61 -14.23
N SER C 256 -5.14 -91.76 -13.85
CA SER C 256 -5.57 -91.97 -12.47
C SER C 256 -4.32 -91.98 -11.60
N ALA C 257 -3.27 -92.61 -12.09
CA ALA C 257 -2.03 -92.70 -11.37
C ALA C 257 -1.39 -91.37 -11.04
N LEU C 258 -1.20 -90.50 -12.02
CA LEU C 258 -0.58 -89.20 -11.72
C LEU C 258 -1.59 -88.15 -11.26
N ALA C 259 -2.78 -88.61 -10.94
CA ALA C 259 -3.83 -87.74 -10.44
C ALA C 259 -3.76 -87.85 -8.92
N CYS C 260 -3.15 -88.94 -8.44
CA CYS C 260 -3.00 -89.19 -7.01
C CYS C 260 -1.58 -89.62 -6.63
N GLY C 261 -0.62 -89.40 -7.53
CA GLY C 261 0.76 -89.77 -7.27
C GLY C 261 0.94 -91.22 -6.82
N ALA C 262 0.35 -92.14 -7.57
CA ALA C 262 0.44 -93.55 -7.23
C ALA C 262 1.89 -93.99 -7.11
N ASP C 263 2.12 -95.09 -6.41
CA ASP C 263 3.46 -95.62 -6.23
C ASP C 263 3.81 -96.48 -7.43
N TRP C 264 2.78 -97.08 -8.05
CA TRP C 264 3.04 -97.96 -9.17
C TRP C 264 1.80 -98.11 -10.05
N VAL C 265 2.02 -98.32 -11.35
CA VAL C 265 0.90 -98.52 -12.29
C VAL C 265 1.11 -99.70 -13.21
N PHE C 266 0.01 -100.34 -13.59
CA PHE C 266 0.08 -101.48 -14.50
C PHE C 266 -0.72 -101.14 -15.74
N LEU C 267 -0.01 -100.99 -16.85
CA LEU C 267 -0.65 -100.66 -18.12
C LEU C 267 -0.43 -101.78 -19.12
N PRO C 268 -1.41 -102.03 -20.01
CA PRO C 268 -1.29 -103.08 -21.01
C PRO C 268 -0.31 -102.68 -22.13
N GLU C 269 0.01 -101.38 -22.20
CA GLU C 269 0.91 -100.90 -23.24
C GLU C 269 2.38 -100.89 -22.84
N SER C 270 2.67 -100.78 -21.55
CA SER C 270 4.05 -100.77 -21.08
C SER C 270 4.16 -101.71 -19.91
N PRO C 271 3.83 -103.01 -20.13
CA PRO C 271 3.90 -104.02 -19.08
C PRO C 271 5.20 -103.98 -18.27
N PRO C 272 5.15 -104.48 -17.02
CA PRO C 272 6.32 -104.50 -16.15
C PRO C 272 7.39 -105.49 -16.62
N GLU C 273 8.65 -105.10 -16.49
CA GLU C 273 9.76 -105.94 -16.89
C GLU C 273 9.93 -107.13 -15.98
N GLU C 274 10.26 -108.27 -16.57
CA GLU C 274 10.46 -109.49 -15.83
C GLU C 274 11.19 -109.22 -14.50
N GLY C 275 10.66 -109.79 -13.42
CA GLY C 275 11.26 -109.61 -12.11
C GLY C 275 10.73 -108.35 -11.43
N TRP C 276 9.53 -107.93 -11.81
CA TRP C 276 8.93 -106.74 -11.22
C TRP C 276 8.42 -107.01 -9.83
N GLU C 277 7.92 -108.22 -9.59
CA GLU C 277 7.39 -108.57 -8.28
C GLU C 277 8.25 -108.03 -7.13
N GLU C 278 9.55 -108.31 -7.20
CA GLU C 278 10.49 -107.86 -6.16
C GLU C 278 10.77 -106.38 -6.30
N GLN C 279 10.79 -105.90 -7.54
CA GLN C 279 11.06 -104.50 -7.79
C GLN C 279 10.00 -103.61 -7.19
N MET C 280 8.75 -104.01 -7.33
CA MET C 280 7.62 -103.26 -6.77
C MET C 280 7.69 -103.20 -5.25
N CYS C 281 7.80 -104.38 -4.63
CA CYS C 281 7.88 -104.50 -3.19
C CYS C 281 9.02 -103.63 -2.66
N VAL C 282 10.10 -103.57 -3.41
CA VAL C 282 11.25 -102.77 -3.03
C VAL C 282 10.89 -101.27 -3.07
N LYS C 283 10.15 -100.86 -4.10
CA LYS C 283 9.76 -99.47 -4.23
C LYS C 283 8.81 -99.07 -3.11
N LEU C 284 7.91 -99.98 -2.75
CA LEU C 284 6.95 -99.71 -1.69
C LEU C 284 7.62 -99.46 -0.35
N SER C 285 8.61 -100.29 -0.01
CA SER C 285 9.34 -100.15 1.26
C SER C 285 10.17 -98.87 1.27
N GLU C 286 10.65 -98.48 0.10
CA GLU C 286 11.46 -97.28 -0.04
C GLU C 286 10.60 -96.08 0.26
N ASN C 287 9.43 -96.06 -0.36
CA ASN C 287 8.48 -94.96 -0.17
C ASN C 287 8.05 -94.94 1.29
N ARG C 288 7.88 -96.15 1.84
CA ARG C 288 7.49 -96.33 3.23
C ARG C 288 8.51 -95.64 4.15
N ALA C 289 9.78 -95.72 3.75
CA ALA C 289 10.86 -95.12 4.50
C ALA C 289 10.95 -93.60 4.33
N ARG C 290 10.28 -93.07 3.31
CA ARG C 290 10.26 -91.63 3.06
C ARG C 290 9.02 -91.01 3.67
N LYS C 291 8.46 -91.74 4.64
CA LYS C 291 7.27 -91.33 5.39
C LYS C 291 5.92 -91.39 4.66
N LYS C 292 5.90 -92.00 3.47
CA LYS C 292 4.65 -92.15 2.72
C LYS C 292 3.95 -93.33 3.38
N ARG C 293 3.02 -93.03 4.27
CA ARG C 293 2.33 -94.06 5.03
C ARG C 293 1.14 -94.74 4.36
N LEU C 294 0.90 -94.42 3.09
CA LEU C 294 -0.18 -95.06 2.32
C LEU C 294 0.24 -95.23 0.88
N ASN C 295 0.46 -96.47 0.46
CA ASN C 295 0.85 -96.72 -0.92
C ASN C 295 -0.40 -96.93 -1.73
N ILE C 296 -0.36 -96.50 -2.99
CA ILE C 296 -1.51 -96.65 -3.88
C ILE C 296 -1.03 -97.28 -5.19
N ILE C 297 -1.56 -98.45 -5.49
CA ILE C 297 -1.21 -99.16 -6.71
C ILE C 297 -2.40 -99.12 -7.68
N ILE C 298 -2.24 -98.49 -8.84
CA ILE C 298 -3.34 -98.45 -9.80
C ILE C 298 -3.14 -99.56 -10.82
N VAL C 299 -4.14 -100.42 -10.92
CA VAL C 299 -4.12 -101.57 -11.81
C VAL C 299 -5.19 -101.49 -12.88
N ALA C 300 -4.76 -101.55 -14.14
CA ALA C 300 -5.71 -101.51 -15.25
C ALA C 300 -6.34 -102.89 -15.39
N GLU C 301 -7.59 -102.96 -15.85
CA GLU C 301 -8.23 -104.26 -16.02
C GLU C 301 -7.36 -105.18 -16.85
N GLY C 302 -6.94 -104.68 -18.02
CA GLY C 302 -6.12 -105.48 -18.91
C GLY C 302 -4.63 -105.53 -18.61
N ALA C 303 -4.27 -105.30 -17.34
CA ALA C 303 -2.85 -105.31 -16.96
C ALA C 303 -2.23 -106.66 -17.30
N ILE C 304 -1.06 -106.63 -17.94
CA ILE C 304 -0.37 -107.85 -18.36
C ILE C 304 1.14 -107.71 -18.25
N ASP C 305 1.86 -108.84 -18.28
CA ASP C 305 3.32 -108.81 -18.21
C ASP C 305 3.89 -108.91 -19.61
N THR C 306 5.22 -108.92 -19.69
CA THR C 306 5.92 -108.98 -20.97
C THR C 306 5.56 -110.18 -21.85
N GLN C 307 4.58 -110.97 -21.40
CA GLN C 307 4.15 -112.14 -22.17
C GLN C 307 2.63 -112.27 -22.23
N ASN C 308 1.95 -111.14 -22.17
CA ASN C 308 0.49 -111.10 -22.25
C ASN C 308 -0.25 -111.89 -21.17
N LYS C 309 0.46 -112.31 -20.13
CA LYS C 309 -0.18 -113.04 -19.04
C LYS C 309 -0.86 -112.03 -18.11
N PRO C 310 -2.16 -112.25 -17.82
CA PRO C 310 -2.91 -111.36 -16.94
C PRO C 310 -2.28 -111.15 -15.55
N ILE C 311 -2.17 -109.90 -15.12
CA ILE C 311 -1.62 -109.60 -13.79
C ILE C 311 -2.81 -109.23 -12.91
N THR C 312 -3.37 -110.21 -12.21
CA THR C 312 -4.53 -109.97 -11.34
C THR C 312 -4.23 -109.04 -10.15
N SER C 313 -5.28 -108.37 -9.66
CA SER C 313 -5.15 -107.47 -8.52
C SER C 313 -4.87 -108.29 -7.28
N GLU C 314 -5.46 -109.48 -7.23
CA GLU C 314 -5.26 -110.38 -6.10
C GLU C 314 -3.81 -110.83 -5.97
N LYS C 315 -3.14 -110.96 -7.11
CA LYS C 315 -1.74 -111.35 -7.12
C LYS C 315 -0.94 -110.23 -6.48
N ILE C 316 -1.31 -108.99 -6.82
CA ILE C 316 -0.64 -107.80 -6.27
C ILE C 316 -0.87 -107.74 -4.75
N LYS C 317 -2.10 -108.06 -4.34
CA LYS C 317 -2.47 -108.06 -2.92
C LYS C 317 -1.54 -108.98 -2.17
N GLU C 318 -1.55 -110.25 -2.55
CA GLU C 318 -0.69 -111.24 -1.90
C GLU C 318 0.76 -110.82 -1.94
N LEU C 319 1.22 -110.39 -3.10
CA LEU C 319 2.61 -109.98 -3.23
C LEU C 319 3.11 -109.10 -2.09
N VAL C 320 2.36 -108.05 -1.76
CA VAL C 320 2.80 -107.14 -0.69
C VAL C 320 2.49 -107.70 0.69
N VAL C 321 1.38 -108.42 0.80
CA VAL C 321 0.97 -109.01 2.08
C VAL C 321 2.03 -110.01 2.52
N THR C 322 2.52 -110.78 1.54
CA THR C 322 3.54 -111.80 1.77
C THR C 322 4.92 -111.20 2.01
N GLN C 323 5.38 -110.38 1.07
CA GLN C 323 6.71 -109.77 1.15
C GLN C 323 6.91 -108.64 2.15
N LEU C 324 5.95 -107.72 2.21
CA LEU C 324 6.06 -106.59 3.12
C LEU C 324 5.16 -106.68 4.34
N GLY C 325 4.06 -107.43 4.21
CA GLY C 325 3.13 -107.60 5.31
C GLY C 325 2.36 -106.34 5.72
N TYR C 326 2.19 -105.39 4.80
CA TYR C 326 1.46 -104.15 5.10
C TYR C 326 -0.06 -104.40 5.07
N ASP C 327 -0.81 -103.54 5.75
CA ASP C 327 -2.26 -103.69 5.75
C ASP C 327 -2.72 -103.40 4.33
N THR C 328 -3.00 -104.45 3.57
CA THR C 328 -3.42 -104.28 2.19
C THR C 328 -4.89 -104.56 1.91
N ARG C 329 -5.57 -103.56 1.37
CA ARG C 329 -6.97 -103.67 1.01
C ARG C 329 -7.03 -103.43 -0.50
N VAL C 330 -7.95 -104.08 -1.19
CA VAL C 330 -8.08 -103.93 -2.63
C VAL C 330 -9.53 -103.85 -3.06
N THR C 331 -9.85 -102.86 -3.89
CA THR C 331 -11.21 -102.71 -4.40
C THR C 331 -11.21 -102.62 -5.91
N ILE C 332 -12.12 -103.37 -6.51
CA ILE C 332 -12.27 -103.39 -7.96
C ILE C 332 -13.38 -102.42 -8.25
N LEU C 333 -13.02 -101.16 -8.47
CA LEU C 333 -13.99 -100.13 -8.78
C LEU C 333 -14.85 -100.69 -9.91
N GLY C 334 -16.09 -101.03 -9.59
CA GLY C 334 -16.96 -101.61 -10.59
C GLY C 334 -17.45 -100.68 -11.67
N HIS C 335 -18.70 -100.89 -12.05
CA HIS C 335 -19.39 -100.11 -13.05
C HIS C 335 -19.59 -98.71 -12.44
N VAL C 336 -19.29 -98.59 -11.15
CA VAL C 336 -19.45 -97.33 -10.45
C VAL C 336 -18.69 -96.18 -11.14
N GLN C 337 -17.82 -96.53 -12.09
CA GLN C 337 -17.05 -95.54 -12.82
C GLN C 337 -17.88 -94.87 -13.93
N ARG C 338 -19.08 -95.39 -14.17
CA ARG C 338 -19.98 -94.86 -15.18
C ARG C 338 -21.05 -94.03 -14.49
N GLY C 339 -21.07 -94.12 -13.16
CA GLY C 339 -22.06 -93.42 -12.36
C GLY C 339 -21.77 -91.98 -12.03
N GLY C 340 -22.65 -91.38 -11.23
CA GLY C 340 -22.48 -89.99 -10.85
C GLY C 340 -22.93 -89.06 -11.96
N THR C 341 -22.78 -87.76 -11.74
CA THR C 341 -23.16 -86.79 -12.76
C THR C 341 -21.96 -86.52 -13.64
N PRO C 342 -22.20 -86.26 -14.93
CA PRO C 342 -21.12 -85.98 -15.85
C PRO C 342 -20.39 -84.69 -15.48
N SER C 343 -19.06 -84.72 -15.46
CA SER C 343 -18.27 -83.55 -15.12
C SER C 343 -18.54 -82.39 -16.07
N ALA C 344 -18.10 -81.20 -15.68
CA ALA C 344 -18.30 -80.02 -16.51
C ALA C 344 -17.61 -80.25 -17.86
N PHE C 345 -16.38 -80.73 -17.79
CA PHE C 345 -15.60 -80.98 -18.99
C PHE C 345 -16.36 -81.84 -19.98
N ASP C 346 -16.92 -82.94 -19.49
CA ASP C 346 -17.65 -83.83 -20.34
C ASP C 346 -18.93 -83.22 -20.93
N ARG C 347 -19.66 -82.45 -20.13
CA ARG C 347 -20.90 -81.83 -20.62
C ARG C 347 -20.59 -80.87 -21.75
N ILE C 348 -19.55 -80.05 -21.55
CA ILE C 348 -19.14 -79.10 -22.57
C ILE C 348 -18.62 -79.85 -23.81
N LEU C 349 -17.68 -80.76 -23.59
CA LEU C 349 -17.12 -81.54 -24.69
C LEU C 349 -18.22 -82.19 -25.52
N ALA C 350 -19.15 -82.86 -24.85
CA ALA C 350 -20.26 -83.54 -25.51
C ALA C 350 -21.14 -82.58 -26.28
N SER C 351 -21.29 -81.36 -25.79
CA SER C 351 -22.11 -80.39 -26.49
C SER C 351 -21.40 -79.88 -27.74
N ARG C 352 -20.12 -79.55 -27.61
CA ARG C 352 -19.36 -79.08 -28.75
C ARG C 352 -19.35 -80.13 -29.84
N MET C 353 -19.27 -81.39 -29.44
CA MET C 353 -19.25 -82.48 -30.41
C MET C 353 -20.60 -82.69 -31.08
N GLY C 354 -21.68 -82.53 -30.30
CA GLY C 354 -23.01 -82.70 -30.86
C GLY C 354 -23.24 -81.75 -32.03
N VAL C 355 -22.71 -80.54 -31.92
CA VAL C 355 -22.84 -79.55 -32.99
C VAL C 355 -22.00 -80.02 -34.16
N GLU C 356 -20.72 -80.27 -33.88
CA GLU C 356 -19.80 -80.71 -34.90
C GLU C 356 -20.32 -81.90 -35.70
N ALA C 357 -21.03 -82.80 -35.03
CA ALA C 357 -21.58 -83.96 -35.69
C ALA C 357 -22.67 -83.56 -36.67
N VAL C 358 -23.55 -82.66 -36.25
CA VAL C 358 -24.63 -82.21 -37.11
C VAL C 358 -24.13 -81.40 -38.32
N ILE C 359 -23.24 -80.43 -38.10
CA ILE C 359 -22.75 -79.64 -39.24
C ILE C 359 -21.94 -80.53 -40.18
N ALA C 360 -21.22 -81.50 -39.62
CA ALA C 360 -20.43 -82.42 -40.43
C ALA C 360 -21.40 -83.28 -41.26
N LEU C 361 -22.48 -83.72 -40.62
CA LEU C 361 -23.48 -84.54 -41.28
C LEU C 361 -24.15 -83.84 -42.46
N LEU C 362 -24.28 -82.52 -42.37
CA LEU C 362 -24.91 -81.75 -43.44
C LEU C 362 -23.97 -81.52 -44.61
N GLU C 363 -22.79 -80.98 -44.31
CA GLU C 363 -21.77 -80.69 -45.33
C GLU C 363 -21.23 -81.97 -45.98
N ALA C 364 -21.77 -83.11 -45.55
CA ALA C 364 -21.32 -84.39 -46.09
C ALA C 364 -21.89 -84.66 -47.48
N THR C 365 -20.99 -84.96 -48.43
CA THR C 365 -21.37 -85.26 -49.81
C THR C 365 -21.42 -86.78 -49.98
N PRO C 366 -21.80 -87.24 -51.18
CA PRO C 366 -21.89 -88.69 -51.41
C PRO C 366 -20.49 -89.32 -51.40
N ASP C 367 -19.50 -88.55 -51.81
CA ASP C 367 -18.12 -89.05 -51.87
C ASP C 367 -17.22 -88.55 -50.74
N THR C 368 -17.84 -88.16 -49.63
CA THR C 368 -17.09 -87.69 -48.47
C THR C 368 -17.01 -88.86 -47.46
N PRO C 369 -15.79 -89.25 -47.06
CA PRO C 369 -15.57 -90.35 -46.12
C PRO C 369 -16.31 -90.23 -44.79
N ALA C 370 -16.85 -91.35 -44.30
CA ALA C 370 -17.55 -91.37 -43.02
C ALA C 370 -16.50 -91.00 -41.97
N CYS C 371 -16.72 -89.91 -41.24
CA CYS C 371 -15.75 -89.46 -40.25
C CYS C 371 -16.22 -89.53 -38.80
N VAL C 372 -15.31 -89.11 -37.93
CA VAL C 372 -15.51 -89.09 -36.48
C VAL C 372 -15.11 -87.72 -35.94
N VAL C 373 -16.07 -86.95 -35.44
CA VAL C 373 -15.79 -85.63 -34.89
C VAL C 373 -15.07 -85.76 -33.55
N SER C 374 -14.00 -85.00 -33.41
CA SER C 374 -13.21 -85.04 -32.19
C SER C 374 -12.59 -83.68 -31.93
N LEU C 375 -11.69 -83.63 -30.97
CA LEU C 375 -11.02 -82.39 -30.62
C LEU C 375 -9.52 -82.61 -30.56
N ASN C 376 -8.77 -81.69 -31.15
CA ASN C 376 -7.33 -81.77 -31.16
C ASN C 376 -6.75 -80.44 -30.66
N GLY C 377 -6.17 -80.47 -29.46
CA GLY C 377 -5.60 -79.26 -28.89
C GLY C 377 -6.68 -78.19 -28.78
N ASN C 378 -7.87 -78.62 -28.37
CA ASN C 378 -9.01 -77.74 -28.20
C ASN C 378 -9.56 -77.19 -29.52
N HIS C 379 -9.27 -77.87 -30.62
CA HIS C 379 -9.75 -77.45 -31.93
C HIS C 379 -10.55 -78.61 -32.57
N ALA C 380 -11.74 -78.29 -33.08
CA ALA C 380 -12.59 -79.30 -33.71
C ALA C 380 -11.97 -79.89 -34.96
N VAL C 381 -12.05 -81.21 -35.08
CA VAL C 381 -11.51 -81.91 -36.24
C VAL C 381 -12.35 -83.13 -36.61
N ARG C 382 -12.28 -83.52 -37.87
CA ARG C 382 -13.01 -84.68 -38.36
C ARG C 382 -11.96 -85.67 -38.86
N LEU C 383 -12.04 -86.91 -38.40
CA LEU C 383 -11.09 -87.92 -38.83
C LEU C 383 -11.87 -89.02 -39.52
N PRO C 384 -11.38 -89.48 -40.68
CA PRO C 384 -12.05 -90.55 -41.41
C PRO C 384 -12.13 -91.82 -40.58
N LEU C 385 -13.34 -92.36 -40.46
CA LEU C 385 -13.59 -93.57 -39.69
C LEU C 385 -12.57 -94.69 -39.90
N MET C 386 -12.49 -95.20 -41.13
CA MET C 386 -11.56 -96.28 -41.45
C MET C 386 -10.14 -96.10 -40.91
N GLU C 387 -9.55 -94.92 -41.10
CA GLU C 387 -8.19 -94.66 -40.62
C GLU C 387 -8.05 -94.90 -39.11
N CYS C 388 -9.08 -94.50 -38.36
CA CYS C 388 -9.10 -94.66 -36.92
C CYS C 388 -9.35 -96.13 -36.56
N VAL C 389 -10.39 -96.71 -37.13
CA VAL C 389 -10.72 -98.11 -36.88
C VAL C 389 -9.47 -98.94 -37.11
N GLN C 390 -8.68 -98.54 -38.11
CA GLN C 390 -7.44 -99.25 -38.45
C GLN C 390 -6.44 -99.19 -37.31
N MET C 391 -5.93 -97.99 -37.05
CA MET C 391 -4.96 -97.79 -35.99
C MET C 391 -5.40 -98.46 -34.70
N THR C 392 -6.71 -98.42 -34.43
CA THR C 392 -7.26 -99.04 -33.23
C THR C 392 -6.89 -100.50 -33.20
N GLN C 393 -7.05 -101.17 -34.34
CA GLN C 393 -6.74 -102.59 -34.46
C GLN C 393 -5.25 -102.84 -34.45
N ASP C 394 -4.49 -101.84 -34.91
CA ASP C 394 -3.03 -101.96 -34.95
C ASP C 394 -2.44 -101.93 -33.54
N VAL C 395 -3.04 -101.13 -32.65
CA VAL C 395 -2.55 -101.05 -31.28
C VAL C 395 -2.75 -102.40 -30.59
N GLN C 396 -3.88 -103.05 -30.90
CA GLN C 396 -4.19 -104.37 -30.33
C GLN C 396 -3.20 -105.38 -30.88
N LYS C 397 -2.99 -105.33 -32.19
CA LYS C 397 -2.04 -106.21 -32.85
C LYS C 397 -0.66 -106.01 -32.18
N ALA C 398 -0.21 -104.76 -32.13
CA ALA C 398 1.09 -104.42 -31.53
C ALA C 398 1.29 -105.00 -30.13
N MET C 399 0.21 -105.03 -29.35
CA MET C 399 0.26 -105.57 -28.00
C MET C 399 0.29 -107.10 -27.96
N ASP C 400 -0.51 -107.73 -28.82
CA ASP C 400 -0.55 -109.19 -28.87
C ASP C 400 0.80 -109.71 -29.34
N GLU C 401 1.46 -108.94 -30.20
CA GLU C 401 2.76 -109.30 -30.74
C GLU C 401 3.90 -108.81 -29.86
N ARG C 402 3.59 -108.58 -28.58
CA ARG C 402 4.60 -108.13 -27.61
C ARG C 402 5.49 -106.97 -28.08
N ARG C 403 5.02 -106.23 -29.10
CA ARG C 403 5.76 -105.09 -29.61
C ARG C 403 5.26 -103.86 -28.85
N PHE C 404 5.31 -103.97 -27.52
CA PHE C 404 4.83 -102.94 -26.61
C PHE C 404 5.30 -101.52 -26.89
N GLN C 405 6.57 -101.35 -27.24
CA GLN C 405 7.06 -100.00 -27.52
C GLN C 405 6.29 -99.36 -28.68
N ASP C 406 5.76 -100.19 -29.56
CA ASP C 406 4.99 -99.71 -30.70
C ASP C 406 3.59 -99.34 -30.23
N ALA C 407 3.01 -100.17 -29.37
CA ALA C 407 1.68 -99.91 -28.82
C ALA C 407 1.67 -98.53 -28.13
N VAL C 408 2.69 -98.28 -27.31
CA VAL C 408 2.82 -97.00 -26.60
C VAL C 408 2.82 -95.79 -27.53
N ARG C 409 3.53 -95.92 -28.65
CA ARG C 409 3.62 -94.83 -29.62
C ARG C 409 2.31 -94.69 -30.40
N LEU C 410 1.63 -95.82 -30.61
CA LEU C 410 0.36 -95.84 -31.32
C LEU C 410 -0.81 -95.18 -30.58
N ARG C 411 -0.69 -95.08 -29.25
CA ARG C 411 -1.73 -94.47 -28.43
C ARG C 411 -1.76 -92.96 -28.64
N GLY C 412 -0.62 -92.36 -28.95
CA GLY C 412 -0.59 -90.93 -29.18
C GLY C 412 0.61 -90.28 -28.54
N ARG C 413 1.00 -89.11 -29.06
CA ARG C 413 2.13 -88.37 -28.52
C ARG C 413 1.82 -88.07 -27.06
N SER C 414 0.57 -87.67 -26.81
CA SER C 414 0.11 -87.36 -25.46
C SER C 414 0.36 -88.54 -24.52
N PHE C 415 -0.32 -89.66 -24.76
CA PHE C 415 -0.18 -90.86 -23.94
C PHE C 415 1.26 -91.19 -23.57
N ALA C 416 2.14 -91.16 -24.58
CA ALA C 416 3.55 -91.45 -24.38
C ALA C 416 4.21 -90.46 -23.41
N GLY C 417 3.84 -89.18 -23.56
CA GLY C 417 4.38 -88.15 -22.69
C GLY C 417 3.92 -88.31 -21.24
N ASN C 418 2.61 -88.44 -21.05
CA ASN C 418 2.03 -88.62 -19.71
C ASN C 418 2.74 -89.79 -19.01
N LEU C 419 2.87 -90.89 -19.74
CA LEU C 419 3.53 -92.08 -19.21
C LEU C 419 4.90 -91.72 -18.67
N ASN C 420 5.71 -91.05 -19.49
CA ASN C 420 7.04 -90.65 -19.08
C ASN C 420 7.00 -89.73 -17.85
N THR C 421 6.19 -88.69 -17.94
CA THR C 421 6.06 -87.72 -16.86
C THR C 421 5.70 -88.42 -15.55
N TYR C 422 4.78 -89.39 -15.63
CA TYR C 422 4.41 -90.11 -14.43
C TYR C 422 5.61 -90.86 -13.86
N LYS C 423 6.28 -91.63 -14.72
CA LYS C 423 7.45 -92.40 -14.29
C LYS C 423 8.46 -91.44 -13.66
N ARG C 424 8.76 -90.36 -14.38
CA ARG C 424 9.69 -89.36 -13.91
C ARG C 424 9.46 -88.90 -12.47
N LEU C 425 8.18 -88.67 -12.13
CA LEU C 425 7.77 -88.21 -10.80
C LEU C 425 7.61 -89.30 -9.76
N ALA C 426 7.38 -90.53 -10.22
CA ALA C 426 7.16 -91.66 -9.33
C ALA C 426 8.46 -92.40 -8.94
N ILE C 427 9.38 -92.47 -9.89
CA ILE C 427 10.64 -93.15 -9.68
C ILE C 427 11.84 -92.20 -9.62
N LYS C 428 12.31 -91.91 -8.41
CA LYS C 428 13.47 -91.01 -8.26
C LYS C 428 14.76 -91.81 -8.32
N LEU C 429 15.73 -91.33 -9.07
CA LEU C 429 17.00 -92.03 -9.17
C LEU C 429 17.83 -91.65 -7.95
N PRO C 430 18.66 -92.59 -7.46
CA PRO C 430 19.50 -92.33 -6.29
C PRO C 430 20.36 -91.11 -6.54
N ASP C 431 20.44 -90.22 -5.55
CA ASP C 431 21.18 -88.98 -5.66
C ASP C 431 22.48 -89.02 -6.48
N ASP C 432 23.31 -90.04 -6.25
CA ASP C 432 24.61 -90.17 -6.96
C ASP C 432 24.52 -90.40 -8.48
N GLN C 433 23.35 -90.81 -8.97
CA GLN C 433 23.14 -91.04 -10.41
C GLN C 433 22.55 -89.82 -11.12
N ILE C 434 22.42 -88.73 -10.37
CA ILE C 434 21.87 -87.50 -10.91
C ILE C 434 22.96 -86.44 -10.96
N PRO C 435 23.57 -86.25 -12.14
CA PRO C 435 24.63 -85.25 -12.30
C PRO C 435 24.13 -83.86 -11.97
N LYS C 436 24.63 -83.30 -10.88
CA LYS C 436 24.22 -81.95 -10.44
C LYS C 436 24.54 -80.87 -11.47
N THR C 437 23.74 -79.80 -11.48
CA THR C 437 23.93 -78.70 -12.43
C THR C 437 24.41 -77.46 -11.70
N ASN C 438 24.36 -77.52 -10.36
CA ASN C 438 24.77 -76.41 -9.53
C ASN C 438 24.02 -75.14 -9.87
N CYS C 439 22.76 -75.34 -10.22
CA CYS C 439 21.87 -74.25 -10.55
C CYS C 439 20.73 -74.25 -9.54
N ASN C 440 20.37 -73.06 -9.10
CA ASN C 440 19.28 -72.94 -8.16
C ASN C 440 18.09 -72.42 -8.93
N VAL C 441 17.07 -73.25 -9.03
CA VAL C 441 15.83 -72.86 -9.72
C VAL C 441 14.79 -72.62 -8.65
N ALA C 442 14.24 -71.41 -8.64
CA ALA C 442 13.22 -71.04 -7.68
C ALA C 442 11.82 -71.14 -8.27
N VAL C 443 10.88 -71.65 -7.47
CA VAL C 443 9.49 -71.80 -7.89
C VAL C 443 8.66 -70.93 -6.95
N ILE C 444 7.61 -70.29 -7.49
CA ILE C 444 6.79 -69.39 -6.68
C ILE C 444 5.32 -69.28 -7.14
N ASN C 445 4.42 -68.96 -6.21
CA ASN C 445 3.00 -68.79 -6.56
C ASN C 445 2.62 -67.32 -6.54
N VAL C 446 2.07 -66.81 -7.65
CA VAL C 446 1.67 -65.40 -7.74
C VAL C 446 0.26 -65.26 -8.28
N GLY C 447 -0.57 -64.50 -7.55
CA GLY C 447 -1.94 -64.31 -7.96
C GLY C 447 -2.94 -64.92 -7.00
N ALA C 448 -4.23 -64.86 -7.32
CA ALA C 448 -5.24 -65.42 -6.45
C ALA C 448 -5.07 -66.92 -6.50
N PRO C 449 -5.26 -67.61 -5.37
CA PRO C 449 -5.13 -69.07 -5.31
C PRO C 449 -6.03 -69.80 -6.30
N ALA C 450 -5.48 -70.84 -6.92
CA ALA C 450 -6.25 -71.61 -7.89
C ALA C 450 -6.04 -73.11 -7.63
N ALA C 451 -7.13 -73.86 -7.60
CA ALA C 451 -7.05 -75.29 -7.35
C ALA C 451 -6.04 -75.99 -8.26
N GLY C 452 -5.00 -76.55 -7.66
CA GLY C 452 -4.01 -77.25 -8.46
C GLY C 452 -2.64 -76.63 -8.48
N MET C 453 -2.46 -75.51 -7.78
CA MET C 453 -1.16 -74.87 -7.74
C MET C 453 -0.17 -75.81 -7.07
N ASN C 454 -0.63 -76.53 -6.06
CA ASN C 454 0.25 -77.45 -5.37
C ASN C 454 0.68 -78.58 -6.26
N ALA C 455 -0.25 -79.12 -7.06
CA ALA C 455 0.10 -80.20 -7.96
C ALA C 455 1.22 -79.72 -8.89
N ALA C 456 1.13 -78.43 -9.25
CA ALA C 456 2.10 -77.79 -10.13
C ALA C 456 3.48 -77.66 -9.46
N VAL C 457 3.49 -77.20 -8.22
CA VAL C 457 4.75 -77.04 -7.50
C VAL C 457 5.39 -78.40 -7.30
N ARG C 458 4.60 -79.39 -6.91
CA ARG C 458 5.15 -80.74 -6.73
C ARG C 458 5.86 -81.16 -8.01
N SER C 459 5.13 -81.12 -9.13
CA SER C 459 5.67 -81.51 -10.42
C SER C 459 6.94 -80.75 -10.83
N ALA C 460 6.95 -79.44 -10.60
CA ALA C 460 8.13 -78.64 -10.96
C ALA C 460 9.32 -78.96 -10.06
N VAL C 461 9.08 -79.01 -8.75
CA VAL C 461 10.15 -79.30 -7.81
C VAL C 461 10.82 -80.62 -8.13
N ARG C 462 10.03 -81.68 -8.29
CA ARG C 462 10.59 -82.99 -8.58
C ARG C 462 11.29 -83.10 -9.93
N VAL C 463 10.67 -82.58 -10.98
CA VAL C 463 11.32 -82.62 -12.29
C VAL C 463 12.64 -81.86 -12.17
N GLY C 464 12.63 -80.76 -11.41
CA GLY C 464 13.84 -79.97 -11.20
C GLY C 464 14.92 -80.83 -10.56
N ILE C 465 14.61 -81.38 -9.39
CA ILE C 465 15.54 -82.24 -8.66
C ILE C 465 16.07 -83.37 -9.53
N ALA C 466 15.18 -84.01 -10.31
CA ALA C 466 15.55 -85.11 -11.19
C ALA C 466 16.43 -84.63 -12.34
N ASP C 467 16.49 -83.32 -12.54
CA ASP C 467 17.31 -82.74 -13.60
C ASP C 467 18.61 -82.22 -13.00
N GLY C 468 18.79 -82.49 -11.71
CA GLY C 468 19.99 -82.09 -11.01
C GLY C 468 20.05 -80.68 -10.47
N HIS C 469 18.95 -79.95 -10.48
CA HIS C 469 19.00 -78.59 -9.96
C HIS C 469 18.72 -78.63 -8.47
N ARG C 470 19.01 -77.51 -7.82
CA ARG C 470 18.77 -77.35 -6.39
C ARG C 470 17.49 -76.50 -6.36
N MET C 471 16.41 -77.03 -5.82
CA MET C 471 15.15 -76.30 -5.82
C MET C 471 14.91 -75.35 -4.65
N LEU C 472 14.45 -74.15 -4.99
CA LEU C 472 14.14 -73.13 -3.99
C LEU C 472 12.66 -72.73 -4.03
N ALA C 473 12.03 -72.73 -2.84
CA ALA C 473 10.62 -72.36 -2.71
C ALA C 473 10.48 -70.95 -2.17
N ILE C 474 9.79 -70.09 -2.92
CA ILE C 474 9.58 -68.73 -2.47
C ILE C 474 8.14 -68.69 -1.95
N TYR C 475 8.01 -68.39 -0.65
CA TYR C 475 6.69 -68.36 0.00
C TYR C 475 5.95 -67.03 -0.12
N ASP C 476 4.62 -67.10 -0.05
CA ASP C 476 3.78 -65.92 -0.13
C ASP C 476 4.10 -65.02 -1.31
N GLY C 477 4.23 -65.62 -2.49
CA GLY C 477 4.50 -64.84 -3.69
C GLY C 477 5.52 -63.73 -3.58
N PHE C 478 5.39 -62.72 -4.43
CA PHE C 478 6.33 -61.61 -4.44
C PHE C 478 6.49 -60.95 -3.10
N ASP C 479 5.40 -60.89 -2.33
CA ASP C 479 5.47 -60.28 -1.02
C ASP C 479 6.57 -60.96 -0.20
N GLY C 480 6.49 -62.28 -0.08
CA GLY C 480 7.50 -63.00 0.66
C GLY C 480 8.85 -63.01 -0.04
N PHE C 481 8.83 -62.93 -1.37
CA PHE C 481 10.05 -62.92 -2.17
C PHE C 481 10.91 -61.73 -1.71
N ALA C 482 10.29 -60.55 -1.67
CA ALA C 482 10.96 -59.34 -1.24
C ALA C 482 11.38 -59.42 0.21
N LYS C 483 10.60 -60.13 1.03
CA LYS C 483 10.92 -60.27 2.45
C LYS C 483 11.78 -61.52 2.70
N GLY C 484 12.55 -61.89 1.67
CA GLY C 484 13.47 -63.02 1.74
C GLY C 484 13.00 -64.37 2.22
N GLN C 485 11.69 -64.61 2.20
CA GLN C 485 11.16 -65.90 2.64
C GLN C 485 11.42 -66.99 1.61
N ILE C 486 12.69 -67.32 1.40
CA ILE C 486 13.07 -68.34 0.44
C ILE C 486 13.77 -69.50 1.14
N LYS C 487 13.38 -70.72 0.82
CA LYS C 487 13.97 -71.91 1.43
C LYS C 487 14.13 -73.00 0.39
N GLU C 488 14.92 -74.02 0.69
CA GLU C 488 15.13 -75.11 -0.26
C GLU C 488 14.04 -76.15 -0.05
N ILE C 489 13.55 -76.73 -1.14
CA ILE C 489 12.52 -77.79 -1.07
C ILE C 489 13.07 -79.09 -1.65
N GLY C 490 12.79 -80.19 -0.95
CA GLY C 490 13.27 -81.49 -1.38
C GLY C 490 12.20 -82.34 -2.00
N TRP C 491 12.64 -83.44 -2.61
CA TRP C 491 11.75 -84.36 -3.28
C TRP C 491 10.57 -84.87 -2.43
N THR C 492 10.83 -85.22 -1.18
CA THR C 492 9.73 -85.71 -0.34
C THR C 492 8.92 -84.58 0.27
N ASP C 493 9.46 -83.36 0.27
CA ASP C 493 8.72 -82.24 0.85
C ASP C 493 7.44 -81.93 0.11
N VAL C 494 7.39 -82.24 -1.19
CA VAL C 494 6.19 -81.99 -2.00
C VAL C 494 5.36 -83.26 -2.21
N GLY C 495 5.54 -84.24 -1.33
CA GLY C 495 4.81 -85.49 -1.46
C GLY C 495 3.33 -85.35 -1.10
N GLY C 496 2.47 -85.94 -1.93
CA GLY C 496 1.03 -85.88 -1.68
C GLY C 496 0.39 -84.52 -1.92
N TRP C 497 1.15 -83.60 -2.50
CA TRP C 497 0.66 -82.27 -2.79
C TRP C 497 -0.35 -82.27 -3.94
N THR C 498 -0.22 -83.27 -4.81
CA THR C 498 -1.08 -83.40 -5.98
C THR C 498 -2.55 -83.04 -5.73
N GLY C 499 -3.18 -83.77 -4.80
CA GLY C 499 -4.58 -83.53 -4.50
C GLY C 499 -4.93 -82.42 -3.53
N GLN C 500 -3.96 -81.61 -3.13
CA GLN C 500 -4.26 -80.54 -2.19
C GLN C 500 -4.69 -79.21 -2.78
N GLY C 501 -5.74 -78.66 -2.21
CA GLY C 501 -6.27 -77.38 -2.67
C GLY C 501 -5.53 -76.20 -2.09
N GLY C 502 -5.84 -75.02 -2.59
CA GLY C 502 -5.17 -73.83 -2.12
C GLY C 502 -3.73 -73.81 -2.60
N SER C 503 -2.91 -73.06 -1.86
CA SER C 503 -1.49 -72.91 -2.16
C SER C 503 -0.67 -73.18 -0.90
N ILE C 504 0.01 -74.33 -0.86
CA ILE C 504 0.81 -74.67 0.30
C ILE C 504 1.99 -73.71 0.41
N LEU C 505 2.48 -73.28 -0.74
CA LEU C 505 3.59 -72.33 -0.81
C LEU C 505 3.13 -70.93 -0.38
N GLY C 506 1.87 -70.63 -0.65
CA GLY C 506 1.31 -69.33 -0.31
C GLY C 506 1.31 -68.50 -1.59
N THR C 507 0.35 -67.60 -1.72
CA THR C 507 0.29 -66.77 -2.91
C THR C 507 -0.33 -65.40 -2.68
N LYS C 508 0.26 -64.38 -3.29
CA LYS C 508 -0.20 -63.00 -3.15
C LYS C 508 -0.38 -62.34 -4.50
N ARG C 509 -1.06 -61.20 -4.48
CA ARG C 509 -1.32 -60.44 -5.69
C ARG C 509 -0.53 -59.15 -5.67
N VAL C 510 0.70 -59.24 -5.17
CA VAL C 510 1.55 -58.06 -5.12
C VAL C 510 2.54 -58.13 -6.27
N LEU C 511 2.58 -57.07 -7.08
CA LEU C 511 3.51 -57.00 -8.20
C LEU C 511 4.89 -56.59 -7.71
N PRO C 512 5.96 -57.16 -8.30
CA PRO C 512 7.34 -56.82 -7.88
C PRO C 512 7.69 -55.34 -8.03
N GLY C 513 6.73 -54.55 -8.51
CA GLY C 513 6.94 -53.13 -8.70
C GLY C 513 8.01 -52.46 -7.85
N LYS C 514 7.59 -51.90 -6.73
CA LYS C 514 8.48 -51.17 -5.82
C LYS C 514 9.53 -52.02 -5.12
N TYR C 515 9.22 -53.29 -4.93
CA TYR C 515 10.10 -54.23 -4.24
C TYR C 515 11.18 -54.84 -5.13
N LEU C 516 11.74 -54.03 -6.02
CA LEU C 516 12.78 -54.48 -6.93
C LEU C 516 14.13 -54.60 -6.26
N GLU C 517 14.40 -53.66 -5.35
CA GLU C 517 15.66 -53.70 -4.63
C GLU C 517 15.76 -54.95 -3.75
N GLU C 518 14.66 -55.34 -3.12
CA GLU C 518 14.65 -56.51 -2.24
C GLU C 518 14.71 -57.83 -2.99
N ILE C 519 13.96 -57.91 -4.09
CA ILE C 519 13.94 -59.13 -4.89
C ILE C 519 15.26 -59.33 -5.62
N ALA C 520 15.91 -58.23 -5.95
CA ALA C 520 17.20 -58.31 -6.61
C ALA C 520 18.10 -58.91 -5.54
N THR C 521 18.15 -58.22 -4.40
CA THR C 521 18.95 -58.62 -3.25
C THR C 521 18.78 -60.09 -2.90
N GLN C 522 17.57 -60.63 -3.04
CA GLN C 522 17.35 -62.02 -2.69
C GLN C 522 17.76 -62.99 -3.79
N MET C 523 17.58 -62.58 -5.03
CA MET C 523 17.93 -63.42 -6.17
C MET C 523 19.42 -63.62 -6.28
N ARG C 524 20.16 -62.66 -5.76
CA ARG C 524 21.62 -62.70 -5.76
C ARG C 524 22.08 -63.49 -4.53
N THR C 525 21.62 -63.08 -3.36
CA THR C 525 21.99 -63.73 -2.11
C THR C 525 21.66 -65.22 -2.00
N HIS C 526 20.81 -65.73 -2.89
CA HIS C 526 20.44 -67.15 -2.89
C HIS C 526 20.97 -67.81 -4.16
N SER C 527 21.58 -67.00 -5.02
CA SER C 527 22.12 -67.49 -6.27
C SER C 527 21.01 -68.19 -7.03
N ILE C 528 20.03 -67.42 -7.51
CA ILE C 528 18.91 -68.01 -8.26
C ILE C 528 19.17 -67.86 -9.76
N ASN C 529 19.29 -68.99 -10.46
CA ASN C 529 19.61 -68.95 -11.88
C ASN C 529 18.46 -69.22 -12.84
N ALA C 530 17.26 -69.42 -12.30
CA ALA C 530 16.06 -69.65 -13.11
C ALA C 530 14.87 -69.28 -12.22
N LEU C 531 13.69 -69.18 -12.81
CA LEU C 531 12.48 -68.84 -12.05
C LEU C 531 11.24 -69.49 -12.66
N LEU C 532 10.35 -70.00 -11.80
CA LEU C 532 9.11 -70.63 -12.26
C LEU C 532 7.93 -70.09 -11.49
N ILE C 533 7.10 -69.31 -12.18
CA ILE C 533 5.91 -68.71 -11.58
C ILE C 533 4.64 -69.44 -11.96
N ILE C 534 3.98 -70.00 -10.94
CA ILE C 534 2.74 -70.71 -11.11
C ILE C 534 1.64 -69.82 -10.58
N GLY C 535 1.30 -68.81 -11.36
CA GLY C 535 0.26 -67.88 -10.98
C GLY C 535 -0.68 -67.58 -12.12
N GLY C 536 -1.42 -66.48 -11.99
CA GLY C 536 -2.38 -66.08 -13.00
C GLY C 536 -1.98 -64.81 -13.75
N PHE C 537 -2.84 -63.79 -13.73
CA PHE C 537 -2.55 -62.56 -14.45
C PHE C 537 -1.46 -61.68 -13.83
N GLU C 538 -1.48 -61.49 -12.51
CA GLU C 538 -0.46 -60.66 -11.91
C GLU C 538 0.90 -61.30 -12.21
N ALA C 539 0.94 -62.63 -12.21
CA ALA C 539 2.16 -63.37 -12.50
C ALA C 539 2.73 -62.91 -13.84
N TYR C 540 1.84 -62.74 -14.82
CA TYR C 540 2.26 -62.27 -16.14
C TYR C 540 2.71 -60.80 -16.03
N LEU C 541 1.92 -59.97 -15.34
CA LEU C 541 2.30 -58.56 -15.17
C LEU C 541 3.63 -58.52 -14.45
N GLY C 542 3.88 -59.54 -13.64
CA GLY C 542 5.12 -59.61 -12.91
C GLY C 542 6.26 -59.89 -13.87
N LEU C 543 6.13 -60.97 -14.65
CA LEU C 543 7.15 -61.32 -15.62
C LEU C 543 7.48 -60.13 -16.52
N LEU C 544 6.53 -59.23 -16.71
CA LEU C 544 6.75 -58.05 -17.54
C LEU C 544 7.59 -57.01 -16.80
N GLU C 545 7.24 -56.73 -15.54
CA GLU C 545 7.98 -55.75 -14.77
C GLU C 545 9.40 -56.20 -14.47
N LEU C 546 9.65 -57.50 -14.54
CA LEU C 546 10.99 -57.99 -14.31
C LEU C 546 11.78 -57.82 -15.61
N SER C 547 11.26 -58.32 -16.73
CA SER C 547 11.95 -58.18 -18.03
C SER C 547 12.15 -56.73 -18.46
N ALA C 548 11.46 -55.82 -17.80
CA ALA C 548 11.58 -54.40 -18.10
C ALA C 548 12.54 -53.81 -17.08
N ALA C 549 12.92 -54.63 -16.10
CA ALA C 549 13.83 -54.19 -15.06
C ALA C 549 15.19 -54.87 -15.10
N ARG C 550 15.40 -55.77 -16.07
CA ARG C 550 16.68 -56.46 -16.21
C ARG C 550 17.79 -55.48 -16.64
N GLU C 551 17.40 -54.20 -16.70
CA GLU C 551 18.27 -53.10 -17.09
C GLU C 551 19.13 -52.65 -15.92
N LYS C 552 18.51 -51.88 -15.02
CA LYS C 552 19.18 -51.36 -13.84
C LYS C 552 19.41 -52.50 -12.83
N HIS C 553 18.96 -53.70 -13.17
CA HIS C 553 19.13 -54.86 -12.31
C HIS C 553 19.60 -56.06 -13.15
N GLU C 554 20.65 -56.72 -12.66
CA GLU C 554 21.24 -57.84 -13.36
C GLU C 554 20.53 -59.16 -13.06
N GLU C 555 20.47 -59.51 -11.79
CA GLU C 555 19.85 -60.76 -11.31
C GLU C 555 18.72 -61.30 -12.19
N PHE C 556 17.82 -60.39 -12.59
CA PHE C 556 16.66 -60.72 -13.41
C PHE C 556 17.05 -61.12 -14.83
N CYS C 557 18.28 -61.59 -15.00
CA CYS C 557 18.77 -61.98 -16.32
C CYS C 557 18.84 -63.49 -16.50
N VAL C 558 17.79 -64.16 -16.04
CA VAL C 558 17.70 -65.62 -16.11
C VAL C 558 16.41 -66.05 -16.83
N PRO C 559 16.23 -67.36 -17.09
CA PRO C 559 15.02 -67.84 -17.77
C PRO C 559 13.84 -67.81 -16.79
N MET C 560 12.70 -67.28 -17.23
CA MET C 560 11.53 -67.21 -16.35
C MET C 560 10.23 -67.63 -17.04
N VAL C 561 9.82 -68.89 -16.90
CA VAL C 561 8.56 -69.31 -17.53
C VAL C 561 7.41 -69.18 -16.59
N MET C 562 6.26 -68.92 -17.17
CA MET C 562 5.05 -68.77 -16.38
C MET C 562 4.10 -69.89 -16.75
N VAL C 563 3.35 -70.34 -15.77
CA VAL C 563 2.37 -71.38 -16.00
C VAL C 563 1.04 -70.81 -15.50
N PRO C 564 0.04 -70.70 -16.39
CA PRO C 564 -1.31 -70.18 -16.13
C PRO C 564 -2.14 -70.88 -15.07
N ALA C 565 -2.36 -70.18 -13.97
CA ALA C 565 -3.14 -70.73 -12.89
C ALA C 565 -4.04 -69.69 -12.22
N THR C 566 -5.31 -69.75 -12.56
CA THR C 566 -6.36 -68.90 -11.99
C THR C 566 -7.67 -69.52 -12.42
N VAL C 567 -8.68 -69.33 -11.60
CA VAL C 567 -9.99 -69.86 -11.91
C VAL C 567 -10.58 -69.04 -13.05
N SER C 568 -10.08 -67.81 -13.21
CA SER C 568 -10.56 -66.89 -14.23
C SER C 568 -10.33 -67.32 -15.67
N ASN C 569 -9.15 -67.87 -15.94
CA ASN C 569 -8.74 -68.30 -17.28
C ASN C 569 -8.60 -67.07 -18.15
N ASN C 570 -7.87 -66.09 -17.63
CA ASN C 570 -7.66 -64.82 -18.30
C ASN C 570 -6.18 -64.57 -18.65
N VAL C 571 -5.33 -65.56 -18.43
CA VAL C 571 -3.92 -65.39 -18.74
C VAL C 571 -3.70 -65.33 -20.24
N PRO C 572 -3.08 -64.25 -20.72
CA PRO C 572 -2.81 -64.09 -22.15
C PRO C 572 -1.84 -65.18 -22.64
N GLY C 573 -2.19 -65.85 -23.72
CA GLY C 573 -1.31 -66.87 -24.25
C GLY C 573 -1.68 -68.32 -23.96
N SER C 574 -2.79 -68.53 -23.24
CA SER C 574 -3.21 -69.89 -22.93
C SER C 574 -4.73 -69.98 -22.94
N ASP C 575 -5.26 -71.01 -23.59
CA ASP C 575 -6.70 -71.20 -23.67
C ASP C 575 -7.25 -71.73 -22.36
N PHE C 576 -6.37 -72.27 -21.51
CA PHE C 576 -6.81 -72.81 -20.23
C PHE C 576 -5.92 -72.47 -19.03
N SER C 577 -6.51 -72.53 -17.85
CA SER C 577 -5.81 -72.23 -16.61
C SER C 577 -5.92 -73.38 -15.65
N ILE C 578 -4.93 -73.48 -14.78
CA ILE C 578 -4.99 -74.53 -13.78
C ILE C 578 -5.98 -73.95 -12.79
N GLY C 579 -6.97 -74.76 -12.39
CA GLY C 579 -7.97 -74.28 -11.46
C GLY C 579 -9.27 -73.89 -12.11
N ALA C 580 -9.23 -73.74 -13.44
CA ALA C 580 -10.42 -73.36 -14.18
C ALA C 580 -11.42 -74.50 -14.19
N ASP C 581 -10.95 -75.70 -14.48
CA ASP C 581 -11.86 -76.85 -14.51
C ASP C 581 -12.52 -77.04 -13.14
N THR C 582 -11.72 -76.96 -12.09
CA THR C 582 -12.22 -77.14 -10.74
C THR C 582 -13.36 -76.19 -10.45
N ALA C 583 -13.15 -74.92 -10.80
CA ALA C 583 -14.16 -73.89 -10.58
C ALA C 583 -15.45 -74.16 -11.34
N LEU C 584 -15.29 -74.54 -12.60
CA LEU C 584 -16.41 -74.84 -13.49
C LEU C 584 -17.25 -75.95 -12.90
N ASN C 585 -16.57 -76.96 -12.34
CA ASN C 585 -17.24 -78.09 -11.72
C ASN C 585 -17.97 -77.63 -10.45
N THR C 586 -17.39 -76.65 -9.76
CA THR C 586 -18.03 -76.13 -8.58
C THR C 586 -19.39 -75.55 -9.00
N ILE C 587 -19.40 -74.86 -10.13
CA ILE C 587 -20.62 -74.25 -10.65
C ILE C 587 -21.66 -75.30 -11.02
N THR C 588 -21.31 -76.24 -11.88
CA THR C 588 -22.27 -77.25 -12.27
C THR C 588 -22.78 -78.02 -11.06
N ASP C 589 -21.92 -78.24 -10.06
CA ASP C 589 -22.33 -78.97 -8.85
C ASP C 589 -23.39 -78.21 -8.05
N THR C 590 -23.26 -76.90 -7.99
CA THR C 590 -24.21 -76.09 -7.26
C THR C 590 -25.53 -76.04 -8.01
N CYS C 591 -25.47 -76.03 -9.34
CA CYS C 591 -26.68 -75.98 -10.14
C CYS C 591 -27.41 -77.31 -10.10
N ASP C 592 -26.66 -78.39 -10.05
CA ASP C 592 -27.28 -79.70 -9.99
C ASP C 592 -28.14 -79.72 -8.75
N ARG C 593 -27.52 -79.45 -7.60
CA ARG C 593 -28.24 -79.43 -6.33
C ARG C 593 -29.50 -78.55 -6.41
N ILE C 594 -29.33 -77.31 -6.85
CA ILE C 594 -30.44 -76.39 -6.97
C ILE C 594 -31.63 -76.96 -7.75
N LYS C 595 -31.36 -77.78 -8.76
CA LYS C 595 -32.43 -78.37 -9.57
C LYS C 595 -33.11 -79.56 -8.87
N GLN C 596 -32.30 -80.56 -8.49
CA GLN C 596 -32.81 -81.76 -7.82
C GLN C 596 -33.72 -81.53 -6.61
N SER C 597 -33.77 -80.30 -6.12
CA SER C 597 -34.60 -79.99 -4.95
C SER C 597 -35.99 -79.51 -5.36
N ALA C 598 -37.02 -80.16 -4.83
CA ALA C 598 -38.41 -79.85 -5.17
C ALA C 598 -39.01 -78.66 -4.42
N SER C 599 -39.84 -77.89 -5.13
CA SER C 599 -40.52 -76.71 -4.58
C SER C 599 -42.02 -76.87 -4.65
N GLY C 600 -42.47 -78.10 -4.87
CA GLY C 600 -43.90 -78.35 -4.99
C GLY C 600 -44.36 -77.95 -6.38
N THR C 601 -45.45 -77.20 -6.45
CA THR C 601 -45.98 -76.76 -7.72
C THR C 601 -45.32 -75.46 -8.19
N LYS C 602 -44.50 -74.89 -7.31
CA LYS C 602 -43.85 -73.62 -7.64
C LYS C 602 -42.69 -73.69 -8.64
N ARG C 603 -42.74 -72.77 -9.59
CA ARG C 603 -41.72 -72.65 -10.61
C ARG C 603 -40.65 -71.76 -10.01
N ARG C 604 -39.39 -72.13 -10.18
CA ARG C 604 -38.31 -71.34 -9.60
C ARG C 604 -37.20 -70.97 -10.57
N VAL C 605 -36.70 -69.75 -10.48
CA VAL C 605 -35.61 -69.30 -11.34
C VAL C 605 -34.46 -68.83 -10.47
N PHE C 606 -33.26 -69.29 -10.79
CA PHE C 606 -32.08 -68.93 -10.01
C PHE C 606 -31.08 -68.00 -10.71
N ILE C 607 -30.66 -66.96 -10.00
CA ILE C 607 -29.67 -66.05 -10.52
C ILE C 607 -28.39 -66.38 -9.76
N ILE C 608 -27.33 -66.75 -10.46
CA ILE C 608 -26.07 -67.11 -9.81
C ILE C 608 -24.88 -66.29 -10.29
N GLU C 609 -24.21 -65.62 -9.37
CA GLU C 609 -23.06 -64.82 -9.71
C GLU C 609 -21.82 -65.70 -9.65
N THR C 610 -20.97 -65.61 -10.67
CA THR C 610 -19.75 -66.42 -10.75
C THR C 610 -18.52 -65.53 -10.66
N MET C 611 -17.35 -66.14 -10.43
CA MET C 611 -16.11 -65.41 -10.33
C MET C 611 -15.56 -65.15 -11.72
N GLY C 612 -14.33 -64.62 -11.79
CA GLY C 612 -13.70 -64.39 -13.08
C GLY C 612 -13.30 -62.96 -13.33
N GLY C 613 -13.71 -62.06 -12.44
CA GLY C 613 -13.39 -60.66 -12.64
C GLY C 613 -14.12 -60.18 -13.88
N TYR C 614 -13.36 -59.85 -14.92
CA TYR C 614 -13.94 -59.37 -16.16
C TYR C 614 -14.05 -60.49 -17.18
N CYS C 615 -13.35 -61.57 -16.93
CA CYS C 615 -13.38 -62.70 -17.84
C CYS C 615 -14.61 -63.58 -17.64
N GLY C 616 -15.53 -63.50 -18.58
CA GLY C 616 -16.72 -64.29 -18.47
C GLY C 616 -16.54 -65.76 -18.83
N TYR C 617 -15.31 -66.28 -18.77
CA TYR C 617 -15.11 -67.70 -19.11
C TYR C 617 -15.98 -68.58 -18.22
N LEU C 618 -15.79 -68.46 -16.92
CA LEU C 618 -16.56 -69.24 -15.96
C LEU C 618 -18.06 -69.07 -16.18
N ALA C 619 -18.50 -67.83 -16.22
CA ALA C 619 -19.91 -67.56 -16.40
C ALA C 619 -20.46 -68.21 -17.67
N ASN C 620 -19.77 -68.00 -18.78
CA ASN C 620 -20.20 -68.53 -20.06
C ASN C 620 -20.14 -70.04 -20.16
N MET C 621 -18.95 -70.61 -19.96
CA MET C 621 -18.79 -72.05 -20.05
C MET C 621 -19.62 -72.74 -18.98
N GLY C 622 -19.70 -72.12 -17.81
CA GLY C 622 -20.48 -72.69 -16.74
C GLY C 622 -21.93 -72.71 -17.19
N GLY C 623 -22.35 -71.59 -17.79
CA GLY C 623 -23.72 -71.48 -18.29
C GLY C 623 -24.04 -72.60 -19.25
N LEU C 624 -23.14 -72.80 -20.21
CA LEU C 624 -23.30 -73.86 -21.20
C LEU C 624 -23.40 -75.22 -20.50
N ALA C 625 -22.44 -75.49 -19.63
CA ALA C 625 -22.38 -76.76 -18.91
C ALA C 625 -23.57 -77.06 -18.00
N ALA C 626 -24.15 -76.03 -17.39
CA ALA C 626 -25.28 -76.21 -16.48
C ALA C 626 -26.60 -76.00 -17.16
N GLY C 627 -26.55 -75.59 -18.42
CA GLY C 627 -27.76 -75.37 -19.18
C GLY C 627 -28.56 -74.17 -18.73
N ALA C 628 -27.93 -73.00 -18.72
CA ALA C 628 -28.59 -71.79 -18.31
C ALA C 628 -29.26 -71.08 -19.48
N ASP C 629 -30.34 -70.36 -19.18
CA ASP C 629 -31.07 -69.62 -20.19
C ASP C 629 -30.24 -68.45 -20.69
N ALA C 630 -29.49 -67.84 -19.79
CA ALA C 630 -28.66 -66.70 -20.15
C ALA C 630 -27.48 -66.57 -19.21
N ALA C 631 -26.39 -66.01 -19.74
CA ALA C 631 -25.19 -65.79 -18.94
C ALA C 631 -24.67 -64.40 -19.23
N TYR C 632 -25.02 -63.44 -18.37
CA TYR C 632 -24.57 -62.07 -18.59
C TYR C 632 -23.08 -61.94 -18.33
N ILE C 633 -22.35 -61.50 -19.34
CA ILE C 633 -20.92 -61.34 -19.21
C ILE C 633 -20.50 -59.97 -19.64
N PHE C 634 -19.26 -59.62 -19.32
CA PHE C 634 -18.69 -58.32 -19.64
C PHE C 634 -18.37 -58.16 -21.12
N GLU C 635 -17.79 -59.21 -21.69
CA GLU C 635 -17.38 -59.23 -23.08
C GLU C 635 -18.50 -58.98 -24.08
N GLU C 636 -19.75 -59.16 -23.65
CA GLU C 636 -20.90 -58.92 -24.50
C GLU C 636 -21.83 -57.96 -23.79
N PRO C 637 -21.65 -56.66 -24.03
CA PRO C 637 -22.47 -55.62 -23.42
C PRO C 637 -23.95 -55.82 -23.67
N PHE C 638 -24.77 -55.40 -22.71
CA PHE C 638 -26.21 -55.52 -22.83
C PHE C 638 -26.88 -54.33 -22.18
N ASP C 639 -28.10 -54.02 -22.60
CA ASP C 639 -28.83 -52.90 -22.02
C ASP C 639 -30.15 -53.39 -21.44
N ILE C 640 -30.95 -52.47 -20.91
CA ILE C 640 -32.22 -52.84 -20.30
C ILE C 640 -33.20 -53.53 -21.26
N ARG C 641 -33.07 -53.26 -22.54
CA ARG C 641 -33.96 -53.88 -23.53
C ARG C 641 -33.63 -55.35 -23.72
N ASP C 642 -32.35 -55.65 -23.89
CA ASP C 642 -31.92 -57.04 -24.07
C ASP C 642 -32.34 -57.79 -22.82
N LEU C 643 -32.12 -57.15 -21.69
CA LEU C 643 -32.44 -57.70 -20.39
C LEU C 643 -33.92 -58.04 -20.33
N GLN C 644 -34.75 -57.08 -20.69
CA GLN C 644 -36.19 -57.25 -20.68
C GLN C 644 -36.61 -58.37 -21.59
N SER C 645 -35.96 -58.45 -22.74
CA SER C 645 -36.25 -59.50 -23.72
C SER C 645 -36.01 -60.92 -23.13
N ASN C 646 -34.82 -61.13 -22.55
CA ASN C 646 -34.49 -62.43 -21.97
C ASN C 646 -35.43 -62.83 -20.85
N VAL C 647 -35.92 -61.86 -20.09
CA VAL C 647 -36.83 -62.16 -19.00
C VAL C 647 -38.11 -62.70 -19.61
N GLU C 648 -38.63 -61.98 -20.60
CA GLU C 648 -39.86 -62.41 -21.25
C GLU C 648 -39.68 -63.79 -21.86
N HIS C 649 -38.54 -63.98 -22.52
CA HIS C 649 -38.23 -65.24 -23.15
C HIS C 649 -38.26 -66.39 -22.14
N LEU C 650 -37.61 -66.20 -20.99
CA LEU C 650 -37.58 -67.24 -19.96
C LEU C 650 -38.92 -67.35 -19.24
N THR C 651 -39.61 -66.24 -19.07
CA THR C 651 -40.90 -66.24 -18.40
C THR C 651 -41.83 -67.13 -19.20
N GLU C 652 -41.63 -67.14 -20.50
CA GLU C 652 -42.45 -67.96 -21.37
C GLU C 652 -42.13 -69.44 -21.13
N LYS C 653 -40.85 -69.79 -21.16
CA LYS C 653 -40.45 -71.17 -20.94
C LYS C 653 -40.94 -71.65 -19.58
N MET C 654 -40.95 -70.78 -18.58
CA MET C 654 -41.42 -71.15 -17.25
C MET C 654 -42.92 -71.44 -17.24
N LYS C 655 -43.68 -70.73 -18.06
CA LYS C 655 -45.12 -70.93 -18.14
C LYS C 655 -45.49 -72.30 -18.70
N THR C 656 -44.56 -72.92 -19.42
CA THR C 656 -44.82 -74.23 -20.03
C THR C 656 -43.85 -75.35 -19.69
N THR C 657 -42.94 -75.55 -20.64
CA THR C 657 -41.92 -76.57 -20.60
C THR C 657 -41.00 -76.69 -19.35
N ILE C 658 -40.30 -75.61 -19.00
CA ILE C 658 -39.39 -75.65 -17.86
C ILE C 658 -40.10 -75.56 -16.51
N GLN C 659 -39.46 -76.16 -15.50
CA GLN C 659 -39.96 -76.19 -14.13
C GLN C 659 -38.92 -75.47 -13.24
N ARG C 660 -37.69 -75.39 -13.74
CA ARG C 660 -36.58 -74.79 -13.04
C ARG C 660 -35.67 -73.97 -13.97
N GLY C 661 -35.65 -72.65 -13.83
CA GLY C 661 -34.83 -71.81 -14.68
C GLY C 661 -33.51 -71.36 -14.07
N LEU C 662 -32.50 -71.19 -14.92
CA LEU C 662 -31.18 -70.79 -14.46
C LEU C 662 -30.55 -69.62 -15.22
N VAL C 663 -30.03 -68.64 -14.48
CA VAL C 663 -29.39 -67.46 -15.05
C VAL C 663 -28.06 -67.17 -14.35
N LEU C 664 -26.98 -67.11 -15.12
CA LEU C 664 -25.66 -66.82 -14.55
C LEU C 664 -25.23 -65.37 -14.83
N ARG C 665 -24.42 -64.82 -13.93
CA ARG C 665 -23.92 -63.46 -14.07
C ARG C 665 -22.48 -63.32 -13.61
N ASN C 666 -21.64 -62.82 -14.50
CA ASN C 666 -20.24 -62.60 -14.23
C ASN C 666 -20.12 -61.51 -13.17
N GLU C 667 -19.16 -61.65 -12.26
CA GLU C 667 -18.93 -60.68 -11.18
C GLU C 667 -19.02 -59.22 -11.62
N SER C 668 -18.29 -58.90 -12.67
CA SER C 668 -18.19 -57.54 -13.16
C SER C 668 -18.73 -57.30 -14.57
N CYS C 669 -19.78 -58.02 -14.96
CA CYS C 669 -20.36 -57.87 -16.30
C CYS C 669 -20.95 -56.48 -16.54
N SER C 670 -21.23 -55.79 -15.45
CA SER C 670 -21.81 -54.45 -15.48
C SER C 670 -21.74 -53.92 -14.05
N GLU C 671 -21.60 -52.61 -13.88
CA GLU C 671 -21.53 -52.05 -12.54
C GLU C 671 -22.89 -51.55 -12.07
N ASN C 672 -23.78 -51.23 -13.01
CA ASN C 672 -25.12 -50.77 -12.65
C ASN C 672 -26.11 -51.94 -12.59
N TYR C 673 -26.02 -52.86 -13.55
CA TYR C 673 -26.91 -54.01 -13.54
C TYR C 673 -26.22 -55.09 -12.74
N THR C 674 -26.25 -54.93 -11.43
CA THR C 674 -25.62 -55.84 -10.49
C THR C 674 -26.39 -57.14 -10.41
N THR C 675 -25.90 -58.04 -9.56
CA THR C 675 -26.56 -59.31 -9.38
C THR C 675 -27.95 -59.05 -8.81
N ASP C 676 -28.02 -58.18 -7.80
CA ASP C 676 -29.29 -57.86 -7.18
C ASP C 676 -30.22 -57.18 -8.18
N PHE C 677 -29.68 -56.30 -9.01
CA PHE C 677 -30.50 -55.63 -10.01
C PHE C 677 -31.22 -56.68 -10.82
N ILE C 678 -30.45 -57.57 -11.44
CA ILE C 678 -31.00 -58.63 -12.27
C ILE C 678 -31.98 -59.51 -11.48
N TYR C 679 -31.64 -59.78 -10.22
CA TYR C 679 -32.50 -60.58 -9.37
C TYR C 679 -33.84 -59.86 -9.20
N GLN C 680 -33.76 -58.57 -8.88
CA GLN C 680 -34.96 -57.77 -8.68
C GLN C 680 -35.81 -57.71 -9.96
N LEU C 681 -35.17 -57.52 -11.11
CA LEU C 681 -35.89 -57.45 -12.38
C LEU C 681 -36.63 -58.74 -12.71
N TYR C 682 -35.89 -59.86 -12.76
CA TYR C 682 -36.49 -61.14 -13.03
C TYR C 682 -37.59 -61.46 -12.01
N SER C 683 -37.38 -61.05 -10.77
CA SER C 683 -38.35 -61.30 -9.70
C SER C 683 -39.67 -60.60 -9.96
N GLU C 684 -39.60 -59.31 -10.30
CA GLU C 684 -40.78 -58.52 -10.55
C GLU C 684 -41.49 -59.04 -11.78
N GLU C 685 -40.76 -59.23 -12.88
CA GLU C 685 -41.36 -59.71 -14.12
C GLU C 685 -41.90 -61.13 -14.04
N GLY C 686 -41.40 -61.91 -13.08
CA GLY C 686 -41.88 -63.27 -12.95
C GLY C 686 -43.06 -63.39 -12.01
N LYS C 687 -43.29 -62.36 -11.19
CA LYS C 687 -44.42 -62.34 -10.26
C LYS C 687 -45.61 -63.03 -10.89
N GLY C 688 -46.12 -64.07 -10.22
CA GLY C 688 -47.27 -64.79 -10.75
C GLY C 688 -46.94 -66.05 -11.53
N VAL C 689 -45.76 -66.10 -12.14
CA VAL C 689 -45.40 -67.30 -12.89
C VAL C 689 -44.22 -68.06 -12.27
N PHE C 690 -43.37 -67.37 -11.52
CA PHE C 690 -42.25 -68.04 -10.87
C PHE C 690 -41.58 -67.10 -9.87
N ASP C 691 -40.90 -67.66 -8.88
CA ASP C 691 -40.20 -66.80 -7.94
C ASP C 691 -38.70 -66.96 -8.12
N CYS C 692 -37.94 -66.03 -7.56
CA CYS C 692 -36.50 -66.05 -7.70
C CYS C 692 -35.75 -66.37 -6.45
N ARG C 693 -34.51 -66.77 -6.65
CA ARG C 693 -33.59 -67.08 -5.59
C ARG C 693 -32.29 -66.55 -6.14
N LYS C 694 -31.58 -65.81 -5.30
CA LYS C 694 -30.31 -65.23 -5.66
C LYS C 694 -29.24 -66.08 -5.02
N ASN C 695 -28.04 -66.09 -5.56
CA ASN C 695 -26.96 -66.86 -4.98
C ASN C 695 -25.60 -66.52 -5.54
N VAL C 696 -24.74 -66.03 -4.67
CA VAL C 696 -23.40 -65.66 -5.07
C VAL C 696 -22.45 -66.75 -4.64
N LEU C 697 -21.88 -67.46 -5.61
CA LEU C 697 -20.95 -68.53 -5.31
C LEU C 697 -19.87 -68.05 -4.35
N GLY C 698 -19.32 -66.87 -4.61
CA GLY C 698 -18.29 -66.35 -3.74
C GLY C 698 -16.96 -67.05 -3.93
N HIS C 699 -15.93 -66.47 -3.33
CA HIS C 699 -14.58 -67.00 -3.42
C HIS C 699 -14.22 -68.05 -2.36
N MET C 700 -15.23 -68.61 -1.68
CA MET C 700 -14.98 -69.64 -0.66
C MET C 700 -14.75 -70.97 -1.38
N GLN C 701 -15.33 -71.08 -2.56
CA GLN C 701 -15.21 -72.27 -3.38
C GLN C 701 -14.21 -71.95 -4.50
N GLN C 702 -12.99 -71.70 -4.04
CA GLN C 702 -11.84 -71.36 -4.88
C GLN C 702 -10.64 -72.07 -4.24
N GLY C 703 -10.88 -72.64 -3.05
CA GLY C 703 -9.82 -73.34 -2.34
C GLY C 703 -10.13 -74.79 -2.02
N GLY C 704 -11.16 -75.35 -2.65
CA GLY C 704 -11.50 -76.74 -2.42
C GLY C 704 -10.47 -77.63 -3.09
N ALA C 705 -10.62 -78.95 -2.99
CA ALA C 705 -9.68 -79.86 -3.63
C ALA C 705 -9.77 -79.71 -5.16
N PRO C 706 -8.61 -79.74 -5.85
CA PRO C 706 -8.61 -79.60 -7.30
C PRO C 706 -9.22 -80.81 -7.97
N SER C 707 -9.89 -80.59 -9.09
CA SER C 707 -10.52 -81.66 -9.85
C SER C 707 -9.43 -82.46 -10.53
N PRO C 708 -9.69 -83.72 -10.87
CA PRO C 708 -8.69 -84.56 -11.54
C PRO C 708 -8.02 -83.83 -12.72
N PHE C 709 -8.84 -83.25 -13.57
CA PHE C 709 -8.31 -82.53 -14.71
C PHE C 709 -7.22 -81.50 -14.32
N ASP C 710 -7.44 -80.74 -13.25
CA ASP C 710 -6.46 -79.76 -12.84
C ASP C 710 -5.20 -80.33 -12.20
N ARG C 711 -5.33 -81.37 -11.38
CA ARG C 711 -4.13 -81.91 -10.75
C ARG C 711 -3.23 -82.48 -11.83
N ASN C 712 -3.82 -82.91 -12.93
CA ASN C 712 -3.04 -83.43 -14.03
C ASN C 712 -2.53 -82.30 -14.91
N PHE C 713 -3.36 -81.28 -15.10
CA PHE C 713 -2.96 -80.15 -15.91
C PHE C 713 -1.74 -79.53 -15.24
N GLY C 714 -1.88 -79.23 -13.96
CA GLY C 714 -0.80 -78.64 -13.20
C GLY C 714 0.47 -79.47 -13.23
N THR C 715 0.30 -80.78 -13.07
CA THR C 715 1.44 -81.69 -13.10
C THR C 715 2.13 -81.61 -14.46
N LYS C 716 1.34 -81.73 -15.53
CA LYS C 716 1.85 -81.72 -16.89
C LYS C 716 2.57 -80.44 -17.40
N ILE C 717 1.99 -79.26 -17.21
CA ILE C 717 2.66 -78.07 -17.73
C ILE C 717 3.88 -77.70 -16.90
N SER C 718 3.75 -77.85 -15.59
CA SER C 718 4.86 -77.52 -14.70
C SER C 718 6.08 -78.33 -15.09
N ALA C 719 5.85 -79.57 -15.52
CA ALA C 719 6.95 -80.43 -15.92
C ALA C 719 7.56 -79.94 -17.24
N ARG C 720 6.73 -79.62 -18.22
CA ARG C 720 7.24 -79.13 -19.50
C ARG C 720 7.98 -77.81 -19.29
N ALA C 721 7.49 -77.01 -18.36
CA ALA C 721 8.11 -75.72 -18.06
C ALA C 721 9.51 -75.91 -17.47
N MET C 722 9.63 -76.85 -16.54
CA MET C 722 10.91 -77.11 -15.91
C MET C 722 11.89 -77.62 -16.97
N GLU C 723 11.39 -78.50 -17.84
CA GLU C 723 12.19 -79.07 -18.92
C GLU C 723 12.82 -77.94 -19.75
N TRP C 724 12.03 -76.89 -19.96
CA TRP C 724 12.45 -75.70 -20.70
C TRP C 724 13.57 -75.01 -19.94
N ILE C 725 13.36 -74.78 -18.65
CA ILE C 725 14.37 -74.14 -17.82
C ILE C 725 15.67 -74.95 -17.88
N THR C 726 15.56 -76.26 -17.69
CA THR C 726 16.72 -77.13 -17.73
C THR C 726 17.52 -76.89 -19.01
N ALA C 727 16.83 -76.96 -20.16
CA ALA C 727 17.46 -76.76 -21.47
C ALA C 727 18.06 -75.35 -21.64
N LYS C 728 17.38 -74.33 -21.12
CA LYS C 728 17.86 -72.96 -21.21
C LYS C 728 19.16 -72.80 -20.43
N LEU C 729 19.22 -73.42 -19.25
CA LEU C 729 20.40 -73.33 -18.40
C LEU C 729 21.63 -74.10 -18.90
N LYS C 730 21.49 -74.76 -20.05
CA LYS C 730 22.59 -75.52 -20.64
C LYS C 730 23.47 -74.63 -21.52
N GLU C 731 23.30 -73.31 -21.38
CA GLU C 731 24.05 -72.34 -22.16
C GLU C 731 24.22 -71.03 -21.40
N PHE C 739 21.16 -64.08 -19.69
CA PHE C 739 19.90 -64.05 -20.44
C PHE C 739 19.32 -62.64 -20.46
N THR C 740 19.65 -61.87 -21.49
CA THR C 740 19.13 -60.50 -21.61
C THR C 740 18.18 -60.38 -22.80
N THR C 741 18.04 -61.50 -23.52
CA THR C 741 17.19 -61.63 -24.68
C THR C 741 15.71 -61.56 -24.24
N ASP C 742 14.77 -61.45 -25.19
CA ASP C 742 13.33 -61.36 -24.86
C ASP C 742 12.54 -62.65 -25.03
N ASP C 743 13.20 -63.71 -25.50
CA ASP C 743 12.53 -64.99 -25.69
C ASP C 743 13.00 -65.93 -24.58
N SER C 744 13.61 -65.36 -23.54
CA SER C 744 14.07 -66.13 -22.40
C SER C 744 13.06 -65.97 -21.27
N ILE C 745 12.07 -65.08 -21.46
CA ILE C 745 11.01 -64.87 -20.48
C ILE C 745 9.65 -65.12 -21.16
N CYS C 746 9.26 -66.40 -21.21
CA CYS C 746 8.02 -66.83 -21.84
C CYS C 746 6.80 -66.98 -20.91
N VAL C 747 5.74 -67.56 -21.49
CA VAL C 747 4.52 -67.86 -20.77
C VAL C 747 4.07 -69.15 -21.44
N LEU C 748 4.34 -70.27 -20.80
CA LEU C 748 3.96 -71.57 -21.36
C LEU C 748 2.46 -71.79 -21.24
N GLY C 749 1.81 -72.08 -22.36
CA GLY C 749 0.39 -72.31 -22.34
C GLY C 749 -0.19 -73.02 -23.55
N ILE C 750 -1.51 -73.09 -23.61
CA ILE C 750 -2.16 -73.78 -24.71
C ILE C 750 -2.53 -72.78 -25.76
N SER C 751 -1.93 -72.90 -26.93
CA SER C 751 -2.23 -72.00 -28.03
C SER C 751 -2.84 -72.80 -29.17
N LYS C 752 -2.43 -72.48 -30.39
CA LYS C 752 -2.93 -73.15 -31.59
C LYS C 752 -3.47 -74.54 -31.28
N ARG C 753 -2.58 -75.52 -31.19
CA ARG C 753 -3.00 -76.88 -30.89
C ARG C 753 -1.89 -77.48 -30.08
N ASN C 754 -1.00 -76.62 -29.63
CA ASN C 754 0.14 -77.06 -28.85
C ASN C 754 0.37 -76.20 -27.64
N VAL C 755 1.23 -76.70 -26.78
CA VAL C 755 1.62 -76.00 -25.58
C VAL C 755 2.92 -75.34 -26.04
N ILE C 756 2.85 -74.06 -26.38
CA ILE C 756 4.04 -73.36 -26.85
C ILE C 756 4.45 -72.22 -25.93
N PHE C 757 5.75 -71.96 -25.88
CA PHE C 757 6.29 -70.87 -25.05
C PHE C 757 6.21 -69.58 -25.85
N GLN C 758 5.57 -68.57 -25.28
CA GLN C 758 5.43 -67.28 -25.96
C GLN C 758 6.03 -66.16 -25.13
N PRO C 759 7.01 -65.43 -25.68
CA PRO C 759 7.63 -64.34 -24.92
C PRO C 759 6.62 -63.27 -24.50
N VAL C 760 6.59 -63.00 -23.19
CA VAL C 760 5.70 -62.01 -22.60
C VAL C 760 5.58 -60.75 -23.43
N ALA C 761 6.70 -60.35 -24.04
CA ALA C 761 6.75 -59.14 -24.84
C ALA C 761 5.79 -59.10 -26.03
N GLU C 762 5.63 -60.22 -26.74
CA GLU C 762 4.73 -60.24 -27.88
C GLU C 762 3.29 -60.55 -27.52
N LEU C 763 3.03 -60.71 -26.22
CA LEU C 763 1.68 -60.98 -25.78
C LEU C 763 0.97 -59.67 -25.43
N LYS C 764 1.74 -58.63 -25.17
CA LYS C 764 1.18 -57.33 -24.82
C LYS C 764 0.23 -56.86 -25.91
N LYS C 765 0.65 -57.07 -27.16
CA LYS C 765 -0.13 -56.69 -28.32
C LYS C 765 -1.59 -57.17 -28.25
N GLN C 766 -1.76 -58.43 -27.89
CA GLN C 766 -3.07 -59.07 -27.82
C GLN C 766 -3.73 -59.12 -26.47
N THR C 767 -3.45 -58.16 -25.60
CA THR C 767 -4.04 -58.16 -24.29
C THR C 767 -4.56 -56.78 -23.86
N ASP C 768 -5.74 -56.78 -23.24
CA ASP C 768 -6.36 -55.55 -22.74
C ASP C 768 -6.03 -55.41 -21.26
N PHE C 769 -5.04 -54.60 -20.94
CA PHE C 769 -4.61 -54.43 -19.56
C PHE C 769 -5.56 -53.70 -18.64
N GLU C 770 -6.60 -53.10 -19.20
CA GLU C 770 -7.57 -52.37 -18.38
C GLU C 770 -8.51 -53.32 -17.61
N HIS C 771 -8.92 -54.39 -18.27
CA HIS C 771 -9.82 -55.36 -17.66
C HIS C 771 -9.13 -56.68 -17.40
N ARG C 772 -7.84 -56.72 -17.71
CA ARG C 772 -7.03 -57.90 -17.52
C ARG C 772 -7.60 -59.16 -18.14
N ILE C 773 -7.86 -59.09 -19.43
CA ILE C 773 -8.38 -60.23 -20.17
C ILE C 773 -7.78 -60.13 -21.56
N PRO C 774 -7.54 -61.28 -22.21
CA PRO C 774 -6.96 -61.25 -23.56
C PRO C 774 -7.94 -60.58 -24.52
N LYS C 775 -7.40 -59.92 -25.55
CA LYS C 775 -8.24 -59.23 -26.53
C LYS C 775 -9.10 -60.19 -27.34
N GLU C 776 -8.56 -61.36 -27.63
CA GLU C 776 -9.30 -62.34 -28.41
C GLU C 776 -9.53 -63.59 -27.56
N GLN C 777 -10.77 -63.80 -27.13
CA GLN C 777 -11.08 -64.96 -26.29
C GLN C 777 -11.75 -66.05 -27.11
N TRP C 778 -11.02 -67.13 -27.33
CA TRP C 778 -11.51 -68.25 -28.13
C TRP C 778 -12.89 -68.79 -27.78
N TRP C 779 -13.15 -68.99 -26.50
CA TRP C 779 -14.44 -69.52 -26.06
C TRP C 779 -15.65 -68.70 -26.47
N LEU C 780 -15.44 -67.42 -26.79
CA LEU C 780 -16.57 -66.60 -27.20
C LEU C 780 -17.29 -67.11 -28.46
N LYS C 781 -16.58 -67.90 -29.28
CA LYS C 781 -17.16 -68.46 -30.50
C LYS C 781 -18.23 -69.49 -30.13
N LEU C 782 -18.19 -69.93 -28.88
CA LEU C 782 -19.14 -70.92 -28.37
C LEU C 782 -20.38 -70.28 -27.79
N ARG C 783 -20.29 -68.99 -27.49
CA ARG C 783 -21.42 -68.31 -26.90
C ARG C 783 -22.73 -68.48 -27.65
N PRO C 784 -22.71 -68.31 -28.99
CA PRO C 784 -23.95 -68.47 -29.77
C PRO C 784 -24.51 -69.88 -29.71
N LEU C 785 -23.69 -70.83 -29.29
CA LEU C 785 -24.13 -72.21 -29.16
C LEU C 785 -25.00 -72.30 -27.92
N MET C 786 -24.45 -71.89 -26.79
CA MET C 786 -25.16 -71.91 -25.52
C MET C 786 -26.54 -71.28 -25.68
N LYS C 787 -26.60 -70.23 -26.49
CA LYS C 787 -27.86 -69.52 -26.71
C LYS C 787 -28.90 -70.34 -27.47
N ILE C 788 -28.56 -70.78 -28.68
CA ILE C 788 -29.53 -71.55 -29.47
C ILE C 788 -29.97 -72.80 -28.74
N LEU C 789 -29.11 -73.34 -27.88
CA LEU C 789 -29.47 -74.52 -27.11
C LEU C 789 -30.52 -74.15 -26.05
N ALA C 790 -30.59 -72.85 -25.75
CA ALA C 790 -31.56 -72.35 -24.77
C ALA C 790 -32.83 -71.90 -25.50
N LYS C 791 -32.88 -72.21 -26.79
CA LYS C 791 -34.00 -71.89 -27.66
C LYS C 791 -34.00 -70.43 -28.12
N TYR C 792 -32.82 -69.84 -28.27
CA TYR C 792 -32.74 -68.47 -28.77
C TYR C 792 -32.33 -68.58 -30.22
N LYS C 793 -32.48 -67.48 -30.94
CA LYS C 793 -32.09 -67.42 -32.34
C LYS C 793 -30.86 -66.52 -32.40
N ALA C 794 -29.68 -67.12 -32.43
CA ALA C 794 -28.44 -66.37 -32.47
C ALA C 794 -27.59 -66.73 -33.68
N SER C 795 -26.88 -65.76 -34.21
CA SER C 795 -26.01 -66.01 -35.35
C SER C 795 -24.84 -66.83 -34.85
N TYR C 796 -24.55 -67.93 -35.53
CA TYR C 796 -23.48 -68.80 -35.11
C TYR C 796 -22.37 -68.89 -36.16
N ASP C 797 -21.30 -68.14 -35.95
CA ASP C 797 -20.17 -68.18 -36.88
C ASP C 797 -19.51 -69.54 -36.68
N VAL C 798 -19.81 -70.47 -37.59
CA VAL C 798 -19.26 -71.82 -37.48
C VAL C 798 -18.09 -72.02 -38.45
N SER C 799 -17.30 -70.98 -38.65
CA SER C 799 -16.15 -71.04 -39.55
C SER C 799 -15.04 -71.92 -38.98
N ASP C 800 -14.84 -71.83 -37.67
CA ASP C 800 -13.81 -72.61 -37.01
C ASP C 800 -14.19 -74.09 -36.88
N SER C 801 -15.28 -74.50 -37.51
CA SER C 801 -15.73 -75.89 -37.44
C SER C 801 -14.61 -76.81 -37.88
N GLY C 802 -14.82 -78.10 -37.71
CA GLY C 802 -13.80 -79.05 -38.10
C GLY C 802 -13.82 -79.37 -39.58
N GLN C 803 -12.72 -79.97 -40.06
CA GLN C 803 -12.61 -80.36 -41.45
C GLN C 803 -11.81 -81.66 -41.53
N LEU C 804 -12.16 -82.48 -42.52
CA LEU C 804 -11.53 -83.78 -42.72
C LEU C 804 -9.99 -83.78 -42.77
N GLU C 805 -9.41 -84.40 -41.75
CA GLU C 805 -7.96 -84.53 -41.60
C GLU C 805 -7.65 -86.02 -41.40
N HIS C 806 -6.41 -86.41 -41.66
CA HIS C 806 -6.01 -87.81 -41.49
C HIS C 806 -5.36 -87.99 -40.13
N VAL C 807 -5.69 -89.08 -39.45
CA VAL C 807 -5.13 -89.34 -38.13
C VAL C 807 -3.61 -89.24 -38.19
N GLN C 808 -3.05 -88.33 -37.39
CA GLN C 808 -1.60 -88.14 -37.34
C GLN C 808 -1.02 -88.66 -36.03
N ARG D 42 -26.28 -80.79 43.07
CA ARG D 42 -25.75 -81.42 41.83
C ARG D 42 -24.21 -81.51 41.84
N LYS D 43 -23.63 -81.96 40.73
CA LYS D 43 -22.18 -82.09 40.64
C LYS D 43 -21.54 -81.51 39.38
N PHE D 44 -20.30 -81.02 39.53
CA PHE D 44 -19.56 -80.44 38.42
C PHE D 44 -18.23 -81.15 38.21
N LEU D 45 -17.83 -81.29 36.96
CA LEU D 45 -16.61 -82.00 36.57
C LEU D 45 -15.29 -81.43 37.09
N GLU D 46 -15.30 -80.17 37.52
CA GLU D 46 -14.09 -79.53 38.05
C GLU D 46 -13.88 -79.93 39.52
N HIS D 47 -14.92 -80.53 40.10
CA HIS D 47 -14.93 -80.98 41.49
C HIS D 47 -14.38 -82.39 41.68
N LEU D 48 -14.83 -83.34 40.86
CA LEU D 48 -14.31 -84.71 41.00
C LEU D 48 -13.07 -84.81 40.13
N SER D 49 -11.92 -84.76 40.81
CA SER D 49 -10.61 -84.82 40.18
C SER D 49 -10.08 -86.24 40.03
N GLY D 50 -9.23 -86.43 39.03
CA GLY D 50 -8.64 -87.74 38.77
C GLY D 50 -7.13 -87.63 38.85
N ALA D 51 -6.67 -86.60 39.55
CA ALA D 51 -5.24 -86.37 39.73
C ALA D 51 -4.60 -87.62 40.34
N GLY D 52 -3.48 -88.02 39.76
CA GLY D 52 -2.80 -89.20 40.28
C GLY D 52 -3.15 -90.46 39.52
N LYS D 53 -4.28 -90.46 38.84
CA LYS D 53 -4.68 -91.62 38.06
C LYS D 53 -4.06 -91.57 36.68
N ALA D 54 -3.87 -92.74 36.08
CA ALA D 54 -3.29 -92.84 34.73
C ALA D 54 -4.22 -93.64 33.82
N ILE D 55 -4.71 -92.99 32.76
CA ILE D 55 -5.61 -93.64 31.84
C ILE D 55 -4.96 -94.04 30.51
N GLY D 56 -5.28 -95.25 30.07
CA GLY D 56 -4.75 -95.73 28.82
C GLY D 56 -5.91 -95.90 27.85
N VAL D 57 -5.75 -95.39 26.65
CA VAL D 57 -6.79 -95.48 25.65
C VAL D 57 -6.22 -96.14 24.40
N LEU D 58 -7.02 -97.01 23.79
CA LEU D 58 -6.58 -97.72 22.58
C LEU D 58 -7.79 -97.99 21.68
N THR D 59 -7.53 -98.11 20.39
CA THR D 59 -8.60 -98.38 19.42
C THR D 59 -8.34 -99.75 18.82
N SER D 60 -9.30 -100.67 18.96
CA SER D 60 -9.12 -102.01 18.43
C SER D 60 -10.15 -102.41 17.38
N GLY D 61 -9.84 -103.47 16.65
CA GLY D 61 -10.73 -103.97 15.62
C GLY D 61 -10.60 -103.17 14.35
N GLY D 62 -11.61 -103.24 13.50
CA GLY D 62 -11.57 -102.48 12.27
C GLY D 62 -11.74 -101.02 12.62
N ASP D 63 -11.18 -100.13 11.81
CA ASP D 63 -11.31 -98.69 12.08
C ASP D 63 -12.72 -98.22 11.73
N ALA D 64 -13.17 -97.16 12.41
CA ALA D 64 -14.49 -96.61 12.18
C ALA D 64 -14.48 -95.11 12.35
N GLN D 65 -15.03 -94.39 11.37
CA GLN D 65 -15.06 -92.94 11.44
C GLN D 65 -15.63 -92.43 12.75
N GLY D 66 -14.87 -91.61 13.45
CA GLY D 66 -15.33 -91.09 14.71
C GLY D 66 -14.40 -91.50 15.83
N MET D 67 -13.52 -92.46 15.54
CA MET D 67 -12.60 -92.92 16.57
C MET D 67 -11.69 -91.78 17.04
N ASN D 68 -11.18 -90.98 16.11
CA ASN D 68 -10.32 -89.89 16.52
C ASN D 68 -11.09 -88.93 17.41
N ALA D 69 -12.32 -88.61 17.00
CA ALA D 69 -13.15 -87.70 17.78
C ALA D 69 -13.24 -88.21 19.21
N ALA D 70 -13.31 -89.53 19.32
CA ALA D 70 -13.40 -90.21 20.61
C ALA D 70 -12.14 -90.07 21.46
N VAL D 71 -10.98 -90.45 20.91
CA VAL D 71 -9.75 -90.35 21.68
C VAL D 71 -9.46 -88.89 21.99
N ARG D 72 -9.80 -88.00 21.05
CA ARG D 72 -9.58 -86.57 21.27
C ARG D 72 -10.30 -86.18 22.56
N ALA D 73 -11.54 -86.65 22.68
CA ALA D 73 -12.37 -86.36 23.83
C ALA D 73 -11.77 -86.98 25.08
N VAL D 74 -11.44 -88.27 25.00
CA VAL D 74 -10.86 -88.96 26.15
C VAL D 74 -9.57 -88.27 26.62
N VAL D 75 -8.60 -88.16 25.73
CA VAL D 75 -7.34 -87.50 26.05
C VAL D 75 -7.58 -86.16 26.78
N ARG D 76 -8.26 -85.24 26.11
CA ARG D 76 -8.50 -83.94 26.72
C ARG D 76 -9.33 -83.95 27.99
N MET D 77 -10.39 -84.75 28.02
CA MET D 77 -11.21 -84.80 29.23
C MET D 77 -10.40 -85.29 30.40
N GLY D 78 -9.54 -86.27 30.14
CA GLY D 78 -8.70 -86.80 31.21
C GLY D 78 -7.75 -85.71 31.66
N ILE D 79 -6.92 -85.22 30.73
CA ILE D 79 -5.96 -84.18 31.05
C ILE D 79 -6.61 -83.03 31.81
N TYR D 80 -7.87 -82.74 31.49
CA TYR D 80 -8.58 -81.65 32.14
C TYR D 80 -8.91 -81.92 33.61
N VAL D 81 -9.39 -83.13 33.91
CA VAL D 81 -9.73 -83.50 35.28
C VAL D 81 -8.47 -83.77 36.10
N GLY D 82 -7.30 -83.51 35.51
CA GLY D 82 -6.04 -83.73 36.23
C GLY D 82 -5.41 -85.12 36.10
N ALA D 83 -6.03 -86.01 35.33
CA ALA D 83 -5.46 -87.33 35.15
C ALA D 83 -4.33 -87.22 34.12
N LYS D 84 -3.69 -88.33 33.84
CA LYS D 84 -2.62 -88.34 32.87
C LYS D 84 -2.97 -89.46 31.92
N VAL D 85 -3.21 -89.15 30.66
CA VAL D 85 -3.60 -90.18 29.71
C VAL D 85 -2.49 -90.64 28.78
N TYR D 86 -2.53 -91.93 28.44
CA TYR D 86 -1.55 -92.58 27.59
C TYR D 86 -2.16 -93.25 26.36
N PHE D 87 -1.47 -93.10 25.24
CA PHE D 87 -1.88 -93.69 23.97
C PHE D 87 -1.39 -95.14 23.94
N ILE D 88 -2.13 -96.00 23.27
CA ILE D 88 -1.72 -97.39 23.14
C ILE D 88 -1.96 -97.77 21.70
N TYR D 89 -0.94 -97.57 20.89
CA TYR D 89 -0.99 -97.83 19.47
C TYR D 89 -1.31 -99.27 19.07
N GLU D 90 -1.98 -99.40 17.94
CA GLU D 90 -2.32 -100.70 17.37
C GLU D 90 -3.26 -101.56 18.20
N GLY D 91 -4.14 -100.94 18.97
CA GLY D 91 -5.07 -101.71 19.78
C GLY D 91 -4.35 -102.63 20.74
N TYR D 92 -4.85 -103.85 20.91
CA TYR D 92 -4.23 -104.80 21.83
C TYR D 92 -2.80 -105.17 21.46
N GLN D 93 -2.51 -105.27 20.17
CA GLN D 93 -1.17 -105.59 19.71
C GLN D 93 -0.17 -104.70 20.45
N GLY D 94 -0.33 -103.40 20.30
CA GLY D 94 0.56 -102.46 20.94
C GLY D 94 0.64 -102.63 22.43
N MET D 95 -0.40 -103.16 23.06
CA MET D 95 -0.37 -103.34 24.51
C MET D 95 0.50 -104.53 24.88
N VAL D 96 0.39 -105.58 24.07
CA VAL D 96 1.18 -106.79 24.27
C VAL D 96 2.64 -106.40 24.05
N ASP D 97 2.93 -105.85 22.88
CA ASP D 97 4.27 -105.42 22.51
C ASP D 97 4.88 -104.47 23.53
N GLY D 98 4.08 -103.52 24.00
CA GLY D 98 4.57 -102.55 24.97
C GLY D 98 5.72 -101.71 24.45
N GLY D 99 6.43 -101.08 25.36
CA GLY D 99 7.54 -100.24 24.96
C GLY D 99 7.06 -98.91 24.41
N SER D 100 7.55 -98.54 23.23
CA SER D 100 7.17 -97.28 22.60
C SER D 100 5.73 -97.31 22.07
N ASN D 101 5.11 -98.48 22.07
CA ASN D 101 3.73 -98.61 21.62
C ASN D 101 2.81 -97.96 22.64
N ILE D 102 3.39 -97.44 23.72
CA ILE D 102 2.63 -96.76 24.75
C ILE D 102 3.33 -95.46 25.07
N ALA D 103 2.70 -94.35 24.70
CA ALA D 103 3.27 -93.02 24.95
C ALA D 103 2.26 -92.14 25.65
N GLU D 104 2.75 -91.18 26.43
CA GLU D 104 1.85 -90.28 27.12
C GLU D 104 1.34 -89.31 26.07
N ALA D 105 0.10 -88.89 26.22
CA ALA D 105 -0.48 -87.95 25.27
C ALA D 105 -0.75 -86.63 25.97
N ASP D 106 -0.48 -85.52 25.28
CA ASP D 106 -0.73 -84.19 25.82
C ASP D 106 -1.86 -83.53 25.03
N TRP D 107 -2.27 -82.35 25.46
CA TRP D 107 -3.36 -81.64 24.80
C TRP D 107 -3.25 -81.52 23.29
N GLU D 108 -2.04 -81.34 22.78
CA GLU D 108 -1.87 -81.18 21.33
C GLU D 108 -1.82 -82.47 20.53
N SER D 109 -1.70 -83.60 21.24
CA SER D 109 -1.63 -84.90 20.60
C SER D 109 -2.85 -85.11 19.72
N VAL D 110 -4.01 -84.88 20.31
CA VAL D 110 -5.27 -85.05 19.62
C VAL D 110 -5.76 -83.77 18.95
N SER D 111 -4.84 -82.86 18.65
CA SER D 111 -5.23 -81.61 18.01
C SER D 111 -5.53 -81.77 16.54
N SER D 112 -6.69 -81.28 16.13
CA SER D 112 -7.13 -81.33 14.74
C SER D 112 -7.21 -82.73 14.12
N ILE D 113 -7.94 -83.63 14.77
CA ILE D 113 -8.10 -84.99 14.25
C ILE D 113 -9.60 -85.29 14.24
N LEU D 114 -10.38 -84.29 14.64
CA LEU D 114 -11.82 -84.40 14.71
C LEU D 114 -12.44 -84.81 13.38
N GLN D 115 -12.06 -84.11 12.32
CA GLN D 115 -12.58 -84.37 10.98
C GLN D 115 -11.84 -85.48 10.25
N VAL D 116 -11.11 -86.30 11.00
CA VAL D 116 -10.33 -87.38 10.41
C VAL D 116 -10.86 -88.79 10.60
N GLY D 117 -10.98 -89.52 9.47
CA GLY D 117 -11.45 -90.89 9.51
C GLY D 117 -10.40 -91.82 10.09
N GLY D 118 -10.76 -93.08 10.33
CA GLY D 118 -9.81 -94.00 10.90
C GLY D 118 -9.40 -93.59 12.29
N THR D 119 -8.15 -93.90 12.64
CA THR D 119 -7.60 -93.61 13.96
C THR D 119 -6.09 -93.34 13.93
N ILE D 120 -5.68 -92.20 14.47
CA ILE D 120 -4.26 -91.85 14.52
C ILE D 120 -3.47 -92.76 15.47
N ILE D 121 -4.21 -93.46 16.33
CA ILE D 121 -3.63 -94.37 17.29
C ILE D 121 -3.41 -95.70 16.57
N GLY D 122 -4.19 -95.93 15.53
CA GLY D 122 -4.06 -97.15 14.77
C GLY D 122 -4.89 -98.22 15.44
N SER D 123 -5.47 -99.09 14.64
CA SER D 123 -6.29 -100.17 15.16
C SER D 123 -6.01 -101.41 14.35
N ALA D 124 -5.84 -102.54 15.02
CA ALA D 124 -5.56 -103.78 14.33
C ALA D 124 -6.11 -104.95 15.12
N ARG D 125 -5.82 -106.15 14.62
CA ARG D 125 -6.23 -107.38 15.25
C ARG D 125 -5.00 -107.98 15.91
N CYS D 126 -5.13 -108.33 17.20
CA CYS D 126 -4.01 -108.90 17.92
C CYS D 126 -4.30 -110.36 18.19
N GLN D 127 -3.55 -111.25 17.56
CA GLN D 127 -3.79 -112.66 17.80
C GLN D 127 -3.20 -113.06 19.14
N ALA D 128 -2.09 -112.43 19.50
CA ALA D 128 -1.42 -112.69 20.76
C ALA D 128 -2.34 -112.51 21.96
N PHE D 129 -3.26 -111.55 21.88
CA PHE D 129 -4.16 -111.28 22.98
C PHE D 129 -5.24 -112.36 23.12
N ARG D 130 -5.39 -113.21 22.11
CA ARG D 130 -6.37 -114.30 22.17
C ARG D 130 -5.88 -115.33 23.18
N THR D 131 -4.56 -115.39 23.33
CA THR D 131 -3.89 -116.34 24.22
C THR D 131 -3.63 -115.84 25.64
N ARG D 132 -3.32 -116.78 26.53
CA ARG D 132 -3.01 -116.46 27.93
C ARG D 132 -1.65 -115.78 28.04
N GLU D 133 -0.75 -116.10 27.11
CA GLU D 133 0.59 -115.50 27.11
C GLU D 133 0.52 -114.03 26.74
N GLY D 134 -0.37 -113.73 25.79
CA GLY D 134 -0.53 -112.35 25.36
C GLY D 134 -1.04 -111.51 26.51
N ARG D 135 -2.17 -111.92 27.08
CA ARG D 135 -2.76 -111.20 28.20
C ARG D 135 -1.74 -110.91 29.30
N LEU D 136 -0.86 -111.88 29.55
CA LEU D 136 0.15 -111.73 30.57
C LEU D 136 1.19 -110.67 30.18
N LYS D 137 1.72 -110.80 28.98
CA LYS D 137 2.72 -109.86 28.49
C LYS D 137 2.14 -108.44 28.52
N ALA D 138 0.86 -108.32 28.18
CA ALA D 138 0.18 -107.03 28.18
C ALA D 138 0.05 -106.46 29.59
N ALA D 139 -0.56 -107.24 30.48
CA ALA D 139 -0.76 -106.81 31.86
C ALA D 139 0.56 -106.34 32.46
N CYS D 140 1.66 -106.88 31.96
CA CYS D 140 2.98 -106.52 32.46
C CYS D 140 3.35 -105.10 32.03
N ASN D 141 3.25 -104.84 30.73
CA ASN D 141 3.57 -103.53 30.19
C ASN D 141 2.68 -102.47 30.79
N LEU D 142 1.43 -102.82 31.03
CA LEU D 142 0.49 -101.88 31.64
C LEU D 142 0.95 -101.52 33.04
N LEU D 143 1.31 -102.54 33.81
CA LEU D 143 1.78 -102.37 35.18
C LEU D 143 3.11 -101.63 35.19
N GLN D 144 3.93 -101.93 34.19
CA GLN D 144 5.24 -101.30 34.06
C GLN D 144 5.11 -99.80 33.85
N ARG D 145 3.91 -99.35 33.46
CA ARG D 145 3.67 -97.93 33.22
C ARG D 145 2.70 -97.30 34.21
N GLY D 146 2.22 -98.08 35.18
CA GLY D 146 1.30 -97.56 36.20
C GLY D 146 -0.12 -97.32 35.72
N ILE D 147 -0.48 -97.96 34.63
CA ILE D 147 -1.80 -97.80 34.03
C ILE D 147 -2.78 -98.87 34.51
N THR D 148 -3.72 -98.46 35.37
CA THR D 148 -4.72 -99.38 35.90
C THR D 148 -6.13 -99.00 35.43
N ASN D 149 -6.22 -97.87 34.70
CA ASN D 149 -7.49 -97.39 34.18
C ASN D 149 -7.44 -97.50 32.66
N LEU D 150 -8.34 -98.31 32.11
CA LEU D 150 -8.35 -98.57 30.67
C LEU D 150 -9.63 -98.16 29.93
N CYS D 151 -9.45 -97.61 28.73
CA CYS D 151 -10.58 -97.20 27.88
C CYS D 151 -10.42 -97.85 26.50
N VAL D 152 -11.22 -98.88 26.26
CA VAL D 152 -11.14 -99.58 25.00
C VAL D 152 -12.23 -99.13 24.04
N ILE D 153 -11.80 -98.69 22.86
CA ILE D 153 -12.71 -98.22 21.83
C ILE D 153 -12.68 -99.21 20.67
N GLY D 154 -13.73 -100.02 20.55
CA GLY D 154 -13.78 -101.00 19.47
C GLY D 154 -15.14 -101.66 19.37
N GLY D 155 -15.18 -102.79 18.65
CA GLY D 155 -16.43 -103.51 18.48
C GLY D 155 -16.63 -104.70 19.41
N ASP D 156 -17.67 -105.48 19.10
CA ASP D 156 -18.04 -106.66 19.87
C ASP D 156 -16.83 -107.44 20.36
N GLY D 157 -15.90 -107.71 19.43
CA GLY D 157 -14.70 -108.45 19.78
C GLY D 157 -13.86 -107.72 20.81
N SER D 158 -13.23 -106.63 20.40
CA SER D 158 -12.39 -105.86 21.31
C SER D 158 -12.98 -105.78 22.71
N LEU D 159 -14.29 -105.53 22.77
CA LEU D 159 -14.98 -105.42 24.04
C LEU D 159 -15.10 -106.71 24.84
N THR D 160 -15.47 -107.82 24.19
CA THR D 160 -15.57 -109.08 24.92
C THR D 160 -14.17 -109.45 25.42
N GLY D 161 -13.16 -109.21 24.58
CA GLY D 161 -11.80 -109.51 24.95
C GLY D 161 -11.37 -108.71 26.17
N ALA D 162 -11.83 -107.46 26.22
CA ALA D 162 -11.52 -106.57 27.33
C ALA D 162 -12.19 -107.10 28.59
N ASN D 163 -13.44 -107.51 28.46
CA ASN D 163 -14.19 -108.07 29.57
C ASN D 163 -13.40 -109.22 30.18
N LEU D 164 -12.99 -110.16 29.34
CA LEU D 164 -12.22 -111.32 29.78
C LEU D 164 -10.92 -110.90 30.47
N PHE D 165 -10.25 -109.88 29.92
CA PHE D 165 -9.01 -109.39 30.50
C PHE D 165 -9.23 -108.92 31.93
N ARG D 166 -10.42 -108.38 32.20
CA ARG D 166 -10.76 -107.90 33.54
C ARG D 166 -10.85 -109.07 34.51
N LYS D 167 -11.47 -110.15 34.05
CA LYS D 167 -11.63 -111.36 34.86
C LYS D 167 -10.26 -111.89 35.25
N GLU D 168 -9.45 -112.23 34.25
CA GLU D 168 -8.13 -112.78 34.45
C GLU D 168 -7.14 -111.83 35.10
N TRP D 169 -7.53 -110.57 35.29
CA TRP D 169 -6.62 -109.57 35.88
C TRP D 169 -5.90 -110.07 37.12
N SER D 170 -6.65 -110.25 38.21
CA SER D 170 -6.09 -110.77 39.46
C SER D 170 -5.26 -112.02 39.16
N GLY D 171 -5.81 -112.92 38.35
CA GLY D 171 -5.12 -114.16 37.99
C GLY D 171 -3.81 -113.95 37.25
N LEU D 172 -3.74 -112.91 36.43
CA LEU D 172 -2.53 -112.62 35.67
C LEU D 172 -1.44 -112.01 36.55
N LEU D 173 -1.84 -111.22 37.53
CA LEU D 173 -0.87 -110.60 38.43
C LEU D 173 -0.21 -111.65 39.32
N GLU D 174 -0.92 -112.75 39.56
CA GLU D 174 -0.39 -113.84 40.37
C GLU D 174 0.79 -114.40 39.60
N GLU D 175 0.46 -114.99 38.46
CA GLU D 175 1.43 -115.62 37.56
C GLU D 175 2.63 -114.73 37.24
N LEU D 176 2.44 -113.41 37.30
CA LEU D 176 3.52 -112.48 37.01
C LEU D 176 4.43 -112.25 38.23
N ALA D 177 3.84 -112.19 39.42
CA ALA D 177 4.61 -111.99 40.65
C ALA D 177 5.32 -113.30 40.97
N ARG D 178 4.65 -114.40 40.61
CA ARG D 178 5.16 -115.75 40.82
C ARG D 178 6.43 -115.99 39.99
N ASN D 179 6.41 -115.54 38.74
CA ASN D 179 7.55 -115.71 37.85
C ASN D 179 8.53 -114.55 37.97
N GLY D 180 8.40 -113.79 39.06
CA GLY D 180 9.28 -112.67 39.33
C GLY D 180 9.44 -111.62 38.23
N GLN D 181 8.36 -111.30 37.53
CA GLN D 181 8.40 -110.30 36.47
C GLN D 181 7.81 -109.00 36.99
N ILE D 182 7.16 -109.07 38.15
CA ILE D 182 6.58 -107.89 38.76
C ILE D 182 6.85 -107.95 40.25
N ASP D 183 6.68 -106.80 40.91
CA ASP D 183 6.91 -106.70 42.33
C ASP D 183 5.85 -107.48 43.11
N LYS D 184 6.24 -108.00 44.27
CA LYS D 184 5.33 -108.77 45.12
C LYS D 184 4.28 -107.84 45.73
N GLU D 185 4.66 -106.61 46.00
CA GLU D 185 3.74 -105.62 46.59
C GLU D 185 2.93 -104.90 45.51
N ALA D 186 3.48 -104.85 44.31
CA ALA D 186 2.81 -104.21 43.18
C ALA D 186 1.54 -104.99 42.85
N VAL D 187 1.50 -106.26 43.25
CA VAL D 187 0.34 -107.09 43.00
C VAL D 187 -0.87 -106.63 43.81
N GLN D 188 -0.62 -105.74 44.77
CA GLN D 188 -1.70 -105.20 45.61
C GLN D 188 -2.09 -103.82 45.13
N LYS D 189 -1.09 -102.98 44.84
CA LYS D 189 -1.34 -101.63 44.37
C LYS D 189 -2.16 -101.64 43.07
N TYR D 190 -1.58 -102.22 42.02
CA TYR D 190 -2.26 -102.33 40.73
C TYR D 190 -3.19 -103.53 40.74
N ALA D 191 -4.00 -103.65 41.79
CA ALA D 191 -4.91 -104.77 41.92
C ALA D 191 -6.28 -104.53 41.31
N TYR D 192 -6.66 -103.27 41.17
CA TYR D 192 -7.98 -102.96 40.60
C TYR D 192 -7.84 -102.43 39.18
N LEU D 193 -8.53 -103.07 38.26
CA LEU D 193 -8.49 -102.69 36.86
C LEU D 193 -9.80 -102.02 36.45
N ASN D 194 -9.78 -100.70 36.24
CA ASN D 194 -10.96 -99.96 35.81
C ASN D 194 -11.07 -100.01 34.30
N VAL D 195 -12.05 -100.76 33.81
CA VAL D 195 -12.22 -100.85 32.36
C VAL D 195 -13.56 -100.25 31.95
N VAL D 196 -13.53 -99.52 30.84
CA VAL D 196 -14.72 -98.89 30.30
C VAL D 196 -14.59 -98.95 28.78
N GLY D 197 -15.68 -99.26 28.10
CA GLY D 197 -15.60 -99.36 26.65
C GLY D 197 -16.56 -98.49 25.87
N MET D 198 -16.19 -98.21 24.63
CA MET D 198 -17.00 -97.42 23.70
C MET D 198 -17.15 -98.28 22.47
N VAL D 199 -18.38 -98.52 22.04
CA VAL D 199 -18.54 -99.33 20.85
C VAL D 199 -18.20 -98.49 19.63
N GLY D 200 -17.11 -98.84 18.97
CA GLY D 200 -16.65 -98.13 17.80
C GLY D 200 -16.36 -99.07 16.65
N SER D 201 -17.41 -99.43 15.93
CA SER D 201 -17.31 -100.31 14.79
C SER D 201 -18.46 -100.00 13.85
N ILE D 202 -18.25 -100.15 12.56
CA ILE D 202 -19.33 -99.84 11.63
C ILE D 202 -20.34 -100.96 11.55
N ASP D 203 -20.10 -102.04 12.27
CA ASP D 203 -21.02 -103.18 12.25
C ASP D 203 -22.25 -102.99 13.14
N ASN D 204 -22.03 -102.53 14.37
CA ASN D 204 -23.10 -102.32 15.35
C ASN D 204 -23.61 -103.65 15.94
N ASP D 205 -22.73 -104.62 16.17
CA ASP D 205 -23.19 -105.91 16.70
C ASP D 205 -23.09 -106.08 18.21
N PHE D 206 -23.02 -104.99 18.96
CA PHE D 206 -22.90 -105.11 20.40
C PHE D 206 -24.21 -104.86 21.13
N CYS D 207 -24.82 -105.93 21.64
CA CYS D 207 -26.10 -105.86 22.36
C CYS D 207 -26.08 -104.98 23.59
N GLY D 208 -27.05 -104.08 23.68
CA GLY D 208 -27.10 -103.18 24.82
C GLY D 208 -26.77 -101.79 24.36
N THR D 209 -26.65 -101.62 23.04
CA THR D 209 -26.35 -100.33 22.46
C THR D 209 -27.25 -100.17 21.24
N ASP D 210 -27.69 -98.93 21.00
CA ASP D 210 -28.61 -98.62 19.90
C ASP D 210 -27.93 -98.35 18.56
N MET D 211 -26.93 -97.49 18.64
CA MET D 211 -26.13 -97.08 17.48
C MET D 211 -24.72 -96.88 18.02
N THR D 212 -23.73 -97.23 17.21
CA THR D 212 -22.35 -97.09 17.64
C THR D 212 -21.58 -96.07 16.81
N ILE D 213 -20.39 -95.74 17.28
CA ILE D 213 -19.56 -94.77 16.58
C ILE D 213 -19.07 -95.36 15.27
N GLY D 214 -19.44 -94.72 14.16
CA GLY D 214 -19.01 -95.20 12.87
C GLY D 214 -20.13 -95.63 11.94
N THR D 215 -21.26 -96.01 12.51
CA THR D 215 -22.35 -96.44 11.69
C THR D 215 -22.94 -95.33 10.82
N ASP D 216 -23.27 -94.17 11.42
CA ASP D 216 -23.84 -93.10 10.59
C ASP D 216 -22.90 -92.78 9.44
N SER D 217 -21.61 -92.77 9.73
CA SER D 217 -20.61 -92.47 8.70
C SER D 217 -20.58 -93.51 7.60
N ALA D 218 -20.65 -94.77 7.97
CA ALA D 218 -20.66 -95.83 6.97
C ALA D 218 -21.94 -95.66 6.14
N LEU D 219 -23.06 -95.39 6.80
CA LEU D 219 -24.31 -95.21 6.10
C LEU D 219 -24.17 -94.12 5.05
N HIS D 220 -23.48 -93.04 5.40
CA HIS D 220 -23.26 -91.95 4.46
C HIS D 220 -22.55 -92.50 3.23
N ARG D 221 -21.42 -93.16 3.45
CA ARG D 221 -20.67 -93.73 2.34
C ARG D 221 -21.58 -94.59 1.45
N ILE D 222 -22.39 -95.44 2.08
CA ILE D 222 -23.29 -96.33 1.36
C ILE D 222 -24.29 -95.58 0.51
N ILE D 223 -25.08 -94.72 1.15
CA ILE D 223 -26.10 -93.93 0.47
C ILE D 223 -25.52 -93.05 -0.62
N GLU D 224 -24.28 -92.61 -0.45
CA GLU D 224 -23.61 -91.79 -1.45
C GLU D 224 -23.52 -92.57 -2.75
N VAL D 225 -23.15 -93.86 -2.64
CA VAL D 225 -23.05 -94.74 -3.80
C VAL D 225 -24.42 -94.94 -4.44
N VAL D 226 -25.41 -95.31 -3.64
CA VAL D 226 -26.77 -95.49 -4.13
C VAL D 226 -27.24 -94.25 -4.87
N ASP D 227 -27.03 -93.08 -4.26
CA ASP D 227 -27.44 -91.81 -4.86
C ASP D 227 -26.75 -91.58 -6.20
N ALA D 228 -25.50 -92.00 -6.29
CA ALA D 228 -24.73 -91.84 -7.52
C ALA D 228 -25.29 -92.71 -8.63
N ILE D 229 -25.88 -93.84 -8.25
CA ILE D 229 -26.46 -94.75 -9.23
C ILE D 229 -27.85 -94.27 -9.66
N MET D 230 -28.55 -93.61 -8.74
CA MET D 230 -29.90 -93.13 -9.03
C MET D 230 -29.95 -91.90 -9.93
N THR D 231 -28.84 -91.17 -10.02
CA THR D 231 -28.84 -89.99 -10.87
C THR D 231 -28.50 -90.40 -12.30
N THR D 232 -28.27 -91.69 -12.50
CA THR D 232 -27.95 -92.21 -13.81
C THR D 232 -29.23 -92.66 -14.47
N ALA D 233 -29.46 -92.22 -15.70
CA ALA D 233 -30.67 -92.59 -16.43
C ALA D 233 -30.44 -93.64 -17.51
N GLN D 234 -31.33 -94.62 -17.55
CA GLN D 234 -31.29 -95.68 -18.55
C GLN D 234 -32.72 -95.90 -19.01
N SER D 235 -32.89 -96.31 -20.27
CA SER D 235 -34.22 -96.54 -20.81
C SER D 235 -34.78 -97.89 -20.37
N HIS D 236 -33.94 -98.93 -20.38
CA HIS D 236 -34.36 -100.27 -19.97
C HIS D 236 -34.30 -100.44 -18.45
N GLN D 237 -35.00 -101.45 -17.95
CA GLN D 237 -35.04 -101.73 -16.52
C GLN D 237 -33.67 -102.12 -16.00
N ARG D 238 -33.31 -101.61 -14.82
CA ARG D 238 -32.03 -101.92 -14.21
C ARG D 238 -32.23 -102.40 -12.79
N THR D 239 -31.35 -103.26 -12.33
CA THR D 239 -31.42 -103.78 -10.97
C THR D 239 -30.03 -103.71 -10.37
N PHE D 240 -29.91 -102.98 -9.27
CA PHE D 240 -28.64 -102.80 -8.61
C PHE D 240 -28.55 -103.62 -7.32
N VAL D 241 -27.58 -104.52 -7.25
CA VAL D 241 -27.38 -105.34 -6.06
C VAL D 241 -26.17 -104.80 -5.30
N LEU D 242 -26.43 -104.25 -4.11
CA LEU D 242 -25.37 -103.69 -3.29
C LEU D 242 -25.16 -104.49 -2.01
N GLU D 243 -23.92 -104.88 -1.78
CA GLU D 243 -23.58 -105.65 -0.59
C GLU D 243 -22.86 -104.77 0.42
N VAL D 244 -23.54 -104.46 1.52
CA VAL D 244 -22.97 -103.64 2.57
C VAL D 244 -22.32 -104.53 3.59
N MET D 245 -21.88 -103.94 4.70
CA MET D 245 -21.23 -104.72 5.74
C MET D 245 -22.15 -105.25 6.84
N GLY D 246 -21.50 -105.81 7.87
CA GLY D 246 -22.21 -106.41 8.98
C GLY D 246 -21.91 -107.90 8.99
N ARG D 247 -20.83 -108.28 9.69
CA ARG D 247 -20.43 -109.69 9.78
C ARG D 247 -21.66 -110.57 9.93
N HIS D 248 -22.25 -110.56 11.12
CA HIS D 248 -23.44 -111.33 11.40
C HIS D 248 -24.51 -110.42 11.95
N CYS D 249 -24.48 -109.17 11.48
CA CYS D 249 -25.43 -108.16 11.88
C CYS D 249 -26.02 -107.48 10.65
N GLY D 250 -27.34 -107.50 10.55
CA GLY D 250 -27.99 -106.87 9.41
C GLY D 250 -28.46 -105.46 9.68
N TYR D 251 -27.93 -104.84 10.73
CA TYR D 251 -28.32 -103.47 11.06
C TYR D 251 -28.02 -102.53 9.89
N LEU D 252 -26.76 -102.50 9.50
CA LEU D 252 -26.35 -101.66 8.39
C LEU D 252 -27.24 -101.92 7.20
N ALA D 253 -27.34 -103.18 6.81
CA ALA D 253 -28.16 -103.56 5.68
C ALA D 253 -29.59 -103.02 5.79
N LEU D 254 -30.17 -103.13 6.99
CA LEU D 254 -31.53 -102.67 7.22
C LEU D 254 -31.69 -101.18 7.05
N VAL D 255 -30.99 -100.39 7.86
CA VAL D 255 -31.10 -98.94 7.75
C VAL D 255 -30.75 -98.45 6.36
N SER D 256 -29.85 -99.14 5.68
CA SER D 256 -29.46 -98.78 4.31
C SER D 256 -30.66 -98.97 3.41
N ALA D 257 -31.39 -100.06 3.65
CA ALA D 257 -32.57 -100.37 2.87
C ALA D 257 -33.66 -99.29 2.93
N LEU D 258 -34.08 -98.88 4.13
CA LEU D 258 -35.14 -97.87 4.20
C LEU D 258 -34.60 -96.46 4.09
N ALA D 259 -33.33 -96.36 3.69
CA ALA D 259 -32.72 -95.07 3.53
C ALA D 259 -32.85 -94.75 2.05
N CYS D 260 -33.08 -95.78 1.26
CA CYS D 260 -33.21 -95.61 -0.19
C CYS D 260 -34.40 -96.39 -0.74
N GLY D 261 -35.30 -96.80 0.16
CA GLY D 261 -36.47 -97.55 -0.26
C GLY D 261 -36.15 -98.76 -1.14
N ALA D 262 -35.25 -99.60 -0.67
CA ALA D 262 -34.86 -100.78 -1.42
C ALA D 262 -36.06 -101.67 -1.71
N ASP D 263 -35.94 -102.51 -2.74
CA ASP D 263 -37.01 -103.43 -3.11
C ASP D 263 -36.95 -104.66 -2.23
N TRP D 264 -35.75 -105.00 -1.76
CA TRP D 264 -35.59 -106.20 -0.97
C TRP D 264 -34.32 -106.15 -0.12
N VAL D 265 -34.36 -106.80 1.05
CA VAL D 265 -33.20 -106.84 1.93
C VAL D 265 -32.92 -108.23 2.46
N PHE D 266 -31.64 -108.53 2.66
CA PHE D 266 -31.26 -109.82 3.19
C PHE D 266 -30.56 -109.60 4.51
N LEU D 267 -31.18 -110.06 5.59
CA LEU D 267 -30.62 -109.90 6.92
C LEU D 267 -30.36 -111.27 7.54
N PRO D 268 -29.30 -111.39 8.35
CA PRO D 268 -28.97 -112.66 9.00
C PRO D 268 -29.92 -112.97 10.16
N GLU D 269 -30.68 -111.96 10.59
CA GLU D 269 -31.62 -112.14 11.68
C GLU D 269 -33.03 -112.52 11.23
N SER D 270 -33.41 -112.16 10.01
CA SER D 270 -34.73 -112.49 9.49
C SER D 270 -34.58 -113.03 8.09
N PRO D 271 -33.83 -114.14 7.95
CA PRO D 271 -33.61 -114.77 6.65
C PRO D 271 -34.88 -114.96 5.85
N PRO D 272 -34.77 -115.01 4.51
CA PRO D 272 -35.91 -115.20 3.62
C PRO D 272 -36.54 -116.58 3.73
N GLU D 273 -37.86 -116.63 3.65
CA GLU D 273 -38.58 -117.90 3.75
C GLU D 273 -38.36 -118.75 2.51
N GLU D 274 -38.24 -120.05 2.74
CA GLU D 274 -38.03 -120.99 1.67
C GLU D 274 -38.89 -120.63 0.46
N GLY D 275 -38.28 -120.63 -0.72
CA GLY D 275 -38.99 -120.29 -1.93
C GLY D 275 -38.97 -118.80 -2.21
N TRP D 276 -38.00 -118.11 -1.64
CA TRP D 276 -37.89 -116.70 -1.84
C TRP D 276 -37.42 -116.35 -3.24
N GLU D 277 -36.54 -117.17 -3.80
CA GLU D 277 -36.02 -116.92 -5.14
C GLU D 277 -37.09 -116.43 -6.11
N GLU D 278 -38.21 -117.14 -6.17
CA GLU D 278 -39.29 -116.77 -7.08
C GLU D 278 -40.05 -115.59 -6.53
N GLN D 279 -40.17 -115.55 -5.20
CA GLN D 279 -40.89 -114.45 -4.56
C GLN D 279 -40.26 -113.09 -4.85
N MET D 280 -38.93 -113.04 -4.76
CA MET D 280 -38.18 -111.82 -5.02
C MET D 280 -38.35 -111.37 -6.47
N CYS D 281 -38.13 -112.30 -7.40
CA CYS D 281 -38.26 -112.00 -8.82
C CYS D 281 -39.66 -111.50 -9.11
N VAL D 282 -40.63 -112.04 -8.40
CA VAL D 282 -42.01 -111.61 -8.57
C VAL D 282 -42.18 -110.17 -8.11
N LYS D 283 -41.59 -109.84 -6.97
CA LYS D 283 -41.69 -108.49 -6.42
C LYS D 283 -41.01 -107.46 -7.33
N LEU D 284 -39.86 -107.83 -7.89
CA LEU D 284 -39.14 -106.94 -8.79
C LEU D 284 -39.95 -106.56 -10.04
N SER D 285 -40.61 -107.55 -10.63
CA SER D 285 -41.42 -107.35 -11.84
C SER D 285 -42.64 -106.51 -11.51
N GLU D 286 -43.16 -106.68 -10.31
CA GLU D 286 -44.33 -105.92 -9.85
C GLU D 286 -43.95 -104.46 -9.74
N ASN D 287 -42.83 -104.19 -9.07
CA ASN D 287 -42.34 -102.83 -8.90
C ASN D 287 -42.03 -102.25 -10.27
N ARG D 288 -41.50 -103.09 -11.14
CA ARG D 288 -41.15 -102.71 -12.51
C ARG D 288 -42.41 -102.19 -13.21
N ALA D 289 -43.54 -102.82 -12.91
CA ALA D 289 -44.83 -102.46 -13.50
C ALA D 289 -45.42 -101.18 -12.90
N ARG D 290 -44.91 -100.78 -11.75
CA ARG D 290 -45.40 -99.57 -11.09
C ARG D 290 -44.48 -98.42 -11.45
N LYS D 291 -43.78 -98.59 -12.56
CA LYS D 291 -42.86 -97.58 -13.11
C LYS D 291 -41.53 -97.37 -12.39
N LYS D 292 -41.21 -98.22 -11.40
CA LYS D 292 -39.94 -98.13 -10.67
C LYS D 292 -38.93 -98.75 -11.62
N ARG D 293 -38.23 -97.90 -12.36
CA ARG D 293 -37.26 -98.35 -13.35
C ARG D 293 -35.85 -98.73 -12.87
N LEU D 294 -35.65 -98.74 -11.55
CA LEU D 294 -34.37 -99.13 -10.95
C LEU D 294 -34.61 -99.84 -9.62
N ASN D 295 -34.38 -101.14 -9.60
CA ASN D 295 -34.57 -101.93 -8.38
C ASN D 295 -33.28 -101.90 -7.60
N ILE D 296 -33.38 -101.93 -6.27
CA ILE D 296 -32.19 -101.90 -5.45
C ILE D 296 -32.33 -102.99 -4.42
N ILE D 297 -31.39 -103.93 -4.44
CA ILE D 297 -31.39 -105.05 -3.49
C ILE D 297 -30.22 -104.85 -2.51
N ILE D 298 -30.50 -104.67 -1.23
CA ILE D 298 -29.43 -104.53 -0.25
C ILE D 298 -29.15 -105.90 0.39
N VAL D 299 -27.90 -106.34 0.25
CA VAL D 299 -27.46 -107.63 0.77
C VAL D 299 -26.42 -107.49 1.87
N ALA D 300 -26.70 -108.04 3.04
CA ALA D 300 -25.75 -107.98 4.14
C ALA D 300 -24.69 -109.04 3.89
N GLU D 301 -23.47 -108.82 4.38
CA GLU D 301 -22.40 -109.80 4.19
C GLU D 301 -22.85 -111.16 4.69
N GLY D 302 -23.34 -111.19 5.92
CA GLY D 302 -23.78 -112.45 6.52
C GLY D 302 -25.16 -112.93 6.15
N ALA D 303 -25.66 -112.51 4.99
CA ALA D 303 -26.98 -112.92 4.55
C ALA D 303 -27.07 -114.44 4.44
N ILE D 304 -28.12 -115.00 5.02
CA ILE D 304 -28.33 -116.45 5.03
C ILE D 304 -29.80 -116.83 4.88
N ASP D 305 -30.06 -118.09 4.55
CA ASP D 305 -31.44 -118.56 4.43
C ASP D 305 -31.85 -119.28 5.72
N THR D 306 -33.09 -119.77 5.74
CA THR D 306 -33.63 -120.45 6.92
C THR D 306 -32.81 -121.65 7.42
N GLN D 307 -31.65 -121.87 6.80
CA GLN D 307 -30.78 -122.98 7.19
C GLN D 307 -29.33 -122.58 7.26
N ASN D 308 -29.09 -121.31 7.58
CA ASN D 308 -27.74 -120.77 7.73
C ASN D 308 -26.85 -120.90 6.51
N LYS D 309 -27.43 -121.22 5.35
CA LYS D 309 -26.64 -121.32 4.13
C LYS D 309 -26.43 -119.91 3.58
N PRO D 310 -25.17 -119.57 3.28
CA PRO D 310 -24.84 -118.25 2.74
C PRO D 310 -25.60 -117.88 1.46
N ILE D 311 -26.15 -116.67 1.40
CA ILE D 311 -26.85 -116.22 0.20
C ILE D 311 -25.93 -115.22 -0.47
N THR D 312 -25.16 -115.67 -1.46
CA THR D 312 -24.22 -114.80 -2.15
C THR D 312 -24.88 -113.74 -3.02
N SER D 313 -24.18 -112.63 -3.24
CA SER D 313 -24.67 -111.55 -4.07
C SER D 313 -24.72 -112.02 -5.48
N GLU D 314 -23.76 -112.87 -5.86
CA GLU D 314 -23.71 -113.39 -7.21
C GLU D 314 -24.89 -114.27 -7.52
N LYS D 315 -25.39 -114.95 -6.50
CA LYS D 315 -26.57 -115.80 -6.67
C LYS D 315 -27.77 -114.90 -6.99
N ILE D 316 -27.84 -113.75 -6.29
CA ILE D 316 -28.92 -112.79 -6.49
C ILE D 316 -28.82 -112.22 -7.91
N LYS D 317 -27.59 -111.94 -8.35
CA LYS D 317 -27.34 -111.40 -9.69
C LYS D 317 -27.93 -112.33 -10.72
N GLU D 318 -27.47 -113.57 -10.72
CA GLU D 318 -27.96 -114.57 -11.66
C GLU D 318 -29.46 -114.73 -11.58
N LEU D 319 -29.97 -114.81 -10.35
CA LEU D 319 -31.39 -115.00 -10.15
C LEU D 319 -32.24 -114.07 -11.00
N VAL D 320 -31.93 -112.77 -10.99
CA VAL D 320 -32.71 -111.80 -11.77
C VAL D 320 -32.31 -111.79 -13.23
N VAL D 321 -31.04 -112.02 -13.50
CA VAL D 321 -30.55 -112.03 -14.88
C VAL D 321 -31.21 -113.17 -15.62
N THR D 322 -31.34 -114.30 -14.94
CA THR D 322 -31.95 -115.50 -15.51
C THR D 322 -33.47 -115.39 -15.64
N GLN D 323 -34.14 -115.12 -14.52
CA GLN D 323 -35.59 -115.02 -14.47
C GLN D 323 -36.23 -113.79 -15.11
N LEU D 324 -35.67 -112.62 -14.86
CA LEU D 324 -36.23 -111.36 -15.38
C LEU D 324 -35.43 -110.76 -16.54
N GLY D 325 -34.14 -111.06 -16.58
CA GLY D 325 -33.29 -110.56 -17.64
C GLY D 325 -33.05 -109.07 -17.62
N TYR D 326 -33.15 -108.44 -16.46
CA TYR D 326 -32.92 -107.00 -16.32
C TYR D 326 -31.43 -106.69 -16.30
N ASP D 327 -31.06 -105.48 -16.69
CA ASP D 327 -29.65 -105.07 -16.67
C ASP D 327 -29.24 -105.05 -15.20
N THR D 328 -28.55 -106.11 -14.78
CA THR D 328 -28.12 -106.20 -13.39
C THR D 328 -26.63 -106.02 -13.17
N ARG D 329 -26.31 -105.06 -12.32
CA ARG D 329 -24.92 -104.79 -11.95
C ARG D 329 -24.88 -104.99 -10.43
N VAL D 330 -23.73 -105.43 -9.92
CA VAL D 330 -23.57 -105.66 -8.50
C VAL D 330 -22.22 -105.20 -7.99
N THR D 331 -22.21 -104.44 -6.91
CA THR D 331 -20.95 -103.98 -6.34
C THR D 331 -20.88 -104.34 -4.87
N ILE D 332 -19.72 -104.87 -4.47
CA ILE D 332 -19.48 -105.24 -3.09
C ILE D 332 -18.76 -104.07 -2.46
N LEU D 333 -19.53 -103.14 -1.92
CA LEU D 333 -18.95 -101.96 -1.27
C LEU D 333 -17.88 -102.49 -0.32
N GLY D 334 -16.64 -102.24 -0.67
CA GLY D 334 -15.55 -102.75 0.14
C GLY D 334 -15.36 -102.05 1.46
N HIS D 335 -14.08 -101.92 1.82
CA HIS D 335 -13.66 -101.26 3.04
C HIS D 335 -13.99 -99.78 2.88
N VAL D 336 -14.38 -99.40 1.67
CA VAL D 336 -14.72 -98.03 1.38
C VAL D 336 -15.79 -97.48 2.35
N GLN D 337 -16.45 -98.37 3.10
CA GLN D 337 -17.47 -97.96 4.07
C GLN D 337 -16.84 -97.42 5.35
N ARG D 338 -15.52 -97.54 5.48
CA ARG D 338 -14.80 -97.03 6.65
C ARG D 338 -14.13 -95.71 6.28
N GLY D 339 -14.19 -95.40 4.97
CA GLY D 339 -13.57 -94.19 4.45
C GLY D 339 -14.38 -92.90 4.57
N GLY D 340 -13.81 -91.83 4.03
CA GLY D 340 -14.47 -90.53 4.08
C GLY D 340 -14.30 -89.88 5.43
N THR D 341 -14.91 -88.71 5.59
CA THR D 341 -14.81 -88.03 6.86
C THR D 341 -15.98 -88.48 7.72
N PRO D 342 -15.76 -88.53 9.04
CA PRO D 342 -16.81 -88.94 9.96
C PRO D 342 -17.95 -87.93 9.95
N SER D 343 -19.20 -88.42 9.89
CA SER D 343 -20.37 -87.55 9.88
C SER D 343 -20.46 -86.71 11.14
N ALA D 344 -21.33 -85.71 11.11
CA ALA D 344 -21.49 -84.82 12.26
C ALA D 344 -21.97 -85.63 13.44
N PHE D 345 -22.93 -86.50 13.18
CA PHE D 345 -23.51 -87.34 14.21
C PHE D 345 -22.41 -88.12 14.94
N ASP D 346 -21.55 -88.76 14.15
CA ASP D 346 -20.48 -89.54 14.74
C ASP D 346 -19.46 -88.72 15.52
N ARG D 347 -19.12 -87.54 15.02
CA ARG D 347 -18.15 -86.70 15.71
C ARG D 347 -18.71 -86.30 17.07
N ILE D 348 -19.98 -85.90 17.08
CA ILE D 348 -20.64 -85.48 18.31
C ILE D 348 -20.77 -86.68 19.25
N LEU D 349 -21.34 -87.76 18.74
CA LEU D 349 -21.51 -88.96 19.53
C LEU D 349 -20.21 -89.39 20.19
N ALA D 350 -19.14 -89.46 19.39
CA ALA D 350 -17.83 -89.86 19.89
C ALA D 350 -17.29 -88.90 20.94
N SER D 351 -17.62 -87.62 20.85
CA SER D 351 -17.12 -86.68 21.82
C SER D 351 -17.87 -86.86 23.11
N ARG D 352 -19.20 -86.98 23.03
CA ARG D 352 -20.01 -87.18 24.22
C ARG D 352 -19.59 -88.43 24.96
N MET D 353 -19.23 -89.47 24.21
CA MET D 353 -18.81 -90.72 24.82
C MET D 353 -17.43 -90.62 25.45
N GLY D 354 -16.54 -89.88 24.82
CA GLY D 354 -15.20 -89.72 25.37
C GLY D 354 -15.25 -89.13 26.77
N VAL D 355 -16.16 -88.20 26.98
CA VAL D 355 -16.31 -87.58 28.29
C VAL D 355 -16.86 -88.63 29.23
N GLU D 356 -17.97 -89.22 28.84
CA GLU D 356 -18.61 -90.26 29.65
C GLU D 356 -17.65 -91.35 30.08
N ALA D 357 -16.73 -91.71 29.19
CA ALA D 357 -15.75 -92.72 29.50
C ALA D 357 -14.82 -92.26 30.62
N VAL D 358 -14.34 -91.03 30.52
CA VAL D 358 -13.44 -90.50 31.55
C VAL D 358 -14.11 -90.32 32.90
N ILE D 359 -15.29 -89.70 32.94
CA ILE D 359 -15.92 -89.51 34.23
C ILE D 359 -16.30 -90.86 34.81
N ALA D 360 -16.67 -91.82 33.95
CA ALA D 360 -17.02 -93.14 34.43
C ALA D 360 -15.78 -93.80 35.01
N LEU D 361 -14.66 -93.61 34.33
CA LEU D 361 -13.39 -94.18 34.76
C LEU D 361 -12.94 -93.66 36.12
N LEU D 362 -13.28 -92.42 36.42
CA LEU D 362 -12.89 -91.83 37.70
C LEU D 362 -13.78 -92.32 38.84
N GLU D 363 -15.09 -92.15 38.69
CA GLU D 363 -16.06 -92.57 39.71
C GLU D 363 -16.08 -94.08 39.91
N ALA D 364 -15.22 -94.79 39.19
CA ALA D 364 -15.17 -96.24 39.31
C ALA D 364 -14.44 -96.65 40.58
N THR D 365 -15.10 -97.51 41.35
CA THR D 365 -14.55 -98.05 42.60
C THR D 365 -13.96 -99.43 42.32
N PRO D 366 -13.37 -100.04 43.35
CA PRO D 366 -12.78 -101.37 43.15
C PRO D 366 -13.83 -102.42 42.89
N ASP D 367 -15.02 -102.22 43.46
CA ASP D 367 -16.10 -103.16 43.30
C ASP D 367 -17.18 -102.71 42.33
N THR D 368 -16.81 -101.83 41.41
CA THR D 368 -17.76 -101.34 40.42
C THR D 368 -17.50 -102.11 39.12
N PRO D 369 -18.54 -102.77 38.57
CA PRO D 369 -18.41 -103.56 37.34
C PRO D 369 -17.87 -102.82 36.12
N ALA D 370 -17.01 -103.49 35.37
CA ALA D 370 -16.45 -102.88 34.16
C ALA D 370 -17.64 -102.63 33.23
N CYS D 371 -17.85 -101.37 32.85
CA CYS D 371 -18.97 -101.01 31.98
C CYS D 371 -18.62 -100.50 30.59
N VAL D 372 -19.68 -100.18 29.84
CA VAL D 372 -19.56 -99.67 28.49
C VAL D 372 -20.45 -98.45 28.36
N VAL D 373 -19.85 -97.28 28.16
CA VAL D 373 -20.62 -96.04 28.02
C VAL D 373 -21.35 -96.03 26.67
N SER D 374 -22.62 -95.69 26.71
CA SER D 374 -23.44 -95.65 25.51
C SER D 374 -24.50 -94.58 25.63
N LEU D 375 -25.43 -94.57 24.69
CA LEU D 375 -26.50 -93.61 24.69
C LEU D 375 -27.84 -94.32 24.52
N ASN D 376 -28.81 -93.92 25.32
CA ASN D 376 -30.14 -94.51 25.24
C ASN D 376 -31.17 -93.40 25.12
N GLY D 377 -31.78 -93.28 23.95
CA GLY D 377 -32.76 -92.24 23.73
C GLY D 377 -32.15 -90.88 24.00
N ASN D 378 -30.91 -90.72 23.54
CA ASN D 378 -30.18 -89.48 23.69
C ASN D 378 -29.79 -89.18 25.13
N HIS D 379 -29.72 -90.22 25.95
CA HIS D 379 -29.32 -90.05 27.35
C HIS D 379 -28.14 -90.99 27.66
N ALA D 380 -27.11 -90.45 28.28
CA ALA D 380 -25.92 -91.21 28.61
C ALA D 380 -26.21 -92.32 29.61
N VAL D 381 -25.65 -93.49 29.36
CA VAL D 381 -25.84 -94.63 30.23
C VAL D 381 -24.62 -95.53 30.27
N ARG D 382 -24.46 -96.27 31.36
CA ARG D 382 -23.35 -97.19 31.51
C ARG D 382 -23.93 -98.58 31.65
N LEU D 383 -23.47 -99.50 30.84
CA LEU D 383 -23.96 -100.87 30.91
C LEU D 383 -22.79 -101.77 31.28
N PRO D 384 -23.01 -102.69 32.22
CA PRO D 384 -21.94 -103.60 32.64
C PRO D 384 -21.48 -104.47 31.47
N LEU D 385 -20.17 -104.49 31.25
CA LEU D 385 -19.57 -105.24 30.16
C LEU D 385 -20.12 -106.66 29.99
N MET D 386 -19.95 -107.51 31.00
CA MET D 386 -20.40 -108.90 30.94
C MET D 386 -21.82 -109.08 30.42
N GLU D 387 -22.78 -108.30 30.92
CA GLU D 387 -24.16 -108.40 30.48
C GLU D 387 -24.29 -108.23 28.98
N CYS D 388 -23.53 -107.29 28.44
CA CYS D 388 -23.55 -107.01 27.01
C CYS D 388 -22.83 -108.12 26.24
N VAL D 389 -21.62 -108.45 26.70
CA VAL D 389 -20.84 -109.50 26.06
C VAL D 389 -21.71 -110.74 25.96
N GLN D 390 -22.49 -110.97 27.01
CA GLN D 390 -23.38 -112.13 27.05
C GLN D 390 -24.41 -112.09 25.94
N MET D 391 -25.33 -111.12 26.01
CA MET D 391 -26.37 -110.99 25.01
C MET D 391 -25.82 -111.04 23.60
N THR D 392 -24.62 -110.49 23.41
CA THR D 392 -24.00 -110.48 22.09
C THR D 392 -23.82 -111.90 21.61
N GLN D 393 -23.36 -112.77 22.52
CA GLN D 393 -23.14 -114.18 22.21
C GLN D 393 -24.47 -114.93 22.06
N ASP D 394 -25.49 -114.47 22.76
CA ASP D 394 -26.80 -115.10 22.70
C ASP D 394 -27.43 -114.88 21.33
N VAL D 395 -27.22 -113.70 20.76
CA VAL D 395 -27.80 -113.40 19.46
C VAL D 395 -27.19 -114.32 18.42
N GLN D 396 -25.89 -114.59 18.57
CA GLN D 396 -25.18 -115.48 17.65
C GLN D 396 -25.73 -116.90 17.80
N LYS D 397 -25.86 -117.31 19.05
CA LYS D 397 -26.38 -118.63 19.40
C LYS D 397 -27.76 -118.74 18.77
N ALA D 398 -28.62 -117.77 19.06
CA ALA D 398 -29.99 -117.74 18.54
C ALA D 398 -30.05 -117.91 17.03
N MET D 399 -29.09 -117.35 16.32
CA MET D 399 -29.05 -117.43 14.87
C MET D 399 -28.55 -118.78 14.38
N ASP D 400 -27.53 -119.31 15.05
CA ASP D 400 -26.98 -120.61 14.68
C ASP D 400 -28.04 -121.69 14.91
N GLU D 401 -28.84 -121.51 15.94
CA GLU D 401 -29.91 -122.45 16.28
C GLU D 401 -31.19 -122.15 15.51
N ARG D 402 -31.09 -121.47 14.38
CA ARG D 402 -32.24 -121.15 13.56
C ARG D 402 -33.44 -120.57 14.32
N ARG D 403 -33.19 -120.04 15.52
CA ARG D 403 -34.26 -119.42 16.31
C ARG D 403 -34.26 -117.94 15.97
N PHE D 404 -34.36 -117.67 14.68
CA PHE D 404 -34.36 -116.32 14.13
C PHE D 404 -35.27 -115.30 14.79
N GLN D 405 -36.49 -115.69 15.13
CA GLN D 405 -37.41 -114.76 15.78
C GLN D 405 -36.84 -114.25 17.10
N ASP D 406 -35.99 -115.06 17.73
CA ASP D 406 -35.36 -114.68 18.99
C ASP D 406 -34.22 -113.70 18.72
N ALA D 407 -33.45 -113.99 17.67
CA ALA D 407 -32.34 -113.14 17.29
C ALA D 407 -32.86 -111.73 17.03
N VAL D 408 -33.96 -111.63 16.27
CA VAL D 408 -34.55 -110.33 15.95
C VAL D 408 -34.92 -109.53 17.20
N ARG D 409 -35.45 -110.22 18.20
CA ARG D 409 -35.86 -109.57 19.44
C ARG D 409 -34.63 -109.20 20.27
N LEU D 410 -33.59 -110.03 20.18
CA LEU D 410 -32.35 -109.79 20.92
C LEU D 410 -31.56 -108.56 20.45
N ARG D 411 -31.78 -108.14 19.21
CA ARG D 411 -31.09 -106.98 18.66
C ARG D 411 -31.56 -105.69 19.31
N GLY D 412 -32.81 -105.66 19.74
CA GLY D 412 -33.33 -104.47 20.37
C GLY D 412 -34.73 -104.12 19.91
N ARG D 413 -35.45 -103.36 20.73
CA ARG D 413 -36.80 -102.95 20.38
C ARG D 413 -36.73 -102.16 19.08
N SER D 414 -35.72 -101.29 19.00
CA SER D 414 -35.50 -100.47 17.82
C SER D 414 -35.39 -101.33 16.56
N PHE D 415 -34.34 -102.15 16.50
CA PHE D 415 -34.10 -103.02 15.35
C PHE D 415 -35.37 -103.71 14.85
N ALA D 416 -36.11 -104.29 15.78
CA ALA D 416 -37.34 -105.00 15.44
C ALA D 416 -38.35 -104.06 14.78
N GLY D 417 -38.46 -102.85 15.31
CA GLY D 417 -39.38 -101.87 14.76
C GLY D 417 -38.97 -101.45 13.36
N ASN D 418 -37.71 -101.05 13.19
CA ASN D 418 -37.21 -100.61 11.88
C ASN D 418 -37.51 -101.69 10.84
N LEU D 419 -37.22 -102.93 11.20
CA LEU D 419 -37.45 -104.06 10.33
C LEU D 419 -38.89 -104.06 9.86
N ASN D 420 -39.82 -103.98 10.81
CA ASN D 420 -41.24 -103.97 10.48
C ASN D 420 -41.60 -102.79 9.58
N THR D 421 -41.21 -101.59 10.01
CA THR D 421 -41.49 -100.38 9.26
C THR D 421 -41.01 -100.49 7.82
N TYR D 422 -39.81 -101.06 7.64
CA TYR D 422 -39.28 -101.23 6.30
C TYR D 422 -40.17 -102.17 5.48
N LYS D 423 -40.49 -103.32 6.05
CA LYS D 423 -41.34 -104.30 5.37
C LYS D 423 -42.65 -103.62 5.01
N ARG D 424 -43.25 -102.96 5.99
CA ARG D 424 -44.51 -102.26 5.81
C ARG D 424 -44.52 -101.36 4.59
N LEU D 425 -43.45 -100.60 4.41
CA LEU D 425 -43.32 -99.67 3.28
C LEU D 425 -42.85 -100.28 1.98
N ALA D 426 -42.20 -101.43 2.07
CA ALA D 426 -41.67 -102.10 0.89
C ALA D 426 -42.64 -103.10 0.22
N ILE D 427 -43.41 -103.78 1.06
CA ILE D 427 -44.36 -104.78 0.59
C ILE D 427 -45.82 -104.33 0.79
N LYS D 428 -46.45 -103.88 -0.30
CA LYS D 428 -47.84 -103.44 -0.22
C LYS D 428 -48.77 -104.64 -0.45
N LEU D 429 -49.79 -104.77 0.37
CA LEU D 429 -50.72 -105.86 0.21
C LEU D 429 -51.70 -105.48 -0.89
N PRO D 430 -52.19 -106.46 -1.65
CA PRO D 430 -53.14 -106.18 -2.73
C PRO D 430 -54.37 -105.47 -2.17
N ASP D 431 -54.82 -104.43 -2.86
CA ASP D 431 -55.96 -103.63 -2.42
C ASP D 431 -57.09 -104.38 -1.70
N ASP D 432 -57.54 -105.48 -2.27
CA ASP D 432 -58.64 -106.26 -1.68
C ASP D 432 -58.37 -106.88 -0.29
N GLN D 433 -57.10 -106.96 0.10
CA GLN D 433 -56.74 -107.52 1.40
C GLN D 433 -56.57 -106.46 2.47
N ILE D 434 -56.85 -105.22 2.08
CA ILE D 434 -56.73 -104.11 3.01
C ILE D 434 -58.12 -103.56 3.32
N PRO D 435 -58.68 -103.96 4.47
CA PRO D 435 -60.02 -103.49 4.87
C PRO D 435 -60.06 -101.96 4.98
N LYS D 436 -60.80 -101.31 4.08
CA LYS D 436 -60.91 -99.85 4.07
C LYS D 436 -61.53 -99.31 5.35
N THR D 437 -61.17 -98.08 5.70
CA THR D 437 -61.67 -97.43 6.92
C THR D 437 -62.60 -96.29 6.56
N ASN D 438 -62.62 -95.94 5.29
CA ASN D 438 -63.45 -94.85 4.80
C ASN D 438 -63.16 -93.56 5.53
N CYS D 439 -61.89 -93.39 5.87
CA CYS D 439 -61.43 -92.19 6.55
C CYS D 439 -60.46 -91.49 5.62
N ASN D 440 -60.56 -90.18 5.58
CA ASN D 440 -59.63 -89.44 4.76
C ASN D 440 -58.64 -88.78 5.70
N VAL D 441 -57.37 -89.17 5.60
CA VAL D 441 -56.32 -88.58 6.42
C VAL D 441 -55.50 -87.69 5.52
N ALA D 442 -55.40 -86.43 5.89
CA ALA D 442 -54.66 -85.46 5.11
C ALA D 442 -53.29 -85.21 5.71
N VAL D 443 -52.30 -85.09 4.84
CA VAL D 443 -50.93 -84.84 5.24
C VAL D 443 -50.49 -83.50 4.63
N ILE D 444 -49.71 -82.73 5.39
CA ILE D 444 -49.30 -81.41 4.92
C ILE D 444 -47.95 -80.92 5.47
N ASN D 445 -47.28 -80.05 4.72
CA ASN D 445 -45.99 -79.50 5.16
C ASN D 445 -46.16 -78.05 5.57
N VAL D 446 -45.73 -77.71 6.77
CA VAL D 446 -45.84 -76.35 7.29
C VAL D 446 -44.54 -75.88 7.90
N GLY D 447 -44.08 -74.71 7.47
CA GLY D 447 -42.84 -74.17 8.00
C GLY D 447 -41.77 -74.07 6.95
N ALA D 448 -40.57 -73.69 7.34
CA ALA D 448 -39.48 -73.57 6.37
C ALA D 448 -39.12 -74.99 5.97
N PRO D 449 -38.74 -75.18 4.71
CA PRO D 449 -38.36 -76.51 4.21
C PRO D 449 -37.20 -77.12 4.98
N ALA D 450 -37.30 -78.41 5.24
CA ALA D 450 -36.26 -79.11 5.97
C ALA D 450 -35.96 -80.43 5.25
N ALA D 451 -34.66 -80.72 5.07
CA ALA D 451 -34.24 -81.95 4.40
C ALA D 451 -34.89 -83.18 5.02
N GLY D 452 -35.70 -83.89 4.23
CA GLY D 452 -36.34 -85.09 4.73
C GLY D 452 -37.85 -85.03 4.90
N MET D 453 -38.46 -83.90 4.54
CA MET D 453 -39.90 -83.77 4.65
C MET D 453 -40.54 -84.77 3.72
N ASN D 454 -39.93 -84.94 2.55
CA ASN D 454 -40.46 -85.88 1.56
C ASN D 454 -40.39 -87.31 2.04
N ALA D 455 -39.31 -87.67 2.71
CA ALA D 455 -39.20 -89.02 3.23
C ALA D 455 -40.34 -89.25 4.22
N ALA D 456 -40.68 -88.19 4.95
CA ALA D 456 -41.75 -88.21 5.95
C ALA D 456 -43.11 -88.37 5.29
N VAL D 457 -43.37 -87.61 4.24
CA VAL D 457 -44.65 -87.71 3.54
C VAL D 457 -44.80 -89.10 2.94
N ARG D 458 -43.73 -89.60 2.31
CA ARG D 458 -43.78 -90.93 1.70
C ARG D 458 -44.20 -91.94 2.76
N SER D 459 -43.47 -91.94 3.86
CA SER D 459 -43.75 -92.85 4.96
C SER D 459 -45.18 -92.75 5.51
N ALA D 460 -45.68 -91.53 5.68
CA ALA D 460 -47.03 -91.34 6.21
C ALA D 460 -48.09 -91.78 5.22
N VAL D 461 -47.93 -91.37 3.97
CA VAL D 461 -48.88 -91.73 2.93
C VAL D 461 -49.04 -93.25 2.82
N ARG D 462 -47.92 -93.96 2.71
CA ARG D 462 -47.96 -95.40 2.57
C ARG D 462 -48.49 -96.12 3.80
N VAL D 463 -48.03 -95.75 4.98
CA VAL D 463 -48.53 -96.40 6.19
C VAL D 463 -50.03 -96.17 6.24
N GLY D 464 -50.45 -94.97 5.83
CA GLY D 464 -51.87 -94.65 5.82
C GLY D 464 -52.61 -95.61 4.90
N ILE D 465 -52.22 -95.63 3.64
CA ILE D 465 -52.83 -96.50 2.64
C ILE D 465 -52.86 -97.96 3.12
N ALA D 466 -51.76 -98.41 3.71
CA ALA D 466 -51.65 -99.78 4.23
C ALA D 466 -52.57 -100.00 5.43
N ASP D 467 -53.06 -98.91 6.01
CA ASP D 467 -53.96 -99.01 7.14
C ASP D 467 -55.41 -98.84 6.68
N GLY D 468 -55.57 -98.76 5.35
CA GLY D 468 -56.89 -98.63 4.77
C GLY D 468 -57.49 -97.25 4.67
N HIS D 469 -56.72 -96.21 4.95
CA HIS D 469 -57.26 -94.87 4.84
C HIS D 469 -57.10 -94.37 3.41
N ARG D 470 -57.81 -93.28 3.10
CA ARG D 470 -57.73 -92.64 1.80
C ARG D 470 -56.84 -91.43 2.07
N MET D 471 -55.68 -91.36 1.42
CA MET D 471 -54.76 -90.28 1.68
C MET D 471 -54.92 -89.00 0.86
N LEU D 472 -54.91 -87.87 1.57
CA LEU D 472 -55.04 -86.55 0.95
C LEU D 472 -53.79 -85.67 1.17
N ALA D 473 -53.28 -85.12 0.07
CA ALA D 473 -52.10 -84.26 0.10
C ALA D 473 -52.50 -82.78 0.01
N ILE D 474 -52.11 -82.00 1.00
CA ILE D 474 -52.40 -80.59 0.98
C ILE D 474 -51.11 -79.91 0.56
N TYR D 475 -51.17 -79.22 -0.58
CA TYR D 475 -50.01 -78.54 -1.12
C TYR D 475 -49.78 -77.13 -0.59
N ASP D 476 -48.52 -76.69 -0.65
CA ASP D 476 -48.15 -75.36 -0.19
C ASP D 476 -48.67 -75.01 1.19
N GLY D 477 -48.52 -75.93 2.13
CA GLY D 477 -48.96 -75.68 3.49
C GLY D 477 -50.32 -75.03 3.68
N PHE D 478 -50.50 -74.33 4.80
CA PHE D 478 -51.77 -73.68 5.10
C PHE D 478 -52.22 -72.76 3.99
N ASP D 479 -51.29 -72.11 3.32
CA ASP D 479 -51.65 -71.21 2.25
C ASP D 479 -52.48 -71.97 1.23
N GLY D 480 -51.96 -73.08 0.76
CA GLY D 480 -52.70 -73.85 -0.22
C GLY D 480 -53.91 -74.53 0.39
N PHE D 481 -53.84 -74.83 1.68
CA PHE D 481 -54.93 -75.49 2.39
C PHE D 481 -56.18 -74.62 2.26
N ALA D 482 -56.00 -73.34 2.56
CA ALA D 482 -57.09 -72.38 2.49
C ALA D 482 -57.55 -72.20 1.06
N LYS D 483 -56.62 -72.29 0.11
CA LYS D 483 -56.98 -72.12 -1.28
C LYS D 483 -57.38 -73.44 -1.93
N GLY D 484 -57.89 -74.36 -1.10
CA GLY D 484 -58.36 -75.66 -1.56
C GLY D 484 -57.47 -76.55 -2.39
N GLN D 485 -56.16 -76.33 -2.40
CA GLN D 485 -55.24 -77.17 -3.17
C GLN D 485 -55.02 -78.51 -2.49
N ILE D 486 -56.06 -79.33 -2.44
CA ILE D 486 -55.99 -80.65 -1.83
C ILE D 486 -56.29 -81.71 -2.87
N LYS D 487 -55.48 -82.76 -2.91
CA LYS D 487 -55.65 -83.84 -3.87
C LYS D 487 -55.37 -85.17 -3.20
N GLU D 488 -55.76 -86.28 -3.83
CA GLU D 488 -55.51 -87.59 -3.25
C GLU D 488 -54.14 -88.08 -3.71
N ILE D 489 -53.40 -88.72 -2.81
CA ILE D 489 -52.08 -89.27 -3.15
C ILE D 489 -52.10 -90.79 -3.00
N GLY D 490 -51.50 -91.46 -3.97
CA GLY D 490 -51.46 -92.91 -3.97
C GLY D 490 -50.12 -93.48 -3.59
N TRP D 491 -50.11 -94.79 -3.36
CA TRP D 491 -48.92 -95.52 -2.95
C TRP D 491 -47.70 -95.29 -3.86
N THR D 492 -47.90 -95.32 -5.18
CA THR D 492 -46.76 -95.11 -6.07
C THR D 492 -46.42 -93.64 -6.29
N ASP D 493 -47.34 -92.74 -5.95
CA ASP D 493 -47.08 -91.32 -6.14
C ASP D 493 -45.94 -90.82 -5.29
N VAL D 494 -45.73 -91.44 -4.14
CA VAL D 494 -44.65 -91.04 -3.25
C VAL D 494 -43.42 -91.93 -3.38
N GLY D 495 -43.28 -92.59 -4.52
CA GLY D 495 -42.15 -93.48 -4.73
C GLY D 495 -40.85 -92.74 -4.96
N GLY D 496 -39.78 -93.18 -4.28
CA GLY D 496 -38.49 -92.56 -4.45
C GLY D 496 -38.35 -91.20 -3.82
N TRP D 497 -39.33 -90.84 -3.01
CA TRP D 497 -39.32 -89.56 -2.33
C TRP D 497 -38.30 -89.53 -1.20
N THR D 498 -38.00 -90.71 -0.66
CA THR D 498 -37.07 -90.85 0.44
C THR D 498 -35.84 -89.94 0.39
N GLY D 499 -35.09 -90.07 -0.70
CA GLY D 499 -33.87 -89.29 -0.84
C GLY D 499 -33.99 -87.91 -1.42
N GLN D 500 -35.21 -87.43 -1.63
CA GLN D 500 -35.38 -86.10 -2.20
C GLN D 500 -35.42 -84.93 -1.20
N GLY D 501 -34.65 -83.90 -1.53
CA GLY D 501 -34.57 -82.72 -0.69
C GLY D 501 -35.72 -81.77 -0.93
N GLY D 502 -35.81 -80.75 -0.09
CA GLY D 502 -36.88 -79.79 -0.23
C GLY D 502 -38.20 -80.40 0.17
N SER D 503 -39.27 -79.85 -0.36
CA SER D 503 -40.63 -80.30 -0.09
C SER D 503 -41.37 -80.44 -1.40
N ILE D 504 -41.63 -81.68 -1.81
CA ILE D 504 -42.34 -81.95 -3.05
C ILE D 504 -43.78 -81.47 -2.92
N LEU D 505 -44.32 -81.61 -1.73
CA LEU D 505 -45.69 -81.18 -1.42
C LEU D 505 -45.77 -79.66 -1.41
N GLY D 506 -44.69 -79.02 -0.97
CA GLY D 506 -44.64 -77.57 -0.91
C GLY D 506 -44.84 -77.19 0.55
N THR D 507 -44.24 -76.09 0.98
CA THR D 507 -44.40 -75.66 2.37
C THR D 507 -44.31 -74.14 2.56
N LYS D 508 -45.16 -73.62 3.46
CA LYS D 508 -45.21 -72.20 3.75
C LYS D 508 -45.19 -71.98 5.26
N ARG D 509 -44.85 -70.76 5.69
CA ARG D 509 -44.78 -70.41 7.12
C ARG D 509 -46.06 -69.70 7.57
N VAL D 510 -46.87 -69.32 6.59
CA VAL D 510 -48.16 -68.64 6.79
C VAL D 510 -49.00 -69.39 7.83
N LEU D 511 -49.44 -68.71 8.88
CA LEU D 511 -50.26 -69.39 9.89
C LEU D 511 -51.74 -69.46 9.46
N PRO D 512 -52.43 -70.53 9.86
CA PRO D 512 -53.82 -70.71 9.48
C PRO D 512 -54.77 -69.66 10.06
N GLY D 513 -54.26 -68.86 10.99
CA GLY D 513 -55.09 -67.82 11.61
C GLY D 513 -56.11 -67.15 10.69
N LYS D 514 -55.70 -66.08 10.04
CA LYS D 514 -56.57 -65.33 9.13
C LYS D 514 -57.34 -66.16 8.06
N TYR D 515 -57.37 -67.49 8.17
CA TYR D 515 -58.05 -68.33 7.16
C TYR D 515 -58.89 -69.46 7.70
N LEU D 516 -59.22 -69.40 8.99
CA LEU D 516 -60.04 -70.44 9.64
C LEU D 516 -61.31 -70.78 8.88
N GLU D 517 -61.98 -69.75 8.39
CA GLU D 517 -63.22 -69.93 7.65
C GLU D 517 -63.02 -70.68 6.34
N GLU D 518 -62.01 -70.29 5.57
CA GLU D 518 -61.70 -70.92 4.30
C GLU D 518 -61.05 -72.28 4.45
N ILE D 519 -60.53 -72.58 5.65
CA ILE D 519 -59.93 -73.88 5.89
C ILE D 519 -60.98 -74.83 6.48
N ALA D 520 -61.98 -74.26 7.14
CA ALA D 520 -63.06 -75.06 7.72
C ALA D 520 -63.85 -75.62 6.55
N THR D 521 -64.09 -74.74 5.58
CA THR D 521 -64.82 -75.01 4.35
C THR D 521 -64.18 -76.15 3.55
N GLN D 522 -62.87 -76.01 3.33
CA GLN D 522 -62.10 -76.99 2.57
C GLN D 522 -62.08 -78.32 3.33
N MET D 523 -61.92 -78.22 4.65
CA MET D 523 -61.91 -79.38 5.54
C MET D 523 -63.20 -80.16 5.50
N ARG D 524 -64.29 -79.43 5.22
CA ARG D 524 -65.63 -79.98 5.17
C ARG D 524 -65.95 -80.60 3.80
N THR D 525 -65.69 -79.88 2.71
CA THR D 525 -65.95 -80.41 1.39
C THR D 525 -65.09 -81.65 1.06
N HIS D 526 -63.87 -81.73 1.60
CA HIS D 526 -63.03 -82.90 1.33
C HIS D 526 -63.17 -83.98 2.41
N SER D 527 -64.05 -83.73 3.38
CA SER D 527 -64.32 -84.65 4.49
C SER D 527 -63.08 -85.24 5.13
N ILE D 528 -62.22 -84.36 5.65
CA ILE D 528 -60.98 -84.76 6.29
C ILE D 528 -61.14 -85.21 7.73
N ASN D 529 -61.10 -86.53 7.93
CA ASN D 529 -61.29 -87.17 9.23
C ASN D 529 -60.13 -87.08 10.21
N ALA D 530 -59.01 -86.51 9.76
CA ALA D 530 -57.84 -86.36 10.62
C ALA D 530 -56.77 -85.58 9.89
N LEU D 531 -55.79 -85.06 10.62
CA LEU D 531 -54.73 -84.29 9.97
C LEU D 531 -53.34 -84.50 10.59
N LEU D 532 -52.35 -84.73 9.73
CA LEU D 532 -50.98 -84.92 10.17
C LEU D 532 -50.12 -83.84 9.53
N ILE D 533 -49.41 -83.08 10.36
CA ILE D 533 -48.56 -82.03 9.85
C ILE D 533 -47.10 -82.34 10.13
N ILE D 534 -46.28 -82.03 9.13
CA ILE D 534 -44.85 -82.26 9.20
C ILE D 534 -44.22 -80.90 9.05
N GLY D 535 -43.55 -80.41 10.10
CA GLY D 535 -42.93 -79.10 9.98
C GLY D 535 -42.31 -78.51 11.22
N GLY D 536 -41.99 -77.23 11.13
CA GLY D 536 -41.36 -76.50 12.21
C GLY D 536 -42.22 -75.85 13.26
N PHE D 537 -41.74 -74.75 13.82
CA PHE D 537 -42.45 -74.06 14.87
C PHE D 537 -43.85 -73.62 14.46
N GLU D 538 -43.97 -72.98 13.31
CA GLU D 538 -45.26 -72.51 12.85
C GLU D 538 -46.25 -73.66 12.64
N ALA D 539 -45.74 -74.90 12.60
CA ALA D 539 -46.61 -76.05 12.43
C ALA D 539 -47.22 -76.32 13.81
N TYR D 540 -46.48 -75.97 14.85
CA TYR D 540 -46.93 -76.14 16.22
C TYR D 540 -47.89 -75.01 16.52
N LEU D 541 -47.51 -73.79 16.14
CA LEU D 541 -48.41 -72.65 16.37
C LEU D 541 -49.69 -72.95 15.58
N GLY D 542 -49.53 -73.68 14.49
CA GLY D 542 -50.67 -74.00 13.65
C GLY D 542 -51.67 -74.86 14.39
N LEU D 543 -51.19 -75.77 15.24
CA LEU D 543 -52.08 -76.64 16.01
C LEU D 543 -52.70 -75.90 17.19
N LEU D 544 -51.98 -74.91 17.73
CA LEU D 544 -52.49 -74.13 18.82
C LEU D 544 -53.63 -73.27 18.33
N GLU D 545 -53.52 -72.78 17.10
CA GLU D 545 -54.57 -71.95 16.54
C GLU D 545 -55.74 -72.82 16.15
N LEU D 546 -55.48 -73.84 15.33
CA LEU D 546 -56.52 -74.75 14.88
C LEU D 546 -57.21 -75.37 16.08
N SER D 547 -56.43 -75.66 17.12
CA SER D 547 -57.00 -76.24 18.32
C SER D 547 -58.01 -75.33 18.98
N ALA D 548 -57.57 -74.20 19.50
CA ALA D 548 -58.48 -73.29 20.17
C ALA D 548 -59.46 -72.66 19.18
N ALA D 549 -59.70 -73.35 18.07
CA ALA D 549 -60.63 -72.89 17.04
C ALA D 549 -61.63 -74.02 16.78
N ARG D 550 -61.46 -75.12 17.53
CA ARG D 550 -62.32 -76.29 17.42
C ARG D 550 -63.55 -76.08 18.30
N GLU D 551 -63.98 -74.84 18.39
CA GLU D 551 -65.15 -74.43 19.17
C GLU D 551 -66.12 -73.67 18.26
N LYS D 552 -65.55 -72.90 17.33
CA LYS D 552 -66.34 -72.12 16.39
C LYS D 552 -66.42 -72.85 15.06
N HIS D 553 -65.50 -73.78 14.84
CA HIS D 553 -65.52 -74.57 13.62
C HIS D 553 -65.53 -76.03 14.03
N GLU D 554 -66.50 -76.75 13.51
CA GLU D 554 -66.68 -78.16 13.83
C GLU D 554 -65.62 -79.07 13.24
N GLU D 555 -65.36 -78.85 11.96
CA GLU D 555 -64.41 -79.62 11.18
C GLU D 555 -63.03 -79.84 11.84
N PHE D 556 -62.59 -78.91 12.69
CA PHE D 556 -61.29 -79.00 13.36
C PHE D 556 -61.35 -79.85 14.62
N CYS D 557 -62.26 -80.83 14.63
CA CYS D 557 -62.42 -81.69 15.78
C CYS D 557 -62.07 -83.12 15.41
N VAL D 558 -61.04 -83.26 14.59
CA VAL D 558 -60.56 -84.56 14.17
C VAL D 558 -59.21 -84.77 14.86
N PRO D 559 -58.60 -85.95 14.72
CA PRO D 559 -57.32 -86.01 15.42
C PRO D 559 -56.30 -85.17 14.63
N MET D 560 -55.24 -84.74 15.31
CA MET D 560 -54.22 -83.93 14.65
C MET D 560 -52.83 -84.13 15.27
N VAL D 561 -51.91 -84.69 14.48
CA VAL D 561 -50.53 -84.95 14.93
C VAL D 561 -49.51 -84.10 14.21
N MET D 562 -48.41 -83.83 14.90
CA MET D 562 -47.36 -83.00 14.33
C MET D 562 -46.04 -83.72 14.47
N VAL D 563 -45.25 -83.72 13.41
CA VAL D 563 -43.94 -84.34 13.42
C VAL D 563 -42.92 -83.22 13.19
N PRO D 564 -41.95 -83.05 14.12
CA PRO D 564 -40.90 -82.02 14.08
C PRO D 564 -39.95 -82.04 12.90
N ALA D 565 -40.06 -81.02 12.05
CA ALA D 565 -39.21 -80.91 10.88
C ALA D 565 -38.77 -79.48 10.57
N THR D 566 -37.55 -79.16 10.98
CA THR D 566 -36.90 -77.87 10.72
C THR D 566 -35.45 -78.07 11.01
N VAL D 567 -34.61 -77.31 10.34
CA VAL D 567 -33.19 -77.41 10.53
C VAL D 567 -32.85 -76.78 11.87
N SER D 568 -33.76 -75.96 12.39
CA SER D 568 -33.54 -75.28 13.65
C SER D 568 -33.52 -76.15 14.90
N ASN D 569 -34.40 -77.14 14.93
CA ASN D 569 -34.53 -78.05 16.07
C ASN D 569 -35.04 -77.25 17.26
N ASN D 570 -36.10 -76.50 17.02
CA ASN D 570 -36.70 -75.65 18.02
C ASN D 570 -38.15 -76.05 18.36
N VAL D 571 -38.62 -77.17 17.82
CA VAL D 571 -39.97 -77.61 18.10
C VAL D 571 -40.09 -78.07 19.55
N PRO D 572 -41.04 -77.49 20.29
CA PRO D 572 -41.24 -77.87 21.70
C PRO D 572 -41.73 -79.31 21.80
N GLY D 573 -41.09 -80.11 22.65
CA GLY D 573 -41.52 -81.48 22.80
C GLY D 573 -40.68 -82.54 22.11
N SER D 574 -39.64 -82.12 21.40
CA SER D 574 -38.77 -83.07 20.72
C SER D 574 -37.33 -82.61 20.79
N ASP D 575 -36.43 -83.54 21.10
CA ASP D 575 -35.02 -83.21 21.20
C ASP D 575 -34.41 -83.10 19.83
N PHE D 576 -35.08 -83.67 18.83
CA PHE D 576 -34.56 -83.62 17.47
C PHE D 576 -35.58 -83.28 16.40
N SER D 577 -35.10 -82.77 15.27
CA SER D 577 -35.96 -82.40 14.15
C SER D 577 -35.49 -83.09 12.91
N ILE D 578 -36.42 -83.29 11.99
CA ILE D 578 -36.07 -83.89 10.73
C ILE D 578 -35.41 -82.73 9.99
N GLY D 579 -34.24 -82.97 9.42
CA GLY D 579 -33.54 -81.91 8.70
C GLY D 579 -32.41 -81.30 9.52
N ALA D 580 -32.42 -81.54 10.82
CA ALA D 580 -31.38 -81.01 11.70
C ALA D 580 -30.04 -81.69 11.42
N ASP D 581 -30.03 -83.01 11.32
CA ASP D 581 -28.78 -83.72 11.05
C ASP D 581 -28.21 -83.27 9.71
N THR D 582 -29.05 -83.19 8.69
CA THR D 582 -28.60 -82.77 7.36
C THR D 582 -27.88 -81.43 7.42
N ALA D 583 -28.48 -80.48 8.13
CA ALA D 583 -27.93 -79.14 8.28
C ALA D 583 -26.58 -79.13 8.99
N LEU D 584 -26.52 -79.92 10.06
CA LEU D 584 -25.32 -80.03 10.86
C LEU D 584 -24.18 -80.57 10.00
N ASN D 585 -24.51 -81.53 9.14
CA ASN D 585 -23.52 -82.10 8.25
C ASN D 585 -23.08 -81.09 7.22
N THR D 586 -24.00 -80.21 6.80
CA THR D 586 -23.65 -79.17 5.85
C THR D 586 -22.58 -78.29 6.50
N ILE D 587 -22.74 -78.01 7.78
CA ILE D 587 -21.79 -77.19 8.50
C ILE D 587 -20.42 -77.86 8.59
N THR D 588 -20.37 -79.07 9.10
CA THR D 588 -19.09 -79.73 9.23
C THR D 588 -18.42 -79.87 7.88
N ASP D 589 -19.20 -80.08 6.83
CA ASP D 589 -18.63 -80.22 5.48
C ASP D 589 -17.95 -78.94 4.98
N THR D 590 -18.53 -77.80 5.33
CA THR D 590 -17.99 -76.52 4.92
C THR D 590 -16.74 -76.24 5.71
N CYS D 591 -16.72 -76.64 6.97
CA CYS D 591 -15.55 -76.41 7.82
C CYS D 591 -14.40 -77.30 7.43
N ASP D 592 -14.72 -78.51 6.99
CA ASP D 592 -13.68 -79.44 6.57
C ASP D 592 -12.95 -78.79 5.42
N ARG D 593 -13.70 -78.44 4.37
CA ARG D 593 -13.10 -77.80 3.20
C ARG D 593 -12.24 -76.62 3.60
N ILE D 594 -12.82 -75.69 4.37
CA ILE D 594 -12.10 -74.51 4.83
C ILE D 594 -10.75 -74.82 5.47
N LYS D 595 -10.65 -75.94 6.18
CA LYS D 595 -9.39 -76.31 6.80
C LYS D 595 -8.39 -76.93 5.80
N GLN D 596 -8.80 -77.99 5.12
CA GLN D 596 -7.94 -78.67 4.16
C GLN D 596 -7.25 -77.79 3.11
N SER D 597 -7.66 -76.53 2.99
CA SER D 597 -7.07 -75.63 2.02
C SER D 597 -5.91 -74.84 2.62
N ALA D 598 -4.76 -74.88 1.96
CA ALA D 598 -3.55 -74.20 2.44
C ALA D 598 -3.46 -72.71 2.10
N SER D 599 -2.91 -71.93 3.03
CA SER D 599 -2.74 -70.49 2.89
C SER D 599 -1.27 -70.12 3.00
N GLY D 600 -0.40 -71.11 2.84
CA GLY D 600 1.02 -70.85 2.94
C GLY D 600 1.39 -70.73 4.39
N THR D 601 2.15 -69.70 4.73
CA THR D 601 2.58 -69.49 6.11
C THR D 601 1.54 -68.72 6.91
N LYS D 602 0.49 -68.26 6.21
CA LYS D 602 -0.53 -67.47 6.88
C LYS D 602 -1.52 -68.23 7.76
N ARG D 603 -1.73 -67.68 8.94
CA ARG D 603 -2.65 -68.21 9.92
C ARG D 603 -4.00 -67.62 9.56
N ARG D 604 -5.04 -68.45 9.53
CA ARG D 604 -6.36 -67.96 9.17
C ARG D 604 -7.47 -68.33 10.16
N VAL D 605 -8.37 -67.38 10.42
CA VAL D 605 -9.50 -67.61 11.32
C VAL D 605 -10.81 -67.37 10.56
N PHE D 606 -11.74 -68.30 10.68
CA PHE D 606 -13.02 -68.20 9.98
C PHE D 606 -14.22 -67.92 10.86
N ILE D 607 -15.02 -66.93 10.48
CA ILE D 607 -16.24 -66.61 11.22
C ILE D 607 -17.38 -67.16 10.32
N ILE D 608 -18.19 -68.07 10.86
CA ILE D 608 -19.28 -68.65 10.08
C ILE D 608 -20.65 -68.50 10.74
N GLU D 609 -21.57 -67.89 10.01
CA GLU D 609 -22.92 -67.67 10.51
C GLU D 609 -23.76 -68.88 10.14
N THR D 610 -24.52 -69.40 11.09
CA THR D 610 -25.36 -70.56 10.87
C THR D 610 -26.83 -70.20 11.00
N MET D 611 -27.71 -71.09 10.55
CA MET D 611 -29.14 -70.85 10.63
C MET D 611 -29.64 -71.23 12.00
N GLY D 612 -30.95 -71.21 12.17
CA GLY D 612 -31.54 -71.58 13.46
C GLY D 612 -32.42 -70.52 14.11
N GLY D 613 -32.40 -69.31 13.55
CA GLY D 613 -33.19 -68.25 14.12
C GLY D 613 -32.61 -67.94 15.48
N TYR D 614 -33.37 -68.21 16.52
CA TYR D 614 -32.90 -67.95 17.87
C TYR D 614 -32.33 -69.19 18.52
N CYS D 615 -32.63 -70.34 17.94
CA CYS D 615 -32.16 -71.60 18.48
C CYS D 615 -30.72 -71.87 18.07
N GLY D 616 -29.82 -71.78 19.03
CA GLY D 616 -28.42 -72.02 18.75
C GLY D 616 -28.05 -73.48 18.65
N TYR D 617 -29.01 -74.36 18.41
CA TYR D 617 -28.69 -75.78 18.28
C TYR D 617 -27.62 -75.99 17.20
N LEU D 618 -27.94 -75.58 15.97
CA LEU D 618 -27.00 -75.71 14.86
C LEU D 618 -25.67 -75.09 15.19
N ALA D 619 -25.68 -73.84 15.61
CA ALA D 619 -24.45 -73.16 15.95
C ALA D 619 -23.62 -73.91 16.99
N ASN D 620 -24.26 -74.30 18.09
CA ASN D 620 -23.58 -74.98 19.19
C ASN D 620 -23.10 -76.39 18.85
N MET D 621 -24.01 -77.24 18.41
CA MET D 621 -23.64 -78.62 18.06
C MET D 621 -22.70 -78.62 16.87
N GLY D 622 -22.92 -77.72 15.94
CA GLY D 622 -22.04 -77.65 14.79
C GLY D 622 -20.67 -77.26 15.27
N GLY D 623 -20.63 -76.31 16.19
CA GLY D 623 -19.37 -75.85 16.73
C GLY D 623 -18.61 -77.00 17.36
N LEU D 624 -19.33 -77.79 18.15
CA LEU D 624 -18.72 -78.95 18.81
C LEU D 624 -18.20 -79.93 17.77
N ALA D 625 -19.04 -80.25 16.79
CA ALA D 625 -18.70 -81.19 15.72
C ALA D 625 -17.56 -80.75 14.81
N ALA D 626 -17.44 -79.46 14.56
CA ALA D 626 -16.38 -78.95 13.70
C ALA D 626 -15.16 -78.51 14.48
N GLY D 627 -15.28 -78.53 15.81
CA GLY D 627 -14.18 -78.11 16.67
C GLY D 627 -13.88 -76.63 16.63
N ALA D 628 -14.88 -75.82 16.94
CA ALA D 628 -14.71 -74.37 16.92
C ALA D 628 -14.26 -73.85 18.27
N ASP D 629 -13.54 -72.73 18.24
CA ASP D 629 -13.04 -72.10 19.46
C ASP D 629 -14.20 -71.51 20.25
N ALA D 630 -15.18 -70.98 19.53
CA ALA D 630 -16.32 -70.38 20.18
C ALA D 630 -17.53 -70.41 19.26
N ALA D 631 -18.71 -70.44 19.87
CA ALA D 631 -19.96 -70.46 19.14
C ALA D 631 -20.92 -69.49 19.78
N TYR D 632 -20.99 -68.26 19.28
CA TYR D 632 -21.88 -67.28 19.86
C TYR D 632 -23.34 -67.61 19.58
N ILE D 633 -24.11 -67.80 20.65
CA ILE D 633 -25.52 -68.14 20.51
C ILE D 633 -26.37 -67.19 21.33
N PHE D 634 -27.67 -67.21 21.05
CA PHE D 634 -28.62 -66.35 21.73
C PHE D 634 -28.86 -66.78 23.16
N GLU D 635 -29.02 -68.07 23.36
CA GLU D 635 -29.28 -68.65 24.67
C GLU D 635 -28.25 -68.30 25.74
N GLU D 636 -27.07 -67.89 25.32
CA GLU D 636 -26.02 -67.52 26.27
C GLU D 636 -25.55 -66.13 25.93
N PRO D 637 -26.16 -65.11 26.54
CA PRO D 637 -25.81 -63.70 26.31
C PRO D 637 -24.34 -63.40 26.54
N PHE D 638 -23.80 -62.47 25.77
CA PHE D 638 -22.40 -62.11 25.92
C PHE D 638 -22.24 -60.62 25.70
N ASP D 639 -21.18 -60.04 26.23
CA ASP D 639 -20.93 -58.62 26.06
C ASP D 639 -19.56 -58.42 25.40
N ILE D 640 -19.18 -57.17 25.19
CA ILE D 640 -17.91 -56.85 24.55
C ILE D 640 -16.69 -57.39 25.32
N ARG D 641 -16.82 -57.57 26.63
CA ARG D 641 -15.71 -58.09 27.44
C ARG D 641 -15.47 -59.56 27.18
N ASP D 642 -16.55 -60.34 27.17
CA ASP D 642 -16.45 -61.78 26.91
C ASP D 642 -15.87 -61.93 25.53
N LEU D 643 -16.38 -61.12 24.62
CA LEU D 643 -15.97 -61.11 23.23
C LEU D 643 -14.47 -60.87 23.14
N GLN D 644 -14.02 -59.83 23.80
CA GLN D 644 -12.61 -59.46 23.79
C GLN D 644 -11.74 -60.59 24.35
N SER D 645 -12.24 -61.21 25.40
CA SER D 645 -11.53 -62.32 26.04
C SER D 645 -11.31 -63.48 25.05
N ASN D 646 -12.37 -63.93 24.39
CA ASN D 646 -12.27 -65.03 23.44
C ASN D 646 -11.34 -64.72 22.29
N VAL D 647 -11.26 -63.45 21.90
CA VAL D 647 -10.38 -63.09 20.80
C VAL D 647 -8.96 -63.27 21.27
N GLU D 648 -8.66 -62.74 22.45
CA GLU D 648 -7.31 -62.87 22.99
C GLU D 648 -6.97 -64.35 23.16
N HIS D 649 -7.91 -65.12 23.69
CA HIS D 649 -7.71 -66.55 23.90
C HIS D 649 -7.34 -67.26 22.61
N LEU D 650 -8.09 -67.00 21.53
CA LEU D 650 -7.82 -67.62 20.24
C LEU D 650 -6.58 -67.04 19.56
N THR D 651 -6.34 -65.74 19.77
CA THR D 651 -5.17 -65.09 19.19
C THR D 651 -3.93 -65.78 19.73
N GLU D 652 -4.02 -66.25 20.97
CA GLU D 652 -2.90 -66.93 21.59
C GLU D 652 -2.70 -68.27 20.92
N LYS D 653 -3.79 -69.03 20.77
CA LYS D 653 -3.69 -70.34 20.14
C LYS D 653 -3.15 -70.21 18.73
N MET D 654 -3.51 -69.13 18.03
CA MET D 654 -3.03 -68.92 16.67
C MET D 654 -1.54 -68.63 16.62
N LYS D 655 -1.02 -67.99 17.66
CA LYS D 655 0.40 -67.67 17.72
C LYS D 655 1.25 -68.92 17.85
N THR D 656 0.67 -70.01 18.35
CA THR D 656 1.42 -71.25 18.55
C THR D 656 0.89 -72.48 17.85
N THR D 657 0.17 -73.27 18.64
CA THR D 657 -0.44 -74.55 18.26
C THR D 657 -1.35 -74.62 17.02
N ILE D 658 -2.37 -73.80 16.97
CA ILE D 658 -3.28 -73.82 15.82
C ILE D 658 -2.76 -73.10 14.58
N GLN D 659 -3.21 -73.58 13.42
CA GLN D 659 -2.83 -73.03 12.13
C GLN D 659 -4.11 -72.49 11.46
N ARG D 660 -5.24 -73.01 11.91
CA ARG D 660 -6.54 -72.64 11.35
C ARG D 660 -7.61 -72.51 12.45
N GLY D 661 -8.10 -71.29 12.68
CA GLY D 661 -9.12 -71.07 13.72
C GLY D 661 -10.56 -70.99 13.22
N LEU D 662 -11.51 -71.44 14.04
CA LEU D 662 -12.91 -71.43 13.65
C LEU D 662 -13.87 -70.85 14.70
N VAL D 663 -14.74 -69.94 14.26
CA VAL D 663 -15.72 -69.30 15.14
C VAL D 663 -17.10 -69.32 14.51
N LEU D 664 -18.09 -69.89 15.21
CA LEU D 664 -19.45 -69.93 14.66
C LEU D 664 -20.35 -68.89 15.33
N ARG D 665 -21.36 -68.41 14.59
CA ARG D 665 -22.30 -67.42 15.11
C ARG D 665 -23.72 -67.68 14.67
N ASN D 666 -24.62 -67.79 15.64
CA ASN D 666 -26.02 -68.02 15.38
C ASN D 666 -26.58 -66.77 14.67
N GLU D 667 -27.49 -66.98 13.71
CA GLU D 667 -28.12 -65.89 12.97
C GLU D 667 -28.51 -64.70 13.82
N SER D 668 -29.25 -64.98 14.88
CA SER D 668 -29.79 -63.94 15.77
C SER D 668 -29.28 -63.96 17.20
N CYS D 669 -28.03 -64.33 17.39
CA CYS D 669 -27.46 -64.38 18.73
C CYS D 669 -27.41 -63.01 19.38
N SER D 670 -27.43 -61.97 18.56
CA SER D 670 -27.37 -60.59 19.04
C SER D 670 -27.71 -59.72 17.85
N GLU D 671 -28.32 -58.57 18.08
CA GLU D 671 -28.65 -57.70 16.95
C GLU D 671 -27.59 -56.64 16.69
N ASN D 672 -26.81 -56.32 17.72
CA ASN D 672 -25.76 -55.33 17.57
C ASN D 672 -24.44 -55.98 17.21
N TYR D 673 -24.15 -57.11 17.84
CA TYR D 673 -22.91 -57.82 17.54
C TYR D 673 -23.22 -58.79 16.43
N THR D 674 -23.37 -58.25 15.24
CA THR D 674 -23.66 -59.00 14.04
C THR D 674 -22.48 -59.84 13.59
N THR D 675 -22.66 -60.57 12.50
CA THR D 675 -21.60 -61.40 11.98
C THR D 675 -20.44 -60.52 11.57
N ASP D 676 -20.74 -59.44 10.87
CA ASP D 676 -19.71 -58.52 10.44
C ASP D 676 -19.01 -57.92 11.64
N PHE D 677 -19.78 -57.54 12.66
CA PHE D 677 -19.20 -56.94 13.86
C PHE D 677 -18.09 -57.86 14.36
N ILE D 678 -18.46 -59.10 14.67
CA ILE D 678 -17.52 -60.08 15.16
C ILE D 678 -16.36 -60.28 14.19
N TYR D 679 -16.65 -60.25 12.88
CA TYR D 679 -15.62 -60.41 11.87
C TYR D 679 -14.64 -59.25 11.97
N GLN D 680 -15.18 -58.04 12.07
CA GLN D 680 -14.33 -56.86 12.18
C GLN D 680 -13.49 -56.88 13.46
N LEU D 681 -14.08 -57.25 14.58
CA LEU D 681 -13.36 -57.30 15.84
C LEU D 681 -12.19 -58.28 15.78
N TYR D 682 -12.49 -59.54 15.47
CA TYR D 682 -11.46 -60.56 15.39
C TYR D 682 -10.39 -60.15 14.37
N SER D 683 -10.80 -59.48 13.30
CA SER D 683 -9.88 -59.06 12.24
C SER D 683 -8.87 -58.04 12.74
N GLU D 684 -9.38 -57.02 13.43
CA GLU D 684 -8.53 -55.97 13.97
C GLU D 684 -7.59 -56.54 15.05
N GLU D 685 -8.13 -57.29 16.00
CA GLU D 685 -7.32 -57.87 17.06
C GLU D 685 -6.30 -58.90 16.59
N GLY D 686 -6.57 -59.51 15.44
CA GLY D 686 -5.66 -60.51 14.93
C GLY D 686 -4.58 -59.93 14.08
N LYS D 687 -4.78 -58.70 13.60
CA LYS D 687 -3.80 -58.00 12.76
C LYS D 687 -2.40 -58.38 13.20
N GLY D 688 -1.60 -58.90 12.29
CA GLY D 688 -0.25 -59.28 12.65
C GLY D 688 -0.05 -60.75 12.99
N VAL D 689 -1.10 -61.41 13.49
CA VAL D 689 -0.97 -62.82 13.83
C VAL D 689 -1.84 -63.71 12.96
N PHE D 690 -2.92 -63.18 12.41
CA PHE D 690 -3.79 -63.99 11.54
C PHE D 690 -4.80 -63.09 10.83
N ASP D 691 -5.31 -63.55 9.69
CA ASP D 691 -6.32 -62.76 9.00
C ASP D 691 -7.66 -63.48 9.07
N CYS D 692 -8.72 -62.76 8.77
CA CYS D 692 -10.05 -63.34 8.83
C CYS D 692 -10.72 -63.54 7.52
N ARG D 693 -11.72 -64.40 7.55
CA ARG D 693 -12.54 -64.71 6.41
C ARG D 693 -13.91 -64.88 7.02
N LYS D 694 -14.89 -64.24 6.41
CA LYS D 694 -16.26 -64.28 6.88
C LYS D 694 -16.98 -65.22 5.96
N ASN D 695 -18.09 -65.80 6.42
CA ASN D 695 -18.84 -66.71 5.59
C ASN D 695 -20.20 -67.04 6.16
N VAL D 696 -21.25 -66.64 5.44
CA VAL D 696 -22.60 -66.92 5.87
C VAL D 696 -23.12 -68.10 5.08
N LEU D 697 -23.34 -69.22 5.77
CA LEU D 697 -23.85 -70.42 5.13
C LEU D 697 -25.09 -70.12 4.29
N GLY D 698 -26.00 -69.35 4.87
CA GLY D 698 -27.20 -69.00 4.14
C GLY D 698 -28.19 -70.15 4.06
N HIS D 699 -29.39 -69.82 3.60
CA HIS D 699 -30.48 -70.79 3.49
C HIS D 699 -30.50 -71.53 2.15
N MET D 700 -29.42 -71.45 1.38
CA MET D 700 -29.36 -72.16 0.11
C MET D 700 -29.06 -73.63 0.38
N GLN D 701 -28.39 -73.86 1.51
CA GLN D 701 -28.03 -75.20 1.93
C GLN D 701 -28.99 -75.61 3.04
N GLN D 702 -30.25 -75.69 2.62
CA GLN D 702 -31.38 -76.06 3.48
C GLN D 702 -32.28 -76.95 2.61
N GLY D 703 -31.95 -77.00 1.32
CA GLY D 703 -32.73 -77.79 0.39
C GLY D 703 -31.95 -78.86 -0.35
N GLY D 704 -30.75 -79.18 0.14
CA GLY D 704 -29.96 -80.23 -0.49
C GLY D 704 -30.56 -81.58 -0.14
N ALA D 705 -29.97 -82.66 -0.64
CA ALA D 705 -30.50 -83.99 -0.34
C ALA D 705 -30.37 -84.25 1.17
N PRO D 706 -31.37 -84.92 1.76
CA PRO D 706 -31.34 -85.22 3.19
C PRO D 706 -30.30 -86.28 3.51
N SER D 707 -29.67 -86.16 4.68
CA SER D 707 -28.68 -87.12 5.11
C SER D 707 -29.37 -88.42 5.48
N PRO D 708 -28.64 -89.54 5.44
CA PRO D 708 -29.23 -90.84 5.78
C PRO D 708 -30.05 -90.77 7.08
N PHE D 709 -29.43 -90.23 8.12
CA PHE D 709 -30.10 -90.10 9.39
C PHE D 709 -31.47 -89.46 9.29
N ASP D 710 -31.61 -88.41 8.47
CA ASP D 710 -32.90 -87.75 8.33
C ASP D 710 -33.90 -88.53 7.49
N ARG D 711 -33.47 -89.14 6.39
CA ARG D 711 -34.42 -89.89 5.59
C ARG D 711 -34.99 -91.00 6.41
N ASN D 712 -34.22 -91.47 7.38
CA ASN D 712 -34.71 -92.54 8.24
C ASN D 712 -35.53 -92.01 9.41
N PHE D 713 -35.13 -90.85 9.91
CA PHE D 713 -35.84 -90.21 11.00
C PHE D 713 -37.25 -89.90 10.48
N GLY D 714 -37.30 -89.20 9.35
CA GLY D 714 -38.58 -88.85 8.76
C GLY D 714 -39.45 -90.07 8.50
N THR D 715 -38.85 -91.12 7.94
CA THR D 715 -39.59 -92.33 7.67
C THR D 715 -40.17 -92.91 8.96
N LYS D 716 -39.31 -93.04 9.97
CA LYS D 716 -39.71 -93.61 11.25
C LYS D 716 -40.80 -92.91 12.08
N ILE D 717 -40.71 -91.59 12.27
CA ILE D 717 -41.73 -90.90 13.08
C ILE D 717 -43.04 -90.76 12.35
N SER D 718 -42.95 -90.46 11.06
CA SER D 718 -44.16 -90.32 10.28
C SER D 718 -44.96 -91.60 10.36
N ALA D 719 -44.28 -92.74 10.40
CA ALA D 719 -44.97 -94.00 10.48
C ALA D 719 -45.63 -94.15 11.86
N ARG D 720 -44.90 -93.85 12.92
CA ARG D 720 -45.46 -93.97 14.26
C ARG D 720 -46.63 -93.02 14.43
N ALA D 721 -46.52 -91.86 13.79
CA ALA D 721 -47.59 -90.86 13.88
C ALA D 721 -48.85 -91.37 13.19
N MET D 722 -48.71 -91.96 12.00
CA MET D 722 -49.86 -92.48 11.28
C MET D 722 -50.52 -93.57 12.09
N GLU D 723 -49.69 -94.41 12.70
CA GLU D 723 -50.13 -95.53 13.53
C GLU D 723 -51.08 -95.00 14.61
N TRP D 724 -50.71 -93.84 15.14
CA TRP D 724 -51.48 -93.16 16.18
C TRP D 724 -52.83 -92.73 15.62
N ILE D 725 -52.81 -92.08 14.46
CA ILE D 725 -54.03 -91.62 13.82
C ILE D 725 -54.95 -92.82 13.58
N THR D 726 -54.39 -93.89 13.01
CA THR D 726 -55.17 -95.09 12.75
C THR D 726 -55.89 -95.52 14.01
N ALA D 727 -55.15 -95.65 15.11
CA ALA D 727 -55.72 -96.08 16.39
C ALA D 727 -56.76 -95.09 16.95
N LYS D 728 -56.51 -93.80 16.78
CA LYS D 728 -57.45 -92.80 17.25
C LYS D 728 -58.78 -92.84 16.49
N LEU D 729 -58.68 -92.83 15.16
CA LEU D 729 -59.85 -92.88 14.29
C LEU D 729 -60.50 -94.26 14.30
N LYS D 730 -60.04 -95.16 15.15
CA LYS D 730 -60.68 -96.46 15.21
C LYS D 730 -61.57 -96.44 16.43
N GLU D 731 -61.43 -95.38 17.24
CA GLU D 731 -62.21 -95.19 18.47
C GLU D 731 -63.61 -94.62 18.19
N ALA D 732 -63.72 -93.82 17.13
CA ALA D 732 -64.99 -93.23 16.74
C ALA D 732 -66.00 -94.32 16.40
N PHE D 739 -63.79 -85.98 18.98
CA PHE D 739 -62.55 -85.35 19.42
C PHE D 739 -62.70 -83.84 19.65
N THR D 740 -62.52 -83.41 20.90
CA THR D 740 -62.60 -81.99 21.26
C THR D 740 -61.70 -81.76 22.48
N THR D 741 -61.15 -82.87 22.97
CA THR D 741 -60.26 -82.92 24.12
C THR D 741 -58.82 -82.55 23.72
N ASP D 742 -58.05 -82.07 24.69
CA ASP D 742 -56.66 -81.68 24.48
C ASP D 742 -55.69 -82.74 24.01
N ASP D 743 -56.11 -83.99 23.92
CA ASP D 743 -55.19 -85.03 23.47
C ASP D 743 -55.46 -85.44 22.03
N SER D 744 -56.36 -84.72 21.37
CA SER D 744 -56.67 -85.00 19.98
C SER D 744 -55.62 -84.28 19.14
N ILE D 745 -54.94 -83.31 19.77
CA ILE D 745 -53.91 -82.50 19.13
C ILE D 745 -52.54 -82.51 19.85
N CYS D 746 -51.61 -83.31 19.30
CA CYS D 746 -50.29 -83.46 19.88
C CYS D 746 -49.09 -83.11 18.99
N VAL D 747 -47.92 -83.52 19.47
CA VAL D 747 -46.63 -83.30 18.81
C VAL D 747 -45.74 -84.54 19.06
N LEU D 748 -45.77 -85.49 18.15
CA LEU D 748 -44.96 -86.70 18.30
C LEU D 748 -43.50 -86.29 18.24
N GLY D 749 -42.77 -86.49 19.33
CA GLY D 749 -41.37 -86.10 19.35
C GLY D 749 -40.54 -86.83 20.38
N ILE D 750 -39.23 -86.65 20.30
CA ILE D 750 -38.32 -87.32 21.21
C ILE D 750 -38.25 -86.63 22.55
N SER D 751 -38.71 -87.31 23.60
CA SER D 751 -38.67 -86.72 24.92
C SER D 751 -37.75 -87.55 25.81
N LYS D 752 -38.17 -87.77 27.06
CA LYS D 752 -37.38 -88.53 28.04
C LYS D 752 -36.41 -89.49 27.36
N ARG D 753 -36.91 -90.64 26.94
CA ARG D 753 -36.05 -91.59 26.26
C ARG D 753 -36.91 -92.28 25.26
N ASN D 754 -38.08 -91.69 25.05
CA ASN D 754 -39.04 -92.25 24.14
C ASN D 754 -39.63 -91.21 23.23
N VAL D 755 -40.32 -91.71 22.22
CA VAL D 755 -41.02 -90.90 21.24
C VAL D 755 -42.43 -90.92 21.82
N ILE D 756 -42.78 -89.85 22.53
CA ILE D 756 -44.10 -89.77 23.12
C ILE D 756 -44.96 -88.63 22.54
N PHE D 757 -46.27 -88.84 22.51
CA PHE D 757 -47.20 -87.83 22.01
C PHE D 757 -47.53 -86.89 23.16
N GLN D 758 -47.33 -85.60 22.94
CA GLN D 758 -47.59 -84.61 23.98
C GLN D 758 -48.59 -83.58 23.49
N PRO D 759 -49.74 -83.43 24.17
CA PRO D 759 -50.74 -82.44 23.75
C PRO D 759 -50.20 -81.01 23.69
N VAL D 760 -50.36 -80.40 22.51
CA VAL D 760 -49.88 -79.05 22.28
C VAL D 760 -50.17 -78.13 23.43
N ALA D 761 -51.32 -78.35 24.07
CA ALA D 761 -51.72 -77.51 25.18
C ALA D 761 -50.76 -77.49 26.38
N GLU D 762 -50.17 -78.63 26.73
CA GLU D 762 -49.27 -78.65 27.87
C GLU D 762 -47.85 -78.29 27.51
N LEU D 763 -47.64 -77.99 26.24
CA LEU D 763 -46.30 -77.63 25.79
C LEU D 763 -46.11 -76.12 25.89
N LYS D 764 -47.22 -75.38 25.88
CA LYS D 764 -47.17 -73.92 25.97
C LYS D 764 -46.37 -73.49 27.22
N LYS D 765 -46.62 -74.17 28.32
CA LYS D 765 -45.96 -73.89 29.59
C LYS D 765 -44.44 -73.79 29.44
N GLN D 766 -43.86 -74.76 28.72
CA GLN D 766 -42.43 -74.85 28.54
C GLN D 766 -41.84 -74.27 27.26
N THR D 767 -42.51 -73.28 26.69
CA THR D 767 -42.02 -72.67 25.45
C THR D 767 -42.07 -71.14 25.49
N ASP D 768 -41.01 -70.53 24.95
CA ASP D 768 -40.88 -69.07 24.87
C ASP D 768 -41.30 -68.65 23.48
N PHE D 769 -42.54 -68.18 23.34
CA PHE D 769 -43.08 -67.79 22.05
C PHE D 769 -42.52 -66.53 21.42
N GLU D 770 -41.71 -65.80 22.18
CA GLU D 770 -41.13 -64.57 21.67
C GLU D 770 -39.97 -64.87 20.73
N HIS D 771 -39.15 -65.86 21.07
CA HIS D 771 -38.01 -66.23 20.25
C HIS D 771 -38.21 -67.59 19.56
N ARG D 772 -39.39 -68.17 19.80
CA ARG D 772 -39.74 -69.44 19.22
C ARG D 772 -38.73 -70.54 19.47
N ILE D 773 -38.42 -70.76 20.74
CA ILE D 773 -37.49 -71.81 21.14
C ILE D 773 -38.01 -72.33 22.46
N PRO D 774 -37.78 -73.62 22.75
CA PRO D 774 -38.25 -74.18 24.02
C PRO D 774 -37.52 -73.53 25.18
N LYS D 775 -38.19 -73.43 26.32
CA LYS D 775 -37.60 -72.80 27.50
C LYS D 775 -36.41 -73.58 28.05
N GLU D 776 -36.49 -74.90 27.96
CA GLU D 776 -35.40 -75.73 28.45
C GLU D 776 -34.82 -76.51 27.28
N GLN D 777 -33.61 -76.15 26.87
CA GLN D 777 -32.96 -76.82 25.75
C GLN D 777 -31.90 -77.80 26.24
N TRP D 778 -32.19 -79.10 26.11
CA TRP D 778 -31.29 -80.14 26.56
C TRP D 778 -29.83 -80.02 26.14
N TRP D 779 -29.59 -79.78 24.86
CA TRP D 779 -28.23 -79.67 24.36
C TRP D 779 -27.34 -78.62 25.05
N LEU D 780 -27.95 -77.66 25.74
CA LEU D 780 -27.18 -76.63 26.42
C LEU D 780 -26.27 -77.20 27.49
N LYS D 781 -26.60 -78.39 28.00
CA LYS D 781 -25.79 -79.03 29.03
C LYS D 781 -24.46 -79.45 28.43
N LEU D 782 -24.42 -79.52 27.11
CA LEU D 782 -23.23 -79.91 26.38
C LEU D 782 -22.31 -78.72 26.07
N ARG D 783 -22.85 -77.51 26.15
CA ARG D 783 -22.08 -76.33 25.84
C ARG D 783 -20.73 -76.24 26.58
N PRO D 784 -20.72 -76.47 27.90
CA PRO D 784 -19.47 -76.39 28.66
C PRO D 784 -18.46 -77.44 28.22
N LEU D 785 -18.93 -78.45 27.50
CA LEU D 785 -18.05 -79.50 26.99
C LEU D 785 -17.28 -78.91 25.82
N MET D 786 -18.02 -78.43 24.83
CA MET D 786 -17.42 -77.83 23.65
C MET D 786 -16.34 -76.83 24.05
N LYS D 787 -16.58 -76.11 25.15
CA LYS D 787 -15.65 -75.11 25.61
C LYS D 787 -14.36 -75.69 26.17
N ILE D 788 -14.45 -76.55 27.18
CA ILE D 788 -13.23 -77.10 27.74
C ILE D 788 -12.42 -77.84 26.70
N LEU D 789 -13.07 -78.25 25.60
CA LEU D 789 -12.35 -78.93 24.53
C LEU D 789 -11.58 -77.91 23.71
N ALA D 790 -11.97 -76.65 23.80
CA ALA D 790 -11.32 -75.57 23.06
C ALA D 790 -10.23 -74.94 23.93
N LYS D 791 -9.99 -75.56 25.07
CA LYS D 791 -8.98 -75.13 26.03
C LYS D 791 -9.44 -73.97 26.92
N TYR D 792 -10.75 -73.90 27.17
CA TYR D 792 -11.28 -72.87 28.05
C TYR D 792 -11.54 -73.54 29.39
N LYS D 793 -11.72 -72.72 30.41
CA LYS D 793 -12.00 -73.21 31.75
C LYS D 793 -13.47 -72.86 32.02
N ALA D 794 -14.35 -73.84 31.82
CA ALA D 794 -15.79 -73.62 32.02
C ALA D 794 -16.37 -74.59 33.04
N SER D 795 -17.35 -74.12 33.83
CA SER D 795 -17.98 -75.00 34.81
C SER D 795 -18.83 -76.01 34.04
N TYR D 796 -18.63 -77.28 34.33
CA TYR D 796 -19.36 -78.32 33.63
C TYR D 796 -20.29 -79.10 34.56
N ASP D 797 -21.57 -78.76 34.54
CA ASP D 797 -22.55 -79.46 35.37
C ASP D 797 -22.70 -80.86 34.75
N VAL D 798 -22.03 -81.83 35.33
CA VAL D 798 -22.07 -83.19 34.82
C VAL D 798 -23.02 -84.07 35.63
N SER D 799 -24.12 -83.48 36.11
CA SER D 799 -25.11 -84.22 36.91
C SER D 799 -25.88 -85.22 36.06
N ASP D 800 -26.17 -84.84 34.82
CA ASP D 800 -26.91 -85.71 33.91
C ASP D 800 -26.06 -86.84 33.35
N SER D 801 -24.84 -86.98 33.88
CA SER D 801 -23.95 -88.03 33.41
C SER D 801 -24.64 -89.38 33.54
N GLY D 802 -24.00 -90.42 33.00
CA GLY D 802 -24.59 -91.74 33.05
C GLY D 802 -24.36 -92.45 34.37
N GLN D 803 -25.11 -93.52 34.58
CA GLN D 803 -25.01 -94.33 35.78
C GLN D 803 -25.33 -95.79 35.42
N LEU D 804 -24.71 -96.73 36.13
CA LEU D 804 -24.90 -98.16 35.86
C LEU D 804 -26.36 -98.62 35.88
N GLU D 805 -26.78 -99.27 34.80
CA GLU D 805 -28.13 -99.81 34.67
C GLU D 805 -27.97 -101.21 34.08
N HIS D 806 -29.10 -101.85 33.78
CA HIS D 806 -29.06 -103.19 33.20
C HIS D 806 -29.63 -103.14 31.79
N VAL D 807 -28.99 -103.87 30.88
CA VAL D 807 -29.41 -103.91 29.48
C VAL D 807 -30.83 -104.49 29.24
N GLN D 808 -31.75 -103.62 28.79
CA GLN D 808 -33.15 -104.01 28.50
C GLN D 808 -33.53 -103.56 27.08
N ARG E 42 -2.80 31.49 31.41
CA ARG E 42 -1.42 31.79 31.03
C ARG E 42 -0.62 32.51 32.12
N LYS E 43 0.41 31.83 32.63
CA LYS E 43 1.28 32.33 33.69
C LYS E 43 2.51 33.08 33.15
N PHE E 44 3.32 33.62 34.04
CA PHE E 44 4.53 34.35 33.67
C PHE E 44 5.74 33.90 34.46
N LEU E 45 6.91 34.05 33.85
CA LEU E 45 8.16 33.64 34.46
C LEU E 45 8.57 34.48 35.66
N GLU E 46 8.57 35.80 35.52
CA GLU E 46 8.97 36.68 36.62
C GLU E 46 8.29 36.27 37.94
N HIS E 47 7.08 35.73 37.85
CA HIS E 47 6.32 35.27 39.02
C HIS E 47 6.90 33.96 39.56
N LEU E 48 6.14 33.29 40.43
CA LEU E 48 6.58 32.03 41.06
C LEU E 48 8.12 32.00 41.12
N SER E 49 8.70 33.03 41.75
CA SER E 49 10.16 33.10 41.89
C SER E 49 10.61 31.86 42.65
N GLY E 50 11.90 31.58 42.57
CA GLY E 50 12.48 30.43 43.22
C GLY E 50 13.43 30.91 44.29
N ALA E 51 13.17 32.11 44.78
CA ALA E 51 14.00 32.71 45.83
C ALA E 51 14.06 31.78 47.04
N GLY E 52 15.27 31.57 47.54
CA GLY E 52 15.43 30.70 48.68
C GLY E 52 15.83 29.29 48.31
N LYS E 53 15.55 28.90 47.07
CA LYS E 53 15.90 27.56 46.60
C LYS E 53 17.34 27.55 46.08
N ALA E 54 17.98 26.39 46.15
CA ALA E 54 19.35 26.23 45.67
C ALA E 54 19.42 25.12 44.64
N ILE E 55 19.83 25.45 43.42
CA ILE E 55 19.92 24.46 42.35
C ILE E 55 21.35 24.02 42.04
N GLY E 56 21.50 22.72 41.87
CA GLY E 56 22.80 22.18 41.54
C GLY E 56 22.72 21.60 40.14
N VAL E 57 23.68 21.94 39.29
CA VAL E 57 23.70 21.45 37.92
C VAL E 57 25.04 20.76 37.66
N LEU E 58 25.00 19.64 36.96
CA LEU E 58 26.22 18.88 36.65
C LEU E 58 26.06 18.20 35.29
N THR E 59 27.19 17.94 34.64
CA THR E 59 27.18 17.27 33.34
C THR E 59 27.89 15.94 33.52
N SER E 60 27.19 14.86 33.20
CA SER E 60 27.77 13.52 33.36
C SER E 60 27.85 12.71 32.06
N GLY E 61 28.66 11.65 32.10
CA GLY E 61 28.82 10.80 30.94
C GLY E 61 29.80 11.40 29.96
N GLY E 62 29.72 10.98 28.71
CA GLY E 62 30.62 11.53 27.69
C GLY E 62 30.16 12.94 27.40
N ASP E 63 31.08 13.80 26.97
CA ASP E 63 30.70 15.17 26.66
C ASP E 63 29.96 15.23 25.32
N ALA E 64 29.11 16.23 25.17
CA ALA E 64 28.35 16.40 23.94
C ALA E 64 28.14 17.88 23.65
N GLN E 65 28.44 18.29 22.42
CA GLN E 65 28.28 19.68 22.00
C GLN E 65 26.92 20.23 22.35
N GLY E 66 26.91 21.31 23.11
CA GLY E 66 25.64 21.91 23.51
C GLY E 66 25.46 21.88 25.01
N MET E 67 26.32 21.13 25.71
CA MET E 67 26.22 21.08 27.16
C MET E 67 26.43 22.45 27.78
N ASN E 68 27.42 23.20 27.31
CA ASN E 68 27.64 24.53 27.86
C ASN E 68 26.40 25.40 27.62
N ALA E 69 25.86 25.36 26.41
CA ALA E 69 24.68 26.14 26.11
C ALA E 69 23.61 25.83 27.15
N ALA E 70 23.55 24.56 27.54
CA ALA E 70 22.59 24.08 28.52
C ALA E 70 22.82 24.65 29.91
N VAL E 71 24.03 24.49 30.45
CA VAL E 71 24.29 25.01 31.79
C VAL E 71 24.19 26.54 31.77
N ARG E 72 24.61 27.17 30.68
CA ARG E 72 24.50 28.62 30.56
C ARG E 72 23.06 29.00 30.82
N ALA E 73 22.15 28.29 30.16
CA ALA E 73 20.72 28.54 30.28
C ALA E 73 20.26 28.28 31.71
N VAL E 74 20.60 27.12 32.25
CA VAL E 74 20.21 26.77 33.61
C VAL E 74 20.70 27.82 34.62
N VAL E 75 22.01 28.04 34.65
CA VAL E 75 22.60 29.04 35.57
C VAL E 75 21.84 30.36 35.49
N ARG E 76 21.82 30.99 34.33
CA ARG E 76 21.13 32.25 34.20
C ARG E 76 19.64 32.22 34.47
N MET E 77 18.92 31.22 33.97
CA MET E 77 17.50 31.16 34.23
C MET E 77 17.25 31.06 35.73
N GLY E 78 18.06 30.27 36.44
CA GLY E 78 17.90 30.14 37.88
C GLY E 78 18.13 31.48 38.53
N ILE E 79 19.34 32.03 38.35
CA ILE E 79 19.73 33.31 38.91
C ILE E 79 18.67 34.38 38.65
N TYR E 80 18.01 34.28 37.50
CA TYR E 80 16.98 35.25 37.13
C TYR E 80 15.69 35.13 37.94
N VAL E 81 15.23 33.90 38.16
CA VAL E 81 14.02 33.70 38.95
C VAL E 81 14.29 33.86 40.44
N GLY E 82 15.50 34.32 40.79
CA GLY E 82 15.85 34.51 42.19
C GLY E 82 16.46 33.33 42.92
N ALA E 83 16.66 32.21 42.23
CA ALA E 83 17.25 31.05 42.87
C ALA E 83 18.75 31.27 42.93
N LYS E 84 19.47 30.31 43.51
CA LYS E 84 20.92 30.40 43.61
C LYS E 84 21.42 29.09 43.03
N VAL E 85 22.16 29.14 41.94
CA VAL E 85 22.63 27.92 41.34
C VAL E 85 24.11 27.60 41.62
N TYR E 86 24.39 26.30 41.74
CA TYR E 86 25.73 25.79 42.03
C TYR E 86 26.24 24.81 40.98
N PHE E 87 27.52 24.95 40.65
CA PHE E 87 28.21 24.10 39.68
C PHE E 87 28.63 22.83 40.41
N ILE E 88 28.68 21.70 39.71
CA ILE E 88 29.13 20.46 40.29
C ILE E 88 30.03 19.80 39.27
N TYR E 89 31.31 20.15 39.37
CA TYR E 89 32.32 19.65 38.46
C TYR E 89 32.47 18.15 38.38
N GLU E 90 32.86 17.67 37.19
CA GLU E 90 33.10 16.27 36.94
C GLU E 90 31.90 15.33 37.09
N GLY E 91 30.70 15.83 36.81
CA GLY E 91 29.52 14.99 36.93
C GLY E 91 29.37 14.44 38.35
N TYR E 92 28.94 13.18 38.47
CA TYR E 92 28.76 12.57 39.78
C TYR E 92 30.03 12.49 40.62
N GLN E 93 31.18 12.30 39.98
CA GLN E 93 32.45 12.25 40.68
C GLN E 93 32.55 13.44 41.61
N GLY E 94 32.49 14.64 41.03
CA GLY E 94 32.57 15.85 41.82
C GLY E 94 31.55 15.95 42.94
N MET E 95 30.40 15.29 42.79
CA MET E 95 29.36 15.33 43.83
C MET E 95 29.74 14.44 45.01
N VAL E 96 30.33 13.29 44.69
CA VAL E 96 30.81 12.34 45.70
C VAL E 96 31.95 13.03 46.46
N ASP E 97 32.97 13.46 45.72
CA ASP E 97 34.14 14.15 46.26
C ASP E 97 33.73 15.36 47.08
N GLY E 98 32.80 16.15 46.55
CA GLY E 98 32.36 17.34 47.25
C GLY E 98 33.47 18.35 47.46
N GLY E 99 33.25 19.27 48.39
CA GLY E 99 34.27 20.28 48.67
C GLY E 99 34.27 21.36 47.62
N SER E 100 35.44 21.64 47.05
CA SER E 100 35.57 22.66 46.01
C SER E 100 34.98 22.21 44.67
N ASN E 101 34.61 20.94 44.59
CA ASN E 101 34.01 20.38 43.39
C ASN E 101 32.61 20.96 43.23
N ILE E 102 32.20 21.77 44.21
CA ILE E 102 30.89 22.39 44.19
C ILE E 102 31.05 23.85 44.52
N ALA E 103 30.84 24.70 43.52
CA ALA E 103 30.97 26.15 43.71
C ALA E 103 29.72 26.87 43.23
N GLU E 104 29.43 28.01 43.82
CA GLU E 104 28.27 28.76 43.40
C GLU E 104 28.65 29.41 42.08
N ALA E 105 27.66 29.54 41.18
CA ALA E 105 27.89 30.14 39.88
C ALA E 105 27.13 31.46 39.77
N ASP E 106 27.77 32.46 39.19
CA ASP E 106 27.11 33.74 39.01
C ASP E 106 26.88 33.98 37.51
N TRP E 107 26.21 35.07 37.19
CA TRP E 107 25.89 35.40 35.81
C TRP E 107 27.06 35.31 34.84
N GLU E 108 28.26 35.69 35.28
CA GLU E 108 29.42 35.66 34.40
C GLU E 108 30.11 34.31 34.27
N SER E 109 29.75 33.39 35.15
CA SER E 109 30.34 32.06 35.13
C SER E 109 30.14 31.43 33.76
N VAL E 110 28.90 31.46 33.29
CA VAL E 110 28.55 30.89 32.00
C VAL E 110 28.64 31.89 30.87
N SER E 111 29.45 32.93 31.04
CA SER E 111 29.58 33.93 29.99
C SER E 111 30.46 33.47 28.83
N SER E 112 29.93 33.59 27.61
CA SER E 112 30.64 33.22 26.39
C SER E 112 31.12 31.77 26.32
N ILE E 113 30.21 30.82 26.49
CA ILE E 113 30.54 29.40 26.42
C ILE E 113 29.53 28.74 25.50
N LEU E 114 28.67 29.57 24.93
CA LEU E 114 27.63 29.12 24.02
C LEU E 114 28.21 28.38 22.82
N GLN E 115 29.19 29.00 22.18
CA GLN E 115 29.82 28.42 21.00
C GLN E 115 30.92 27.41 21.34
N VAL E 116 30.91 26.90 22.56
CA VAL E 116 31.95 25.96 22.99
C VAL E 116 31.52 24.51 23.14
N GLY E 117 32.29 23.61 22.54
CA GLY E 117 31.99 22.19 22.63
C GLY E 117 32.35 21.68 23.99
N GLY E 118 32.00 20.43 24.27
CA GLY E 118 32.30 19.87 25.57
C GLY E 118 31.57 20.58 26.70
N THR E 119 32.19 20.61 27.87
CA THR E 119 31.59 21.22 29.05
C THR E 119 32.62 21.85 30.00
N ILE E 120 32.44 23.12 30.33
CA ILE E 120 33.37 23.83 31.23
C ILE E 120 33.26 23.28 32.65
N ILE E 121 32.16 22.59 32.93
CA ILE E 121 31.92 21.98 34.23
C ILE E 121 32.69 20.67 34.28
N GLY E 122 32.91 20.08 33.10
CA GLY E 122 33.61 18.82 33.02
C GLY E 122 32.61 17.71 33.21
N SER E 123 32.83 16.60 32.52
CA SER E 123 31.95 15.45 32.62
C SER E 123 32.82 14.21 32.63
N ALA E 124 32.49 13.27 33.51
CA ALA E 124 33.27 12.06 33.59
C ALA E 124 32.40 10.92 34.06
N ARG E 125 33.02 9.76 34.27
CA ARG E 125 32.33 8.58 34.76
C ARG E 125 32.74 8.40 36.21
N CYS E 126 31.75 8.25 37.08
CA CYS E 126 32.01 8.07 38.50
C CYS E 126 31.67 6.66 38.89
N GLN E 127 32.71 5.89 39.24
CA GLN E 127 32.46 4.52 39.63
C GLN E 127 31.91 4.48 41.04
N ALA E 128 32.37 5.43 41.84
CA ALA E 128 31.94 5.51 43.23
C ALA E 128 30.43 5.65 43.36
N PHE E 129 29.80 6.33 42.40
CA PHE E 129 28.35 6.54 42.43
C PHE E 129 27.56 5.28 42.10
N ARG E 130 28.23 4.27 41.56
CA ARG E 130 27.59 2.99 41.23
C ARG E 130 27.25 2.27 42.54
N THR E 131 28.04 2.56 43.57
CA THR E 131 27.92 1.96 44.89
C THR E 131 27.02 2.73 45.88
N ARG E 132 26.63 2.05 46.95
CA ARG E 132 25.81 2.63 48.00
C ARG E 132 26.63 3.65 48.81
N GLU E 133 27.94 3.42 48.93
CA GLU E 133 28.84 4.30 49.68
C GLU E 133 28.99 5.63 48.96
N GLY E 134 29.05 5.56 47.63
CA GLY E 134 29.17 6.77 46.84
C GLY E 134 27.93 7.62 47.00
N ARG E 135 26.76 7.03 46.72
CA ARG E 135 25.51 7.75 46.85
C ARG E 135 25.40 8.45 48.20
N LEU E 136 25.86 7.77 49.26
CA LEU E 136 25.79 8.34 50.60
C LEU E 136 26.72 9.54 50.74
N LYS E 137 27.98 9.37 50.35
CA LYS E 137 28.97 10.43 50.43
C LYS E 137 28.47 11.66 49.66
N ALA E 138 27.83 11.40 48.52
CA ALA E 138 27.30 12.46 47.67
C ALA E 138 26.15 13.19 48.37
N ALA E 139 25.12 12.44 48.78
CA ALA E 139 23.96 13.02 49.46
C ALA E 139 24.39 13.87 50.64
N CYS E 140 25.55 13.55 51.20
CA CYS E 140 26.07 14.30 52.34
C CYS E 140 26.56 15.68 51.90
N ASN E 141 27.43 15.71 50.90
CA ASN E 141 27.97 16.97 50.41
C ASN E 141 26.86 17.88 49.88
N LEU E 142 25.83 17.28 49.30
CA LEU E 142 24.69 18.03 48.77
C LEU E 142 23.95 18.71 49.92
N LEU E 143 23.70 17.94 50.97
CA LEU E 143 23.01 18.42 52.16
C LEU E 143 23.87 19.46 52.88
N GLN E 144 25.17 19.22 52.87
CA GLN E 144 26.14 20.11 53.49
C GLN E 144 26.12 21.48 52.84
N ARG E 145 25.56 21.57 51.62
CA ARG E 145 25.50 22.84 50.89
C ARG E 145 24.06 23.36 50.70
N GLY E 146 23.08 22.64 51.25
CA GLY E 146 21.69 23.06 51.14
C GLY E 146 21.06 22.88 49.78
N ILE E 147 21.65 21.99 48.97
CA ILE E 147 21.16 21.73 47.62
C ILE E 147 20.20 20.54 47.58
N THR E 148 18.92 20.83 47.37
CA THR E 148 17.88 19.79 47.30
C THR E 148 17.25 19.74 45.92
N ASN E 149 17.65 20.69 45.05
CA ASN E 149 17.15 20.78 43.69
C ASN E 149 18.31 20.44 42.74
N LEU E 150 18.14 19.36 41.98
CA LEU E 150 19.18 18.88 41.08
C LEU E 150 18.84 18.85 39.59
N CYS E 151 19.81 19.23 38.77
CA CYS E 151 19.63 19.23 37.31
C CYS E 151 20.75 18.43 36.68
N VAL E 152 20.44 17.20 36.27
CA VAL E 152 21.44 16.35 35.66
C VAL E 152 21.35 16.38 34.15
N ILE E 153 22.49 16.70 33.52
CA ILE E 153 22.59 16.77 32.07
C ILE E 153 23.52 15.67 31.62
N GLY E 154 22.93 14.62 31.05
CA GLY E 154 23.72 13.49 30.59
C GLY E 154 22.92 12.51 29.76
N GLY E 155 23.47 11.32 29.58
CA GLY E 155 22.80 10.30 28.78
C GLY E 155 22.07 9.27 29.59
N ASP E 156 21.60 8.23 28.90
CA ASP E 156 20.87 7.11 29.49
C ASP E 156 21.39 6.73 30.88
N GLY E 157 22.71 6.56 30.97
CA GLY E 157 23.32 6.20 32.24
C GLY E 157 23.10 7.25 33.31
N SER E 158 23.78 8.38 33.17
CA SER E 158 23.64 9.47 34.13
C SER E 158 22.22 9.61 34.62
N LEU E 159 21.27 9.56 33.68
CA LEU E 159 19.87 9.70 34.03
C LEU E 159 19.29 8.54 34.84
N THR E 160 19.58 7.29 34.46
CA THR E 160 19.04 6.17 35.24
C THR E 160 19.65 6.23 36.64
N GLY E 161 20.93 6.58 36.69
CA GLY E 161 21.62 6.70 37.98
C GLY E 161 20.97 7.77 38.85
N ALA E 162 20.54 8.86 38.21
CA ALA E 162 19.88 9.95 38.92
C ALA E 162 18.54 9.45 39.45
N ASN E 163 17.82 8.72 38.63
CA ASN E 163 16.52 8.17 39.01
C ASN E 163 16.67 7.36 40.30
N LEU E 164 17.63 6.44 40.30
CA LEU E 164 17.91 5.59 41.45
C LEU E 164 18.26 6.41 42.68
N PHE E 165 19.07 7.45 42.49
CA PHE E 165 19.48 8.33 43.60
C PHE E 165 18.25 8.95 44.25
N ARG E 166 17.21 9.22 43.46
CA ARG E 166 15.97 9.80 43.98
C ARG E 166 15.28 8.79 44.90
N LYS E 167 15.24 7.53 44.48
CA LYS E 167 14.61 6.47 45.24
C LYS E 167 15.29 6.35 46.61
N GLU E 168 16.58 6.08 46.58
CA GLU E 168 17.36 5.90 47.80
C GLU E 168 17.51 7.15 48.63
N TRP E 169 17.03 8.30 48.14
CA TRP E 169 17.17 9.56 48.86
C TRP E 169 16.79 9.44 50.33
N SER E 170 15.49 9.25 50.58
CA SER E 170 15.00 9.10 51.94
C SER E 170 15.87 8.07 52.68
N GLY E 171 16.11 6.93 52.02
CA GLY E 171 16.92 5.88 52.60
C GLY E 171 18.35 6.28 52.95
N LEU E 172 18.93 7.16 52.15
CA LEU E 172 20.30 7.61 52.40
C LEU E 172 20.37 8.58 53.57
N LEU E 173 19.34 9.40 53.73
CA LEU E 173 19.30 10.37 54.82
C LEU E 173 19.17 9.67 56.17
N GLU E 174 18.57 8.47 56.15
CA GLU E 174 18.41 7.69 57.37
C GLU E 174 19.81 7.31 57.82
N GLU E 175 20.45 6.50 56.99
CA GLU E 175 21.80 6.01 57.24
C GLU E 175 22.81 7.10 57.62
N LEU E 176 22.56 8.32 57.14
CA LEU E 176 23.46 9.44 57.44
C LEU E 176 23.19 10.06 58.80
N ALA E 177 21.91 10.17 59.17
CA ALA E 177 21.53 10.73 60.46
C ALA E 177 21.86 9.70 61.55
N ARG E 178 21.71 8.44 61.17
CA ARG E 178 21.98 7.30 62.04
C ARG E 178 23.46 7.25 62.43
N ASN E 179 24.33 7.47 61.45
CA ASN E 179 25.77 7.46 61.70
C ASN E 179 26.29 8.84 62.13
N GLY E 180 25.36 9.69 62.54
CA GLY E 180 25.70 11.02 63.00
C GLY E 180 26.56 11.89 62.09
N GLN E 181 26.29 11.81 60.78
CA GLN E 181 27.04 12.63 59.82
C GLN E 181 26.21 13.82 59.38
N ILE E 182 24.93 13.78 59.72
CA ILE E 182 24.01 14.86 59.40
C ILE E 182 23.10 15.09 60.60
N ASP E 183 22.44 16.24 60.59
CA ASP E 183 21.54 16.62 61.65
C ASP E 183 20.29 15.73 61.67
N LYS E 184 19.76 15.50 62.87
CA LYS E 184 18.56 14.67 63.04
C LYS E 184 17.34 15.40 62.46
N GLU E 185 17.34 16.73 62.54
CA GLU E 185 16.23 17.54 62.04
C GLU E 185 16.43 17.85 60.57
N ALA E 186 17.68 17.85 60.12
CA ALA E 186 18.00 18.12 58.73
C ALA E 186 17.42 17.01 57.86
N VAL E 187 17.17 15.85 58.46
CA VAL E 187 16.62 14.73 57.72
C VAL E 187 15.17 15.00 57.30
N GLN E 188 14.59 16.08 57.86
CA GLN E 188 13.22 16.47 57.52
C GLN E 188 13.21 17.63 56.53
N LYS E 189 14.07 18.62 56.79
CA LYS E 189 14.16 19.79 55.92
C LYS E 189 14.54 19.37 54.48
N TYR E 190 15.73 18.79 54.35
CA TYR E 190 16.23 18.34 53.05
C TYR E 190 15.64 16.94 52.77
N ALA E 191 14.33 16.81 52.94
CA ALA E 191 13.69 15.52 52.72
C ALA E 191 13.18 15.33 51.29
N TYR E 192 12.93 16.42 50.58
CA TYR E 192 12.43 16.31 49.21
C TYR E 192 13.53 16.63 48.21
N LEU E 193 13.76 15.69 47.30
CA LEU E 193 14.79 15.85 46.28
C LEU E 193 14.16 16.11 44.91
N ASN E 194 14.27 17.35 44.42
CA ASN E 194 13.73 17.69 43.11
C ASN E 194 14.75 17.39 42.04
N VAL E 195 14.49 16.36 41.25
CA VAL E 195 15.41 15.99 40.20
C VAL E 195 14.77 16.19 38.83
N VAL E 196 15.56 16.72 37.91
CA VAL E 196 15.11 16.96 36.55
C VAL E 196 16.32 16.68 35.65
N GLY E 197 16.08 16.00 34.52
CA GLY E 197 17.19 15.69 33.64
C GLY E 197 17.05 16.17 32.22
N MET E 198 18.21 16.35 31.56
CA MET E 198 18.29 16.78 30.19
C MET E 198 19.13 15.74 29.49
N VAL E 199 18.63 15.16 28.40
CA VAL E 199 19.42 14.17 27.71
C VAL E 199 20.49 14.87 26.89
N GLY E 200 21.73 14.68 27.33
CA GLY E 200 22.86 15.30 26.66
C GLY E 200 23.95 14.29 26.36
N SER E 201 23.77 13.57 25.25
CA SER E 201 24.70 12.55 24.81
C SER E 201 24.58 12.45 23.30
N ILE E 202 25.67 12.15 22.62
CA ILE E 202 25.61 12.05 21.17
C ILE E 202 25.04 10.71 20.75
N ASP E 203 24.73 9.84 21.71
CA ASP E 203 24.20 8.53 21.39
C ASP E 203 22.71 8.54 21.08
N ASN E 204 21.94 9.25 21.91
CA ASN E 204 20.47 9.35 21.76
C ASN E 204 19.84 8.04 22.19
N ASP E 205 20.47 7.39 23.17
CA ASP E 205 20.03 6.11 23.68
C ASP E 205 18.94 6.09 24.73
N PHE E 206 18.65 7.23 25.34
CA PHE E 206 17.62 7.31 26.37
C PHE E 206 16.23 7.38 25.72
N CYS E 207 15.32 6.52 26.14
CA CYS E 207 13.99 6.50 25.55
C CYS E 207 13.11 7.68 25.90
N GLY E 208 11.85 7.59 25.51
CA GLY E 208 10.90 8.65 25.78
C GLY E 208 11.32 9.95 25.12
N THR E 209 12.59 10.02 24.74
CA THR E 209 13.13 11.22 24.12
C THR E 209 13.18 11.11 22.60
N ASP E 210 12.79 12.19 21.94
CA ASP E 210 12.74 12.32 20.48
C ASP E 210 14.13 12.70 19.93
N MET E 211 14.77 13.62 20.63
CA MET E 211 16.09 14.09 20.26
C MET E 211 16.86 14.38 21.53
N THR E 212 18.17 14.49 21.42
CA THR E 212 19.00 14.80 22.58
C THR E 212 20.05 15.84 22.16
N ILE E 213 20.51 16.61 23.14
CA ILE E 213 21.51 17.64 22.90
C ILE E 213 22.85 17.00 22.51
N GLY E 214 23.36 17.38 21.34
CA GLY E 214 24.62 16.84 20.89
C GLY E 214 24.55 16.02 19.63
N THR E 215 23.39 15.46 19.34
CA THR E 215 23.25 14.65 18.15
C THR E 215 23.40 15.44 16.86
N ASP E 216 22.66 16.54 16.69
CA ASP E 216 22.81 17.29 15.46
C ASP E 216 24.27 17.68 15.25
N SER E 217 24.95 18.05 16.33
CA SER E 217 26.34 18.43 16.23
C SER E 217 27.23 17.27 15.76
N ALA E 218 26.99 16.09 16.33
CA ALA E 218 27.78 14.94 15.95
C ALA E 218 27.51 14.65 14.48
N LEU E 219 26.26 14.74 14.09
CA LEU E 219 25.89 14.48 12.71
C LEU E 219 26.67 15.41 11.79
N HIS E 220 26.81 16.68 12.20
CA HIS E 220 27.57 17.65 11.39
C HIS E 220 28.98 17.12 11.20
N ARG E 221 29.63 16.78 12.32
CA ARG E 221 30.99 16.24 12.26
C ARG E 221 31.07 15.06 11.28
N ILE E 222 30.11 14.14 11.38
CA ILE E 222 30.05 12.96 10.53
C ILE E 222 29.91 13.29 9.06
N ILE E 223 28.88 14.05 8.74
CA ILE E 223 28.63 14.42 7.36
C ILE E 223 29.77 15.23 6.78
N GLU E 224 30.47 15.99 7.62
CA GLU E 224 31.58 16.78 7.15
C GLU E 224 32.62 15.85 6.56
N VAL E 225 32.87 14.74 7.24
CA VAL E 225 33.84 13.77 6.77
C VAL E 225 33.39 13.16 5.47
N VAL E 226 32.15 12.69 5.43
CA VAL E 226 31.59 12.08 4.24
C VAL E 226 31.72 13.04 3.06
N ASP E 227 31.33 14.30 3.27
CA ASP E 227 31.41 15.31 2.22
C ASP E 227 32.84 15.50 1.73
N ALA E 228 33.81 15.40 2.64
CA ALA E 228 35.22 15.55 2.32
C ALA E 228 35.69 14.42 1.41
N ILE E 229 35.09 13.25 1.58
CA ILE E 229 35.45 12.08 0.78
C ILE E 229 34.76 12.11 -0.57
N MET E 230 33.59 12.72 -0.63
CA MET E 230 32.84 12.82 -1.87
C MET E 230 33.36 13.85 -2.86
N THR E 231 34.14 14.82 -2.39
CA THR E 231 34.68 15.81 -3.30
C THR E 231 35.98 15.28 -3.92
N THR E 232 36.39 14.08 -3.52
CA THR E 232 37.59 13.47 -4.05
C THR E 232 37.20 12.61 -5.24
N ALA E 233 37.89 12.80 -6.36
CA ALA E 233 37.59 12.04 -7.57
C ALA E 233 38.59 10.93 -7.84
N GLN E 234 38.09 9.75 -8.21
CA GLN E 234 38.92 8.60 -8.56
C GLN E 234 38.29 7.98 -9.77
N SER E 235 39.09 7.34 -10.60
CA SER E 235 38.57 6.71 -11.81
C SER E 235 37.98 5.33 -11.50
N HIS E 236 38.62 4.57 -10.62
CA HIS E 236 38.12 3.25 -10.25
C HIS E 236 37.08 3.34 -9.15
N GLN E 237 36.30 2.29 -9.02
CA GLN E 237 35.26 2.21 -8.02
C GLN E 237 35.86 2.24 -6.61
N ARG E 238 35.23 3.01 -5.73
CA ARG E 238 35.68 3.13 -4.35
C ARG E 238 34.54 2.83 -3.38
N THR E 239 34.88 2.28 -2.22
CA THR E 239 33.88 1.97 -1.20
C THR E 239 34.40 2.47 0.13
N PHE E 240 33.63 3.35 0.75
CA PHE E 240 33.99 3.95 2.02
C PHE E 240 33.17 3.38 3.16
N VAL E 241 33.85 2.77 4.13
CA VAL E 241 33.19 2.21 5.30
C VAL E 241 33.43 3.14 6.48
N LEU E 242 32.36 3.76 6.95
CA LEU E 242 32.46 4.69 8.08
C LEU E 242 31.73 4.18 9.31
N GLU E 243 32.45 4.12 10.42
CA GLU E 243 31.87 3.66 11.66
C GLU E 243 31.58 4.83 12.58
N VAL E 244 30.29 5.12 12.76
CA VAL E 244 29.88 6.22 13.63
C VAL E 244 29.64 5.67 15.03
N MET E 245 29.12 6.52 15.91
CA MET E 245 28.86 6.10 17.28
C MET E 245 27.47 5.53 17.54
N GLY E 246 27.20 5.30 18.83
CA GLY E 246 25.94 4.74 19.26
C GLY E 246 26.23 3.40 19.91
N ARG E 247 26.49 3.41 21.21
CA ARG E 247 26.78 2.18 21.95
C ARG E 247 25.90 1.04 21.46
N HIS E 248 24.63 1.07 21.84
CA HIS E 248 23.67 0.06 21.44
C HIS E 248 22.48 0.75 20.81
N CYS E 249 22.76 1.88 20.17
CA CYS E 249 21.74 2.67 19.50
C CYS E 249 22.19 3.02 18.09
N GLY E 250 21.37 2.65 17.11
CA GLY E 250 21.70 2.92 15.73
C GLY E 250 21.08 4.19 15.20
N TYR E 251 20.66 5.08 16.10
CA TYR E 251 20.05 6.33 15.67
C TYR E 251 21.04 7.11 14.83
N LEU E 252 22.20 7.40 15.41
CA LEU E 252 23.24 8.14 14.70
C LEU E 252 23.50 7.51 13.35
N ALA E 253 23.81 6.21 13.37
CA ALA E 253 24.08 5.48 12.15
C ALA E 253 22.98 5.65 11.12
N LEU E 254 21.72 5.57 11.56
CA LEU E 254 20.57 5.71 10.66
C LEU E 254 20.49 7.09 10.01
N VAL E 255 20.34 8.13 10.82
CA VAL E 255 20.25 9.47 10.26
C VAL E 255 21.49 9.81 9.42
N SER E 256 22.64 9.26 9.79
CA SER E 256 23.87 9.50 9.04
C SER E 256 23.69 8.90 7.66
N ALA E 257 23.08 7.72 7.62
CA ALA E 257 22.84 7.02 6.38
C ALA E 257 21.98 7.80 5.40
N LEU E 258 20.80 8.25 5.80
CA LEU E 258 19.99 8.96 4.83
C LEU E 258 20.34 10.45 4.72
N ALA E 259 21.49 10.79 5.27
CA ALA E 259 21.95 12.16 5.21
C ALA E 259 22.90 12.20 4.01
N CYS E 260 23.39 11.04 3.63
CA CYS E 260 24.32 10.93 2.52
C CYS E 260 23.97 9.81 1.56
N GLY E 261 22.73 9.32 1.67
CA GLY E 261 22.28 8.25 0.79
C GLY E 261 23.20 7.05 0.75
N ALA E 262 23.55 6.55 1.93
CA ALA E 262 24.43 5.39 2.04
C ALA E 262 23.87 4.22 1.26
N ASP E 263 24.74 3.27 0.93
CA ASP E 263 24.33 2.09 0.20
C ASP E 263 23.80 1.04 1.15
N TRP E 264 24.31 1.08 2.38
CA TRP E 264 23.92 0.08 3.35
C TRP E 264 24.18 0.58 4.78
N VAL E 265 23.35 0.14 5.72
CA VAL E 265 23.52 0.50 7.12
C VAL E 265 23.42 -0.67 8.07
N PHE E 266 24.17 -0.60 9.16
CA PHE E 266 24.14 -1.64 10.15
C PHE E 266 23.66 -1.04 11.45
N LEU E 267 22.50 -1.50 11.89
CA LEU E 267 21.88 -1.01 13.13
C LEU E 267 21.71 -2.16 14.11
N PRO E 268 21.86 -1.88 15.41
CA PRO E 268 21.70 -2.92 16.43
C PRO E 268 20.23 -3.29 16.61
N GLU E 269 19.33 -2.44 16.13
CA GLU E 269 17.90 -2.67 16.27
C GLU E 269 17.27 -3.47 15.12
N SER E 270 17.87 -3.39 13.94
CA SER E 270 17.36 -4.12 12.78
C SER E 270 18.51 -4.83 12.09
N PRO E 271 19.21 -5.71 12.82
CA PRO E 271 20.34 -6.44 12.27
C PRO E 271 20.05 -7.08 10.93
N PRO E 272 21.11 -7.31 10.14
CA PRO E 272 20.98 -7.90 8.81
C PRO E 272 20.56 -9.38 8.86
N GLU E 273 19.71 -9.76 7.92
CA GLU E 273 19.22 -11.13 7.84
C GLU E 273 20.31 -12.08 7.40
N GLU E 274 20.33 -13.26 7.99
CA GLU E 274 21.31 -14.28 7.66
C GLU E 274 21.57 -14.33 6.16
N GLY E 275 22.85 -14.36 5.79
CA GLY E 275 23.21 -14.41 4.38
C GLY E 275 23.32 -13.02 3.78
N TRP E 276 23.56 -12.02 4.63
CA TRP E 276 23.68 -10.65 4.17
C TRP E 276 24.99 -10.41 3.46
N GLU E 277 26.05 -11.07 3.91
CA GLU E 277 27.36 -10.89 3.30
C GLU E 277 27.31 -10.82 1.79
N GLU E 278 26.63 -11.79 1.17
CA GLU E 278 26.52 -11.84 -0.29
C GLU E 278 25.50 -10.83 -0.76
N GLN E 279 24.46 -10.61 0.03
CA GLN E 279 23.44 -9.64 -0.33
C GLN E 279 23.99 -8.24 -0.48
N MET E 280 24.86 -7.86 0.46
CA MET E 280 25.48 -6.54 0.47
C MET E 280 26.37 -6.37 -0.75
N CYS E 281 27.27 -7.33 -0.95
CA CYS E 281 28.17 -7.29 -2.09
C CYS E 281 27.38 -7.20 -3.38
N VAL E 282 26.24 -7.86 -3.42
CA VAL E 282 25.39 -7.82 -4.60
C VAL E 282 24.82 -6.42 -4.80
N LYS E 283 24.40 -5.77 -3.71
CA LYS E 283 23.84 -4.44 -3.82
C LYS E 283 24.90 -3.43 -4.25
N LEU E 284 26.12 -3.60 -3.77
CA LEU E 284 27.22 -2.69 -4.12
C LEU E 284 27.52 -2.71 -5.60
N SER E 285 27.58 -3.91 -6.18
CA SER E 285 27.86 -4.08 -7.60
C SER E 285 26.73 -3.54 -8.47
N GLU E 286 25.51 -3.64 -7.95
CA GLU E 286 24.35 -3.15 -8.67
C GLU E 286 24.43 -1.63 -8.75
N ASN E 287 24.72 -1.01 -7.61
CA ASN E 287 24.82 0.44 -7.55
C ASN E 287 25.99 0.86 -8.43
N ARG E 288 27.05 0.06 -8.41
CA ARG E 288 28.23 0.32 -9.20
C ARG E 288 27.84 0.40 -10.67
N ALA E 289 26.90 -0.45 -11.06
CA ALA E 289 26.43 -0.49 -12.44
C ALA E 289 25.49 0.66 -12.79
N ARG E 290 24.99 1.36 -11.77
CA ARG E 290 24.10 2.49 -12.01
C ARG E 290 24.91 3.77 -11.96
N LYS E 291 26.22 3.62 -12.17
CA LYS E 291 27.17 4.72 -12.19
C LYS E 291 27.52 5.37 -10.86
N LYS E 292 27.10 4.74 -9.75
CA LYS E 292 27.44 5.26 -8.43
C LYS E 292 28.87 4.80 -8.18
N ARG E 293 29.82 5.68 -8.44
CA ARG E 293 31.22 5.34 -8.32
C ARG E 293 31.86 5.39 -6.93
N LEU E 294 31.04 5.65 -5.92
CA LEU E 294 31.52 5.68 -4.54
C LEU E 294 30.44 5.12 -3.61
N ASN E 295 30.69 3.94 -3.06
CA ASN E 295 29.74 3.32 -2.14
C ASN E 295 30.06 3.81 -0.73
N ILE E 296 29.03 3.95 0.09
CA ILE E 296 29.24 4.40 1.46
C ILE E 296 28.47 3.46 2.37
N ILE E 297 29.18 2.80 3.28
CA ILE E 297 28.58 1.88 4.22
C ILE E 297 28.67 2.48 5.61
N ILE E 298 27.53 2.75 6.23
CA ILE E 298 27.55 3.32 7.59
C ILE E 298 27.36 2.20 8.60
N VAL E 299 28.35 2.07 9.48
CA VAL E 299 28.35 1.03 10.49
C VAL E 299 28.27 1.58 11.91
N ALA E 300 27.26 1.17 12.66
CA ALA E 300 27.09 1.62 14.04
C ALA E 300 28.07 0.83 14.89
N GLU E 301 28.56 1.42 15.99
CA GLU E 301 29.50 0.72 16.86
C GLU E 301 28.93 -0.62 17.28
N GLY E 302 27.70 -0.60 17.77
CA GLY E 302 27.06 -1.81 18.24
C GLY E 302 26.39 -2.67 17.18
N ALA E 303 26.86 -2.57 15.93
CA ALA E 303 26.28 -3.35 14.84
C ALA E 303 26.40 -4.84 15.15
N ILE E 304 25.29 -5.56 14.98
CA ILE E 304 25.26 -6.99 15.26
C ILE E 304 24.36 -7.73 14.28
N ASP E 305 24.50 -9.06 14.24
CA ASP E 305 23.68 -9.88 13.35
C ASP E 305 22.50 -10.45 14.13
N THR E 306 21.66 -11.24 13.45
CA THR E 306 20.49 -11.85 14.06
C THR E 306 20.77 -12.72 15.29
N GLN E 307 22.03 -12.74 15.73
CA GLN E 307 22.43 -13.52 16.89
C GLN E 307 23.35 -12.76 17.84
N ASN E 308 23.19 -11.45 17.86
CA ASN E 308 23.98 -10.58 18.72
C ASN E 308 25.48 -10.67 18.54
N LYS E 309 25.93 -11.30 17.45
CA LYS E 309 27.36 -11.37 17.20
C LYS E 309 27.82 -10.07 16.58
N PRO E 310 28.88 -9.46 17.13
CA PRO E 310 29.42 -8.20 16.62
C PRO E 310 29.81 -8.23 15.13
N ILE E 311 29.39 -7.21 14.37
CA ILE E 311 29.75 -7.13 12.97
C ILE E 311 30.79 -6.04 12.86
N THR E 312 32.07 -6.42 12.88
CA THR E 312 33.17 -5.46 12.81
C THR E 312 33.29 -4.74 11.46
N SER E 313 33.86 -3.55 11.49
CA SER E 313 34.04 -2.77 10.28
C SER E 313 35.07 -3.45 9.40
N GLU E 314 36.06 -4.06 10.04
CA GLU E 314 37.10 -4.76 9.31
C GLU E 314 36.56 -5.95 8.54
N LYS E 315 35.52 -6.58 9.06
CA LYS E 315 34.89 -7.71 8.37
C LYS E 315 34.23 -7.18 7.10
N ILE E 316 33.63 -5.99 7.21
CA ILE E 316 32.97 -5.35 6.08
C ILE E 316 34.02 -5.00 5.04
N LYS E 317 35.16 -4.51 5.50
CA LYS E 317 36.25 -4.13 4.62
C LYS E 317 36.65 -5.32 3.78
N GLU E 318 37.07 -6.39 4.44
CA GLU E 318 37.47 -7.60 3.75
C GLU E 318 36.39 -8.11 2.83
N LEU E 319 35.16 -8.15 3.33
CA LEU E 319 34.05 -8.64 2.54
C LEU E 319 34.02 -8.08 1.12
N VAL E 320 34.14 -6.76 0.97
CA VAL E 320 34.11 -6.15 -0.37
C VAL E 320 35.44 -6.25 -1.09
N VAL E 321 36.53 -6.19 -0.34
CA VAL E 321 37.87 -6.29 -0.92
C VAL E 321 38.00 -7.67 -1.56
N THR E 322 37.52 -8.69 -0.85
CA THR E 322 37.58 -10.06 -1.31
C THR E 322 36.61 -10.35 -2.45
N GLN E 323 35.33 -10.07 -2.23
CA GLN E 323 34.30 -10.34 -3.21
C GLN E 323 34.24 -9.42 -4.43
N LEU E 324 34.37 -8.12 -4.21
CA LEU E 324 34.27 -7.16 -5.29
C LEU E 324 35.61 -6.57 -5.70
N GLY E 325 36.56 -6.56 -4.77
CA GLY E 325 37.87 -6.00 -5.04
C GLY E 325 37.93 -4.51 -5.29
N TYR E 326 36.98 -3.75 -4.75
CA TYR E 326 36.95 -2.31 -4.94
C TYR E 326 37.95 -1.64 -3.99
N ASP E 327 38.38 -0.43 -4.33
CA ASP E 327 39.30 0.32 -3.48
C ASP E 327 38.54 0.65 -2.21
N THR E 328 38.77 -0.12 -1.16
CA THR E 328 38.06 0.11 0.09
C THR E 328 38.92 0.69 1.20
N ARG E 329 38.46 1.82 1.72
CA ARG E 329 39.13 2.48 2.83
C ARG E 329 38.08 2.55 3.96
N VAL E 330 38.52 2.44 5.21
CA VAL E 330 37.62 2.47 6.36
C VAL E 330 38.15 3.33 7.49
N THR E 331 37.32 4.23 8.01
CA THR E 331 37.73 5.07 9.12
C THR E 331 36.75 4.96 10.27
N ILE E 332 37.29 4.81 11.47
CA ILE E 332 36.48 4.71 12.67
C ILE E 332 36.46 6.10 13.26
N LEU E 333 35.48 6.89 12.82
CA LEU E 333 35.33 8.24 13.32
C LEU E 333 35.42 8.15 14.85
N GLY E 334 36.51 8.63 15.40
CA GLY E 334 36.67 8.52 16.84
C GLY E 334 35.80 9.45 17.66
N HIS E 335 36.40 9.95 18.73
CA HIS E 335 35.79 10.87 19.66
C HIS E 335 35.57 12.17 18.89
N VAL E 336 36.15 12.26 17.69
CA VAL E 336 36.04 13.45 16.87
C VAL E 336 34.58 13.86 16.63
N GLN E 337 33.65 12.97 16.99
CA GLN E 337 32.22 13.24 16.83
C GLN E 337 31.68 14.12 17.95
N ARG E 338 32.50 14.37 18.97
CA ARG E 338 32.11 15.21 20.11
C ARG E 338 32.76 16.57 19.93
N GLY E 339 33.63 16.67 18.92
CA GLY E 339 34.37 17.90 18.66
C GLY E 339 33.66 18.94 17.82
N GLY E 340 34.37 20.02 17.53
CA GLY E 340 33.81 21.09 16.75
C GLY E 340 32.91 21.96 17.60
N THR E 341 32.30 22.97 16.96
CA THR E 341 31.40 23.85 17.69
C THR E 341 30.00 23.26 17.60
N PRO E 342 29.20 23.44 18.65
CA PRO E 342 27.83 22.94 18.66
C PRO E 342 26.98 23.62 17.60
N SER E 343 26.21 22.84 16.85
CA SER E 343 25.37 23.37 15.79
C SER E 343 24.34 24.35 16.34
N ALA E 344 23.72 25.13 15.45
CA ALA E 344 22.71 26.10 15.86
C ALA E 344 21.57 25.35 16.54
N PHE E 345 21.17 24.24 15.94
CA PHE E 345 20.08 23.44 16.50
C PHE E 345 20.35 23.06 17.95
N ASP E 346 21.55 22.57 18.21
CA ASP E 346 21.92 22.16 19.56
C ASP E 346 22.00 23.31 20.56
N ARG E 347 22.52 24.45 20.13
CA ARG E 347 22.62 25.61 21.02
C ARG E 347 21.22 26.07 21.42
N ILE E 348 20.31 26.16 20.45
CA ILE E 348 18.95 26.57 20.72
C ILE E 348 18.25 25.52 21.59
N LEU E 349 18.28 24.27 21.14
CA LEU E 349 17.66 23.20 21.90
C LEU E 349 18.12 23.21 23.35
N ALA E 350 19.44 23.31 23.55
CA ALA E 350 20.02 23.31 24.89
C ALA E 350 19.57 24.51 25.71
N SER E 351 19.34 25.64 25.06
CA SER E 351 18.90 26.80 25.79
C SER E 351 17.45 26.64 26.20
N ARG E 352 16.61 26.19 25.27
CA ARG E 352 15.20 26.00 25.59
C ARG E 352 15.02 25.01 26.72
N MET E 353 15.89 24.00 26.76
CA MET E 353 15.82 23.00 27.80
C MET E 353 16.30 23.50 29.16
N GLY E 354 17.32 24.35 29.13
CA GLY E 354 17.84 24.91 30.37
C GLY E 354 16.76 25.67 31.12
N VAL E 355 15.91 26.38 30.37
CA VAL E 355 14.82 27.14 30.97
C VAL E 355 13.83 26.13 31.52
N GLU E 356 13.38 25.23 30.66
CA GLU E 356 12.42 24.21 31.05
C GLU E 356 12.83 23.45 32.31
N ALA E 357 14.13 23.23 32.47
CA ALA E 357 14.65 22.52 33.63
C ALA E 357 14.46 23.36 34.89
N VAL E 358 14.77 24.65 34.80
CA VAL E 358 14.63 25.53 35.95
C VAL E 358 13.17 25.74 36.34
N ILE E 359 12.29 26.05 35.40
CA ILE E 359 10.91 26.26 35.77
C ILE E 359 10.31 24.98 36.30
N ALA E 360 10.75 23.86 35.76
CA ALA E 360 10.24 22.56 36.21
C ALA E 360 10.71 22.31 37.64
N LEU E 361 11.97 22.68 37.89
CA LEU E 361 12.58 22.50 39.20
C LEU E 361 11.87 23.31 40.27
N LEU E 362 11.33 24.47 39.89
CA LEU E 362 10.62 25.33 40.83
C LEU E 362 9.22 24.82 41.12
N GLU E 363 8.41 24.64 40.08
CA GLU E 363 7.04 24.15 40.23
C GLU E 363 6.99 22.74 40.78
N ALA E 364 8.15 22.18 41.09
CA ALA E 364 8.19 20.83 41.62
C ALA E 364 7.78 20.77 43.09
N THR E 365 6.83 19.89 43.40
CA THR E 365 6.35 19.70 44.76
C THR E 365 7.05 18.48 45.38
N PRO E 366 6.76 18.19 46.66
CA PRO E 366 7.40 17.05 47.31
C PRO E 366 6.92 15.73 46.69
N ASP E 367 5.68 15.73 46.22
CA ASP E 367 5.08 14.52 45.61
C ASP E 367 5.02 14.54 44.09
N THR E 368 5.88 15.34 43.46
CA THR E 368 5.92 15.42 42.01
C THR E 368 7.10 14.55 41.55
N PRO E 369 6.83 13.58 40.67
CA PRO E 369 7.86 12.66 40.16
C PRO E 369 9.05 13.34 39.49
N ALA E 370 10.25 12.81 39.76
CA ALA E 370 11.46 13.35 39.16
C ALA E 370 11.30 13.16 37.65
N CYS E 371 11.36 14.27 36.90
CA CYS E 371 11.19 14.19 35.46
C CYS E 371 12.42 14.56 34.61
N VAL E 372 12.21 14.48 33.30
CA VAL E 372 13.23 14.79 32.31
C VAL E 372 12.63 15.73 31.26
N VAL E 373 13.11 16.96 31.22
CA VAL E 373 12.61 17.92 30.25
C VAL E 373 13.08 17.55 28.83
N SER E 374 12.16 17.57 27.89
CA SER E 374 12.48 17.23 26.52
C SER E 374 11.60 18.01 25.56
N LEU E 375 11.64 17.65 24.29
CA LEU E 375 10.83 18.31 23.27
C LEU E 375 10.07 17.27 22.45
N ASN E 376 8.80 17.53 22.21
CA ASN E 376 7.99 16.61 21.42
C ASN E 376 7.28 17.39 20.32
N GLY E 377 7.72 17.18 19.09
CA GLY E 377 7.11 17.90 17.98
C GLY E 377 7.27 19.39 18.18
N ASN E 378 8.44 19.79 18.68
CA ASN E 378 8.76 21.18 18.93
C ASN E 378 7.97 21.78 20.09
N HIS E 379 7.49 20.93 20.99
CA HIS E 379 6.74 21.39 22.14
C HIS E 379 7.38 20.83 23.41
N ALA E 380 7.60 21.71 24.39
CA ALA E 380 8.22 21.33 25.65
C ALA E 380 7.36 20.34 26.44
N VAL E 381 8.02 19.30 26.97
CA VAL E 381 7.33 18.29 27.75
C VAL E 381 8.22 17.75 28.86
N ARG E 382 7.59 17.25 29.92
CA ARG E 382 8.30 16.67 31.04
C ARG E 382 7.87 15.21 31.12
N LEU E 383 8.84 14.32 31.18
CA LEU E 383 8.54 12.92 31.27
C LEU E 383 9.13 12.39 32.56
N PRO E 384 8.35 11.58 33.31
CA PRO E 384 8.84 11.02 34.58
C PRO E 384 10.06 10.14 34.35
N LEU E 385 11.11 10.41 35.10
CA LEU E 385 12.36 9.68 35.00
C LEU E 385 12.20 8.17 34.91
N MET E 386 11.64 7.57 35.96
CA MET E 386 11.46 6.11 36.01
C MET E 386 10.86 5.51 34.73
N GLU E 387 9.80 6.11 34.19
CA GLU E 387 9.17 5.59 32.97
C GLU E 387 10.15 5.49 31.82
N CYS E 388 11.01 6.50 31.70
CA CYS E 388 12.02 6.54 30.65
C CYS E 388 13.16 5.56 30.93
N VAL E 389 13.68 5.61 32.15
CA VAL E 389 14.74 4.69 32.54
C VAL E 389 14.29 3.26 32.27
N GLN E 390 13.01 3.01 32.47
CA GLN E 390 12.43 1.69 32.24
C GLN E 390 12.52 1.29 30.79
N MET E 391 11.77 1.99 29.94
CA MET E 391 11.77 1.72 28.51
C MET E 391 13.18 1.58 27.95
N THR E 392 14.10 2.40 28.46
CA THR E 392 15.50 2.36 28.04
C THR E 392 16.06 0.97 28.24
N GLN E 393 15.77 0.40 29.40
CA GLN E 393 16.23 -0.94 29.74
C GLN E 393 15.48 -1.99 28.95
N ASP E 394 14.23 -1.69 28.59
CA ASP E 394 13.43 -2.63 27.83
C ASP E 394 13.95 -2.78 26.42
N VAL E 395 14.46 -1.70 25.85
CA VAL E 395 14.99 -1.75 24.49
C VAL E 395 16.22 -2.63 24.48
N GLN E 396 17.02 -2.55 25.54
CA GLN E 396 18.23 -3.37 25.63
C GLN E 396 17.82 -4.83 25.78
N LYS E 397 16.84 -5.07 26.64
CA LYS E 397 16.32 -6.41 26.89
C LYS E 397 15.83 -6.97 25.54
N ALA E 398 14.96 -6.21 24.88
CA ALA E 398 14.40 -6.60 23.59
C ALA E 398 15.47 -7.02 22.58
N MET E 399 16.61 -6.33 22.61
CA MET E 399 17.69 -6.63 21.69
C MET E 399 18.48 -7.86 22.09
N ASP E 400 18.72 -8.02 23.39
CA ASP E 400 19.45 -9.19 23.87
C ASP E 400 18.63 -10.45 23.63
N GLU E 401 17.31 -10.30 23.69
CA GLU E 401 16.40 -11.43 23.46
C GLU E 401 16.05 -11.59 21.98
N ARG E 402 16.89 -11.07 21.10
CA ARG E 402 16.67 -11.18 19.67
C ARG E 402 15.26 -10.81 19.20
N ARG E 403 14.53 -10.06 20.02
CA ARG E 403 13.19 -9.62 19.66
C ARG E 403 13.35 -8.25 18.99
N PHE E 404 14.20 -8.22 17.97
CA PHE E 404 14.52 -7.01 17.24
C PHE E 404 13.35 -6.17 16.78
N GLN E 405 12.28 -6.79 16.29
CA GLN E 405 11.13 -6.03 15.83
C GLN E 405 10.52 -5.20 16.95
N ASP E 406 10.72 -5.66 18.19
CA ASP E 406 10.21 -4.95 19.36
C ASP E 406 11.13 -3.77 19.68
N ALA E 407 12.44 -4.01 19.58
CA ALA E 407 13.43 -2.97 19.83
C ALA E 407 13.15 -1.78 18.90
N VAL E 408 12.96 -2.06 17.62
CA VAL E 408 12.69 -1.02 16.64
C VAL E 408 11.48 -0.18 17.01
N ARG E 409 10.44 -0.82 17.52
CA ARG E 409 9.21 -0.12 17.89
C ARG E 409 9.43 0.66 19.18
N LEU E 410 10.27 0.13 20.06
CA LEU E 410 10.57 0.77 21.33
C LEU E 410 11.37 2.07 21.21
N ARG E 411 12.10 2.23 20.11
CA ARG E 411 12.90 3.43 19.90
C ARG E 411 12.03 4.64 19.63
N GLY E 412 10.86 4.42 19.04
CA GLY E 412 9.96 5.53 18.77
C GLY E 412 9.31 5.45 17.41
N ARG E 413 8.17 6.12 17.25
CA ARG E 413 7.46 6.12 15.98
C ARG E 413 8.40 6.72 14.93
N SER E 414 9.09 7.79 15.33
CA SER E 414 10.04 8.45 14.46
C SER E 414 11.08 7.46 13.94
N PHE E 415 11.90 6.94 14.84
CA PHE E 415 12.94 5.99 14.48
C PHE E 415 12.49 4.94 13.47
N ALA E 416 11.33 4.35 13.74
CA ALA E 416 10.78 3.31 12.88
C ALA E 416 10.50 3.87 11.49
N GLY E 417 9.98 5.09 11.44
CA GLY E 417 9.67 5.71 10.17
C GLY E 417 10.93 6.00 9.37
N ASN E 418 11.90 6.68 9.99
CA ASN E 418 13.16 7.00 9.33
C ASN E 418 13.78 5.75 8.74
N LEU E 419 13.78 4.68 9.54
CA LEU E 419 14.34 3.41 9.11
C LEU E 419 13.68 2.95 7.81
N ASN E 420 12.35 2.98 7.78
CA ASN E 420 11.62 2.58 6.59
C ASN E 420 11.94 3.48 5.40
N THR E 421 11.83 4.78 5.62
CA THR E 421 12.11 5.76 4.58
C THR E 421 13.48 5.55 3.98
N TYR E 422 14.47 5.27 4.83
CA TYR E 422 15.82 5.03 4.35
C TYR E 422 15.86 3.79 3.46
N LYS E 423 15.32 2.69 3.96
CA LYS E 423 15.28 1.45 3.19
C LYS E 423 14.60 1.73 1.85
N ARG E 424 13.42 2.34 1.91
CA ARG E 424 12.64 2.68 0.73
C ARG E 424 13.46 3.36 -0.36
N LEU E 425 14.30 4.31 0.03
CA LEU E 425 15.14 5.06 -0.90
C LEU E 425 16.45 4.40 -1.27
N ALA E 426 16.92 3.47 -0.45
CA ALA E 426 18.18 2.79 -0.71
C ALA E 426 18.05 1.50 -1.50
N ILE E 427 16.95 0.77 -1.29
CA ILE E 427 16.70 -0.48 -1.97
C ILE E 427 15.55 -0.38 -2.97
N LYS E 428 15.85 -0.28 -4.25
CA LYS E 428 14.81 -0.19 -5.27
C LYS E 428 14.43 -1.59 -5.72
N LEU E 429 13.13 -1.85 -5.84
CA LEU E 429 12.69 -3.16 -6.28
C LEU E 429 12.77 -3.18 -7.80
N PRO E 430 13.04 -4.38 -8.36
CA PRO E 430 13.15 -4.51 -9.81
C PRO E 430 11.86 -4.05 -10.48
N ASP E 431 11.99 -3.27 -11.53
CA ASP E 431 10.84 -2.71 -12.24
C ASP E 431 9.59 -3.59 -12.32
N ASP E 432 9.77 -4.86 -12.67
CA ASP E 432 8.63 -5.79 -12.81
C ASP E 432 7.86 -6.11 -11.52
N GLN E 433 8.45 -5.80 -10.37
CA GLN E 433 7.78 -6.06 -9.09
C GLN E 433 7.07 -4.83 -8.58
N ILE E 434 7.06 -3.77 -9.38
CA ILE E 434 6.40 -2.53 -8.99
C ILE E 434 5.21 -2.30 -9.89
N PRO E 435 4.02 -2.66 -9.42
CA PRO E 435 2.79 -2.48 -10.19
C PRO E 435 2.58 -1.02 -10.55
N LYS E 436 2.65 -0.71 -11.84
CA LYS E 436 2.50 0.67 -12.33
C LYS E 436 1.12 1.23 -12.04
N THR E 437 1.04 2.55 -11.90
CA THR E 437 -0.23 3.21 -11.61
C THR E 437 -0.70 4.01 -12.81
N ASN E 438 0.19 4.17 -13.78
CA ASN E 438 -0.11 4.92 -14.98
C ASN E 438 -0.53 6.32 -14.65
N CYS E 439 0.10 6.86 -13.62
CA CYS E 439 -0.14 8.22 -13.18
C CYS E 439 1.16 8.99 -13.32
N ASN E 440 1.07 10.23 -13.81
CA ASN E 440 2.24 11.06 -13.96
C ASN E 440 2.21 12.10 -12.85
N VAL E 441 3.15 11.99 -11.92
CA VAL E 441 3.23 12.93 -10.81
C VAL E 441 4.38 13.86 -11.12
N ALA E 442 4.10 15.15 -11.16
CA ALA E 442 5.11 16.15 -11.46
C ALA E 442 5.62 16.82 -10.19
N VAL E 443 6.93 17.02 -10.12
CA VAL E 443 7.56 17.67 -8.97
C VAL E 443 8.21 18.97 -9.46
N ILE E 444 8.15 20.02 -8.66
CA ILE E 444 8.67 21.32 -9.07
C ILE E 444 9.18 22.18 -7.90
N ASN E 445 10.12 23.09 -8.19
CA ASN E 445 10.64 23.98 -7.16
C ASN E 445 10.12 25.39 -7.41
N VAL E 446 9.52 26.01 -6.40
CA VAL E 446 8.99 27.37 -6.52
C VAL E 446 9.40 28.26 -5.34
N GLY E 447 9.97 29.41 -5.66
CA GLY E 447 10.42 30.32 -4.62
C GLY E 447 11.92 30.51 -4.62
N ALA E 448 12.42 31.26 -3.65
CA ALA E 448 13.86 31.50 -3.57
C ALA E 448 14.50 30.18 -3.18
N PRO E 449 15.69 29.89 -3.74
CA PRO E 449 16.39 28.64 -3.44
C PRO E 449 16.67 28.44 -1.96
N ALA E 450 16.49 27.22 -1.48
CA ALA E 450 16.73 26.90 -0.08
C ALA E 450 17.51 25.61 0.03
N ALA E 451 18.56 25.62 0.84
CA ALA E 451 19.41 24.45 1.03
C ALA E 451 18.61 23.20 1.36
N GLY E 452 18.68 22.21 0.47
CA GLY E 452 17.94 20.98 0.73
C GLY E 452 16.79 20.68 -0.22
N MET E 453 16.55 21.57 -1.19
CA MET E 453 15.47 21.35 -2.12
C MET E 453 15.79 20.11 -2.92
N ASN E 454 17.06 19.90 -3.21
CA ASN E 454 17.45 18.75 -3.98
C ASN E 454 17.23 17.46 -3.21
N ALA E 455 17.51 17.48 -1.92
CA ALA E 455 17.32 16.29 -1.11
C ALA E 455 15.85 15.94 -1.17
N ALA E 456 15.01 16.97 -1.21
CA ALA E 456 13.57 16.83 -1.28
C ALA E 456 13.12 16.23 -2.60
N VAL E 457 13.62 16.77 -3.71
CA VAL E 457 13.27 16.25 -5.02
C VAL E 457 13.69 14.77 -5.15
N ARG E 458 14.92 14.47 -4.73
CA ARG E 458 15.41 13.08 -4.77
C ARG E 458 14.42 12.17 -4.05
N SER E 459 14.10 12.52 -2.81
CA SER E 459 13.16 11.75 -1.99
C SER E 459 11.77 11.59 -2.62
N ALA E 460 11.23 12.66 -3.19
CA ALA E 460 9.92 12.59 -3.81
C ALA E 460 9.93 11.75 -5.09
N VAL E 461 10.93 11.99 -5.94
CA VAL E 461 11.07 11.24 -7.18
C VAL E 461 11.14 9.74 -6.92
N ARG E 462 12.06 9.33 -6.05
CA ARG E 462 12.20 7.90 -5.77
C ARG E 462 11.00 7.26 -5.10
N VAL E 463 10.42 7.90 -4.09
CA VAL E 463 9.25 7.34 -3.43
C VAL E 463 8.16 7.22 -4.48
N GLY E 464 8.11 8.20 -5.38
CA GLY E 464 7.13 8.16 -6.44
C GLY E 464 7.33 6.92 -7.29
N ILE E 465 8.53 6.79 -7.85
CA ILE E 465 8.87 5.65 -8.69
C ILE E 465 8.59 4.33 -7.99
N ALA E 466 8.95 4.25 -6.71
CA ALA E 466 8.74 3.04 -5.93
C ALA E 466 7.26 2.76 -5.69
N ASP E 467 6.41 3.75 -5.95
CA ASP E 467 4.97 3.63 -5.75
C ASP E 467 4.32 3.37 -7.09
N GLY E 468 5.14 3.19 -8.12
CA GLY E 468 4.62 2.90 -9.45
C GLY E 468 4.22 4.08 -10.33
N HIS E 469 4.49 5.31 -9.91
CA HIS E 469 4.12 6.44 -10.74
C HIS E 469 5.25 6.74 -11.72
N ARG E 470 4.92 7.57 -12.71
CA ARG E 470 5.87 8.02 -13.72
C ARG E 470 6.19 9.42 -13.27
N MET E 471 7.46 9.68 -12.93
CA MET E 471 7.84 10.99 -12.43
C MET E 471 8.23 12.05 -13.46
N LEU E 472 7.67 13.24 -13.30
CA LEU E 472 7.95 14.36 -14.20
C LEU E 472 8.60 15.53 -13.46
N ALA E 473 9.71 16.02 -14.01
CA ALA E 473 10.42 17.14 -13.41
C ALA E 473 10.12 18.44 -14.15
N ILE E 474 9.64 19.45 -13.43
CA ILE E 474 9.34 20.73 -14.05
C ILE E 474 10.50 21.63 -13.67
N TYR E 475 11.24 22.11 -14.66
CA TYR E 475 12.39 22.97 -14.42
C TYR E 475 12.08 24.46 -14.32
N ASP E 476 12.95 25.18 -13.60
CA ASP E 476 12.79 26.63 -13.39
C ASP E 476 11.41 27.05 -12.92
N GLY E 477 10.88 26.36 -11.92
CA GLY E 477 9.57 26.71 -11.38
C GLY E 477 8.46 27.01 -12.37
N PHE E 478 7.49 27.80 -11.94
CA PHE E 478 6.36 28.13 -12.79
C PHE E 478 6.76 28.72 -14.11
N ASP E 479 7.85 29.48 -14.11
CA ASP E 479 8.34 30.08 -15.35
C ASP E 479 8.54 29.00 -16.40
N GLY E 480 9.34 27.99 -16.06
CA GLY E 480 9.59 26.91 -16.99
C GLY E 480 8.36 26.03 -17.20
N PHE E 481 7.48 25.99 -16.21
CA PHE E 481 6.26 25.20 -16.28
C PHE E 481 5.45 25.71 -17.45
N ALA E 482 5.25 27.03 -17.48
CA ALA E 482 4.50 27.67 -18.54
C ALA E 482 5.20 27.52 -19.88
N LYS E 483 6.52 27.50 -19.87
CA LYS E 483 7.29 27.36 -21.10
C LYS E 483 7.57 25.91 -21.43
N GLY E 484 6.69 25.03 -20.94
CA GLY E 484 6.79 23.61 -21.20
C GLY E 484 8.06 22.82 -20.91
N GLN E 485 8.93 23.37 -20.08
CA GLN E 485 10.18 22.68 -19.74
C GLN E 485 9.94 21.55 -18.75
N ILE E 486 9.23 20.52 -19.22
CA ILE E 486 8.91 19.36 -18.39
C ILE E 486 9.52 18.10 -19.00
N LYS E 487 10.19 17.31 -18.18
CA LYS E 487 10.83 16.09 -18.64
C LYS E 487 10.64 14.98 -17.59
N GLU E 488 10.88 13.73 -17.97
CA GLU E 488 10.72 12.63 -17.03
C GLU E 488 12.02 12.45 -16.27
N ILE E 489 11.93 12.13 -14.97
CA ILE E 489 13.11 11.90 -14.15
C ILE E 489 13.09 10.48 -13.64
N GLY E 490 14.25 9.84 -13.68
CA GLY E 490 14.37 8.47 -13.24
C GLY E 490 15.05 8.29 -11.92
N TRP E 491 14.96 7.08 -11.38
CA TRP E 491 15.54 6.75 -10.09
C TRP E 491 17.02 7.11 -9.94
N THR E 492 17.84 6.84 -10.94
CA THR E 492 19.25 7.17 -10.83
C THR E 492 19.55 8.63 -11.18
N ASP E 493 18.61 9.30 -11.83
CA ASP E 493 18.84 10.69 -12.18
C ASP E 493 18.98 11.59 -10.95
N VAL E 494 18.35 11.21 -9.85
CA VAL E 494 18.41 12.02 -8.62
C VAL E 494 19.39 11.44 -7.63
N GLY E 495 20.35 10.67 -8.11
CA GLY E 495 21.34 10.07 -7.23
C GLY E 495 22.37 11.06 -6.73
N GLY E 496 22.63 11.02 -5.43
CA GLY E 496 23.62 11.91 -4.83
C GLY E 496 23.16 13.35 -4.69
N TRP E 497 21.88 13.58 -4.92
CA TRP E 497 21.30 14.91 -4.81
C TRP E 497 21.18 15.34 -3.36
N THR E 498 21.09 14.37 -2.47
CA THR E 498 20.94 14.62 -1.05
C THR E 498 21.77 15.77 -0.51
N GLY E 499 23.09 15.67 -0.68
CA GLY E 499 23.98 16.70 -0.18
C GLY E 499 24.22 17.93 -1.04
N GLN E 500 23.51 18.07 -2.15
CA GLN E 500 23.71 19.22 -3.02
C GLN E 500 22.90 20.45 -2.70
N GLY E 501 23.61 21.58 -2.70
CA GLY E 501 22.97 22.86 -2.42
C GLY E 501 22.28 23.45 -3.63
N GLY E 502 21.53 24.51 -3.39
CA GLY E 502 20.82 25.15 -4.48
C GLY E 502 19.67 24.30 -4.95
N SER E 503 19.27 24.51 -6.20
CA SER E 503 18.17 23.78 -6.83
C SER E 503 18.61 23.24 -8.19
N ILE E 504 18.83 21.93 -8.27
CA ILE E 504 19.26 21.33 -9.51
C ILE E 504 18.14 21.46 -10.53
N LEU E 505 16.91 21.38 -10.05
CA LEU E 505 15.74 21.49 -10.90
C LEU E 505 15.58 22.93 -11.38
N GLY E 506 15.99 23.88 -10.53
CA GLY E 506 15.88 25.28 -10.86
C GLY E 506 14.66 25.81 -10.14
N THR E 507 14.69 27.08 -9.75
CA THR E 507 13.54 27.63 -9.05
C THR E 507 13.35 29.13 -9.29
N LYS E 508 12.08 29.55 -9.42
CA LYS E 508 11.75 30.94 -9.66
C LYS E 508 10.71 31.40 -8.66
N ARG E 509 10.74 32.69 -8.38
CA ARG E 509 9.82 33.30 -7.45
C ARG E 509 8.57 33.72 -8.21
N VAL E 510 8.50 33.33 -9.48
CA VAL E 510 7.35 33.70 -10.33
C VAL E 510 6.05 32.94 -10.03
N LEU E 511 4.96 33.70 -9.93
CA LEU E 511 3.63 33.15 -9.66
C LEU E 511 2.87 32.86 -10.96
N PRO E 512 2.09 31.75 -10.98
CA PRO E 512 1.28 31.25 -12.11
C PRO E 512 0.17 32.10 -12.79
N GLY E 513 -0.62 32.82 -11.99
CA GLY E 513 -1.71 33.63 -12.52
C GLY E 513 -1.59 34.30 -13.89
N LYS E 514 -0.37 34.64 -14.27
CA LYS E 514 -0.12 35.30 -15.55
C LYS E 514 -0.11 34.36 -16.74
N TYR E 515 0.10 33.08 -16.46
CA TYR E 515 0.16 32.08 -17.52
C TYR E 515 -0.61 30.82 -17.19
N LEU E 516 -1.81 30.98 -16.62
CA LEU E 516 -2.63 29.82 -16.30
C LEU E 516 -2.94 29.11 -17.62
N GLU E 517 -2.94 29.87 -18.71
CA GLU E 517 -3.20 29.34 -20.03
C GLU E 517 -2.10 28.41 -20.55
N GLU E 518 -0.86 28.87 -20.52
CA GLU E 518 0.26 28.08 -20.98
C GLU E 518 0.53 26.93 -20.03
N ILE E 519 0.25 27.14 -18.76
CA ILE E 519 0.48 26.10 -17.77
C ILE E 519 -0.54 24.97 -17.93
N ALA E 520 -1.78 25.33 -18.26
CA ALA E 520 -2.80 24.30 -18.43
C ALA E 520 -2.58 23.54 -19.74
N THR E 521 -2.17 24.27 -20.78
CA THR E 521 -1.93 23.66 -22.07
C THR E 521 -0.75 22.72 -21.92
N GLN E 522 0.09 23.01 -20.94
CA GLN E 522 1.25 22.17 -20.69
C GLN E 522 0.92 20.98 -19.80
N MET E 523 -0.09 21.13 -18.95
CA MET E 523 -0.50 20.06 -18.05
C MET E 523 -1.24 19.00 -18.84
N ARG E 524 -2.00 19.46 -19.82
CA ARG E 524 -2.80 18.63 -20.70
C ARG E 524 -1.92 17.75 -21.60
N THR E 525 -1.09 18.40 -22.42
CA THR E 525 -0.22 17.69 -23.34
C THR E 525 0.81 16.75 -22.70
N HIS E 526 1.09 16.95 -21.41
CA HIS E 526 2.05 16.11 -20.68
C HIS E 526 1.30 15.18 -19.72
N SER E 527 -0.03 15.33 -19.69
CA SER E 527 -0.93 14.56 -18.83
C SER E 527 -0.40 14.38 -17.44
N ILE E 528 -0.48 15.45 -16.66
CA ILE E 528 0.01 15.47 -15.28
C ILE E 528 -1.11 15.17 -14.29
N ASN E 529 -1.01 14.03 -13.63
CA ASN E 529 -2.01 13.58 -12.68
C ASN E 529 -1.95 14.22 -11.30
N ALA E 530 -0.75 14.61 -10.87
CA ALA E 530 -0.58 15.25 -9.57
C ALA E 530 0.62 16.17 -9.62
N LEU E 531 0.75 16.99 -8.60
CA LEU E 531 1.84 17.93 -8.59
C LEU E 531 2.34 18.15 -7.15
N LEU E 532 3.66 18.05 -6.99
CA LEU E 532 4.29 18.27 -5.70
C LEU E 532 5.11 19.55 -5.77
N ILE E 533 4.90 20.48 -4.85
CA ILE E 533 5.69 21.70 -4.91
C ILE E 533 6.52 21.85 -3.64
N ILE E 534 7.83 21.91 -3.87
CA ILE E 534 8.83 22.09 -2.84
C ILE E 534 9.15 23.57 -2.95
N GLY E 535 8.83 24.36 -1.93
CA GLY E 535 9.12 25.79 -2.02
C GLY E 535 8.64 26.68 -0.90
N GLY E 536 8.95 27.97 -1.02
CA GLY E 536 8.56 28.93 -0.02
C GLY E 536 7.20 29.59 -0.23
N PHE E 537 7.01 30.75 0.39
CA PHE E 537 5.74 31.47 0.28
C PHE E 537 5.29 31.65 -1.18
N GLU E 538 6.20 31.97 -2.09
CA GLU E 538 5.82 32.16 -3.48
C GLU E 538 5.14 30.89 -4.04
N ALA E 539 5.32 29.76 -3.36
CA ALA E 539 4.73 28.50 -3.77
C ALA E 539 3.32 28.38 -3.21
N TYR E 540 3.15 28.86 -1.98
CA TYR E 540 1.87 28.83 -1.29
C TYR E 540 0.87 29.76 -2.00
N LEU E 541 1.36 30.80 -2.66
CA LEU E 541 0.49 31.71 -3.39
C LEU E 541 0.15 31.04 -4.70
N GLY E 542 1.18 30.47 -5.33
CA GLY E 542 0.98 29.78 -6.58
C GLY E 542 -0.16 28.77 -6.45
N LEU E 543 -0.26 28.15 -5.28
CA LEU E 543 -1.29 27.17 -5.01
C LEU E 543 -2.65 27.84 -4.97
N LEU E 544 -2.76 28.88 -4.15
CA LEU E 544 -4.03 29.59 -4.05
C LEU E 544 -4.44 30.07 -5.45
N GLU E 545 -3.49 30.49 -6.26
CA GLU E 545 -3.84 30.96 -7.61
C GLU E 545 -4.36 29.81 -8.47
N LEU E 546 -3.73 28.64 -8.34
CA LEU E 546 -4.16 27.49 -9.11
C LEU E 546 -5.53 27.02 -8.67
N SER E 547 -5.72 26.74 -7.39
CA SER E 547 -7.03 26.27 -6.86
C SER E 547 -8.17 27.15 -7.33
N ALA E 548 -7.89 28.45 -7.47
CA ALA E 548 -8.86 29.41 -7.95
C ALA E 548 -9.19 29.04 -9.39
N ALA E 549 -8.13 28.95 -10.19
CA ALA E 549 -8.21 28.62 -11.61
C ALA E 549 -8.84 27.28 -12.01
N ARG E 550 -8.70 26.24 -11.19
CA ARG E 550 -9.25 24.93 -11.56
C ARG E 550 -10.73 25.11 -11.89
N GLU E 551 -11.33 26.07 -11.19
CA GLU E 551 -12.74 26.42 -11.37
C GLU E 551 -13.03 26.63 -12.86
N LYS E 552 -12.07 27.20 -13.58
CA LYS E 552 -12.23 27.51 -14.99
C LYS E 552 -11.09 26.95 -15.88
N HIS E 553 -10.46 25.87 -15.44
CA HIS E 553 -9.38 25.20 -16.17
C HIS E 553 -9.25 23.80 -15.59
N GLU E 554 -10.13 22.92 -16.03
CA GLU E 554 -10.17 21.54 -15.56
C GLU E 554 -8.81 20.89 -15.25
N GLU E 555 -7.78 21.20 -16.04
CA GLU E 555 -6.44 20.61 -15.85
C GLU E 555 -5.81 20.72 -14.47
N PHE E 556 -6.24 21.70 -13.69
CA PHE E 556 -5.70 21.90 -12.35
C PHE E 556 -6.48 21.16 -11.26
N CYS E 557 -7.46 20.38 -11.68
CA CYS E 557 -8.26 19.61 -10.72
C CYS E 557 -7.57 18.30 -10.43
N VAL E 558 -6.36 18.40 -9.88
CA VAL E 558 -5.55 17.25 -9.53
C VAL E 558 -5.09 17.45 -8.09
N PRO E 559 -4.37 16.46 -7.53
CA PRO E 559 -3.88 16.57 -6.15
C PRO E 559 -2.64 17.45 -6.10
N MET E 560 -2.64 18.43 -5.20
CA MET E 560 -1.50 19.32 -5.09
C MET E 560 -1.04 19.51 -3.66
N VAL E 561 0.22 19.20 -3.40
CA VAL E 561 0.76 19.37 -2.08
C VAL E 561 1.98 20.19 -2.23
N MET E 562 2.30 20.92 -1.18
CA MET E 562 3.43 21.80 -1.16
C MET E 562 4.23 21.46 0.08
N VAL E 563 5.54 21.54 -0.02
CA VAL E 563 6.43 21.26 1.08
C VAL E 563 7.26 22.53 1.31
N PRO E 564 7.21 23.10 2.53
CA PRO E 564 7.90 24.33 2.94
C PRO E 564 9.43 24.34 2.82
N ALA E 565 9.92 25.16 1.89
CA ALA E 565 11.35 25.29 1.66
C ALA E 565 11.79 26.72 1.35
N THR E 566 12.31 27.39 2.37
CA THR E 566 12.87 28.74 2.28
C THR E 566 13.67 28.92 3.55
N VAL E 567 14.70 29.74 3.46
CA VAL E 567 15.54 30.02 4.60
C VAL E 567 14.76 30.90 5.55
N SER E 568 13.75 31.58 5.02
CA SER E 568 12.90 32.49 5.82
C SER E 568 12.06 31.84 6.93
N ASN E 569 11.47 30.70 6.62
CA ASN E 569 10.60 29.96 7.53
C ASN E 569 9.35 30.78 7.76
N ASN E 570 8.77 31.22 6.65
CA ASN E 570 7.60 32.05 6.66
C ASN E 570 6.38 31.39 6.02
N VAL E 571 6.51 30.12 5.66
CA VAL E 571 5.40 29.43 5.03
C VAL E 571 4.27 29.17 6.02
N PRO E 572 3.05 29.63 5.71
CA PRO E 572 1.91 29.43 6.61
C PRO E 572 1.58 27.94 6.75
N GLY E 573 1.44 27.47 7.98
CA GLY E 573 1.10 26.08 8.19
C GLY E 573 2.23 25.15 8.61
N SER E 574 3.44 25.70 8.75
CA SER E 574 4.57 24.89 9.16
C SER E 574 5.49 25.70 10.07
N ASP E 575 5.90 25.07 11.16
CA ASP E 575 6.80 25.73 12.10
C ASP E 575 8.22 25.76 11.56
N PHE E 576 8.53 24.89 10.60
CA PHE E 576 9.86 24.85 10.04
C PHE E 576 9.92 24.77 8.52
N SER E 577 11.05 25.19 7.96
CA SER E 577 11.29 25.18 6.52
C SER E 577 12.55 24.42 6.19
N ILE E 578 12.58 23.86 5.01
CA ILE E 578 13.76 23.17 4.56
C ILE E 578 14.69 24.31 4.20
N GLY E 579 15.91 24.27 4.70
CA GLY E 579 16.86 25.33 4.41
C GLY E 579 17.01 26.32 5.56
N ALA E 580 16.06 26.29 6.50
CA ALA E 580 16.10 27.19 7.65
C ALA E 580 17.26 26.84 8.58
N ASP E 581 17.41 25.56 8.89
CA ASP E 581 18.49 25.14 9.77
C ASP E 581 19.84 25.50 9.15
N THR E 582 20.00 25.19 7.87
CA THR E 582 21.24 25.50 7.17
C THR E 582 21.62 26.98 7.31
N ALA E 583 20.64 27.85 7.09
CA ALA E 583 20.85 29.28 7.17
C ALA E 583 21.26 29.71 8.58
N LEU E 584 20.57 29.16 9.57
CA LEU E 584 20.82 29.46 10.98
C LEU E 584 22.24 29.10 11.32
N ASN E 585 22.68 27.95 10.84
CA ASN E 585 24.04 27.50 11.06
C ASN E 585 25.03 28.42 10.36
N THR E 586 24.65 28.98 9.23
CA THR E 586 25.53 29.92 8.53
C THR E 586 25.76 31.11 9.45
N ILE E 587 24.70 31.54 10.13
CA ILE E 587 24.81 32.68 11.03
C ILE E 587 25.72 32.38 12.22
N THR E 588 25.42 31.33 12.97
CA THR E 588 26.26 31.02 14.11
C THR E 588 27.71 30.80 13.72
N ASP E 589 27.94 30.27 12.52
CA ASP E 589 29.31 30.03 12.04
C ASP E 589 30.05 31.34 11.82
N THR E 590 29.34 32.33 11.32
CA THR E 590 29.96 33.63 11.06
C THR E 590 30.23 34.34 12.38
N CYS E 591 29.34 34.16 13.35
CA CYS E 591 29.50 34.79 14.64
C CYS E 591 30.63 34.14 15.43
N ASP E 592 30.77 32.84 15.28
CA ASP E 592 31.84 32.12 15.96
C ASP E 592 33.17 32.74 15.51
N ARG E 593 33.41 32.75 14.20
CA ARG E 593 34.64 33.32 13.65
C ARG E 593 34.88 34.75 14.16
N ILE E 594 33.87 35.60 14.03
CA ILE E 594 33.96 36.99 14.49
C ILE E 594 34.44 37.12 15.94
N LYS E 595 34.04 36.20 16.80
CA LYS E 595 34.47 36.23 18.20
C LYS E 595 35.91 35.73 18.39
N GLN E 596 36.18 34.50 17.95
CA GLN E 596 37.51 33.87 18.09
C GLN E 596 38.71 34.72 17.62
N SER E 597 38.44 35.80 16.89
CA SER E 597 39.49 36.67 16.39
C SER E 597 39.81 37.80 17.37
N ALA E 598 41.07 37.92 17.75
CA ALA E 598 41.51 38.95 18.70
C ALA E 598 41.75 40.34 18.11
N SER E 599 41.41 41.36 18.90
CA SER E 599 41.55 42.76 18.51
C SER E 599 42.47 43.48 19.48
N GLY E 600 43.21 42.72 20.27
CA GLY E 600 44.11 43.33 21.24
C GLY E 600 43.29 43.76 22.44
N THR E 601 43.53 44.99 22.89
CA THR E 601 42.81 45.51 24.05
C THR E 601 41.48 46.13 23.64
N LYS E 602 41.24 46.23 22.33
CA LYS E 602 40.02 46.84 21.82
C LYS E 602 38.75 46.02 21.95
N ARG E 603 37.71 46.68 22.43
CA ARG E 603 36.39 46.09 22.62
C ARG E 603 35.70 46.27 21.27
N ARG E 604 35.04 45.22 20.79
CA ARG E 604 34.38 45.30 19.50
C ARG E 604 32.93 44.85 19.51
N VAL E 605 32.08 45.57 18.78
CA VAL E 605 30.68 45.21 18.67
C VAL E 605 30.33 45.03 17.20
N PHE E 606 29.63 43.94 16.87
CA PHE E 606 29.26 43.63 15.50
C PHE E 606 27.78 43.71 15.20
N ILE E 607 27.45 44.40 14.10
CA ILE E 607 26.08 44.53 13.64
C ILE E 607 25.98 43.62 12.43
N ILE E 608 25.08 42.65 12.48
CA ILE E 608 24.94 41.71 11.38
C ILE E 608 23.52 41.65 10.84
N GLU E 609 23.38 41.92 9.55
CA GLU E 609 22.08 41.87 8.90
C GLU E 609 21.82 40.44 8.41
N THR E 610 20.63 39.92 8.69
CA THR E 610 20.27 38.55 8.29
C THR E 610 19.16 38.57 7.24
N MET E 611 18.95 37.43 6.59
CA MET E 611 17.90 37.32 5.57
C MET E 611 16.55 37.04 6.26
N GLY E 612 15.53 36.76 5.46
CA GLY E 612 14.23 36.47 6.02
C GLY E 612 13.11 37.37 5.54
N GLY E 613 13.47 38.44 4.85
CA GLY E 613 12.47 39.37 4.38
C GLY E 613 11.86 40.02 5.60
N TYR E 614 10.58 39.74 5.84
CA TYR E 614 9.91 40.32 6.99
C TYR E 614 9.89 39.36 8.18
N CYS E 615 10.18 38.10 7.90
CA CYS E 615 10.17 37.10 8.94
C CYS E 615 11.47 37.12 9.74
N GLY E 616 11.37 37.57 10.98
CA GLY E 616 12.53 37.65 11.83
C GLY E 616 12.94 36.32 12.45
N TYR E 617 12.51 35.21 11.86
CA TYR E 617 12.89 33.90 12.41
C TYR E 617 14.41 33.80 12.47
N LEU E 618 15.06 33.95 11.33
CA LEU E 618 16.50 33.85 11.27
C LEU E 618 17.16 34.79 12.24
N ALA E 619 16.80 36.07 12.16
CA ALA E 619 17.37 37.08 13.04
C ALA E 619 17.21 36.73 14.52
N ASN E 620 15.99 36.37 14.91
CA ASN E 620 15.68 36.04 16.29
C ASN E 620 16.35 34.77 16.79
N MET E 621 16.07 33.64 16.15
CA MET E 621 16.65 32.35 16.54
C MET E 621 18.15 32.38 16.40
N GLY E 622 18.64 33.04 15.36
CA GLY E 622 20.07 33.16 15.15
C GLY E 622 20.63 33.94 16.32
N GLY E 623 19.94 35.02 16.67
CA GLY E 623 20.38 35.83 17.79
C GLY E 623 20.50 35.00 19.07
N LEU E 624 19.47 34.20 19.35
CA LEU E 624 19.47 33.35 20.52
C LEU E 624 20.65 32.38 20.45
N ALA E 625 20.79 31.73 19.31
CA ALA E 625 21.85 30.75 19.09
C ALA E 625 23.26 31.28 19.16
N ALA E 626 23.47 32.51 18.71
CA ALA E 626 24.80 33.09 18.72
C ALA E 626 25.05 33.94 19.98
N GLY E 627 24.01 34.11 20.79
CA GLY E 627 24.14 34.90 22.00
C GLY E 627 24.26 36.40 21.76
N ALA E 628 23.31 36.97 21.02
CA ALA E 628 23.36 38.39 20.72
C ALA E 628 22.66 39.21 21.79
N ASP E 629 23.12 40.44 21.97
CA ASP E 629 22.55 41.37 22.95
C ASP E 629 21.15 41.79 22.50
N ALA E 630 20.99 41.97 21.19
CA ALA E 630 19.71 42.38 20.65
C ALA E 630 19.54 41.92 19.20
N ALA E 631 18.30 41.69 18.81
CA ALA E 631 18.00 41.25 17.46
C ALA E 631 16.81 42.05 16.96
N TYR E 632 17.07 43.12 16.21
CA TYR E 632 15.98 43.93 15.71
C TYR E 632 15.19 43.21 14.63
N ILE E 633 13.90 43.04 14.88
CA ILE E 633 13.04 42.37 13.92
C ILE E 633 11.82 43.20 13.61
N PHE E 634 11.13 42.83 12.53
CA PHE E 634 9.95 43.53 12.07
C PHE E 634 8.74 43.31 12.97
N GLU E 635 8.56 42.04 13.36
CA GLU E 635 7.45 41.63 14.21
C GLU E 635 7.36 42.37 15.53
N GLU E 636 8.47 42.98 15.97
CA GLU E 636 8.47 43.74 17.21
C GLU E 636 8.99 45.12 16.91
N PRO E 637 8.06 46.05 16.63
CA PRO E 637 8.41 47.45 16.31
C PRO E 637 9.22 48.11 17.42
N PHE E 638 10.10 49.01 17.01
CA PHE E 638 10.94 49.73 17.97
C PHE E 638 11.16 51.15 17.47
N ASP E 639 11.43 52.07 18.39
CA ASP E 639 11.67 53.47 18.07
C ASP E 639 13.06 53.88 18.52
N ILE E 640 13.41 55.14 18.29
CA ILE E 640 14.73 55.63 18.66
C ILE E 640 15.04 55.52 20.14
N ARG E 641 14.01 55.54 20.98
CA ARG E 641 14.19 55.42 22.42
C ARG E 641 14.64 54.02 22.83
N ASP E 642 13.93 53.00 22.33
CA ASP E 642 14.26 51.61 22.64
C ASP E 642 15.69 51.38 22.15
N LEU E 643 15.95 51.90 20.96
CA LEU E 643 17.24 51.79 20.32
C LEU E 643 18.33 52.38 21.20
N GLN E 644 18.10 53.59 21.67
CA GLN E 644 19.05 54.29 22.52
C GLN E 644 19.28 53.49 23.82
N SER E 645 18.21 52.94 24.35
CA SER E 645 18.28 52.14 25.57
C SER E 645 19.21 50.94 25.41
N ASN E 646 19.00 50.15 24.35
CA ASN E 646 19.81 48.97 24.10
C ASN E 646 21.27 49.31 23.90
N VAL E 647 21.55 50.47 23.33
CA VAL E 647 22.93 50.88 23.09
C VAL E 647 23.57 51.11 24.43
N GLU E 648 22.89 51.87 25.29
CA GLU E 648 23.42 52.14 26.62
C GLU E 648 23.61 50.85 27.39
N HIS E 649 22.60 49.97 27.31
CA HIS E 649 22.65 48.69 28.00
C HIS E 649 23.88 47.87 27.59
N LEU E 650 24.15 47.77 26.29
CA LEU E 650 25.31 47.03 25.79
C LEU E 650 26.64 47.78 26.04
N THR E 651 26.60 49.11 25.93
CA THR E 651 27.78 49.92 26.16
C THR E 651 28.27 49.64 27.58
N GLU E 652 27.33 49.38 28.47
CA GLU E 652 27.65 49.09 29.85
C GLU E 652 28.37 47.74 29.92
N LYS E 653 27.76 46.73 29.31
CA LYS E 653 28.36 45.41 29.33
C LYS E 653 29.76 45.46 28.73
N MET E 654 29.94 46.27 27.70
CA MET E 654 31.25 46.38 27.06
C MET E 654 32.30 47.00 27.98
N LYS E 655 31.85 47.91 28.85
CA LYS E 655 32.76 48.57 29.78
C LYS E 655 33.30 47.59 30.83
N THR E 656 32.60 46.49 31.04
CA THR E 656 33.04 45.51 32.04
C THR E 656 33.25 44.10 31.56
N THR E 657 32.23 43.29 31.82
CA THR E 657 32.15 41.88 31.52
C THR E 657 32.46 41.40 30.08
N ILE E 658 31.74 41.91 29.09
CA ILE E 658 31.95 41.49 27.70
C ILE E 658 33.17 42.11 27.01
N GLN E 659 33.74 41.36 26.07
CA GLN E 659 34.91 41.79 25.33
C GLN E 659 34.49 41.90 23.85
N ARG E 660 33.42 41.18 23.52
CA ARG E 660 32.91 41.14 22.15
C ARG E 660 31.37 41.18 22.11
N GLY E 661 30.80 42.26 21.58
CA GLY E 661 29.35 42.38 21.51
C GLY E 661 28.73 42.04 20.17
N LEU E 662 27.52 41.50 20.19
CA LEU E 662 26.83 41.11 18.95
C LEU E 662 25.39 41.61 18.82
N VAL E 663 25.08 42.21 17.67
CA VAL E 663 23.73 42.73 17.40
C VAL E 663 23.25 42.28 16.01
N LEU E 664 22.09 41.63 15.95
CA LEU E 664 21.55 41.18 14.67
C LEU E 664 20.39 42.05 14.22
N ARG E 665 20.23 42.17 12.90
CA ARG E 665 19.15 42.95 12.32
C ARG E 665 18.53 42.28 11.10
N ASN E 666 17.21 42.10 11.17
CA ASN E 666 16.44 41.50 10.08
C ASN E 666 16.50 42.45 8.88
N GLU E 667 16.56 41.88 7.68
CA GLU E 667 16.63 42.66 6.44
C GLU E 667 15.67 43.85 6.41
N SER E 668 14.41 43.56 6.69
CA SER E 668 13.38 44.58 6.62
C SER E 668 12.68 44.94 7.92
N CYS E 669 13.41 44.89 9.03
CA CYS E 669 12.83 45.20 10.34
C CYS E 669 12.33 46.64 10.42
N SER E 670 12.85 47.49 9.56
CA SER E 670 12.48 48.90 9.51
C SER E 670 13.07 49.47 8.24
N GLU E 671 12.42 50.46 7.64
CA GLU E 671 12.97 51.02 6.42
C GLU E 671 13.84 52.24 6.68
N ASN E 672 13.60 52.92 7.81
CA ASN E 672 14.38 54.10 8.18
C ASN E 672 15.58 53.74 9.04
N TYR E 673 15.39 52.82 9.96
CA TYR E 673 16.49 52.39 10.82
C TYR E 673 17.14 51.20 10.14
N THR E 674 17.88 51.51 9.08
CA THR E 674 18.58 50.52 8.27
C THR E 674 19.74 49.93 9.04
N THR E 675 20.44 49.00 8.39
CA THR E 675 21.59 48.37 9.01
C THR E 675 22.63 49.44 9.29
N ASP E 676 22.87 50.29 8.30
CA ASP E 676 23.85 51.36 8.46
C ASP E 676 23.43 52.31 9.57
N PHE E 677 22.15 52.63 9.62
CA PHE E 677 21.66 53.53 10.64
C PHE E 677 22.09 52.99 12.02
N ILE E 678 21.69 51.75 12.30
CA ILE E 678 22.02 51.12 13.57
C ILE E 678 23.53 51.05 13.77
N TYR E 679 24.27 50.78 12.69
CA TYR E 679 25.72 50.72 12.78
C TYR E 679 26.25 52.09 13.19
N GLN E 680 25.78 53.13 12.52
CA GLN E 680 26.20 54.49 12.82
C GLN E 680 25.85 54.88 14.27
N LEU E 681 24.64 54.55 14.73
CA LEU E 681 24.22 54.88 16.09
C LEU E 681 25.11 54.21 17.14
N TYR E 682 25.19 52.89 17.08
CA TYR E 682 26.02 52.15 18.03
C TYR E 682 27.47 52.62 17.96
N SER E 683 27.94 52.98 16.76
CA SER E 683 29.31 53.46 16.59
C SER E 683 29.57 54.75 17.34
N GLU E 684 28.68 55.72 17.16
CA GLU E 684 28.82 57.03 17.81
C GLU E 684 28.71 56.89 19.32
N GLU E 685 27.68 56.19 19.79
CA GLU E 685 27.48 56.01 21.23
C GLU E 685 28.57 55.19 21.91
N GLY E 686 29.25 54.35 21.15
CA GLY E 686 30.29 53.51 21.71
C GLY E 686 31.65 54.21 21.72
N LYS E 687 31.77 55.26 20.90
CA LYS E 687 33.01 56.03 20.82
C LYS E 687 33.67 56.07 22.20
N GLY E 688 34.92 55.61 22.29
CA GLY E 688 35.61 55.63 23.57
C GLY E 688 35.56 54.33 24.34
N VAL E 689 34.51 53.53 24.15
CA VAL E 689 34.43 52.28 24.86
C VAL E 689 34.54 51.06 23.93
N PHE E 690 34.16 51.20 22.67
CA PHE E 690 34.23 50.10 21.72
C PHE E 690 34.00 50.59 20.31
N ASP E 691 34.51 49.87 19.32
CA ASP E 691 34.27 50.26 17.95
C ASP E 691 33.33 49.28 17.28
N CYS E 692 32.79 49.66 16.14
CA CYS E 692 31.86 48.80 15.43
C CYS E 692 32.38 48.23 14.15
N ARG E 693 31.70 47.18 13.72
CA ARG E 693 31.99 46.50 12.48
C ARG E 693 30.61 46.11 11.99
N LYS E 694 30.37 46.41 10.73
CA LYS E 694 29.09 46.12 10.11
C LYS E 694 29.32 44.89 9.25
N ASN E 695 28.26 44.14 8.97
CA ASN E 695 28.40 42.95 8.14
C ASN E 695 27.07 42.39 7.69
N VAL E 696 26.86 42.42 6.39
CA VAL E 696 25.65 41.90 5.80
C VAL E 696 25.91 40.51 5.25
N LEU E 697 25.31 39.49 5.88
CA LEU E 697 25.50 38.12 5.44
C LEU E 697 25.23 37.99 3.94
N GLY E 698 24.13 38.58 3.49
CA GLY E 698 23.81 38.54 2.08
C GLY E 698 23.27 37.19 1.66
N HIS E 699 22.78 37.13 0.44
CA HIS E 699 22.20 35.92 -0.12
C HIS E 699 23.19 35.01 -0.82
N MET E 700 24.49 35.21 -0.60
CA MET E 700 25.50 34.34 -1.21
C MET E 700 25.58 33.04 -0.40
N GLN E 701 25.22 33.15 0.88
CA GLN E 701 25.22 32.01 1.80
C GLN E 701 23.77 31.58 1.99
N GLN E 702 23.21 31.12 0.87
CA GLN E 702 21.83 30.63 0.76
C GLN E 702 21.89 29.43 -0.20
N GLY E 703 23.06 29.24 -0.81
CA GLY E 703 23.25 28.15 -1.76
C GLY E 703 24.38 27.20 -1.41
N GLY E 704 24.86 27.26 -0.17
CA GLY E 704 25.92 26.35 0.24
C GLY E 704 25.32 24.97 0.45
N ALA E 705 26.14 24.01 0.88
CA ALA E 705 25.64 22.66 1.10
C ALA E 705 24.65 22.66 2.25
N PRO E 706 23.55 21.90 2.13
CA PRO E 706 22.54 21.84 3.20
C PRO E 706 23.05 21.13 4.43
N SER E 707 22.61 21.56 5.60
CA SER E 707 23.05 20.95 6.83
C SER E 707 22.39 19.60 6.96
N PRO E 708 22.96 18.70 7.78
CA PRO E 708 22.39 17.36 7.96
C PRO E 708 20.89 17.46 8.26
N PHE E 709 20.53 18.29 9.21
CA PHE E 709 19.14 18.45 9.57
C PHE E 709 18.25 18.70 8.34
N ASP E 710 18.68 19.56 7.42
CA ASP E 710 17.86 19.85 6.23
C ASP E 710 17.84 18.74 5.19
N ARG E 711 18.95 18.07 4.95
CA ARG E 711 18.92 17.00 3.97
C ARG E 711 17.97 15.92 4.43
N ASN E 712 17.83 15.78 5.75
CA ASN E 712 16.92 14.78 6.30
C ASN E 712 15.50 15.31 6.35
N PHE E 713 15.35 16.59 6.67
CA PHE E 713 14.02 17.20 6.72
C PHE E 713 13.43 17.09 5.32
N GLY E 714 14.18 17.56 4.32
CA GLY E 714 13.74 17.51 2.94
C GLY E 714 13.39 16.08 2.51
N THR E 715 14.25 15.14 2.88
CA THR E 715 14.00 13.75 2.52
C THR E 715 12.70 13.24 3.13
N LYS E 716 12.53 13.48 4.42
CA LYS E 716 11.36 13.04 5.17
C LYS E 716 9.98 13.61 4.78
N ILE E 717 9.84 14.93 4.61
CA ILE E 717 8.51 15.46 4.26
C ILE E 717 8.14 15.16 2.83
N SER E 718 9.13 15.26 1.94
CA SER E 718 8.87 14.99 0.54
C SER E 718 8.32 13.58 0.39
N ALA E 719 8.82 12.66 1.21
CA ALA E 719 8.35 11.29 1.15
C ALA E 719 6.92 11.20 1.65
N ARG E 720 6.62 11.85 2.78
CA ARG E 720 5.27 11.80 3.31
C ARG E 720 4.30 12.47 2.34
N ALA E 721 4.77 13.51 1.67
CA ALA E 721 3.95 14.21 0.72
C ALA E 721 3.60 13.30 -0.46
N MET E 722 4.59 12.59 -0.97
CA MET E 722 4.36 11.70 -2.11
C MET E 722 3.36 10.62 -1.73
N GLU E 723 3.54 10.10 -0.52
CA GLU E 723 2.68 9.06 0.02
C GLU E 723 1.24 9.52 -0.05
N TRP E 724 1.03 10.82 0.23
CA TRP E 724 -0.29 11.44 0.21
C TRP E 724 -0.82 11.44 -1.21
N ILE E 725 0.01 11.87 -2.14
CA ILE E 725 -0.37 11.93 -3.54
C ILE E 725 -0.77 10.54 -3.99
N THR E 726 0.08 9.57 -3.68
CA THR E 726 -0.20 8.19 -4.05
C THR E 726 -1.60 7.79 -3.59
N ALA E 727 -1.89 7.98 -2.31
CA ALA E 727 -3.18 7.64 -1.74
C ALA E 727 -4.34 8.42 -2.37
N LYS E 728 -4.13 9.71 -2.66
CA LYS E 728 -5.17 10.51 -3.26
C LYS E 728 -5.55 9.98 -4.64
N LEU E 729 -4.56 9.54 -5.40
CA LEU E 729 -4.80 9.00 -6.72
C LEU E 729 -5.45 7.64 -6.63
N LYS E 730 -4.99 6.82 -5.68
CA LYS E 730 -5.52 5.47 -5.49
C LYS E 730 -7.00 5.45 -5.19
N GLU E 731 -7.47 6.43 -4.43
CA GLU E 731 -8.88 6.50 -4.07
C GLU E 731 -9.72 6.87 -5.30
N ALA E 732 -9.24 7.84 -6.06
CA ALA E 732 -9.95 8.28 -7.24
C ALA E 732 -9.77 7.37 -8.43
N ARG E 733 -9.15 6.21 -8.24
CA ARG E 733 -8.90 5.31 -9.36
C ARG E 733 -10.10 5.27 -10.32
N GLY E 734 -11.23 4.78 -9.84
CA GLY E 734 -12.41 4.71 -10.68
C GLY E 734 -13.03 6.05 -11.06
N ARG E 735 -13.52 6.78 -10.06
CA ARG E 735 -14.15 8.09 -10.24
C ARG E 735 -13.56 8.96 -11.36
N LYS E 738 -13.43 13.71 -10.58
CA LYS E 738 -12.17 14.48 -10.50
C LYS E 738 -11.71 14.82 -9.08
N PHE E 739 -10.98 15.93 -9.00
CA PHE E 739 -10.45 16.49 -7.74
C PHE E 739 -10.77 17.97 -7.79
N THR E 740 -11.89 18.35 -7.22
CA THR E 740 -12.33 19.73 -7.27
C THR E 740 -12.52 20.32 -5.90
N THR E 741 -12.28 19.48 -4.91
CA THR E 741 -12.42 19.85 -3.50
C THR E 741 -11.39 20.86 -3.02
N ASP E 742 -11.26 20.98 -1.70
CA ASP E 742 -10.34 21.89 -1.06
C ASP E 742 -9.25 21.16 -0.29
N ASP E 743 -9.50 19.92 0.11
CA ASP E 743 -8.47 19.17 0.84
C ASP E 743 -7.60 18.44 -0.17
N SER E 744 -7.70 18.88 -1.41
CA SER E 744 -6.94 18.33 -2.52
C SER E 744 -5.89 19.36 -2.99
N ILE E 745 -5.55 20.27 -2.08
CA ILE E 745 -4.57 21.31 -2.32
C ILE E 745 -4.18 21.75 -0.93
N CYS E 746 -3.14 21.10 -0.43
CA CYS E 746 -2.62 21.35 0.92
C CYS E 746 -1.17 21.80 1.00
N VAL E 747 -0.72 21.92 2.24
CA VAL E 747 0.61 22.34 2.59
C VAL E 747 0.98 21.38 3.69
N LEU E 748 1.99 20.55 3.46
CA LEU E 748 2.41 19.59 4.47
C LEU E 748 3.44 20.25 5.34
N GLY E 749 3.03 20.64 6.55
CA GLY E 749 3.95 21.29 7.45
C GLY E 749 3.95 20.73 8.85
N ILE E 750 4.80 21.30 9.68
CA ILE E 750 4.88 20.89 11.06
C ILE E 750 3.92 21.78 11.80
N SER E 751 2.89 21.18 12.37
CA SER E 751 1.91 21.95 13.12
C SER E 751 1.93 21.53 14.59
N LYS E 752 0.77 21.40 15.20
CA LYS E 752 0.65 21.02 16.61
C LYS E 752 1.87 20.23 17.09
N ARG E 753 1.91 18.94 16.79
CA ARG E 753 3.05 18.14 17.20
C ARG E 753 3.21 17.10 16.13
N ASN E 754 2.52 17.35 15.02
CA ASN E 754 2.56 16.43 13.90
C ASN E 754 2.75 17.14 12.59
N VAL E 755 3.05 16.34 11.57
CA VAL E 755 3.23 16.84 10.23
C VAL E 755 1.85 16.57 9.66
N ILE E 756 1.04 17.61 9.56
CA ILE E 756 -0.30 17.43 9.05
C ILE E 756 -0.54 18.21 7.76
N PHE E 757 -1.40 17.68 6.89
CA PHE E 757 -1.75 18.34 5.64
C PHE E 757 -2.87 19.34 5.92
N GLN E 758 -2.65 20.60 5.55
CA GLN E 758 -3.65 21.63 5.77
C GLN E 758 -4.04 22.29 4.46
N PRO E 759 -5.34 22.26 4.10
CA PRO E 759 -5.79 22.88 2.85
C PRO E 759 -5.49 24.38 2.77
N VAL E 760 -4.79 24.77 1.71
CA VAL E 760 -4.38 26.14 1.50
C VAL E 760 -5.47 27.14 1.82
N ALA E 761 -6.70 26.73 1.55
CA ALA E 761 -7.85 27.59 1.77
C ALA E 761 -8.04 28.03 3.21
N GLU E 762 -7.83 27.13 4.17
CA GLU E 762 -8.02 27.50 5.56
C GLU E 762 -6.79 28.13 6.20
N LEU E 763 -5.74 28.31 5.41
CA LEU E 763 -4.53 28.93 5.93
C LEU E 763 -4.55 30.43 5.70
N LYS E 764 -5.38 30.86 4.74
CA LYS E 764 -5.50 32.29 4.43
C LYS E 764 -5.87 33.09 5.66
N LYS E 765 -6.80 32.53 6.43
CA LYS E 765 -7.27 33.16 7.65
C LYS E 765 -6.13 33.61 8.58
N GLN E 766 -5.16 32.73 8.76
CA GLN E 766 -4.03 32.96 9.65
C GLN E 766 -2.74 33.46 9.00
N THR E 767 -2.84 34.17 7.89
CA THR E 767 -1.65 34.65 7.23
C THR E 767 -1.79 36.11 6.81
N ASP E 768 -0.72 36.89 7.00
CA ASP E 768 -0.67 38.30 6.61
C ASP E 768 0.00 38.39 5.25
N PHE E 769 -0.80 38.53 4.20
CA PHE E 769 -0.25 38.58 2.85
C PHE E 769 0.52 39.83 2.46
N GLU E 770 0.48 40.84 3.33
CA GLU E 770 1.19 42.08 3.03
C GLU E 770 2.70 41.93 3.26
N HIS E 771 3.05 41.23 4.32
CA HIS E 771 4.47 41.04 4.66
C HIS E 771 4.88 39.59 4.46
N ARG E 772 3.96 38.79 3.97
CA ARG E 772 4.20 37.38 3.69
C ARG E 772 4.80 36.61 4.86
N ILE E 773 4.10 36.68 6.00
CA ILE E 773 4.52 35.96 7.20
C ILE E 773 3.25 35.54 7.89
N PRO E 774 3.27 34.40 8.59
CA PRO E 774 2.06 33.92 9.29
C PRO E 774 1.68 34.90 10.38
N LYS E 775 0.38 35.00 10.66
CA LYS E 775 -0.10 35.93 11.68
C LYS E 775 0.37 35.56 13.08
N GLU E 776 0.48 34.27 13.34
CA GLU E 776 0.92 33.81 14.65
C GLU E 776 2.22 33.04 14.48
N GLN E 777 3.33 33.62 14.93
CA GLN E 777 4.62 32.96 14.81
C GLN E 777 5.05 32.37 16.14
N TRP E 778 5.03 31.04 16.20
CA TRP E 778 5.37 30.33 17.42
C TRP E 778 6.66 30.73 18.11
N TRP E 779 7.74 30.86 17.34
CA TRP E 779 9.04 31.21 17.92
C TRP E 779 9.07 32.54 18.69
N LEU E 780 8.10 33.40 18.45
CA LEU E 780 8.06 34.68 19.15
C LEU E 780 7.97 34.50 20.66
N LYS E 781 7.43 33.38 21.10
CA LYS E 781 7.29 33.11 22.53
C LYS E 781 8.66 32.94 23.15
N LEU E 782 9.66 32.72 22.31
CA LEU E 782 11.03 32.52 22.74
C LEU E 782 11.82 33.81 22.83
N ARG E 783 11.32 34.85 22.16
CA ARG E 783 12.00 36.13 22.16
C ARG E 783 12.37 36.65 23.56
N PRO E 784 11.42 36.62 24.51
CA PRO E 784 11.74 37.11 25.86
C PRO E 784 12.82 36.30 26.54
N LEU E 785 13.07 35.10 26.03
CA LEU E 785 14.10 34.24 26.60
C LEU E 785 15.44 34.84 26.16
N MET E 786 15.62 34.97 24.86
CA MET E 786 16.86 35.52 24.30
C MET E 786 17.24 36.80 25.02
N LYS E 787 16.25 37.59 25.38
CA LYS E 787 16.49 38.86 26.07
C LYS E 787 17.02 38.70 27.48
N ILE E 788 16.29 37.98 28.33
CA ILE E 788 16.74 37.83 29.71
C ILE E 788 18.10 37.18 29.79
N LEU E 789 18.48 36.45 28.75
CA LEU E 789 19.80 35.83 28.76
C LEU E 789 20.85 36.87 28.43
N ALA E 790 20.44 37.99 27.86
CA ALA E 790 21.35 39.07 27.51
C ALA E 790 21.40 40.09 28.64
N LYS E 791 20.76 39.76 29.74
CA LYS E 791 20.68 40.58 30.94
C LYS E 791 19.64 41.69 30.84
N TYR E 792 18.57 41.45 30.10
CA TYR E 792 17.49 42.43 29.99
C TYR E 792 16.36 41.95 30.90
N LYS E 793 15.42 42.84 31.17
CA LYS E 793 14.28 42.50 31.99
C LYS E 793 13.10 42.50 31.05
N ALA E 794 12.70 41.31 30.61
CA ALA E 794 11.59 41.16 29.68
C ALA E 794 10.52 40.21 30.23
N SER E 795 9.26 40.51 29.92
CA SER E 795 8.17 39.67 30.36
C SER E 795 8.23 38.37 29.57
N TYR E 796 8.20 37.26 30.29
CA TYR E 796 8.31 35.97 29.64
C TYR E 796 7.05 35.13 29.83
N ASP E 797 6.20 35.10 28.82
CA ASP E 797 4.98 34.30 28.88
C ASP E 797 5.43 32.84 28.81
N VAL E 798 5.49 32.19 29.95
CA VAL E 798 5.93 30.81 29.98
C VAL E 798 4.75 29.84 30.12
N SER E 799 3.64 30.18 29.47
CA SER E 799 2.44 29.35 29.52
C SER E 799 2.61 28.07 28.74
N ASP E 800 3.30 28.16 27.62
CA ASP E 800 3.55 26.98 26.77
C ASP E 800 4.59 26.04 27.34
N SER E 801 5.04 26.31 28.58
CA SER E 801 6.04 25.48 29.22
C SER E 801 5.58 24.03 29.21
N GLY E 802 6.47 23.13 29.61
CA GLY E 802 6.13 21.72 29.63
C GLY E 802 5.36 21.31 30.86
N GLN E 803 4.75 20.13 30.79
CA GLN E 803 3.98 19.58 31.90
C GLN E 803 4.10 18.07 31.88
N LEU E 804 3.98 17.45 33.04
CA LEU E 804 4.07 16.01 33.15
C LEU E 804 3.11 15.29 32.19
N GLU E 805 3.69 14.53 31.27
CA GLU E 805 2.92 13.75 30.29
C GLU E 805 3.42 12.31 30.38
N HIS E 806 2.58 11.37 29.94
CA HIS E 806 2.96 9.96 29.96
C HIS E 806 3.59 9.58 28.61
N VAL E 807 4.77 8.95 28.66
CA VAL E 807 5.47 8.53 27.45
C VAL E 807 4.82 7.28 26.86
N GLN E 808 4.20 7.41 25.68
CA GLN E 808 3.49 6.28 25.02
C GLN E 808 4.24 5.41 24.02
N LYS F 43 62.25 34.56 -25.15
CA LYS F 43 61.67 33.18 -25.36
C LYS F 43 60.18 33.08 -24.99
N PHE F 44 59.31 33.55 -25.90
CA PHE F 44 57.85 33.49 -25.69
C PHE F 44 57.35 32.06 -25.95
N LEU F 45 56.25 31.68 -25.29
CA LEU F 45 55.66 30.34 -25.40
C LEU F 45 54.98 29.94 -26.71
N GLU F 46 54.12 30.81 -27.26
CA GLU F 46 53.43 30.47 -28.50
C GLU F 46 54.39 30.30 -29.69
N HIS F 47 55.68 30.33 -29.41
CA HIS F 47 56.70 30.14 -30.44
C HIS F 47 56.94 28.65 -30.61
N LEU F 48 57.29 27.98 -29.51
CA LEU F 48 57.57 26.56 -29.52
C LEU F 48 56.34 25.72 -29.85
N SER F 49 56.04 25.59 -31.15
CA SER F 49 54.89 24.79 -31.55
C SER F 49 55.23 23.32 -31.36
N GLY F 50 54.48 22.67 -30.49
CA GLY F 50 54.68 21.25 -30.25
C GLY F 50 53.77 20.49 -31.21
N ALA F 51 53.39 21.17 -32.28
CA ALA F 51 52.53 20.58 -33.30
C ALA F 51 53.13 19.29 -33.82
N GLY F 52 52.32 18.25 -33.88
CA GLY F 52 52.83 16.98 -34.37
C GLY F 52 53.22 16.06 -33.25
N LYS F 53 53.48 16.59 -32.07
CA LYS F 53 53.85 15.74 -30.94
C LYS F 53 52.60 15.25 -30.20
N ALA F 54 52.72 14.11 -29.54
CA ALA F 54 51.60 13.53 -28.80
C ALA F 54 52.02 13.29 -27.36
N ILE F 55 51.35 13.96 -26.42
CA ILE F 55 51.67 13.82 -25.01
C ILE F 55 50.69 12.96 -24.25
N GLY F 56 51.23 12.10 -23.39
CA GLY F 56 50.40 11.24 -22.58
C GLY F 56 50.58 11.63 -21.14
N VAL F 57 49.49 11.80 -20.41
CA VAL F 57 49.57 12.17 -19.00
C VAL F 57 48.82 11.15 -18.17
N LEU F 58 49.37 10.81 -17.01
CA LEU F 58 48.75 9.83 -16.13
C LEU F 58 49.06 10.17 -14.68
N THR F 59 48.20 9.75 -13.78
CA THR F 59 48.39 10.00 -12.34
C THR F 59 48.55 8.66 -11.66
N SER F 60 49.67 8.46 -10.99
CA SER F 60 49.94 7.19 -10.33
C SER F 60 50.15 7.29 -8.82
N GLY F 61 50.05 6.15 -8.15
CA GLY F 61 50.23 6.10 -6.71
C GLY F 61 48.96 6.51 -6.00
N GLY F 62 49.09 6.93 -4.76
CA GLY F 62 47.93 7.37 -4.01
C GLY F 62 47.51 8.72 -4.57
N ASP F 63 46.21 9.03 -4.48
CA ASP F 63 45.72 10.32 -5.00
C ASP F 63 46.11 11.44 -4.05
N ALA F 64 46.25 12.64 -4.60
CA ALA F 64 46.63 13.79 -3.81
C ALA F 64 45.97 15.05 -4.35
N GLN F 65 45.31 15.80 -3.47
CA GLN F 65 44.63 17.02 -3.87
C GLN F 65 45.52 17.92 -4.72
N GLY F 66 45.05 18.27 -5.91
CA GLY F 66 45.84 19.10 -6.77
C GLY F 66 46.19 18.39 -8.05
N MET F 67 45.96 17.08 -8.09
CA MET F 67 46.27 16.31 -9.30
C MET F 67 45.43 16.78 -10.48
N ASN F 68 44.15 17.03 -10.26
CA ASN F 68 43.30 17.50 -11.36
C ASN F 68 43.81 18.85 -11.86
N ALA F 69 44.15 19.74 -10.93
CA ALA F 69 44.65 21.06 -11.30
C ALA F 69 45.83 20.86 -12.23
N ALA F 70 46.61 19.82 -11.93
CA ALA F 70 47.80 19.49 -12.70
C ALA F 70 47.48 19.01 -14.11
N VAL F 71 46.64 17.99 -14.24
CA VAL F 71 46.32 17.50 -15.58
C VAL F 71 45.57 18.57 -16.35
N ARG F 72 44.77 19.36 -15.67
CA ARG F 72 44.04 20.44 -16.33
C ARG F 72 45.05 21.34 -17.04
N ALA F 73 46.11 21.66 -16.32
CA ALA F 73 47.17 22.52 -16.84
C ALA F 73 47.88 21.83 -17.98
N VAL F 74 48.32 20.61 -17.78
CA VAL F 74 49.02 19.86 -18.82
C VAL F 74 48.16 19.75 -20.10
N VAL F 75 46.96 19.19 -19.98
CA VAL F 75 46.06 19.06 -21.11
C VAL F 75 45.98 20.37 -21.87
N ARG F 76 45.48 21.41 -21.22
CA ARG F 76 45.33 22.69 -21.88
C ARG F 76 46.61 23.31 -22.41
N MET F 77 47.68 23.28 -21.63
CA MET F 77 48.95 23.86 -22.11
C MET F 77 49.41 23.12 -23.37
N GLY F 78 49.24 21.80 -23.39
CA GLY F 78 49.64 21.03 -24.54
C GLY F 78 48.81 21.46 -25.73
N ILE F 79 47.50 21.30 -25.60
CA ILE F 79 46.56 21.66 -26.66
C ILE F 79 46.82 23.06 -27.20
N TYR F 80 47.23 23.95 -26.32
CA TYR F 80 47.51 25.33 -26.71
C TYR F 80 48.73 25.45 -27.59
N VAL F 81 49.82 24.77 -27.24
CA VAL F 81 51.04 24.85 -28.03
C VAL F 81 50.94 24.02 -29.30
N GLY F 82 49.73 23.52 -29.57
CA GLY F 82 49.52 22.74 -30.78
C GLY F 82 49.76 21.24 -30.68
N ALA F 83 50.13 20.74 -29.50
CA ALA F 83 50.35 19.33 -29.33
C ALA F 83 48.99 18.66 -29.19
N LYS F 84 49.00 17.34 -29.05
CA LYS F 84 47.77 16.60 -28.88
C LYS F 84 47.99 15.78 -27.64
N VAL F 85 47.20 16.01 -26.59
CA VAL F 85 47.40 15.26 -25.36
C VAL F 85 46.39 14.13 -25.13
N TYR F 86 46.88 13.03 -24.54
CA TYR F 86 46.08 11.85 -24.25
C TYR F 86 46.04 11.51 -22.77
N PHE F 87 44.87 11.08 -22.31
CA PHE F 87 44.65 10.66 -20.93
C PHE F 87 45.09 9.22 -20.79
N ILE F 88 45.58 8.83 -19.62
CA ILE F 88 45.96 7.45 -19.40
C ILE F 88 45.43 7.07 -18.02
N TYR F 89 44.21 6.58 -18.02
CA TYR F 89 43.52 6.20 -16.80
C TYR F 89 44.21 5.14 -15.95
N GLU F 90 43.97 5.24 -14.66
CA GLU F 90 44.51 4.31 -13.68
C GLU F 90 46.03 4.23 -13.59
N GLY F 91 46.71 5.34 -13.85
CA GLY F 91 48.16 5.34 -13.76
C GLY F 91 48.77 4.31 -14.67
N TYR F 92 49.82 3.63 -14.22
CA TYR F 92 50.48 2.62 -15.05
C TYR F 92 49.59 1.45 -15.46
N GLN F 93 48.65 1.06 -14.60
CA GLN F 93 47.73 -0.02 -14.91
C GLN F 93 47.12 0.24 -16.26
N GLY F 94 46.46 1.38 -16.39
CA GLY F 94 45.83 1.73 -17.64
C GLY F 94 46.78 1.74 -18.81
N MET F 95 48.06 1.98 -18.58
CA MET F 95 49.02 1.99 -19.69
C MET F 95 49.33 0.57 -20.14
N VAL F 96 49.44 -0.34 -19.18
CA VAL F 96 49.70 -1.74 -19.46
C VAL F 96 48.49 -2.28 -20.22
N ASP F 97 47.31 -2.13 -19.62
CA ASP F 97 46.05 -2.58 -20.20
C ASP F 97 45.82 -1.99 -21.58
N GLY F 98 46.10 -0.71 -21.74
CA GLY F 98 45.90 -0.06 -23.02
C GLY F 98 44.46 -0.08 -23.48
N GLY F 99 44.25 0.16 -24.77
CA GLY F 99 42.90 0.16 -25.29
C GLY F 99 42.18 1.43 -24.94
N SER F 100 40.98 1.30 -24.38
CA SER F 100 40.19 2.46 -24.01
C SER F 100 40.74 3.18 -22.78
N ASN F 101 41.73 2.57 -22.15
CA ASN F 101 42.37 3.17 -20.99
C ASN F 101 43.20 4.36 -21.43
N ILE F 102 43.23 4.60 -22.73
CA ILE F 102 43.99 5.72 -23.30
C ILE F 102 43.09 6.44 -24.29
N ALA F 103 42.65 7.65 -23.94
CA ALA F 103 41.78 8.42 -24.80
C ALA F 103 42.34 9.81 -24.99
N GLU F 104 42.04 10.41 -26.13
CA GLU F 104 42.54 11.76 -26.39
C GLU F 104 41.71 12.70 -25.54
N ALA F 105 42.34 13.77 -25.06
CA ALA F 105 41.65 14.74 -24.23
C ALA F 105 41.55 16.05 -24.97
N ASP F 106 40.40 16.72 -24.85
CA ASP F 106 40.20 18.02 -25.49
C ASP F 106 40.06 19.08 -24.42
N TRP F 107 39.96 20.34 -24.83
CA TRP F 107 39.87 21.45 -23.89
C TRP F 107 38.82 21.29 -22.80
N GLU F 108 37.69 20.68 -23.12
CA GLU F 108 36.63 20.52 -22.15
C GLU F 108 36.79 19.33 -21.21
N SER F 109 37.69 18.43 -21.54
CA SER F 109 37.93 17.24 -20.73
C SER F 109 38.26 17.64 -19.30
N VAL F 110 39.19 18.58 -19.17
CA VAL F 110 39.63 19.06 -17.87
C VAL F 110 38.87 20.29 -17.40
N SER F 111 37.67 20.48 -17.91
CA SER F 111 36.86 21.63 -17.53
C SER F 111 36.23 21.48 -16.15
N SER F 112 36.46 22.48 -15.30
CA SER F 112 35.89 22.49 -13.96
C SER F 112 36.28 21.30 -13.07
N ILE F 113 37.57 21.07 -12.91
CA ILE F 113 38.06 19.98 -12.06
C ILE F 113 39.10 20.58 -11.15
N LEU F 114 39.30 21.88 -11.29
CA LEU F 114 40.30 22.60 -10.51
C LEU F 114 40.07 22.44 -9.00
N GLN F 115 38.83 22.67 -8.58
CA GLN F 115 38.46 22.56 -7.17
C GLN F 115 38.13 21.14 -6.73
N VAL F 116 38.59 20.16 -7.48
CA VAL F 116 38.31 18.77 -7.16
C VAL F 116 39.47 17.93 -6.63
N GLY F 117 39.25 17.27 -5.51
CA GLY F 117 40.29 16.43 -4.93
C GLY F 117 40.47 15.17 -5.74
N GLY F 118 41.47 14.37 -5.39
CA GLY F 118 41.69 13.15 -6.14
C GLY F 118 42.07 13.44 -7.58
N THR F 119 41.71 12.51 -8.46
CA THR F 119 42.02 12.60 -9.89
C THR F 119 40.97 11.99 -10.79
N ILE F 120 40.46 12.76 -11.74
CA ILE F 120 39.43 12.27 -12.67
C ILE F 120 39.97 11.21 -13.62
N ILE F 121 41.31 11.15 -13.70
CA ILE F 121 42.02 10.19 -14.53
C ILE F 121 42.12 8.88 -13.76
N GLY F 122 42.10 9.00 -12.44
CA GLY F 122 42.20 7.83 -11.59
C GLY F 122 43.64 7.51 -11.39
N SER F 123 43.97 7.02 -10.20
CA SER F 123 45.34 6.66 -9.87
C SER F 123 45.32 5.38 -9.06
N ALA F 124 46.20 4.46 -9.39
CA ALA F 124 46.24 3.21 -8.67
C ALA F 124 47.64 2.66 -8.67
N ARG F 125 47.78 1.46 -8.13
CA ARG F 125 49.05 0.77 -8.08
C ARG F 125 48.99 -0.32 -9.13
N CYS F 126 50.02 -0.38 -9.96
CA CYS F 126 50.08 -1.37 -11.01
C CYS F 126 51.18 -2.37 -10.70
N GLN F 127 50.80 -3.61 -10.40
CA GLN F 127 51.80 -4.59 -10.08
C GLN F 127 52.46 -5.07 -11.35
N ALA F 128 51.69 -5.12 -12.42
CA ALA F 128 52.17 -5.57 -13.70
C ALA F 128 53.36 -4.75 -14.17
N PHE F 129 53.37 -3.46 -13.85
CA PHE F 129 54.47 -2.58 -14.27
C PHE F 129 55.77 -2.84 -13.51
N ARG F 130 55.68 -3.57 -12.40
CA ARG F 130 56.87 -3.89 -11.62
C ARG F 130 57.72 -4.90 -12.42
N THR F 131 57.04 -5.65 -13.28
CA THR F 131 57.65 -6.69 -14.10
C THR F 131 58.10 -6.25 -15.49
N ARG F 132 58.94 -7.07 -16.11
CA ARG F 132 59.44 -6.80 -17.44
C ARG F 132 58.32 -6.99 -18.47
N GLU F 133 57.38 -7.89 -18.20
CA GLU F 133 56.26 -8.15 -19.10
C GLU F 133 55.32 -6.97 -19.14
N GLY F 134 55.12 -6.35 -17.99
CA GLY F 134 54.25 -5.19 -17.92
C GLY F 134 54.82 -4.07 -18.74
N ARG F 135 56.07 -3.71 -18.45
CA ARG F 135 56.74 -2.62 -19.17
C ARG F 135 56.65 -2.82 -20.68
N LEU F 136 56.76 -4.07 -21.13
CA LEU F 136 56.69 -4.38 -22.55
C LEU F 136 55.29 -4.13 -23.11
N LYS F 137 54.29 -4.71 -22.43
CA LYS F 137 52.92 -4.55 -22.85
C LYS F 137 52.57 -3.07 -22.92
N ALA F 138 53.07 -2.29 -21.95
CA ALA F 138 52.82 -0.86 -21.91
C ALA F 138 53.46 -0.13 -23.07
N ALA F 139 54.76 -0.32 -23.24
CA ALA F 139 55.49 0.32 -24.34
C ALA F 139 54.82 0.04 -25.68
N CYS F 140 54.13 -1.09 -25.76
CA CYS F 140 53.45 -1.47 -26.98
C CYS F 140 52.25 -0.57 -27.21
N ASN F 141 51.38 -0.47 -26.21
CA ASN F 141 50.18 0.36 -26.31
C ASN F 141 50.54 1.81 -26.55
N LEU F 142 51.64 2.25 -25.96
CA LEU F 142 52.08 3.62 -26.14
C LEU F 142 52.46 3.84 -27.60
N LEU F 143 53.22 2.90 -28.12
CA LEU F 143 53.68 2.96 -29.51
C LEU F 143 52.50 2.82 -30.45
N GLN F 144 51.55 1.99 -30.06
CA GLN F 144 50.37 1.77 -30.86
C GLN F 144 49.56 3.04 -31.03
N ARG F 145 49.82 4.02 -30.17
CA ARG F 145 49.08 5.29 -30.22
C ARG F 145 49.96 6.49 -30.61
N GLY F 146 51.23 6.24 -30.90
CA GLY F 146 52.12 7.31 -31.29
C GLY F 146 52.56 8.25 -30.17
N ILE F 147 52.46 7.78 -28.93
CA ILE F 147 52.82 8.58 -27.78
C ILE F 147 54.25 8.33 -27.33
N THR F 148 55.13 9.29 -27.58
CA THR F 148 56.53 9.16 -27.19
C THR F 148 56.92 10.21 -26.13
N ASN F 149 55.96 11.07 -25.80
CA ASN F 149 56.16 12.12 -24.81
C ASN F 149 55.26 11.79 -23.62
N LEU F 150 55.89 11.56 -22.46
CA LEU F 150 55.16 11.16 -21.26
C LEU F 150 55.26 12.12 -20.07
N CYS F 151 54.14 12.31 -19.36
CA CYS F 151 54.11 13.17 -18.18
C CYS F 151 53.53 12.39 -17.03
N VAL F 152 54.38 11.97 -16.10
CA VAL F 152 53.93 11.18 -14.97
C VAL F 152 53.79 12.03 -13.74
N ILE F 153 52.58 12.01 -13.17
CA ILE F 153 52.26 12.76 -11.96
C ILE F 153 52.04 11.79 -10.81
N GLY F 154 53.02 11.68 -9.92
CA GLY F 154 52.90 10.76 -8.79
C GLY F 154 54.01 10.95 -7.77
N GLY F 155 54.18 9.98 -6.90
CA GLY F 155 55.20 10.08 -5.87
C GLY F 155 56.48 9.35 -6.18
N ASP F 156 57.33 9.25 -5.15
CA ASP F 156 58.64 8.58 -5.23
C ASP F 156 58.59 7.32 -6.08
N GLY F 157 57.61 6.47 -5.82
CA GLY F 157 57.46 5.23 -6.56
C GLY F 157 57.21 5.49 -8.03
N SER F 158 56.02 5.98 -8.34
CA SER F 158 55.66 6.26 -9.73
C SER F 158 56.83 6.83 -10.51
N LEU F 159 57.54 7.77 -9.89
CA LEU F 159 58.66 8.42 -10.54
C LEU F 159 59.88 7.54 -10.76
N THR F 160 60.28 6.74 -9.76
CA THR F 160 61.44 5.87 -9.95
C THR F 160 61.07 4.85 -11.02
N GLY F 161 59.84 4.36 -10.99
CA GLY F 161 59.39 3.41 -11.98
C GLY F 161 59.45 4.00 -13.38
N ALA F 162 59.14 5.28 -13.49
CA ALA F 162 59.16 5.99 -14.76
C ALA F 162 60.60 6.08 -15.24
N ASN F 163 61.49 6.41 -14.31
CA ASN F 163 62.91 6.51 -14.61
C ASN F 163 63.40 5.21 -15.25
N LEU F 164 63.11 4.10 -14.58
CA LEU F 164 63.49 2.78 -15.07
C LEU F 164 62.91 2.49 -16.45
N PHE F 165 61.65 2.87 -16.66
CA PHE F 165 60.98 2.65 -17.94
C PHE F 165 61.75 3.35 -19.05
N ARG F 166 62.36 4.49 -18.73
CA ARG F 166 63.13 5.24 -19.69
C ARG F 166 64.38 4.48 -20.09
N LYS F 167 65.04 3.85 -19.11
CA LYS F 167 66.25 3.08 -19.36
C LYS F 167 65.94 1.93 -20.30
N GLU F 168 65.00 1.10 -19.87
CA GLU F 168 64.61 -0.08 -20.65
C GLU F 168 63.93 0.24 -21.96
N TRP F 169 63.61 1.51 -22.21
CA TRP F 169 62.92 1.87 -23.44
C TRP F 169 63.51 1.22 -24.67
N SER F 170 64.71 1.63 -25.04
CA SER F 170 65.38 1.07 -26.22
C SER F 170 65.33 -0.44 -26.13
N GLY F 171 65.65 -0.97 -24.95
CA GLY F 171 65.64 -2.40 -24.76
C GLY F 171 64.29 -3.08 -24.97
N LEU F 172 63.21 -2.39 -24.64
CA LEU F 172 61.86 -2.93 -24.80
C LEU F 172 61.42 -2.94 -26.26
N LEU F 173 61.86 -1.94 -27.01
CA LEU F 173 61.50 -1.85 -28.41
C LEU F 173 62.20 -2.95 -29.20
N GLU F 174 63.33 -3.42 -28.70
CA GLU F 174 64.05 -4.51 -29.36
C GLU F 174 63.15 -5.74 -29.27
N GLU F 175 62.97 -6.19 -28.03
CA GLU F 175 62.16 -7.36 -27.73
C GLU F 175 60.79 -7.33 -28.40
N LEU F 176 60.26 -6.14 -28.66
CA LEU F 176 58.95 -6.03 -29.29
C LEU F 176 59.01 -6.20 -30.80
N ALA F 177 60.06 -5.68 -31.43
CA ALA F 177 60.23 -5.78 -32.87
C ALA F 177 60.67 -7.21 -33.18
N ARG F 178 61.42 -7.77 -32.26
CA ARG F 178 61.93 -9.12 -32.36
C ARG F 178 60.78 -10.12 -32.36
N ASN F 179 59.80 -9.92 -31.48
CA ASN F 179 58.65 -10.81 -31.40
C ASN F 179 57.54 -10.40 -32.34
N GLY F 180 57.90 -9.58 -33.32
CA GLY F 180 56.94 -9.12 -34.31
C GLY F 180 55.65 -8.49 -33.81
N GLN F 181 55.73 -7.72 -32.73
CA GLN F 181 54.54 -7.06 -32.20
C GLN F 181 54.54 -5.60 -32.62
N ILE F 182 55.67 -5.14 -33.12
CA ILE F 182 55.79 -3.77 -33.59
C ILE F 182 56.57 -3.77 -34.88
N ASP F 183 56.48 -2.66 -35.61
CA ASP F 183 57.15 -2.51 -36.89
C ASP F 183 58.67 -2.45 -36.71
N LYS F 184 59.41 -2.95 -37.70
CA LYS F 184 60.86 -2.95 -37.66
C LYS F 184 61.38 -1.53 -37.76
N GLU F 185 60.66 -0.69 -38.51
CA GLU F 185 61.07 0.69 -38.70
C GLU F 185 60.56 1.58 -37.58
N ALA F 186 59.46 1.17 -36.98
CA ALA F 186 58.88 1.93 -35.89
C ALA F 186 59.85 1.96 -34.71
N VAL F 187 60.77 1.01 -34.68
CA VAL F 187 61.75 0.94 -33.61
C VAL F 187 62.73 2.10 -33.69
N GLN F 188 62.70 2.81 -34.81
CA GLN F 188 63.57 3.97 -35.00
C GLN F 188 62.80 5.25 -34.75
N LYS F 189 61.60 5.34 -35.29
CA LYS F 189 60.77 6.53 -35.14
C LYS F 189 60.49 6.81 -33.67
N TYR F 190 59.81 5.87 -33.03
CA TYR F 190 59.49 6.00 -31.61
C TYR F 190 60.69 5.54 -30.78
N ALA F 191 61.87 6.04 -31.11
CA ALA F 191 63.07 5.65 -30.40
C ALA F 191 63.42 6.54 -29.22
N TYR F 192 62.91 7.78 -29.21
CA TYR F 192 63.20 8.70 -28.11
C TYR F 192 61.99 8.88 -27.21
N LEU F 193 62.18 8.60 -25.93
CA LEU F 193 61.11 8.71 -24.95
C LEU F 193 61.32 9.91 -24.07
N ASN F 194 60.49 10.94 -24.25
CA ASN F 194 60.58 12.14 -23.44
C ASN F 194 59.76 11.96 -22.19
N VAL F 195 60.42 11.84 -21.06
CA VAL F 195 59.73 11.68 -19.79
C VAL F 195 59.97 12.86 -18.87
N VAL F 196 58.90 13.29 -18.20
CA VAL F 196 58.97 14.41 -17.28
C VAL F 196 57.99 14.08 -16.17
N GLY F 197 58.38 14.35 -14.93
CA GLY F 197 57.51 14.04 -13.82
C GLY F 197 57.19 15.19 -12.89
N MET F 198 56.06 15.05 -12.20
CA MET F 198 55.57 16.02 -11.24
C MET F 198 55.36 15.26 -9.94
N VAL F 199 55.96 15.69 -8.85
CA VAL F 199 55.74 14.99 -7.61
C VAL F 199 54.36 15.33 -7.08
N GLY F 200 53.48 14.33 -7.09
CA GLY F 200 52.13 14.52 -6.61
C GLY F 200 51.75 13.43 -5.63
N SER F 201 52.14 13.65 -4.38
CA SER F 201 51.85 12.71 -3.31
C SER F 201 51.81 13.50 -2.02
N ILE F 202 50.97 13.09 -1.08
CA ILE F 202 50.89 13.81 0.19
C ILE F 202 52.05 13.43 1.12
N ASP F 203 52.90 12.49 0.71
CA ASP F 203 54.02 12.08 1.53
C ASP F 203 55.22 13.05 1.47
N ASN F 204 55.57 13.49 0.27
CA ASN F 204 56.70 14.39 0.05
C ASN F 204 57.99 13.61 0.26
N ASP F 205 57.90 12.31 -0.01
CA ASP F 205 59.01 11.36 0.13
C ASP F 205 60.10 11.42 -0.95
N PHE F 206 59.84 12.12 -2.05
CA PHE F 206 60.79 12.24 -3.16
C PHE F 206 61.77 13.39 -2.93
N CYS F 207 63.06 13.08 -2.80
CA CYS F 207 64.08 14.10 -2.58
C CYS F 207 64.29 14.97 -3.81
N GLY F 208 64.84 16.16 -3.58
CA GLY F 208 65.07 17.10 -4.65
C GLY F 208 63.94 18.11 -4.82
N THR F 209 62.88 17.95 -4.04
CA THR F 209 61.73 18.85 -4.11
C THR F 209 61.21 19.10 -2.69
N ASP F 210 61.18 20.37 -2.30
CA ASP F 210 60.72 20.77 -0.96
C ASP F 210 59.25 20.47 -0.79
N MET F 211 58.43 21.19 -1.55
CA MET F 211 56.99 20.99 -1.50
C MET F 211 56.49 20.30 -2.75
N THR F 212 55.61 19.33 -2.54
CA THR F 212 55.03 18.60 -3.63
C THR F 212 53.54 18.88 -3.58
N ILE F 213 52.84 18.51 -4.64
CA ILE F 213 51.40 18.75 -4.77
C ILE F 213 50.59 17.83 -3.89
N GLY F 214 49.79 18.42 -3.00
CA GLY F 214 48.95 17.63 -2.12
C GLY F 214 49.26 17.78 -0.65
N THR F 215 50.48 18.21 -0.33
CA THR F 215 50.84 18.35 1.07
C THR F 215 50.09 19.45 1.79
N ASP F 216 50.06 20.65 1.21
CA ASP F 216 49.35 21.73 1.88
C ASP F 216 47.91 21.32 2.14
N SER F 217 47.31 20.65 1.17
CA SER F 217 45.93 20.20 1.30
C SER F 217 45.77 19.21 2.43
N ALA F 218 46.70 18.25 2.52
CA ALA F 218 46.64 17.25 3.57
C ALA F 218 46.77 17.96 4.91
N LEU F 219 47.72 18.89 4.97
CA LEU F 219 47.92 19.66 6.19
C LEU F 219 46.61 20.34 6.61
N HIS F 220 45.87 20.88 5.65
CA HIS F 220 44.60 21.53 5.95
C HIS F 220 43.71 20.50 6.62
N ARG F 221 43.51 19.36 5.99
CA ARG F 221 42.68 18.31 6.56
C ARG F 221 43.10 17.98 8.01
N ILE F 222 44.40 17.86 8.24
CA ILE F 222 44.94 17.53 9.55
C ILE F 222 44.64 18.60 10.59
N ILE F 223 45.05 19.82 10.30
CA ILE F 223 44.82 20.94 11.21
C ILE F 223 43.34 21.20 11.47
N GLU F 224 42.48 20.87 10.50
CA GLU F 224 41.06 21.05 10.68
C GLU F 224 40.61 20.17 11.84
N VAL F 225 41.10 18.94 11.87
CA VAL F 225 40.77 18.02 12.95
C VAL F 225 41.27 18.54 14.30
N VAL F 226 42.55 18.91 14.35
CA VAL F 226 43.13 19.43 15.57
C VAL F 226 42.32 20.61 16.05
N ASP F 227 42.00 21.52 15.15
CA ASP F 227 41.23 22.70 15.51
C ASP F 227 39.87 22.32 16.11
N ALA F 228 39.28 21.27 15.56
CA ALA F 228 37.98 20.80 16.02
C ALA F 228 38.06 20.25 17.43
N ILE F 229 39.22 19.71 17.80
CA ILE F 229 39.41 19.16 19.14
C ILE F 229 39.74 20.27 20.14
N MET F 230 40.39 21.33 19.66
CA MET F 230 40.77 22.44 20.52
C MET F 230 39.63 23.37 20.93
N THR F 231 38.54 23.36 20.17
CA THR F 231 37.39 24.21 20.50
C THR F 231 36.50 23.47 21.51
N THR F 232 36.88 22.25 21.86
CA THR F 232 36.14 21.46 22.83
C THR F 232 36.73 21.72 24.21
N ALA F 233 35.88 22.06 25.18
CA ALA F 233 36.34 22.34 26.53
C ALA F 233 36.06 21.21 27.52
N GLN F 234 37.07 20.90 28.34
CA GLN F 234 36.97 19.87 29.36
C GLN F 234 37.65 20.43 30.59
N SER F 235 37.18 20.01 31.77
CA SER F 235 37.76 20.48 33.01
C SER F 235 39.06 19.75 33.36
N HIS F 236 39.07 18.44 33.14
CA HIS F 236 40.26 17.65 33.43
C HIS F 236 41.24 17.68 32.27
N GLN F 237 42.50 17.35 32.56
CA GLN F 237 43.56 17.32 31.56
C GLN F 237 43.26 16.29 30.47
N ARG F 238 43.53 16.67 29.23
CA ARG F 238 43.29 15.77 28.10
C ARG F 238 44.54 15.70 27.26
N THR F 239 44.74 14.54 26.63
CA THR F 239 45.89 14.33 25.74
C THR F 239 45.41 13.69 24.44
N PHE F 240 45.66 14.37 23.34
CA PHE F 240 45.23 13.90 22.04
C PHE F 240 46.38 13.37 21.21
N VAL F 241 46.29 12.09 20.85
CA VAL F 241 47.33 11.48 20.04
C VAL F 241 46.82 11.34 18.60
N LEU F 242 47.45 12.10 17.69
CA LEU F 242 47.06 12.09 16.30
C LEU F 242 48.12 11.49 15.39
N GLU F 243 47.73 10.48 14.62
CA GLU F 243 48.67 9.82 13.71
C GLU F 243 48.42 10.28 12.28
N VAL F 244 49.37 11.04 11.75
CA VAL F 244 49.25 11.54 10.39
C VAL F 244 49.96 10.59 9.46
N MET F 245 50.07 10.95 8.19
CA MET F 245 50.72 10.10 7.22
C MET F 245 52.20 10.32 7.03
N GLY F 246 52.74 9.66 6.02
CA GLY F 246 54.16 9.74 5.72
C GLY F 246 54.77 8.36 5.94
N ARG F 247 54.75 7.54 4.89
CA ARG F 247 55.30 6.18 4.96
C ARG F 247 56.55 6.16 5.82
N HIS F 248 57.65 6.66 5.24
CA HIS F 248 58.93 6.72 5.93
C HIS F 248 59.43 8.16 5.87
N CYS F 249 58.49 9.09 5.88
CA CYS F 249 58.79 10.51 5.83
C CYS F 249 58.02 11.23 6.94
N GLY F 250 58.74 11.95 7.77
CA GLY F 250 58.10 12.67 8.86
C GLY F 250 57.83 14.12 8.53
N TYR F 251 57.86 14.46 7.25
CA TYR F 251 57.60 15.84 6.88
C TYR F 251 56.23 16.28 7.36
N LEU F 252 55.20 15.54 6.93
CA LEU F 252 53.84 15.85 7.32
C LEU F 252 53.78 15.98 8.83
N ALA F 253 54.22 14.94 9.52
CA ALA F 253 54.21 14.95 10.97
C ALA F 253 54.85 16.21 11.56
N LEU F 254 55.99 16.59 11.01
CA LEU F 254 56.72 17.76 11.48
C LEU F 254 55.92 19.05 11.30
N VAL F 255 55.60 19.40 10.06
CA VAL F 255 54.86 20.64 9.81
C VAL F 255 53.54 20.66 10.55
N SER F 256 52.94 19.48 10.74
CA SER F 256 51.68 19.38 11.46
C SER F 256 51.93 19.81 12.91
N ALA F 257 53.06 19.36 13.43
CA ALA F 257 53.45 19.65 14.80
C ALA F 257 53.60 21.14 15.09
N LEU F 258 54.37 21.88 14.29
CA LEU F 258 54.52 23.30 14.58
C LEU F 258 53.43 24.15 13.96
N ALA F 259 52.37 23.47 13.54
CA ALA F 259 51.22 24.15 12.96
C ALA F 259 50.22 24.30 14.10
N CYS F 260 50.36 23.44 15.11
CA CYS F 260 49.47 23.47 16.27
C CYS F 260 50.24 23.40 17.59
N GLY F 261 51.54 23.70 17.54
CA GLY F 261 52.38 23.69 18.73
C GLY F 261 52.27 22.42 19.55
N ALA F 262 52.43 21.29 18.88
CA ALA F 262 52.34 20.00 19.55
C ALA F 262 53.34 19.93 20.70
N ASP F 263 53.06 19.02 21.64
CA ASP F 263 53.92 18.81 22.79
C ASP F 263 55.07 17.91 22.43
N TRP F 264 54.84 17.02 21.47
CA TRP F 264 55.86 16.06 21.09
C TRP F 264 55.61 15.50 19.71
N VAL F 265 56.69 15.16 18.99
CA VAL F 265 56.55 14.59 17.66
C VAL F 265 57.43 13.36 17.45
N PHE F 266 56.94 12.44 16.64
CA PHE F 266 57.68 11.24 16.33
C PHE F 266 57.96 11.21 14.83
N LEU F 267 59.23 11.33 14.49
CA LEU F 267 59.67 11.33 13.09
C LEU F 267 60.59 10.15 12.84
N PRO F 268 60.53 9.57 11.63
CA PRO F 268 61.39 8.44 11.28
C PRO F 268 62.83 8.89 11.06
N GLU F 269 63.03 10.19 10.87
CA GLU F 269 64.36 10.72 10.63
C GLU F 269 65.12 11.13 11.88
N SER F 270 64.41 11.48 12.95
CA SER F 270 65.07 11.87 14.21
C SER F 270 64.39 11.14 15.34
N PRO F 271 64.39 9.80 15.30
CA PRO F 271 63.76 8.99 16.35
C PRO F 271 64.11 9.46 17.76
N PRO F 272 63.24 9.13 18.72
CA PRO F 272 63.46 9.51 20.13
C PRO F 272 64.60 8.75 20.77
N GLU F 273 65.37 9.44 21.62
CA GLU F 273 66.50 8.82 22.29
C GLU F 273 66.05 7.84 23.35
N GLU F 274 66.78 6.73 23.47
CA GLU F 274 66.48 5.69 24.44
C GLU F 274 66.05 6.28 25.76
N GLY F 275 64.94 5.79 26.30
CA GLY F 275 64.45 6.29 27.57
C GLY F 275 63.51 7.48 27.38
N TRP F 276 62.92 7.57 26.19
CA TRP F 276 62.01 8.67 25.89
C TRP F 276 60.68 8.50 26.61
N GLU F 277 60.23 7.25 26.76
CA GLU F 277 58.96 6.98 27.42
C GLU F 277 58.73 7.85 28.64
N GLU F 278 59.72 7.88 29.53
CA GLU F 278 59.62 8.66 30.75
C GLU F 278 59.84 10.13 30.46
N GLN F 279 60.68 10.42 29.48
CA GLN F 279 60.96 11.79 29.11
C GLN F 279 59.72 12.50 28.61
N MET F 280 58.95 11.80 27.78
CA MET F 280 57.72 12.35 27.21
C MET F 280 56.69 12.64 28.30
N CYS F 281 56.42 11.62 29.13
CA CYS F 281 55.46 11.75 30.23
C CYS F 281 55.85 12.91 31.13
N VAL F 282 57.15 13.12 31.29
CA VAL F 282 57.66 14.20 32.12
C VAL F 282 57.34 15.54 31.47
N LYS F 283 57.51 15.63 30.14
CA LYS F 283 57.24 16.87 29.42
C LYS F 283 55.75 17.20 29.45
N LEU F 284 54.91 16.17 29.37
CA LEU F 284 53.46 16.36 29.39
C LEU F 284 52.97 16.95 30.71
N SER F 285 53.50 16.42 31.81
CA SER F 285 53.13 16.89 33.14
C SER F 285 53.63 18.32 33.38
N GLU F 286 54.78 18.64 32.78
CA GLU F 286 55.36 19.97 32.91
C GLU F 286 54.46 20.98 32.23
N ASN F 287 54.07 20.66 31.00
CA ASN F 287 53.20 21.52 30.21
C ASN F 287 51.86 21.64 30.93
N ARG F 288 51.43 20.52 31.50
CA ARG F 288 50.19 20.45 32.25
C ARG F 288 50.21 21.49 33.39
N ALA F 289 51.40 21.64 33.98
CA ALA F 289 51.62 22.57 35.08
C ALA F 289 51.70 24.03 34.62
N ARG F 290 51.91 24.23 33.33
CA ARG F 290 51.99 25.58 32.77
C ARG F 290 50.61 25.99 32.22
N LYS F 291 49.59 25.29 32.69
CA LYS F 291 48.20 25.52 32.32
C LYS F 291 47.76 25.05 30.93
N LYS F 292 48.61 24.31 30.23
CA LYS F 292 48.27 23.78 28.91
C LYS F 292 47.38 22.57 29.22
N ARG F 293 46.07 22.78 29.16
CA ARG F 293 45.12 21.72 29.49
C ARG F 293 44.78 20.68 28.42
N LEU F 294 45.48 20.76 27.28
CA LEU F 294 45.30 19.81 26.19
C LEU F 294 46.63 19.55 25.51
N ASN F 295 47.16 18.34 25.69
CA ASN F 295 48.42 17.98 25.07
C ASN F 295 48.12 17.38 23.71
N ILE F 296 49.00 17.61 22.75
CA ILE F 296 48.81 17.07 21.42
C ILE F 296 50.11 16.39 20.99
N ILE F 297 50.01 15.09 20.72
CA ILE F 297 51.17 14.30 20.29
C ILE F 297 50.98 13.93 18.82
N ILE F 298 51.87 14.41 17.94
CA ILE F 298 51.78 14.07 16.52
C ILE F 298 52.69 12.90 16.22
N VAL F 299 52.09 11.82 15.72
CA VAL F 299 52.81 10.59 15.41
C VAL F 299 52.80 10.26 13.92
N ALA F 300 53.98 10.13 13.33
CA ALA F 300 54.08 9.79 11.92
C ALA F 300 53.84 8.29 11.79
N GLU F 301 53.31 7.86 10.65
CA GLU F 301 53.04 6.44 10.43
C GLU F 301 54.31 5.62 10.67
N GLY F 302 55.39 6.03 10.02
CA GLY F 302 56.66 5.34 10.14
C GLY F 302 57.49 5.68 11.35
N ALA F 303 56.87 6.16 12.43
CA ALA F 303 57.59 6.52 13.66
C ALA F 303 58.35 5.31 14.21
N ILE F 304 59.62 5.51 14.51
CA ILE F 304 60.48 4.43 15.02
C ILE F 304 61.46 4.93 16.07
N ASP F 305 62.06 3.99 16.81
CA ASP F 305 63.04 4.36 17.83
C ASP F 305 64.46 4.21 17.27
N THR F 306 65.46 4.49 18.09
CA THR F 306 66.85 4.40 17.67
C THR F 306 67.28 3.03 17.13
N GLN F 307 66.32 2.11 17.01
CA GLN F 307 66.62 0.78 16.51
C GLN F 307 65.59 0.28 15.48
N ASN F 308 65.00 1.23 14.76
CA ASN F 308 64.02 0.92 13.73
C ASN F 308 62.78 0.15 14.19
N LYS F 309 62.58 0.07 15.51
CA LYS F 309 61.41 -0.61 16.03
C LYS F 309 60.22 0.33 15.94
N PRO F 310 59.11 -0.12 15.37
CA PRO F 310 57.90 0.69 15.23
C PRO F 310 57.36 1.23 16.57
N ILE F 311 57.04 2.53 16.60
CA ILE F 311 56.49 3.13 17.81
C ILE F 311 55.00 3.34 17.52
N THR F 312 54.17 2.39 17.93
CA THR F 312 52.73 2.49 17.69
C THR F 312 52.04 3.61 18.47
N SER F 313 50.92 4.07 17.96
CA SER F 313 50.15 5.13 18.60
C SER F 313 49.52 4.59 19.87
N GLU F 314 49.16 3.32 19.82
CA GLU F 314 48.56 2.67 20.97
C GLU F 314 49.53 2.58 22.15
N LYS F 315 50.81 2.43 21.84
CA LYS F 315 51.83 2.37 22.88
C LYS F 315 51.89 3.75 23.54
N ILE F 316 51.77 4.80 22.73
CA ILE F 316 51.79 6.17 23.24
C ILE F 316 50.56 6.40 24.12
N LYS F 317 49.42 5.87 23.68
CA LYS F 317 48.17 6.00 24.42
C LYS F 317 48.36 5.43 25.82
N GLU F 318 48.71 4.15 25.88
CA GLU F 318 48.92 3.48 27.15
C GLU F 318 49.95 4.21 27.99
N LEU F 319 51.06 4.58 27.38
CA LEU F 319 52.12 5.27 28.11
C LEU F 319 51.62 6.40 29.00
N VAL F 320 50.79 7.30 28.46
CA VAL F 320 50.28 8.42 29.26
C VAL F 320 49.11 8.02 30.15
N VAL F 321 48.29 7.07 29.69
CA VAL F 321 47.15 6.58 30.46
C VAL F 321 47.67 5.92 31.74
N THR F 322 48.75 5.15 31.60
CA THR F 322 49.37 4.44 32.70
C THR F 322 50.16 5.37 33.62
N GLN F 323 51.10 6.11 33.06
CA GLN F 323 51.94 7.02 33.84
C GLN F 323 51.31 8.30 34.38
N LEU F 324 50.52 8.98 33.55
CA LEU F 324 49.89 10.23 33.95
C LEU F 324 48.39 10.14 34.23
N GLY F 325 47.75 9.13 33.62
CA GLY F 325 46.33 8.94 33.80
C GLY F 325 45.43 10.03 33.25
N TYR F 326 45.90 10.75 32.23
CA TYR F 326 45.10 11.81 31.61
C TYR F 326 44.06 11.23 30.65
N ASP F 327 42.99 11.97 30.40
CA ASP F 327 41.96 11.50 29.48
C ASP F 327 42.63 11.50 28.10
N THR F 328 43.01 10.30 27.65
CA THR F 328 43.67 10.18 26.37
C THR F 328 42.83 9.52 25.29
N ARG F 329 42.67 10.24 24.19
CA ARG F 329 41.94 9.76 23.02
C ARG F 329 42.95 9.78 21.88
N VAL F 330 42.82 8.83 20.96
CA VAL F 330 43.74 8.72 19.81
C VAL F 330 43.00 8.41 18.51
N THR F 331 43.28 9.19 17.46
CA THR F 331 42.65 8.93 16.16
C THR F 331 43.71 8.80 15.08
N ILE F 332 43.53 7.76 14.26
CA ILE F 332 44.44 7.51 13.16
C ILE F 332 43.82 8.16 11.94
N LEU F 333 44.13 9.42 11.72
CA LEU F 333 43.61 10.14 10.57
C LEU F 333 43.82 9.25 9.37
N GLY F 334 42.74 8.68 8.86
CA GLY F 334 42.87 7.78 7.74
C GLY F 334 43.23 8.42 6.40
N HIS F 335 42.62 7.87 5.37
CA HIS F 335 42.79 8.33 4.00
C HIS F 335 42.13 9.70 3.93
N VAL F 336 41.41 10.07 5.00
CA VAL F 336 40.74 11.36 5.05
C VAL F 336 41.70 12.54 4.78
N GLN F 337 42.99 12.27 4.79
CA GLN F 337 44.00 13.29 4.52
C GLN F 337 44.13 13.58 3.02
N ARG F 338 43.49 12.76 2.20
CA ARG F 338 43.52 12.94 0.74
C ARG F 338 42.21 13.59 0.29
N GLY F 339 41.27 13.68 1.23
CA GLY F 339 39.97 14.25 0.95
C GLY F 339 39.86 15.76 0.98
N GLY F 340 38.64 16.25 0.82
CA GLY F 340 38.44 17.69 0.82
C GLY F 340 38.82 18.33 -0.49
N THR F 341 38.69 19.64 -0.59
CA THR F 341 39.06 20.30 -1.83
C THR F 341 40.50 20.72 -1.69
N PRO F 342 41.23 20.73 -2.81
CA PRO F 342 42.64 21.11 -2.81
C PRO F 342 42.81 22.57 -2.43
N SER F 343 43.76 22.85 -1.53
CA SER F 343 43.99 24.22 -1.08
C SER F 343 44.41 25.14 -2.22
N ALA F 344 44.35 26.45 -1.98
CA ALA F 344 44.72 27.42 -3.00
C ALA F 344 46.16 27.16 -3.40
N PHE F 345 47.03 26.99 -2.42
CA PHE F 345 48.44 26.74 -2.67
C PHE F 345 48.63 25.59 -3.65
N ASP F 346 47.98 24.48 -3.38
CA ASP F 346 48.12 23.32 -4.23
C ASP F 346 47.58 23.52 -5.64
N ARG F 347 46.46 24.23 -5.77
CA ARG F 347 45.88 24.47 -7.08
C ARG F 347 46.84 25.30 -7.91
N ILE F 348 47.39 26.33 -7.29
CA ILE F 348 48.33 27.20 -7.98
C ILE F 348 49.59 26.40 -8.29
N LEU F 349 50.16 25.77 -7.27
CA LEU F 349 51.37 25.00 -7.48
C LEU F 349 51.24 24.01 -8.62
N ALA F 350 50.14 23.27 -8.61
CA ALA F 350 49.87 22.28 -9.63
C ALA F 350 49.73 22.89 -11.02
N SER F 351 49.18 24.09 -11.11
CA SER F 351 49.03 24.70 -12.41
C SER F 351 50.39 25.16 -12.92
N ARG F 352 51.17 25.81 -12.07
CA ARG F 352 52.49 26.28 -12.47
C ARG F 352 53.34 25.10 -12.96
N MET F 353 53.21 23.97 -12.29
CA MET F 353 53.97 22.79 -12.66
C MET F 353 53.49 22.18 -13.96
N GLY F 354 52.18 22.21 -14.19
CA GLY F 354 51.65 21.66 -15.42
C GLY F 354 52.25 22.34 -16.63
N VAL F 355 52.42 23.66 -16.54
CA VAL F 355 53.02 24.42 -17.63
C VAL F 355 54.49 23.99 -17.76
N GLU F 356 55.21 24.06 -16.64
CA GLU F 356 56.62 23.70 -16.61
C GLU F 356 56.89 22.33 -17.20
N ALA F 357 55.97 21.41 -16.98
CA ALA F 357 56.11 20.07 -17.51
C ALA F 357 56.02 20.07 -19.02
N VAL F 358 55.04 20.79 -19.56
CA VAL F 358 54.86 20.85 -21.00
C VAL F 358 55.98 21.56 -21.71
N ILE F 359 56.40 22.74 -21.23
CA ILE F 359 57.49 23.44 -21.91
C ILE F 359 58.77 22.62 -21.79
N ALA F 360 58.94 21.92 -20.67
CA ALA F 360 60.12 21.09 -20.45
C ALA F 360 60.08 19.94 -21.46
N LEU F 361 58.90 19.38 -21.62
CA LEU F 361 58.71 18.26 -22.52
C LEU F 361 59.01 18.63 -23.96
N LEU F 362 58.78 19.88 -24.34
CA LEU F 362 59.03 20.32 -25.71
C LEU F 362 60.51 20.58 -25.95
N GLU F 363 61.11 21.42 -25.10
CA GLU F 363 62.53 21.77 -25.22
C GLU F 363 63.42 20.56 -24.97
N ALA F 364 62.83 19.42 -24.72
CA ALA F 364 63.62 18.22 -24.46
C ALA F 364 64.21 17.64 -25.74
N THR F 365 65.52 17.38 -25.72
CA THR F 365 66.23 16.82 -26.86
C THR F 365 66.41 15.32 -26.61
N PRO F 366 67.01 14.62 -27.59
CA PRO F 366 67.21 13.19 -27.42
C PRO F 366 68.22 12.90 -26.33
N ASP F 367 69.16 13.81 -26.15
CA ASP F 367 70.21 13.62 -25.14
C ASP F 367 70.01 14.45 -23.89
N THR F 368 68.77 14.85 -23.63
CA THR F 368 68.47 15.64 -22.44
C THR F 368 67.90 14.68 -21.39
N PRO F 369 68.51 14.64 -20.20
CA PRO F 369 68.07 13.75 -19.12
C PRO F 369 66.61 13.89 -18.71
N ALA F 370 65.96 12.78 -18.43
CA ALA F 370 64.57 12.80 -17.99
C ALA F 370 64.55 13.53 -16.65
N CYS F 371 63.80 14.63 -16.57
CA CYS F 371 63.76 15.43 -15.36
C CYS F 371 62.43 15.48 -14.62
N VAL F 372 62.42 16.22 -13.53
CA VAL F 372 61.25 16.40 -12.67
C VAL F 372 61.08 17.88 -12.40
N VAL F 373 60.01 18.47 -12.90
CA VAL F 373 59.76 19.89 -12.66
C VAL F 373 59.36 20.12 -11.21
N SER F 374 59.95 21.14 -10.59
CA SER F 374 59.67 21.45 -9.21
C SER F 374 59.82 22.94 -8.98
N LEU F 375 59.78 23.34 -7.71
CA LEU F 375 59.93 24.73 -7.35
C LEU F 375 60.98 24.87 -6.25
N ASN F 376 61.86 25.85 -6.42
CA ASN F 376 62.90 26.10 -5.44
C ASN F 376 62.88 27.57 -5.05
N GLY F 377 62.43 27.84 -3.82
CA GLY F 377 62.35 29.21 -3.36
C GLY F 377 61.47 30.03 -4.28
N ASN F 378 60.35 29.40 -4.67
CA ASN F 378 59.38 30.03 -5.55
C ASN F 378 59.88 30.23 -6.98
N HIS F 379 60.90 29.48 -7.38
CA HIS F 379 61.44 29.59 -8.72
C HIS F 379 61.40 28.21 -9.39
N ALA F 380 60.88 28.16 -10.62
CA ALA F 380 60.79 26.90 -11.35
C ALA F 380 62.15 26.28 -11.66
N VAL F 381 62.26 24.97 -11.47
CA VAL F 381 63.52 24.27 -11.72
C VAL F 381 63.25 22.85 -12.22
N ARG F 382 64.22 22.31 -12.95
CA ARG F 382 64.12 20.95 -13.46
C ARG F 382 65.27 20.17 -12.87
N LEU F 383 64.96 19.04 -12.26
CA LEU F 383 66.01 18.21 -11.66
C LEU F 383 65.99 16.88 -12.37
N PRO F 384 67.17 16.37 -12.73
CA PRO F 384 67.27 15.08 -13.41
C PRO F 384 66.72 13.94 -12.54
N LEU F 385 65.82 13.15 -13.13
CA LEU F 385 65.19 12.05 -12.45
C LEU F 385 66.12 11.19 -11.62
N MET F 386 67.07 10.55 -12.28
CA MET F 386 68.01 9.66 -11.60
C MET F 386 68.63 10.24 -10.31
N GLU F 387 69.09 11.49 -10.36
CA GLU F 387 69.71 12.12 -9.19
C GLU F 387 68.77 12.14 -8.00
N CYS F 388 67.50 12.40 -8.27
CA CYS F 388 66.47 12.44 -7.23
C CYS F 388 66.14 11.03 -6.75
N VAL F 389 65.88 10.14 -7.70
CA VAL F 389 65.56 8.76 -7.37
C VAL F 389 66.64 8.20 -6.47
N GLN F 390 67.88 8.62 -6.75
CA GLN F 390 69.02 8.17 -5.98
C GLN F 390 68.94 8.63 -4.54
N MET F 391 69.03 9.94 -4.34
CA MET F 391 68.95 10.50 -3.00
C MET F 391 67.77 9.95 -2.21
N THR F 392 66.66 9.73 -2.90
CA THR F 392 65.47 9.20 -2.26
C THR F 392 65.81 7.87 -1.61
N GLN F 393 66.52 7.03 -2.34
CA GLN F 393 66.92 5.73 -1.86
C GLN F 393 67.99 5.82 -0.79
N ASP F 394 68.81 6.87 -0.85
CA ASP F 394 69.87 7.08 0.13
C ASP F 394 69.29 7.44 1.50
N VAL F 395 68.19 8.19 1.50
CA VAL F 395 67.58 8.58 2.75
C VAL F 395 67.06 7.34 3.45
N GLN F 396 66.48 6.43 2.66
CA GLN F 396 65.94 5.19 3.21
C GLN F 396 67.09 4.36 3.77
N LYS F 397 68.16 4.27 3.00
CA LYS F 397 69.36 3.53 3.38
C LYS F 397 69.86 4.12 4.70
N ALA F 398 70.05 5.44 4.70
CA ALA F 398 70.52 6.17 5.87
C ALA F 398 69.71 5.86 7.14
N MET F 399 68.40 5.67 6.97
CA MET F 399 67.54 5.37 8.10
C MET F 399 67.64 3.91 8.54
N ASP F 400 67.71 3.01 7.57
CA ASP F 400 67.81 1.60 7.90
C ASP F 400 69.13 1.34 8.62
N GLU F 401 70.15 2.09 8.24
CA GLU F 401 71.46 1.96 8.85
C GLU F 401 71.61 2.81 10.11
N ARG F 402 70.49 3.15 10.74
CA ARG F 402 70.52 3.94 11.95
C ARG F 402 71.40 5.19 11.90
N ARG F 403 71.73 5.64 10.68
CA ARG F 403 72.54 6.85 10.50
C ARG F 403 71.58 8.02 10.38
N PHE F 404 70.70 8.13 11.37
CA PHE F 404 69.66 9.14 11.44
C PHE F 404 70.11 10.57 11.18
N GLN F 405 71.24 10.97 11.73
CA GLN F 405 71.71 12.33 11.50
C GLN F 405 71.92 12.61 10.02
N ASP F 406 72.23 11.57 9.27
CA ASP F 406 72.44 11.71 7.84
C ASP F 406 71.10 11.82 7.15
N ALA F 407 70.13 11.02 7.58
CA ALA F 407 68.79 11.05 7.01
C ALA F 407 68.22 12.48 7.12
N VAL F 408 68.35 13.07 8.29
CA VAL F 408 67.84 14.41 8.54
C VAL F 408 68.43 15.43 7.57
N ARG F 409 69.72 15.30 7.29
CA ARG F 409 70.39 16.23 6.41
C ARG F 409 70.01 15.95 4.95
N LEU F 410 69.73 14.69 4.64
CA LEU F 410 69.34 14.27 3.30
C LEU F 410 67.95 14.77 2.87
N ARG F 411 67.09 15.05 3.84
CA ARG F 411 65.75 15.53 3.55
C ARG F 411 65.78 16.94 2.98
N GLY F 412 66.77 17.74 3.36
CA GLY F 412 66.87 19.09 2.84
C GLY F 412 67.23 20.10 3.90
N ARG F 413 67.78 21.24 3.50
CA ARG F 413 68.16 22.28 4.45
C ARG F 413 66.89 22.72 5.19
N SER F 414 65.81 22.88 4.43
CA SER F 414 64.52 23.27 5.00
C SER F 414 64.12 22.31 6.13
N PHE F 415 63.88 21.05 5.79
CA PHE F 415 63.47 20.05 6.78
C PHE F 415 64.26 20.12 8.08
N ALA F 416 65.58 20.19 7.96
CA ALA F 416 66.46 20.26 9.13
C ALA F 416 66.17 21.49 9.96
N GLY F 417 65.94 22.61 9.27
CA GLY F 417 65.64 23.85 9.96
C GLY F 417 64.31 23.79 10.70
N ASN F 418 63.25 23.40 9.99
CA ASN F 418 61.92 23.29 10.61
C ASN F 418 62.00 22.44 11.86
N LEU F 419 62.71 21.32 11.75
CA LEU F 419 62.87 20.39 12.86
C LEU F 419 63.44 21.12 14.06
N ASN F 420 64.52 21.86 13.84
CA ASN F 420 65.15 22.60 14.92
C ASN F 420 64.20 23.64 15.51
N THR F 421 63.65 24.48 14.63
CA THR F 421 62.73 25.52 15.05
C THR F 421 61.60 24.94 15.90
N TYR F 422 61.06 23.79 15.50
CA TYR F 422 60.01 23.18 16.27
C TYR F 422 60.51 22.80 17.66
N LYS F 423 61.63 22.10 17.72
CA LYS F 423 62.21 21.69 19.00
C LYS F 423 62.42 22.94 19.87
N ARG F 424 63.06 23.94 19.28
CA ARG F 424 63.34 25.19 19.96
C ARG F 424 62.13 25.78 20.68
N LEU F 425 60.98 25.75 20.00
CA LEU F 425 59.74 26.30 20.54
C LEU F 425 58.95 25.36 21.44
N ALA F 426 59.18 24.06 21.29
CA ALA F 426 58.46 23.06 22.09
C ALA F 426 59.15 22.69 23.41
N ILE F 427 60.48 22.70 23.39
CA ILE F 427 61.28 22.36 24.57
C ILE F 427 62.02 23.56 25.14
N LYS F 428 61.50 24.13 26.22
CA LYS F 428 62.15 25.27 26.85
C LYS F 428 63.15 24.80 27.88
N LEU F 429 64.35 25.38 27.86
CA LEU F 429 65.36 24.98 28.83
C LEU F 429 65.05 25.68 30.14
N PRO F 430 65.36 25.04 31.27
CA PRO F 430 65.12 25.66 32.58
C PRO F 430 65.84 27.00 32.67
N ASP F 431 65.14 28.01 33.19
CA ASP F 431 65.69 29.36 33.29
C ASP F 431 67.19 29.49 33.59
N ASP F 432 67.68 28.76 34.58
CA ASP F 432 69.08 28.83 34.96
C ASP F 432 70.09 28.37 33.91
N GLN F 433 69.63 27.64 32.89
CA GLN F 433 70.52 27.16 31.83
C GLN F 433 70.53 28.08 30.63
N ILE F 434 69.84 29.20 30.75
CA ILE F 434 69.77 30.17 29.67
C ILE F 434 70.50 31.45 30.08
N PRO F 435 71.75 31.58 29.64
CA PRO F 435 72.54 32.76 29.96
C PRO F 435 71.85 34.03 29.48
N LYS F 436 71.41 34.86 30.43
CA LYS F 436 70.74 36.12 30.10
C LYS F 436 71.64 37.08 29.32
N THR F 437 71.01 37.94 28.51
CA THR F 437 71.75 38.90 27.70
C THR F 437 71.49 40.31 28.21
N ASN F 438 70.51 40.43 29.10
CA ASN F 438 70.14 41.72 29.68
C ASN F 438 69.77 42.72 28.61
N CYS F 439 69.15 42.20 27.55
CA CYS F 439 68.70 43.00 26.45
C CYS F 439 67.19 42.90 26.41
N ASN F 440 66.54 44.02 26.15
CA ASN F 440 65.09 44.01 26.06
C ASN F 440 64.75 44.11 24.57
N VAL F 441 64.14 43.06 24.02
CA VAL F 441 63.74 43.07 22.62
C VAL F 441 62.23 43.22 22.60
N ALA F 442 61.76 44.26 21.92
CA ALA F 442 60.33 44.54 21.84
C ALA F 442 59.76 44.05 20.51
N VAL F 443 58.57 43.45 20.57
CA VAL F 443 57.88 42.94 19.40
C VAL F 443 56.56 43.70 19.27
N ILE F 444 56.16 43.99 18.03
CA ILE F 444 54.96 44.79 17.81
C ILE F 444 54.26 44.50 16.49
N ASN F 445 52.95 44.73 16.43
CA ASN F 445 52.18 44.53 15.20
C ASN F 445 51.81 45.88 14.58
N VAL F 446 52.15 46.07 13.31
CA VAL F 446 51.83 47.32 12.62
C VAL F 446 51.20 47.05 11.26
N GLY F 447 50.03 47.66 11.02
CA GLY F 447 49.36 47.47 9.75
C GLY F 447 48.00 46.81 9.93
N ALA F 448 47.32 46.54 8.83
CA ALA F 448 46.01 45.90 8.91
C ALA F 448 46.27 44.49 9.36
N PRO F 449 45.38 43.93 10.21
CA PRO F 449 45.53 42.57 10.72
C PRO F 449 45.64 41.53 9.62
N ALA F 450 46.51 40.55 9.83
CA ALA F 450 46.71 39.50 8.86
C ALA F 450 46.77 38.15 9.58
N ALA F 451 46.02 37.18 9.08
CA ALA F 451 45.98 35.85 9.68
C ALA F 451 47.39 35.29 9.91
N GLY F 452 47.73 35.06 11.18
CA GLY F 452 49.02 34.49 11.49
C GLY F 452 49.98 35.43 12.19
N MET F 453 49.54 36.64 12.50
CA MET F 453 50.42 37.56 13.20
C MET F 453 50.71 36.99 14.58
N ASN F 454 49.73 36.32 15.17
CA ASN F 454 49.92 35.74 16.49
C ASN F 454 50.91 34.61 16.46
N ALA F 455 50.85 33.78 15.43
CA ALA F 455 51.80 32.67 15.32
C ALA F 455 53.21 33.27 15.30
N ALA F 456 53.32 34.43 14.63
CA ALA F 456 54.58 35.14 14.49
C ALA F 456 55.08 35.67 15.83
N VAL F 457 54.20 36.32 16.59
CA VAL F 457 54.58 36.84 17.89
C VAL F 457 54.98 35.70 18.81
N ARG F 458 54.21 34.62 18.82
CA ARG F 458 54.54 33.49 19.67
C ARG F 458 55.96 33.07 19.36
N SER F 459 56.22 32.78 18.10
CA SER F 459 57.55 32.35 17.65
C SER F 459 58.68 33.31 18.01
N ALA F 460 58.46 34.61 17.84
CA ALA F 460 59.48 35.60 18.15
C ALA F 460 59.72 35.70 19.66
N VAL F 461 58.64 35.75 20.43
CA VAL F 461 58.74 35.84 21.87
C VAL F 461 59.53 34.68 22.44
N ARG F 462 59.14 33.45 22.10
CA ARG F 462 59.85 32.30 22.62
C ARG F 462 61.29 32.16 22.17
N VAL F 463 61.57 32.37 20.89
CA VAL F 463 62.95 32.27 20.41
C VAL F 463 63.76 33.31 21.17
N GLY F 464 63.13 34.46 21.43
CA GLY F 464 63.81 35.52 22.15
C GLY F 464 64.16 35.05 23.56
N ILE F 465 63.15 34.64 24.31
CA ILE F 465 63.36 34.14 25.66
C ILE F 465 64.42 33.03 25.68
N ALA F 466 64.35 32.11 24.73
CA ALA F 466 65.32 31.01 24.66
C ALA F 466 66.73 31.50 24.31
N ASP F 467 66.84 32.75 23.85
CA ASP F 467 68.12 33.33 23.51
C ASP F 467 68.59 34.22 24.66
N GLY F 468 67.84 34.19 25.75
CA GLY F 468 68.20 34.97 26.93
C GLY F 468 67.76 36.40 26.98
N HIS F 469 66.94 36.85 26.04
CA HIS F 469 66.50 38.23 26.10
C HIS F 469 65.27 38.35 26.98
N ARG F 470 64.93 39.58 27.31
CA ARG F 470 63.75 39.90 28.11
C ARG F 470 62.78 40.44 27.06
N MET F 471 61.65 39.76 26.85
CA MET F 471 60.71 40.17 25.82
C MET F 471 59.65 41.19 26.20
N LEU F 472 59.50 42.20 25.35
CA LEU F 472 58.53 43.27 25.55
C LEU F 472 57.47 43.32 24.45
N ALA F 473 56.21 43.32 24.85
CA ALA F 473 55.09 43.37 23.90
C ALA F 473 54.51 44.78 23.80
N ILE F 474 54.49 45.34 22.60
CA ILE F 474 53.94 46.66 22.43
C ILE F 474 52.56 46.44 21.85
N TYR F 475 51.53 46.88 22.56
CA TYR F 475 50.15 46.71 22.12
C TYR F 475 49.62 47.80 21.20
N ASP F 476 48.62 47.45 20.40
CA ASP F 476 48.01 48.38 19.45
C ASP F 476 49.00 49.16 18.59
N GLY F 477 49.98 48.45 18.03
CA GLY F 477 50.95 49.07 17.17
C GLY F 477 51.54 50.39 17.64
N PHE F 478 52.00 51.20 16.69
CA PHE F 478 52.61 52.49 17.03
C PHE F 478 51.72 53.38 17.90
N ASP F 479 50.41 53.30 17.70
CA ASP F 479 49.49 54.10 18.50
C ASP F 479 49.74 53.82 19.98
N GLY F 480 49.67 52.54 20.36
CA GLY F 480 49.90 52.18 21.74
C GLY F 480 51.36 52.37 22.14
N PHE F 481 52.27 52.27 21.18
CA PHE F 481 53.69 52.43 21.45
C PHE F 481 53.90 53.83 22.03
N ALA F 482 53.36 54.82 21.33
CA ALA F 482 53.47 56.20 21.75
C ALA F 482 52.77 56.41 23.07
N LYS F 483 51.68 55.69 23.29
CA LYS F 483 50.94 55.83 24.53
C LYS F 483 51.47 54.91 25.62
N GLY F 484 52.73 54.54 25.47
CA GLY F 484 53.39 53.68 26.44
C GLY F 484 52.80 52.34 26.83
N GLN F 485 51.91 51.80 26.00
CA GLN F 485 51.30 50.50 26.29
C GLN F 485 52.27 49.36 26.03
N ILE F 486 53.35 49.30 26.82
CA ILE F 486 54.37 48.26 26.69
C ILE F 486 54.42 47.43 27.96
N LYS F 487 54.45 46.11 27.80
CA LYS F 487 54.52 45.19 28.94
C LYS F 487 55.45 44.00 28.59
N GLU F 488 55.87 43.25 29.59
CA GLU F 488 56.75 42.13 29.33
C GLU F 488 55.89 40.90 29.04
N ILE F 489 56.34 40.08 28.09
CA ILE F 489 55.62 38.84 27.73
C ILE F 489 56.50 37.63 28.05
N GLY F 490 55.87 36.61 28.63
CA GLY F 490 56.59 35.40 29.00
C GLY F 490 56.33 34.23 28.09
N TRP F 491 57.13 33.19 28.26
CA TRP F 491 57.03 31.99 27.45
C TRP F 491 55.64 31.35 27.39
N THR F 492 54.96 31.27 28.52
CA THR F 492 53.62 30.67 28.50
C THR F 492 52.52 31.66 28.07
N ASP F 493 52.82 32.95 28.11
CA ASP F 493 51.83 33.96 27.72
C ASP F 493 51.43 33.84 26.25
N VAL F 494 52.33 33.37 25.41
CA VAL F 494 52.04 33.21 23.99
C VAL F 494 51.70 31.77 23.62
N GLY F 495 51.25 30.99 24.61
CA GLY F 495 50.90 29.60 24.36
C GLY F 495 49.59 29.44 23.61
N GLY F 496 49.60 28.58 22.58
CA GLY F 496 48.39 28.34 21.82
C GLY F 496 48.02 29.48 20.87
N TRP F 497 48.93 30.43 20.72
CA TRP F 497 48.70 31.57 19.83
C TRP F 497 48.80 31.17 18.35
N THR F 498 49.52 30.09 18.09
CA THR F 498 49.74 29.60 16.73
C THR F 498 48.51 29.63 15.85
N GLY F 499 47.45 28.94 16.27
CA GLY F 499 46.23 28.89 15.49
C GLY F 499 45.23 30.03 15.62
N GLN F 500 45.57 31.09 16.35
CA GLN F 500 44.64 32.20 16.53
C GLN F 500 44.69 33.28 15.48
N GLY F 501 43.49 33.66 15.02
CA GLY F 501 43.37 34.68 14.00
C GLY F 501 43.44 36.09 14.58
N GLY F 502 43.51 37.08 13.70
CA GLY F 502 43.59 38.45 14.15
C GLY F 502 44.92 38.75 14.79
N SER F 503 44.94 39.75 15.66
CA SER F 503 46.14 40.17 16.36
C SER F 503 45.86 40.29 17.86
N ILE F 504 46.39 39.37 18.65
CA ILE F 504 46.16 39.38 20.07
C ILE F 504 46.86 40.57 20.69
N LEU F 505 47.97 40.95 20.09
CA LEU F 505 48.75 42.09 20.55
C LEU F 505 48.03 43.39 20.19
N GLY F 506 47.30 43.35 19.06
CA GLY F 506 46.60 44.51 18.58
C GLY F 506 47.44 45.16 17.47
N THR F 507 46.79 45.76 16.50
CA THR F 507 47.53 46.38 15.41
C THR F 507 46.83 47.60 14.81
N LYS F 508 47.62 48.62 14.48
CA LYS F 508 47.10 49.86 13.90
C LYS F 508 47.89 50.22 12.64
N ARG F 509 47.28 51.02 11.77
CA ARG F 509 47.95 51.45 10.55
C ARG F 509 48.69 52.76 10.78
N VAL F 510 48.41 53.39 11.92
CA VAL F 510 49.02 54.65 12.28
C VAL F 510 50.54 54.65 12.19
N LEU F 511 51.09 55.57 11.41
CA LEU F 511 52.54 55.69 11.27
C LEU F 511 53.12 56.39 12.50
N PRO F 512 54.42 56.18 12.79
CA PRO F 512 55.01 56.84 13.95
C PRO F 512 55.32 58.33 13.76
N GLY F 513 54.91 58.87 12.61
CA GLY F 513 55.17 60.28 12.29
C GLY F 513 54.98 61.35 13.35
N LYS F 514 53.73 61.63 13.71
CA LYS F 514 53.43 62.67 14.69
C LYS F 514 53.68 62.26 16.14
N TYR F 515 54.27 61.07 16.36
CA TYR F 515 54.53 60.62 17.71
C TYR F 515 55.96 60.20 17.87
N LEU F 516 56.83 60.89 17.15
CA LEU F 516 58.23 60.61 17.23
C LEU F 516 58.66 60.69 18.68
N GLU F 517 58.47 61.88 19.26
CA GLU F 517 58.83 62.16 20.65
C GLU F 517 58.24 61.20 21.67
N GLU F 518 56.92 61.03 21.62
CA GLU F 518 56.24 60.16 22.56
C GLU F 518 56.77 58.74 22.50
N ILE F 519 57.26 58.32 21.34
CA ILE F 519 57.80 56.97 21.23
C ILE F 519 59.29 56.96 21.60
N ALA F 520 60.03 57.98 21.17
CA ALA F 520 61.44 58.05 21.53
C ALA F 520 61.50 58.01 23.06
N THR F 521 60.62 58.79 23.69
CA THR F 521 60.54 58.87 25.15
C THR F 521 60.24 57.49 25.75
N GLN F 522 59.13 56.89 25.32
CA GLN F 522 58.70 55.59 25.81
C GLN F 522 59.73 54.47 25.62
N MET F 523 60.59 54.62 24.61
CA MET F 523 61.62 53.62 24.33
C MET F 523 62.70 53.69 25.38
N ARG F 524 63.20 54.90 25.57
CA ARG F 524 64.24 55.19 26.53
C ARG F 524 63.80 54.78 27.96
N THR F 525 62.59 55.18 28.37
CA THR F 525 62.10 54.84 29.70
C THR F 525 61.97 53.34 29.90
N HIS F 526 61.58 52.61 28.85
CA HIS F 526 61.43 51.16 28.94
C HIS F 526 62.69 50.38 28.56
N SER F 527 63.76 51.12 28.23
CA SER F 527 65.04 50.54 27.84
C SER F 527 64.84 49.39 26.87
N ILE F 528 64.66 49.77 25.60
CA ILE F 528 64.45 48.86 24.48
C ILE F 528 65.69 48.86 23.59
N ASN F 529 66.40 47.75 23.60
CA ASN F 529 67.63 47.60 22.80
C ASN F 529 67.34 47.13 21.36
N ALA F 530 66.32 46.29 21.21
CA ALA F 530 65.96 45.77 19.89
C ALA F 530 64.46 45.86 19.61
N LEU F 531 64.12 46.02 18.33
CA LEU F 531 62.72 46.15 17.93
C LEU F 531 62.34 45.25 16.77
N LEU F 532 61.37 44.37 17.00
CA LEU F 532 60.90 43.49 15.93
C LEU F 532 59.51 43.91 15.52
N ILE F 533 59.37 44.29 14.25
CA ILE F 533 58.07 44.70 13.72
C ILE F 533 57.51 43.60 12.83
N ILE F 534 56.31 43.12 13.17
CA ILE F 534 55.59 42.10 12.40
C ILE F 534 54.37 42.82 11.81
N GLY F 535 54.43 43.14 10.53
CA GLY F 535 53.33 43.83 9.89
C GLY F 535 53.51 44.06 8.40
N GLY F 536 52.62 44.85 7.82
CA GLY F 536 52.68 45.11 6.39
C GLY F 536 53.43 46.32 5.91
N PHE F 537 52.84 47.01 4.93
CA PHE F 537 53.45 48.18 4.33
C PHE F 537 53.57 49.37 5.29
N GLU F 538 52.70 49.39 6.29
CA GLU F 538 52.75 50.49 7.26
C GLU F 538 53.97 50.24 8.13
N ALA F 539 54.39 48.99 8.17
CA ALA F 539 55.56 48.57 8.93
C ALA F 539 56.85 48.96 8.18
N TYR F 540 56.82 48.88 6.84
CA TYR F 540 57.99 49.24 6.04
C TYR F 540 58.10 50.74 6.09
N LEU F 541 56.96 51.41 6.27
CA LEU F 541 56.97 52.86 6.36
C LEU F 541 57.44 53.29 7.75
N GLY F 542 57.10 52.51 8.77
CA GLY F 542 57.52 52.83 10.12
C GLY F 542 59.01 52.75 10.26
N LEU F 543 59.61 51.78 9.58
CA LEU F 543 61.05 51.59 9.62
C LEU F 543 61.72 52.79 8.96
N LEU F 544 61.21 53.19 7.81
CA LEU F 544 61.77 54.34 7.12
C LEU F 544 61.76 55.50 8.09
N GLU F 545 60.55 55.87 8.53
CA GLU F 545 60.40 56.98 9.46
C GLU F 545 61.30 56.83 10.66
N LEU F 546 61.41 55.64 11.24
CA LEU F 546 62.29 55.50 12.37
C LEU F 546 63.73 55.75 12.00
N SER F 547 64.23 55.02 11.00
CA SER F 547 65.62 55.18 10.56
C SER F 547 66.07 56.63 10.40
N ALA F 548 65.26 57.42 9.71
CA ALA F 548 65.60 58.80 9.47
C ALA F 548 65.47 59.68 10.71
N ALA F 549 64.97 59.12 11.83
CA ALA F 549 64.80 59.88 13.06
C ALA F 549 65.83 59.50 14.13
N ARG F 550 66.87 58.80 13.69
CA ARG F 550 67.94 58.38 14.58
C ARG F 550 69.06 59.43 14.44
N GLU F 551 68.66 60.64 14.07
CA GLU F 551 69.55 61.79 13.89
C GLU F 551 69.32 62.68 15.10
N LYS F 552 68.05 62.89 15.38
CA LYS F 552 67.66 63.70 16.52
C LYS F 552 67.71 62.82 17.78
N HIS F 553 67.22 61.58 17.70
CA HIS F 553 67.25 60.68 18.86
C HIS F 553 68.20 59.53 18.67
N GLU F 554 68.70 59.01 19.79
CA GLU F 554 69.62 57.90 19.78
C GLU F 554 68.85 56.64 20.11
N GLU F 555 67.82 56.78 20.94
CA GLU F 555 67.01 55.64 21.34
C GLU F 555 66.74 54.74 20.15
N PHE F 556 66.78 55.33 18.97
CA PHE F 556 66.51 54.65 17.70
C PHE F 556 67.70 53.96 17.01
N CYS F 557 68.88 54.04 17.59
CA CYS F 557 70.05 53.37 17.02
C CYS F 557 70.18 51.98 17.65
N VAL F 558 69.18 51.17 17.38
CA VAL F 558 69.16 49.82 17.89
C VAL F 558 68.91 48.94 16.66
N PRO F 559 68.69 47.63 16.86
CA PRO F 559 68.43 46.77 15.70
C PRO F 559 66.91 46.67 15.51
N MET F 560 66.46 46.86 14.27
CA MET F 560 65.04 46.79 13.95
C MET F 560 64.86 45.93 12.71
N VAL F 561 63.96 44.96 12.78
CA VAL F 561 63.69 44.11 11.63
C VAL F 561 62.22 43.99 11.40
N MET F 562 61.88 43.71 10.15
CA MET F 562 60.50 43.63 9.78
C MET F 562 60.14 42.33 9.07
N VAL F 563 59.04 41.75 9.50
CA VAL F 563 58.56 40.51 8.93
C VAL F 563 57.24 40.84 8.23
N PRO F 564 57.17 40.58 6.92
CA PRO F 564 56.01 40.83 6.05
C PRO F 564 54.72 40.12 6.44
N ALA F 565 53.72 40.90 6.87
CA ALA F 565 52.43 40.37 7.24
C ALA F 565 51.26 41.26 6.81
N THR F 566 50.62 40.88 5.71
CA THR F 566 49.44 41.54 5.15
C THR F 566 48.87 40.60 4.13
N VAL F 567 47.56 40.67 3.98
CA VAL F 567 46.89 39.81 3.03
C VAL F 567 47.24 40.29 1.62
N SER F 568 47.65 41.55 1.52
CA SER F 568 47.99 42.13 0.24
C SER F 568 49.20 41.55 -0.47
N ASN F 569 50.24 41.22 0.30
CA ASN F 569 51.50 40.70 -0.23
C ASN F 569 52.16 41.79 -1.09
N ASN F 570 52.26 42.98 -0.51
CA ASN F 570 52.82 44.14 -1.18
C ASN F 570 54.09 44.68 -0.51
N VAL F 571 54.57 43.97 0.50
CA VAL F 571 55.78 44.43 1.19
C VAL F 571 56.99 44.29 0.29
N PRO F 572 57.73 45.38 0.10
CA PRO F 572 58.92 45.36 -0.75
C PRO F 572 60.00 44.46 -0.15
N GLY F 573 60.56 43.55 -0.95
CA GLY F 573 61.59 42.68 -0.43
C GLY F 573 61.18 41.26 -0.08
N SER F 574 59.91 40.93 -0.28
CA SER F 574 59.43 39.58 0.01
C SER F 574 58.40 39.15 -0.99
N ASP F 575 58.54 37.94 -1.50
CA ASP F 575 57.59 37.42 -2.47
C ASP F 575 56.31 37.00 -1.79
N PHE F 576 56.37 36.79 -0.48
CA PHE F 576 55.17 36.36 0.25
C PHE F 576 54.94 37.10 1.56
N SER F 577 53.68 37.10 2.00
CA SER F 577 53.27 37.74 3.25
C SER F 577 52.56 36.75 4.14
N ILE F 578 52.65 36.99 5.43
CA ILE F 578 51.95 36.15 6.37
C ILE F 578 50.51 36.64 6.24
N GLY F 579 49.58 35.73 6.06
CA GLY F 579 48.19 36.11 5.90
C GLY F 579 47.73 36.07 4.46
N ALA F 580 48.67 36.01 3.53
CA ALA F 580 48.34 35.97 2.10
C ALA F 580 47.72 34.63 1.73
N ASP F 581 48.32 33.55 2.17
CA ASP F 581 47.75 32.24 1.86
C ASP F 581 46.34 32.13 2.42
N THR F 582 46.16 32.54 3.66
CA THR F 582 44.86 32.46 4.31
C THR F 582 43.81 33.18 3.47
N ALA F 583 44.15 34.38 3.03
CA ALA F 583 43.23 35.17 2.24
C ALA F 583 42.86 34.48 0.92
N LEU F 584 43.88 33.94 0.25
CA LEU F 584 43.73 33.26 -1.03
C LEU F 584 42.79 32.08 -0.88
N ASN F 585 42.93 31.38 0.24
CA ASN F 585 42.06 30.25 0.53
C ASN F 585 40.64 30.72 0.80
N THR F 586 40.48 31.91 1.37
CA THR F 586 39.15 32.45 1.60
C THR F 586 38.49 32.64 0.24
N ILE F 587 39.24 33.12 -0.74
CA ILE F 587 38.71 33.34 -2.08
C ILE F 587 38.29 32.04 -2.74
N THR F 588 39.21 31.09 -2.85
CA THR F 588 38.85 29.84 -3.49
C THR F 588 37.67 29.18 -2.77
N ASP F 589 37.58 29.32 -1.47
CA ASP F 589 36.48 28.72 -0.71
C ASP F 589 35.15 29.33 -1.09
N THR F 590 35.15 30.63 -1.34
CA THR F 590 33.92 31.32 -1.70
C THR F 590 33.53 30.96 -3.12
N CYS F 591 34.50 30.78 -3.97
CA CYS F 591 34.22 30.42 -5.36
C CYS F 591 33.74 28.98 -5.46
N ASP F 592 34.28 28.11 -4.62
CA ASP F 592 33.87 26.72 -4.62
C ASP F 592 32.37 26.70 -4.34
N ARG F 593 31.97 27.30 -3.21
CA ARG F 593 30.57 27.34 -2.83
C ARG F 593 29.70 27.87 -3.96
N ILE F 594 30.08 29.03 -4.49
CA ILE F 594 29.34 29.65 -5.58
C ILE F 594 29.11 28.71 -6.77
N LYS F 595 30.05 27.82 -7.06
CA LYS F 595 29.89 26.88 -8.16
C LYS F 595 28.97 25.69 -7.81
N GLN F 596 29.31 24.97 -6.74
CA GLN F 596 28.53 23.79 -6.31
C GLN F 596 27.03 24.01 -6.15
N SER F 597 26.58 25.26 -6.18
CA SER F 597 25.15 25.56 -6.04
C SER F 597 24.45 25.63 -7.40
N ALA F 598 23.38 24.84 -7.54
CA ALA F 598 22.63 24.78 -8.78
C ALA F 598 21.61 25.89 -9.00
N SER F 599 21.49 26.33 -10.25
CA SER F 599 20.57 27.40 -10.64
C SER F 599 19.57 26.89 -11.67
N GLY F 600 19.46 25.57 -11.78
CA GLY F 600 18.55 25.00 -12.75
C GLY F 600 19.19 25.07 -14.10
N THR F 601 18.44 25.53 -15.10
CA THR F 601 18.95 25.63 -16.45
C THR F 601 19.68 26.95 -16.68
N LYS F 602 19.61 27.83 -15.69
CA LYS F 602 20.24 29.13 -15.82
C LYS F 602 21.75 29.16 -15.71
N ARG F 603 22.35 29.90 -16.65
CA ARG F 603 23.78 30.09 -16.72
C ARG F 603 24.07 31.28 -15.82
N ARG F 604 25.10 31.19 -14.98
CA ARG F 604 25.40 32.29 -14.08
C ARG F 604 26.86 32.74 -14.08
N VAL F 605 27.07 34.05 -14.03
CA VAL F 605 28.42 34.61 -14.00
C VAL F 605 28.58 35.46 -12.74
N PHE F 606 29.68 35.23 -12.02
CA PHE F 606 29.96 35.96 -10.78
C PHE F 606 31.12 36.96 -10.85
N ILE F 607 30.87 38.17 -10.38
CA ILE F 607 31.89 39.21 -10.32
C ILE F 607 32.26 39.31 -8.84
N ILE F 608 33.53 39.07 -8.53
CA ILE F 608 33.98 39.11 -7.14
C ILE F 608 35.11 40.08 -6.89
N GLU F 609 34.88 41.03 -5.98
CA GLU F 609 35.88 42.02 -5.63
C GLU F 609 36.76 41.45 -4.52
N THR F 610 38.07 41.57 -4.68
CA THR F 610 39.01 41.07 -3.68
C THR F 610 39.78 42.21 -3.04
N MET F 611 40.46 41.93 -1.92
CA MET F 611 41.24 42.93 -1.22
C MET F 611 42.61 43.08 -1.89
N GLY F 612 43.49 43.85 -1.25
CA GLY F 612 44.83 44.03 -1.77
C GLY F 612 45.22 45.46 -2.06
N GLY F 613 44.24 46.36 -2.01
CA GLY F 613 44.55 47.75 -2.29
C GLY F 613 44.91 47.84 -3.76
N TYR F 614 46.16 48.18 -4.06
CA TYR F 614 46.58 48.29 -5.43
C TYR F 614 47.28 47.04 -5.91
N CYS F 615 47.66 46.20 -4.96
CA CYS F 615 48.35 44.96 -5.29
C CYS F 615 47.36 43.88 -5.72
N GLY F 616 47.40 43.56 -7.00
CA GLY F 616 46.52 42.54 -7.52
C GLY F 616 47.00 41.12 -7.27
N TYR F 617 47.85 40.92 -6.27
CA TYR F 617 48.31 39.57 -5.98
C TYR F 617 47.09 38.67 -5.71
N LEU F 618 46.28 39.04 -4.72
CA LEU F 618 45.10 38.27 -4.37
C LEU F 618 44.20 38.03 -5.55
N ALA F 619 43.85 39.11 -6.23
CA ALA F 619 42.97 39.01 -7.39
C ALA F 619 43.50 38.07 -8.46
N ASN F 620 44.78 38.27 -8.82
CA ASN F 620 45.43 37.46 -9.85
C ASN F 620 45.62 36.02 -9.45
N MET F 621 46.35 35.76 -8.36
CA MET F 621 46.59 34.39 -7.90
C MET F 621 45.27 33.69 -7.54
N GLY F 622 44.35 34.45 -6.94
CA GLY F 622 43.05 33.89 -6.59
C GLY F 622 42.35 33.49 -7.86
N GLY F 623 42.41 34.37 -8.86
CA GLY F 623 41.81 34.08 -10.15
C GLY F 623 42.33 32.79 -10.74
N LEU F 624 43.65 32.64 -10.72
CA LEU F 624 44.30 31.44 -11.24
C LEU F 624 43.81 30.22 -10.46
N ALA F 625 43.85 30.33 -9.14
CA ALA F 625 43.44 29.24 -8.26
C ALA F 625 41.99 28.81 -8.36
N ALA F 626 41.09 29.77 -8.59
CA ALA F 626 39.67 29.48 -8.68
C ALA F 626 39.22 29.27 -10.11
N GLY F 627 40.13 29.48 -11.05
CA GLY F 627 39.82 29.30 -12.46
C GLY F 627 38.88 30.35 -13.02
N ALA F 628 39.25 31.62 -12.90
CA ALA F 628 38.41 32.69 -13.39
C ALA F 628 38.74 33.04 -14.82
N ASP F 629 37.73 33.55 -15.54
CA ASP F 629 37.89 33.93 -16.94
C ASP F 629 38.78 35.16 -17.05
N ALA F 630 38.64 36.07 -16.10
CA ALA F 630 39.44 37.29 -16.10
C ALA F 630 39.60 37.82 -14.68
N ALA F 631 40.70 38.53 -14.46
CA ALA F 631 40.97 39.11 -13.16
C ALA F 631 41.48 40.54 -13.37
N TYR F 632 40.58 41.52 -13.29
CA TYR F 632 40.98 42.89 -13.49
C TYR F 632 41.84 43.41 -12.36
N ILE F 633 43.07 43.81 -12.69
CA ILE F 633 43.98 44.32 -11.68
C ILE F 633 44.51 45.67 -12.08
N PHE F 634 45.11 46.36 -11.11
CA PHE F 634 45.67 47.67 -11.31
C PHE F 634 46.93 47.63 -12.17
N GLU F 635 47.81 46.69 -11.85
CA GLU F 635 49.07 46.52 -12.53
C GLU F 635 48.97 46.34 -14.04
N GLU F 636 47.80 45.96 -14.52
CA GLU F 636 47.59 45.80 -15.95
C GLU F 636 46.39 46.63 -16.36
N PRO F 637 46.64 47.87 -16.79
CA PRO F 637 45.58 48.78 -17.22
C PRO F 637 44.72 48.22 -18.32
N PHE F 638 43.45 48.58 -18.31
CA PHE F 638 42.50 48.13 -19.32
C PHE F 638 41.50 49.24 -19.64
N ASP F 639 40.94 49.20 -20.85
CA ASP F 639 39.97 50.20 -21.28
C ASP F 639 38.66 49.51 -21.64
N ILE F 640 37.67 50.28 -22.02
CA ILE F 640 36.37 49.73 -22.35
C ILE F 640 36.42 48.70 -23.48
N ARG F 641 37.40 48.81 -24.36
CA ARG F 641 37.52 47.86 -25.46
C ARG F 641 37.94 46.47 -24.98
N ASP F 642 38.97 46.43 -24.14
CA ASP F 642 39.46 45.17 -23.61
C ASP F 642 38.31 44.54 -22.84
N LEU F 643 37.63 45.39 -22.08
CA LEU F 643 36.52 45.01 -21.25
C LEU F 643 35.45 44.35 -22.10
N GLN F 644 35.08 45.04 -23.17
CA GLN F 644 34.05 44.55 -24.09
C GLN F 644 34.44 43.22 -24.70
N SER F 645 35.72 43.10 -25.04
CA SER F 645 36.25 41.88 -25.61
C SER F 645 36.10 40.69 -24.67
N ASN F 646 36.52 40.84 -23.41
CA ASN F 646 36.42 39.77 -22.43
C ASN F 646 34.99 39.33 -22.18
N VAL F 647 34.07 40.28 -22.26
CA VAL F 647 32.67 39.96 -22.04
C VAL F 647 32.23 39.06 -23.19
N GLU F 648 32.51 39.48 -24.42
CA GLU F 648 32.13 38.69 -25.56
C GLU F 648 32.76 37.30 -25.47
N HIS F 649 34.03 37.26 -25.09
CA HIS F 649 34.76 36.02 -24.98
C HIS F 649 34.10 35.07 -24.00
N LEU F 650 33.72 35.56 -22.83
CA LEU F 650 33.07 34.73 -21.81
C LEU F 650 31.62 34.42 -22.17
N THR F 651 30.95 35.36 -22.85
CA THR F 651 29.56 35.18 -23.26
C THR F 651 29.51 33.99 -24.20
N GLU F 652 30.58 33.82 -24.95
CA GLU F 652 30.66 32.71 -25.88
C GLU F 652 30.80 31.42 -25.10
N LYS F 653 31.74 31.37 -24.17
CA LYS F 653 31.94 30.17 -23.36
C LYS F 653 30.64 29.80 -22.63
N MET F 654 29.89 30.80 -22.18
CA MET F 654 28.63 30.55 -21.48
C MET F 654 27.58 29.92 -22.40
N LYS F 655 27.61 30.30 -23.67
CA LYS F 655 26.64 29.76 -24.63
C LYS F 655 26.86 28.28 -24.86
N THR F 656 28.06 27.79 -24.58
CA THR F 656 28.35 26.38 -24.81
C THR F 656 28.83 25.57 -23.62
N THR F 657 30.15 25.44 -23.59
CA THR F 657 30.91 24.69 -22.59
C THR F 657 30.68 24.99 -21.11
N ILE F 658 30.85 26.23 -20.70
CA ILE F 658 30.70 26.59 -19.30
C ILE F 658 29.25 26.73 -18.86
N GLN F 659 29.01 26.45 -17.58
CA GLN F 659 27.69 26.54 -16.95
C GLN F 659 27.75 27.61 -15.85
N ARG F 660 28.97 27.87 -15.38
CA ARG F 660 29.20 28.84 -14.31
C ARG F 660 30.47 29.67 -14.56
N GLY F 661 30.29 30.97 -14.80
CA GLY F 661 31.44 31.85 -15.07
C GLY F 661 31.92 32.67 -13.89
N LEU F 662 33.23 32.93 -13.84
CA LEU F 662 33.83 33.69 -12.74
C LEU F 662 34.77 34.83 -13.16
N VAL F 663 34.54 36.02 -12.58
CA VAL F 663 35.35 37.20 -12.86
C VAL F 663 35.79 37.89 -11.57
N LEU F 664 37.10 38.08 -11.39
CA LEU F 664 37.58 38.74 -10.19
C LEU F 664 38.02 40.16 -10.48
N ARG F 665 37.91 41.03 -9.48
CA ARG F 665 38.29 42.44 -9.60
C ARG F 665 38.98 42.97 -8.35
N ASN F 666 40.19 43.48 -8.54
CA ASN F 666 40.97 44.05 -7.45
C ASN F 666 40.25 45.29 -6.94
N GLU F 667 40.30 45.52 -5.63
CA GLU F 667 39.65 46.68 -5.01
C GLU F 667 39.82 47.99 -5.77
N SER F 668 41.07 48.30 -6.09
CA SER F 668 41.40 49.55 -6.74
C SER F 668 42.01 49.44 -8.13
N CYS F 669 41.61 48.43 -8.90
CA CYS F 669 42.13 48.25 -10.24
C CYS F 669 41.83 49.42 -11.18
N SER F 670 40.78 50.19 -10.84
CA SER F 670 40.36 51.34 -11.63
C SER F 670 39.36 52.09 -10.77
N GLU F 671 39.29 53.41 -10.90
CA GLU F 671 38.36 54.16 -10.10
C GLU F 671 37.04 54.40 -10.82
N ASN F 672 37.07 54.36 -12.14
CA ASN F 672 35.86 54.56 -12.93
C ASN F 672 35.16 53.24 -13.24
N TYR F 673 35.93 52.21 -13.56
CA TYR F 673 35.37 50.91 -13.84
C TYR F 673 35.34 50.13 -12.52
N THR F 674 34.41 50.54 -11.66
CA THR F 674 34.21 49.94 -10.35
C THR F 674 33.67 48.54 -10.45
N THR F 675 33.44 47.92 -9.30
CA THR F 675 32.92 46.58 -9.29
C THR F 675 31.52 46.59 -9.91
N ASP F 676 30.71 47.57 -9.50
CA ASP F 676 29.36 47.70 -10.03
C ASP F 676 29.39 47.94 -11.51
N PHE F 677 30.31 48.80 -11.97
CA PHE F 677 30.41 49.09 -13.38
C PHE F 677 30.54 47.78 -14.15
N ILE F 678 31.57 47.02 -13.80
CA ILE F 678 31.82 45.75 -14.45
C ILE F 678 30.62 44.81 -14.31
N TYR F 679 29.96 44.84 -13.15
CA TYR F 679 28.79 44.00 -12.93
C TYR F 679 27.69 44.41 -13.90
N GLN F 680 27.47 45.71 -14.01
CA GLN F 680 26.45 46.23 -14.90
C GLN F 680 26.75 45.90 -16.37
N LEU F 681 28.00 46.06 -16.79
CA LEU F 681 28.39 45.76 -18.16
C LEU F 681 28.17 44.29 -18.52
N TYR F 682 28.77 43.39 -17.73
CA TYR F 682 28.61 41.96 -17.96
C TYR F 682 27.15 41.57 -17.91
N SER F 683 26.37 42.21 -17.03
CA SER F 683 24.93 41.92 -16.90
C SER F 683 24.15 42.26 -18.16
N GLU F 684 24.38 43.45 -18.70
CA GLU F 684 23.70 43.89 -19.88
C GLU F 684 24.11 43.04 -21.08
N GLU F 685 25.40 42.87 -21.27
CA GLU F 685 25.87 42.08 -22.40
C GLU F 685 25.49 40.61 -22.35
N GLY F 686 25.25 40.09 -21.14
CA GLY F 686 24.88 38.69 -21.01
C GLY F 686 23.38 38.47 -21.15
N LYS F 687 22.59 39.53 -21.00
CA LYS F 687 21.14 39.43 -21.12
C LYS F 687 20.80 38.39 -22.17
N GLY F 688 19.99 37.40 -21.79
CA GLY F 688 19.61 36.37 -22.74
C GLY F 688 20.45 35.10 -22.69
N VAL F 689 21.71 35.21 -22.29
CA VAL F 689 22.56 34.05 -22.22
C VAL F 689 22.96 33.68 -20.80
N PHE F 690 23.00 34.66 -19.90
CA PHE F 690 23.38 34.41 -18.51
C PHE F 690 23.08 35.61 -17.62
N ASP F 691 22.87 35.38 -16.34
CA ASP F 691 22.63 36.52 -15.44
C ASP F 691 23.85 36.69 -14.53
N CYS F 692 23.93 37.86 -13.89
CA CYS F 692 25.04 38.14 -13.01
C CYS F 692 24.72 38.18 -11.54
N ARG F 693 25.75 38.05 -10.75
CA ARG F 693 25.67 38.11 -9.31
C ARG F 693 26.94 38.83 -8.96
N LYS F 694 26.82 39.83 -8.10
CA LYS F 694 27.96 40.61 -7.66
C LYS F 694 28.27 40.15 -6.25
N ASN F 695 29.52 40.34 -5.82
CA ASN F 695 29.88 39.92 -4.47
C ASN F 695 31.21 40.48 -4.04
N VAL F 696 31.18 41.29 -2.99
CA VAL F 696 32.38 41.89 -2.47
C VAL F 696 32.80 41.12 -1.24
N LEU F 697 33.92 40.41 -1.33
CA LEU F 697 34.43 39.63 -0.20
C LEU F 697 34.47 40.49 1.06
N GLY F 698 35.00 41.70 0.93
CA GLY F 698 35.08 42.59 2.08
C GLY F 698 36.19 42.18 3.03
N HIS F 699 36.45 43.07 3.98
CA HIS F 699 37.50 42.85 4.98
C HIS F 699 37.04 42.10 6.24
N MET F 700 35.88 41.45 6.18
CA MET F 700 35.38 40.68 7.31
C MET F 700 36.13 39.35 7.34
N GLN F 701 36.56 38.92 6.16
CA GLN F 701 37.30 37.67 6.00
C GLN F 701 38.78 38.03 5.83
N GLN F 702 39.31 38.60 6.90
CA GLN F 702 40.69 39.05 6.99
C GLN F 702 41.12 38.73 8.43
N GLY F 703 40.14 38.33 9.24
CA GLY F 703 40.42 38.01 10.63
C GLY F 703 40.03 36.61 11.06
N GLY F 704 39.77 35.73 10.09
CA GLY F 704 39.42 34.36 10.42
C GLY F 704 40.67 33.64 10.89
N ALA F 705 40.55 32.35 11.21
CA ALA F 705 41.72 31.56 11.65
C ALA F 705 42.73 31.47 10.50
N PRO F 706 44.03 31.58 10.81
CA PRO F 706 45.06 31.50 9.77
C PRO F 706 45.20 30.09 9.23
N SER F 707 45.50 29.98 7.95
CA SER F 707 45.66 28.68 7.31
C SER F 707 46.95 28.05 7.80
N PRO F 708 47.06 26.72 7.73
CA PRO F 708 48.28 26.03 8.18
C PRO F 708 49.52 26.70 7.62
N PHE F 709 49.53 26.93 6.32
CA PHE F 709 50.68 27.58 5.70
C PHE F 709 51.12 28.85 6.42
N ASP F 710 50.16 29.71 6.79
CA ASP F 710 50.51 30.96 7.48
C ASP F 710 50.96 30.78 8.93
N ARG F 711 50.33 29.90 9.69
CA ARG F 711 50.76 29.71 11.08
C ARG F 711 52.20 29.20 11.09
N ASN F 712 52.60 28.49 10.05
CA ASN F 712 53.95 28.00 9.97
C ASN F 712 54.87 29.07 9.37
N PHE F 713 54.37 29.83 8.41
CA PHE F 713 55.17 30.89 7.80
C PHE F 713 55.53 31.88 8.92
N GLY F 714 54.50 32.35 9.63
CA GLY F 714 54.70 33.28 10.72
C GLY F 714 55.65 32.74 11.76
N THR F 715 55.48 31.47 12.13
CA THR F 715 56.35 30.85 13.12
C THR F 715 57.79 30.88 12.63
N LYS F 716 58.00 30.41 11.40
CA LYS F 716 59.33 30.32 10.81
C LYS F 716 60.13 31.63 10.59
N ILE F 717 59.53 32.67 10.01
CA ILE F 717 60.32 33.89 9.78
C ILE F 717 60.57 34.65 11.07
N SER F 718 59.57 34.71 11.93
CA SER F 718 59.71 35.42 13.18
C SER F 718 60.88 34.83 13.96
N ALA F 719 61.05 33.52 13.88
CA ALA F 719 62.16 32.86 14.57
C ALA F 719 63.49 33.27 13.94
N ARG F 720 63.58 33.24 12.61
CA ARG F 720 64.82 33.64 11.93
C ARG F 720 65.14 35.09 12.22
N ALA F 721 64.10 35.89 12.31
CA ALA F 721 64.27 37.31 12.57
C ALA F 721 64.84 37.52 13.97
N MET F 722 64.30 36.80 14.95
CA MET F 722 64.78 36.94 16.32
C MET F 722 66.25 36.53 16.37
N GLU F 723 66.56 35.44 15.69
CA GLU F 723 67.91 34.89 15.64
C GLU F 723 68.88 35.99 15.18
N TRP F 724 68.41 36.81 14.25
CA TRP F 724 69.18 37.91 13.70
C TRP F 724 69.41 38.96 14.77
N ILE F 725 68.33 39.33 15.46
CA ILE F 725 68.43 40.31 16.53
C ILE F 725 69.43 39.82 17.57
N THR F 726 69.26 38.57 18.00
CA THR F 726 70.15 37.98 18.98
C THR F 726 71.60 38.20 18.56
N ALA F 727 71.92 37.80 17.33
CA ALA F 727 73.28 37.93 16.82
C ALA F 727 73.75 39.39 16.72
N LYS F 728 72.85 40.28 16.34
CA LYS F 728 73.21 41.69 16.22
C LYS F 728 73.57 42.28 17.58
N LEU F 729 72.80 41.93 18.59
CA LEU F 729 73.06 42.41 19.96
C LEU F 729 74.33 41.79 20.57
N LYS F 730 74.87 40.76 19.90
CA LYS F 730 76.08 40.09 20.35
C LYS F 730 77.30 40.81 19.78
N GLU F 731 77.11 42.09 19.48
CA GLU F 731 78.20 42.91 18.96
C GLU F 731 78.35 44.13 19.86
N ALA F 732 77.76 44.07 21.05
CA ALA F 732 77.86 45.17 22.01
C ALA F 732 79.12 44.96 22.86
N LYS F 738 75.36 51.38 19.63
CA LYS F 738 74.77 52.44 18.83
C LYS F 738 74.87 52.02 17.36
N PHE F 739 73.83 51.33 16.87
CA PHE F 739 73.78 50.90 15.47
C PHE F 739 73.22 52.04 14.67
N THR F 740 74.05 52.60 13.80
CA THR F 740 73.66 53.72 12.98
C THR F 740 73.66 53.30 11.52
N THR F 741 74.51 52.33 11.22
CA THR F 741 74.66 51.77 9.88
C THR F 741 73.29 51.32 9.33
N ASP F 742 73.09 51.43 8.02
CA ASP F 742 71.83 51.05 7.37
C ASP F 742 71.30 49.65 7.70
N ASP F 743 72.19 48.67 7.70
CA ASP F 743 71.84 47.27 7.96
C ASP F 743 71.44 46.93 9.40
N SER F 744 70.96 47.93 10.13
CA SER F 744 70.51 47.73 11.50
C SER F 744 68.97 47.81 11.49
N ILE F 745 68.43 48.19 10.32
CA ILE F 745 67.00 48.30 10.07
C ILE F 745 66.68 47.62 8.75
N CYS F 746 66.10 46.42 8.81
CA CYS F 746 65.79 45.66 7.60
C CYS F 746 64.42 45.00 7.53
N VAL F 747 64.18 44.41 6.35
CA VAL F 747 62.96 43.69 6.04
C VAL F 747 63.38 42.27 5.69
N LEU F 748 62.97 41.31 6.52
CA LEU F 748 63.31 39.92 6.28
C LEU F 748 62.25 39.31 5.40
N GLY F 749 62.51 39.25 4.10
CA GLY F 749 61.52 38.66 3.22
C GLY F 749 62.03 37.54 2.32
N ILE F 750 61.12 36.95 1.55
CA ILE F 750 61.48 35.90 0.60
C ILE F 750 61.93 36.61 -0.68
N SER F 751 63.19 36.43 -1.04
CA SER F 751 63.72 37.05 -2.23
C SER F 751 64.14 35.97 -3.21
N LYS F 752 65.29 36.17 -3.86
CA LYS F 752 65.81 35.23 -4.84
C LYS F 752 65.28 33.81 -4.62
N ARG F 753 65.89 33.09 -3.69
CA ARG F 753 65.45 31.74 -3.38
C ARG F 753 65.68 31.55 -1.91
N ASN F 754 65.93 32.66 -1.24
CA ASN F 754 66.22 32.62 0.18
C ASN F 754 65.47 33.69 0.92
N VAL F 755 65.48 33.56 2.23
CA VAL F 755 64.86 34.49 3.15
C VAL F 755 66.05 35.35 3.53
N ILE F 756 66.18 36.50 2.89
CA ILE F 756 67.31 37.36 3.18
C ILE F 756 66.89 38.70 3.79
N PHE F 757 67.75 39.26 4.64
CA PHE F 757 67.49 40.54 5.28
C PHE F 757 67.94 41.64 4.32
N GLN F 758 67.04 42.57 4.03
CA GLN F 758 67.36 43.66 3.12
C GLN F 758 67.14 45.02 3.79
N PRO F 759 68.19 45.85 3.87
CA PRO F 759 68.03 47.16 4.51
C PRO F 759 66.97 48.02 3.84
N VAL F 760 66.02 48.48 4.63
CA VAL F 760 64.92 49.30 4.15
C VAL F 760 65.37 50.37 3.18
N ALA F 761 66.57 50.88 3.41
CA ALA F 761 67.09 51.94 2.56
C ALA F 761 67.24 51.57 1.10
N GLU F 762 67.70 50.36 0.81
CA GLU F 762 67.90 49.97 -0.58
C GLU F 762 66.65 49.43 -1.24
N LEU F 763 65.55 49.40 -0.49
CA LEU F 763 64.30 48.89 -1.04
C LEU F 763 63.49 50.05 -1.63
N LYS F 764 63.79 51.28 -1.21
CA LYS F 764 63.07 52.45 -1.72
C LYS F 764 63.17 52.51 -3.24
N LYS F 765 64.36 52.23 -3.75
CA LYS F 765 64.64 52.25 -5.18
C LYS F 765 63.60 51.46 -5.98
N GLN F 766 63.31 50.26 -5.51
CA GLN F 766 62.38 49.35 -6.18
C GLN F 766 60.94 49.36 -5.69
N THR F 767 60.48 50.49 -5.15
CA THR F 767 59.12 50.55 -4.66
C THR F 767 58.40 51.82 -5.09
N ASP F 768 57.13 51.67 -5.47
CA ASP F 768 56.26 52.78 -5.89
C ASP F 768 55.43 53.20 -4.70
N PHE F 769 55.85 54.27 -4.03
CA PHE F 769 55.15 54.73 -2.84
C PHE F 769 53.78 55.36 -3.05
N GLU F 770 53.44 55.63 -4.30
CA GLU F 770 52.16 56.22 -4.59
C GLU F 770 51.01 55.22 -4.44
N HIS F 771 51.24 54.00 -4.90
CA HIS F 771 50.22 52.95 -4.84
C HIS F 771 50.58 51.87 -3.84
N ARG F 772 51.70 52.08 -3.16
CA ARG F 772 52.18 51.16 -2.15
C ARG F 772 52.29 49.70 -2.60
N ILE F 773 53.02 49.50 -3.68
CA ILE F 773 53.25 48.19 -4.24
C ILE F 773 54.65 48.21 -4.80
N PRO F 774 55.33 47.08 -4.78
CA PRO F 774 56.69 47.02 -5.32
C PRO F 774 56.66 47.31 -6.82
N LYS F 775 57.74 47.90 -7.35
CA LYS F 775 57.83 48.22 -8.77
C LYS F 775 57.86 46.98 -9.67
N GLU F 776 58.49 45.92 -9.18
CA GLU F 776 58.58 44.68 -9.94
C GLU F 776 57.89 43.56 -9.16
N GLN F 777 56.73 43.15 -9.65
CA GLN F 777 55.98 42.09 -8.97
C GLN F 777 56.15 40.76 -9.68
N TRP F 778 56.86 39.85 -9.04
CA TRP F 778 57.14 38.54 -9.62
C TRP F 778 55.94 37.79 -10.18
N TRP F 779 54.85 37.72 -9.41
CA TRP F 779 53.68 36.99 -9.85
C TRP F 779 53.08 37.44 -11.18
N LEU F 780 53.40 38.64 -11.63
CA LEU F 780 52.86 39.13 -12.90
C LEU F 780 53.29 38.28 -14.09
N LYS F 781 54.40 37.55 -13.95
CA LYS F 781 54.90 36.70 -15.02
C LYS F 781 53.95 35.54 -15.20
N LEU F 782 53.10 35.31 -14.21
CA LEU F 782 52.13 34.22 -14.23
C LEU F 782 50.82 34.63 -14.86
N ARG F 783 50.59 35.94 -14.96
CA ARG F 783 49.34 36.44 -15.52
C ARG F 783 48.98 35.84 -16.90
N PRO F 784 49.92 35.83 -17.85
CA PRO F 784 49.62 35.27 -19.17
C PRO F 784 49.26 33.78 -19.12
N LEU F 785 49.59 33.13 -18.01
CA LEU F 785 49.26 31.72 -17.83
C LEU F 785 47.77 31.66 -17.53
N MET F 786 47.35 32.34 -16.48
CA MET F 786 45.95 32.35 -16.10
C MET F 786 45.07 32.63 -17.31
N LYS F 787 45.55 33.47 -18.22
CA LYS F 787 44.78 33.81 -19.41
C LYS F 787 44.64 32.69 -20.41
N ILE F 788 45.76 32.13 -20.87
CA ILE F 788 45.67 31.06 -21.84
C ILE F 788 44.90 29.85 -21.31
N LEU F 789 44.81 29.68 -19.98
CA LEU F 789 44.06 28.55 -19.37
C LEU F 789 42.57 28.83 -19.40
N ALA F 790 42.21 30.10 -19.62
CA ALA F 790 40.81 30.51 -19.69
C ALA F 790 40.36 30.51 -21.13
N LYS F 791 41.24 30.00 -22.00
CA LYS F 791 41.03 29.89 -23.43
C LYS F 791 41.26 31.20 -24.17
N TYR F 792 42.18 32.01 -23.67
CA TYR F 792 42.51 33.26 -24.35
C TYR F 792 43.83 33.02 -25.06
N LYS F 793 44.14 33.92 -25.98
CA LYS F 793 45.39 33.84 -26.75
C LYS F 793 46.25 34.99 -26.24
N ALA F 794 47.16 34.68 -25.30
CA ALA F 794 48.03 35.70 -24.74
C ALA F 794 49.49 35.34 -24.93
N SER F 795 50.34 36.36 -25.13
CA SER F 795 51.77 36.12 -25.30
C SER F 795 52.31 35.68 -23.95
N TYR F 796 53.05 34.58 -23.92
CA TYR F 796 53.59 34.07 -22.68
C TYR F 796 55.10 34.07 -22.65
N ASP F 797 55.69 35.07 -22.00
CA ASP F 797 57.14 35.15 -21.91
C ASP F 797 57.54 34.03 -20.96
N VAL F 798 58.01 32.92 -21.54
CA VAL F 798 58.40 31.78 -20.72
C VAL F 798 59.93 31.69 -20.59
N SER F 799 60.58 32.85 -20.51
CA SER F 799 62.03 32.91 -20.36
C SER F 799 62.50 32.44 -19.00
N ASP F 800 61.74 32.78 -17.96
CA ASP F 800 62.05 32.38 -16.59
C ASP F 800 61.76 30.91 -16.33
N SER F 801 61.43 30.16 -17.37
CA SER F 801 61.14 28.74 -17.23
C SER F 801 62.31 28.05 -16.54
N GLY F 802 62.12 26.79 -16.18
CA GLY F 802 63.18 26.06 -15.52
C GLY F 802 64.22 25.51 -16.48
N GLN F 803 65.35 25.09 -15.92
CA GLN F 803 66.43 24.50 -16.70
C GLN F 803 67.14 23.43 -15.87
N LEU F 804 67.66 22.41 -16.55
CA LEU F 804 68.33 21.28 -15.94
C LEU F 804 69.46 21.66 -14.98
N GLU F 805 69.19 21.56 -13.68
CA GLU F 805 70.18 21.89 -12.65
C GLU F 805 70.38 20.69 -11.75
N HIS F 806 71.63 20.39 -11.37
CA HIS F 806 71.86 19.26 -10.48
C HIS F 806 71.22 19.66 -9.16
N VAL F 807 70.99 18.70 -8.29
CA VAL F 807 70.37 18.98 -7.01
C VAL F 807 71.42 19.15 -5.92
N GLN F 808 71.10 20.02 -4.95
CA GLN F 808 71.94 20.30 -3.79
C GLN F 808 71.23 21.32 -2.92
N ARG G 42 7.53 59.16 -46.69
CA ARG G 42 8.07 60.00 -47.80
C ARG G 42 9.60 59.97 -47.82
N LYS G 43 10.21 61.13 -47.55
CA LYS G 43 11.64 61.25 -47.63
C LYS G 43 12.49 61.62 -46.41
N PHE G 44 13.80 61.40 -46.58
CA PHE G 44 14.83 61.66 -45.59
C PHE G 44 15.71 62.82 -46.10
N LEU G 45 16.27 63.58 -45.17
CA LEU G 45 17.11 64.74 -45.48
C LEU G 45 18.38 64.44 -46.29
N GLU G 46 19.08 63.36 -45.95
CA GLU G 46 20.32 63.02 -46.66
C GLU G 46 20.08 62.67 -48.13
N HIS G 47 18.81 62.71 -48.53
CA HIS G 47 18.43 62.42 -49.92
C HIS G 47 17.89 63.65 -50.59
N LEU G 48 18.05 64.80 -49.94
CA LEU G 48 17.58 66.07 -50.46
C LEU G 48 18.81 66.98 -50.63
N SER G 49 19.72 66.53 -51.48
CA SER G 49 20.96 67.23 -51.77
C SER G 49 20.76 68.67 -52.18
N GLY G 50 21.54 69.55 -51.56
CA GLY G 50 21.49 70.96 -51.89
C GLY G 50 22.88 71.31 -52.39
N ALA G 51 23.67 70.28 -52.73
CA ALA G 51 25.02 70.47 -53.23
C ALA G 51 25.03 71.41 -54.42
N GLY G 52 25.93 72.39 -54.41
CA GLY G 52 26.00 73.32 -55.52
C GLY G 52 25.24 74.60 -55.23
N LYS G 53 24.28 74.55 -54.31
CA LYS G 53 23.52 75.75 -53.98
C LYS G 53 24.24 76.57 -52.91
N ALA G 54 24.00 77.87 -52.91
CA ALA G 54 24.62 78.77 -51.94
C ALA G 54 23.54 79.55 -51.19
N ILE G 55 23.50 79.36 -49.87
CA ILE G 55 22.50 80.04 -49.05
C ILE G 55 23.06 81.20 -48.27
N GLY G 56 22.32 82.29 -48.24
CA GLY G 56 22.72 83.46 -47.49
C GLY G 56 21.71 83.66 -46.38
N VAL G 57 22.20 83.86 -45.17
CA VAL G 57 21.32 84.08 -44.01
C VAL G 57 21.69 85.38 -43.33
N LEU G 58 20.67 86.13 -42.89
CA LEU G 58 20.90 87.41 -42.24
C LEU G 58 19.81 87.66 -41.22
N THR G 59 20.12 88.47 -40.21
CA THR G 59 19.15 88.79 -39.16
C THR G 59 18.88 90.28 -39.25
N SER G 60 17.61 90.65 -39.44
CA SER G 60 17.27 92.06 -39.56
C SER G 60 16.28 92.56 -38.52
N GLY G 61 16.19 93.88 -38.40
CA GLY G 61 15.30 94.49 -37.44
C GLY G 61 15.89 94.46 -36.04
N GLY G 62 15.03 94.57 -35.03
CA GLY G 62 15.51 94.54 -33.66
C GLY G 62 15.95 93.13 -33.34
N ASP G 63 16.92 92.96 -32.45
CA ASP G 63 17.37 91.62 -32.11
C ASP G 63 16.34 90.94 -31.20
N ALA G 64 16.30 89.62 -31.26
CA ALA G 64 15.36 88.86 -30.44
C ALA G 64 15.97 87.52 -30.01
N GLN G 65 15.90 87.22 -28.72
CA GLN G 65 16.47 85.97 -28.21
C GLN G 65 16.01 84.75 -29.00
N GLY G 66 16.98 84.00 -29.50
CA GLY G 66 16.67 82.82 -30.29
C GLY G 66 17.19 82.95 -31.71
N MET G 67 17.61 84.14 -32.08
CA MET G 67 18.13 84.35 -33.42
C MET G 67 19.37 83.50 -33.65
N ASN G 68 20.28 83.46 -32.68
CA ASN G 68 21.47 82.65 -32.85
C ASN G 68 21.09 81.18 -33.02
N ALA G 69 20.17 80.70 -32.20
CA ALA G 69 19.72 79.32 -32.29
C ALA G 69 19.27 79.04 -33.72
N ALA G 70 18.61 80.04 -34.31
CA ALA G 70 18.10 79.97 -35.66
C ALA G 70 19.22 79.87 -36.69
N VAL G 71 20.16 80.82 -36.68
CA VAL G 71 21.23 80.77 -37.67
C VAL G 71 22.08 79.53 -37.45
N ARG G 72 22.23 79.12 -36.20
CA ARG G 72 23.02 77.92 -35.90
C ARG G 72 22.41 76.77 -36.67
N ALA G 73 21.07 76.67 -36.60
CA ALA G 73 20.32 75.62 -37.27
C ALA G 73 20.48 75.73 -38.79
N VAL G 74 20.21 76.91 -39.33
CA VAL G 74 20.33 77.15 -40.76
C VAL G 74 21.73 76.79 -41.25
N VAL G 75 22.76 77.42 -40.68
CA VAL G 75 24.13 77.14 -41.09
C VAL G 75 24.39 75.66 -41.13
N ARG G 76 24.24 74.99 -39.99
CA ARG G 76 24.51 73.56 -39.95
C ARG G 76 23.61 72.71 -40.83
N MET G 77 22.31 72.99 -40.87
CA MET G 77 21.44 72.20 -41.72
C MET G 77 21.84 72.30 -43.18
N GLY G 78 22.23 73.51 -43.60
CA GLY G 78 22.66 73.71 -44.98
C GLY G 78 23.92 72.91 -45.23
N ILE G 79 24.96 73.21 -44.47
CA ILE G 79 26.24 72.52 -44.60
C ILE G 79 26.04 71.01 -44.63
N TYR G 80 25.07 70.52 -43.88
CA TYR G 80 24.81 69.08 -43.81
C TYR G 80 24.24 68.52 -45.11
N VAL G 81 23.27 69.21 -45.70
CA VAL G 81 22.67 68.75 -46.96
C VAL G 81 23.60 69.01 -48.14
N GLY G 82 24.82 69.44 -47.86
CA GLY G 82 25.78 69.68 -48.92
C GLY G 82 25.78 71.08 -49.51
N ALA G 83 24.94 71.99 -48.99
CA ALA G 83 24.93 73.34 -49.51
C ALA G 83 26.10 74.10 -48.90
N LYS G 84 26.23 75.37 -49.27
CA LYS G 84 27.30 76.17 -48.74
C LYS G 84 26.59 77.43 -48.24
N VAL G 85 26.64 77.68 -46.94
CA VAL G 85 25.97 78.84 -46.40
C VAL G 85 26.88 80.03 -46.08
N TYR G 86 26.36 81.24 -46.29
CA TYR G 86 27.08 82.50 -46.09
C TYR G 86 26.37 83.41 -45.09
N PHE G 87 27.17 84.07 -44.25
CA PHE G 87 26.69 85.00 -43.24
C PHE G 87 26.51 86.35 -43.93
N ILE G 88 25.56 87.14 -43.46
CA ILE G 88 25.36 88.47 -44.01
C ILE G 88 25.12 89.39 -42.81
N TYR G 89 26.22 89.93 -42.32
CA TYR G 89 26.23 90.79 -41.16
C TYR G 89 25.37 92.05 -41.29
N GLU G 90 24.84 92.47 -40.15
CA GLU G 90 24.04 93.69 -40.06
C GLU G 90 22.77 93.70 -40.87
N GLY G 91 22.15 92.55 -41.02
CA GLY G 91 20.90 92.50 -41.78
C GLY G 91 21.07 93.04 -43.18
N TYR G 92 20.08 93.78 -43.68
CA TYR G 92 20.15 94.33 -45.04
C TYR G 92 21.32 95.29 -45.26
N GLN G 93 21.69 96.04 -44.23
CA GLN G 93 22.81 96.97 -44.34
C GLN G 93 23.99 96.23 -44.92
N GLY G 94 24.41 95.17 -44.23
CA GLY G 94 25.54 94.38 -44.68
C GLY G 94 25.40 93.84 -46.10
N MET G 95 24.17 93.64 -46.56
CA MET G 95 23.95 93.13 -47.91
C MET G 95 24.19 94.24 -48.94
N VAL G 96 23.74 95.44 -48.62
CA VAL G 96 23.92 96.59 -49.48
C VAL G 96 25.42 96.86 -49.55
N ASP G 97 26.05 97.04 -48.39
CA ASP G 97 27.49 97.30 -48.29
C ASP G 97 28.32 96.23 -48.99
N GLY G 98 27.95 94.98 -48.78
CA GLY G 98 28.68 93.88 -49.40
C GLY G 98 30.12 93.80 -48.93
N GLY G 99 30.93 93.08 -49.70
CA GLY G 99 32.33 92.93 -49.36
C GLY G 99 32.52 91.94 -48.23
N SER G 100 33.23 92.37 -47.19
CA SER G 100 33.48 91.51 -46.03
C SER G 100 32.23 91.31 -45.16
N ASN G 101 31.17 92.09 -45.44
CA ASN G 101 29.93 91.96 -44.70
C ASN G 101 29.27 90.64 -45.05
N ILE G 102 29.88 89.90 -45.97
CA ILE G 102 29.39 88.61 -46.42
C ILE G 102 30.52 87.60 -46.41
N ALA G 103 30.47 86.66 -45.46
CA ALA G 103 31.51 85.65 -45.33
C ALA G 103 30.89 84.27 -45.31
N GLU G 104 31.65 83.28 -45.76
CA GLU G 104 31.16 81.92 -45.74
C GLU G 104 31.23 81.45 -44.30
N ALA G 105 30.26 80.64 -43.90
CA ALA G 105 30.21 80.12 -42.54
C ALA G 105 30.45 78.62 -42.55
N ASP G 106 31.22 78.12 -41.58
CA ASP G 106 31.49 76.70 -41.49
C ASP G 106 30.85 76.17 -40.21
N TRP G 107 30.90 74.86 -40.02
CA TRP G 107 30.29 74.24 -38.86
C TRP G 107 30.61 74.87 -37.52
N GLU G 108 31.83 75.38 -37.37
CA GLU G 108 32.22 75.98 -36.09
C GLU G 108 31.81 77.43 -35.92
N SER G 109 31.41 78.08 -37.00
CA SER G 109 30.98 79.47 -36.93
C SER G 109 29.87 79.65 -35.90
N VAL G 110 28.86 78.79 -36.00
CA VAL G 110 27.72 78.84 -35.10
C VAL G 110 27.88 77.96 -33.89
N SER G 111 29.13 77.67 -33.52
CA SER G 111 29.39 76.81 -32.36
C SER G 111 29.19 77.54 -31.05
N SER G 112 28.39 76.94 -30.16
CA SER G 112 28.12 77.50 -28.84
C SER G 112 27.54 78.91 -28.82
N ILE G 113 26.43 79.10 -29.53
CA ILE G 113 25.75 80.39 -29.57
C ILE G 113 24.28 80.16 -29.26
N LEU G 114 23.97 78.90 -28.98
CA LEU G 114 22.61 78.49 -28.69
C LEU G 114 22.02 79.25 -27.50
N GLN G 115 22.78 79.31 -26.40
CA GLN G 115 22.34 79.98 -25.19
C GLN G 115 22.62 81.48 -25.18
N VAL G 116 22.83 82.05 -26.36
CA VAL G 116 23.15 83.46 -26.46
C VAL G 116 22.06 84.36 -27.03
N GLY G 117 21.75 85.43 -26.30
CA GLY G 117 20.74 86.37 -26.75
C GLY G 117 21.26 87.19 -27.94
N GLY G 118 20.39 88.00 -28.53
CA GLY G 118 20.82 88.80 -29.65
C GLY G 118 21.22 87.95 -30.83
N THR G 119 22.17 88.46 -31.62
CA THR G 119 22.63 87.78 -32.81
C THR G 119 24.12 88.06 -33.12
N ILE G 120 24.90 87.00 -33.28
CA ILE G 120 26.33 87.15 -33.59
C ILE G 120 26.56 87.70 -34.99
N ILE G 121 25.51 87.65 -35.80
CA ILE G 121 25.54 88.14 -37.17
C ILE G 121 25.29 89.64 -37.13
N GLY G 122 24.59 90.06 -36.07
CA GLY G 122 24.25 91.46 -35.93
C GLY G 122 22.99 91.74 -36.71
N SER G 123 22.17 92.64 -36.17
CA SER G 123 20.93 93.01 -36.81
C SER G 123 20.76 94.50 -36.67
N ALA G 124 20.37 95.16 -37.76
CA ALA G 124 20.18 96.59 -37.69
C ALA G 124 19.10 97.01 -38.67
N ARG G 125 18.92 98.32 -38.80
CA ARG G 125 17.97 98.89 -39.72
C ARG G 125 18.77 99.49 -40.87
N CYS G 126 18.37 99.15 -42.09
CA CYS G 126 19.06 99.63 -43.27
C CYS G 126 18.15 100.59 -43.99
N GLN G 127 18.52 101.87 -44.01
CA GLN G 127 17.70 102.84 -44.69
C GLN G 127 17.92 102.74 -46.18
N ALA G 128 19.15 102.40 -46.55
CA ALA G 128 19.50 102.26 -47.95
C ALA G 128 18.61 101.24 -48.69
N PHE G 129 18.19 100.19 -47.99
CA PHE G 129 17.36 99.14 -48.59
C PHE G 129 15.92 99.62 -48.84
N ARG G 130 15.53 100.73 -48.23
CA ARG G 130 14.18 101.27 -48.42
C ARG G 130 14.09 101.82 -49.85
N THR G 131 15.24 102.22 -50.39
CA THR G 131 15.35 102.79 -51.73
C THR G 131 15.65 101.80 -52.84
N ARG G 132 15.44 102.26 -54.07
CA ARG G 132 15.69 101.46 -55.26
C ARG G 132 17.20 101.28 -55.48
N GLU G 133 17.99 102.28 -55.06
CA GLU G 133 19.45 102.22 -55.21
C GLU G 133 20.05 101.17 -54.28
N GLY G 134 19.48 101.07 -53.09
CA GLY G 134 19.97 100.08 -52.14
C GLY G 134 19.73 98.68 -52.66
N ARG G 135 18.47 98.38 -53.00
CA ARG G 135 18.12 97.07 -53.51
C ARG G 135 19.04 96.67 -54.65
N LEU G 136 19.40 97.62 -55.51
CA LEU G 136 20.27 97.33 -56.64
C LEU G 136 21.67 96.99 -56.18
N LYS G 137 22.22 97.84 -55.32
CA LYS G 137 23.58 97.63 -54.82
C LYS G 137 23.65 96.27 -54.12
N ALA G 138 22.58 95.91 -53.42
CA ALA G 138 22.51 94.63 -52.71
C ALA G 138 22.47 93.45 -53.68
N ALA G 139 21.53 93.48 -54.61
CA ALA G 139 21.38 92.41 -55.59
C ALA G 139 22.69 92.17 -56.30
N CYS G 140 23.51 93.22 -56.38
CA CYS G 140 24.80 93.12 -57.06
C CYS G 140 25.78 92.28 -56.24
N ASN G 141 25.95 92.64 -54.97
CA ASN G 141 26.85 91.92 -54.09
C ASN G 141 26.42 90.45 -53.95
N LEU G 142 25.10 90.21 -53.95
CA LEU G 142 24.59 88.85 -53.83
C LEU G 142 25.01 88.04 -55.05
N LEU G 143 24.81 88.63 -56.22
CA LEU G 143 25.16 88.00 -57.48
C LEU G 143 26.67 87.83 -57.59
N GLN G 144 27.39 88.81 -57.07
CA GLN G 144 28.84 88.79 -57.09
C GLN G 144 29.38 87.62 -56.28
N ARG G 145 28.54 87.04 -55.43
CA ARG G 145 28.94 85.91 -54.58
C ARG G 145 28.21 84.60 -54.91
N GLY G 146 27.37 84.64 -55.95
CA GLY G 146 26.65 83.45 -56.37
C GLY G 146 25.53 83.02 -55.44
N ILE G 147 25.02 83.95 -54.64
CA ILE G 147 23.96 83.67 -53.69
C ILE G 147 22.57 84.00 -54.24
N THR G 148 21.80 82.95 -54.56
CA THR G 148 20.46 83.13 -55.09
C THR G 148 19.40 82.57 -54.14
N ASN G 149 19.86 81.97 -53.05
CA ASN G 149 18.99 81.40 -52.03
C ASN G 149 19.14 82.22 -50.76
N LEU G 150 18.06 82.84 -50.33
CA LEU G 150 18.09 83.74 -49.17
C LEU G 150 17.21 83.33 -47.99
N CYS G 151 17.74 83.51 -46.78
CA CYS G 151 16.99 83.22 -45.57
C CYS G 151 16.98 84.44 -44.66
N VAL G 152 15.85 85.14 -44.63
CA VAL G 152 15.73 86.32 -43.81
C VAL G 152 15.05 86.04 -42.48
N ILE G 153 15.75 86.37 -41.40
CA ILE G 153 15.24 86.18 -40.06
C ILE G 153 14.99 87.55 -39.44
N GLY G 154 13.72 87.93 -39.35
CA GLY G 154 13.36 89.22 -38.79
C GLY G 154 11.86 89.36 -38.57
N GLY G 155 11.44 90.60 -38.37
CA GLY G 155 10.04 90.88 -38.12
C GLY G 155 9.26 91.37 -39.33
N ASP G 156 8.02 91.81 -39.07
CA ASP G 156 7.12 92.31 -40.11
C ASP G 156 7.84 93.11 -41.18
N GLY G 157 8.65 94.06 -40.74
CA GLY G 157 9.39 94.90 -41.67
C GLY G 157 10.33 94.10 -42.53
N SER G 158 11.39 93.59 -41.92
CA SER G 158 12.39 92.80 -42.64
C SER G 158 11.73 91.89 -43.67
N LEU G 159 10.64 91.25 -43.27
CA LEU G 159 9.94 90.33 -44.14
C LEU G 159 9.21 90.98 -45.30
N THR G 160 8.48 92.06 -45.06
CA THR G 160 7.78 92.72 -46.17
C THR G 160 8.85 93.26 -47.16
N GLY G 161 9.94 93.77 -46.61
CA GLY G 161 11.00 94.28 -47.45
C GLY G 161 11.58 93.18 -48.30
N ALA G 162 11.68 91.99 -47.72
CA ALA G 162 12.23 90.84 -48.45
C ALA G 162 11.28 90.48 -49.57
N ASN G 163 9.99 90.49 -49.26
CA ASN G 163 8.95 90.18 -50.24
C ASN G 163 9.12 91.09 -51.45
N LEU G 164 9.18 92.40 -51.20
CA LEU G 164 9.36 93.38 -52.26
C LEU G 164 10.63 93.12 -53.07
N PHE G 165 11.72 92.77 -52.40
CA PHE G 165 12.99 92.50 -53.06
C PHE G 165 12.83 91.35 -54.07
N ARG G 166 11.96 90.39 -53.74
CA ARG G 166 11.72 89.26 -54.63
C ARG G 166 11.04 89.75 -55.91
N LYS G 167 10.09 90.66 -55.75
CA LYS G 167 9.35 91.21 -56.89
C LYS G 167 10.30 91.90 -57.85
N GLU G 168 11.00 92.90 -57.32
CA GLU G 168 11.93 93.69 -58.10
C GLU G 168 13.15 92.92 -58.57
N TRP G 169 13.31 91.68 -58.12
CA TRP G 169 14.48 90.89 -58.51
C TRP G 169 14.77 90.96 -60.00
N SER G 170 13.91 90.34 -60.80
CA SER G 170 14.07 90.35 -62.25
C SER G 170 14.34 91.78 -62.71
N GLY G 171 13.53 92.72 -62.20
CA GLY G 171 13.68 94.11 -62.57
C GLY G 171 15.04 94.72 -62.22
N LEU G 172 15.63 94.29 -61.11
CA LEU G 172 16.92 94.80 -60.68
C LEU G 172 18.06 94.26 -61.53
N LEU G 173 17.94 93.01 -61.96
CA LEU G 173 18.97 92.40 -62.79
C LEU G 173 19.02 93.06 -64.16
N GLU G 174 17.89 93.61 -64.59
CA GLU G 174 17.83 94.28 -65.88
C GLU G 174 18.73 95.49 -65.75
N GLU G 175 18.32 96.41 -64.88
CA GLU G 175 19.03 97.65 -64.62
C GLU G 175 20.51 97.45 -64.35
N LEU G 176 20.89 96.29 -63.83
CA LEU G 176 22.29 96.02 -63.53
C LEU G 176 23.08 95.57 -64.75
N ALA G 177 22.45 94.76 -65.62
CA ALA G 177 23.09 94.27 -66.84
C ALA G 177 23.15 95.42 -67.84
N ARG G 178 22.14 96.26 -67.77
CA ARG G 178 22.00 97.44 -68.61
C ARG G 178 23.14 98.43 -68.34
N ASN G 179 23.45 98.66 -67.06
CA ASN G 179 24.50 99.58 -66.67
C ASN G 179 25.85 98.90 -66.61
N GLY G 180 25.93 97.72 -67.23
CA GLY G 180 27.16 96.96 -67.26
C GLY G 180 27.86 96.67 -65.95
N GLN G 181 27.08 96.38 -64.91
CA GLN G 181 27.66 96.07 -63.60
C GLN G 181 27.62 94.57 -63.38
N ILE G 182 26.88 93.88 -64.23
CA ILE G 182 26.79 92.43 -64.15
C ILE G 182 26.84 91.86 -65.56
N ASP G 183 27.11 90.57 -65.64
CA ASP G 183 27.20 89.88 -66.92
C ASP G 183 25.83 89.82 -67.61
N LYS G 184 25.84 89.83 -68.93
CA LYS G 184 24.61 89.75 -69.71
C LYS G 184 23.98 88.35 -69.57
N GLU G 185 24.82 87.34 -69.42
CA GLU G 185 24.35 85.96 -69.30
C GLU G 185 24.03 85.63 -67.84
N ALA G 186 24.68 86.32 -66.92
CA ALA G 186 24.45 86.10 -65.50
C ALA G 186 23.02 86.49 -65.15
N VAL G 187 22.41 87.32 -65.99
CA VAL G 187 21.04 87.76 -65.75
C VAL G 187 20.06 86.59 -65.95
N GLN G 188 20.55 85.49 -66.51
CA GLN G 188 19.72 84.30 -66.73
C GLN G 188 19.99 83.27 -65.65
N LYS G 189 21.28 83.06 -65.35
CA LYS G 189 21.67 82.08 -64.35
C LYS G 189 21.06 82.43 -62.99
N TYR G 190 21.44 83.59 -62.47
CA TYR G 190 20.94 84.06 -61.19
C TYR G 190 19.58 84.74 -61.40
N ALA G 191 18.69 84.07 -62.13
CA ALA G 191 17.38 84.64 -62.41
C ALA G 191 16.31 84.28 -61.41
N TYR G 192 16.51 83.19 -60.67
CA TYR G 192 15.52 82.78 -59.68
C TYR G 192 16.01 83.05 -58.27
N LEU G 193 15.20 83.81 -57.52
CA LEU G 193 15.56 84.15 -56.16
C LEU G 193 14.70 83.37 -55.17
N ASN G 194 15.31 82.41 -54.47
CA ASN G 194 14.59 81.63 -53.47
C ASN G 194 14.64 82.34 -52.14
N VAL G 195 13.51 82.88 -51.71
CA VAL G 195 13.46 83.57 -50.45
C VAL G 195 12.57 82.84 -49.48
N VAL G 196 13.00 82.78 -48.22
CA VAL G 196 12.25 82.12 -47.15
C VAL G 196 12.49 82.92 -45.88
N GLY G 197 11.46 83.17 -45.10
CA GLY G 197 11.65 83.95 -43.91
C GLY G 197 11.23 83.29 -42.61
N MET G 198 11.83 83.77 -41.52
CA MET G 198 11.54 83.27 -40.18
C MET G 198 11.16 84.50 -39.37
N VAL G 199 10.01 84.47 -38.72
CA VAL G 199 9.63 85.64 -37.93
C VAL G 199 10.42 85.63 -36.64
N GLY G 200 11.34 86.61 -36.52
CA GLY G 200 12.17 86.72 -35.35
C GLY G 200 12.15 88.13 -34.79
N SER G 201 11.11 88.42 -34.02
CA SER G 201 10.95 89.72 -33.40
C SER G 201 10.15 89.51 -32.13
N ILE G 202 10.41 90.31 -31.10
CA ILE G 202 9.69 90.14 -29.86
C ILE G 202 8.32 90.79 -29.94
N ASP G 203 8.01 91.43 -31.07
CA ASP G 203 6.72 92.08 -31.22
C ASP G 203 5.58 91.11 -31.58
N ASN G 204 5.85 90.19 -32.52
CA ASN G 204 4.86 89.21 -32.98
C ASN G 204 3.80 89.92 -33.84
N ASP G 205 4.22 90.96 -34.53
CA ASP G 205 3.36 91.78 -35.38
C ASP G 205 3.21 91.29 -36.81
N PHE G 206 3.52 90.01 -37.09
CA PHE G 206 3.44 89.52 -38.48
C PHE G 206 2.35 88.48 -38.70
N CYS G 207 1.17 88.93 -39.15
CA CYS G 207 0.04 88.04 -39.36
C CYS G 207 0.35 86.78 -40.16
N GLY G 208 -0.31 85.69 -39.80
CA GLY G 208 -0.07 84.46 -40.49
C GLY G 208 0.63 83.47 -39.58
N THR G 209 1.38 83.95 -38.59
CA THR G 209 2.07 83.05 -37.66
C THR G 209 1.45 83.14 -36.27
N ASP G 210 1.49 82.02 -35.58
CA ASP G 210 0.93 81.92 -34.25
C ASP G 210 1.92 82.46 -33.23
N MET G 211 3.07 81.82 -33.17
CA MET G 211 4.13 82.19 -32.25
C MET G 211 5.42 82.44 -33.01
N THR G 212 6.13 83.51 -32.63
CA THR G 212 7.39 83.85 -33.28
C THR G 212 8.57 83.67 -32.32
N ILE G 213 9.77 83.64 -32.87
CA ILE G 213 11.00 83.46 -32.09
C ILE G 213 11.34 84.72 -31.31
N GLY G 214 11.42 84.58 -29.99
CA GLY G 214 11.76 85.70 -29.15
C GLY G 214 10.67 86.11 -28.18
N THR G 215 9.42 85.79 -28.50
CA THR G 215 8.34 86.18 -27.62
C THR G 215 8.37 85.48 -26.28
N ASP G 216 8.48 84.15 -26.25
CA ASP G 216 8.50 83.47 -24.97
C ASP G 216 9.62 84.04 -24.11
N SER G 217 10.76 84.33 -24.73
CA SER G 217 11.90 84.88 -24.01
C SER G 217 11.59 86.25 -23.43
N ALA G 218 10.93 87.10 -24.21
CA ALA G 218 10.60 88.45 -23.74
C ALA G 218 9.61 88.32 -22.58
N LEU G 219 8.68 87.39 -22.74
CA LEU G 219 7.69 87.16 -21.71
C LEU G 219 8.39 86.80 -20.40
N HIS G 220 9.44 85.98 -20.49
CA HIS G 220 10.20 85.58 -19.30
C HIS G 220 10.73 86.83 -18.65
N ARG G 221 11.44 87.66 -19.43
CA ARG G 221 12.00 88.91 -18.91
C ARG G 221 10.92 89.71 -18.21
N ILE G 222 9.76 89.84 -18.84
CA ILE G 222 8.65 90.60 -18.29
C ILE G 222 8.13 90.06 -16.96
N ILE G 223 7.76 88.79 -16.97
CA ILE G 223 7.24 88.13 -15.78
C ILE G 223 8.26 88.10 -14.65
N GLU G 224 9.54 88.09 -14.99
CA GLU G 224 10.58 88.10 -13.98
C GLU G 224 10.45 89.39 -13.18
N VAL G 225 10.24 90.51 -13.88
CA VAL G 225 10.08 91.79 -13.23
C VAL G 225 8.84 91.78 -12.34
N VAL G 226 7.72 91.37 -12.91
CA VAL G 226 6.47 91.32 -12.15
C VAL G 226 6.66 90.50 -10.89
N ASP G 227 7.27 89.32 -11.03
CA ASP G 227 7.49 88.44 -9.89
C ASP G 227 8.35 89.11 -8.82
N ALA G 228 9.31 89.90 -9.26
CA ALA G 228 10.21 90.61 -8.35
C ALA G 228 9.44 91.67 -7.54
N ILE G 229 8.40 92.23 -8.13
CA ILE G 229 7.59 93.24 -7.47
C ILE G 229 6.58 92.58 -6.53
N MET G 230 6.15 91.38 -6.87
CA MET G 230 5.18 90.67 -6.06
C MET G 230 5.74 90.05 -4.77
N THR G 231 7.06 89.85 -4.71
CA THR G 231 7.65 89.28 -3.51
C THR G 231 7.95 90.39 -2.51
N THR G 232 7.64 91.64 -2.89
CA THR G 232 7.86 92.80 -2.02
C THR G 232 6.58 93.05 -1.24
N ALA G 233 6.69 93.18 0.07
CA ALA G 233 5.51 93.42 0.91
C ALA G 233 5.39 94.86 1.38
N GLN G 234 4.17 95.39 1.30
CA GLN G 234 3.86 96.75 1.75
C GLN G 234 2.53 96.68 2.47
N SER G 235 2.33 97.56 3.44
CA SER G 235 1.09 97.55 4.20
C SER G 235 -0.02 98.27 3.45
N HIS G 236 0.32 99.39 2.82
CA HIS G 236 -0.68 100.14 2.07
C HIS G 236 -0.85 99.59 0.65
N GLN G 237 -1.98 99.93 0.05
CA GLN G 237 -2.30 99.49 -1.31
C GLN G 237 -1.27 100.04 -2.31
N ARG G 238 -0.86 99.19 -3.23
CA ARG G 238 0.10 99.57 -4.27
C ARG G 238 -0.45 99.23 -5.64
N THR G 239 -0.07 100.01 -6.64
CA THR G 239 -0.52 99.78 -8.01
C THR G 239 0.69 99.90 -8.91
N PHE G 240 0.98 98.82 -9.60
CA PHE G 240 2.13 98.78 -10.49
C PHE G 240 1.73 98.89 -11.96
N VAL G 241 2.25 99.90 -12.64
CA VAL G 241 1.95 100.09 -14.06
C VAL G 241 3.17 99.71 -14.87
N LEU G 242 3.05 98.63 -15.64
CA LEU G 242 4.14 98.11 -16.45
C LEU G 242 3.85 98.24 -17.95
N GLU G 243 4.78 98.87 -18.67
CA GLU G 243 4.63 99.06 -20.09
C GLU G 243 5.54 98.12 -20.84
N VAL G 244 4.94 97.11 -21.47
CA VAL G 244 5.69 96.13 -22.24
C VAL G 244 5.80 96.60 -23.69
N MET G 245 6.33 95.75 -24.56
CA MET G 245 6.47 96.11 -25.95
C MET G 245 5.30 95.72 -26.87
N GLY G 246 5.53 95.91 -28.17
CA GLY G 246 4.52 95.62 -29.17
C GLY G 246 4.15 96.94 -29.84
N ARG G 247 4.88 97.29 -30.90
CA ARG G 247 4.63 98.53 -31.65
C ARG G 247 3.13 98.79 -31.75
N HIS G 248 2.48 98.03 -32.63
CA HIS G 248 1.05 98.14 -32.83
C HIS G 248 0.44 96.76 -32.66
N CYS G 249 1.04 95.99 -31.77
CA CYS G 249 0.55 94.65 -31.46
C CYS G 249 0.46 94.48 -29.95
N GLY G 250 -0.72 94.11 -29.48
CA GLY G 250 -0.91 93.92 -28.05
C GLY G 250 -0.76 92.48 -27.61
N TYR G 251 -0.14 91.66 -28.44
CA TYR G 251 0.04 90.26 -28.10
C TYR G 251 0.83 90.14 -26.80
N LEU G 252 2.03 90.72 -26.79
CA LEU G 252 2.88 90.68 -25.61
C LEU G 252 2.08 91.14 -24.40
N ALA G 253 1.50 92.32 -24.51
CA ALA G 253 0.72 92.89 -23.44
C ALA G 253 -0.33 91.92 -22.93
N LEU G 254 -1.03 91.26 -23.86
CA LEU G 254 -2.08 90.34 -23.50
C LEU G 254 -1.56 89.15 -22.72
N VAL G 255 -0.69 88.35 -23.33
CA VAL G 255 -0.17 87.16 -22.64
C VAL G 255 0.51 87.52 -21.32
N SER G 256 1.10 88.73 -21.27
CA SER G 256 1.74 89.21 -20.06
C SER G 256 0.67 89.37 -19.00
N ALA G 257 -0.47 89.92 -19.41
CA ALA G 257 -1.58 90.15 -18.52
C ALA G 257 -2.11 88.87 -17.83
N LEU G 258 -2.45 87.84 -18.60
CA LEU G 258 -2.98 86.64 -17.95
C LEU G 258 -1.88 85.71 -17.48
N ALA G 259 -0.65 86.22 -17.46
CA ALA G 259 0.47 85.44 -17.00
C ALA G 259 0.65 85.82 -15.54
N CYS G 260 0.11 86.98 -15.18
CA CYS G 260 0.20 87.45 -13.81
C CYS G 260 -1.13 87.96 -13.28
N GLY G 261 -2.22 87.59 -13.96
CA GLY G 261 -3.55 88.01 -13.55
C GLY G 261 -3.70 89.52 -13.33
N ALA G 262 -3.26 90.29 -14.31
CA ALA G 262 -3.34 91.74 -14.23
C ALA G 262 -4.77 92.19 -13.98
N ASP G 263 -4.92 93.41 -13.45
CA ASP G 263 -6.23 93.98 -13.16
C ASP G 263 -6.81 94.60 -14.42
N TRP G 264 -5.93 95.03 -15.31
CA TRP G 264 -6.37 95.69 -16.51
C TRP G 264 -5.30 95.68 -17.59
N VAL G 265 -5.73 95.65 -18.85
CA VAL G 265 -4.80 95.66 -19.98
C VAL G 265 -5.19 96.66 -21.07
N PHE G 266 -4.19 97.21 -21.74
CA PHE G 266 -4.44 98.15 -22.81
C PHE G 266 -3.86 97.59 -24.08
N LEU G 267 -4.75 97.25 -25.01
CA LEU G 267 -4.34 96.68 -26.29
C LEU G 267 -4.75 97.60 -27.44
N PRO G 268 -3.91 97.66 -28.49
CA PRO G 268 -4.22 98.51 -29.66
C PRO G 268 -5.34 97.91 -30.49
N GLU G 269 -5.63 96.62 -30.26
CA GLU G 269 -6.67 95.95 -31.01
C GLU G 269 -8.06 96.02 -30.38
N SER G 270 -8.11 96.15 -29.07
CA SER G 270 -9.39 96.24 -28.37
C SER G 270 -9.35 97.39 -27.40
N PRO G 271 -9.09 98.60 -27.92
CA PRO G 271 -9.01 99.80 -27.06
C PRO G 271 -10.17 99.91 -26.06
N PRO G 272 -9.93 100.62 -24.95
CA PRO G 272 -10.95 100.81 -23.91
C PRO G 272 -12.12 101.69 -24.38
N GLU G 273 -13.33 101.32 -23.95
CA GLU G 273 -14.52 102.08 -24.31
C GLU G 273 -14.55 103.43 -23.62
N GLU G 274 -15.04 104.43 -24.35
CA GLU G 274 -15.15 105.79 -23.83
C GLU G 274 -15.63 105.78 -22.37
N GLY G 275 -14.94 106.55 -21.52
CA GLY G 275 -15.30 106.61 -20.12
C GLY G 275 -14.63 105.51 -19.30
N TRP G 276 -13.52 105.00 -19.81
CA TRP G 276 -12.78 103.94 -19.13
C TRP G 276 -12.05 104.47 -17.92
N GLU G 277 -11.56 105.71 -17.98
CA GLU G 277 -10.84 106.31 -16.86
C GLU G 277 -11.48 106.01 -15.51
N GLU G 278 -12.78 106.25 -15.40
CA GLU G 278 -13.51 106.02 -14.17
C GLU G 278 -13.76 104.53 -13.98
N GLN G 279 -14.00 103.84 -15.08
CA GLN G 279 -14.25 102.40 -15.01
C GLN G 279 -13.07 101.62 -14.42
N MET G 280 -11.87 101.99 -14.85
CA MET G 280 -10.64 101.35 -14.38
C MET G 280 -10.47 101.61 -12.89
N CYS G 281 -10.52 102.88 -12.49
CA CYS G 281 -10.37 103.26 -11.10
C CYS G 281 -11.37 102.51 -10.24
N VAL G 282 -12.55 102.30 -10.79
CA VAL G 282 -13.60 101.58 -10.08
C VAL G 282 -13.19 100.12 -9.89
N LYS G 283 -12.63 99.53 -10.94
CA LYS G 283 -12.21 98.13 -10.86
C LYS G 283 -11.08 97.94 -9.87
N LEU G 284 -10.16 98.90 -9.82
CA LEU G 284 -9.02 98.83 -8.91
C LEU G 284 -9.45 98.83 -7.44
N SER G 285 -10.40 99.70 -7.12
CA SER G 285 -10.91 99.82 -5.74
C SER G 285 -11.70 98.58 -5.34
N GLU G 286 -12.35 97.96 -6.32
CA GLU G 286 -13.14 96.74 -6.10
C GLU G 286 -12.21 95.60 -5.73
N ASN G 287 -11.15 95.46 -6.54
CA ASN G 287 -10.14 94.42 -6.32
C ASN G 287 -9.47 94.70 -4.98
N ARG G 288 -9.24 95.98 -4.71
CA ARG G 288 -8.64 96.42 -3.46
C ARG G 288 -9.47 95.91 -2.26
N ALA G 289 -10.79 95.92 -2.44
CA ALA G 289 -11.73 95.47 -1.42
C ALA G 289 -11.80 93.95 -1.29
N ARG G 290 -11.28 93.24 -2.29
CA ARG G 290 -11.28 91.78 -2.26
C ARG G 290 -9.93 91.28 -1.74
N LYS G 291 -9.23 92.19 -1.07
CA LYS G 291 -7.93 91.93 -0.47
C LYS G 291 -6.71 91.85 -1.41
N LYS G 292 -6.91 92.21 -2.68
CA LYS G 292 -5.82 92.21 -3.65
C LYS G 292 -5.05 93.49 -3.36
N ARG G 293 -3.98 93.37 -2.57
CA ARG G 293 -3.20 94.52 -2.15
C ARG G 293 -2.15 95.07 -3.13
N LEU G 294 -2.12 94.51 -4.34
CA LEU G 294 -1.20 94.98 -5.38
C LEU G 294 -1.86 94.87 -6.75
N ASN G 295 -2.18 96.02 -7.34
CA ASN G 295 -2.81 96.04 -8.65
C ASN G 295 -1.69 96.09 -9.70
N ILE G 296 -1.94 95.43 -10.82
CA ILE G 296 -0.97 95.41 -11.91
C ILE G 296 -1.68 95.78 -13.20
N ILE G 297 -1.24 96.87 -13.81
CA ILE G 297 -1.83 97.33 -15.06
C ILE G 297 -0.81 97.10 -16.17
N ILE G 298 -1.15 96.27 -17.16
CA ILE G 298 -0.21 96.06 -18.27
C ILE G 298 -0.58 96.97 -19.43
N VAL G 299 0.37 97.81 -19.83
CA VAL G 299 0.17 98.76 -20.91
C VAL G 299 1.06 98.48 -22.13
N ALA G 300 0.44 98.30 -23.30
CA ALA G 300 1.21 98.04 -24.53
C ALA G 300 1.73 99.37 -25.01
N GLU G 301 2.86 99.36 -25.70
CA GLU G 301 3.42 100.61 -26.21
C GLU G 301 2.39 101.35 -27.04
N GLY G 302 1.80 100.64 -28.01
CA GLY G 302 0.82 101.25 -28.88
C GLY G 302 -0.60 101.35 -28.34
N ALA G 303 -0.75 101.36 -27.02
CA ALA G 303 -2.06 101.46 -26.40
C ALA G 303 -2.78 102.72 -26.88
N ILE G 304 -4.03 102.57 -27.30
CA ILE G 304 -4.82 103.70 -27.81
C ILE G 304 -6.29 103.58 -27.41
N ASP G 305 -7.03 104.69 -27.53
CA ASP G 305 -8.47 104.68 -27.21
C ASP G 305 -9.28 104.51 -28.49
N THR G 306 -10.60 104.48 -28.35
CA THR G 306 -11.49 104.31 -29.49
C THR G 306 -11.31 105.32 -30.62
N GLN G 307 -10.31 106.19 -30.50
CA GLN G 307 -10.03 107.20 -31.52
C GLN G 307 -8.56 107.33 -31.86
N ASN G 308 -7.84 106.22 -31.72
CA ASN G 308 -6.42 106.17 -32.03
C ASN G 308 -5.53 107.15 -31.26
N LYS G 309 -6.07 107.75 -30.21
CA LYS G 309 -5.28 108.67 -29.40
C LYS G 309 -4.42 107.84 -28.44
N PRO G 310 -3.12 108.12 -28.40
CA PRO G 310 -2.19 107.39 -27.51
C PRO G 310 -2.59 107.44 -26.02
N ILE G 311 -2.56 106.29 -25.36
CA ILE G 311 -2.88 106.25 -23.92
C ILE G 311 -1.56 106.05 -23.19
N THR G 312 -0.93 107.15 -22.77
CA THR G 312 0.35 107.07 -22.09
C THR G 312 0.29 106.38 -20.73
N SER G 313 1.43 105.84 -20.31
CA SER G 313 1.53 105.16 -19.01
C SER G 313 1.44 106.20 -17.90
N GLU G 314 1.99 107.38 -18.16
CA GLU G 314 1.96 108.48 -17.21
C GLU G 314 0.54 108.95 -16.92
N LYS G 315 -0.33 108.86 -17.94
CA LYS G 315 -1.73 109.24 -17.79
C LYS G 315 -2.38 108.24 -16.83
N ILE G 316 -2.03 106.97 -16.99
CA ILE G 316 -2.55 105.90 -16.13
C ILE G 316 -2.06 106.12 -14.69
N LYS G 317 -0.81 106.53 -14.56
CA LYS G 317 -0.20 106.79 -13.25
C LYS G 317 -1.04 107.83 -12.53
N GLU G 318 -1.13 109.01 -13.13
CA GLU G 318 -1.90 110.11 -12.57
C GLU G 318 -3.33 109.70 -12.27
N LEU G 319 -3.96 109.05 -13.24
CA LEU G 319 -5.33 108.62 -13.06
C LEU G 319 -5.61 107.96 -11.71
N VAL G 320 -4.79 106.98 -11.32
CA VAL G 320 -4.99 106.30 -10.03
C VAL G 320 -4.45 107.09 -8.85
N VAL G 321 -3.38 107.85 -9.06
CA VAL G 321 -2.79 108.67 -8.00
C VAL G 321 -3.80 109.73 -7.59
N THR G 322 -4.46 110.32 -8.58
CA THR G 322 -5.46 111.36 -8.38
C THR G 322 -6.77 110.82 -7.80
N GLN G 323 -7.37 109.85 -8.49
CA GLN G 323 -8.64 109.26 -8.09
C GLN G 323 -8.65 108.35 -6.87
N LEU G 324 -7.65 107.46 -6.77
CA LEU G 324 -7.57 106.49 -5.68
C LEU G 324 -6.46 106.80 -4.66
N GLY G 325 -5.45 107.53 -5.10
CA GLY G 325 -4.34 107.89 -4.23
C GLY G 325 -3.49 106.72 -3.73
N TYR G 326 -3.44 105.63 -4.49
CA TYR G 326 -2.64 104.45 -4.10
C TYR G 326 -1.17 104.69 -4.42
N ASP G 327 -0.28 103.98 -3.73
CA ASP G 327 1.15 104.11 -4.00
C ASP G 327 1.38 103.55 -5.41
N THR G 328 1.51 104.44 -6.38
CA THR G 328 1.69 104.02 -7.77
C THR G 328 3.08 104.24 -8.32
N ARG G 329 3.68 103.16 -8.79
CA ARG G 329 5.00 103.23 -9.39
C ARG G 329 4.82 102.71 -10.82
N VAL G 330 5.59 103.24 -11.77
CA VAL G 330 5.49 102.81 -13.15
C VAL G 330 6.85 102.63 -13.82
N THR G 331 7.07 101.49 -14.47
CA THR G 331 8.34 101.26 -15.16
C THR G 331 8.10 100.89 -16.60
N ILE G 332 8.86 101.52 -17.48
CA ILE G 332 8.76 101.26 -18.91
C ILE G 332 9.84 100.24 -19.22
N LEU G 333 9.49 98.97 -19.11
CA LEU G 333 10.44 97.89 -19.39
C LEU G 333 11.06 98.24 -20.73
N GLY G 334 12.33 98.63 -20.71
CA GLY G 334 12.98 99.02 -21.94
C GLY G 334 13.32 97.88 -22.88
N HIS G 335 14.48 98.03 -23.51
CA HIS G 335 15.03 97.06 -24.44
C HIS G 335 15.36 95.80 -23.62
N VAL G 336 15.30 95.92 -22.30
CA VAL G 336 15.60 94.82 -21.41
C VAL G 336 14.76 93.57 -21.73
N GLN G 337 13.73 93.73 -22.57
CA GLN G 337 12.88 92.62 -22.97
C GLN G 337 13.55 91.77 -24.07
N ARG G 338 14.68 92.24 -24.60
CA ARG G 338 15.42 91.52 -25.63
C ARG G 338 16.63 90.82 -24.98
N GLY G 339 16.86 91.16 -23.71
CA GLY G 339 17.99 90.61 -22.98
C GLY G 339 17.78 89.25 -22.34
N GLY G 340 18.80 88.82 -21.61
CA GLY G 340 18.73 87.52 -20.96
C GLY G 340 19.03 86.41 -21.95
N THR G 341 18.98 85.17 -21.47
CA THR G 341 19.22 84.05 -22.35
C THR G 341 17.89 83.62 -22.93
N PRO G 342 17.92 83.13 -24.17
CA PRO G 342 16.70 82.69 -24.83
C PRO G 342 16.09 81.48 -24.11
N SER G 343 14.78 81.51 -23.89
CA SER G 343 14.10 80.41 -23.20
C SER G 343 14.23 79.09 -23.95
N ALA G 344 13.90 77.99 -23.28
CA ALA G 344 14.00 76.68 -23.90
C ALA G 344 13.09 76.66 -25.11
N PHE G 345 11.87 77.15 -24.93
CA PHE G 345 10.90 77.16 -26.00
C PHE G 345 11.47 77.81 -27.25
N ASP G 346 12.07 78.99 -27.07
CA ASP G 346 12.63 79.72 -28.20
C ASP G 346 13.81 79.02 -28.86
N ARG G 347 14.68 78.41 -28.07
CA ARG G 347 15.83 77.71 -28.65
C ARG G 347 15.34 76.57 -29.52
N ILE G 348 14.39 75.80 -29.00
CA ILE G 348 13.85 74.66 -29.74
C ILE G 348 13.12 75.17 -30.96
N LEU G 349 12.20 76.10 -30.76
CA LEU G 349 11.44 76.65 -31.87
C LEU G 349 12.36 77.13 -32.97
N ALA G 350 13.38 77.90 -32.60
CA ALA G 350 14.33 78.44 -33.56
C ALA G 350 15.10 77.35 -34.28
N SER G 351 15.36 76.24 -33.61
CA SER G 351 16.10 75.19 -34.28
C SER G 351 15.18 74.46 -35.27
N ARG G 352 13.96 74.15 -34.86
CA ARG G 352 13.04 73.46 -35.74
C ARG G 352 12.82 74.28 -37.00
N MET G 353 12.76 75.59 -36.84
CA MET G 353 12.55 76.47 -37.97
C MET G 353 13.76 76.57 -38.89
N GLY G 354 14.95 76.54 -38.31
CA GLY G 354 16.17 76.62 -39.11
C GLY G 354 16.23 75.48 -40.09
N VAL G 355 15.78 74.30 -39.66
CA VAL G 355 15.77 73.12 -40.52
C VAL G 355 14.72 73.37 -41.60
N GLU G 356 13.50 73.67 -41.16
CA GLU G 356 12.40 73.94 -42.09
C GLU G 356 12.74 74.96 -43.17
N ALA G 357 13.53 75.97 -42.80
CA ALA G 357 13.94 76.99 -43.74
C ALA G 357 14.84 76.40 -44.81
N VAL G 358 15.81 75.58 -44.39
CA VAL G 358 16.74 74.96 -45.32
C VAL G 358 16.07 73.95 -46.25
N ILE G 359 15.28 73.02 -45.71
CA ILE G 359 14.64 72.06 -46.59
C ILE G 359 13.67 72.77 -47.52
N ALA G 360 13.05 73.83 -47.04
CA ALA G 360 12.10 74.59 -47.85
C ALA G 360 12.87 75.26 -48.98
N LEU G 361 14.03 75.79 -48.63
CA LEU G 361 14.88 76.49 -49.58
C LEU G 361 15.37 75.56 -50.70
N LEU G 362 15.54 74.28 -50.38
CA LEU G 362 16.00 73.32 -51.38
C LEU G 362 14.88 72.88 -52.32
N GLU G 363 13.78 72.40 -51.75
CA GLU G 363 12.63 71.94 -52.52
C GLU G 363 11.96 73.08 -53.29
N ALA G 364 12.51 74.28 -53.18
CA ALA G 364 11.94 75.42 -53.85
C ALA G 364 12.27 75.41 -55.35
N THR G 365 11.22 75.55 -56.16
CA THR G 365 11.36 75.58 -57.62
C THR G 365 11.34 77.02 -58.07
N PRO G 366 11.49 77.26 -59.38
CA PRO G 366 11.47 78.64 -59.90
C PRO G 366 10.09 79.26 -59.77
N ASP G 367 9.05 78.44 -59.85
CA ASP G 367 7.68 78.92 -59.76
C ASP G 367 7.01 78.64 -58.42
N THR G 368 7.82 78.47 -57.38
CA THR G 368 7.29 78.24 -56.04
C THR G 368 7.34 79.56 -55.27
N PRO G 369 6.19 80.03 -54.76
CA PRO G 369 6.11 81.29 -54.01
C PRO G 369 7.04 81.40 -52.82
N ALA G 370 7.62 82.59 -52.65
CA ALA G 370 8.51 82.84 -51.53
C ALA G 370 7.66 82.70 -50.27
N CYS G 371 8.04 81.77 -49.39
CA CYS G 371 7.26 81.52 -48.18
C CYS G 371 7.93 81.87 -46.86
N VAL G 372 7.21 81.59 -45.79
CA VAL G 372 7.68 81.85 -44.43
C VAL G 372 7.42 80.61 -43.59
N VAL G 373 8.48 79.94 -43.14
CA VAL G 373 8.31 78.75 -42.32
C VAL G 373 7.80 79.14 -40.93
N SER G 374 6.80 78.41 -40.46
CA SER G 374 6.22 78.68 -39.15
C SER G 374 5.71 77.38 -38.54
N LEU G 375 4.96 77.52 -37.44
CA LEU G 375 4.42 76.36 -36.76
C LEU G 375 2.93 76.58 -36.50
N ASN G 376 2.14 75.56 -36.77
CA ASN G 376 0.72 75.66 -36.54
C ASN G 376 0.26 74.47 -35.72
N GLY G 377 -0.09 74.73 -34.46
CA GLY G 377 -0.52 73.65 -33.61
C GLY G 377 0.59 72.62 -33.49
N ASN G 378 1.81 73.11 -33.36
CA ASN G 378 2.98 72.28 -33.22
C ASN G 378 3.31 71.49 -34.48
N HIS G 379 2.83 71.96 -35.63
CA HIS G 379 3.11 71.30 -36.91
C HIS G 379 3.75 72.31 -37.87
N ALA G 380 4.83 71.91 -38.51
CA ALA G 380 5.54 72.78 -39.44
C ALA G 380 4.71 73.13 -40.65
N VAL G 381 4.73 74.41 -41.03
CA VAL G 381 3.98 74.86 -42.19
C VAL G 381 4.70 75.99 -42.92
N ARG G 382 4.41 76.12 -44.21
CA ARG G 382 5.00 77.18 -45.03
C ARG G 382 3.87 78.04 -45.52
N LEU G 383 3.99 79.34 -45.31
CA LEU G 383 2.96 80.25 -45.76
C LEU G 383 3.58 81.20 -46.75
N PRO G 384 2.88 81.45 -47.87
CA PRO G 384 3.40 82.37 -48.89
C PRO G 384 3.57 83.79 -48.34
N LEU G 385 4.77 84.33 -48.54
CA LEU G 385 5.11 85.66 -48.06
C LEU G 385 4.03 86.71 -48.28
N MET G 386 3.74 86.99 -49.55
CA MET G 386 2.74 88.00 -49.89
C MET G 386 1.43 87.92 -49.09
N GLU G 387 0.87 86.73 -48.96
CA GLU G 387 -0.38 86.55 -48.23
C GLU G 387 -0.28 87.07 -46.81
N CYS G 388 0.88 86.82 -46.18
CA CYS G 388 1.13 87.25 -44.81
C CYS G 388 1.40 88.74 -44.76
N VAL G 389 2.30 89.20 -45.62
CA VAL G 389 2.62 90.63 -45.69
C VAL G 389 1.31 91.41 -45.84
N GLN G 390 0.38 90.85 -46.62
CA GLN G 390 -0.92 91.47 -46.86
C GLN G 390 -1.72 91.62 -45.58
N MET G 391 -2.14 90.50 -45.02
CA MET G 391 -2.92 90.51 -43.77
C MET G 391 -2.29 91.41 -42.72
N THR G 392 -0.95 91.43 -42.67
CA THR G 392 -0.23 92.24 -41.71
C THR G 392 -0.63 93.70 -41.91
N GLN G 393 -0.68 94.12 -43.16
CA GLN G 393 -1.04 95.49 -43.49
C GLN G 393 -2.52 95.74 -43.27
N ASP G 394 -3.34 94.68 -43.41
CA ASP G 394 -4.77 94.81 -43.23
C ASP G 394 -5.10 95.06 -41.76
N VAL G 395 -4.35 94.43 -40.86
CA VAL G 395 -4.60 94.61 -39.45
C VAL G 395 -4.33 96.06 -39.07
N GLN G 396 -3.29 96.63 -39.66
CA GLN G 396 -2.93 98.03 -39.39
C GLN G 396 -4.05 98.92 -39.92
N LYS G 397 -4.48 98.63 -41.15
CA LYS G 397 -5.55 99.37 -41.81
C LYS G 397 -6.77 99.32 -40.90
N ALA G 398 -7.16 98.10 -40.54
CA ALA G 398 -8.33 97.87 -39.67
C ALA G 398 -8.30 98.72 -38.39
N MET G 399 -7.11 98.89 -37.82
CA MET G 399 -6.97 99.65 -36.59
C MET G 399 -7.04 101.14 -36.85
N ASP G 400 -6.42 101.60 -37.92
CA ASP G 400 -6.43 103.02 -38.25
C ASP G 400 -7.86 103.46 -38.57
N GLU G 401 -8.62 102.54 -39.16
CA GLU G 401 -10.01 102.80 -39.52
C GLU G 401 -10.97 102.49 -38.38
N ARG G 402 -10.44 102.49 -37.16
CA ARG G 402 -11.26 102.23 -35.97
C ARG G 402 -12.17 101.02 -36.07
N ARG G 403 -11.86 100.10 -36.99
CA ARG G 403 -12.65 98.88 -37.15
C ARG G 403 -11.99 97.83 -36.27
N PHE G 404 -11.82 98.18 -35.00
CA PHE G 404 -11.17 97.33 -34.01
C PHE G 404 -11.63 95.87 -33.94
N GLN G 405 -12.94 95.63 -34.03
CA GLN G 405 -13.43 94.26 -33.98
C GLN G 405 -12.84 93.42 -35.10
N ASP G 406 -12.49 94.08 -36.20
CA ASP G 406 -11.90 93.37 -37.34
C ASP G 406 -10.42 93.09 -37.05
N ALA G 407 -9.73 94.08 -36.48
CA ALA G 407 -8.33 93.93 -36.14
C ALA G 407 -8.18 92.71 -35.23
N VAL G 408 -9.04 92.62 -34.20
CA VAL G 408 -9.00 91.51 -33.25
C VAL G 408 -9.13 90.14 -33.93
N ARG G 409 -10.00 90.06 -34.92
CA ARG G 409 -10.23 88.81 -35.62
C ARG G 409 -9.07 88.52 -36.57
N LEU G 410 -8.45 89.58 -37.09
CA LEU G 410 -7.32 89.47 -38.01
C LEU G 410 -6.03 88.95 -37.37
N ARG G 411 -5.91 89.13 -36.05
CA ARG G 411 -4.73 88.66 -35.33
C ARG G 411 -4.68 87.14 -35.28
N GLY G 412 -5.85 86.50 -35.25
CA GLY G 412 -5.88 85.05 -35.20
C GLY G 412 -6.94 84.52 -34.25
N ARG G 413 -7.35 83.27 -34.47
CA ARG G 413 -8.37 82.64 -33.63
C ARG G 413 -7.81 82.64 -32.19
N SER G 414 -6.53 82.28 -32.08
CA SER G 414 -5.85 82.23 -30.80
C SER G 414 -5.98 83.57 -30.06
N PHE G 415 -5.37 84.62 -30.62
CA PHE G 415 -5.41 85.95 -30.02
C PHE G 415 -6.80 86.32 -29.49
N ALA G 416 -7.81 86.13 -30.31
CA ALA G 416 -9.18 86.46 -29.93
C ALA G 416 -9.62 85.67 -28.70
N GLY G 417 -9.25 84.39 -28.67
CA GLY G 417 -9.59 83.54 -27.56
C GLY G 417 -8.91 83.97 -26.27
N ASN G 418 -7.60 84.14 -26.32
CA ASN G 418 -6.82 84.57 -25.15
C ASN G 418 -7.44 85.83 -24.57
N LEU G 419 -7.74 86.78 -25.46
CA LEU G 419 -8.33 88.04 -25.05
C LEU G 419 -9.59 87.80 -24.25
N ASN G 420 -10.49 86.97 -24.76
CA ASN G 420 -11.72 86.66 -24.06
C ASN G 420 -11.45 86.00 -22.71
N THR G 421 -10.65 84.93 -22.73
CA THR G 421 -10.31 84.19 -21.52
C THR G 421 -9.76 85.12 -20.45
N TYR G 422 -8.91 86.06 -20.86
CA TYR G 422 -8.35 87.00 -19.90
C TYR G 422 -9.46 87.85 -19.28
N LYS G 423 -10.29 88.45 -20.15
CA LYS G 423 -11.40 89.29 -19.69
C LYS G 423 -12.26 88.47 -18.73
N ARG G 424 -12.62 87.27 -19.17
CA ARG G 424 -13.44 86.37 -18.39
C ARG G 424 -12.95 86.18 -16.95
N LEU G 425 -11.63 86.03 -16.80
CA LEU G 425 -11.00 85.82 -15.50
C LEU G 425 -10.69 87.09 -14.73
N ALA G 426 -10.57 88.21 -15.44
CA ALA G 426 -10.26 89.48 -14.81
C ALA G 426 -11.49 90.28 -14.34
N ILE G 427 -12.57 90.19 -15.11
CA ILE G 427 -13.80 90.92 -14.81
C ILE G 427 -14.93 89.98 -14.38
N LYS G 428 -15.19 89.90 -13.08
CA LYS G 428 -16.26 89.05 -12.57
C LYS G 428 -17.57 89.83 -12.57
N LEU G 429 -18.64 89.20 -13.04
CA LEU G 429 -19.94 89.88 -13.05
C LEU G 429 -20.54 89.74 -11.65
N PRO G 430 -21.30 90.76 -11.24
CA PRO G 430 -21.94 90.72 -9.92
C PRO G 430 -22.80 89.46 -9.79
N ASP G 431 -22.68 88.79 -8.65
CA ASP G 431 -23.41 87.55 -8.39
C ASP G 431 -24.82 87.44 -8.98
N ASP G 432 -25.63 88.48 -8.80
CA ASP G 432 -27.01 88.47 -9.29
C ASP G 432 -27.18 88.40 -10.81
N GLN G 433 -26.13 88.72 -11.56
CA GLN G 433 -26.17 88.69 -13.02
C GLN G 433 -25.68 87.36 -13.58
N ILE G 434 -25.38 86.44 -12.68
CA ILE G 434 -24.90 85.13 -13.09
C ILE G 434 -25.94 84.06 -12.76
N PRO G 435 -26.74 83.67 -13.77
CA PRO G 435 -27.77 82.65 -13.56
C PRO G 435 -27.17 81.34 -13.06
N LYS G 436 -27.48 80.99 -11.81
CA LYS G 436 -26.95 79.77 -11.22
C LYS G 436 -27.40 78.53 -11.97
N THR G 437 -26.61 77.46 -11.88
CA THR G 437 -26.93 76.20 -12.57
C THR G 437 -27.24 75.13 -11.54
N ASN G 438 -26.96 75.44 -10.28
CA ASN G 438 -27.20 74.49 -9.20
C ASN G 438 -26.48 73.18 -9.43
N CYS G 439 -25.29 73.31 -10.01
CA CYS G 439 -24.44 72.17 -10.29
C CYS G 439 -23.16 72.36 -9.48
N ASN G 440 -22.68 71.28 -8.89
CA ASN G 440 -21.45 71.35 -8.14
C ASN G 440 -20.38 70.70 -9.00
N VAL G 441 -19.42 71.50 -9.45
CA VAL G 441 -18.31 70.99 -10.25
C VAL G 441 -17.08 70.94 -9.35
N ALA G 442 -16.50 69.74 -9.20
CA ALA G 442 -15.33 69.55 -8.36
C ALA G 442 -14.05 69.51 -9.18
N VAL G 443 -13.03 70.19 -8.67
CA VAL G 443 -11.72 70.24 -9.33
C VAL G 443 -10.71 69.57 -8.40
N ILE G 444 -9.76 68.84 -8.97
CA ILE G 444 -8.79 68.10 -8.16
C ILE G 444 -7.42 67.91 -8.85
N ASN G 445 -6.35 67.76 -8.06
CA ASN G 445 -5.02 67.55 -8.60
C ASN G 445 -4.60 66.11 -8.35
N VAL G 446 -4.22 65.40 -9.41
CA VAL G 446 -3.78 64.00 -9.30
C VAL G 446 -2.46 63.76 -10.05
N GLY G 447 -1.51 63.14 -9.36
CA GLY G 447 -0.22 62.88 -9.96
C GLY G 447 0.88 63.65 -9.29
N ALA G 448 2.10 63.51 -9.81
CA ALA G 448 3.23 64.24 -9.24
C ALA G 448 3.01 65.73 -9.54
N PRO G 449 3.36 66.62 -8.59
CA PRO G 449 3.20 68.05 -8.78
C PRO G 449 3.91 68.57 -10.03
N ALA G 450 3.24 69.47 -10.76
CA ALA G 450 3.79 70.06 -11.97
C ALA G 450 3.56 71.56 -11.97
N ALA G 451 4.62 72.31 -12.29
CA ALA G 451 4.56 73.77 -12.29
C ALA G 451 3.39 74.30 -13.11
N GLY G 452 2.45 74.97 -12.46
CA GLY G 452 1.32 75.51 -13.18
C GLY G 452 -0.02 74.87 -12.84
N MET G 453 -0.03 73.90 -11.94
CA MET G 453 -1.29 73.28 -11.55
C MET G 453 -2.18 74.31 -10.92
N ASN G 454 -1.57 75.22 -10.15
CA ASN G 454 -2.35 76.25 -9.49
C ASN G 454 -2.96 77.23 -10.49
N ALA G 455 -2.22 77.57 -11.53
CA ALA G 455 -2.75 78.49 -12.55
C ALA G 455 -3.98 77.85 -13.16
N ALA G 456 -3.92 76.51 -13.28
CA ALA G 456 -4.99 75.73 -13.85
C ALA G 456 -6.22 75.74 -12.96
N VAL G 457 -6.03 75.47 -11.68
CA VAL G 457 -7.14 75.47 -10.73
C VAL G 457 -7.80 76.85 -10.67
N ARG G 458 -6.99 77.89 -10.62
CA ARG G 458 -7.52 79.25 -10.59
C ARG G 458 -8.44 79.43 -11.80
N SER G 459 -7.89 79.17 -12.98
CA SER G 459 -8.65 79.29 -14.22
C SER G 459 -9.95 78.47 -14.25
N ALA G 460 -9.88 77.23 -13.80
CA ALA G 460 -11.07 76.37 -13.81
C ALA G 460 -12.11 76.85 -12.80
N VAL G 461 -11.66 77.17 -11.58
CA VAL G 461 -12.56 77.64 -10.53
C VAL G 461 -13.33 78.88 -10.97
N ARG G 462 -12.61 79.89 -11.46
CA ARG G 462 -13.27 81.12 -11.89
C ARG G 462 -14.19 80.97 -13.09
N VAL G 463 -13.74 80.26 -14.12
CA VAL G 463 -14.59 80.07 -15.29
C VAL G 463 -15.85 79.36 -14.83
N GLY G 464 -15.68 78.42 -13.89
CA GLY G 464 -16.80 77.68 -13.36
C GLY G 464 -17.78 78.64 -12.69
N ILE G 465 -17.29 79.40 -11.71
CA ILE G 465 -18.11 80.38 -11.01
C ILE G 465 -18.81 81.34 -11.98
N ALA G 466 -18.08 81.82 -12.99
CA ALA G 466 -18.63 82.74 -13.98
C ALA G 466 -19.68 82.06 -14.86
N ASP G 467 -19.74 80.73 -14.81
CA ASP G 467 -20.71 79.96 -15.58
C ASP G 467 -21.86 79.55 -14.68
N GLY G 468 -21.84 80.06 -13.46
CA GLY G 468 -22.91 79.78 -12.51
C GLY G 468 -22.83 78.49 -11.72
N HIS G 469 -21.72 77.78 -11.78
CA HIS G 469 -21.64 76.55 -11.00
C HIS G 469 -21.13 76.86 -9.61
N ARG G 470 -21.27 75.88 -8.72
CA ARG G 470 -20.79 75.98 -7.36
C ARG G 470 -19.51 75.15 -7.40
N MET G 471 -18.36 75.78 -7.14
CA MET G 471 -17.09 75.07 -7.21
C MET G 471 -16.60 74.38 -5.95
N LEU G 472 -16.20 73.12 -6.12
CA LEU G 472 -15.69 72.29 -5.03
C LEU G 472 -14.22 71.90 -5.23
N ALA G 473 -13.41 72.12 -4.19
CA ALA G 473 -11.99 71.78 -4.24
C ALA G 473 -11.71 70.48 -3.49
N ILE G 474 -11.14 69.51 -4.17
CA ILE G 474 -10.81 68.26 -3.51
C ILE G 474 -9.31 68.33 -3.24
N TYR G 475 -8.94 68.28 -1.96
CA TYR G 475 -7.54 68.35 -1.55
C TYR G 475 -6.79 67.03 -1.54
N ASP G 476 -5.47 67.13 -1.70
CA ASP G 476 -4.60 65.96 -1.72
C ASP G 476 -5.07 64.84 -2.64
N GLY G 477 -5.44 65.20 -3.87
CA GLY G 477 -5.87 64.21 -4.84
C GLY G 477 -6.84 63.14 -4.36
N PHE G 478 -6.82 61.98 -5.01
CA PHE G 478 -7.73 60.88 -4.65
C PHE G 478 -7.65 60.47 -3.20
N ASP G 479 -6.45 60.55 -2.63
CA ASP G 479 -6.28 60.20 -1.21
C ASP G 479 -7.26 61.02 -0.37
N GLY G 480 -7.19 62.35 -0.51
CA GLY G 480 -8.08 63.22 0.25
C GLY G 480 -9.52 63.11 -0.22
N PHE G 481 -9.70 62.73 -1.48
CA PHE G 481 -11.03 62.58 -2.05
C PHE G 481 -11.74 61.51 -1.25
N ALA G 482 -11.10 60.37 -1.09
CA ALA G 482 -11.66 59.26 -0.35
C ALA G 482 -11.86 59.61 1.13
N LYS G 483 -10.99 60.45 1.66
CA LYS G 483 -11.09 60.85 3.06
C LYS G 483 -11.95 62.12 3.23
N GLY G 484 -12.87 62.31 2.28
CA GLY G 484 -13.79 63.43 2.29
C GLY G 484 -13.28 64.86 2.40
N GLN G 485 -11.99 65.09 2.12
CA GLN G 485 -11.44 66.44 2.22
C GLN G 485 -11.88 67.31 1.05
N ILE G 486 -13.18 67.61 1.01
CA ILE G 486 -13.74 68.43 -0.05
C ILE G 486 -14.37 69.69 0.55
N LYS G 487 -14.09 70.84 -0.05
CA LYS G 487 -14.60 72.12 0.43
C LYS G 487 -14.96 72.99 -0.75
N GLU G 488 -15.74 74.04 -0.53
CA GLU G 488 -16.12 74.94 -1.62
C GLU G 488 -15.05 76.01 -1.81
N ILE G 489 -14.76 76.37 -3.06
CA ILE G 489 -13.76 77.41 -3.35
C ILE G 489 -14.42 78.58 -4.04
N GLY G 490 -14.05 79.78 -3.62
CA GLY G 490 -14.64 80.98 -4.19
C GLY G 490 -13.72 81.71 -5.14
N TRP G 491 -14.30 82.68 -5.84
CA TRP G 491 -13.57 83.48 -6.81
C TRP G 491 -12.28 84.12 -6.29
N THR G 492 -12.32 84.71 -5.10
CA THR G 492 -11.11 85.34 -4.56
C THR G 492 -10.17 84.35 -3.90
N ASP G 493 -10.67 83.16 -3.57
CA ASP G 493 -9.83 82.16 -2.93
C ASP G 493 -8.67 81.71 -3.80
N VAL G 494 -8.86 81.76 -5.13
CA VAL G 494 -7.81 81.36 -6.07
C VAL G 494 -7.05 82.56 -6.65
N GLY G 495 -7.12 83.71 -5.97
CA GLY G 495 -6.46 84.90 -6.45
C GLY G 495 -4.94 84.84 -6.32
N GLY G 496 -4.23 85.25 -7.37
CA GLY G 496 -2.78 85.26 -7.37
C GLY G 496 -2.15 83.87 -7.46
N TRP G 497 -2.97 82.86 -7.73
CA TRP G 497 -2.49 81.48 -7.84
C TRP G 497 -1.67 81.28 -9.11
N THR G 498 -1.96 82.11 -10.11
CA THR G 498 -1.31 82.02 -11.41
C THR G 498 0.18 81.70 -11.35
N GLY G 499 0.93 82.58 -10.68
CA GLY G 499 2.36 82.40 -10.59
C GLY G 499 2.89 81.48 -9.51
N GLN G 500 2.02 80.78 -8.79
CA GLN G 500 2.50 79.89 -7.73
C GLN G 500 2.86 78.47 -8.15
N GLY G 501 4.03 78.04 -7.68
CA GLY G 501 4.51 76.71 -7.99
C GLY G 501 3.90 75.65 -7.10
N GLY G 502 4.17 74.39 -7.42
CA GLY G 502 3.62 73.31 -6.64
C GLY G 502 2.12 73.20 -6.82
N SER G 503 1.46 72.61 -5.84
CA SER G 503 0.01 72.41 -5.86
C SER G 503 -0.61 72.89 -4.56
N ILE G 504 -1.29 74.03 -4.61
CA ILE G 504 -1.90 74.59 -3.41
C ILE G 504 -3.00 73.66 -2.92
N LEU G 505 -3.65 73.01 -3.87
CA LEU G 505 -4.74 72.08 -3.57
C LEU G 505 -4.17 70.78 -2.98
N GLY G 506 -2.96 70.44 -3.41
CA GLY G 506 -2.33 69.23 -2.92
C GLY G 506 -2.51 68.17 -3.99
N THR G 507 -1.57 67.25 -4.10
CA THR G 507 -1.67 66.22 -5.13
C THR G 507 -0.97 64.92 -4.74
N LYS G 508 -1.61 63.80 -5.08
CA LYS G 508 -1.09 62.48 -4.78
C LYS G 508 -1.12 61.61 -6.01
N ARG G 509 -0.31 60.56 -5.99
CA ARG G 509 -0.25 59.63 -7.10
C ARG G 509 -1.21 58.48 -6.92
N VAL G 510 -1.84 58.39 -5.75
CA VAL G 510 -2.77 57.29 -5.43
C VAL G 510 -3.87 57.11 -6.48
N LEU G 511 -4.15 55.86 -6.85
CA LEU G 511 -5.20 55.56 -7.83
C LEU G 511 -6.50 55.18 -7.11
N PRO G 512 -7.65 55.76 -7.53
CA PRO G 512 -8.99 55.54 -6.95
C PRO G 512 -9.53 54.10 -6.84
N GLY G 513 -9.04 53.19 -7.68
CA GLY G 513 -9.51 51.81 -7.64
C GLY G 513 -9.79 51.24 -6.26
N LYS G 514 -8.81 51.36 -5.36
CA LYS G 514 -8.90 50.86 -3.99
C LYS G 514 -10.04 51.48 -3.22
N TYR G 515 -10.12 52.81 -3.28
CA TYR G 515 -11.15 53.55 -2.56
C TYR G 515 -12.28 54.02 -3.47
N LEU G 516 -13.02 53.07 -4.04
CA LEU G 516 -14.15 53.42 -4.91
C LEU G 516 -15.41 53.81 -4.11
N GLU G 517 -15.84 52.96 -3.17
CA GLU G 517 -17.02 53.24 -2.34
C GLU G 517 -16.82 54.48 -1.46
N GLU G 518 -15.63 54.62 -0.90
CA GLU G 518 -15.30 55.73 -0.03
C GLU G 518 -15.45 57.06 -0.75
N ILE G 519 -15.06 57.08 -2.03
CA ILE G 519 -15.16 58.27 -2.86
C ILE G 519 -16.57 58.49 -3.43
N ALA G 520 -17.22 57.40 -3.85
CA ALA G 520 -18.57 57.50 -4.39
C ALA G 520 -19.45 58.03 -3.25
N THR G 521 -19.38 57.33 -2.13
CA THR G 521 -20.11 57.69 -0.91
C THR G 521 -19.91 59.15 -0.61
N GLN G 522 -18.71 59.62 -0.91
CA GLN G 522 -18.32 61.00 -0.69
C GLN G 522 -18.84 61.88 -1.82
N MET G 523 -18.91 61.33 -3.02
CA MET G 523 -19.40 62.09 -4.17
C MET G 523 -20.88 62.35 -4.05
N ARG G 524 -21.55 61.48 -3.30
CA ARG G 524 -22.97 61.57 -3.08
C ARG G 524 -23.29 62.69 -2.08
N THR G 525 -22.67 62.60 -0.91
CA THR G 525 -22.87 63.55 0.18
C THR G 525 -22.61 65.02 -0.16
N HIS G 526 -21.78 65.26 -1.17
CA HIS G 526 -21.49 66.64 -1.59
C HIS G 526 -22.15 66.93 -2.92
N SER G 527 -22.95 65.96 -3.38
CA SER G 527 -23.67 66.05 -4.65
C SER G 527 -22.77 66.69 -5.70
N ILE G 528 -21.99 65.85 -6.36
CA ILE G 528 -21.05 66.29 -7.38
C ILE G 528 -21.60 65.93 -8.76
N ASN G 529 -21.90 66.98 -9.54
CA ASN G 529 -22.46 66.85 -10.88
C ASN G 529 -21.39 66.64 -11.95
N ALA G 530 -20.20 67.15 -11.68
CA ALA G 530 -19.08 67.05 -12.63
C ALA G 530 -17.70 67.07 -11.96
N LEU G 531 -16.76 66.29 -12.52
CA LEU G 531 -15.39 66.25 -11.99
C LEU G 531 -14.34 66.63 -13.03
N LEU G 532 -13.48 67.57 -12.67
CA LEU G 532 -12.40 68.04 -13.54
C LEU G 532 -11.06 67.66 -12.90
N ILE G 533 -10.18 67.02 -13.68
CA ILE G 533 -8.88 66.61 -13.16
C ILE G 533 -7.67 67.26 -13.84
N ILE G 534 -6.71 67.68 -13.03
CA ILE G 534 -5.48 68.29 -13.51
C ILE G 534 -4.33 67.41 -12.94
N GLY G 535 -3.68 66.64 -13.81
CA GLY G 535 -2.60 65.78 -13.39
C GLY G 535 -1.92 65.07 -14.55
N GLY G 536 -1.21 63.98 -14.26
CA GLY G 536 -0.52 63.26 -15.31
C GLY G 536 -1.13 61.91 -15.63
N PHE G 537 -0.29 60.95 -15.97
CA PHE G 537 -0.69 59.59 -16.33
C PHE G 537 -1.41 58.88 -15.18
N GLU G 538 -1.34 59.46 -13.99
CA GLU G 538 -1.97 58.90 -12.79
C GLU G 538 -3.44 59.23 -12.91
N ALA G 539 -3.71 60.53 -13.12
CA ALA G 539 -5.06 61.01 -13.28
C ALA G 539 -5.74 60.28 -14.42
N TYR G 540 -5.01 60.06 -15.52
CA TYR G 540 -5.55 59.35 -16.67
C TYR G 540 -6.00 57.96 -16.24
N LEU G 541 -5.08 57.19 -15.67
CA LEU G 541 -5.41 55.85 -15.20
C LEU G 541 -6.67 55.91 -14.35
N GLY G 542 -6.77 56.92 -13.49
CA GLY G 542 -7.94 57.08 -12.64
C GLY G 542 -9.23 57.17 -13.44
N LEU G 543 -9.24 57.99 -14.49
CA LEU G 543 -10.43 58.08 -15.30
C LEU G 543 -10.75 56.68 -15.76
N LEU G 544 -9.84 56.07 -16.51
CA LEU G 544 -10.06 54.70 -16.96
C LEU G 544 -10.63 53.81 -15.86
N GLU G 545 -10.42 54.18 -14.60
CA GLU G 545 -10.96 53.39 -13.49
C GLU G 545 -12.35 53.85 -13.09
N LEU G 546 -12.58 55.16 -13.05
CA LEU G 546 -13.89 55.67 -12.70
C LEU G 546 -14.81 55.48 -13.90
N SER G 547 -14.29 54.83 -14.94
CA SER G 547 -15.05 54.56 -16.16
C SER G 547 -15.84 53.28 -15.96
N ALA G 548 -15.13 52.15 -15.98
CA ALA G 548 -15.78 50.86 -15.79
C ALA G 548 -16.57 50.87 -14.49
N ALA G 549 -15.92 51.37 -13.43
CA ALA G 549 -16.53 51.44 -12.10
C ALA G 549 -17.85 52.18 -12.03
N ARG G 550 -18.17 53.00 -13.04
CA ARG G 550 -19.41 53.75 -13.03
C ARG G 550 -20.60 52.81 -13.15
N GLU G 551 -20.31 51.55 -13.43
CA GLU G 551 -21.35 50.53 -13.56
C GLU G 551 -21.87 50.05 -12.21
N LYS G 552 -20.95 49.75 -11.28
CA LYS G 552 -21.34 49.27 -9.96
C LYS G 552 -21.65 50.44 -9.02
N HIS G 553 -21.19 51.62 -9.39
CA HIS G 553 -21.43 52.84 -8.61
C HIS G 553 -22.02 53.86 -9.58
N GLU G 554 -23.32 54.09 -9.45
CA GLU G 554 -24.01 55.04 -10.30
C GLU G 554 -23.44 56.46 -10.21
N GLU G 555 -23.02 56.85 -9.01
CA GLU G 555 -22.48 58.18 -8.74
C GLU G 555 -21.43 58.68 -9.74
N PHE G 556 -20.63 57.75 -10.25
CA PHE G 556 -19.56 58.05 -11.21
C PHE G 556 -20.05 58.23 -12.64
N CYS G 557 -21.29 58.69 -12.79
CA CYS G 557 -21.87 58.88 -14.12
C CYS G 557 -22.02 60.35 -14.48
N VAL G 558 -21.01 61.14 -14.14
CA VAL G 558 -21.04 62.55 -14.44
C VAL G 558 -20.03 62.81 -15.56
N PRO G 559 -19.91 64.08 -16.03
CA PRO G 559 -18.98 64.42 -17.11
C PRO G 559 -17.57 64.69 -16.57
N MET G 560 -16.61 63.80 -16.85
CA MET G 560 -15.26 63.98 -16.33
C MET G 560 -14.18 64.30 -17.39
N VAL G 561 -13.54 65.45 -17.27
CA VAL G 561 -12.47 65.80 -18.20
C VAL G 561 -11.14 65.68 -17.45
N MET G 562 -10.05 65.73 -18.20
CA MET G 562 -8.72 65.61 -17.64
C MET G 562 -7.86 66.59 -18.38
N VAL G 563 -6.99 67.28 -17.65
CA VAL G 563 -6.09 68.24 -18.25
C VAL G 563 -4.66 67.79 -17.92
N PRO G 564 -3.84 67.51 -18.95
CA PRO G 564 -2.45 67.05 -18.83
C PRO G 564 -1.49 67.97 -18.08
N ALA G 565 -1.05 67.49 -16.91
CA ALA G 565 -0.11 68.23 -16.09
C ALA G 565 0.94 67.35 -15.41
N THR G 566 2.13 67.32 -16.00
CA THR G 566 3.30 66.59 -15.49
C THR G 566 4.49 67.11 -16.26
N VAL G 567 5.62 67.09 -15.60
CA VAL G 567 6.84 67.56 -16.22
C VAL G 567 7.25 66.56 -17.27
N SER G 568 6.77 65.33 -17.12
CA SER G 568 7.10 64.24 -18.03
C SER G 568 6.61 64.38 -19.46
N ASN G 569 5.39 64.90 -19.61
CA ASN G 569 4.75 65.05 -20.90
C ASN G 569 4.51 63.66 -21.51
N ASN G 570 3.93 62.79 -20.70
CA ASN G 570 3.65 61.42 -21.08
C ASN G 570 2.15 61.10 -21.10
N VAL G 571 1.31 62.12 -20.92
CA VAL G 571 -0.14 61.88 -20.92
C VAL G 571 -0.62 61.53 -22.32
N PRO G 572 -1.28 60.37 -22.47
CA PRO G 572 -1.79 59.96 -23.79
C PRO G 572 -2.84 60.93 -24.28
N GLY G 573 -2.72 61.39 -25.52
CA GLY G 573 -3.71 62.28 -26.07
C GLY G 573 -3.35 63.75 -26.13
N SER G 574 -2.16 64.09 -25.67
CA SER G 574 -1.72 65.48 -25.70
C SER G 574 -0.24 65.55 -26.02
N ASP G 575 0.12 66.47 -26.90
CA ASP G 575 1.51 66.64 -27.26
C ASP G 575 2.25 67.42 -26.19
N PHE G 576 1.53 68.13 -25.33
CA PHE G 576 2.16 68.91 -24.27
C PHE G 576 1.51 68.79 -22.91
N SER G 577 2.30 69.04 -21.87
CA SER G 577 1.83 68.99 -20.48
C SER G 577 2.07 70.31 -19.79
N ILE G 578 1.25 70.59 -18.80
CA ILE G 578 1.44 71.80 -18.03
C ILE G 578 2.60 71.42 -17.14
N GLY G 579 3.61 72.27 -17.08
CA GLY G 579 4.77 71.99 -16.26
C GLY G 579 5.95 71.51 -17.07
N ALA G 580 5.70 71.07 -18.30
CA ALA G 580 6.77 70.58 -19.17
C ALA G 580 7.70 71.72 -19.59
N ASP G 581 7.13 72.84 -19.98
CA ASP G 581 7.98 73.96 -20.39
C ASP G 581 8.85 74.42 -19.23
N THR G 582 8.24 74.55 -18.05
CA THR G 582 8.96 74.97 -16.86
C THR G 582 10.18 74.10 -16.60
N ALA G 583 9.96 72.79 -16.65
CA ALA G 583 11.03 71.82 -16.43
C ALA G 583 12.15 71.94 -17.46
N LEU G 584 11.77 72.07 -18.73
CA LEU G 584 12.70 72.20 -19.84
C LEU G 584 13.59 73.43 -19.64
N ASN G 585 12.99 74.53 -19.18
CA ASN G 585 13.72 75.76 -18.90
C ASN G 585 14.65 75.54 -17.70
N THR G 586 14.25 74.70 -16.75
CA THR G 586 15.11 74.41 -15.62
C THR G 586 16.39 73.76 -16.15
N ILE G 587 16.23 72.88 -17.13
CA ILE G 587 17.37 72.19 -17.74
C ILE G 587 18.28 73.16 -18.48
N THR G 588 17.76 73.91 -19.44
CA THR G 588 18.61 74.84 -20.16
C THR G 588 19.29 75.84 -19.22
N ASP G 589 18.61 76.21 -18.13
CA ASP G 589 19.18 77.15 -17.17
C ASP G 589 20.40 76.58 -16.47
N THR G 590 20.32 75.30 -16.14
CA THR G 590 21.42 74.64 -15.46
C THR G 590 22.60 74.45 -16.42
N CYS G 591 22.29 74.19 -17.67
CA CYS G 591 23.34 74.00 -18.67
C CYS G 591 24.00 75.30 -19.00
N ASP G 592 23.23 76.39 -19.02
CA ASP G 592 23.80 77.69 -19.31
C ASP G 592 24.88 77.96 -18.27
N ARG G 593 24.50 77.90 -16.99
CA ARG G 593 25.42 78.13 -15.89
C ARG G 593 26.68 77.27 -16.01
N ILE G 594 26.48 75.97 -16.18
CA ILE G 594 27.60 75.03 -16.32
C ILE G 594 28.60 75.45 -17.40
N LYS G 595 28.12 76.05 -18.48
CA LYS G 595 29.01 76.48 -19.56
C LYS G 595 29.75 77.78 -19.24
N GLN G 596 29.01 78.84 -18.91
CA GLN G 596 29.57 80.14 -18.59
C GLN G 596 30.68 80.16 -17.53
N SER G 597 30.85 79.04 -16.81
CA SER G 597 31.89 78.95 -15.78
C SER G 597 33.21 78.42 -16.36
N ALA G 598 34.29 79.17 -16.15
CA ALA G 598 35.61 78.80 -16.67
C ALA G 598 36.38 77.76 -15.83
N SER G 599 37.12 76.89 -16.52
CA SER G 599 37.90 75.84 -15.87
C SER G 599 39.37 75.99 -16.24
N GLY G 600 39.72 77.15 -16.78
CA GLY G 600 41.10 77.37 -17.18
C GLY G 600 41.34 76.73 -18.52
N THR G 601 42.43 75.99 -18.63
CA THR G 601 42.75 75.33 -19.89
C THR G 601 42.07 73.96 -19.98
N LYS G 602 41.43 73.54 -18.89
CA LYS G 602 40.77 72.24 -18.86
C LYS G 602 39.45 72.12 -19.63
N ARG G 603 39.39 71.03 -20.39
CA ARG G 603 38.21 70.69 -21.17
C ARG G 603 37.28 69.92 -20.22
N ARG G 604 36.00 70.27 -20.21
CA ARG G 604 35.07 69.60 -19.33
C ARG G 604 33.81 69.06 -20.00
N VAL G 605 33.38 67.86 -19.58
CA VAL G 605 32.19 67.25 -20.13
C VAL G 605 31.23 66.96 -18.99
N PHE G 606 29.96 67.34 -19.18
CA PHE G 606 28.95 67.13 -18.16
C PHE G 606 27.89 66.10 -18.48
N ILE G 607 27.63 65.22 -17.52
CA ILE G 607 26.60 64.20 -17.67
C ILE G 607 25.45 64.66 -16.78
N ILE G 608 24.28 64.88 -17.35
CA ILE G 608 23.15 65.34 -16.56
C ILE G 608 21.93 64.45 -16.67
N GLU G 609 21.45 63.97 -15.52
CA GLU G 609 20.29 63.11 -15.49
C GLU G 609 19.04 63.98 -15.38
N THR G 610 18.04 63.70 -16.20
CA THR G 610 16.80 64.48 -16.20
C THR G 610 15.64 63.62 -15.73
N MET G 611 14.51 64.26 -15.42
CA MET G 611 13.31 63.55 -14.96
C MET G 611 12.53 63.04 -16.18
N GLY G 612 11.34 62.50 -15.92
CA GLY G 612 10.51 62.01 -17.00
C GLY G 612 10.13 60.56 -16.91
N GLY G 613 10.74 59.84 -15.97
CA GLY G 613 10.44 58.44 -15.83
C GLY G 613 10.94 57.72 -17.08
N TYR G 614 10.01 57.19 -17.87
CA TYR G 614 10.40 56.49 -19.09
C TYR G 614 10.30 57.40 -20.31
N CYS G 615 9.61 58.52 -20.15
CA CYS G 615 9.43 59.44 -21.25
C CYS G 615 10.62 60.35 -21.41
N GLY G 616 11.39 60.10 -22.47
CA GLY G 616 12.56 60.91 -22.72
C GLY G 616 12.25 62.28 -23.32
N TYR G 617 11.05 62.80 -23.14
CA TYR G 617 10.73 64.11 -23.69
C TYR G 617 11.71 65.13 -23.15
N LEU G 618 11.75 65.26 -21.83
CA LEU G 618 12.64 66.21 -21.19
C LEU G 618 14.07 66.05 -21.64
N ALA G 619 14.56 64.82 -21.52
CA ALA G 619 15.93 64.52 -21.92
C ALA G 619 16.25 64.91 -23.36
N ASN G 620 15.38 64.49 -24.28
CA ASN G 620 15.56 64.76 -25.69
C ASN G 620 15.40 66.22 -26.06
N MET G 621 14.25 66.82 -25.76
CA MET G 621 14.02 68.23 -26.09
C MET G 621 15.00 69.09 -25.34
N GLY G 622 15.28 68.73 -24.08
CA GLY G 622 16.22 69.49 -23.31
C GLY G 622 17.57 69.43 -24.00
N GLY G 623 17.94 68.23 -24.42
CA GLY G 623 19.21 68.04 -25.12
C GLY G 623 19.29 68.94 -26.33
N LEU G 624 18.22 68.98 -27.12
CA LEU G 624 18.18 69.80 -28.32
C LEU G 624 18.35 71.27 -27.93
N ALA G 625 17.57 71.70 -26.93
CA ALA G 625 17.58 73.07 -26.47
C ALA G 625 18.88 73.56 -25.87
N ALA G 626 19.58 72.66 -25.17
CA ALA G 626 20.85 73.03 -24.54
C ALA G 626 22.06 72.68 -25.42
N GLY G 627 21.80 72.03 -26.55
CA GLY G 627 22.87 71.66 -27.47
C GLY G 627 23.79 70.57 -26.97
N ALA G 628 23.21 69.43 -26.61
CA ALA G 628 23.99 68.32 -26.10
C ALA G 628 24.47 67.43 -27.22
N ASP G 629 25.59 66.77 -26.99
CA ASP G 629 26.18 65.85 -27.96
C ASP G 629 25.31 64.60 -28.08
N ALA G 630 24.75 64.17 -26.95
CA ALA G 630 23.91 62.99 -26.94
C ALA G 630 22.92 63.04 -25.80
N ALA G 631 21.79 62.37 -25.99
CA ALA G 631 20.75 62.33 -24.97
C ALA G 631 20.22 60.89 -24.86
N TYR G 632 20.75 60.11 -23.93
CA TYR G 632 20.32 58.73 -23.81
C TYR G 632 18.91 58.64 -23.28
N ILE G 633 18.03 58.03 -24.07
CA ILE G 633 16.65 57.88 -23.66
C ILE G 633 16.20 56.45 -23.77
N PHE G 634 15.07 56.16 -23.14
CA PHE G 634 14.51 54.82 -23.11
C PHE G 634 13.95 54.38 -24.46
N GLU G 635 13.21 55.29 -25.08
CA GLU G 635 12.57 55.05 -26.36
C GLU G 635 13.54 54.62 -27.47
N GLU G 636 14.82 54.91 -27.31
CA GLU G 636 15.80 54.50 -28.30
C GLU G 636 16.87 53.69 -27.60
N PRO G 637 16.70 52.36 -27.57
CA PRO G 637 17.66 51.45 -26.93
C PRO G 637 19.08 51.60 -27.48
N PHE G 638 20.07 51.40 -26.62
CA PHE G 638 21.47 51.49 -27.01
C PHE G 638 22.28 50.45 -26.26
N ASP G 639 23.42 50.07 -26.83
CA ASP G 639 24.29 49.08 -26.22
C ASP G 639 25.67 49.69 -25.99
N ILE G 640 26.57 48.90 -25.42
CA ILE G 640 27.92 49.38 -25.11
C ILE G 640 28.67 49.88 -26.34
N ARG G 641 28.34 49.37 -27.52
CA ARG G 641 29.01 49.78 -28.76
C ARG G 641 28.61 51.18 -29.17
N ASP G 642 27.32 51.46 -29.13
CA ASP G 642 26.80 52.78 -29.50
C ASP G 642 27.41 53.76 -28.50
N LEU G 643 27.40 53.36 -27.24
CA LEU G 643 27.92 54.15 -26.15
C LEU G 643 29.38 54.51 -26.41
N GLN G 644 30.16 53.50 -26.72
CA GLN G 644 31.58 53.66 -26.99
C GLN G 644 31.80 54.61 -28.17
N SER G 645 30.97 54.46 -29.18
CA SER G 645 31.05 55.29 -30.37
C SER G 645 30.84 56.76 -30.04
N ASN G 646 29.79 57.07 -29.29
CA ASN G 646 29.49 58.46 -28.92
C ASN G 646 30.59 59.07 -28.08
N VAL G 647 31.25 58.25 -27.26
CA VAL G 647 32.33 58.76 -26.42
C VAL G 647 33.46 59.18 -27.32
N GLU G 648 33.84 58.30 -28.24
CA GLU G 648 34.91 58.60 -29.17
C GLU G 648 34.57 59.84 -29.98
N HIS G 649 33.33 59.90 -30.46
CA HIS G 649 32.85 61.03 -31.25
C HIS G 649 33.03 62.35 -30.51
N LEU G 650 32.59 62.40 -29.26
CA LEU G 650 32.71 63.62 -28.44
C LEU G 650 34.15 63.87 -28.00
N THR G 651 34.90 62.81 -27.75
CA THR G 651 36.29 62.94 -27.33
C THR G 651 37.02 63.67 -28.43
N GLU G 652 36.60 63.43 -29.67
CA GLU G 652 37.23 64.06 -30.81
C GLU G 652 36.90 65.55 -30.81
N LYS G 653 35.61 65.86 -30.65
CA LYS G 653 35.21 67.26 -30.62
C LYS G 653 35.93 68.01 -29.49
N MET G 654 36.13 67.34 -28.36
CA MET G 654 36.81 67.97 -27.23
C MET G 654 38.26 68.27 -27.54
N LYS G 655 38.89 67.42 -28.36
CA LYS G 655 40.29 67.60 -28.72
C LYS G 655 40.48 68.84 -29.58
N THR G 656 39.43 69.29 -30.22
CA THR G 656 39.56 70.46 -31.09
C THR G 656 38.62 71.62 -30.79
N THR G 657 37.56 71.66 -31.57
CA THR G 657 36.50 72.66 -31.55
C THR G 657 35.82 73.00 -30.22
N ILE G 658 35.25 72.01 -29.56
CA ILE G 658 34.55 72.27 -28.31
C ILE G 658 35.46 72.44 -27.10
N GLN G 659 34.99 73.22 -26.14
CA GLN G 659 35.71 73.50 -24.90
C GLN G 659 34.87 72.96 -23.74
N ARG G 660 33.59 72.79 -23.99
CA ARG G 660 32.65 72.32 -22.97
C ARG G 660 31.64 71.34 -23.57
N GLY G 661 31.69 70.08 -23.15
CA GLY G 661 30.76 69.08 -23.67
C GLY G 661 29.58 68.76 -22.78
N LEU G 662 28.44 68.42 -23.37
CA LEU G 662 27.23 68.11 -22.62
C LEU G 662 26.51 66.80 -23.02
N VAL G 663 26.15 66.00 -22.04
CA VAL G 663 25.47 64.71 -22.28
C VAL G 663 24.29 64.54 -21.32
N LEU G 664 23.10 64.34 -21.86
CA LEU G 664 21.93 64.15 -21.01
C LEU G 664 21.51 62.70 -20.94
N ARG G 665 20.89 62.32 -19.81
CA ARG G 665 20.42 60.96 -19.61
C ARG G 665 19.08 60.89 -18.88
N ASN G 666 18.12 60.24 -19.51
CA ASN G 666 16.80 60.08 -18.96
C ASN G 666 16.92 59.22 -17.70
N GLU G 667 16.12 59.52 -16.68
CA GLU G 667 16.11 58.76 -15.42
C GLU G 667 16.18 57.24 -15.59
N SER G 668 15.28 56.73 -16.42
CA SER G 668 15.17 55.29 -16.62
C SER G 668 15.48 54.77 -18.01
N CYS G 669 16.39 55.43 -18.71
CA CYS G 669 16.75 55.01 -20.07
C CYS G 669 17.31 53.60 -20.14
N SER G 670 17.82 53.12 -19.02
CA SER G 670 18.42 51.80 -18.92
C SER G 670 18.64 51.54 -17.43
N GLU G 671 18.58 50.29 -17.01
CA GLU G 671 18.78 50.01 -15.59
C GLU G 671 20.22 49.63 -15.27
N ASN G 672 20.94 49.14 -16.27
CA ASN G 672 22.33 48.77 -16.07
C ASN G 672 23.26 49.93 -16.41
N TYR G 673 22.97 50.65 -17.49
CA TYR G 673 23.80 51.78 -17.86
C TYR G 673 23.23 53.02 -17.17
N THR G 674 23.47 53.08 -15.86
CA THR G 674 22.99 54.16 -15.02
C THR G 674 23.73 55.46 -15.31
N THR G 675 23.36 56.50 -14.59
CA THR G 675 23.99 57.78 -14.76
C THR G 675 25.47 57.64 -14.41
N ASP G 676 25.75 56.99 -13.28
CA ASP G 676 27.12 56.79 -12.86
C ASP G 676 27.87 55.97 -13.89
N PHE G 677 27.23 54.94 -14.42
CA PHE G 677 27.89 54.09 -15.41
C PHE G 677 28.43 54.97 -16.51
N ILE G 678 27.53 55.70 -17.14
CA ILE G 678 27.88 56.59 -18.23
C ILE G 678 28.93 57.61 -17.80
N TYR G 679 28.81 58.10 -16.57
CA TYR G 679 29.79 59.05 -16.05
C TYR G 679 31.17 58.39 -15.99
N GLN G 680 31.20 57.18 -15.45
CA GLN G 680 32.44 56.44 -15.31
C GLN G 680 33.06 56.14 -16.69
N LEU G 681 32.23 55.73 -17.64
CA LEU G 681 32.74 55.43 -18.97
C LEU G 681 33.36 56.64 -19.65
N TYR G 682 32.57 57.72 -19.75
CA TYR G 682 33.06 58.94 -20.39
C TYR G 682 34.31 59.44 -19.66
N SER G 683 34.34 59.26 -18.35
CA SER G 683 35.46 59.72 -17.54
C SER G 683 36.74 59.01 -17.89
N GLU G 684 36.66 57.68 -17.95
CA GLU G 684 37.82 56.86 -18.28
C GLU G 684 38.30 57.12 -19.71
N GLU G 685 37.38 57.11 -20.67
CA GLU G 685 37.74 57.34 -22.07
C GLU G 685 38.25 58.74 -22.35
N GLY G 686 37.86 59.69 -21.51
CA GLY G 686 38.29 61.05 -21.70
C GLY G 686 39.62 61.35 -21.04
N LYS G 687 40.03 60.50 -20.09
CA LYS G 687 41.30 60.66 -19.39
C LYS G 687 42.34 61.23 -20.36
N GLY G 688 42.95 62.35 -19.99
CA GLY G 688 43.96 62.94 -20.86
C GLY G 688 43.45 64.05 -21.76
N VAL G 689 42.19 63.99 -22.15
CA VAL G 689 41.64 65.03 -23.02
C VAL G 689 40.58 65.90 -22.35
N PHE G 690 39.88 65.36 -21.35
CA PHE G 690 38.84 66.12 -20.63
C PHE G 690 38.40 65.40 -19.37
N ASP G 691 37.87 66.13 -18.40
CA ASP G 691 37.40 65.48 -17.20
C ASP G 691 35.88 65.58 -17.14
N CYS G 692 35.27 64.77 -16.29
CA CYS G 692 33.84 64.77 -16.18
C CYS G 692 33.30 65.30 -14.89
N ARG G 693 32.02 65.65 -14.95
CA ARG G 693 31.28 66.15 -13.82
C ARG G 693 29.91 65.54 -14.01
N LYS G 694 29.40 64.96 -12.95
CA LYS G 694 28.10 64.30 -12.97
C LYS G 694 27.13 65.27 -12.31
N ASN G 695 25.85 65.16 -12.61
CA ASN G 695 24.87 66.05 -12.00
C ASN G 695 23.45 65.60 -12.24
N VAL G 696 22.78 65.24 -11.16
CA VAL G 696 21.39 64.80 -11.23
C VAL G 696 20.48 65.95 -10.86
N LEU G 697 19.71 66.44 -11.82
CA LEU G 697 18.80 67.57 -11.58
C LEU G 697 17.93 67.29 -10.37
N GLY G 698 17.39 66.08 -10.32
CA GLY G 698 16.56 65.72 -9.20
C GLY G 698 15.19 66.37 -9.25
N HIS G 699 14.31 65.92 -8.37
CA HIS G 699 12.94 66.41 -8.29
C HIS G 699 12.75 67.64 -7.40
N MET G 700 13.83 68.33 -7.02
CA MET G 700 13.71 69.52 -6.20
C MET G 700 13.32 70.70 -7.10
N GLN G 701 13.68 70.59 -8.38
CA GLN G 701 13.38 71.61 -9.37
C GLN G 701 12.21 71.07 -10.21
N GLN G 702 11.09 70.92 -9.51
CA GLN G 702 9.84 70.42 -10.07
C GLN G 702 8.74 71.23 -9.37
N GLY G 703 9.16 72.01 -8.37
CA GLY G 703 8.22 72.83 -7.61
C GLY G 703 8.52 74.31 -7.63
N GLY G 704 9.40 74.75 -8.52
CA GLY G 704 9.72 76.17 -8.61
C GLY G 704 8.56 76.90 -9.26
N ALA G 705 8.68 78.21 -9.44
CA ALA G 705 7.61 79.00 -10.06
C ALA G 705 7.43 78.57 -11.51
N PRO G 706 6.17 78.44 -11.97
CA PRO G 706 5.92 78.02 -13.35
C PRO G 706 6.35 79.09 -14.35
N SER G 707 6.82 78.64 -15.50
CA SER G 707 7.26 79.56 -16.55
C SER G 707 6.04 80.22 -17.16
N PRO G 708 6.22 81.39 -17.79
CA PRO G 708 5.09 82.08 -18.41
C PRO G 708 4.25 81.14 -19.27
N PHE G 709 4.93 80.40 -20.14
CA PHE G 709 4.23 79.47 -21.02
C PHE G 709 3.26 78.55 -20.27
N ASP G 710 3.69 78.01 -19.12
CA ASP G 710 2.83 77.12 -18.35
C ASP G 710 1.67 77.80 -17.62
N ARG G 711 1.92 78.97 -17.02
CA ARG G 711 0.82 79.64 -16.32
C ARG G 711 -0.27 79.98 -17.32
N ASN G 712 0.11 80.17 -18.58
CA ASN G 712 -0.86 80.47 -19.60
C ASN G 712 -1.47 79.19 -20.15
N PHE G 713 -0.65 78.16 -20.27
CA PHE G 713 -1.14 76.89 -20.79
C PHE G 713 -2.21 76.40 -19.80
N GLY G 714 -1.83 76.35 -18.53
CA GLY G 714 -2.76 75.90 -17.51
C GLY G 714 -4.03 76.72 -17.49
N THR G 715 -3.89 78.04 -17.58
CA THR G 715 -5.04 78.92 -17.57
C THR G 715 -5.96 78.59 -18.75
N LYS G 716 -5.37 78.50 -19.94
CA LYS G 716 -6.11 78.23 -21.18
C LYS G 716 -6.87 76.88 -21.30
N ILE G 717 -6.22 75.75 -20.99
CA ILE G 717 -6.92 74.47 -21.15
C ILE G 717 -7.95 74.27 -20.07
N SER G 718 -7.61 74.66 -18.85
CA SER G 718 -8.53 74.53 -17.72
C SER G 718 -9.83 75.24 -18.04
N ALA G 719 -9.72 76.37 -18.72
CA ALA G 719 -10.90 77.13 -19.09
C ALA G 719 -11.71 76.37 -20.16
N ARG G 720 -11.05 75.88 -21.19
CA ARG G 720 -11.75 75.15 -22.24
C ARG G 720 -12.41 73.91 -21.67
N ALA G 721 -11.75 73.29 -20.71
CA ALA G 721 -12.25 72.08 -20.08
C ALA G 721 -13.51 72.39 -19.30
N MET G 722 -13.51 73.50 -18.55
CA MET G 722 -14.67 73.88 -17.77
C MET G 722 -15.83 74.16 -18.70
N GLU G 723 -15.54 74.87 -19.79
CA GLU G 723 -16.52 75.21 -20.81
C GLU G 723 -17.24 73.94 -21.27
N TRP G 724 -16.46 72.86 -21.41
CA TRP G 724 -16.97 71.56 -21.83
C TRP G 724 -17.92 71.00 -20.78
N ILE G 725 -17.49 71.04 -19.52
CA ILE G 725 -18.32 70.57 -18.42
C ILE G 725 -19.64 71.33 -18.38
N THR G 726 -19.54 72.66 -18.45
CA THR G 726 -20.74 73.51 -18.46
C THR G 726 -21.73 73.02 -19.52
N ALA G 727 -21.26 72.90 -20.77
CA ALA G 727 -22.08 72.44 -21.88
C ALA G 727 -22.65 71.02 -21.65
N LYS G 728 -21.83 70.12 -21.11
CA LYS G 728 -22.28 68.75 -20.85
C LYS G 728 -23.39 68.66 -19.80
N LEU G 729 -23.17 69.28 -18.64
CA LEU G 729 -24.17 69.24 -17.57
C LEU G 729 -25.51 69.85 -17.98
N LYS G 730 -25.53 70.56 -19.12
CA LYS G 730 -26.77 71.16 -19.62
C LYS G 730 -27.72 70.08 -20.13
N GLU G 731 -27.15 69.04 -20.73
CA GLU G 731 -27.93 67.92 -21.28
C GLU G 731 -28.80 67.24 -20.22
N PHE G 739 -25.10 60.39 -17.60
CA PHE G 739 -23.89 60.34 -18.43
C PHE G 739 -23.19 58.99 -18.28
N THR G 740 -23.49 58.04 -19.15
CA THR G 740 -22.83 56.74 -19.07
C THR G 740 -22.12 56.44 -20.38
N THR G 741 -22.01 57.49 -21.19
CA THR G 741 -21.37 57.42 -22.49
C THR G 741 -19.88 57.08 -22.32
N ASP G 742 -19.20 56.80 -23.42
CA ASP G 742 -17.79 56.50 -23.38
C ASP G 742 -17.05 57.80 -23.65
N ASP G 743 -17.80 58.83 -24.06
CA ASP G 743 -17.23 60.14 -24.36
C ASP G 743 -17.57 61.20 -23.33
N SER G 744 -17.89 60.75 -22.12
CA SER G 744 -18.19 61.66 -21.02
C SER G 744 -16.91 61.80 -20.20
N ILE G 745 -16.01 60.84 -20.37
CA ILE G 745 -14.72 60.80 -19.69
C ILE G 745 -13.62 61.02 -20.71
N CYS G 746 -13.32 62.29 -20.98
CA CYS G 746 -12.32 62.67 -21.96
C CYS G 746 -10.96 63.08 -21.41
N VAL G 747 -10.10 63.53 -22.33
CA VAL G 747 -8.76 63.98 -22.02
C VAL G 747 -8.45 65.13 -22.97
N LEU G 748 -8.74 66.35 -22.52
CA LEU G 748 -8.49 67.54 -23.35
C LEU G 748 -6.99 67.79 -23.59
N GLY G 749 -6.48 67.39 -24.74
CA GLY G 749 -5.07 67.61 -25.00
C GLY G 749 -4.78 68.24 -26.36
N ILE G 750 -3.51 68.52 -26.63
CA ILE G 750 -3.11 69.08 -27.91
C ILE G 750 -2.88 67.90 -28.84
N SER G 751 -3.68 67.84 -29.89
CA SER G 751 -3.56 66.76 -30.86
C SER G 751 -3.17 67.33 -32.22
N LYS G 752 -3.78 66.82 -33.28
CA LYS G 752 -3.51 67.26 -34.65
C LYS G 752 -2.96 68.68 -34.69
N ARG G 753 -3.85 69.65 -34.63
CA ARG G 753 -3.41 71.03 -34.63
C ARG G 753 -4.38 71.78 -33.75
N ASN G 754 -5.16 71.01 -33.01
CA ASN G 754 -6.17 71.59 -32.14
C ASN G 754 -6.15 70.96 -30.79
N VAL G 755 -6.88 71.61 -29.89
CA VAL G 755 -7.04 71.15 -28.52
C VAL G 755 -8.38 70.44 -28.63
N ILE G 756 -8.33 69.11 -28.73
CA ILE G 756 -9.54 68.34 -28.85
C ILE G 756 -9.77 67.38 -27.69
N PHE G 757 -11.04 67.14 -27.36
CA PHE G 757 -11.40 66.24 -26.29
C PHE G 757 -11.42 64.82 -26.85
N GLN G 758 -10.68 63.92 -26.21
CA GLN G 758 -10.63 62.54 -26.67
C GLN G 758 -11.05 61.59 -25.57
N PRO G 759 -12.09 60.77 -25.81
CA PRO G 759 -12.54 59.83 -24.79
C PRO G 759 -11.45 58.85 -24.37
N VAL G 760 -11.21 58.81 -23.06
CA VAL G 760 -10.19 57.95 -22.46
C VAL G 760 -10.19 56.55 -23.06
N ALA G 761 -11.38 56.07 -23.38
CA ALA G 761 -11.53 54.74 -23.93
C ALA G 761 -10.76 54.50 -25.23
N GLU G 762 -10.76 55.46 -26.15
CA GLU G 762 -10.08 55.26 -27.42
C GLU G 762 -8.60 55.61 -27.38
N LEU G 763 -8.12 56.00 -26.19
CA LEU G 763 -6.73 56.35 -26.03
C LEU G 763 -5.95 55.12 -25.60
N LYS G 764 -6.63 54.15 -25.00
CA LYS G 764 -5.98 52.91 -24.55
C LYS G 764 -5.23 52.24 -25.69
N LYS G 765 -5.85 52.23 -26.86
CA LYS G 765 -5.27 51.64 -28.06
C LYS G 765 -3.84 52.13 -28.33
N GLN G 766 -3.66 53.43 -28.22
CA GLN G 766 -2.38 54.06 -28.50
C GLN G 766 -1.47 54.36 -27.32
N THR G 767 -1.58 53.58 -26.26
CA THR G 767 -0.76 53.82 -25.09
C THR G 767 -0.16 52.53 -24.51
N ASP G 768 1.11 52.62 -24.12
CA ASP G 768 1.85 51.49 -23.53
C ASP G 768 1.77 51.64 -22.01
N PHE G 769 0.88 50.89 -21.39
CA PHE G 769 0.70 51.00 -19.94
C PHE G 769 1.81 50.44 -19.09
N GLU G 770 2.75 49.73 -19.72
CA GLU G 770 3.85 49.16 -18.97
C GLU G 770 4.86 50.22 -18.55
N HIS G 771 5.16 51.14 -19.46
CA HIS G 771 6.12 52.20 -19.20
C HIS G 771 5.45 53.56 -19.07
N ARG G 772 4.13 53.54 -19.15
CA ARG G 772 3.32 54.75 -19.02
C ARG G 772 3.76 55.88 -19.93
N ILE G 773 3.80 55.58 -21.23
CA ILE G 773 4.16 56.56 -22.22
C ILE G 773 3.33 56.22 -23.44
N PRO G 774 2.97 57.22 -24.25
CA PRO G 774 2.17 56.96 -25.44
C PRO G 774 2.97 56.12 -26.44
N LYS G 775 2.28 55.30 -27.22
CA LYS G 775 2.94 54.43 -28.19
C LYS G 775 3.63 55.21 -29.29
N GLU G 776 3.03 56.33 -29.68
CA GLU G 776 3.60 57.15 -30.74
C GLU G 776 3.93 58.53 -30.19
N GLN G 777 5.23 58.80 -30.02
CA GLN G 777 5.65 60.08 -29.48
C GLN G 777 6.15 61.02 -30.57
N TRP G 778 5.35 62.04 -30.86
CA TRP G 778 5.67 63.00 -31.91
C TRP G 778 7.08 63.56 -31.92
N TRP G 779 7.55 64.01 -30.76
CA TRP G 779 8.87 64.61 -30.65
C TRP G 779 10.03 63.71 -31.10
N LEU G 780 9.81 62.41 -31.15
CA LEU G 780 10.87 61.49 -31.60
C LEU G 780 11.33 61.77 -33.04
N LYS G 781 10.47 62.41 -33.84
CA LYS G 781 10.82 62.74 -35.21
C LYS G 781 11.89 63.82 -35.21
N LEU G 782 12.06 64.47 -34.06
CA LEU G 782 13.05 65.54 -33.90
C LEU G 782 14.41 65.01 -33.44
N ARG G 783 14.42 63.79 -32.89
CA ARG G 783 15.66 63.21 -32.41
C ARG G 783 16.81 63.24 -33.41
N PRO G 784 16.58 62.82 -34.67
CA PRO G 784 17.66 62.83 -35.67
C PRO G 784 18.18 64.22 -35.95
N LEU G 785 17.40 65.22 -35.57
CA LEU G 785 17.82 66.61 -35.78
C LEU G 785 18.88 66.93 -34.74
N MET G 786 18.52 66.73 -33.47
CA MET G 786 19.45 66.97 -32.38
C MET G 786 20.81 66.32 -32.65
N LYS G 787 20.78 65.14 -33.25
CA LYS G 787 22.00 64.41 -33.56
C LYS G 787 22.87 65.06 -34.64
N ILE G 788 22.31 65.30 -35.82
CA ILE G 788 23.09 65.90 -36.89
C ILE G 788 23.64 67.26 -36.49
N LEU G 789 22.99 67.95 -35.56
CA LEU G 789 23.48 69.26 -35.12
C LEU G 789 24.71 69.09 -34.25
N ALA G 790 24.89 67.88 -33.73
CA ALA G 790 26.03 67.54 -32.87
C ALA G 790 27.18 66.97 -33.71
N LYS G 791 26.99 67.04 -35.02
CA LYS G 791 27.94 66.58 -36.01
C LYS G 791 27.92 65.07 -36.19
N TYR G 792 26.76 64.46 -36.01
CA TYR G 792 26.64 63.03 -36.21
C TYR G 792 25.97 62.86 -37.56
N LYS G 793 26.02 61.64 -38.10
CA LYS G 793 25.40 61.32 -39.37
C LYS G 793 24.22 60.42 -39.02
N ALA G 794 23.03 61.02 -38.95
CA ALA G 794 21.81 60.28 -38.62
C ALA G 794 20.75 60.42 -39.70
N SER G 795 19.98 59.36 -39.92
CA SER G 795 18.93 59.39 -40.92
C SER G 795 17.83 60.29 -40.37
N TYR G 796 17.40 61.24 -41.18
CA TYR G 796 16.38 62.18 -40.74
C TYR G 796 15.11 62.08 -41.57
N ASP G 797 14.11 61.39 -41.03
CA ASP G 797 12.83 61.24 -41.72
C ASP G 797 12.19 62.63 -41.68
N VAL G 798 12.29 63.37 -42.77
CA VAL G 798 11.73 64.71 -42.81
C VAL G 798 10.41 64.73 -43.56
N SER G 799 9.62 63.67 -43.42
CA SER G 799 8.33 63.56 -44.10
C SER G 799 7.30 64.52 -43.50
N ASP G 800 7.34 64.69 -42.19
CA ASP G 800 6.42 65.59 -41.52
C ASP G 800 6.76 67.05 -41.71
N SER G 801 7.72 67.34 -42.60
CA SER G 801 8.12 68.71 -42.87
C SER G 801 6.91 69.54 -43.28
N GLY G 802 7.09 70.85 -43.38
CA GLY G 802 5.99 71.71 -43.76
C GLY G 802 5.74 71.74 -45.24
N GLN G 803 4.51 72.11 -45.60
CA GLN G 803 4.11 72.21 -47.00
C GLN G 803 3.22 73.44 -47.17
N LEU G 804 3.15 73.93 -48.41
CA LEU G 804 2.37 75.11 -48.75
C LEU G 804 0.91 75.06 -48.32
N GLU G 805 0.50 76.01 -47.49
CA GLU G 805 -0.89 76.10 -47.04
C GLU G 805 -1.25 77.54 -47.23
N HIS G 806 -2.55 77.85 -47.21
CA HIS G 806 -3.00 79.22 -47.39
C HIS G 806 -3.73 79.80 -46.19
N VAL G 807 -3.32 80.99 -45.80
CA VAL G 807 -3.89 81.68 -44.65
C VAL G 807 -5.34 82.10 -44.92
N GLN G 808 -6.26 81.69 -44.04
CA GLN G 808 -7.69 82.00 -44.20
C GLN G 808 -8.13 83.46 -44.02
N SER H 49 17.80 91.24 30.12
CA SER H 49 16.53 91.55 30.85
C SER H 49 16.02 92.96 30.49
N GLY H 50 14.76 93.02 30.07
CA GLY H 50 14.14 94.28 29.69
C GLY H 50 12.68 94.20 30.08
N ALA H 51 12.38 93.30 31.01
CA ALA H 51 11.02 93.13 31.49
C ALA H 51 10.46 94.46 31.98
N GLY H 52 9.22 94.77 31.60
CA GLY H 52 8.61 96.02 32.01
C GLY H 52 8.76 97.12 30.98
N LYS H 53 9.76 97.01 30.12
CA LYS H 53 9.96 98.02 29.09
C LYS H 53 9.08 97.72 27.86
N ALA H 54 8.73 98.76 27.11
CA ALA H 54 7.92 98.59 25.92
C ALA H 54 8.65 99.21 24.73
N ILE H 55 8.93 98.38 23.72
CA ILE H 55 9.64 98.85 22.52
C ILE H 55 8.73 99.02 21.31
N GLY H 56 8.95 100.12 20.60
CA GLY H 56 8.18 100.38 19.41
C GLY H 56 9.14 100.36 18.23
N VAL H 57 8.77 99.65 17.17
CA VAL H 57 9.61 99.57 16.00
C VAL H 57 8.79 99.98 14.78
N LEU H 58 9.43 100.72 13.89
CA LEU H 58 8.76 101.21 12.69
C LEU H 58 9.77 101.30 11.53
N THR H 59 9.27 101.20 10.31
CA THR H 59 10.13 101.28 9.13
C THR H 59 9.73 102.51 8.35
N SER H 60 10.66 103.44 8.14
CA SER H 60 10.33 104.67 7.43
C SER H 60 11.13 104.88 6.15
N GLY H 61 10.64 105.81 5.32
CA GLY H 61 11.30 106.12 4.06
C GLY H 61 10.94 105.10 3.00
N GLY H 62 11.79 105.01 1.97
CA GLY H 62 11.56 104.03 0.92
C GLY H 62 11.84 102.64 1.49
N ASP H 63 11.16 101.62 0.97
CA ASP H 63 11.39 100.27 1.48
C ASP H 63 12.73 99.75 0.95
N ALA H 64 13.33 98.83 1.70
CA ALA H 64 14.61 98.26 1.32
C ALA H 64 14.69 96.80 1.76
N GLN H 65 15.05 95.90 0.84
CA GLN H 65 15.15 94.48 1.15
C GLN H 65 15.97 94.20 2.41
N GLY H 66 15.36 93.53 3.36
CA GLY H 66 16.04 93.22 4.59
C GLY H 66 15.34 93.84 5.76
N MET H 67 14.41 94.74 5.50
CA MET H 67 13.69 95.38 6.57
C MET H 67 12.93 94.35 7.41
N ASN H 68 12.26 93.40 6.75
CA ASN H 68 11.52 92.41 7.50
C ASN H 68 12.46 91.60 8.38
N ALA H 69 13.62 91.23 7.82
CA ALA H 69 14.61 90.47 8.58
C ALA H 69 14.97 91.23 9.85
N ALA H 70 15.01 92.56 9.70
CA ALA H 70 15.33 93.46 10.80
C ALA H 70 14.24 93.46 11.87
N VAL H 71 12.98 93.75 11.50
CA VAL H 71 11.92 93.78 12.49
C VAL H 71 11.75 92.39 13.11
N ARG H 72 11.92 91.35 12.30
CA ARG H 72 11.80 89.99 12.81
C ARG H 72 12.76 89.84 13.99
N ALA H 73 13.99 90.30 13.78
CA ALA H 73 15.04 90.23 14.79
C ALA H 73 14.66 91.08 16.01
N VAL H 74 14.29 92.33 15.78
CA VAL H 74 13.90 93.22 16.86
C VAL H 74 12.75 92.62 17.68
N VAL H 75 11.62 92.33 17.01
CA VAL H 75 10.46 91.75 17.69
C VAL H 75 10.86 90.58 18.56
N ARG H 76 11.42 89.55 17.96
CA ARG H 76 11.82 88.38 18.75
C ARG H 76 12.87 88.64 19.83
N MET H 77 13.92 89.39 19.51
CA MET H 77 14.95 89.68 20.51
C MET H 77 14.35 90.37 21.72
N GLY H 78 13.45 91.30 21.46
CA GLY H 78 12.79 92.00 22.55
C GLY H 78 11.97 91.02 23.37
N ILE H 79 11.01 90.37 22.71
CA ILE H 79 10.15 89.39 23.36
C ILE H 79 10.95 88.39 24.18
N TYR H 80 12.13 88.06 23.69
CA TYR H 80 13.00 87.10 24.37
C TYR H 80 13.59 87.64 25.67
N VAL H 81 14.07 88.90 25.64
CA VAL H 81 14.64 89.49 26.84
C VAL H 81 13.56 89.92 27.85
N GLY H 82 12.31 89.56 27.54
CA GLY H 82 11.22 89.90 28.43
C GLY H 82 10.52 91.22 28.17
N ALA H 83 10.96 91.95 27.15
CA ALA H 83 10.32 93.22 26.84
C ALA H 83 9.02 92.93 26.09
N LYS H 84 8.31 93.98 25.74
CA LYS H 84 7.07 93.83 25.01
C LYS H 84 7.21 94.76 23.83
N VAL H 85 7.22 94.21 22.62
CA VAL H 85 7.40 95.07 21.45
C VAL H 85 6.12 95.35 20.67
N TYR H 86 6.05 96.58 20.13
CA TYR H 86 4.90 97.06 19.38
C TYR H 86 5.25 97.49 17.95
N PHE H 87 4.37 97.15 17.02
CA PHE H 87 4.51 97.49 15.62
C PHE H 87 3.98 98.90 15.43
N ILE H 88 4.56 99.64 14.49
CA ILE H 88 4.09 100.98 14.20
C ILE H 88 4.05 101.12 12.67
N TYR H 89 2.88 100.77 12.14
CA TYR H 89 2.65 100.78 10.70
C TYR H 89 2.83 102.11 10.01
N GLU H 90 3.29 102.03 8.77
CA GLU H 90 3.49 103.19 7.92
C GLU H 90 4.53 104.20 8.41
N GLY H 91 5.56 103.71 9.09
CA GLY H 91 6.59 104.62 9.56
C GLY H 91 6.04 105.70 10.47
N TYR H 92 6.55 106.93 10.35
CA TYR H 92 6.07 108.04 11.19
C TYR H 92 4.58 108.35 11.02
N GLN H 93 4.06 108.19 9.81
CA GLN H 93 2.64 108.42 9.54
C GLN H 93 1.82 107.69 10.58
N GLY H 94 2.00 106.37 10.64
CA GLY H 94 1.27 105.58 11.60
C GLY H 94 1.46 106.01 13.04
N MET H 95 2.59 106.63 13.36
CA MET H 95 2.83 107.07 14.73
C MET H 95 2.01 108.33 15.03
N VAL H 96 1.93 109.21 14.05
CA VAL H 96 1.15 110.45 14.18
C VAL H 96 -0.33 110.03 14.32
N ASP H 97 -0.81 109.26 13.34
CA ASP H 97 -2.19 108.78 13.30
C ASP H 97 -2.56 108.02 14.57
N GLY H 98 -1.64 107.18 15.04
CA GLY H 98 -1.91 106.41 16.24
C GLY H 98 -3.10 105.49 16.10
N GLY H 99 -3.62 105.02 17.24
CA GLY H 99 -4.76 104.13 17.21
C GLY H 99 -4.35 102.73 16.84
N SER H 100 -5.03 102.15 15.85
CA SER H 100 -4.74 100.79 15.39
C SER H 100 -3.42 100.71 14.60
N ASN H 101 -2.86 101.87 14.26
CA ASN H 101 -1.60 101.93 13.53
C ASN H 101 -0.49 101.45 14.45
N ILE H 102 -0.84 101.14 15.70
CA ILE H 102 0.12 100.67 16.69
C ILE H 102 -0.45 99.44 17.38
N ALA H 103 0.14 98.28 17.10
CA ALA H 103 -0.33 97.03 17.68
C ALA H 103 0.82 96.28 18.31
N GLU H 104 0.51 95.48 19.33
CA GLU H 104 1.54 94.70 19.98
C GLU H 104 1.87 93.55 19.04
N ALA H 105 3.13 93.17 19.01
CA ALA H 105 3.58 92.08 18.14
C ALA H 105 4.01 90.90 19.00
N ASP H 106 3.63 89.70 18.58
CA ASP H 106 4.03 88.49 19.30
C ASP H 106 5.02 87.70 18.43
N TRP H 107 5.55 86.62 18.98
CA TRP H 107 6.52 85.79 18.27
C TRP H 107 6.12 85.40 16.85
N GLU H 108 4.84 85.14 16.62
CA GLU H 108 4.38 84.73 15.29
C GLU H 108 4.14 85.85 14.30
N SER H 109 4.11 87.08 14.81
CA SER H 109 3.89 88.24 13.96
C SER H 109 4.93 88.29 12.84
N VAL H 110 6.20 88.16 13.23
CA VAL H 110 7.32 88.21 12.30
C VAL H 110 7.73 86.82 11.79
N SER H 111 6.78 85.88 11.81
CA SER H 111 7.07 84.53 11.36
C SER H 111 7.09 84.42 9.84
N SER H 112 8.18 83.87 9.32
CA SER H 112 8.35 83.66 7.88
C SER H 112 8.26 84.94 7.02
N ILE H 113 9.08 85.93 7.34
CA ILE H 113 9.10 87.19 6.58
C ILE H 113 10.55 87.47 6.25
N LEU H 114 11.41 86.55 6.66
CA LEU H 114 12.85 86.67 6.44
C LEU H 114 13.19 86.83 4.96
N GLN H 115 12.64 85.93 4.14
CA GLN H 115 12.92 85.95 2.70
C GLN H 115 12.03 86.93 1.94
N VAL H 116 11.42 87.87 2.66
CA VAL H 116 10.51 88.83 2.02
C VAL H 116 11.02 90.26 1.85
N GLY H 117 10.91 90.77 0.63
CA GLY H 117 11.35 92.13 0.35
C GLY H 117 10.38 93.15 0.94
N GLY H 118 10.74 94.43 0.88
CA GLY H 118 9.88 95.46 1.44
C GLY H 118 9.73 95.30 2.94
N THR H 119 8.55 95.66 3.44
CA THR H 119 8.25 95.62 4.87
C THR H 119 6.79 95.35 5.19
N ILE H 120 6.52 94.32 5.99
CA ILE H 120 5.15 93.98 6.37
C ILE H 120 4.52 95.04 7.27
N ILE H 121 5.38 95.89 7.84
CA ILE H 121 4.96 96.99 8.71
C ILE H 121 4.55 98.15 7.83
N GLY H 122 5.12 98.19 6.64
CA GLY H 122 4.81 99.27 5.73
C GLY H 122 5.72 100.44 6.04
N SER H 123 6.11 101.15 5.00
CA SER H 123 6.99 102.30 5.15
C SER H 123 6.52 103.37 4.18
N ALA H 124 6.45 104.60 4.67
CA ALA H 124 6.00 105.70 3.84
C ALA H 124 6.66 106.99 4.28
N ARG H 125 6.24 108.07 3.66
CA ARG H 125 6.74 109.41 3.97
C ARG H 125 5.62 110.10 4.73
N CYS H 126 5.96 110.66 5.88
CA CYS H 126 4.98 111.36 6.69
C CYS H 126 5.28 112.85 6.65
N GLN H 127 4.39 113.62 6.03
CA GLN H 127 4.62 115.05 5.95
C GLN H 127 4.28 115.70 7.28
N ALA H 128 3.29 115.12 7.96
CA ALA H 128 2.84 115.61 9.24
C ALA H 128 3.97 115.64 10.27
N PHE H 129 4.90 114.69 10.17
CA PHE H 129 6.01 114.61 11.11
C PHE H 129 7.06 115.70 10.86
N ARG H 130 7.00 116.35 9.71
CA ARG H 130 7.93 117.43 9.40
C ARG H 130 7.61 118.63 10.28
N THR H 131 6.34 118.72 10.68
CA THR H 131 5.81 119.83 11.49
C THR H 131 5.82 119.58 12.99
N ARG H 132 5.66 120.66 13.75
CA ARG H 132 5.63 120.61 15.20
C ARG H 132 4.34 119.95 15.69
N GLU H 133 3.26 120.10 14.91
CA GLU H 133 1.96 119.53 15.28
C GLU H 133 2.01 118.01 15.16
N GLY H 134 2.71 117.54 14.13
CA GLY H 134 2.84 116.11 13.91
C GLY H 134 3.58 115.48 15.08
N ARG H 135 4.79 115.99 15.36
CA ARG H 135 5.61 115.49 16.46
C ARG H 135 4.83 115.41 17.75
N LEU H 136 3.97 116.39 17.99
CA LEU H 136 3.16 116.43 19.20
C LEU H 136 2.12 115.32 19.21
N LYS H 137 1.35 115.24 18.12
CA LYS H 137 0.31 114.22 18.01
C LYS H 137 0.93 112.82 18.19
N ALA H 138 2.13 112.65 17.64
CA ALA H 138 2.85 111.38 17.72
C ALA H 138 3.26 111.07 19.16
N ALA H 139 3.99 111.99 19.76
CA ALA H 139 4.46 111.83 21.13
C ALA H 139 3.29 111.47 22.06
N CYS H 140 2.10 111.92 21.68
CA CYS H 140 0.89 111.66 22.47
C CYS H 140 0.51 110.20 22.36
N ASN H 141 0.37 109.70 21.14
CA ASN H 141 0.00 108.31 20.92
C ASN H 141 1.02 107.36 21.53
N LEU H 142 2.29 107.76 21.48
CA LEU H 142 3.35 106.94 22.03
C LEU H 142 3.16 106.83 23.53
N LEU H 143 2.94 107.97 24.17
CA LEU H 143 2.74 108.05 25.61
C LEU H 143 1.45 107.33 26.01
N GLN H 144 0.44 107.44 25.14
CA GLN H 144 -0.85 106.82 25.39
C GLN H 144 -0.71 105.28 25.42
N ARG H 145 0.41 104.78 24.90
CA ARG H 145 0.65 103.33 24.87
C ARG H 145 1.83 102.88 25.74
N GLY H 146 2.43 103.83 26.46
CA GLY H 146 3.54 103.50 27.35
C GLY H 146 4.84 103.16 26.67
N ILE H 147 4.98 103.60 25.43
CA ILE H 147 6.18 103.35 24.63
C ILE H 147 7.21 104.49 24.71
N THR H 148 8.31 104.24 25.43
CA THR H 148 9.37 105.23 25.59
C THR H 148 10.68 104.76 24.94
N ASN H 149 10.65 103.53 24.42
CA ASN H 149 11.81 102.95 23.77
C ASN H 149 11.45 102.79 22.29
N LEU H 150 12.22 103.48 21.43
CA LEU H 150 11.96 103.48 20.00
C LEU H 150 13.08 102.95 19.12
N CYS H 151 12.70 102.19 18.09
CA CYS H 151 13.65 101.64 17.12
C CYS H 151 13.24 102.03 15.72
N VAL H 152 13.95 103.00 15.15
CA VAL H 152 13.65 103.47 13.82
C VAL H 152 14.55 102.84 12.77
N ILE H 153 13.92 102.20 11.78
CA ILE H 153 14.63 101.55 10.69
C ILE H 153 14.33 102.33 9.42
N GLY H 154 15.31 103.08 8.95
CA GLY H 154 15.12 103.87 7.74
C GLY H 154 16.42 104.50 7.25
N GLY H 155 16.30 105.47 6.36
CA GLY H 155 17.48 106.13 5.84
C GLY H 155 17.81 107.48 6.47
N ASP H 156 18.75 108.17 5.85
CA ASP H 156 19.20 109.49 6.31
C ASP H 156 18.07 110.34 6.86
N GLY H 157 16.99 110.43 6.11
CA GLY H 157 15.85 111.23 6.54
C GLY H 157 15.23 110.72 7.83
N SER H 158 14.57 109.56 7.73
CA SER H 158 13.94 108.97 8.90
C SER H 158 14.79 109.13 10.17
N LEU H 159 16.09 108.90 10.03
CA LEU H 159 17.01 109.02 11.14
C LEU H 159 17.24 110.44 11.64
N THR H 160 17.44 111.41 10.76
CA THR H 160 17.64 112.79 11.22
C THR H 160 16.33 113.24 11.89
N GLY H 161 15.19 112.86 11.32
CA GLY H 161 13.91 113.22 11.89
C GLY H 161 13.75 112.64 13.29
N ALA H 162 14.28 111.44 13.47
CA ALA H 162 14.20 110.76 14.76
C ALA H 162 15.07 111.52 15.76
N ASN H 163 16.26 111.90 15.33
CA ASN H 163 17.19 112.65 16.16
C ASN H 163 16.49 113.89 16.72
N LEU H 164 15.90 114.67 15.81
CA LEU H 164 15.17 115.87 16.18
C LEU H 164 14.04 115.60 17.15
N PHE H 165 13.31 114.51 16.91
CA PHE H 165 12.20 114.13 17.79
C PHE H 165 12.73 113.92 19.22
N ARG H 166 13.96 113.42 19.34
CA ARG H 166 14.57 113.19 20.65
C ARG H 166 14.78 114.51 21.38
N LYS H 167 15.27 115.50 20.63
CA LYS H 167 15.54 116.83 21.16
C LYS H 167 14.25 117.45 21.72
N GLU H 168 13.27 117.57 20.83
CA GLU H 168 11.98 118.15 21.19
C GLU H 168 11.17 117.33 22.17
N TRP H 169 11.63 116.13 22.51
CA TRP H 169 10.88 115.26 23.41
C TRP H 169 10.40 115.98 24.67
N SER H 170 11.34 116.37 25.53
CA SER H 170 11.00 117.09 26.75
C SER H 170 10.08 118.25 26.40
N GLY H 171 10.47 119.01 25.37
CA GLY H 171 9.68 120.15 24.93
C GLY H 171 8.25 119.83 24.50
N LEU H 172 8.06 118.65 23.91
CA LEU H 172 6.73 118.22 23.46
C LEU H 172 5.84 117.79 24.62
N LEU H 173 6.44 117.18 25.64
CA LEU H 173 5.67 116.74 26.79
C LEU H 173 5.16 117.92 27.59
N GLU H 174 5.87 119.04 27.50
CA GLU H 174 5.45 120.26 28.18
C GLU H 174 4.13 120.69 27.55
N GLU H 175 4.23 121.06 26.29
CA GLU H 175 3.10 121.52 25.50
C GLU H 175 1.89 120.59 25.59
N LEU H 176 2.14 119.30 25.82
CA LEU H 176 1.04 118.34 25.93
C LEU H 176 0.37 118.33 27.30
N ALA H 177 1.18 118.49 28.35
CA ALA H 177 0.66 118.50 29.72
C ALA H 177 -0.03 119.86 29.92
N ARG H 178 0.52 120.86 29.27
CA ARG H 178 0.03 122.24 29.33
C ARG H 178 -1.37 122.32 28.73
N ASN H 179 -1.58 121.66 27.60
CA ASN H 179 -2.88 121.66 26.93
C ASN H 179 -3.78 120.53 27.43
N GLY H 180 -3.42 120.00 28.60
CA GLY H 180 -4.20 118.94 29.22
C GLY H 180 -4.53 117.72 28.37
N GLN H 181 -3.58 117.28 27.56
CA GLN H 181 -3.78 116.10 26.72
C GLN H 181 -3.06 114.91 27.33
N ILE H 182 -2.22 115.19 28.31
CA ILE H 182 -1.49 114.14 29.00
C ILE H 182 -1.48 114.46 30.49
N ASP H 183 -1.16 113.46 31.29
CA ASP H 183 -1.10 113.61 32.73
C ASP H 183 0.05 114.52 33.14
N LYS H 184 -0.13 115.24 34.25
CA LYS H 184 0.89 116.15 34.76
C LYS H 184 2.06 115.34 35.31
N GLU H 185 1.77 114.17 35.87
CA GLU H 185 2.81 113.31 36.42
C GLU H 185 3.44 112.42 35.36
N ALA H 186 2.68 112.14 34.31
CA ALA H 186 3.16 111.30 33.20
C ALA H 186 4.32 112.01 32.51
N VAL H 187 4.39 113.33 32.66
CA VAL H 187 5.46 114.11 32.05
C VAL H 187 6.81 113.79 32.71
N GLN H 188 6.77 113.09 33.83
CA GLN H 188 8.01 112.70 34.53
C GLN H 188 8.34 111.25 34.23
N LYS H 189 7.34 110.39 34.28
CA LYS H 189 7.55 108.96 34.01
C LYS H 189 8.10 108.75 32.59
N TYR H 190 7.32 109.13 31.60
CA TYR H 190 7.73 108.98 30.21
C TYR H 190 8.62 110.18 29.83
N ALA H 191 9.60 110.46 30.67
CA ALA H 191 10.47 111.61 30.41
C ALA H 191 11.72 111.27 29.62
N TYR H 192 12.11 109.99 29.62
CA TYR H 192 13.31 109.58 28.89
C TYR H 192 12.94 108.80 27.64
N LEU H 193 13.43 109.29 26.49
CA LEU H 193 13.14 108.65 25.22
C LEU H 193 14.38 107.92 24.69
N ASN H 194 14.33 106.59 24.71
CA ASN H 194 15.44 105.78 24.21
C ASN H 194 15.28 105.55 22.75
N VAL H 195 16.11 106.20 21.95
CA VAL H 195 16.02 106.04 20.51
C VAL H 195 17.27 105.36 19.97
N VAL H 196 17.05 104.45 19.02
CA VAL H 196 18.14 103.72 18.38
C VAL H 196 17.72 103.53 16.93
N GLY H 197 18.66 103.69 16.01
CA GLY H 197 18.31 103.55 14.61
C GLY H 197 19.14 102.57 13.82
N MET H 198 18.54 102.06 12.75
CA MET H 198 19.18 101.11 11.84
C MET H 198 19.06 101.72 10.47
N VAL H 199 20.19 101.87 9.78
CA VAL H 199 20.12 102.43 8.44
C VAL H 199 19.59 101.39 7.46
N GLY H 200 18.35 101.62 7.00
CA GLY H 200 17.72 100.72 6.06
C GLY H 200 17.21 101.44 4.84
N SER H 201 18.10 101.66 3.89
CA SER H 201 17.77 102.33 2.67
C SER H 201 18.73 101.85 1.60
N ILE H 202 18.28 101.76 0.36
CA ILE H 202 19.17 101.29 -0.70
C ILE H 202 20.11 102.38 -1.17
N ASP H 203 19.97 103.59 -0.62
CA ASP H 203 20.82 104.70 -1.03
C ASP H 203 22.21 104.66 -0.37
N ASN H 204 22.23 104.42 0.95
CA ASN H 204 23.47 104.39 1.72
C ASN H 204 24.01 105.82 1.89
N ASP H 205 23.13 106.83 1.84
CA ASP H 205 23.60 108.20 2.02
C ASP H 205 23.49 108.61 3.49
N PHE H 206 24.11 107.81 4.36
CA PHE H 206 24.13 108.08 5.79
C PHE H 206 25.48 107.70 6.36
N CYS H 207 26.23 108.71 6.80
CA CYS H 207 27.57 108.51 7.37
C CYS H 207 27.54 107.69 8.64
N GLY H 208 28.69 107.16 9.02
CA GLY H 208 28.79 106.35 10.23
C GLY H 208 28.80 104.87 9.94
N THR H 209 28.28 104.49 8.78
CA THR H 209 28.21 103.10 8.33
C THR H 209 28.74 103.01 6.91
N ASP H 210 29.28 101.84 6.55
CA ASP H 210 29.84 101.63 5.23
C ASP H 210 28.81 100.97 4.33
N MET H 211 28.17 99.94 4.88
CA MET H 211 27.13 99.21 4.16
C MET H 211 25.89 99.33 5.01
N THR H 212 24.75 99.45 4.34
CA THR H 212 23.48 99.59 5.02
C THR H 212 22.60 98.41 4.64
N ILE H 213 21.42 98.34 5.23
CA ILE H 213 20.53 97.25 4.89
C ILE H 213 19.77 97.58 3.62
N GLY H 214 19.97 96.76 2.59
CA GLY H 214 19.27 96.97 1.33
C GLY H 214 20.19 97.24 0.15
N THR H 215 21.40 97.71 0.43
CA THR H 215 22.31 98.01 -0.67
C THR H 215 22.78 96.78 -1.44
N ASP H 216 23.26 95.77 -0.73
CA ASP H 216 23.71 94.58 -1.44
C ASP H 216 22.58 94.05 -2.32
N SER H 217 21.36 94.08 -1.79
CA SER H 217 20.20 93.59 -2.54
C SER H 217 19.96 94.43 -3.78
N ALA H 218 20.06 95.75 -3.64
CA ALA H 218 19.85 96.62 -4.78
C ALA H 218 20.92 96.33 -5.81
N LEU H 219 22.15 96.16 -5.33
CA LEU H 219 23.25 95.88 -6.22
C LEU H 219 22.96 94.61 -7.03
N HIS H 220 22.36 93.62 -6.37
CA HIS H 220 22.02 92.37 -7.05
C HIS H 220 21.08 92.69 -8.18
N ARG H 221 19.99 93.38 -7.89
CA ARG H 221 19.02 93.76 -8.92
C ARG H 221 19.69 94.46 -10.10
N ILE H 222 20.59 95.39 -9.79
CA ILE H 222 21.32 96.16 -10.81
C ILE H 222 22.18 95.26 -11.68
N ILE H 223 23.10 94.55 -11.05
CA ILE H 223 24.01 93.65 -11.78
C ILE H 223 23.27 92.60 -12.59
N GLU H 224 22.09 92.19 -12.11
CA GLU H 224 21.30 91.20 -12.82
C GLU H 224 20.94 91.77 -14.19
N VAL H 225 20.56 93.04 -14.21
CA VAL H 225 20.21 93.67 -15.46
C VAL H 225 21.41 93.74 -16.37
N VAL H 226 22.53 94.24 -15.84
CA VAL H 226 23.76 94.36 -16.61
C VAL H 226 24.15 93.02 -17.20
N ASP H 227 24.10 91.99 -16.36
CA ASP H 227 24.44 90.63 -16.82
C ASP H 227 23.53 90.18 -17.96
N ALA H 228 22.25 90.55 -17.88
CA ALA H 228 21.27 90.21 -18.90
C ALA H 228 21.60 90.86 -20.24
N ILE H 229 22.21 92.04 -20.18
CA ILE H 229 22.58 92.77 -21.38
C ILE H 229 23.89 92.24 -21.96
N MET H 230 24.76 91.74 -21.09
CA MET H 230 26.04 91.23 -21.54
C MET H 230 25.98 89.87 -22.21
N THR H 231 24.91 89.11 -21.97
CA THR H 231 24.79 87.80 -22.59
C THR H 231 24.17 87.95 -23.97
N THR H 232 23.85 89.17 -24.34
CA THR H 232 23.27 89.46 -25.66
C THR H 232 24.40 89.82 -26.62
N ALA H 233 24.42 89.16 -27.78
CA ALA H 233 25.46 89.40 -28.77
C ALA H 233 25.00 90.24 -29.96
N GLN H 234 25.84 91.21 -30.32
CA GLN H 234 25.59 92.08 -31.46
C GLN H 234 26.90 92.24 -32.21
N SER H 235 26.81 92.43 -33.53
CA SER H 235 28.01 92.58 -34.34
C SER H 235 28.57 93.99 -34.26
N HIS H 236 27.68 94.99 -34.28
CA HIS H 236 28.12 96.38 -34.19
C HIS H 236 28.32 96.80 -32.73
N GLN H 237 29.08 97.87 -32.54
CA GLN H 237 29.38 98.41 -31.22
C GLN H 237 28.10 98.85 -30.53
N ARG H 238 28.00 98.57 -29.24
CA ARG H 238 26.84 98.97 -28.47
C ARG H 238 27.28 99.69 -27.20
N THR H 239 26.47 100.64 -26.74
CA THR H 239 26.76 101.39 -25.53
C THR H 239 25.50 101.41 -24.67
N PHE H 240 25.63 100.87 -23.46
CA PHE H 240 24.50 100.80 -22.55
C PHE H 240 24.62 101.84 -21.42
N VAL H 241 23.64 102.73 -21.32
CA VAL H 241 23.63 103.74 -20.27
C VAL H 241 22.59 103.34 -19.22
N LEU H 242 23.08 103.01 -18.03
CA LEU H 242 22.22 102.59 -16.94
C LEU H 242 22.21 103.59 -15.80
N GLU H 243 21.02 104.02 -15.42
CA GLU H 243 20.89 104.99 -14.34
C GLU H 243 20.41 104.30 -13.07
N VAL H 244 21.29 104.20 -12.09
CA VAL H 244 20.95 103.56 -10.82
C VAL H 244 20.47 104.61 -9.85
N MET H 245 20.23 104.22 -8.61
CA MET H 245 19.76 105.16 -7.61
C MET H 245 20.84 105.89 -6.80
N GLY H 246 20.37 106.61 -5.79
CA GLY H 246 21.27 107.39 -4.94
C GLY H 246 20.92 108.85 -5.12
N ARG H 247 19.98 109.35 -4.31
CA ARG H 247 19.54 110.74 -4.35
C ARG H 247 20.74 111.64 -4.62
N HIS H 248 21.54 111.85 -3.59
CA HIS H 248 22.73 112.68 -3.69
C HIS H 248 23.93 111.88 -3.22
N CYS H 249 23.86 110.57 -3.44
CA CYS H 249 24.92 109.66 -3.05
C CYS H 249 25.29 108.78 -4.24
N GLY H 250 26.56 108.78 -4.57
CA GLY H 250 27.01 107.97 -5.69
C GLY H 250 27.58 106.63 -5.28
N TYR H 251 27.26 106.20 -4.06
CA TYR H 251 27.77 104.92 -3.58
C TYR H 251 27.28 103.80 -4.49
N LEU H 252 25.96 103.70 -4.64
CA LEU H 252 25.39 102.67 -5.49
C LEU H 252 26.05 102.73 -6.86
N ALA H 253 26.03 103.89 -7.47
CA ALA H 253 26.62 104.05 -8.79
C ALA H 253 28.06 103.56 -8.83
N LEU H 254 28.85 103.90 -7.82
CA LEU H 254 30.25 103.49 -7.77
C LEU H 254 30.44 101.97 -7.71
N VAL H 255 29.92 101.33 -6.67
CA VAL H 255 30.06 99.88 -6.54
C VAL H 255 29.47 99.14 -7.74
N SER H 256 28.43 99.71 -8.34
CA SER H 256 27.82 99.12 -9.53
C SER H 256 28.84 99.14 -10.67
N ALA H 257 29.54 100.26 -10.79
CA ALA H 257 30.55 100.44 -11.81
C ALA H 257 31.68 99.40 -11.76
N LEU H 258 32.32 99.22 -10.61
CA LEU H 258 33.42 98.25 -10.56
C LEU H 258 32.92 96.84 -10.30
N ALA H 259 31.62 96.65 -10.44
CA ALA H 259 31.02 95.34 -10.26
C ALA H 259 30.90 94.75 -11.66
N CYS H 260 30.93 95.65 -12.65
CA CYS H 260 30.81 95.24 -14.05
C CYS H 260 31.84 95.93 -14.95
N GLY H 261 32.88 96.49 -14.34
CA GLY H 261 33.92 97.16 -15.09
C GLY H 261 33.41 98.20 -16.07
N ALA H 262 32.55 99.09 -15.60
CA ALA H 262 31.98 100.13 -16.44
C ALA H 262 33.08 100.96 -17.09
N ASP H 263 32.74 101.61 -18.21
CA ASP H 263 33.70 102.44 -18.91
C ASP H 263 33.77 103.82 -18.28
N TRP H 264 32.68 104.23 -17.65
CA TRP H 264 32.61 105.55 -17.06
C TRP H 264 31.52 105.65 -16.00
N VAL H 265 31.74 106.50 -14.98
CA VAL H 265 30.76 106.68 -13.93
C VAL H 265 30.52 108.15 -13.62
N PHE H 266 29.31 108.45 -13.20
CA PHE H 266 28.95 109.81 -12.82
C PHE H 266 28.51 109.81 -11.37
N LEU H 267 29.30 110.45 -10.53
CA LEU H 267 29.03 110.54 -9.09
C LEU H 267 28.83 111.98 -8.68
N PRO H 268 27.92 112.22 -7.72
CA PRO H 268 27.66 113.58 -7.25
C PRO H 268 28.83 114.09 -6.41
N GLU H 269 29.68 113.16 -5.95
CA GLU H 269 30.79 113.54 -5.09
C GLU H 269 32.07 113.86 -5.84
N SER H 270 32.23 113.29 -7.03
CA SER H 270 33.43 113.56 -7.82
C SER H 270 33.01 113.86 -9.24
N PRO H 271 32.19 114.91 -9.43
CA PRO H 271 31.73 115.29 -10.76
C PRO H 271 32.82 115.35 -11.82
N PRO H 272 32.45 115.18 -13.09
CA PRO H 272 33.39 115.21 -14.20
C PRO H 272 33.97 116.60 -14.45
N GLU H 273 35.25 116.64 -14.78
CA GLU H 273 35.92 117.90 -15.04
C GLU H 273 35.45 118.52 -16.33
N GLU H 274 35.33 119.85 -16.31
CA GLU H 274 34.89 120.60 -17.48
C GLU H 274 35.53 120.05 -18.76
N GLY H 275 34.70 119.83 -19.78
CA GLY H 275 35.19 119.29 -21.04
C GLY H 275 35.18 117.77 -21.05
N TRP H 276 34.35 117.18 -20.21
CA TRP H 276 34.27 115.73 -20.12
C TRP H 276 33.55 115.14 -21.32
N GLU H 277 32.56 115.85 -21.85
CA GLU H 277 31.80 115.36 -22.99
C GLU H 277 32.69 114.72 -24.04
N GLU H 278 33.74 115.42 -24.46
CA GLU H 278 34.66 114.90 -25.47
C GLU H 278 35.58 113.86 -24.89
N GLN H 279 35.93 114.03 -23.61
CA GLN H 279 36.81 113.08 -22.95
C GLN H 279 36.19 111.69 -22.87
N MET H 280 34.90 111.64 -22.55
CA MET H 280 34.15 110.40 -22.43
C MET H 280 34.09 109.70 -23.76
N CYS H 281 33.64 110.44 -24.78
CA CYS H 281 33.52 109.90 -26.13
C CYS H 281 34.86 109.36 -26.59
N VAL H 282 35.94 110.03 -26.20
CA VAL H 282 37.28 109.61 -26.56
C VAL H 282 37.59 108.28 -25.88
N LYS H 283 37.21 108.14 -24.61
CA LYS H 283 37.48 106.91 -23.88
C LYS H 283 36.68 105.74 -24.44
N LEU H 284 35.44 106.00 -24.86
CA LEU H 284 34.60 104.96 -25.43
C LEU H 284 35.18 104.37 -26.71
N SER H 285 35.67 105.24 -27.59
CA SER H 285 36.27 104.82 -28.87
C SER H 285 37.58 104.07 -28.65
N GLU H 286 38.30 104.44 -27.59
CA GLU H 286 39.56 103.79 -27.26
C GLU H 286 39.27 102.37 -26.81
N ASN H 287 38.29 102.22 -25.93
CA ASN H 287 37.89 100.91 -25.43
C ASN H 287 37.33 100.09 -26.60
N ARG H 288 36.62 100.76 -27.48
CA ARG H 288 36.06 100.13 -28.67
C ARG H 288 37.19 99.51 -29.50
N ALA H 289 38.33 100.20 -29.54
CA ALA H 289 39.50 99.75 -30.29
C ALA H 289 40.25 98.61 -29.60
N ARG H 290 39.98 98.40 -28.31
CA ARG H 290 40.63 97.33 -27.57
C ARG H 290 39.73 96.10 -27.55
N LYS H 291 38.80 96.08 -28.51
CA LYS H 291 37.84 94.99 -28.69
C LYS H 291 36.68 94.89 -27.69
N LYS H 292 36.50 95.92 -26.85
CA LYS H 292 35.41 95.94 -25.89
C LYS H 292 34.21 96.38 -26.72
N ARG H 293 33.41 95.41 -27.14
CA ARG H 293 32.27 95.67 -28.00
C ARG H 293 30.97 96.10 -27.33
N LEU H 294 31.03 96.32 -26.02
CA LEU H 294 29.86 96.81 -25.27
C LEU H 294 30.30 97.76 -24.16
N ASN H 295 30.02 99.05 -24.33
CA ASN H 295 30.39 100.03 -23.32
C ASN H 295 29.26 100.11 -22.29
N ILE H 296 29.61 100.37 -21.05
CA ILE H 296 28.60 100.50 -20.01
C ILE H 296 28.89 101.76 -19.22
N ILE H 297 27.93 102.68 -19.22
CA ILE H 297 28.05 103.95 -18.50
C ILE H 297 27.09 103.92 -17.31
N ILE H 298 27.62 103.99 -16.09
CA ILE H 298 26.75 103.99 -14.91
C ILE H 298 26.53 105.43 -14.47
N VAL H 299 25.27 105.84 -14.44
CA VAL H 299 24.88 107.19 -14.07
C VAL H 299 24.06 107.24 -12.79
N ALA H 300 24.54 107.98 -11.80
CA ALA H 300 23.80 108.11 -10.55
C ALA H 300 22.66 109.10 -10.77
N GLU H 301 21.58 108.95 -10.03
CA GLU H 301 20.45 109.88 -10.18
C GLU H 301 20.92 111.31 -10.02
N GLY H 302 21.63 111.57 -8.92
CA GLY H 302 22.11 112.92 -8.65
C GLY H 302 23.39 113.33 -9.35
N ALA H 303 23.69 112.72 -10.49
CA ALA H 303 24.90 113.05 -11.24
C ALA H 303 24.91 114.52 -11.61
N ILE H 304 26.02 115.19 -11.35
CA ILE H 304 26.15 116.63 -11.64
C ILE H 304 27.54 116.99 -12.11
N ASP H 305 27.70 118.19 -12.69
CA ASP H 305 29.01 118.64 -13.16
C ASP H 305 29.63 119.55 -12.11
N THR H 306 30.83 120.07 -12.40
CA THR H 306 31.55 120.94 -11.48
C THR H 306 30.79 122.18 -11.04
N GLN H 307 29.52 122.30 -11.46
CA GLN H 307 28.70 123.45 -11.10
C GLN H 307 27.29 123.05 -10.66
N ASN H 308 27.17 121.85 -10.10
CA ASN H 308 25.90 121.34 -9.62
C ASN H 308 24.78 121.24 -10.67
N LYS H 309 25.13 121.37 -11.95
CA LYS H 309 24.13 121.26 -13.00
C LYS H 309 23.87 119.79 -13.25
N PRO H 310 22.59 119.38 -13.25
CA PRO H 310 22.22 117.97 -13.48
C PRO H 310 22.74 117.41 -14.81
N ILE H 311 23.33 116.21 -14.76
CA ILE H 311 23.82 115.56 -15.98
C ILE H 311 22.84 114.44 -16.30
N THR H 312 21.86 114.72 -17.15
CA THR H 312 20.85 113.72 -17.50
C THR H 312 21.39 112.54 -18.29
N SER H 313 20.70 111.42 -18.19
CA SER H 313 21.08 110.20 -18.90
C SER H 313 20.85 110.42 -20.39
N GLU H 314 19.81 111.17 -20.70
CA GLU H 314 19.47 111.45 -22.08
C GLU H 314 20.57 112.28 -22.74
N LYS H 315 21.22 113.15 -21.98
CA LYS H 315 22.30 113.95 -22.53
C LYS H 315 23.44 113.01 -22.89
N ILE H 316 23.68 112.00 -22.04
CA ILE H 316 24.74 111.01 -22.26
C ILE H 316 24.41 110.21 -23.51
N LYS H 317 23.14 109.87 -23.67
CA LYS H 317 22.67 109.09 -24.82
C LYS H 317 23.02 109.84 -26.08
N GLU H 318 22.51 111.05 -26.21
CA GLU H 318 22.78 111.86 -27.38
C GLU H 318 24.27 112.03 -27.60
N LEU H 319 24.98 112.37 -26.54
CA LEU H 319 26.41 112.58 -26.65
C LEU H 319 27.12 111.51 -27.47
N VAL H 320 26.89 110.23 -27.16
CA VAL H 320 27.56 109.16 -27.91
C VAL H 320 26.90 108.89 -29.26
N VAL H 321 25.58 109.04 -29.33
CA VAL H 321 24.84 108.81 -30.56
C VAL H 321 25.33 109.79 -31.62
N THR H 322 25.51 111.03 -31.18
CA THR H 322 25.97 112.12 -32.03
C THR H 322 27.44 112.00 -32.41
N GLN H 323 28.30 111.93 -31.39
CA GLN H 323 29.74 111.86 -31.59
C GLN H 323 30.32 110.55 -32.13
N LEU H 324 29.85 109.43 -31.59
CA LEU H 324 30.35 108.12 -31.99
C LEU H 324 29.38 107.32 -32.86
N GLY H 325 28.09 107.61 -32.72
CA GLY H 325 27.07 106.93 -33.49
C GLY H 325 26.90 105.46 -33.17
N TYR H 326 27.24 105.05 -31.95
CA TYR H 326 27.10 103.64 -31.54
C TYR H 326 25.64 103.33 -31.20
N ASP H 327 25.26 102.06 -31.30
CA ASP H 327 23.90 101.65 -30.96
C ASP H 327 23.76 101.89 -29.45
N THR H 328 23.12 103.00 -29.09
CA THR H 328 22.96 103.33 -27.69
C THR H 328 21.55 103.18 -27.16
N ARG H 329 21.44 102.38 -26.10
CA ARG H 329 20.15 102.15 -25.43
C ARG H 329 20.36 102.61 -23.98
N VAL H 330 19.31 103.15 -23.36
CA VAL H 330 19.40 103.64 -21.99
C VAL H 330 18.19 103.27 -21.15
N THR H 331 18.41 102.70 -19.98
CA THR H 331 17.31 102.34 -19.10
C THR H 331 17.48 102.94 -17.73
N ILE H 332 16.40 103.51 -17.23
CA ILE H 332 16.41 104.11 -15.91
C ILE H 332 15.86 103.08 -14.96
N LEU H 333 16.75 102.25 -14.42
CA LEU H 333 16.34 101.22 -13.48
C LEU H 333 15.46 101.89 -12.46
N GLY H 334 14.17 101.59 -12.52
CA GLY H 334 13.24 102.21 -11.61
C GLY H 334 13.33 101.76 -10.18
N HIS H 335 12.15 101.67 -9.57
CA HIS H 335 11.99 101.23 -8.19
C HIS H 335 12.35 99.75 -8.16
N VAL H 336 12.53 99.17 -9.35
CA VAL H 336 12.86 97.75 -9.46
C VAL H 336 14.11 97.39 -8.62
N GLN H 337 14.83 98.40 -8.15
CA GLN H 337 16.03 98.20 -7.35
C GLN H 337 15.67 97.87 -5.90
N ARG H 338 14.39 98.00 -5.55
CA ARG H 338 13.91 97.69 -4.20
C ARG H 338 13.23 96.34 -4.21
N GLY H 339 13.07 95.78 -5.43
CA GLY H 339 12.42 94.50 -5.59
C GLY H 339 13.28 93.25 -5.41
N GLY H 340 12.67 92.10 -5.68
CA GLY H 340 13.37 90.83 -5.55
C GLY H 340 13.47 90.42 -4.10
N THR H 341 14.15 89.31 -3.85
CA THR H 341 14.32 88.86 -2.47
C THR H 341 15.62 89.45 -1.94
N PRO H 342 15.65 89.73 -0.63
CA PRO H 342 16.85 90.29 0.00
C PRO H 342 18.02 89.32 -0.04
N SER H 343 19.19 89.80 -0.43
CA SER H 343 20.37 88.96 -0.52
C SER H 343 20.71 88.35 0.83
N ALA H 344 21.58 87.34 0.81
CA ALA H 344 21.98 86.68 2.04
C ALA H 344 22.64 87.71 2.92
N PHE H 345 23.55 88.50 2.34
CA PHE H 345 24.26 89.52 3.09
C PHE H 345 23.30 90.42 3.87
N ASP H 346 22.27 90.91 3.18
CA ASP H 346 21.28 91.78 3.82
C ASP H 346 20.45 91.11 4.91
N ARG H 347 20.07 89.85 4.69
CA ARG H 347 19.29 89.13 5.69
C ARG H 347 20.10 88.96 6.96
N ILE H 348 21.37 88.59 6.80
CA ILE H 348 22.25 88.40 7.93
C ILE H 348 22.51 89.74 8.59
N LEU H 349 22.94 90.71 7.79
CA LEU H 349 23.20 92.04 8.34
C LEU H 349 22.03 92.57 9.15
N ALA H 350 20.84 92.50 8.56
CA ALA H 350 19.62 92.98 9.22
C ALA H 350 19.33 92.22 10.51
N SER H 351 19.67 90.95 10.56
CA SER H 351 19.41 90.19 11.78
C SER H 351 20.38 90.57 12.89
N ARG H 352 21.67 90.68 12.55
CA ARG H 352 22.67 91.06 13.53
C ARG H 352 22.33 92.45 14.10
N MET H 353 21.82 93.33 13.25
CA MET H 353 21.46 94.66 13.69
C MET H 353 20.21 94.68 14.57
N GLY H 354 19.26 93.80 14.26
CA GLY H 354 18.05 93.74 15.04
C GLY H 354 18.37 93.41 16.50
N VAL H 355 19.35 92.54 16.70
CA VAL H 355 19.76 92.16 18.05
C VAL H 355 20.42 93.37 18.69
N GLU H 356 21.44 93.89 18.01
CA GLU H 356 22.18 95.05 18.49
C GLU H 356 21.27 96.21 18.88
N ALA H 357 20.18 96.40 18.15
CA ALA H 357 19.23 97.46 18.44
C ALA H 357 18.52 97.22 19.78
N VAL H 358 18.10 95.97 20.00
CA VAL H 358 17.42 95.60 21.23
C VAL H 358 18.34 95.65 22.45
N ILE H 359 19.53 95.06 22.36
CA ILE H 359 20.42 95.10 23.53
C ILE H 359 20.85 96.55 23.81
N ALA H 360 21.00 97.34 22.76
CA ALA H 360 21.39 98.75 22.92
C ALA H 360 20.24 99.48 23.61
N LEU H 361 19.02 99.18 23.18
CA LEU H 361 17.84 99.80 23.73
C LEU H 361 17.66 99.51 25.22
N LEU H 362 18.11 98.34 25.66
CA LEU H 362 17.99 97.97 27.07
C LEU H 362 19.05 98.65 27.92
N GLU H 363 20.32 98.47 27.55
CA GLU H 363 21.43 99.06 28.29
C GLU H 363 21.42 100.60 28.24
N ALA H 364 20.42 101.16 27.58
CA ALA H 364 20.33 102.60 27.46
C ALA H 364 19.85 103.24 28.76
N THR H 365 20.60 104.24 29.22
CA THR H 365 20.26 104.97 30.44
C THR H 365 19.57 106.27 30.05
N PRO H 366 19.13 107.05 31.04
CA PRO H 366 18.47 108.32 30.73
C PRO H 366 19.42 109.32 30.09
N ASP H 367 20.69 109.24 30.47
CA ASP H 367 21.71 110.16 29.95
C ASP H 367 22.62 109.55 28.88
N THR H 368 22.13 108.50 28.22
CA THR H 368 22.89 107.84 27.17
C THR H 368 22.37 108.37 25.82
N PRO H 369 23.26 108.95 24.98
CA PRO H 369 22.87 109.50 23.68
C PRO H 369 22.14 108.53 22.74
N ALA H 370 21.13 109.05 22.05
CA ALA H 370 20.37 108.24 21.11
C ALA H 370 21.38 107.84 20.01
N CYS H 371 21.57 106.54 19.83
CA CYS H 371 22.53 106.05 18.84
C CYS H 371 21.96 105.30 17.64
N VAL H 372 22.86 104.87 16.77
CA VAL H 372 22.52 104.14 15.57
C VAL H 372 23.43 102.92 15.49
N VAL H 373 22.84 101.72 15.61
CA VAL H 373 23.62 100.48 15.54
C VAL H 373 24.08 100.24 14.10
N SER H 374 25.36 99.92 13.96
CA SER H 374 25.94 99.67 12.65
C SER H 374 27.06 98.64 12.75
N LEU H 375 27.78 98.46 11.65
CA LEU H 375 28.88 97.52 11.62
C LEU H 375 30.12 98.21 11.07
N ASN H 376 31.25 97.98 11.74
CA ASN H 376 32.49 98.57 11.31
C ASN H 376 33.53 97.46 11.18
N GLY H 377 33.90 97.15 9.94
CA GLY H 377 34.88 96.10 9.73
C GLY H 377 34.39 94.80 10.34
N ASN H 378 33.09 94.54 10.17
CA ASN H 378 32.45 93.33 10.66
C ASN H 378 32.33 93.28 12.19
N HIS H 379 32.39 94.45 12.81
CA HIS H 379 32.26 94.53 14.26
C HIS H 379 31.12 95.49 14.62
N ALA H 380 30.24 95.05 15.51
CA ALA H 380 29.10 95.85 15.93
C ALA H 380 29.54 97.12 16.65
N VAL H 381 28.90 98.24 16.29
CA VAL H 381 29.20 99.53 16.90
C VAL H 381 27.96 100.42 17.02
N ARG H 382 27.98 101.31 17.99
CA ARG H 382 26.88 102.25 18.20
C ARG H 382 27.42 103.63 17.97
N LEU H 383 26.77 104.40 17.13
CA LEU H 383 27.22 105.76 16.87
C LEU H 383 26.12 106.71 17.28
N PRO H 384 26.48 107.79 18.00
CA PRO H 384 25.48 108.76 18.44
C PRO H 384 24.76 109.41 17.24
N LEU H 385 23.43 109.37 17.28
CA LEU H 385 22.61 109.93 16.22
C LEU H 385 23.07 111.30 15.72
N MET H 386 23.04 112.29 16.60
CA MET H 386 23.43 113.65 16.23
C MET H 386 24.73 113.75 15.41
N GLU H 387 25.78 113.09 15.86
CA GLU H 387 27.05 113.13 15.15
C GLU H 387 26.93 112.69 13.70
N CYS H 388 26.12 111.66 13.48
CA CYS H 388 25.89 111.14 12.13
C CYS H 388 25.00 112.09 11.34
N VAL H 389 23.87 112.48 11.94
CA VAL H 389 22.95 113.39 11.28
C VAL H 389 23.71 114.62 10.81
N GLN H 390 24.69 115.01 11.63
CA GLN H 390 25.52 116.17 11.34
C GLN H 390 26.35 115.96 10.07
N MET H 391 27.28 115.02 10.12
CA MET H 391 28.13 114.73 8.99
C MET H 391 27.33 114.54 7.71
N THR H 392 26.17 113.92 7.85
CA THR H 392 25.29 113.69 6.71
C THR H 392 24.98 115.02 6.04
N GLN H 393 24.63 116.02 6.85
CA GLN H 393 24.30 117.34 6.35
C GLN H 393 25.55 118.05 5.84
N ASP H 394 26.70 117.71 6.39
CA ASP H 394 27.95 118.34 5.98
C ASP H 394 28.35 117.91 4.58
N VAL H 395 28.07 116.64 4.27
CA VAL H 395 28.41 116.13 2.95
C VAL H 395 27.57 116.86 1.89
N GLN H 396 26.31 117.11 2.22
CA GLN H 396 25.41 117.81 1.31
C GLN H 396 25.94 119.24 1.15
N LYS H 397 26.29 119.87 2.27
CA LYS H 397 26.81 121.22 2.28
C LYS H 397 28.05 121.25 1.39
N ALA H 398 28.98 120.35 1.68
CA ALA H 398 30.23 120.26 0.92
C ALA H 398 30.02 120.17 -0.59
N MET H 399 28.96 119.47 -1.01
CA MET H 399 28.66 119.32 -2.42
C MET H 399 28.02 120.57 -3.03
N ASP H 400 27.11 121.19 -2.28
CA ASP H 400 26.44 122.41 -2.75
C ASP H 400 27.48 123.52 -2.91
N GLU H 401 28.47 123.50 -2.03
CA GLU H 401 29.53 124.49 -2.06
C GLU H 401 30.67 124.09 -3.00
N ARG H 402 30.37 123.22 -3.95
CA ARG H 402 31.38 122.78 -4.91
C ARG H 402 32.71 122.36 -4.30
N ARG H 403 32.71 122.03 -3.01
CA ARG H 403 33.93 121.57 -2.35
C ARG H 403 33.94 120.07 -2.43
N PHE H 404 33.81 119.56 -3.65
CA PHE H 404 33.76 118.15 -3.94
C PHE H 404 34.83 117.26 -3.29
N GLN H 405 36.08 117.71 -3.26
CA GLN H 405 37.13 116.90 -2.65
C GLN H 405 36.83 116.63 -1.19
N ASP H 406 36.08 117.52 -0.56
CA ASP H 406 35.72 117.37 0.84
C ASP H 406 34.59 116.37 0.95
N ALA H 407 33.63 116.46 0.03
CA ALA H 407 32.50 115.54 0.01
C ALA H 407 33.00 114.10 -0.09
N VAL H 408 33.95 113.87 -1.00
CA VAL H 408 34.52 112.56 -1.20
C VAL H 408 35.13 112.00 0.08
N ARG H 409 35.82 112.85 0.82
CA ARG H 409 36.47 112.43 2.07
C ARG H 409 35.45 112.22 3.17
N LEU H 410 34.36 112.99 3.12
CA LEU H 410 33.30 112.88 4.11
C LEU H 410 32.48 111.60 4.02
N ARG H 411 32.48 110.97 2.85
CA ARG H 411 31.74 109.73 2.66
C ARG H 411 32.36 108.57 3.42
N GLY H 412 33.69 108.60 3.58
CA GLY H 412 34.36 107.55 4.31
C GLY H 412 35.66 107.14 3.64
N ARG H 413 36.55 106.54 4.43
CA ARG H 413 37.84 106.09 3.90
C ARG H 413 37.56 105.08 2.81
N SER H 414 36.61 104.20 3.08
CA SER H 414 36.20 103.17 2.12
C SER H 414 35.81 103.80 0.78
N PHE H 415 34.74 104.59 0.78
CA PHE H 415 34.26 105.26 -0.44
C PHE H 415 35.39 105.87 -1.28
N ALA H 416 36.27 106.60 -0.63
CA ALA H 416 37.39 107.24 -1.31
C ALA H 416 38.30 106.22 -1.98
N GLY H 417 38.55 105.12 -1.28
CA GLY H 417 39.39 104.07 -1.82
C GLY H 417 38.76 103.40 -3.03
N ASN H 418 37.51 102.93 -2.89
CA ASN H 418 36.78 102.29 -3.98
C ASN H 418 36.84 103.17 -5.22
N LEU H 419 36.57 104.45 -5.02
CA LEU H 419 36.58 105.41 -6.11
C LEU H 419 37.91 105.37 -6.84
N ASN H 420 39.00 105.43 -6.09
CA ASN H 420 40.33 105.40 -6.68
C ASN H 420 40.58 104.08 -7.41
N THR H 421 40.33 102.97 -6.71
CA THR H 421 40.52 101.66 -7.28
C THR H 421 39.76 101.52 -8.60
N TYR H 422 38.53 102.02 -8.64
CA TYR H 422 37.75 101.95 -9.87
C TYR H 422 38.43 102.73 -11.00
N LYS H 423 38.80 103.99 -10.71
CA LYS H 423 39.46 104.83 -11.70
C LYS H 423 40.73 104.13 -12.19
N ARG H 424 41.52 103.65 -11.24
CA ARG H 424 42.76 102.95 -11.52
C ARG H 424 42.59 101.84 -12.55
N LEU H 425 41.52 101.05 -12.40
CA LEU H 425 41.23 99.92 -13.30
C LEU H 425 40.51 100.30 -14.59
N ALA H 426 39.81 101.43 -14.57
CA ALA H 426 39.05 101.87 -15.73
C ALA H 426 39.85 102.76 -16.70
N ILE H 427 40.74 103.57 -16.15
CA ILE H 427 41.54 104.48 -16.96
C ILE H 427 43.03 104.09 -16.98
N LYS H 428 43.47 103.47 -18.07
CA LYS H 428 44.87 103.07 -18.17
C LYS H 428 45.67 104.21 -18.77
N LEU H 429 46.83 104.48 -18.20
CA LEU H 429 47.65 105.55 -18.72
C LEU H 429 48.44 104.97 -19.90
N PRO H 430 48.74 105.83 -20.90
CA PRO H 430 49.50 105.38 -22.08
C PRO H 430 50.85 104.78 -21.65
N ASP H 431 51.20 103.64 -22.23
CA ASP H 431 52.43 102.92 -21.88
C ASP H 431 53.65 103.78 -21.52
N ASP H 432 53.93 104.79 -22.34
CA ASP H 432 55.09 105.66 -22.10
C ASP H 432 55.05 106.50 -20.81
N GLN H 433 53.87 106.66 -20.20
CA GLN H 433 53.73 107.43 -18.98
C GLN H 433 53.79 106.56 -17.73
N ILE H 434 54.07 105.28 -17.93
CA ILE H 434 54.17 104.34 -16.84
C ILE H 434 55.62 103.86 -16.70
N PRO H 435 56.37 104.45 -15.76
CA PRO H 435 57.76 104.07 -15.55
C PRO H 435 57.86 102.59 -15.18
N LYS H 436 58.45 101.80 -16.08
CA LYS H 436 58.62 100.36 -15.86
C LYS H 436 59.47 100.06 -14.62
N THR H 437 59.24 98.90 -14.00
CA THR H 437 59.99 98.51 -12.82
C THR H 437 60.91 97.33 -13.14
N ASN H 438 60.70 96.75 -14.32
CA ASN H 438 61.47 95.60 -14.76
C ASN H 438 61.38 94.46 -13.76
N CYS H 439 60.19 94.33 -13.19
CA CYS H 439 59.89 93.29 -12.24
C CYS H 439 58.79 92.43 -12.82
N ASN H 440 58.94 91.12 -12.69
CA ASN H 440 57.92 90.21 -13.18
C ASN H 440 57.14 89.73 -11.96
N VAL H 441 55.87 90.10 -11.89
CA VAL H 441 55.02 89.67 -10.79
C VAL H 441 54.08 88.62 -11.35
N ALA H 442 54.11 87.44 -10.75
CA ALA H 442 53.27 86.35 -11.20
C ALA H 442 52.03 86.21 -10.34
N VAL H 443 50.90 85.94 -10.99
CA VAL H 443 49.63 85.75 -10.30
C VAL H 443 49.16 84.31 -10.58
N ILE H 444 48.57 83.67 -9.58
CA ILE H 444 48.15 82.27 -9.71
C ILE H 444 46.94 81.91 -8.84
N ASN H 445 46.16 80.91 -9.28
CA ASN H 445 45.00 80.44 -8.53
C ASN H 445 45.31 79.08 -7.91
N VAL H 446 45.13 78.97 -6.60
CA VAL H 446 45.38 77.71 -5.89
C VAL H 446 44.21 77.34 -4.97
N GLY H 447 43.72 76.11 -5.11
CA GLY H 447 42.61 75.66 -4.27
C GLY H 447 41.38 75.37 -5.09
N ALA H 448 40.31 75.00 -4.42
CA ALA H 448 39.07 74.71 -5.12
C ALA H 448 38.58 76.05 -5.67
N PRO H 449 38.00 76.04 -6.88
CA PRO H 449 37.48 77.26 -7.51
C PRO H 449 36.44 77.96 -6.65
N ALA H 450 36.53 79.28 -6.62
CA ALA H 450 35.61 80.08 -5.83
C ALA H 450 35.14 81.29 -6.67
N ALA H 451 33.82 81.52 -6.69
CA ALA H 451 33.24 82.61 -7.44
C ALA H 451 33.94 83.95 -7.20
N GLY H 452 34.55 84.51 -8.23
CA GLY H 452 35.21 85.80 -8.07
C GLY H 452 36.72 85.76 -8.20
N MET H 453 37.30 84.59 -8.45
CA MET H 453 38.75 84.50 -8.59
C MET H 453 39.17 85.31 -9.81
N ASN H 454 38.32 85.29 -10.84
CA ASN H 454 38.64 86.02 -12.05
C ASN H 454 38.63 87.53 -11.82
N ALA H 455 37.67 87.99 -11.02
CA ALA H 455 37.58 89.42 -10.74
C ALA H 455 38.89 89.82 -10.06
N ALA H 456 39.40 88.90 -9.23
CA ALA H 456 40.62 89.09 -8.48
C ALA H 456 41.82 89.17 -9.40
N VAL H 457 41.95 88.21 -10.31
CA VAL H 457 43.06 88.20 -11.24
C VAL H 457 43.03 89.46 -12.11
N ARG H 458 41.85 89.85 -12.58
CA ARG H 458 41.73 91.05 -13.41
C ARG H 458 42.30 92.23 -12.63
N SER H 459 41.79 92.42 -11.42
CA SER H 459 42.21 93.51 -10.56
C SER H 459 43.73 93.52 -10.28
N ALA H 460 44.30 92.36 -9.97
CA ALA H 460 45.72 92.26 -9.70
C ALA H 460 46.58 92.52 -10.95
N VAL H 461 46.20 91.92 -12.08
CA VAL H 461 46.95 92.09 -13.31
C VAL H 461 47.02 93.56 -13.72
N ARG H 462 45.88 94.23 -13.74
CA ARG H 462 45.84 95.64 -14.13
C ARG H 462 46.56 96.57 -13.18
N VAL H 463 46.31 96.43 -11.88
CA VAL H 463 46.98 97.28 -10.90
C VAL H 463 48.48 97.07 -11.08
N GLY H 464 48.87 95.83 -11.35
CA GLY H 464 50.27 95.53 -11.57
C GLY H 464 50.79 96.30 -12.77
N ILE H 465 50.16 96.11 -13.92
CA ILE H 465 50.56 96.79 -15.14
C ILE H 465 50.63 98.30 -14.92
N ALA H 466 49.63 98.84 -14.24
CA ALA H 466 49.57 100.27 -13.98
C ALA H 466 50.67 100.70 -13.02
N ASP H 467 51.33 99.73 -12.39
CA ASP H 467 52.42 100.03 -11.46
C ASP H 467 53.75 99.80 -12.16
N GLY H 468 53.68 99.50 -13.45
CA GLY H 468 54.89 99.28 -14.23
C GLY H 468 55.51 97.90 -14.20
N HIS H 469 54.84 96.93 -13.61
CA HIS H 469 55.39 95.59 -13.59
C HIS H 469 54.98 94.85 -14.86
N ARG H 470 55.65 93.73 -15.11
CA ARG H 470 55.37 92.87 -16.25
C ARG H 470 54.59 91.72 -15.60
N MET H 471 53.35 91.53 -16.01
CA MET H 471 52.53 90.50 -15.38
C MET H 471 52.60 89.10 -15.99
N LEU H 472 52.75 88.10 -15.10
CA LEU H 472 52.82 86.70 -15.50
C LEU H 472 51.67 85.86 -14.92
N ALA H 473 50.99 85.11 -15.80
CA ALA H 473 49.88 84.27 -15.38
C ALA H 473 50.32 82.81 -15.30
N ILE H 474 50.14 82.21 -14.12
CA ILE H 474 50.49 80.81 -13.96
C ILE H 474 49.16 80.04 -14.01
N TYR H 475 49.04 79.17 -15.01
CA TYR H 475 47.81 78.39 -15.21
C TYR H 475 47.76 77.10 -14.40
N ASP H 476 46.53 76.65 -14.14
CA ASP H 476 46.28 75.42 -13.40
C ASP H 476 47.07 75.33 -12.10
N GLY H 477 47.07 76.41 -11.32
CA GLY H 477 47.77 76.41 -10.05
C GLY H 477 49.16 75.81 -10.01
N PHE H 478 49.55 75.33 -8.83
CA PHE H 478 50.88 74.74 -8.69
C PHE H 478 51.19 73.65 -9.69
N ASP H 479 50.17 72.85 -10.04
CA ASP H 479 50.36 71.79 -11.00
C ASP H 479 50.98 72.36 -12.30
N GLY H 480 50.33 73.38 -12.86
CA GLY H 480 50.83 73.99 -14.08
C GLY H 480 52.10 74.80 -13.84
N PHE H 481 52.25 75.27 -12.61
CA PHE H 481 53.42 76.05 -12.23
C PHE H 481 54.65 75.18 -12.44
N ALA H 482 54.61 73.99 -11.84
CA ALA H 482 55.71 73.04 -11.96
C ALA H 482 55.91 72.61 -13.42
N LYS H 483 54.83 72.52 -14.18
CA LYS H 483 54.93 72.11 -15.57
C LYS H 483 55.15 73.31 -16.50
N GLY H 484 55.74 74.36 -15.93
CA GLY H 484 56.08 75.57 -16.66
C GLY H 484 55.00 76.31 -17.46
N GLN H 485 53.74 76.07 -17.16
CA GLN H 485 52.65 76.73 -17.87
C GLN H 485 52.51 78.18 -17.43
N ILE H 486 53.51 78.99 -17.73
CA ILE H 486 53.51 80.40 -17.37
C ILE H 486 53.59 81.28 -18.62
N LYS H 487 52.74 82.29 -18.69
CA LYS H 487 52.69 83.20 -19.84
C LYS H 487 52.45 84.63 -19.35
N GLU H 488 52.70 85.61 -20.21
CA GLU H 488 52.51 86.99 -19.82
C GLU H 488 51.05 87.37 -20.09
N ILE H 489 50.45 88.16 -19.20
CA ILE H 489 49.06 88.63 -19.37
C ILE H 489 49.05 90.14 -19.49
N GLY H 490 48.27 90.64 -20.43
CA GLY H 490 48.19 92.07 -20.67
C GLY H 490 46.92 92.68 -20.14
N TRP H 491 46.87 94.01 -20.17
CA TRP H 491 45.74 94.78 -19.67
C TRP H 491 44.37 94.39 -20.27
N THR H 492 44.32 94.20 -21.59
CA THR H 492 43.04 93.81 -22.22
C THR H 492 42.74 92.32 -22.12
N ASP H 493 43.74 91.52 -21.81
CA ASP H 493 43.51 90.09 -21.71
C ASP H 493 42.58 89.73 -20.56
N VAL H 494 42.55 90.57 -19.52
CA VAL H 494 41.69 90.31 -18.38
C VAL H 494 40.42 91.16 -18.42
N GLY H 495 40.05 91.63 -19.61
CA GLY H 495 38.85 92.43 -19.76
C GLY H 495 37.56 91.66 -19.61
N GLY H 496 36.62 92.19 -18.84
CA GLY H 496 35.34 91.53 -18.65
C GLY H 496 35.38 90.29 -17.78
N TRP H 497 36.51 90.09 -17.11
CA TRP H 497 36.68 88.95 -16.23
C TRP H 497 35.89 89.12 -14.96
N THR H 498 35.63 90.36 -14.59
CA THR H 498 34.92 90.71 -13.37
C THR H 498 33.73 89.79 -13.05
N GLY H 499 32.77 89.73 -13.97
CA GLY H 499 31.58 88.91 -13.75
C GLY H 499 31.66 87.43 -14.08
N GLN H 500 32.84 86.93 -14.45
CA GLN H 500 32.95 85.53 -14.79
C GLN H 500 33.22 84.56 -13.65
N GLY H 501 32.44 83.48 -13.65
CA GLY H 501 32.56 82.47 -12.61
C GLY H 501 33.70 81.51 -12.87
N GLY H 502 33.97 80.65 -11.90
CA GLY H 502 35.05 79.70 -12.04
C GLY H 502 36.39 80.40 -12.03
N SER H 503 37.39 79.75 -12.65
CA SER H 503 38.75 80.26 -12.72
C SER H 503 39.25 80.19 -14.16
N ILE H 504 39.36 81.35 -14.81
CA ILE H 504 39.82 81.39 -16.19
C ILE H 504 41.27 80.96 -16.26
N LEU H 505 42.00 81.26 -15.19
CA LEU H 505 43.41 80.92 -15.11
C LEU H 505 43.57 79.42 -14.86
N GLY H 506 42.59 78.85 -14.16
CA GLY H 506 42.63 77.44 -13.82
C GLY H 506 43.12 77.30 -12.39
N THR H 507 42.67 76.29 -11.68
CA THR H 507 43.10 76.14 -10.29
C THR H 507 43.11 74.68 -9.82
N LYS H 508 44.13 74.34 -9.04
CA LYS H 508 44.28 72.98 -8.51
C LYS H 508 44.56 73.05 -7.01
N ARG H 509 44.38 71.97 -6.28
CA ARG H 509 44.64 72.02 -4.84
C ARG H 509 46.08 71.61 -4.50
N VAL H 510 46.85 71.28 -5.53
CA VAL H 510 48.21 70.82 -5.30
C VAL H 510 49.07 71.81 -4.53
N LEU H 511 49.68 71.31 -3.45
CA LEU H 511 50.58 72.10 -2.61
C LEU H 511 51.96 71.97 -3.26
N PRO H 512 52.77 73.05 -3.22
CA PRO H 512 54.12 73.09 -3.81
C PRO H 512 55.20 72.17 -3.20
N GLY H 513 55.05 71.81 -1.93
CA GLY H 513 56.02 70.96 -1.26
C GLY H 513 56.66 69.88 -2.10
N LYS H 514 55.83 69.12 -2.82
CA LYS H 514 56.27 68.02 -3.68
C LYS H 514 57.22 68.38 -4.82
N TYR H 515 56.94 69.49 -5.50
CA TYR H 515 57.74 69.90 -6.64
C TYR H 515 58.37 71.28 -6.43
N LEU H 516 59.23 71.40 -5.42
CA LEU H 516 59.90 72.66 -5.13
C LEU H 516 60.98 72.97 -6.15
N GLU H 517 61.77 71.96 -6.47
CA GLU H 517 62.88 72.07 -7.42
C GLU H 517 62.46 72.62 -8.77
N GLU H 518 61.43 72.02 -9.34
CA GLU H 518 60.91 72.42 -10.64
C GLU H 518 60.28 73.81 -10.59
N ILE H 519 59.57 74.07 -9.49
CA ILE H 519 58.90 75.35 -9.28
C ILE H 519 59.91 76.49 -9.15
N ALA H 520 60.97 76.25 -8.39
CA ALA H 520 62.02 77.24 -8.21
C ALA H 520 62.80 77.35 -9.52
N THR H 521 62.94 76.20 -10.18
CA THR H 521 63.63 76.11 -11.45
C THR H 521 62.93 76.99 -12.46
N GLN H 522 61.61 76.84 -12.54
CA GLN H 522 60.77 77.59 -13.45
C GLN H 522 60.67 79.08 -13.09
N MET H 523 60.68 79.36 -11.79
CA MET H 523 60.57 80.72 -11.27
C MET H 523 61.78 81.56 -11.62
N ARG H 524 62.89 80.87 -11.81
CA ARG H 524 64.16 81.48 -12.14
C ARG H 524 64.19 81.90 -13.61
N THR H 525 63.93 80.95 -14.52
CA THR H 525 63.94 81.24 -15.96
C THR H 525 63.11 82.47 -16.39
N HIS H 526 61.94 82.63 -15.80
CA HIS H 526 61.08 83.76 -16.13
C HIS H 526 61.45 85.00 -15.32
N SER H 527 62.27 84.81 -14.28
CA SER H 527 62.72 85.90 -13.42
C SER H 527 61.54 86.52 -12.65
N ILE H 528 60.98 85.74 -11.74
CA ILE H 528 59.83 86.16 -10.94
C ILE H 528 60.25 86.92 -9.68
N ASN H 529 59.87 88.20 -9.59
CA ASN H 529 60.22 89.07 -8.46
C ASN H 529 59.27 89.06 -7.27
N ALA H 530 58.02 88.66 -7.53
CA ALA H 530 57.01 88.58 -6.48
C ALA H 530 55.89 87.64 -6.88
N LEU H 531 55.18 87.12 -5.89
CA LEU H 531 54.12 86.19 -6.20
C LEU H 531 52.84 86.50 -5.44
N LEU H 532 51.75 86.59 -6.19
CA LEU H 532 50.43 86.86 -5.63
C LEU H 532 49.53 85.64 -5.83
N ILE H 533 49.08 85.06 -4.72
CA ILE H 533 48.24 83.89 -4.75
C ILE H 533 46.83 84.26 -4.36
N ILE H 534 45.85 83.78 -5.13
CA ILE H 534 44.43 84.03 -4.89
C ILE H 534 43.78 82.68 -4.72
N GLY H 535 43.55 82.28 -3.47
CA GLY H 535 42.97 80.95 -3.27
C GLY H 535 42.54 80.61 -1.85
N GLY H 536 42.41 79.32 -1.58
CA GLY H 536 41.95 78.87 -0.28
C GLY H 536 42.97 78.42 0.76
N PHE H 537 42.59 77.39 1.52
CA PHE H 537 43.44 76.87 2.57
C PHE H 537 44.77 76.39 2.04
N GLU H 538 44.77 75.84 0.83
CA GLU H 538 46.03 75.36 0.26
C GLU H 538 46.94 76.52 -0.12
N ALA H 539 46.34 77.61 -0.58
CA ALA H 539 47.12 78.78 -0.94
C ALA H 539 47.97 79.07 0.28
N TYR H 540 47.34 79.05 1.45
CA TYR H 540 48.02 79.29 2.71
C TYR H 540 49.04 78.20 2.93
N LEU H 541 48.56 76.96 3.00
CA LEU H 541 49.45 75.83 3.20
C LEU H 541 50.68 75.93 2.28
N GLY H 542 50.51 76.56 1.12
CA GLY H 542 51.58 76.72 0.14
C GLY H 542 52.64 77.76 0.45
N LEU H 543 52.26 78.82 1.16
CA LEU H 543 53.21 79.84 1.52
C LEU H 543 54.02 79.32 2.72
N LEU H 544 53.39 78.46 3.52
CA LEU H 544 54.06 77.85 4.64
C LEU H 544 55.14 76.95 4.05
N GLU H 545 54.74 75.94 3.27
CA GLU H 545 55.72 75.06 2.65
C GLU H 545 56.77 75.92 1.93
N LEU H 546 56.32 76.98 1.27
CA LEU H 546 57.19 77.89 0.52
C LEU H 546 58.21 78.70 1.33
N SER H 547 57.83 79.16 2.52
CA SER H 547 58.77 79.93 3.34
C SER H 547 59.85 78.97 3.79
N ALA H 548 59.44 77.99 4.59
CA ALA H 548 60.33 76.98 5.10
C ALA H 548 61.35 76.57 4.05
N ALA H 549 60.90 76.34 2.83
CA ALA H 549 61.78 75.92 1.75
C ALA H 549 62.63 77.04 1.13
N ARG H 550 62.36 78.29 1.48
CA ARG H 550 63.10 79.42 0.92
C ARG H 550 64.55 79.39 1.41
N GLU H 551 64.86 78.36 2.18
CA GLU H 551 66.20 78.12 2.75
C GLU H 551 67.10 77.48 1.71
N LYS H 552 66.78 76.21 1.44
CA LYS H 552 67.51 75.40 0.48
C LYS H 552 67.41 75.96 -0.94
N HIS H 553 66.35 76.72 -1.23
CA HIS H 553 66.17 77.34 -2.54
C HIS H 553 66.02 78.84 -2.31
N GLU H 554 66.86 79.63 -2.96
CA GLU H 554 66.82 81.07 -2.78
C GLU H 554 65.94 81.83 -3.79
N GLU H 555 65.28 81.12 -4.68
CA GLU H 555 64.43 81.77 -5.67
C GLU H 555 63.12 82.28 -5.06
N PHE H 556 62.79 81.72 -3.91
CA PHE H 556 61.59 82.07 -3.17
C PHE H 556 61.76 83.26 -2.23
N CYS H 557 63.00 83.72 -2.05
CA CYS H 557 63.24 84.86 -1.16
C CYS H 557 62.74 86.15 -1.78
N VAL H 558 61.42 86.24 -1.96
CA VAL H 558 60.78 87.44 -2.53
C VAL H 558 59.47 87.71 -1.80
N PRO H 559 58.70 88.72 -2.26
CA PRO H 559 57.44 88.99 -1.57
C PRO H 559 56.38 87.99 -2.06
N MET H 560 55.41 87.67 -1.20
CA MET H 560 54.36 86.73 -1.55
C MET H 560 53.08 86.98 -0.75
N VAL H 561 52.06 87.51 -1.41
CA VAL H 561 50.80 87.77 -0.74
C VAL H 561 49.80 86.72 -1.12
N MET H 562 48.73 86.67 -0.35
CA MET H 562 47.68 85.70 -0.56
C MET H 562 46.35 86.41 -0.28
N VAL H 563 45.33 86.08 -1.05
CA VAL H 563 44.01 86.67 -0.90
C VAL H 563 43.02 85.50 -0.75
N PRO H 564 42.27 85.48 0.36
CA PRO H 564 41.27 84.45 0.71
C PRO H 564 40.12 84.24 -0.28
N ALA H 565 40.13 83.07 -0.93
CA ALA H 565 39.11 82.73 -1.89
C ALA H 565 38.69 81.25 -1.83
N THR H 566 37.57 81.00 -1.16
CA THR H 566 36.96 79.65 -1.05
C THR H 566 35.58 79.88 -0.53
N VAL H 567 34.68 79.00 -0.92
CA VAL H 567 33.30 79.11 -0.48
C VAL H 567 33.22 78.76 1.00
N SER H 568 34.23 78.03 1.47
CA SER H 568 34.30 77.60 2.85
C SER H 568 34.43 78.71 3.88
N ASN H 569 35.27 79.70 3.57
CA ASN H 569 35.56 80.82 4.47
C ASN H 569 36.31 80.27 5.68
N ASN H 570 37.35 79.49 5.39
CA ASN H 570 38.16 78.83 6.41
C ASN H 570 39.62 79.31 6.41
N VAL H 571 39.93 80.31 5.59
CA VAL H 571 41.30 80.82 5.54
C VAL H 571 41.65 81.55 6.84
N PRO H 572 42.74 81.13 7.51
CA PRO H 572 43.16 81.77 8.75
C PRO H 572 43.58 83.23 8.50
N GLY H 573 43.05 84.16 9.29
CA GLY H 573 43.43 85.55 9.12
C GLY H 573 42.45 86.45 8.39
N SER H 574 41.30 85.90 8.01
CA SER H 574 40.28 86.68 7.34
C SER H 574 38.91 86.23 7.77
N ASP H 575 38.02 87.17 8.06
CA ASP H 575 36.67 86.83 8.47
C ASP H 575 35.81 86.46 7.26
N PHE H 576 36.27 86.83 6.06
CA PHE H 576 35.53 86.53 4.84
C PHE H 576 36.37 86.01 3.67
N SER H 577 35.72 85.27 2.78
CA SER H 577 36.37 84.72 1.60
C SER H 577 35.65 85.16 0.35
N ILE H 578 36.40 85.22 -0.74
CA ILE H 578 35.82 85.57 -2.02
C ILE H 578 35.11 84.28 -2.41
N GLY H 579 33.84 84.38 -2.79
CA GLY H 579 33.09 83.20 -3.15
C GLY H 579 32.16 82.73 -2.05
N ALA H 580 32.37 83.23 -0.83
CA ALA H 580 31.54 82.84 0.29
C ALA H 580 30.13 83.42 0.17
N ASP H 581 30.04 84.70 -0.17
CA ASP H 581 28.73 85.32 -0.32
C ASP H 581 27.95 84.60 -1.44
N THR H 582 28.60 84.35 -2.56
CA THR H 582 27.96 83.70 -3.68
C THR H 582 27.33 82.38 -3.26
N ALA H 583 28.11 81.58 -2.53
CA ALA H 583 27.65 80.28 -2.06
C ALA H 583 26.45 80.38 -1.11
N LEU H 584 26.52 81.36 -0.20
CA LEU H 584 25.48 81.62 0.79
C LEU H 584 24.19 81.95 0.08
N ASN H 585 24.31 82.74 -0.99
CA ASN H 585 23.15 83.12 -1.78
C ASN H 585 22.59 81.91 -2.54
N THR H 586 23.47 80.99 -2.94
CA THR H 586 23.00 79.78 -3.61
C THR H 586 22.11 79.00 -2.62
N ILE H 587 22.50 78.98 -1.35
CA ILE H 587 21.73 78.30 -0.34
C ILE H 587 20.37 78.93 -0.13
N THR H 588 20.35 80.22 0.18
CA THR H 588 19.08 80.88 0.41
C THR H 588 18.18 80.76 -0.81
N ASP H 589 18.76 80.75 -2.00
CA ASP H 589 17.97 80.65 -3.23
C ASP H 589 17.29 79.31 -3.34
N THR H 590 18.00 78.27 -2.94
CA THR H 590 17.44 76.93 -2.98
C THR H 590 16.36 76.75 -1.93
N CYS H 591 16.53 77.38 -0.78
CA CYS H 591 15.55 77.29 0.28
C CYS H 591 14.29 78.07 -0.05
N ASP H 592 14.47 79.19 -0.74
CA ASP H 592 13.33 80.01 -1.12
C ASP H 592 12.43 79.14 -1.99
N ARG H 593 12.99 78.61 -3.07
CA ARG H 593 12.25 77.76 -3.99
C ARG H 593 11.53 76.65 -3.24
N ILE H 594 12.28 75.90 -2.42
CA ILE H 594 11.72 74.80 -1.62
C ILE H 594 10.46 75.19 -0.81
N LYS H 595 10.43 76.42 -0.31
CA LYS H 595 9.28 76.88 0.46
C LYS H 595 8.10 77.28 -0.42
N GLN H 596 8.33 78.20 -1.35
CA GLN H 596 7.29 78.70 -2.26
C GLN H 596 6.48 77.61 -3.01
N SER H 597 6.92 76.36 -2.95
CA SER H 597 6.21 75.28 -3.64
C SER H 597 5.23 74.61 -2.68
N ALA H 598 3.96 74.52 -3.10
CA ALA H 598 2.91 73.93 -2.29
C ALA H 598 2.85 72.40 -2.33
N SER H 599 2.50 71.82 -1.18
CA SER H 599 2.40 70.37 -1.04
C SER H 599 0.99 69.98 -0.62
N GLY H 600 0.06 70.91 -0.77
CA GLY H 600 -1.32 70.67 -0.39
C GLY H 600 -1.42 70.82 1.11
N THR H 601 -2.07 69.85 1.76
CA THR H 601 -2.23 69.89 3.21
C THR H 601 -1.04 69.27 3.92
N LYS H 602 -0.11 68.70 3.15
CA LYS H 602 1.06 68.05 3.72
C LYS H 602 2.13 68.97 4.26
N ARG H 603 2.59 68.65 5.47
CA ARG H 603 3.64 69.39 6.14
C ARG H 603 4.94 68.78 5.67
N ARG H 604 5.91 69.61 5.31
CA ARG H 604 7.17 69.09 4.79
C ARG H 604 8.41 69.64 5.47
N VAL H 605 9.39 68.77 5.73
CA VAL H 605 10.64 69.20 6.34
C VAL H 605 11.81 68.85 5.42
N PHE H 606 12.71 69.80 5.21
CA PHE H 606 13.84 69.57 4.33
C PHE H 606 15.19 69.49 5.01
N ILE H 607 15.96 68.47 4.67
CA ILE H 607 17.31 68.31 5.20
C ILE H 607 18.25 68.69 4.04
N ILE H 608 19.10 69.71 4.24
CA ILE H 608 20.00 70.13 3.17
C ILE H 608 21.45 70.14 3.59
N GLU H 609 22.26 69.39 2.85
CA GLU H 609 23.68 69.31 3.14
C GLU H 609 24.40 70.44 2.41
N THR H 610 25.28 71.16 3.10
CA THR H 610 26.01 72.28 2.51
C THR H 610 27.49 71.96 2.42
N MET H 611 28.23 72.75 1.66
CA MET H 611 29.68 72.57 1.52
C MET H 611 30.41 73.22 2.70
N GLY H 612 31.73 73.27 2.60
CA GLY H 612 32.50 73.89 3.66
C GLY H 612 33.51 72.98 4.31
N GLY H 613 33.44 71.70 4.01
CA GLY H 613 34.37 70.77 4.62
C GLY H 613 34.07 70.72 6.11
N TYR H 614 35.00 71.19 6.93
CA TYR H 614 34.77 71.17 8.37
C TYR H 614 34.26 72.50 8.86
N CYS H 615 34.41 73.53 8.04
CA CYS H 615 33.97 74.87 8.40
C CYS H 615 32.48 75.03 8.21
N GLY H 616 31.77 75.09 9.33
CA GLY H 616 30.33 75.25 9.27
C GLY H 616 29.86 76.67 9.00
N TYR H 617 30.72 77.51 8.41
CA TYR H 617 30.33 78.88 8.11
C TYR H 617 29.08 78.87 7.23
N LEU H 618 29.19 78.24 6.06
CA LEU H 618 28.07 78.16 5.13
C LEU H 618 26.83 77.58 5.80
N ALA H 619 26.99 76.43 6.45
CA ALA H 619 25.87 75.78 7.10
C ALA H 619 25.19 76.69 8.13
N ASN H 620 26.01 77.31 8.99
CA ASN H 620 25.50 78.17 10.06
C ASN H 620 24.88 79.48 9.56
N MET H 621 25.67 80.24 8.82
CA MET H 621 25.19 81.52 8.28
C MET H 621 24.02 81.28 7.31
N GLY H 622 24.14 80.23 6.50
CA GLY H 622 23.08 79.92 5.58
C GLY H 622 21.82 79.59 6.36
N GLY H 623 21.99 78.82 7.43
CA GLY H 623 20.86 78.46 8.29
C GLY H 623 20.17 79.69 8.83
N LEU H 624 20.97 80.63 9.35
CA LEU H 624 20.45 81.90 9.88
C LEU H 624 19.70 82.65 8.78
N ALA H 625 20.34 82.79 7.63
CA ALA H 625 19.78 83.50 6.48
C ALA H 625 18.52 82.91 5.89
N ALA H 626 18.41 81.58 5.91
CA ALA H 626 17.24 80.90 5.34
C ALA H 626 16.21 80.58 6.42
N GLY H 627 16.56 80.86 7.67
CA GLY H 627 15.64 80.60 8.76
C GLY H 627 15.41 79.14 9.05
N ALA H 628 16.50 78.40 9.27
CA ALA H 628 16.40 76.97 9.56
C ALA H 628 16.21 76.70 11.06
N ASP H 629 15.55 75.59 11.37
CA ASP H 629 15.30 75.18 12.75
C ASP H 629 16.62 74.75 13.41
N ALA H 630 17.48 74.11 12.64
CA ALA H 630 18.77 73.67 13.17
C ALA H 630 19.79 73.56 12.07
N ALA H 631 21.06 73.73 12.43
CA ALA H 631 22.13 73.62 11.46
C ALA H 631 23.25 72.81 12.09
N TYR H 632 23.30 71.51 11.82
CA TYR H 632 24.35 70.68 12.39
C TYR H 632 25.73 70.99 11.82
N ILE H 633 26.65 71.38 12.70
CA ILE H 633 27.99 71.70 12.25
C ILE H 633 29.00 70.94 13.06
N PHE H 634 30.23 70.93 12.55
CA PHE H 634 31.33 70.23 13.17
C PHE H 634 31.79 70.91 14.44
N GLU H 635 31.92 72.24 14.36
CA GLU H 635 32.38 73.07 15.46
C GLU H 635 31.57 72.92 16.73
N GLU H 636 30.35 72.42 16.61
CA GLU H 636 29.52 72.21 17.78
C GLU H 636 29.07 70.76 17.80
N PRO H 637 29.83 69.89 18.49
CA PRO H 637 29.51 68.47 18.58
C PRO H 637 28.11 68.23 19.15
N PHE H 638 27.48 67.14 18.69
CA PHE H 638 26.14 66.77 19.14
C PHE H 638 26.02 65.25 19.21
N ASP H 639 25.13 64.76 20.05
CA ASP H 639 24.93 63.33 20.18
C ASP H 639 23.48 62.99 19.83
N ILE H 640 23.14 61.71 19.90
CA ILE H 640 21.78 61.27 19.57
C ILE H 640 20.70 61.92 20.43
N ARG H 641 21.06 62.34 21.64
CA ARG H 641 20.09 62.98 22.54
C ARG H 641 19.72 64.38 22.06
N ASP H 642 20.73 65.16 21.71
CA ASP H 642 20.52 66.51 21.22
C ASP H 642 19.69 66.40 19.95
N LEU H 643 20.09 65.42 19.13
CA LEU H 643 19.44 65.15 17.86
C LEU H 643 17.95 64.86 18.08
N GLN H 644 17.68 63.97 19.01
CA GLN H 644 16.32 63.57 19.34
C GLN H 644 15.48 64.75 19.82
N SER H 645 16.13 65.59 20.63
CA SER H 645 15.49 66.77 21.17
C SER H 645 15.06 67.73 20.05
N ASN H 646 15.97 68.06 19.13
CA ASN H 646 15.65 68.97 18.02
C ASN H 646 14.53 68.43 17.13
N VAL H 647 14.44 67.12 17.00
CA VAL H 647 13.40 66.54 16.17
C VAL H 647 12.07 66.79 16.85
N GLU H 648 11.99 66.45 18.14
CA GLU H 648 10.77 66.67 18.89
C GLU H 648 10.39 68.14 18.84
N HIS H 649 11.38 69.01 19.07
CA HIS H 649 11.15 70.46 19.06
C HIS H 649 10.51 70.90 17.73
N LEU H 650 11.08 70.46 16.60
CA LEU H 650 10.55 70.83 15.27
C LEU H 650 9.24 70.10 14.96
N THR H 651 9.11 68.87 15.43
CA THR H 651 7.90 68.11 15.20
C THR H 651 6.74 68.86 15.82
N GLU H 652 7.03 69.55 16.91
CA GLU H 652 6.02 70.32 17.60
C GLU H 652 5.62 71.49 16.73
N LYS H 653 6.62 72.26 16.29
CA LYS H 653 6.35 73.42 15.44
C LYS H 653 5.56 73.01 14.20
N MET H 654 5.85 71.82 13.67
CA MET H 654 5.16 71.34 12.48
C MET H 654 3.70 71.03 12.76
N LYS H 655 3.41 70.59 13.98
CA LYS H 655 2.03 70.27 14.36
C LYS H 655 1.15 71.51 14.41
N THR H 656 1.76 72.69 14.56
CA THR H 656 0.99 73.93 14.66
C THR H 656 1.32 75.02 13.66
N THR H 657 2.12 75.96 14.16
CA THR H 657 2.58 77.15 13.47
C THR H 657 3.24 77.00 12.07
N ILE H 658 4.30 76.21 11.99
CA ILE H 658 5.01 76.03 10.72
C ILE H 658 4.30 75.09 9.74
N GLN H 659 4.52 75.35 8.46
CA GLN H 659 3.96 74.56 7.38
C GLN H 659 5.13 73.92 6.59
N ARG H 660 6.30 74.53 6.73
CA ARG H 660 7.49 74.09 6.02
C ARG H 660 8.74 74.18 6.90
N GLY H 661 9.31 73.04 7.28
CA GLY H 661 10.51 73.03 8.12
C GLY H 661 11.83 72.87 7.38
N LEU H 662 12.89 73.49 7.92
CA LEU H 662 14.20 73.44 7.29
C LEU H 662 15.35 73.07 8.25
N VAL H 663 16.19 72.12 7.82
CA VAL H 663 17.34 71.66 8.61
C VAL H 663 18.60 71.60 7.74
N LEU H 664 19.66 72.32 8.13
CA LEU H 664 20.89 72.27 7.35
C LEU H 664 21.94 71.39 8.01
N ARG H 665 22.82 70.81 7.20
CA ARG H 665 23.89 69.95 7.70
C ARG H 665 25.21 70.14 6.97
N ASN H 666 26.25 70.45 7.72
CA ASN H 666 27.58 70.65 7.18
C ASN H 666 28.08 69.32 6.62
N GLU H 667 28.81 69.36 5.51
CA GLU H 667 29.35 68.16 4.88
C GLU H 667 29.96 67.15 5.83
N SER H 668 30.84 67.63 6.69
CA SER H 668 31.56 66.76 7.61
C SER H 668 31.31 67.01 9.09
N CYS H 669 30.10 67.43 9.45
CA CYS H 669 29.77 67.72 10.84
C CYS H 669 29.89 66.49 11.74
N SER H 670 29.81 65.32 11.13
CA SER H 670 29.90 64.05 11.84
C SER H 670 30.08 62.97 10.79
N GLU H 671 30.78 61.90 11.12
CA GLU H 671 30.96 60.85 10.12
C GLU H 671 29.92 59.75 10.26
N ASN H 672 29.37 59.62 11.46
CA ASN H 672 28.35 58.60 11.70
C ASN H 672 26.95 59.16 11.47
N TYR H 673 26.71 60.37 11.91
CA TYR H 673 25.41 60.98 11.71
C TYR H 673 25.45 61.73 10.40
N THR H 674 25.44 60.97 9.31
CA THR H 674 25.48 61.50 7.96
C THR H 674 24.18 62.23 7.61
N THR H 675 24.16 62.75 6.39
CA THR H 675 22.99 63.46 5.92
C THR H 675 21.81 62.48 5.93
N ASP H 676 22.04 61.30 5.37
CA ASP H 676 21.01 60.27 5.30
C ASP H 676 20.56 59.86 6.69
N PHE H 677 21.53 59.72 7.61
CA PHE H 677 21.18 59.35 8.97
C PHE H 677 20.13 60.33 9.49
N ILE H 678 20.48 61.61 9.48
CA ILE H 678 19.59 62.65 9.96
C ILE H 678 18.27 62.66 9.21
N TYR H 679 18.33 62.41 7.89
CA TYR H 679 17.13 62.34 7.08
C TYR H 679 16.23 61.19 7.56
N GLN H 680 16.85 60.04 7.79
CA GLN H 680 16.13 58.87 8.25
C GLN H 680 15.51 59.10 9.62
N LEU H 681 16.26 59.70 10.52
CA LEU H 681 15.76 59.98 11.87
C LEU H 681 14.57 60.91 11.86
N TYR H 682 14.75 62.09 11.27
CA TYR H 682 13.66 63.07 11.18
C TYR H 682 12.44 62.45 10.45
N SER H 683 12.70 61.60 9.47
CA SER H 683 11.63 60.97 8.71
C SER H 683 10.78 60.04 9.56
N GLU H 684 11.46 59.20 10.33
CA GLU H 684 10.77 58.25 11.20
C GLU H 684 10.01 58.98 12.29
N GLU H 685 10.67 59.90 12.98
CA GLU H 685 10.03 60.66 14.05
C GLU H 685 8.89 61.56 13.59
N GLY H 686 8.93 61.96 12.33
CA GLY H 686 7.89 62.83 11.83
C GLY H 686 6.69 62.06 11.33
N LYS H 687 6.88 60.76 11.06
CA LYS H 687 5.80 59.92 10.56
C LYS H 687 4.47 60.34 11.17
N GLY H 688 3.49 60.66 10.32
CA GLY H 688 2.19 61.08 10.83
C GLY H 688 2.00 62.59 10.93
N VAL H 689 3.08 63.34 11.11
CA VAL H 689 2.95 64.79 11.22
C VAL H 689 3.61 65.53 10.04
N PHE H 690 4.61 64.92 9.40
CA PHE H 690 5.27 65.56 8.26
C PHE H 690 6.19 64.58 7.56
N ASP H 691 6.46 64.82 6.29
CA ASP H 691 7.37 63.94 5.58
C ASP H 691 8.65 64.69 5.27
N CYS H 692 9.69 63.93 4.92
CA CYS H 692 10.98 64.53 4.63
C CYS H 692 11.40 64.50 3.19
N ARG H 693 12.34 65.38 2.89
CA ARG H 693 12.92 65.48 1.58
C ARG H 693 14.37 65.77 1.90
N LYS H 694 15.25 65.03 1.26
CA LYS H 694 16.69 65.18 1.45
C LYS H 694 17.20 65.96 0.25
N ASN H 695 18.33 66.64 0.41
CA ASN H 695 18.88 67.39 -0.72
C ASN H 695 20.29 67.85 -0.47
N VAL H 696 21.21 67.35 -1.29
CA VAL H 696 22.61 67.72 -1.19
C VAL H 696 22.93 68.75 -2.25
N LEU H 697 23.20 69.98 -1.81
CA LEU H 697 23.52 71.05 -2.75
C LEU H 697 24.61 70.61 -3.72
N GLY H 698 25.64 69.99 -3.18
CA GLY H 698 26.72 69.53 -4.04
C GLY H 698 27.61 70.65 -4.52
N HIS H 699 28.74 70.28 -5.11
CA HIS H 699 29.72 71.24 -5.61
C HIS H 699 29.48 71.70 -7.05
N MET H 700 28.27 71.48 -7.57
CA MET H 700 27.96 71.93 -8.93
C MET H 700 27.63 73.42 -8.88
N GLN H 701 27.16 73.86 -7.71
CA GLN H 701 26.81 75.25 -7.46
C GLN H 701 27.94 75.86 -6.64
N GLN H 702 29.10 75.90 -7.27
CA GLN H 702 30.34 76.44 -6.71
C GLN H 702 31.03 77.16 -7.88
N GLY H 703 30.48 76.97 -9.08
CA GLY H 703 31.04 77.59 -10.28
C GLY H 703 30.09 78.48 -11.06
N GLY H 704 28.99 78.87 -10.42
CA GLY H 704 28.05 79.76 -11.10
C GLY H 704 28.64 81.15 -11.11
N ALA H 705 27.90 82.12 -11.65
CA ALA H 705 28.39 83.50 -11.69
C ALA H 705 28.52 84.06 -10.26
N PRO H 706 29.58 84.82 -9.99
CA PRO H 706 29.79 85.38 -8.66
C PRO H 706 28.78 86.46 -8.34
N SER H 707 28.39 86.54 -7.08
CA SER H 707 27.42 87.54 -6.65
C SER H 707 28.10 88.90 -6.68
N PRO H 708 27.32 90.00 -6.77
CA PRO H 708 27.90 91.34 -6.81
C PRO H 708 28.91 91.53 -5.67
N PHE H 709 28.51 91.16 -4.46
CA PHE H 709 29.40 91.31 -3.32
C PHE H 709 30.79 90.69 -3.57
N ASP H 710 30.83 89.50 -4.14
CA ASP H 710 32.12 88.84 -4.42
C ASP H 710 32.91 89.46 -5.57
N ARG H 711 32.27 89.87 -6.65
CA ARG H 711 33.01 90.48 -7.75
C ARG H 711 33.68 91.77 -7.24
N ASN H 712 33.07 92.40 -6.25
CA ASN H 712 33.65 93.61 -5.72
C ASN H 712 34.68 93.28 -4.65
N PHE H 713 34.40 92.26 -3.85
CA PHE H 713 35.34 91.85 -2.81
C PHE H 713 36.65 91.47 -3.52
N GLY H 714 36.55 90.56 -4.48
CA GLY H 714 37.71 90.12 -5.23
C GLY H 714 38.45 91.28 -5.88
N THR H 715 37.70 92.19 -6.50
CA THR H 715 38.32 93.36 -7.13
C THR H 715 39.11 94.18 -6.10
N LYS H 716 38.44 94.50 -4.98
CA LYS H 716 39.01 95.30 -3.90
C LYS H 716 40.27 94.77 -3.16
N ILE H 717 40.28 93.50 -2.72
CA ILE H 717 41.46 92.99 -1.99
C ILE H 717 42.61 92.74 -2.92
N SER H 718 42.33 92.20 -4.09
CA SER H 718 43.39 91.94 -5.05
C SER H 718 44.14 93.21 -5.35
N ALA H 719 43.41 94.33 -5.42
CA ALA H 719 44.04 95.61 -5.69
C ALA H 719 44.92 96.02 -4.52
N ARG H 720 44.40 95.94 -3.29
CA ARG H 720 45.19 96.31 -2.11
C ARG H 720 46.42 95.42 -1.99
N ALA H 721 46.26 94.16 -2.37
CA ALA H 721 47.37 93.23 -2.30
C ALA H 721 48.46 93.61 -3.29
N MET H 722 48.05 93.98 -4.51
CA MET H 722 49.02 94.36 -5.52
C MET H 722 49.77 95.61 -5.07
N GLU H 723 49.03 96.53 -4.48
CA GLU H 723 49.58 97.78 -3.97
C GLU H 723 50.71 97.47 -2.99
N TRP H 724 50.49 96.44 -2.18
CA TRP H 724 51.47 95.98 -1.19
C TRP H 724 52.71 95.48 -1.91
N ILE H 725 52.51 94.61 -2.90
CA ILE H 725 53.64 94.07 -3.66
C ILE H 725 54.43 95.21 -4.28
N THR H 726 53.73 96.14 -4.91
CA THR H 726 54.40 97.28 -5.53
C THR H 726 55.31 97.96 -4.53
N ALA H 727 54.75 98.30 -3.36
CA ALA H 727 55.52 98.96 -2.30
C ALA H 727 56.70 98.13 -1.80
N LYS H 728 56.50 96.82 -1.64
CA LYS H 728 57.56 95.95 -1.16
C LYS H 728 58.73 95.95 -2.15
N LEU H 729 58.42 95.99 -3.44
CA LEU H 729 59.46 95.98 -4.47
C LEU H 729 60.22 97.29 -4.65
N LYS H 730 59.53 98.42 -4.49
CA LYS H 730 60.20 99.71 -4.65
C LYS H 730 61.29 99.90 -3.61
N GLU H 731 61.09 99.37 -2.40
CA GLU H 731 62.10 99.49 -1.34
C GLU H 731 63.23 98.48 -1.55
N ALA H 732 63.00 97.52 -2.44
CA ALA H 732 64.00 96.53 -2.76
C ALA H 732 64.80 97.15 -3.90
N ARG H 733 64.95 98.47 -3.83
CA ARG H 733 65.70 99.25 -4.82
C ARG H 733 67.14 98.75 -4.86
N LYS H 738 66.67 90.27 -1.88
CA LYS H 738 66.53 89.08 -1.05
C LYS H 738 65.62 89.43 0.14
N PHE H 739 64.56 88.65 0.29
CA PHE H 739 63.60 88.84 1.37
C PHE H 739 63.65 87.62 2.26
N THR H 740 64.81 87.33 2.87
CA THR H 740 64.94 86.17 3.76
C THR H 740 64.19 86.36 5.08
N THR H 741 63.55 87.53 5.21
CA THR H 741 62.79 87.92 6.38
C THR H 741 61.66 86.90 6.64
N ASP H 742 60.68 87.30 7.46
CA ASP H 742 59.55 86.41 7.80
C ASP H 742 58.19 87.10 7.78
N ASP H 743 58.14 88.29 7.20
CA ASP H 743 56.90 89.08 7.08
C ASP H 743 56.77 89.59 5.65
N SER H 744 57.46 88.88 4.75
CA SER H 744 57.45 89.15 3.33
C SER H 744 56.50 88.09 2.74
N ILE H 745 55.99 87.23 3.63
CA ILE H 745 55.02 86.19 3.27
C ILE H 745 53.83 86.38 4.20
N CYS H 746 52.85 87.14 3.73
CA CYS H 746 51.65 87.47 4.48
C CYS H 746 50.37 87.08 3.73
N VAL H 747 49.27 87.04 4.48
CA VAL H 747 47.95 86.71 3.98
C VAL H 747 47.09 87.94 4.21
N LEU H 748 46.78 88.70 3.17
CA LEU H 748 45.96 89.90 3.33
C LEU H 748 44.48 89.56 3.62
N GLY H 749 44.01 89.77 4.86
CA GLY H 749 42.62 89.44 5.21
C GLY H 749 41.84 90.34 6.15
N ILE H 750 40.53 90.10 6.32
CA ILE H 750 39.72 90.94 7.18
C ILE H 750 39.90 90.47 8.60
N SER H 751 40.50 91.33 9.42
CA SER H 751 40.73 91.01 10.83
C SER H 751 39.93 91.96 11.72
N LYS H 752 40.56 92.41 12.79
CA LYS H 752 39.92 93.31 13.75
C LYS H 752 38.79 94.13 13.13
N ARG H 753 39.14 95.18 12.42
CA ARG H 753 38.14 96.00 11.76
C ARG H 753 38.79 96.51 10.52
N ASN H 754 39.92 95.91 10.20
CA ASN H 754 40.67 96.33 9.04
C ASN H 754 41.14 95.17 8.22
N VAL H 755 41.61 95.50 7.04
CA VAL H 755 42.16 94.53 6.12
C VAL H 755 43.64 94.66 6.39
N ILE H 756 44.17 93.74 7.18
CA ILE H 756 45.59 93.79 7.52
C ILE H 756 46.38 92.59 7.00
N PHE H 757 47.65 92.82 6.70
CA PHE H 757 48.54 91.76 6.23
C PHE H 757 49.12 91.04 7.44
N GLN H 758 48.93 89.73 7.50
CA GLN H 758 49.44 88.94 8.61
C GLN H 758 50.39 87.85 8.11
N PRO H 759 51.65 87.86 8.58
CA PRO H 759 52.61 86.83 8.15
C PRO H 759 52.15 85.42 8.46
N VAL H 760 52.14 84.59 7.42
CA VAL H 760 51.68 83.21 7.50
C VAL H 760 52.21 82.51 8.74
N ALA H 761 53.44 82.85 9.11
CA ALA H 761 54.09 82.24 10.25
C ALA H 761 53.35 82.40 11.59
N GLU H 762 52.78 83.58 11.84
CA GLU H 762 52.09 83.79 13.10
C GLU H 762 50.64 83.36 13.07
N LEU H 763 50.21 82.83 11.94
CA LEU H 763 48.84 82.37 11.81
C LEU H 763 48.74 80.89 12.20
N LYS H 764 49.87 80.18 12.11
CA LYS H 764 49.91 78.76 12.47
C LYS H 764 49.39 78.53 13.88
N LYS H 765 49.79 79.42 14.78
CA LYS H 765 49.37 79.34 16.18
C LYS H 765 47.86 79.18 16.35
N GLN H 766 47.12 79.99 15.61
CA GLN H 766 45.66 80.04 15.69
C GLN H 766 44.89 79.22 14.64
N THR H 767 45.49 78.15 14.13
CA THR H 767 44.83 77.35 13.12
C THR H 767 44.95 75.86 13.41
N ASP H 768 43.85 75.14 13.20
CA ASP H 768 43.80 73.69 13.39
C ASP H 768 44.00 73.02 12.04
N PHE H 769 45.22 72.57 11.77
CA PHE H 769 45.53 71.95 10.48
C PHE H 769 44.92 70.60 10.19
N GLU H 770 44.32 69.98 11.21
CA GLU H 770 43.69 68.67 11.03
C GLU H 770 42.37 68.77 10.27
N HIS H 771 41.58 69.80 10.60
CA HIS H 771 40.29 70.01 9.94
C HIS H 771 40.29 71.23 9.03
N ARG H 772 41.46 71.85 8.91
CA ARG H 772 41.65 73.02 8.07
C ARG H 772 40.64 74.13 8.30
N ILE H 773 40.53 74.56 9.54
CA ILE H 773 39.64 75.64 9.92
C ILE H 773 40.36 76.41 11.02
N PRO H 774 40.13 77.72 11.11
CA PRO H 774 40.79 78.50 12.16
C PRO H 774 40.32 78.03 13.55
N LYS H 775 41.18 78.15 14.55
CA LYS H 775 40.86 77.73 15.92
C LYS H 775 39.72 78.57 16.54
N GLU H 776 39.71 79.86 16.21
CA GLU H 776 38.69 80.76 16.74
C GLU H 776 37.86 81.33 15.59
N GLN H 777 36.62 80.84 15.47
CA GLN H 777 35.76 81.30 14.39
C GLN H 777 34.76 82.34 14.90
N TRP H 778 34.96 83.58 14.48
CA TRP H 778 34.11 84.68 14.92
C TRP H 778 32.60 84.47 14.81
N TRP H 779 32.14 83.99 13.66
CA TRP H 779 30.71 83.77 13.44
C TRP H 779 30.03 82.83 14.44
N LEU H 780 30.82 82.05 15.19
CA LEU H 780 30.25 81.13 16.15
C LEU H 780 29.52 81.85 17.27
N LYS H 781 29.88 83.11 17.49
CA LYS H 781 29.22 83.91 18.53
C LYS H 781 27.76 84.21 18.13
N LEU H 782 27.48 84.04 16.85
CA LEU H 782 26.15 84.26 16.28
C LEU H 782 25.26 83.03 16.36
N ARG H 783 25.88 81.87 16.53
CA ARG H 783 25.10 80.63 16.58
C ARG H 783 23.93 80.63 17.57
N PRO H 784 24.16 81.11 18.81
CA PRO H 784 23.06 81.14 19.79
C PRO H 784 21.93 82.08 19.37
N LEU H 785 22.23 82.98 18.43
CA LEU H 785 21.22 83.90 17.91
C LEU H 785 20.27 83.10 17.02
N MET H 786 20.84 82.47 15.99
CA MET H 786 20.07 81.67 15.06
C MET H 786 19.14 80.71 15.83
N LYS H 787 19.61 80.20 16.97
CA LYS H 787 18.84 79.27 17.77
C LYS H 787 17.63 79.90 18.44
N ILE H 788 17.84 80.95 19.23
CA ILE H 788 16.72 81.59 19.91
C ILE H 788 15.71 82.19 18.93
N LEU H 789 16.19 82.63 17.76
CA LEU H 789 15.33 83.21 16.73
C LEU H 789 14.50 82.20 15.93
N ALA H 790 14.92 80.94 15.93
CA ALA H 790 14.19 79.89 15.21
C ALA H 790 13.27 79.21 16.23
N LYS H 791 13.79 79.09 17.44
CA LYS H 791 13.12 78.43 18.56
C LYS H 791 11.86 79.20 18.98
PG ATP I . -19.98 -3.90 22.58
O1G ATP I . -21.47 -3.56 22.06
O2G ATP I . -19.81 -5.37 22.68
O3G ATP I . -18.92 -3.21 21.55
PB ATP I . -18.40 -2.96 24.66
O1B ATP I . -17.78 -4.24 24.95
O2B ATP I . -17.55 -1.97 23.70
O3B ATP I . -19.85 -3.13 23.99
PA ATP I . -19.38 -0.74 26.04
O1A ATP I . -20.74 -0.81 25.46
O2A ATP I . -18.40 0.31 25.30
O3A ATP I . -18.66 -2.15 26.01
O5' ATP I . -19.40 -0.37 27.57
C5' ATP I . -20.18 -1.15 28.43
C4' ATP I . -19.55 -1.10 29.80
O4' ATP I . -18.14 -1.32 29.69
C3' ATP I . -19.64 0.25 30.49
O3' ATP I . -20.98 0.56 30.95
C2' ATP I . -18.63 0.02 31.59
O2' ATP I . -19.13 -0.81 32.64
C1' ATP I . -17.47 -0.63 30.79
N9 ATP I . -16.63 0.51 30.32
C8 ATP I . -16.46 0.93 29.05
N7 ATP I . -15.63 1.99 29.03
C5 ATP I . -15.26 2.25 30.29
C6 ATP I . -14.41 3.19 30.92
N6 ATP I . -13.79 4.12 30.19
N1 ATP I . -14.26 3.15 32.27
C2 ATP I . -14.88 2.22 33.03
N3 ATP I . -15.69 1.31 32.48
C4 ATP I . -15.89 1.29 31.12
MG MG J . -17.94 -1.56 21.67
MG MG K . -19.89 -7.16 24.01
P PO4 L . -21.09 -8.67 -8.59
O1 PO4 L . -22.39 -8.95 -7.93
O2 PO4 L . -21.31 -8.32 -10.01
O3 PO4 L . -20.42 -7.54 -7.90
O4 PO4 L . -20.23 -9.89 -8.50
P PO4 M . -21.54 -30.50 27.16
O1 PO4 M . -22.72 -30.42 26.27
O2 PO4 M . -20.59 -31.52 26.62
O3 PO4 M . -20.86 -29.18 27.20
O4 PO4 M . -21.96 -30.88 28.52
PG ATP N . -50.40 -5.99 -2.30
O1G ATP N . -51.47 -6.58 -1.43
O2G ATP N . -49.63 -7.09 -3.16
O3G ATP N . -49.26 -5.19 -1.46
PB ATP N . -52.23 -5.34 -4.27
O1B ATP N . -53.50 -5.40 -3.26
O2B ATP N . -52.04 -6.58 -5.02
O3B ATP N . -50.96 -4.97 -3.38
PA ATP N . -52.32 -2.53 -4.77
O1A ATP N . -53.61 -2.23 -3.85
O2A ATP N . -51.00 -2.23 -4.10
O3A ATP N . -52.42 -4.08 -5.24
O5' ATP N . -52.53 -1.72 -6.12
C5' ATP N . -51.53 -1.80 -7.15
C4' ATP N . -52.15 -1.54 -8.52
O4' ATP N . -53.35 -2.32 -8.67
C3' ATP N . -52.62 -0.12 -8.74
O3' ATP N . -51.53 0.79 -8.96
C2' ATP N . -53.55 -0.35 -9.93
O2' ATP N . -52.84 -0.53 -11.15
C1' ATP N . -54.33 -1.59 -9.47
N9 ATP N . -55.45 -1.08 -8.66
C8 ATP N . -55.61 -1.17 -7.33
N7 ATP N . -56.73 -0.57 -6.95
C5 ATP N . -57.31 -0.08 -8.04
C6 ATP N . -58.49 0.64 -8.29
N6 ATP N . -59.28 0.96 -7.28
N1 ATP N . -58.79 0.99 -9.56
C2 ATP N . -57.99 0.66 -10.59
N3 ATP N . -56.86 -0.02 -10.39
C4 ATP N . -56.50 -0.41 -9.14
MG MG O . -52.96 -4.84 -1.08
MG MG P . -49.84 -8.64 -4.83
P PO4 Q . -46.22 -19.69 25.92
O1 PO4 Q . -46.90 -20.93 25.48
O2 PO4 Q . -46.97 -18.50 25.40
O3 PO4 Q . -44.84 -19.66 25.41
O4 PO4 Q . -46.19 -19.63 27.42
P PO4 R . -39.28 -27.44 -14.27
O1 PO4 R . -40.37 -28.44 -14.39
O2 PO4 R . -38.76 -27.12 -15.62
O3 PO4 R . -39.80 -26.19 -13.64
O4 PO4 R . -38.17 -28.00 -13.44
CO CO S . -72.61 -4.23 13.70
PG ATP T . -17.58 -99.41 -24.61
O1G ATP T . -18.38 -98.19 -24.72
O2G ATP T . -17.92 -100.21 -23.25
O3G ATP T . -15.98 -99.12 -24.62
PB ATP T . -18.02 -99.85 -27.30
O1B ATP T . -18.80 -98.60 -27.33
O2B ATP T . -16.56 -99.68 -27.91
O3B ATP T . -17.84 -100.41 -25.80
PA ATP T . -18.42 -102.60 -27.73
O1A ATP T . -18.67 -102.90 -26.31
O2A ATP T . -16.90 -102.88 -28.19
O3A ATP T . -18.75 -101.05 -28.07
O5' ATP T . -19.39 -103.41 -28.72
C5' ATP T . -20.80 -103.33 -28.53
C4' ATP T . -21.53 -103.32 -29.86
O4' ATP T . -20.75 -102.67 -30.88
C3' ATP T . -21.83 -104.72 -30.40
O3' ATP T . -22.99 -105.25 -29.78
C2' ATP T . -22.01 -104.44 -31.88
O2' ATP T . -23.38 -104.15 -32.20
C1' ATP T . -21.05 -103.27 -32.17
N9 ATP T . -19.80 -103.80 -32.79
C8 ATP T . -18.56 -103.76 -32.26
N7 ATP T . -17.69 -104.33 -33.09
C5 ATP T . -18.36 -104.74 -34.18
C6 ATP T . -17.99 -105.39 -35.37
N6 ATP T . -16.72 -105.73 -35.58
N1 ATP T . -18.96 -105.68 -36.31
C2 ATP T . -20.24 -105.34 -36.11
N3 ATP T . -20.63 -104.71 -34.98
C4 ATP T . -19.71 -104.40 -34.00
MG MG U . -15.42 -100.55 -26.20
MG MG V . -19.82 -96.32 -25.23
P PO4 W . 3.70 -88.67 -4.21
O1 PO4 W . 3.13 -89.93 -3.68
O2 PO4 W . 4.31 -88.93 -5.54
O3 PO4 W . 4.72 -88.16 -3.27
O4 PO4 W . 2.61 -87.65 -4.35
PG ATP X . -14.75 -104.65 14.39
O1G ATP X . -16.19 -104.95 14.29
O2G ATP X . -14.48 -103.26 15.17
O3G ATP X . -14.05 -104.53 12.94
PB ATP X . -14.06 -105.91 16.73
O1B ATP X . -15.43 -106.69 17.01
O2B ATP X . -13.97 -104.61 17.40
O3B ATP X . -13.93 -105.78 15.14
PA ATP X . -12.56 -108.28 16.38
O1A ATP X . -13.76 -109.31 16.69
O2A ATP X . -12.34 -108.07 14.93
O3A ATP X . -12.86 -106.89 17.15
O5' ATP X . -11.27 -108.85 17.13
C5' ATP X . -10.06 -108.13 17.05
C4' ATP X . -9.32 -108.19 18.37
O4' ATP X . -10.23 -108.11 19.47
C3' ATP X . -8.59 -109.50 18.59
O3' ATP X . -7.39 -109.55 17.80
C2' ATP X . -8.36 -109.40 20.09
O2' ATP X . -7.25 -108.53 20.36
C1' ATP X . -9.70 -108.84 20.61
N9 ATP X . -10.58 -110.02 20.97
C8 ATP X . -11.70 -110.40 20.33
N7 ATP X . -12.24 -111.48 20.91
C5 ATP X . -11.46 -111.81 21.94
C6 ATP X . -11.51 -112.83 22.91
N6 ATP X . -12.50 -113.71 22.89
N1 ATP X . -10.53 -112.89 23.87
C2 ATP X . -9.53 -111.99 23.90
N3 ATP X . -9.45 -111.01 22.98
C4 ATP X . -10.40 -110.88 22.00
MG MG Y . -16.66 -106.91 15.20
P PO4 Z . -39.94 -96.91 -3.38
O1 PO4 Z . -40.86 -97.44 -4.43
O2 PO4 Z . -38.58 -96.74 -3.95
O3 PO4 Z . -39.89 -97.85 -2.25
O4 PO4 Z . -40.44 -95.59 -2.90
PG ATP AA . 27.19 8.60 27.23
O1G ATP AA . 25.96 8.20 26.47
O2G ATP AA . 27.31 10.19 27.41
O3G ATP AA . 28.54 8.13 26.53
PB ATP AA . 26.17 8.50 29.79
O1B ATP AA . 24.75 7.84 29.43
O2B ATP AA . 26.12 9.98 29.81
O3B ATP AA . 27.22 7.95 28.70
PA ATP AA . 27.38 6.48 31.37
O1A ATP AA . 26.34 5.32 30.96
O2A ATP AA . 28.66 6.45 30.61
O3A ATP AA . 26.62 7.88 31.20
O5' ATP AA . 27.59 6.35 32.93
C5' ATP AA . 28.39 7.32 33.59
C4' ATP AA . 27.93 7.50 35.02
O4' ATP AA . 26.50 7.44 35.12
C3' ATP AA . 28.41 6.40 35.95
O3' ATP AA . 29.81 6.56 36.23
C2' ATP AA . 27.49 6.63 37.13
O2' ATP AA . 28.00 7.69 37.97
C1' ATP AA . 26.15 6.98 36.45
N9 ATP AA . 25.30 5.71 36.38
C8 ATP AA . 24.92 5.08 35.28
N7 ATP AA . 24.18 4.00 35.59
C5 ATP AA . 24.08 3.96 36.92
C6 ATP AA . 23.45 3.08 37.83
N6 ATP AA . 22.76 2.03 37.38
N1 ATP AA . 23.55 3.33 39.17
C2 ATP AA . 24.24 4.40 39.63
N3 ATP AA . 24.85 5.24 38.79
C4 ATP AA . 24.79 5.05 37.44
MG MG BA . 24.94 6.81 27.62
MG MG CA . 26.46 12.13 28.27
P PO4 DA . 22.16 7.72 -3.80
O1 PO4 DA . 21.59 6.58 -3.03
O2 PO4 DA . 21.35 8.94 -3.55
O3 PO4 DA . 22.13 7.40 -5.26
O4 PO4 DA . 23.56 7.95 -3.38
PG ATP EA . 52.09 7.58 -3.07
O1G ATP EA . 50.95 6.98 -2.10
O2G ATP EA . 51.54 8.72 -3.84
O3G ATP EA . 53.33 7.99 -2.14
PB ATP EA . 53.89 6.47 -5.05
O1B ATP EA . 53.81 7.62 -5.95
O2B ATP EA . 55.22 6.48 -4.17
O3B ATP EA . 52.59 6.37 -4.03
PA ATP EA . 53.94 3.61 -5.14
O1A ATP EA . 52.80 3.36 -4.20
O2A ATP EA . 55.40 3.44 -4.46
O3A ATP EA . 53.85 5.08 -5.85
O5' ATP EA . 53.93 2.64 -6.37
C5' ATP EA . 52.85 2.76 -7.28
C4' ATP EA . 53.31 2.34 -8.65
O4' ATP EA . 54.53 2.99 -8.98
C3' ATP EA . 53.61 0.88 -8.74
O3' ATP EA . 52.39 0.13 -8.80
C2' ATP EA . 54.40 0.86 -10.02
O2' ATP EA . 53.54 0.84 -11.15
C1' ATP EA . 55.23 2.15 -9.93
N9 ATP EA . 56.58 1.74 -9.43
C8 ATP EA . 57.13 2.06 -8.24
N7 ATP EA . 58.35 1.51 -8.16
C5 ATP EA . 58.57 0.85 -9.29
C6 ATP EA . 59.63 0.08 -9.80
N6 ATP EA . 60.74 -0.11 -9.07
N1 ATP EA . 59.51 -0.48 -11.04
C2 ATP EA . 58.42 -0.31 -11.79
N3 ATP EA . 57.40 0.41 -11.34
C4 ATP EA . 57.44 0.99 -10.11
MG MG FA . 55.27 6.89 -2.06
MG MG GA . 50.99 9.61 -5.74
P PO4 HA . 37.59 25.93 -16.28
O1 PO4 HA . 37.08 25.30 -17.53
O2 PO4 HA . 36.57 26.86 -15.74
O3 PO4 HA . 38.84 26.68 -16.57
O4 PO4 HA . 37.88 24.87 -15.26
P PO4 IA . 52.28 25.85 22.79
O1 PO4 IA . 50.86 26.26 22.79
O2 PO4 IA . 52.37 24.38 22.66
O3 PO4 IA . 52.99 26.50 21.65
O4 PO4 IA . 52.92 26.26 24.06
CO CO JA . 63.21 64.84 17.63
PG ATP KA . 11.32 94.35 -35.29
O1G ATP KA . 9.84 94.23 -35.35
O2G ATP KA . 12.02 92.91 -35.10
O3G ATP KA . 11.80 95.26 -34.06
PB ATP KA . 11.61 94.43 -38.13
O1B ATP KA . 10.00 94.42 -38.23
O2B ATP KA . 12.20 93.10 -38.38
O3B ATP KA . 11.97 95.01 -36.65
PA ATP KA . 11.69 97.03 -39.10
O1A ATP KA . 10.09 97.09 -39.25
O2A ATP KA . 12.15 97.58 -37.81
O3A ATP KA . 12.11 95.51 -39.23
O5' ATP KA . 12.32 97.83 -40.36
C5' ATP KA . 13.75 97.97 -40.52
C4' ATP KA . 14.33 96.98 -41.55
O4' ATP KA . 13.30 96.35 -42.32
C3' ATP KA . 15.30 97.61 -42.55
O3' ATP KA . 16.38 96.71 -42.84
C2' ATP KA . 14.42 97.84 -43.77
O2' ATP KA . 15.20 97.90 -44.96
C1' ATP KA . 13.47 96.62 -43.74
N9 ATP KA . 12.17 97.04 -44.35
C8 ATP KA . 10.99 97.19 -43.72
N7 ATP KA . 10.05 97.57 -44.58
C5 ATP KA . 10.63 97.68 -45.78
C6 ATP KA . 10.18 98.04 -47.05
N6 ATP KA . 8.91 98.37 -47.24
N1 ATP KA . 11.08 98.05 -48.09
C2 ATP KA . 12.36 97.71 -47.93
N3 ATP KA . 12.82 97.36 -46.72
C4 ATP KA . 11.98 97.34 -45.64
MG MG LA . 8.78 95.38 -36.70
MG MG MA . 13.69 91.41 -35.69
P PO4 NA . -6.16 88.02 -9.81
O1 PO4 NA . -6.38 87.97 -11.27
O2 PO4 NA . -4.75 88.39 -9.52
O3 PO4 NA . -7.07 89.02 -9.19
O4 PO4 NA . -6.43 86.68 -9.21
P PO4 OA . 27.47 73.52 -30.19
O1 PO4 OA . 26.44 73.87 -31.21
O2 PO4 OA . 27.18 72.18 -29.62
O3 PO4 OA . 27.44 74.55 -29.10
O4 PO4 OA . 28.81 73.51 -30.83
PG ATP PA . 15.16 106.64 1.96
O1G ATP PA . 14.40 106.30 0.58
O2G ATP PA . 15.22 105.26 2.79
O3G ATP PA . 16.50 107.22 1.74
PB ATP PA . 14.63 108.15 4.27
O1B ATP PA . 14.68 107.07 5.25
O2B ATP PA . 16.04 108.91 4.08
O3B ATP PA . 14.20 107.63 2.79
PA ATP PA . 13.18 110.52 3.72
O1A ATP PA . 12.77 110.10 2.36
O2A ATP PA . 14.44 111.51 3.72
O3A ATP PA . 13.53 109.26 4.65
O5' ATP PA . 12.02 111.26 4.51
C5' ATP PA . 10.78 110.58 4.66
C4' ATP PA . 10.18 110.84 6.02
O4' ATP PA . 11.18 110.81 7.06
C3' ATP PA . 9.54 112.20 6.16
O3' ATP PA . 8.32 112.27 5.42
C2' ATP PA . 9.41 112.23 7.67
O2' ATP PA . 8.35 111.37 8.13
C1' ATP PA . 10.80 111.76 8.11
N9 ATP PA . 11.74 112.97 8.13
C8 ATP PA . 12.78 113.19 7.31
N7 ATP PA . 13.37 114.35 7.61
C5 ATP PA . 12.72 114.88 8.63
C6 ATP PA . 12.87 116.07 9.36
N6 ATP PA . 13.84 116.93 9.06
N1 ATP PA . 11.99 116.33 10.39
C2 ATP PA . 11.01 115.48 10.70
N3 ATP PA . 10.85 114.34 10.02
C4 ATP PA . 11.67 114.02 8.99
MG MG QA . 16.96 109.27 2.19
MG MG RA . 14.92 103.60 4.15
P PO4 SA . 36.88 95.72 -18.39
O1 PO4 SA . 35.73 94.99 -17.81
O2 PO4 SA . 36.60 97.18 -18.44
O3 PO4 SA . 37.14 95.23 -19.78
O4 PO4 SA . 38.09 95.46 -17.56
#